data_8HC4
#
_entry.id   8HC4
#
_cell.length_a   1.00
_cell.length_b   1.00
_cell.length_c   1.00
_cell.angle_alpha   90.00
_cell.angle_beta   90.00
_cell.angle_gamma   90.00
#
_symmetry.space_group_name_H-M   'P 1'
#
loop_
_entity.id
_entity.type
_entity.pdbx_description
1 polymer 'Spike glycoprotein'
2 polymer 'Heavy chain of R1-32 Fab'
3 polymer 'Light chain of R1-32 Fab'
4 polymer 'Heavy chain of YB9-258'
5 polymer 'Light chain of YB9-258 Fab'
6 branched 2-acetamido-2-deoxy-beta-D-glucopyranose-(1-4)-2-acetamido-2-deoxy-beta-D-glucopyranose
7 non-polymer 2-acetamido-2-deoxy-beta-D-glucopyranose
#
loop_
_entity_poly.entity_id
_entity_poly.type
_entity_poly.pdbx_seq_one_letter_code
_entity_poly.pdbx_strand_id
1 'polypeptide(L)'
;MFVFLVLLPLVSSQCVNLTTRTQLPPAYTNSFTRGVYYPDKVFRSSVLHSTQDLFLPFFSNVTWFHAIHVSGTNGTKRFD
NPVLPFNDGVYFASTEKSNIIRGWIFGTTLDSKTQSLLIVNNATNVVIKVCEFQFCNDPFLGVYYHKNNKSWMESEFRVY
SSANNCTFEYVSQPFLMDLEGKQGNFKNLREFVFKNIDGYFKIYSKHTPINLVRDLPQGFSALEPLVDLPIGINITRFQT
LLALHRSYLTPGDSSSGWTAGAAAYYVGYLQPRTFLLKYNENGTITDAVDCALDPLSETKCTLKSFTVEKGIYQTSNFRV
QPTESIVRFPNITNLCPFGEVFNATRFASVYAWNRKRISNCVADYSVLYNSASFSTFKCYGVSPTKLNDLCFTNVYADSF
VIRGDEVRQIAPGQTGKIADYNYKLPDDFTGCVIAWNSNNLDSKVGGNYNYLYRLFRKSNLKPFERDISTEIYQAGSTPC
NGVEGFNCYFPLQSYGFQPTNGVGYQPYRVVVLSFELLHAPATVCGPKKSTNLVKNKCVNFNFNGLTGTGVLTESNKKFL
PFQQFGRDIADTTDAVRDPQTLEILDITPCSFGGVSVITPGTNTSNQVAVLYQDVNCTEVPVAIHADQLTPTWRVYSTGS
NVFQTRAGCLIGAEHVNNSYECDIPIGAGICASYQTQTNSPGSASSVASQSIIAYTMSLGAENSVAYSNNSIAIPTNFTI
SVTTEILPVSMTKTSVDCTMYICGDSTECSNLLLQYGSFCTQLNRALTGIAVEQDKNTQEVFAQVKQIYKTPPIKDFGGF
NFSQILPDPSKPSKRSPIEDLLFNKVTLADAGFIKQYGDCLGDIAARDLICAQKFNGLTVLPPLLTDEMIAQYTSALLAG
TITSGWTFGAGPALQIPFPMQMAYRFNGIGVTQNVLYENQKLIANQFNSAIGKIQDSLSSTPSALGKLQDVVNQNAQALN
TLVKQLSSNFGAISSVLNDILSRLDPPEAEVQIDRLITGRLQSLQTYVTQQLIRAAEIRASANLAATKMSECVLGQSKRV
DFCGKGYHLMSFPQSAPHGVVFLHVTYVPAQEKNFTTAPAICHDGKAHFPREGVFVSNGTHWFVTQRNFYEPQIITTDNT
FVSGNCDVVIGIVNNTVYDPLQPELDSFKEELDKYFKNHTSPDVDLGDISGINASVVNIQKEIDRLNEVAKNLNESLIDL
QELGKYEQ
;
A,B,C
2 'polypeptide(L)'
;EVQLVESGAEVKKPGSSVKVSCKASGGTFSSYAISWVRQAPGQGLEWMGGIIPILGIANYAQKFQGRVTITADKSTSTAY
MELSSLRSEDTAVYYCARENGYSGYGAAANFDLWGRGTLVTVSSASTKGPSVFPLAPSSKSTSGGTAALGCLVKDYFPEP
VTVSWNSGALTSGVHTFPAVLQSSGLYSLSSVVTVPSSSLGTQTYICNVNHKPSNTKVDKKVEPKSCD
;
D,K,N
3 'polypeptide(L)'
;QSVLTQPPSVSGAPGQRVTISCTGSSSNIGAGYDVHWYQQLPGTAPKLLIYGNSNRPSGVPDRFSGSKSGTSASLAITGL
QAEDEADYYCQSYDSSLSGSVFGGGTKLTVLGQPKAAPSVTLFPPSSEELQANKATLVCLISDFYPGAVTVAWKADSSPV
KAGVETTTPSKQSNNKYAASSYLSLTPEQWKSHRSYSCQVTHEGSTVEKTVAPT
;
E,M,O
4 'polypeptide(L)'
;EVQLVESGGGLIQPGGSLRLSCAASGLTVSSNYMHWVRQAPGKGLEWVSVLYAGGSAFYADSVKGRFTISRNNSKNTLYL
QMNSLRAEDTAIYYCARGLGDYLDSWGQGTLVTVSSASTKGPSVFPLAPSSKSTSGGTAALGCLVKDYFPEPVTVSWNSG
ALTSGVHTFPAVLQSSGLYSLSSVVTVPSSSLGTQTYICNVNHKPSNTKVDKKVEPKSCD
;
F,H,G
5 'polypeptide(L)'
;DIQMTQSPSSVSASVGDRVTITCRASQGIGSWLAWYQQKPGKAPQLLIYAASTLQSGVPPRFSGSGSGTDFTLTITSLQP
EDFASYYCQQANSVLALTFGGGTKVEIKRTVAAPSVFIFPPSDEQLKSGTASVVCLLNNFYPREAKVQWKVDNALQSGNS
QESVTEQDSKDSTYSLSSTLTLSKADYEKHKVYACEVTHQGLSSPVTKSFNRGEC
;
J,L,I
#
# COMPACT_ATOMS: atom_id res chain seq x y z
N GLN A 14 44.93 -36.62 10.49
CA GLN A 14 44.66 -38.00 10.09
C GLN A 14 44.01 -38.78 11.23
N CYS A 15 43.26 -39.81 10.87
CA CYS A 15 42.58 -40.65 11.86
C CYS A 15 42.65 -42.10 11.40
N VAL A 16 42.51 -43.01 12.37
CA VAL A 16 42.58 -44.44 12.13
C VAL A 16 41.27 -45.08 12.57
N ASN A 17 41.01 -46.27 12.04
CA ASN A 17 39.80 -47.01 12.36
C ASN A 17 39.99 -47.78 13.67
N LEU A 18 38.87 -48.27 14.20
CA LEU A 18 38.87 -49.03 15.45
C LEU A 18 38.37 -50.45 15.20
N THR A 19 38.80 -51.35 16.07
CA THR A 19 38.42 -52.76 15.99
C THR A 19 37.34 -53.07 17.01
N THR A 20 36.40 -53.94 16.62
CA THR A 20 35.30 -54.30 17.50
C THR A 20 35.81 -55.11 18.70
N ARG A 21 35.12 -54.95 19.82
CA ARG A 21 35.48 -55.60 21.07
C ARG A 21 34.22 -55.73 21.92
N THR A 22 34.40 -56.18 23.16
CA THR A 22 33.29 -56.31 24.11
C THR A 22 33.13 -54.98 24.85
N GLN A 23 31.97 -54.36 24.68
CA GLN A 23 31.65 -53.08 25.31
C GLN A 23 30.59 -53.26 26.39
N LEU A 24 30.19 -52.16 27.00
CA LEU A 24 29.19 -52.16 28.05
C LEU A 24 28.02 -51.28 27.64
N PRO A 25 26.78 -51.73 27.83
CA PRO A 25 25.63 -50.89 27.49
C PRO A 25 25.54 -49.69 28.43
N PRO A 26 24.99 -48.57 27.96
CA PRO A 26 24.85 -47.41 28.84
C PRO A 26 23.85 -47.66 29.97
N ALA A 27 24.12 -47.03 31.10
CA ALA A 27 23.28 -47.17 32.28
C ALA A 27 22.41 -45.93 32.46
N TYR A 28 21.32 -46.09 33.21
CA TYR A 28 20.38 -45.01 33.50
C TYR A 28 20.47 -44.70 34.99
N THR A 29 20.94 -43.50 35.31
CA THR A 29 21.05 -43.03 36.69
C THR A 29 20.12 -41.84 36.90
N ASN A 30 20.09 -41.34 38.14
CA ASN A 30 19.21 -40.26 38.52
C ASN A 30 20.02 -39.08 39.03
N SER A 31 19.64 -37.88 38.62
CA SER A 31 20.31 -36.65 39.02
C SER A 31 19.39 -35.83 39.91
N PHE A 32 19.95 -35.31 41.01
CA PHE A 32 19.18 -34.56 42.01
C PHE A 32 19.77 -33.16 42.13
N THR A 33 18.99 -32.15 41.72
CA THR A 33 19.34 -30.73 41.84
C THR A 33 20.67 -30.41 41.17
N ARG A 34 20.71 -30.63 39.86
CA ARG A 34 21.89 -30.35 39.05
C ARG A 34 21.47 -29.60 37.79
N GLY A 35 22.47 -29.02 37.12
CA GLY A 35 22.21 -28.31 35.88
C GLY A 35 21.57 -26.95 36.02
N VAL A 36 21.72 -26.31 37.18
CA VAL A 36 21.14 -24.99 37.42
C VAL A 36 22.24 -23.95 37.19
N TYR A 37 21.98 -23.01 36.28
CA TYR A 37 22.93 -21.97 35.93
C TYR A 37 22.27 -20.60 36.11
N TYR A 38 23.05 -19.55 35.86
CA TYR A 38 22.54 -18.19 35.95
C TYR A 38 21.76 -17.85 34.69
N PRO A 39 20.48 -17.48 34.79
CA PRO A 39 19.69 -17.25 33.57
C PRO A 39 19.98 -15.93 32.87
N ASP A 40 20.58 -14.96 33.55
CA ASP A 40 20.80 -13.65 32.95
C ASP A 40 22.10 -13.06 33.48
N LYS A 41 22.42 -11.86 33.01
CA LYS A 41 23.63 -11.14 33.40
C LYS A 41 23.34 -10.03 34.42
N VAL A 42 22.17 -10.05 35.05
CA VAL A 42 21.78 -9.02 35.99
C VAL A 42 21.94 -9.55 37.41
N PHE A 43 21.85 -8.65 38.38
CA PHE A 43 22.07 -8.97 39.79
C PHE A 43 20.73 -8.96 40.52
N ARG A 44 20.51 -9.99 41.34
CA ARG A 44 19.30 -10.11 42.15
C ARG A 44 19.69 -10.32 43.60
N SER A 45 18.87 -9.79 44.51
CA SER A 45 19.16 -9.86 45.93
C SER A 45 17.86 -9.98 46.71
N SER A 46 17.70 -11.09 47.43
CA SER A 46 16.58 -11.33 48.35
C SER A 46 15.23 -11.24 47.63
N VAL A 47 15.17 -11.73 46.40
CA VAL A 47 13.93 -11.75 45.63
C VAL A 47 13.85 -13.08 44.91
N LEU A 48 12.67 -13.72 44.97
CA LEU A 48 12.43 -15.00 44.30
C LEU A 48 11.84 -14.70 42.93
N HIS A 49 12.69 -14.68 41.91
CA HIS A 49 12.28 -14.36 40.55
C HIS A 49 12.22 -15.63 39.71
N SER A 50 11.14 -15.79 38.98
CA SER A 50 10.93 -16.96 38.12
C SER A 50 11.12 -16.57 36.66
N THR A 51 11.85 -17.41 35.93
CA THR A 51 12.13 -17.17 34.51
C THR A 51 11.84 -18.42 33.71
N GLN A 52 11.60 -18.21 32.41
CA GLN A 52 11.35 -19.30 31.47
C GLN A 52 12.60 -19.51 30.63
N ASP A 53 13.44 -20.46 31.06
CA ASP A 53 14.68 -20.75 30.38
C ASP A 53 14.86 -22.26 30.28
N LEU A 54 15.85 -22.67 29.49
CA LEU A 54 16.14 -24.09 29.25
C LEU A 54 16.91 -24.63 30.44
N PHE A 55 16.20 -25.29 31.35
CA PHE A 55 16.80 -25.84 32.56
C PHE A 55 16.67 -27.36 32.59
N LEU A 56 17.58 -28.00 33.30
CA LEU A 56 17.54 -29.45 33.46
C LEU A 56 16.48 -29.82 34.49
N PRO A 57 15.52 -30.68 34.16
CA PRO A 57 14.51 -31.09 35.14
C PRO A 57 15.13 -31.90 36.27
N PHE A 58 14.59 -31.73 37.47
CA PHE A 58 15.06 -32.46 38.63
C PHE A 58 14.50 -33.88 38.63
N PHE A 59 15.27 -34.80 39.24
CA PHE A 59 14.88 -36.20 39.39
C PHE A 59 14.56 -36.85 38.04
N SER A 60 15.34 -36.49 37.02
CA SER A 60 15.12 -36.97 35.66
C SER A 60 16.04 -38.14 35.35
N ASN A 61 15.54 -39.06 34.52
CA ASN A 61 16.33 -40.22 34.09
C ASN A 61 17.40 -39.75 33.12
N VAL A 62 18.64 -39.67 33.61
CA VAL A 62 19.77 -39.19 32.83
C VAL A 62 20.67 -40.39 32.51
N THR A 63 21.16 -40.43 31.27
CA THR A 63 22.01 -41.53 30.86
C THR A 63 23.40 -41.41 31.49
N TRP A 64 24.07 -42.54 31.62
CA TRP A 64 25.38 -42.63 32.25
C TRP A 64 26.39 -43.17 31.26
N PHE A 65 27.49 -42.45 31.09
CA PHE A 65 28.64 -42.90 30.31
C PHE A 65 29.87 -42.91 31.21
N HIS A 66 30.61 -44.01 31.18
CA HIS A 66 31.77 -44.19 32.03
C HIS A 66 33.03 -43.78 31.27
N ALA A 67 34.18 -43.90 31.93
CA ALA A 67 35.46 -43.77 31.23
C ALA A 67 36.50 -44.75 31.74
N ILE A 68 36.13 -45.72 32.58
CA ILE A 68 37.10 -46.60 33.20
C ILE A 68 37.55 -47.67 32.19
N HIS A 69 38.70 -48.29 32.49
CA HIS A 69 39.25 -49.36 31.68
C HIS A 69 38.95 -50.74 32.26
N VAL A 70 39.28 -50.96 33.54
CA VAL A 70 39.04 -52.24 34.18
C VAL A 70 37.68 -52.24 34.88
N THR A 76 35.64 -55.21 30.56
CA THR A 76 36.77 -54.32 30.38
C THR A 76 36.90 -53.88 28.92
N LYS A 77 37.78 -52.90 28.70
CA LYS A 77 38.05 -52.34 27.37
C LYS A 77 36.77 -51.79 26.73
N ARG A 78 36.20 -50.79 27.38
CA ARG A 78 34.97 -50.14 26.92
C ARG A 78 35.33 -48.77 26.36
N PHE A 79 34.86 -48.48 25.14
CA PHE A 79 35.07 -47.17 24.52
C PHE A 79 33.87 -46.88 23.62
N ASP A 80 32.92 -46.12 24.16
CA ASP A 80 31.68 -45.80 23.46
C ASP A 80 31.46 -44.30 23.52
N ASN A 81 31.64 -43.63 22.38
CA ASN A 81 31.44 -42.18 22.25
C ASN A 81 30.50 -41.94 21.08
N PRO A 82 29.20 -42.14 21.28
CA PRO A 82 28.26 -41.93 20.17
C PRO A 82 28.03 -40.45 19.90
N VAL A 83 27.59 -40.16 18.68
CA VAL A 83 27.29 -38.80 18.25
C VAL A 83 25.83 -38.54 18.62
N LEU A 84 25.61 -38.11 19.85
CA LEU A 84 24.26 -37.82 20.31
C LEU A 84 23.71 -36.57 19.64
N PRO A 85 22.41 -36.52 19.39
CA PRO A 85 21.82 -35.30 18.82
C PRO A 85 21.88 -34.14 19.80
N PHE A 86 22.02 -32.93 19.25
CA PHE A 86 22.11 -31.72 20.04
C PHE A 86 20.77 -30.99 19.94
N ASN A 87 19.95 -31.13 20.98
CA ASN A 87 18.67 -30.44 21.03
C ASN A 87 18.86 -29.03 21.57
N ASP A 88 17.75 -28.34 21.88
CA ASP A 88 17.81 -26.98 22.41
C ASP A 88 18.35 -27.04 23.84
N GLY A 89 19.67 -26.97 23.95
CA GLY A 89 20.33 -26.98 25.25
C GLY A 89 20.62 -28.37 25.77
N VAL A 90 21.87 -28.62 26.14
CA VAL A 90 22.29 -29.89 26.71
C VAL A 90 23.02 -29.61 28.02
N TYR A 91 23.22 -30.67 28.80
CA TYR A 91 23.91 -30.60 30.09
C TYR A 91 24.98 -31.68 30.13
N PHE A 92 26.24 -31.27 30.05
CA PHE A 92 27.37 -32.19 30.02
C PHE A 92 28.10 -32.09 31.36
N ALA A 93 27.77 -32.99 32.28
CA ALA A 93 28.46 -33.08 33.56
C ALA A 93 29.63 -34.05 33.46
N SER A 94 30.64 -33.82 34.29
CA SER A 94 31.82 -34.66 34.30
C SER A 94 32.47 -34.60 35.68
N THR A 95 32.50 -35.73 36.38
CA THR A 95 33.18 -35.83 37.68
C THR A 95 34.68 -36.02 37.45
N GLU A 96 35.30 -34.94 36.98
CA GLU A 96 36.68 -35.00 36.53
C GLU A 96 37.64 -35.12 37.71
N LYS A 97 38.59 -36.04 37.61
CA LYS A 97 39.63 -36.24 38.61
C LYS A 97 41.03 -36.04 38.06
N SER A 98 41.34 -36.66 36.91
CA SER A 98 42.67 -36.60 36.33
C SER A 98 42.67 -35.92 34.96
N ASN A 99 41.62 -35.16 34.64
CA ASN A 99 41.48 -34.44 33.38
C ASN A 99 41.55 -35.39 32.18
N ILE A 100 40.59 -36.30 32.13
CA ILE A 100 40.53 -37.30 31.06
C ILE A 100 39.79 -36.76 29.85
N ILE A 101 38.58 -36.23 30.05
CA ILE A 101 37.81 -35.63 28.97
C ILE A 101 38.39 -34.27 28.64
N ARG A 102 38.73 -34.05 27.37
CA ARG A 102 39.43 -32.84 26.96
C ARG A 102 38.62 -31.96 26.03
N GLY A 103 38.09 -32.51 24.93
CA GLY A 103 37.47 -31.68 23.92
C GLY A 103 36.11 -32.20 23.49
N TRP A 104 35.43 -31.37 22.70
CA TRP A 104 34.13 -31.70 22.14
C TRP A 104 34.10 -31.27 20.68
N ILE A 105 33.27 -31.93 19.88
CA ILE A 105 33.07 -31.58 18.48
C ILE A 105 31.57 -31.41 18.23
N PHE A 106 31.22 -30.35 17.51
CA PHE A 106 29.85 -30.04 17.16
C PHE A 106 29.73 -29.88 15.66
N GLY A 107 28.55 -30.16 15.13
CA GLY A 107 28.32 -30.01 13.71
C GLY A 107 26.97 -30.57 13.31
N THR A 108 26.71 -30.53 12.01
CA THR A 108 25.48 -31.02 11.43
C THR A 108 25.66 -32.34 10.69
N THR A 109 26.66 -32.43 9.82
CA THR A 109 26.96 -33.65 9.08
C THR A 109 28.42 -34.08 9.16
N LEU A 110 29.33 -33.20 9.57
CA LEU A 110 30.76 -33.50 9.70
C LEU A 110 31.36 -34.00 8.38
N ASP A 111 30.95 -33.38 7.28
CA ASP A 111 31.45 -33.72 5.95
C ASP A 111 32.07 -32.50 5.27
N SER A 112 32.59 -31.57 6.07
CA SER A 112 33.21 -30.32 5.59
C SER A 112 32.25 -29.52 4.72
N LYS A 113 30.98 -29.50 5.11
CA LYS A 113 29.96 -28.72 4.42
C LYS A 113 29.38 -27.60 5.26
N THR A 114 29.49 -27.67 6.58
CA THR A 114 28.98 -26.66 7.49
C THR A 114 30.09 -26.22 8.43
N GLN A 115 29.82 -25.16 9.19
CA GLN A 115 30.80 -24.61 10.13
C GLN A 115 30.84 -25.51 11.36
N SER A 116 31.76 -26.49 11.33
CA SER A 116 31.92 -27.39 12.47
C SER A 116 32.56 -26.66 13.64
N LEU A 117 32.11 -27.00 14.85
CA LEU A 117 32.59 -26.37 16.06
C LEU A 117 33.47 -27.35 16.83
N LEU A 118 34.62 -26.84 17.30
CA LEU A 118 35.58 -27.69 18.03
C LEU A 118 36.32 -26.96 19.15
N ILE A 119 35.97 -27.22 20.40
CA ILE A 119 36.64 -26.65 21.56
C ILE A 119 37.40 -27.77 22.27
N VAL A 120 38.66 -27.50 22.60
CA VAL A 120 39.51 -28.46 23.30
C VAL A 120 40.25 -27.72 24.40
N ASN A 121 40.14 -28.21 25.63
CA ASN A 121 40.87 -27.64 26.77
C ASN A 121 42.28 -28.22 26.77
N ASN A 122 43.10 -27.71 25.86
CA ASN A 122 44.50 -28.13 25.77
C ASN A 122 45.26 -27.68 27.02
N ALA A 123 46.34 -28.40 27.32
CA ALA A 123 47.13 -28.08 28.49
C ALA A 123 47.83 -26.72 28.37
N THR A 124 48.23 -26.35 27.16
CA THR A 124 48.89 -25.06 26.97
C THR A 124 47.90 -23.90 27.07
N ASN A 125 46.75 -24.03 26.42
CA ASN A 125 45.76 -22.95 26.38
C ASN A 125 44.41 -23.53 26.00
N VAL A 126 43.39 -22.68 26.03
CA VAL A 126 42.03 -23.04 25.65
C VAL A 126 41.71 -22.32 24.35
N VAL A 127 41.29 -23.09 23.34
CA VAL A 127 41.01 -22.55 22.02
C VAL A 127 39.56 -22.83 21.66
N ILE A 128 38.99 -21.95 20.82
CA ILE A 128 37.62 -22.07 20.31
C ILE A 128 37.68 -21.77 18.83
N LYS A 129 37.58 -22.81 18.00
CA LYS A 129 37.66 -22.68 16.55
C LYS A 129 36.38 -23.22 15.92
N VAL A 130 35.75 -22.40 15.07
CA VAL A 130 34.54 -22.78 14.33
C VAL A 130 34.86 -22.64 12.86
N CYS A 131 35.16 -23.75 12.19
CA CYS A 131 35.60 -23.74 10.81
C CYS A 131 35.11 -25.02 10.13
N GLU A 132 35.73 -25.38 9.02
CA GLU A 132 35.28 -26.48 8.14
C GLU A 132 36.20 -27.69 8.24
N PHE A 133 36.57 -28.06 9.47
CA PHE A 133 37.44 -29.22 9.72
C PHE A 133 36.87 -30.50 9.11
N GLN A 134 37.79 -31.35 8.62
CA GLN A 134 37.44 -32.68 8.14
C GLN A 134 37.44 -33.64 9.33
N PHE A 135 36.29 -33.69 10.00
CA PHE A 135 36.16 -34.54 11.17
C PHE A 135 36.05 -36.01 10.76
N CYS A 136 36.83 -36.86 11.41
CA CYS A 136 36.85 -38.28 11.10
C CYS A 136 35.74 -39.01 11.85
N ASN A 137 35.77 -40.34 11.83
CA ASN A 137 34.72 -41.12 12.49
C ASN A 137 34.79 -40.98 14.01
N ASP A 138 36.00 -40.99 14.57
CA ASP A 138 36.19 -40.96 16.02
C ASP A 138 37.49 -40.25 16.39
N PRO A 139 37.51 -38.92 16.31
CA PRO A 139 38.71 -38.18 16.72
C PRO A 139 38.93 -38.26 18.22
N PHE A 140 40.20 -38.28 18.60
CA PHE A 140 40.58 -38.41 20.01
C PHE A 140 41.99 -37.89 20.19
N LEU A 141 42.33 -37.57 21.44
CA LEU A 141 43.63 -37.05 21.80
C LEU A 141 44.46 -38.17 22.42
N GLY A 142 45.64 -38.41 21.87
CA GLY A 142 46.51 -39.47 22.33
C GLY A 142 47.59 -38.96 23.27
N VAL A 143 47.81 -39.70 24.36
CA VAL A 143 48.82 -39.36 25.36
C VAL A 143 49.81 -40.52 25.42
N TYR A 144 51.09 -40.19 25.32
CA TYR A 144 52.16 -41.19 25.35
C TYR A 144 53.08 -40.93 26.54
N TYR A 145 53.59 -42.01 27.13
CA TYR A 145 54.46 -41.93 28.28
C TYR A 145 55.91 -42.11 27.83
N HIS A 146 56.74 -41.10 28.07
CA HIS A 146 58.14 -41.19 27.70
C HIS A 146 58.90 -42.09 28.66
N LYS A 147 60.00 -42.67 28.17
CA LYS A 147 60.83 -43.56 28.97
C LYS A 147 61.86 -42.78 29.79
N ASN A 148 62.58 -41.85 29.15
CA ASN A 148 63.57 -41.07 29.87
C ASN A 148 62.93 -40.06 30.80
N ASN A 149 61.80 -39.48 30.40
CA ASN A 149 61.09 -38.49 31.19
C ASN A 149 59.90 -39.17 31.89
N LYS A 150 59.83 -39.04 33.21
CA LYS A 150 58.76 -39.64 33.99
C LYS A 150 57.55 -38.71 34.06
N SER A 151 56.97 -38.45 32.89
CA SER A 151 55.81 -37.58 32.78
C SER A 151 55.03 -37.96 31.54
N TRP A 152 53.76 -37.55 31.50
CA TRP A 152 52.89 -37.81 30.38
C TRP A 152 52.84 -36.59 29.47
N MET A 153 53.09 -36.81 28.18
CA MET A 153 53.10 -35.74 27.19
C MET A 153 52.23 -36.13 26.00
N GLU A 154 51.36 -35.23 25.59
CA GLU A 154 50.50 -35.49 24.44
C GLU A 154 51.31 -35.45 23.15
N SER A 155 51.15 -36.48 22.33
CA SER A 155 51.89 -36.57 21.07
C SER A 155 50.99 -36.80 19.87
N GLU A 156 49.92 -37.58 20.03
CA GLU A 156 49.01 -37.90 18.93
C GLU A 156 47.88 -36.87 18.89
N PHE A 157 47.94 -35.97 17.91
CA PHE A 157 46.91 -34.95 17.73
C PHE A 157 46.08 -35.36 16.52
N ARG A 158 45.05 -36.18 16.78
CA ARG A 158 44.15 -36.67 15.73
C ARG A 158 42.76 -36.13 16.01
N VAL A 159 42.50 -34.90 15.52
CA VAL A 159 41.21 -34.26 15.65
C VAL A 159 40.60 -33.95 14.29
N TYR A 160 41.43 -33.56 13.31
CA TYR A 160 40.94 -33.13 12.00
C TYR A 160 42.07 -33.28 10.99
N SER A 161 41.69 -33.45 9.73
CA SER A 161 42.64 -33.73 8.65
C SER A 161 43.06 -32.46 7.91
N SER A 162 42.10 -31.77 7.29
CA SER A 162 42.41 -30.60 6.47
C SER A 162 41.33 -29.55 6.67
N ALA A 163 41.71 -28.28 6.46
CA ALA A 163 40.83 -27.16 6.69
C ALA A 163 40.76 -26.27 5.46
N ASN A 164 39.66 -25.54 5.34
CA ASN A 164 39.45 -24.55 4.30
C ASN A 164 39.37 -23.16 4.92
N ASN A 165 39.04 -22.17 4.10
CA ASN A 165 38.95 -20.79 4.59
C ASN A 165 37.78 -20.62 5.55
N CYS A 166 38.01 -19.86 6.61
CA CYS A 166 36.98 -19.53 7.58
C CYS A 166 37.30 -18.19 8.21
N THR A 167 36.28 -17.57 8.80
CA THR A 167 36.38 -16.22 9.30
C THR A 167 36.50 -16.12 10.82
N PHE A 168 36.13 -17.16 11.56
CA PHE A 168 36.12 -17.12 13.01
C PHE A 168 37.31 -17.87 13.58
N GLU A 169 38.03 -17.23 14.49
CA GLU A 169 39.18 -17.85 15.15
C GLU A 169 39.39 -17.12 16.48
N TYR A 170 39.11 -17.81 17.58
CA TYR A 170 39.15 -17.21 18.90
C TYR A 170 40.03 -18.06 19.82
N VAL A 171 40.77 -17.39 20.70
CA VAL A 171 41.61 -18.03 21.70
C VAL A 171 41.12 -17.59 23.08
N SER A 172 40.83 -18.55 23.95
CA SER A 172 40.31 -18.27 25.28
C SER A 172 41.47 -18.08 26.26
N GLN A 173 41.15 -17.96 27.54
CA GLN A 173 42.17 -17.77 28.56
C GLN A 173 42.95 -19.05 28.76
N PRO A 174 44.23 -18.95 29.13
CA PRO A 174 45.03 -20.15 29.41
C PRO A 174 44.54 -20.90 30.63
N PHE A 175 44.70 -22.21 30.60
CA PHE A 175 44.33 -23.08 31.71
C PHE A 175 45.34 -24.21 31.85
N LEU A 176 45.48 -24.73 33.06
CA LEU A 176 46.43 -25.78 33.36
C LEU A 176 45.68 -27.07 33.68
N MET A 177 46.07 -28.16 33.00
CA MET A 177 45.48 -29.47 33.22
C MET A 177 46.57 -30.49 33.55
N ASP A 178 46.16 -31.56 34.21
CA ASP A 178 47.06 -32.64 34.59
C ASP A 178 46.97 -33.74 33.55
N LEU A 179 48.12 -34.16 33.02
CA LEU A 179 48.19 -35.19 31.99
C LEU A 179 48.34 -36.60 32.58
N GLU A 180 48.43 -36.72 33.90
CA GLU A 180 48.60 -38.02 34.54
C GLU A 180 47.24 -38.57 34.96
N GLY A 181 46.97 -39.82 34.58
CA GLY A 181 45.72 -40.47 34.89
C GLY A 181 45.88 -41.48 36.00
N LYS A 182 44.89 -41.55 36.88
CA LYS A 182 44.88 -42.45 38.02
C LYS A 182 43.54 -43.17 38.11
N GLN A 183 43.55 -44.29 38.82
CA GLN A 183 42.36 -45.11 39.03
C GLN A 183 41.68 -44.84 40.36
N GLY A 184 42.08 -43.79 41.08
CA GLY A 184 41.51 -43.48 42.36
C GLY A 184 40.16 -42.80 42.26
N ASN A 185 39.60 -42.50 43.43
CA ASN A 185 38.29 -41.85 43.50
C ASN A 185 38.39 -40.40 43.05
N PHE A 186 37.27 -39.89 42.54
CA PHE A 186 37.24 -38.53 42.02
C PHE A 186 37.24 -37.51 43.15
N LYS A 187 37.72 -36.30 42.85
CA LYS A 187 37.82 -35.24 43.83
C LYS A 187 37.13 -33.95 43.43
N ASN A 188 36.71 -33.80 42.17
CA ASN A 188 36.10 -32.56 41.71
C ASN A 188 34.96 -32.88 40.75
N LEU A 189 34.04 -31.94 40.63
CA LEU A 189 32.92 -32.03 39.70
C LEU A 189 33.02 -30.89 38.69
N ARG A 190 32.89 -31.23 37.40
CA ARG A 190 32.91 -30.25 36.32
C ARG A 190 31.63 -30.37 35.52
N GLU A 191 30.83 -29.30 35.51
CA GLU A 191 29.57 -29.27 34.79
C GLU A 191 29.65 -28.28 33.64
N PHE A 192 29.13 -28.69 32.47
CA PHE A 192 29.16 -27.85 31.29
C PHE A 192 27.78 -27.85 30.64
N VAL A 193 27.27 -26.65 30.35
CA VAL A 193 25.98 -26.47 29.71
C VAL A 193 26.21 -25.69 28.42
N PHE A 194 25.77 -26.27 27.30
CA PHE A 194 25.91 -25.65 25.99
C PHE A 194 24.52 -25.30 25.46
N LYS A 195 24.31 -24.03 25.13
CA LYS A 195 23.04 -23.55 24.62
C LYS A 195 23.27 -22.77 23.34
N ASN A 196 22.23 -22.72 22.50
CA ASN A 196 22.27 -22.01 21.22
C ASN A 196 20.92 -21.31 21.03
N ILE A 197 20.86 -20.05 21.44
CA ILE A 197 19.66 -19.22 21.29
C ILE A 197 20.03 -18.04 20.42
N ASP A 198 19.30 -17.88 19.30
CA ASP A 198 19.50 -16.79 18.35
C ASP A 198 20.93 -16.73 17.82
N GLY A 199 21.52 -17.92 17.63
CA GLY A 199 22.88 -18.00 17.12
C GLY A 199 23.96 -17.72 18.12
N TYR A 200 23.63 -17.54 19.40
CA TYR A 200 24.60 -17.24 20.43
C TYR A 200 24.99 -18.51 21.17
N PHE A 201 26.29 -18.75 21.30
CA PHE A 201 26.83 -19.91 22.00
C PHE A 201 27.20 -19.51 23.41
N LYS A 202 26.60 -20.19 24.40
CA LYS A 202 26.82 -19.89 25.81
C LYS A 202 27.34 -21.13 26.51
N ILE A 203 28.40 -20.97 27.31
CA ILE A 203 28.99 -22.05 28.07
C ILE A 203 28.96 -21.67 29.55
N TYR A 204 28.38 -22.54 30.37
CA TYR A 204 28.30 -22.33 31.81
C TYR A 204 29.09 -23.43 32.50
N SER A 205 30.03 -23.05 33.36
CA SER A 205 30.89 -24.01 34.04
C SER A 205 31.16 -23.55 35.46
N LYS A 206 31.38 -24.53 36.34
CA LYS A 206 31.70 -24.26 37.73
C LYS A 206 32.34 -25.51 38.33
N HIS A 207 33.44 -25.34 39.06
CA HIS A 207 34.16 -26.45 39.68
C HIS A 207 33.74 -26.57 41.13
N THR A 208 33.24 -27.73 41.51
CA THR A 208 32.79 -27.98 42.88
C THR A 208 33.43 -29.27 43.39
N PRO A 209 34.30 -29.21 44.39
CA PRO A 209 34.92 -30.44 44.91
C PRO A 209 33.92 -31.31 45.64
N ILE A 210 34.14 -32.63 45.54
CA ILE A 210 33.31 -33.61 46.24
C ILE A 210 34.13 -34.89 46.36
N ASN A 211 33.73 -35.75 47.31
CA ASN A 211 34.38 -37.04 47.51
C ASN A 211 33.34 -38.12 47.26
N LEU A 212 33.18 -38.51 46.00
CA LEU A 212 32.20 -39.51 45.60
C LEU A 212 32.56 -40.06 44.24
N VAL A 213 32.01 -41.23 43.92
CA VAL A 213 32.30 -41.90 42.66
C VAL A 213 31.02 -41.99 41.83
N ARG A 214 29.88 -42.11 42.51
CA ARG A 214 28.57 -42.18 41.85
C ARG A 214 27.53 -41.68 42.84
N ASP A 215 26.26 -41.66 42.41
CA ASP A 215 25.14 -41.22 43.24
C ASP A 215 25.37 -39.80 43.77
N LEU A 216 25.36 -38.83 42.86
CA LEU A 216 25.75 -37.45 43.18
C LEU A 216 24.87 -36.90 44.30
N PRO A 217 25.42 -36.12 45.23
CA PRO A 217 24.65 -35.67 46.39
C PRO A 217 23.65 -34.60 45.99
N GLN A 218 22.76 -34.29 46.95
CA GLN A 218 21.68 -33.33 46.75
C GLN A 218 22.12 -31.89 46.98
N GLY A 219 23.41 -31.61 46.94
CA GLY A 219 23.89 -30.26 47.10
C GLY A 219 23.58 -29.39 45.90
N PHE A 220 23.68 -28.08 46.10
CA PHE A 220 23.36 -27.09 45.09
C PHE A 220 24.61 -26.32 44.71
N SER A 221 24.83 -26.14 43.41
CA SER A 221 25.99 -25.41 42.90
C SER A 221 25.60 -24.74 41.60
N ALA A 222 25.53 -23.42 41.59
CA ALA A 222 25.18 -22.68 40.38
C ALA A 222 26.35 -22.68 39.40
N LEU A 223 26.03 -22.50 38.13
CA LEU A 223 27.00 -22.48 37.05
C LEU A 223 27.11 -21.07 36.49
N GLU A 224 28.34 -20.55 36.42
CA GLU A 224 28.58 -19.20 35.96
C GLU A 224 29.01 -19.19 34.49
N PRO A 225 28.53 -18.21 33.72
CA PRO A 225 28.95 -18.11 32.32
C PRO A 225 30.41 -17.69 32.19
N LEU A 226 31.00 -18.04 31.05
CA LEU A 226 32.39 -17.70 30.75
C LEU A 226 32.51 -16.69 29.63
N VAL A 227 31.94 -16.97 28.46
CA VAL A 227 32.07 -16.10 27.30
C VAL A 227 30.92 -16.40 26.35
N ASP A 228 30.47 -15.37 25.64
CA ASP A 228 29.42 -15.50 24.63
C ASP A 228 30.07 -15.47 23.26
N LEU A 229 29.78 -16.48 22.44
CA LEU A 229 30.40 -16.61 21.13
C LEU A 229 29.42 -16.26 20.03
N PRO A 230 29.59 -15.13 19.34
CA PRO A 230 28.65 -14.72 18.26
C PRO A 230 29.03 -15.28 16.88
N ILE A 231 28.69 -16.54 16.65
CA ILE A 231 28.93 -17.18 15.36
C ILE A 231 27.69 -17.04 14.50
N GLY A 232 26.57 -17.60 14.95
CA GLY A 232 25.32 -17.50 14.23
C GLY A 232 25.10 -18.63 13.24
N ILE A 233 25.21 -19.87 13.71
CA ILE A 233 25.01 -21.05 12.88
C ILE A 233 24.01 -21.97 13.56
N ASN A 234 23.65 -23.04 12.85
CA ASN A 234 22.71 -24.03 13.34
C ASN A 234 23.47 -25.32 13.69
N ILE A 235 23.26 -25.80 14.91
CA ILE A 235 23.89 -27.02 15.40
C ILE A 235 22.79 -28.00 15.78
N THR A 236 22.90 -29.24 15.30
CA THR A 236 21.89 -30.26 15.57
C THR A 236 22.44 -31.52 16.21
N ARG A 237 23.73 -31.83 16.06
CA ARG A 237 24.33 -32.99 16.70
C ARG A 237 25.66 -32.59 17.33
N PHE A 238 26.12 -33.42 18.26
CA PHE A 238 27.38 -33.16 18.95
C PHE A 238 27.99 -34.48 19.39
N GLN A 239 29.30 -34.43 19.67
CA GLN A 239 30.02 -35.61 20.13
C GLN A 239 31.17 -35.17 21.03
N THR A 240 31.54 -36.03 21.97
CA THR A 240 32.60 -35.76 22.91
C THR A 240 33.87 -36.50 22.50
N LEU A 241 35.00 -36.01 23.01
CA LEU A 241 36.31 -36.57 22.73
C LEU A 241 36.91 -37.13 24.01
N LEU A 242 37.42 -38.36 23.95
CA LEU A 242 38.01 -39.02 25.10
C LEU A 242 39.51 -39.22 24.85
N ALA A 243 40.31 -39.02 25.89
CA ALA A 243 41.75 -39.16 25.81
C ALA A 243 42.20 -40.35 26.64
N LEU A 244 42.94 -41.25 26.01
CA LEU A 244 43.48 -42.43 26.66
C LEU A 244 44.99 -42.30 26.84
N HIS A 245 45.55 -43.21 27.62
CA HIS A 245 46.97 -43.20 27.96
C HIS A 245 47.67 -44.40 27.34
N ARG A 246 48.89 -44.18 26.87
CA ARG A 246 49.72 -45.22 26.28
C ARG A 246 50.90 -45.44 27.20
N SER A 247 50.79 -46.42 28.10
CA SER A 247 51.83 -46.73 29.06
C SER A 247 52.70 -47.88 28.55
N TYR A 248 53.63 -48.35 29.38
CA TYR A 248 54.52 -49.43 28.99
C TYR A 248 53.82 -50.78 28.98
N LEU A 249 52.73 -50.93 29.73
CA LEU A 249 52.01 -52.21 29.76
C LEU A 249 51.34 -52.49 28.43
N THR A 250 50.61 -51.51 27.89
CA THR A 250 49.98 -51.68 26.60
C THR A 250 51.03 -51.59 25.49
N PRO A 251 50.83 -52.32 24.39
CA PRO A 251 51.77 -52.22 23.26
C PRO A 251 51.82 -50.84 22.62
N GLY A 252 50.79 -50.01 22.79
CA GLY A 252 50.77 -48.68 22.23
C GLY A 252 49.94 -48.52 20.98
N ASP A 253 49.30 -49.58 20.50
CA ASP A 253 48.45 -49.52 19.32
C ASP A 253 46.99 -49.39 19.73
N SER A 254 46.27 -48.50 19.07
CA SER A 254 44.86 -48.26 19.36
C SER A 254 43.96 -49.21 18.57
N SER A 255 44.22 -50.52 18.69
CA SER A 255 43.44 -51.54 18.02
C SER A 255 42.81 -52.52 19.00
N SER A 256 43.61 -53.10 19.91
CA SER A 256 43.09 -54.06 20.87
C SER A 256 43.55 -53.84 22.31
N GLY A 257 44.45 -52.88 22.57
CA GLY A 257 44.88 -52.64 23.94
C GLY A 257 45.09 -51.18 24.26
N TRP A 258 44.40 -50.69 25.28
CA TRP A 258 44.55 -49.30 25.73
C TRP A 258 44.01 -49.18 27.15
N THR A 259 44.40 -48.09 27.80
CA THR A 259 43.89 -47.74 29.12
C THR A 259 43.48 -46.28 29.13
N ALA A 260 42.41 -45.97 29.88
CA ALA A 260 41.85 -44.62 29.89
C ALA A 260 41.67 -44.08 31.30
N GLY A 261 42.30 -44.70 32.30
CA GLY A 261 42.16 -44.22 33.66
C GLY A 261 40.78 -44.49 34.23
N ALA A 262 40.32 -43.57 35.07
CA ALA A 262 39.01 -43.68 35.71
C ALA A 262 38.34 -42.32 35.72
N ALA A 263 37.23 -42.20 35.01
CA ALA A 263 36.45 -40.96 34.96
C ALA A 263 35.02 -41.32 34.58
N ALA A 264 34.15 -40.31 34.57
CA ALA A 264 32.76 -40.51 34.19
C ALA A 264 32.18 -39.18 33.75
N TYR A 265 31.37 -39.22 32.69
CA TYR A 265 30.72 -38.02 32.17
C TYR A 265 29.25 -38.33 31.87
N TYR A 266 28.38 -37.38 32.20
CA TYR A 266 26.94 -37.52 32.04
C TYR A 266 26.45 -36.57 30.96
N VAL A 267 25.48 -37.03 30.17
CA VAL A 267 24.88 -36.25 29.10
C VAL A 267 23.40 -36.08 29.41
N GLY A 268 22.94 -34.82 29.43
CA GLY A 268 21.56 -34.52 29.74
C GLY A 268 20.97 -33.57 28.72
N TYR A 269 19.63 -33.49 28.75
CA TYR A 269 18.87 -32.63 27.84
C TYR A 269 18.07 -31.63 28.65
N LEU A 270 18.01 -30.39 28.17
CA LEU A 270 17.30 -29.32 28.84
C LEU A 270 15.94 -29.12 28.17
N GLN A 271 14.90 -28.97 29.00
CA GLN A 271 13.54 -28.78 28.54
C GLN A 271 13.06 -27.36 28.85
N PRO A 272 12.23 -26.77 27.99
CA PRO A 272 11.72 -25.40 28.25
C PRO A 272 10.65 -25.35 29.34
N ARG A 273 11.11 -25.34 30.59
CA ARG A 273 10.23 -25.28 31.76
C ARG A 273 10.61 -24.09 32.63
N THR A 274 9.61 -23.48 33.25
CA THR A 274 9.86 -22.34 34.13
C THR A 274 10.50 -22.82 35.44
N PHE A 275 11.42 -22.01 35.95
CA PHE A 275 12.14 -22.33 37.17
C PHE A 275 12.09 -21.13 38.12
N LEU A 276 11.80 -21.40 39.39
CA LEU A 276 11.75 -20.36 40.42
C LEU A 276 13.03 -20.44 41.23
N LEU A 277 13.91 -19.45 41.07
CA LEU A 277 15.20 -19.42 41.71
C LEU A 277 15.15 -18.57 42.97
N LYS A 278 16.04 -18.88 43.92
CA LYS A 278 16.14 -18.17 45.19
C LYS A 278 17.46 -17.41 45.24
N TYR A 279 17.39 -16.13 45.58
CA TYR A 279 18.56 -15.27 45.69
C TYR A 279 18.71 -14.79 47.13
N ASN A 280 19.94 -14.79 47.62
CA ASN A 280 20.26 -14.37 48.98
C ASN A 280 20.83 -12.95 48.95
N GLU A 281 21.33 -12.50 50.11
CA GLU A 281 21.91 -11.16 50.19
C GLU A 281 23.24 -11.08 49.45
N ASN A 282 23.97 -12.19 49.35
CA ASN A 282 25.17 -12.21 48.51
C ASN A 282 24.81 -12.00 47.05
N GLY A 283 23.76 -12.64 46.57
CA GLY A 283 23.35 -12.52 45.18
C GLY A 283 23.71 -13.75 44.37
N THR A 284 23.62 -14.93 44.98
CA THR A 284 23.92 -16.18 44.31
C THR A 284 22.74 -17.13 44.47
N ILE A 285 22.56 -18.01 43.49
CA ILE A 285 21.45 -18.95 43.51
C ILE A 285 21.71 -20.04 44.54
N THR A 286 20.73 -20.23 45.43
CA THR A 286 20.83 -21.23 46.49
C THR A 286 19.92 -22.43 46.29
N ASP A 287 18.67 -22.19 45.89
CA ASP A 287 17.71 -23.26 45.67
C ASP A 287 16.83 -22.92 44.48
N ALA A 288 16.25 -23.95 43.87
CA ALA A 288 15.37 -23.80 42.73
C ALA A 288 14.13 -24.66 42.91
N VAL A 289 13.00 -24.16 42.39
CA VAL A 289 11.72 -24.85 42.46
C VAL A 289 11.14 -24.93 41.05
N ASP A 290 10.82 -26.14 40.61
CA ASP A 290 10.26 -26.34 39.28
C ASP A 290 8.77 -26.01 39.26
N CYS A 291 8.21 -25.97 38.05
CA CYS A 291 6.80 -25.71 37.86
C CYS A 291 6.10 -26.80 37.06
N ALA A 292 6.80 -27.87 36.67
CA ALA A 292 6.20 -28.95 35.91
C ALA A 292 6.66 -30.31 36.41
N LEU A 293 7.02 -30.40 37.69
CA LEU A 293 7.51 -31.63 38.29
C LEU A 293 6.54 -32.24 39.30
N ASP A 294 6.12 -31.47 40.30
CA ASP A 294 5.21 -31.92 41.32
C ASP A 294 4.11 -30.89 41.53
N PRO A 295 2.90 -31.33 41.91
CA PRO A 295 1.87 -30.37 42.30
C PRO A 295 2.28 -29.48 43.47
N LEU A 296 3.07 -30.01 44.40
CA LEU A 296 3.62 -29.17 45.46
C LEU A 296 4.57 -28.12 44.89
N SER A 297 5.38 -28.50 43.90
CA SER A 297 6.26 -27.54 43.24
C SER A 297 5.45 -26.50 42.47
N GLU A 298 4.35 -26.92 41.85
CA GLU A 298 3.47 -25.97 41.16
C GLU A 298 2.85 -24.98 42.14
N THR A 299 2.43 -25.47 43.31
CA THR A 299 1.89 -24.58 44.34
C THR A 299 2.96 -23.61 44.84
N LYS A 300 4.18 -24.10 45.04
CA LYS A 300 5.27 -23.26 45.51
C LYS A 300 5.62 -22.18 44.50
N CYS A 301 5.67 -22.52 43.22
CA CYS A 301 6.10 -21.59 42.19
C CYS A 301 4.96 -20.75 41.61
N THR A 302 3.71 -21.05 41.97
CA THR A 302 2.58 -20.23 41.54
C THR A 302 2.28 -19.10 42.51
N LEU A 303 2.93 -19.07 43.67
CA LEU A 303 2.78 -17.99 44.64
C LEU A 303 4.08 -17.22 44.84
N LYS A 304 5.16 -17.61 44.16
CA LYS A 304 6.48 -16.97 44.26
C LYS A 304 6.99 -16.96 45.71
N SER A 305 6.75 -18.06 46.42
CA SER A 305 7.21 -18.21 47.79
C SER A 305 7.73 -19.62 48.01
N PHE A 306 8.66 -19.77 48.94
CA PHE A 306 9.23 -21.08 49.25
C PHE A 306 8.50 -21.78 50.38
N THR A 307 7.74 -21.05 51.20
CA THR A 307 6.98 -21.63 52.30
C THR A 307 5.50 -21.50 52.00
N VAL A 308 4.76 -22.59 52.21
CA VAL A 308 3.32 -22.64 51.96
C VAL A 308 2.62 -23.12 53.22
N GLU A 309 1.54 -22.46 53.59
CA GLU A 309 0.77 -22.79 54.78
C GLU A 309 -0.41 -23.70 54.41
N LYS A 310 -1.26 -23.97 55.39
CA LYS A 310 -2.43 -24.81 55.15
C LYS A 310 -3.47 -24.06 54.34
N GLY A 311 -4.11 -24.76 53.41
CA GLY A 311 -5.13 -24.18 52.58
C GLY A 311 -5.22 -24.91 51.25
N ILE A 312 -6.03 -24.36 50.35
CA ILE A 312 -6.23 -24.89 49.02
C ILE A 312 -5.87 -23.81 48.01
N TYR A 313 -5.04 -24.17 47.03
CA TYR A 313 -4.54 -23.23 46.04
C TYR A 313 -4.84 -23.76 44.65
N GLN A 314 -5.24 -22.85 43.76
CA GLN A 314 -5.51 -23.19 42.36
C GLN A 314 -4.23 -22.98 41.55
N THR A 315 -3.63 -24.09 41.10
CA THR A 315 -2.37 -24.01 40.38
C THR A 315 -2.61 -23.70 38.91
N SER A 316 -3.37 -24.55 38.21
CA SER A 316 -3.62 -24.38 36.78
C SER A 316 -5.01 -24.91 36.47
N ASN A 317 -5.28 -25.12 35.19
CA ASN A 317 -6.57 -25.61 34.72
C ASN A 317 -6.40 -26.95 34.02
N PHE A 318 -7.45 -27.75 34.04
CA PHE A 318 -7.47 -29.07 33.42
C PHE A 318 -8.41 -29.03 32.22
N ARG A 319 -7.89 -29.41 31.05
CA ARG A 319 -8.66 -29.45 29.82
C ARG A 319 -8.45 -30.78 29.12
N VAL A 320 -9.48 -31.25 28.43
CA VAL A 320 -9.44 -32.52 27.72
C VAL A 320 -9.22 -32.22 26.24
N GLN A 321 -8.13 -32.75 25.68
CA GLN A 321 -7.78 -32.50 24.29
C GLN A 321 -8.29 -33.63 23.41
N PRO A 322 -9.08 -33.34 22.38
CA PRO A 322 -9.50 -34.40 21.46
C PRO A 322 -8.33 -34.95 20.67
N THR A 323 -8.44 -36.22 20.29
CA THR A 323 -7.35 -36.92 19.63
C THR A 323 -7.64 -37.26 18.17
N GLU A 324 -8.89 -37.26 17.74
CA GLU A 324 -9.24 -37.59 16.37
C GLU A 324 -10.30 -36.61 15.88
N SER A 325 -10.74 -36.78 14.63
CA SER A 325 -11.69 -35.87 14.02
C SER A 325 -12.83 -36.66 13.40
N ILE A 326 -14.01 -36.04 13.36
CA ILE A 326 -15.21 -36.64 12.80
C ILE A 326 -15.68 -35.76 11.64
N VAL A 327 -15.85 -36.37 10.47
CA VAL A 327 -16.31 -35.67 9.27
C VAL A 327 -17.54 -36.42 8.77
N ARG A 328 -18.69 -35.76 8.78
CA ARG A 328 -19.96 -36.37 8.37
C ARG A 328 -20.69 -35.49 7.36
N PHE A 329 -19.99 -35.11 6.30
CA PHE A 329 -20.59 -34.39 5.18
C PHE A 329 -21.66 -35.25 4.52
N PRO A 330 -22.64 -34.64 3.84
CA PRO A 330 -23.80 -35.39 3.33
C PRO A 330 -23.43 -36.49 2.34
N ASN A 331 -24.46 -37.24 1.95
CA ASN A 331 -24.31 -38.55 1.33
C ASN A 331 -23.64 -38.45 -0.04
N ILE A 332 -23.33 -39.63 -0.60
CA ILE A 332 -22.61 -39.73 -1.86
C ILE A 332 -23.47 -39.22 -3.01
N THR A 333 -24.79 -39.37 -2.92
CA THR A 333 -25.77 -39.00 -3.94
C THR A 333 -25.45 -39.64 -5.29
N ASN A 334 -25.16 -38.81 -6.30
CA ASN A 334 -24.92 -39.29 -7.66
C ASN A 334 -23.44 -39.26 -7.96
N LEU A 335 -22.87 -40.42 -8.29
CA LEU A 335 -21.47 -40.54 -8.64
C LEU A 335 -21.20 -40.31 -10.12
N CYS A 336 -22.25 -40.31 -10.96
CA CYS A 336 -22.24 -40.19 -12.42
C CYS A 336 -21.07 -40.93 -13.07
N PRO A 337 -21.05 -42.26 -13.01
CA PRO A 337 -19.90 -43.00 -13.55
C PRO A 337 -19.80 -42.85 -15.06
N PHE A 338 -18.56 -42.92 -15.55
CA PHE A 338 -18.28 -42.77 -16.98
C PHE A 338 -18.15 -44.12 -17.66
N GLY A 339 -18.95 -45.10 -17.22
CA GLY A 339 -18.97 -46.40 -17.87
C GLY A 339 -19.48 -46.37 -19.29
N GLU A 340 -20.26 -45.34 -19.65
CA GLU A 340 -20.64 -45.13 -21.03
C GLU A 340 -19.52 -44.55 -21.87
N VAL A 341 -18.44 -44.09 -21.25
CA VAL A 341 -17.28 -43.56 -21.95
C VAL A 341 -16.12 -44.56 -21.93
N PHE A 342 -15.81 -45.11 -20.77
CA PHE A 342 -14.76 -46.12 -20.69
C PHE A 342 -15.21 -47.46 -21.26
N ASN A 343 -16.26 -48.04 -20.67
CA ASN A 343 -16.79 -49.33 -21.10
C ASN A 343 -17.78 -49.12 -22.24
N ALA A 344 -17.25 -48.66 -23.37
CA ALA A 344 -18.06 -48.34 -24.54
C ALA A 344 -18.03 -49.52 -25.52
N THR A 345 -19.18 -49.77 -26.16
CA THR A 345 -19.26 -50.82 -27.16
C THR A 345 -18.37 -50.52 -28.37
N ARG A 346 -18.35 -49.26 -28.80
CA ARG A 346 -17.52 -48.83 -29.92
C ARG A 346 -16.71 -47.61 -29.50
N PHE A 347 -15.63 -47.38 -30.22
CA PHE A 347 -14.70 -46.29 -29.92
C PHE A 347 -14.60 -45.34 -31.11
N ALA A 348 -14.53 -44.05 -30.84
CA ALA A 348 -14.48 -43.05 -31.88
C ALA A 348 -13.12 -43.04 -32.57
N SER A 349 -13.07 -42.42 -33.74
CA SER A 349 -11.85 -42.34 -34.52
C SER A 349 -10.90 -41.29 -33.91
N VAL A 350 -9.66 -41.30 -34.42
CA VAL A 350 -8.65 -40.36 -33.93
C VAL A 350 -9.01 -38.93 -34.31
N TYR A 351 -9.35 -38.72 -35.58
CA TYR A 351 -9.69 -37.37 -36.03
C TYR A 351 -11.06 -36.94 -35.54
N ALA A 352 -12.03 -37.84 -35.58
CA ALA A 352 -13.39 -37.56 -35.11
C ALA A 352 -13.59 -38.09 -33.69
N TRP A 353 -12.84 -37.52 -32.75
CA TRP A 353 -12.94 -37.93 -31.36
C TRP A 353 -14.20 -37.37 -30.72
N ASN A 354 -14.92 -38.21 -29.99
CA ASN A 354 -16.15 -37.79 -29.34
C ASN A 354 -15.84 -36.98 -28.09
N ARG A 355 -16.65 -35.95 -27.86
CA ARG A 355 -16.50 -35.07 -26.70
C ARG A 355 -17.77 -35.15 -25.85
N LYS A 356 -17.60 -35.43 -24.56
CA LYS A 356 -18.71 -35.55 -23.62
C LYS A 356 -18.46 -34.65 -22.43
N ARG A 357 -19.53 -33.99 -21.96
CA ARG A 357 -19.48 -33.11 -20.81
C ARG A 357 -20.31 -33.71 -19.67
N ILE A 358 -19.70 -33.80 -18.49
CA ILE A 358 -20.38 -34.30 -17.29
C ILE A 358 -20.50 -33.15 -16.29
N SER A 359 -21.63 -33.11 -15.60
CA SER A 359 -21.93 -32.04 -14.65
C SER A 359 -23.09 -32.50 -13.76
N ASN A 360 -23.47 -31.62 -12.83
CA ASN A 360 -24.62 -31.81 -11.93
C ASN A 360 -24.50 -33.11 -11.12
N CYS A 361 -23.28 -33.42 -10.69
CA CYS A 361 -23.01 -34.63 -9.92
C CYS A 361 -21.67 -34.46 -9.22
N VAL A 362 -21.18 -35.54 -8.62
CA VAL A 362 -19.84 -35.57 -8.03
C VAL A 362 -19.06 -36.70 -8.70
N ALA A 363 -17.74 -36.57 -8.68
CA ALA A 363 -16.85 -37.53 -9.33
C ALA A 363 -15.67 -37.83 -8.42
N ASP A 364 -15.43 -39.11 -8.17
CA ASP A 364 -14.32 -39.56 -7.35
C ASP A 364 -13.34 -40.34 -8.22
N TYR A 365 -12.05 -40.25 -7.87
CA TYR A 365 -10.99 -40.88 -8.63
C TYR A 365 -10.30 -42.00 -7.89
N SER A 366 -10.83 -42.39 -6.71
CA SER A 366 -10.19 -43.45 -5.94
C SER A 366 -10.44 -44.82 -6.57
N VAL A 367 -11.67 -45.08 -7.02
CA VAL A 367 -11.97 -46.34 -7.68
C VAL A 367 -11.27 -46.42 -9.03
N LEU A 368 -11.14 -45.28 -9.71
CA LEU A 368 -10.45 -45.24 -11.00
C LEU A 368 -8.96 -45.54 -10.83
N TYR A 369 -8.37 -45.11 -9.72
CA TYR A 369 -6.94 -45.33 -9.51
C TYR A 369 -6.63 -46.79 -9.19
N ASN A 370 -7.53 -47.45 -8.45
CA ASN A 370 -7.30 -48.81 -7.98
C ASN A 370 -7.82 -49.88 -8.94
N SER A 371 -8.06 -49.52 -10.21
CA SER A 371 -8.54 -50.49 -11.17
C SER A 371 -7.45 -51.47 -11.60
N ALA A 372 -6.17 -51.09 -11.43
CA ALA A 372 -5.01 -51.93 -11.77
C ALA A 372 -5.05 -52.38 -13.23
N SER A 373 -5.46 -51.49 -14.13
CA SER A 373 -5.50 -51.79 -15.55
C SER A 373 -4.99 -50.65 -16.42
N PHE A 374 -4.54 -49.54 -15.84
CA PHE A 374 -4.13 -48.37 -16.59
C PHE A 374 -2.63 -48.19 -16.48
N SER A 375 -1.95 -48.12 -17.63
CA SER A 375 -0.49 -48.02 -17.68
C SER A 375 0.00 -46.61 -17.95
N THR A 376 -0.89 -45.62 -17.96
CA THR A 376 -0.51 -44.23 -18.23
C THR A 376 -1.34 -43.32 -17.33
N PHE A 377 -0.73 -42.83 -16.26
CA PHE A 377 -1.41 -41.90 -15.35
C PHE A 377 -0.48 -40.79 -14.90
N LYS A 378 0.48 -40.40 -15.74
CA LYS A 378 1.38 -39.30 -15.42
C LYS A 378 0.66 -37.97 -15.63
N CYS A 379 0.48 -37.23 -14.54
CA CYS A 379 -0.29 -35.99 -14.57
C CYS A 379 0.54 -34.84 -14.00
N TYR A 380 0.39 -33.66 -14.60
CA TYR A 380 1.09 -32.46 -14.20
C TYR A 380 0.10 -31.37 -13.84
N GLY A 381 0.54 -30.47 -12.98
CA GLY A 381 -0.31 -29.37 -12.51
C GLY A 381 -1.14 -29.71 -11.30
N VAL A 382 -1.84 -30.85 -11.34
CA VAL A 382 -2.64 -31.32 -10.21
C VAL A 382 -2.00 -32.59 -9.67
N SER A 383 -2.48 -33.03 -8.52
CA SER A 383 -1.97 -34.22 -7.86
C SER A 383 -3.13 -35.15 -7.52
N PRO A 384 -2.89 -36.47 -7.53
CA PRO A 384 -3.96 -37.41 -7.14
C PRO A 384 -4.44 -37.23 -5.72
N THR A 385 -3.56 -36.83 -4.80
CA THR A 385 -3.97 -36.61 -3.42
C THR A 385 -4.86 -35.37 -3.29
N LYS A 386 -4.56 -34.33 -4.05
CA LYS A 386 -5.34 -33.09 -4.02
C LYS A 386 -6.43 -33.04 -5.08
N LEU A 387 -6.62 -34.11 -5.85
CA LEU A 387 -7.65 -34.11 -6.88
C LEU A 387 -9.05 -34.17 -6.26
N ASN A 388 -9.18 -34.79 -5.09
CA ASN A 388 -10.47 -34.91 -4.41
C ASN A 388 -10.76 -33.73 -3.50
N ASP A 389 -9.85 -32.78 -3.36
CA ASP A 389 -10.05 -31.61 -2.52
C ASP A 389 -10.56 -30.42 -3.32
N LEU A 390 -9.81 -30.00 -4.34
CA LEU A 390 -10.23 -28.92 -5.21
C LEU A 390 -11.01 -29.47 -6.41
N CYS A 391 -11.73 -28.59 -7.08
CA CYS A 391 -12.53 -28.98 -8.23
C CYS A 391 -12.66 -27.79 -9.17
N PHE A 392 -13.39 -28.01 -10.27
CA PHE A 392 -13.49 -27.04 -11.36
C PHE A 392 -14.94 -26.86 -11.75
N THR A 393 -15.17 -25.93 -12.68
CA THR A 393 -16.53 -25.62 -13.12
C THR A 393 -17.14 -26.77 -13.90
N ASN A 394 -16.39 -27.37 -14.83
CA ASN A 394 -16.89 -28.46 -15.64
C ASN A 394 -15.75 -29.39 -16.00
N VAL A 395 -16.12 -30.64 -16.30
CA VAL A 395 -15.15 -31.67 -16.69
C VAL A 395 -15.60 -32.25 -18.02
N TYR A 396 -14.69 -32.30 -18.99
CA TYR A 396 -14.95 -32.86 -20.30
C TYR A 396 -14.25 -34.19 -20.46
N ALA A 397 -14.69 -34.96 -21.46
CA ALA A 397 -14.11 -36.26 -21.76
C ALA A 397 -13.93 -36.39 -23.26
N ASP A 398 -12.78 -36.93 -23.66
CA ASP A 398 -12.45 -37.15 -25.06
C ASP A 398 -12.18 -38.63 -25.30
N SER A 399 -12.67 -39.15 -26.42
CA SER A 399 -12.58 -40.57 -26.73
C SER A 399 -11.95 -40.76 -28.11
N PHE A 400 -10.75 -41.33 -28.14
CA PHE A 400 -10.09 -41.67 -29.39
C PHE A 400 -9.10 -42.79 -29.12
N VAL A 401 -9.00 -43.73 -30.06
CA VAL A 401 -8.16 -44.92 -29.92
C VAL A 401 -6.96 -44.77 -30.83
N ILE A 402 -5.76 -44.93 -30.27
CA ILE A 402 -4.50 -44.81 -30.98
C ILE A 402 -3.63 -46.01 -30.65
N ARG A 403 -2.46 -46.07 -31.28
CA ARG A 403 -1.49 -47.11 -30.98
C ARG A 403 -0.73 -46.78 -29.69
N GLY A 404 0.10 -47.73 -29.25
CA GLY A 404 0.87 -47.55 -28.05
C GLY A 404 2.05 -46.62 -28.18
N ASP A 405 2.46 -46.29 -29.42
CA ASP A 405 3.56 -45.38 -29.63
C ASP A 405 3.15 -43.91 -29.57
N GLU A 406 1.84 -43.63 -29.64
CA GLU A 406 1.35 -42.26 -29.67
C GLU A 406 0.67 -41.83 -28.37
N VAL A 407 0.67 -42.68 -27.35
CA VAL A 407 0.08 -42.27 -26.07
C VAL A 407 0.94 -41.20 -25.40
N ARG A 408 2.26 -41.24 -25.62
CA ARG A 408 3.13 -40.19 -25.13
C ARG A 408 2.99 -38.91 -25.95
N GLN A 409 2.53 -39.04 -27.21
CA GLN A 409 2.41 -37.89 -28.09
C GLN A 409 1.30 -36.92 -27.68
N ILE A 410 0.40 -37.34 -26.80
CA ILE A 410 -0.70 -36.46 -26.38
C ILE A 410 -0.23 -35.37 -25.43
N ALA A 411 1.01 -35.44 -24.95
CA ALA A 411 1.54 -34.38 -24.12
C ALA A 411 1.65 -33.08 -24.94
N PRO A 412 1.43 -31.92 -24.32
CA PRO A 412 1.48 -30.66 -25.09
C PRO A 412 2.83 -30.37 -25.71
N GLY A 413 3.93 -30.80 -25.10
CA GLY A 413 5.25 -30.58 -25.65
C GLY A 413 5.71 -31.69 -26.57
N GLN A 414 4.84 -32.10 -27.51
CA GLN A 414 5.15 -33.16 -28.44
C GLN A 414 4.77 -32.74 -29.86
N THR A 415 5.51 -33.26 -30.83
CA THR A 415 5.26 -33.03 -32.24
C THR A 415 5.10 -34.37 -32.96
N GLY A 416 4.36 -34.35 -34.05
CA GLY A 416 4.16 -35.54 -34.85
C GLY A 416 2.85 -35.46 -35.61
N LYS A 417 2.48 -36.58 -36.22
CA LYS A 417 1.24 -36.65 -36.98
C LYS A 417 0.01 -36.62 -36.08
N ILE A 418 0.16 -37.09 -34.84
CA ILE A 418 -0.96 -37.08 -33.90
C ILE A 418 -0.98 -35.79 -33.08
N ALA A 419 0.19 -35.31 -32.67
CA ALA A 419 0.28 -34.16 -31.79
C ALA A 419 0.18 -32.82 -32.51
N ASP A 420 0.08 -32.81 -33.84
CA ASP A 420 0.00 -31.56 -34.58
C ASP A 420 -1.16 -31.55 -35.57
N TYR A 421 -1.58 -32.73 -36.02
CA TYR A 421 -2.62 -32.83 -37.02
C TYR A 421 -3.91 -33.50 -36.52
N ASN A 422 -3.88 -34.15 -35.36
CA ASN A 422 -5.06 -34.82 -34.82
C ASN A 422 -5.58 -34.14 -33.56
N TYR A 423 -4.74 -33.97 -32.55
CA TYR A 423 -5.14 -33.32 -31.31
C TYR A 423 -4.02 -32.41 -30.84
N LYS A 424 -4.37 -31.17 -30.50
CA LYS A 424 -3.44 -30.20 -29.97
C LYS A 424 -3.83 -29.86 -28.54
N LEU A 425 -2.88 -29.97 -27.62
CA LEU A 425 -3.11 -29.67 -26.21
C LEU A 425 -2.38 -28.40 -25.82
N PRO A 426 -3.04 -27.46 -25.15
CA PRO A 426 -2.36 -26.23 -24.75
C PRO A 426 -1.34 -26.47 -23.65
N ASP A 427 -0.40 -25.53 -23.52
CA ASP A 427 0.62 -25.62 -22.49
C ASP A 427 0.05 -25.46 -21.10
N ASP A 428 -1.01 -24.65 -20.96
CA ASP A 428 -1.69 -24.44 -19.67
C ASP A 428 -2.86 -25.39 -19.47
N PHE A 429 -2.82 -26.57 -20.07
CA PHE A 429 -3.91 -27.52 -19.94
C PHE A 429 -3.92 -28.15 -18.55
N THR A 430 -5.10 -28.24 -17.96
CA THR A 430 -5.28 -28.85 -16.65
C THR A 430 -5.89 -30.24 -16.83
N GLY A 431 -5.21 -31.25 -16.30
CA GLY A 431 -5.60 -32.63 -16.42
C GLY A 431 -4.48 -33.47 -17.00
N CYS A 432 -4.80 -34.68 -17.42
CA CYS A 432 -3.83 -35.59 -17.99
C CYS A 432 -4.54 -36.59 -18.89
N VAL A 433 -3.83 -37.64 -19.27
CA VAL A 433 -4.29 -38.61 -20.26
C VAL A 433 -4.33 -39.99 -19.62
N ILE A 434 -5.47 -40.66 -19.77
CA ILE A 434 -5.66 -42.01 -19.24
C ILE A 434 -5.71 -42.97 -20.42
N ALA A 435 -4.82 -43.98 -20.39
CA ALA A 435 -4.74 -44.96 -21.47
C ALA A 435 -4.57 -46.34 -20.86
N TRP A 436 -5.01 -47.36 -21.61
CA TRP A 436 -4.91 -48.74 -21.17
C TRP A 436 -4.85 -49.66 -22.37
N ASN A 437 -4.36 -50.88 -22.13
CA ASN A 437 -4.21 -51.85 -23.21
C ASN A 437 -5.58 -52.38 -23.65
N SER A 438 -5.77 -52.47 -24.96
CA SER A 438 -7.01 -52.93 -25.57
C SER A 438 -6.72 -54.01 -26.60
N ASN A 439 -5.90 -55.00 -26.21
CA ASN A 439 -5.55 -56.08 -27.13
C ASN A 439 -6.75 -56.96 -27.46
N ASN A 440 -7.66 -57.14 -26.51
CA ASN A 440 -8.81 -58.02 -26.73
C ASN A 440 -9.78 -57.43 -27.75
N LEU A 441 -10.01 -56.11 -27.71
CA LEU A 441 -10.95 -55.46 -28.58
C LEU A 441 -10.23 -54.71 -29.71
N ASP A 442 -11.01 -54.09 -30.59
CA ASP A 442 -10.52 -53.29 -31.71
C ASP A 442 -9.59 -54.07 -32.62
N SER A 443 -9.83 -55.37 -32.77
CA SER A 443 -8.98 -56.22 -33.60
C SER A 443 -9.77 -57.45 -34.03
N LYS A 444 -9.54 -57.87 -35.27
CA LYS A 444 -10.15 -59.09 -35.79
C LYS A 444 -9.07 -60.00 -36.36
N VAL A 445 -9.49 -61.05 -37.09
CA VAL A 445 -8.52 -61.95 -37.71
C VAL A 445 -7.71 -61.22 -38.76
N GLY A 446 -8.37 -60.42 -39.59
CA GLY A 446 -7.68 -59.60 -40.57
C GLY A 446 -7.30 -58.23 -40.02
N GLY A 447 -6.83 -57.38 -40.92
CA GLY A 447 -6.47 -56.03 -40.53
C GLY A 447 -7.71 -55.20 -40.20
N ASN A 448 -7.68 -54.50 -39.07
CA ASN A 448 -8.80 -53.68 -38.62
C ASN A 448 -8.63 -52.28 -39.19
N TYR A 449 -9.23 -52.04 -40.37
CA TYR A 449 -9.14 -50.77 -41.06
C TYR A 449 -10.33 -49.86 -40.76
N ASN A 450 -10.95 -50.00 -39.59
CA ASN A 450 -12.13 -49.22 -39.24
C ASN A 450 -11.79 -47.87 -38.60
N TYR A 451 -10.51 -47.61 -38.32
CA TYR A 451 -10.09 -46.37 -37.67
C TYR A 451 -9.11 -45.63 -38.58
N LEU A 452 -9.32 -44.34 -38.74
CA LEU A 452 -8.48 -43.50 -39.59
C LEU A 452 -7.97 -42.30 -38.79
N TYR A 453 -6.93 -41.67 -39.33
CA TYR A 453 -6.32 -40.51 -38.67
C TYR A 453 -5.79 -39.56 -39.74
N ARG A 454 -5.67 -38.29 -39.36
CA ARG A 454 -5.19 -37.28 -40.29
C ARG A 454 -3.69 -37.43 -40.54
N LEU A 455 -3.30 -37.25 -41.79
CA LEU A 455 -1.90 -37.39 -42.20
C LEU A 455 -1.34 -36.15 -42.89
N PHE A 456 -2.15 -35.41 -43.64
CA PHE A 456 -1.68 -34.26 -44.40
C PHE A 456 -2.49 -33.02 -44.01
N ARG A 457 -1.80 -31.93 -43.70
CA ARG A 457 -2.44 -30.67 -43.39
C ARG A 457 -1.49 -29.53 -43.74
N LYS A 458 -2.07 -28.41 -44.16
CA LYS A 458 -1.29 -27.25 -44.61
C LYS A 458 -1.06 -26.23 -43.51
N SER A 459 -1.58 -26.45 -42.31
CA SER A 459 -1.42 -25.48 -41.22
C SER A 459 -1.44 -26.21 -39.89
N ASN A 460 -0.88 -25.55 -38.88
CA ASN A 460 -0.86 -26.10 -37.53
C ASN A 460 -2.24 -26.00 -36.91
N LEU A 461 -2.69 -27.09 -36.28
CA LEU A 461 -4.01 -27.13 -35.68
C LEU A 461 -4.05 -26.29 -34.40
N LYS A 462 -5.20 -25.67 -34.15
CA LYS A 462 -5.39 -24.90 -32.93
C LYS A 462 -5.62 -25.84 -31.74
N PRO A 463 -5.26 -25.42 -30.54
CA PRO A 463 -5.52 -26.24 -29.35
C PRO A 463 -7.01 -26.43 -29.12
N PHE A 464 -7.36 -27.63 -28.63
CA PHE A 464 -8.75 -28.02 -28.35
C PHE A 464 -9.65 -27.85 -29.58
N GLU A 465 -9.13 -28.25 -30.75
CA GLU A 465 -9.86 -28.15 -32.00
C GLU A 465 -9.87 -29.51 -32.69
N ARG A 466 -10.99 -29.86 -33.30
CA ARG A 466 -11.15 -31.09 -34.04
C ARG A 466 -11.51 -30.77 -35.49
N ASP A 467 -10.80 -31.38 -36.44
CA ASP A 467 -11.01 -31.13 -37.85
C ASP A 467 -11.48 -32.41 -38.53
N ILE A 468 -12.61 -32.33 -39.21
CA ILE A 468 -13.15 -33.44 -40.01
C ILE A 468 -13.33 -32.89 -41.41
N SER A 469 -12.31 -33.09 -42.25
CA SER A 469 -12.33 -32.58 -43.63
C SER A 469 -12.16 -33.75 -44.58
N THR A 470 -13.03 -33.80 -45.61
CA THR A 470 -12.98 -34.84 -46.62
C THR A 470 -12.54 -34.31 -47.98
N GLU A 471 -11.88 -33.15 -48.01
CA GLU A 471 -11.40 -32.57 -49.25
C GLU A 471 -10.14 -33.29 -49.73
N ILE A 472 -9.93 -33.28 -51.04
CA ILE A 472 -8.74 -33.89 -51.61
C ILE A 472 -7.53 -33.02 -51.31
N TYR A 473 -6.51 -33.61 -50.70
CA TYR A 473 -5.29 -32.88 -50.41
C TYR A 473 -4.47 -32.70 -51.68
N GLN A 474 -3.83 -31.53 -51.79
CA GLN A 474 -3.03 -31.20 -52.97
C GLN A 474 -1.63 -30.80 -52.54
N ALA A 475 -0.66 -31.10 -53.41
CA ALA A 475 0.74 -30.76 -53.14
C ALA A 475 1.34 -30.00 -54.32
N GLY A 476 0.84 -30.27 -55.52
CA GLY A 476 1.34 -29.62 -56.71
C GLY A 476 0.78 -28.21 -56.88
N SER A 477 1.38 -27.49 -57.83
CA SER A 477 0.92 -26.13 -58.12
C SER A 477 -0.43 -26.13 -58.80
N THR A 478 -0.70 -27.12 -59.67
CA THR A 478 -1.98 -27.19 -60.35
C THR A 478 -3.08 -27.56 -59.37
N PRO A 479 -4.24 -26.90 -59.45
CA PRO A 479 -5.35 -27.25 -58.55
C PRO A 479 -5.89 -28.64 -58.84
N CYS A 480 -6.40 -29.28 -57.80
CA CYS A 480 -6.96 -30.62 -57.88
C CYS A 480 -8.48 -30.52 -57.71
N ASN A 481 -9.21 -30.97 -58.73
CA ASN A 481 -10.67 -30.93 -58.70
C ASN A 481 -11.26 -32.23 -58.18
N GLY A 482 -10.79 -32.67 -57.02
CA GLY A 482 -11.33 -33.86 -56.39
C GLY A 482 -10.91 -35.17 -57.02
N VAL A 483 -9.94 -35.16 -57.93
CA VAL A 483 -9.49 -36.38 -58.58
C VAL A 483 -8.45 -37.07 -57.73
N GLU A 484 -8.17 -38.34 -58.03
CA GLU A 484 -7.20 -39.15 -57.28
C GLU A 484 -5.95 -39.42 -58.10
N GLY A 485 -5.49 -38.42 -58.84
CA GLY A 485 -4.31 -38.54 -59.66
C GLY A 485 -3.04 -38.29 -58.87
N PHE A 486 -1.98 -37.91 -59.59
CA PHE A 486 -0.70 -37.62 -58.95
C PHE A 486 -0.81 -36.36 -58.11
N ASN A 487 -0.12 -36.38 -56.96
CA ASN A 487 -0.11 -35.28 -55.98
C ASN A 487 -1.52 -34.96 -55.48
N CYS A 488 -2.38 -35.97 -55.42
CA CYS A 488 -3.76 -35.81 -54.94
C CYS A 488 -4.12 -37.08 -54.19
N TYR A 489 -4.02 -37.03 -52.86
CA TYR A 489 -4.26 -38.18 -52.01
C TYR A 489 -5.20 -37.81 -50.87
N PHE A 490 -5.90 -38.81 -50.36
CA PHE A 490 -6.81 -38.59 -49.23
C PHE A 490 -6.02 -38.29 -47.96
N PRO A 491 -6.37 -37.23 -47.22
CA PRO A 491 -5.65 -36.95 -45.98
C PRO A 491 -5.78 -38.03 -44.92
N LEU A 492 -6.90 -38.75 -44.88
CA LEU A 492 -7.09 -39.81 -43.91
C LEU A 492 -6.31 -41.05 -44.31
N GLN A 493 -5.55 -41.60 -43.36
CA GLN A 493 -4.75 -42.80 -43.58
C GLN A 493 -5.28 -43.92 -42.69
N SER A 494 -5.42 -45.11 -43.27
CA SER A 494 -5.93 -46.25 -42.52
C SER A 494 -4.90 -46.76 -41.53
N TYR A 495 -5.40 -47.35 -40.44
CA TYR A 495 -4.55 -47.92 -39.40
C TYR A 495 -4.60 -49.44 -39.48
N GLY A 496 -3.43 -50.08 -39.42
CA GLY A 496 -3.38 -51.53 -39.40
C GLY A 496 -3.31 -52.07 -37.98
N PHE A 497 -4.46 -52.46 -37.44
CA PHE A 497 -4.54 -52.96 -36.07
C PHE A 497 -4.54 -54.49 -36.05
N GLN A 498 -3.44 -55.08 -36.52
CA GLN A 498 -3.31 -56.52 -36.53
C GLN A 498 -2.94 -57.04 -35.14
N PRO A 499 -3.43 -58.23 -34.78
CA PRO A 499 -3.05 -58.81 -33.47
C PRO A 499 -1.59 -59.19 -33.37
N THR A 500 -0.88 -59.33 -34.49
CA THR A 500 0.52 -59.74 -34.50
C THR A 500 1.48 -58.58 -34.30
N ASN A 501 0.98 -57.36 -34.13
CA ASN A 501 1.84 -56.21 -33.92
C ASN A 501 2.46 -56.25 -32.53
N GLY A 502 3.48 -55.40 -32.34
CA GLY A 502 4.20 -55.36 -31.09
C GLY A 502 3.45 -54.60 -30.01
N VAL A 503 4.10 -54.51 -28.84
CA VAL A 503 3.50 -53.81 -27.71
C VAL A 503 3.36 -52.33 -28.01
N GLY A 504 4.40 -51.71 -28.59
CA GLY A 504 4.33 -50.30 -28.93
C GLY A 504 3.41 -49.98 -30.08
N TYR A 505 3.07 -50.98 -30.90
CA TYR A 505 2.14 -50.79 -32.01
C TYR A 505 0.74 -51.32 -31.69
N GLN A 506 0.52 -51.81 -30.48
CA GLN A 506 -0.80 -52.29 -30.10
C GLN A 506 -1.77 -51.13 -29.95
N PRO A 507 -3.01 -51.26 -30.41
CA PRO A 507 -3.97 -50.16 -30.29
C PRO A 507 -4.46 -50.02 -28.86
N TYR A 508 -4.27 -48.83 -28.29
CA TYR A 508 -4.64 -48.55 -26.91
C TYR A 508 -5.84 -47.60 -26.89
N ARG A 509 -6.86 -47.95 -26.12
CA ARG A 509 -8.01 -47.07 -25.93
C ARG A 509 -7.61 -45.93 -25.00
N VAL A 510 -7.74 -44.70 -25.49
CA VAL A 510 -7.28 -43.51 -24.78
C VAL A 510 -8.48 -42.64 -24.48
N VAL A 511 -8.68 -42.33 -23.19
CA VAL A 511 -9.70 -41.38 -22.75
C VAL A 511 -8.99 -40.24 -22.04
N VAL A 512 -9.23 -39.01 -22.51
CA VAL A 512 -8.58 -37.82 -21.99
C VAL A 512 -9.63 -36.94 -21.32
N LEU A 513 -9.40 -36.62 -20.05
CA LEU A 513 -10.27 -35.71 -19.33
C LEU A 513 -9.75 -34.27 -19.44
N SER A 514 -10.66 -33.32 -19.40
CA SER A 514 -10.35 -31.91 -19.51
C SER A 514 -10.90 -31.17 -18.30
N PHE A 515 -10.02 -30.49 -17.58
CA PHE A 515 -10.40 -29.72 -16.39
C PHE A 515 -10.37 -28.24 -16.73
N GLU A 516 -11.53 -27.59 -16.65
CA GLU A 516 -11.64 -26.17 -16.94
C GLU A 516 -12.32 -25.49 -15.77
N LEU A 517 -11.66 -24.48 -15.20
CA LEU A 517 -12.18 -23.72 -14.08
C LEU A 517 -12.40 -22.28 -14.50
N LEU A 518 -13.61 -21.78 -14.30
CA LEU A 518 -13.98 -20.41 -14.64
C LEU A 518 -14.49 -19.71 -13.38
N HIS A 519 -14.98 -18.48 -13.56
CA HIS A 519 -15.53 -17.71 -12.45
C HIS A 519 -16.97 -18.11 -12.11
N ALA A 520 -17.60 -18.93 -12.94
CA ALA A 520 -18.93 -19.42 -12.63
C ALA A 520 -18.90 -20.39 -11.45
N PRO A 521 -19.99 -20.49 -10.69
CA PRO A 521 -20.04 -21.47 -9.60
C PRO A 521 -19.90 -22.89 -10.13
N ALA A 522 -19.20 -23.72 -9.36
CA ALA A 522 -18.94 -25.09 -9.78
C ALA A 522 -20.19 -25.94 -9.69
N THR A 523 -20.41 -26.76 -10.73
CA THR A 523 -21.53 -27.68 -10.77
C THR A 523 -21.14 -29.11 -10.47
N VAL A 524 -19.91 -29.50 -10.79
CA VAL A 524 -19.40 -30.84 -10.51
C VAL A 524 -18.12 -30.72 -9.69
N CYS A 525 -18.04 -31.50 -8.61
CA CYS A 525 -16.88 -31.47 -7.73
C CYS A 525 -16.61 -32.88 -7.25
N GLY A 526 -15.79 -33.01 -6.21
CA GLY A 526 -15.46 -34.29 -5.65
C GLY A 526 -16.21 -34.56 -4.36
N PRO A 527 -16.65 -35.80 -4.16
CA PRO A 527 -17.31 -36.16 -2.90
C PRO A 527 -16.35 -36.06 -1.72
N LYS A 528 -16.89 -35.64 -0.59
CA LYS A 528 -16.04 -35.47 0.58
C LYS A 528 -15.95 -36.74 1.39
N LYS A 529 -15.17 -36.69 2.46
CA LYS A 529 -14.98 -37.86 3.31
C LYS A 529 -16.15 -38.02 4.28
N SER A 530 -16.37 -39.27 4.70
CA SER A 530 -17.43 -39.60 5.66
C SER A 530 -16.83 -40.56 6.69
N THR A 531 -16.27 -39.99 7.76
CA THR A 531 -15.70 -40.79 8.83
C THR A 531 -16.80 -41.31 9.75
N ASN A 532 -16.53 -42.47 10.35
CA ASN A 532 -17.48 -43.06 11.28
C ASN A 532 -17.56 -42.22 12.56
N LEU A 533 -18.79 -41.98 13.01
CA LEU A 533 -18.98 -41.18 14.22
C LEU A 533 -18.51 -41.93 15.46
N VAL A 534 -18.02 -41.19 16.44
CA VAL A 534 -17.57 -41.74 17.71
C VAL A 534 -18.37 -41.04 18.81
N LYS A 535 -19.22 -41.79 19.50
CA LYS A 535 -20.02 -41.27 20.59
C LYS A 535 -19.37 -41.61 21.94
N ASN A 536 -19.80 -40.89 22.97
CA ASN A 536 -19.33 -41.06 24.34
C ASN A 536 -17.81 -40.89 24.45
N LYS A 537 -17.28 -39.93 23.70
CA LYS A 537 -15.85 -39.66 23.69
C LYS A 537 -15.63 -38.19 23.34
N CYS A 538 -14.62 -37.58 23.97
CA CYS A 538 -14.32 -36.17 23.73
C CYS A 538 -13.72 -36.00 22.35
N VAL A 539 -14.56 -35.68 21.36
CA VAL A 539 -14.14 -35.59 19.98
C VAL A 539 -14.68 -34.29 19.38
N ASN A 540 -14.04 -33.85 18.29
CA ASN A 540 -14.48 -32.69 17.53
C ASN A 540 -15.06 -33.15 16.20
N PHE A 541 -16.00 -32.36 15.68
CA PHE A 541 -16.70 -32.70 14.46
C PHE A 541 -16.86 -31.47 13.58
N ASN A 542 -17.25 -31.71 12.33
CA ASN A 542 -17.56 -30.65 11.37
C ASN A 542 -18.94 -31.00 10.80
N PHE A 543 -19.98 -30.61 11.51
CA PHE A 543 -21.36 -30.94 11.13
C PHE A 543 -22.00 -29.80 10.34
N ASN A 544 -21.32 -29.40 9.26
CA ASN A 544 -21.81 -28.51 8.22
C ASN A 544 -22.01 -27.06 8.68
N GLY A 545 -21.87 -26.78 9.97
CA GLY A 545 -22.00 -25.41 10.43
C GLY A 545 -21.12 -25.00 11.59
N LEU A 546 -20.32 -25.91 12.12
CA LEU A 546 -19.57 -25.62 13.33
C LEU A 546 -18.42 -26.61 13.48
N THR A 547 -17.49 -26.25 14.37
CA THR A 547 -16.37 -27.11 14.76
C THR A 547 -16.32 -27.11 16.30
N GLY A 548 -17.10 -28.00 16.91
CA GLY A 548 -17.21 -28.06 18.36
C GLY A 548 -16.66 -29.37 18.90
N THR A 549 -16.11 -29.31 20.11
CA THR A 549 -15.52 -30.46 20.77
C THR A 549 -16.38 -30.87 21.96
N GLY A 550 -16.69 -32.16 22.04
CA GLY A 550 -17.48 -32.67 23.14
C GLY A 550 -17.97 -34.07 22.86
N VAL A 551 -18.55 -34.68 23.90
CA VAL A 551 -19.09 -36.02 23.77
C VAL A 551 -20.41 -35.96 23.01
N LEU A 552 -20.80 -37.10 22.45
CA LEU A 552 -22.07 -37.25 21.74
C LEU A 552 -22.93 -38.25 22.50
N THR A 553 -24.01 -37.76 23.11
CA THR A 553 -24.91 -38.59 23.92
C THR A 553 -26.27 -38.68 23.25
N GLU A 554 -26.86 -39.88 23.28
CA GLU A 554 -28.18 -40.07 22.74
C GLU A 554 -29.22 -39.34 23.57
N SER A 555 -30.14 -38.66 22.89
CA SER A 555 -31.16 -37.83 23.53
C SER A 555 -32.52 -38.50 23.43
N ASN A 556 -33.50 -37.87 24.07
CA ASN A 556 -34.89 -38.33 24.03
C ASN A 556 -35.82 -37.34 23.37
N LYS A 557 -35.30 -36.21 22.86
CA LYS A 557 -36.11 -35.21 22.20
C LYS A 557 -35.91 -35.33 20.68
N LYS A 558 -37.01 -35.32 19.94
CA LYS A 558 -36.99 -35.49 18.50
C LYS A 558 -37.16 -34.14 17.81
N PHE A 559 -36.58 -34.03 16.62
CA PHE A 559 -36.58 -32.79 15.85
C PHE A 559 -37.68 -32.81 14.80
N LEU A 560 -38.14 -31.62 14.43
CA LEU A 560 -39.02 -31.49 13.29
C LEU A 560 -38.24 -31.80 12.02
N PRO A 561 -38.88 -32.42 11.01
CA PRO A 561 -38.12 -32.83 9.82
C PRO A 561 -37.85 -31.69 8.84
N PHE A 562 -37.42 -30.54 9.34
CA PHE A 562 -36.92 -29.47 8.49
C PHE A 562 -35.78 -28.68 9.12
N GLN A 563 -35.30 -29.07 10.30
CA GLN A 563 -34.27 -28.34 11.01
C GLN A 563 -33.01 -29.18 11.13
N GLN A 564 -31.87 -28.50 11.18
CA GLN A 564 -30.58 -29.17 11.32
C GLN A 564 -29.83 -28.76 12.58
N PHE A 565 -30.01 -27.54 13.07
CA PHE A 565 -29.29 -27.03 14.23
C PHE A 565 -30.16 -27.13 15.48
N GLY A 566 -29.65 -26.59 16.58
CA GLY A 566 -30.38 -26.58 17.84
C GLY A 566 -29.74 -25.68 18.88
N ARG A 567 -30.53 -24.84 19.52
CA ARG A 567 -30.05 -23.88 20.50
C ARG A 567 -30.65 -24.18 21.87
N ASP A 568 -30.33 -23.32 22.84
CA ASP A 568 -30.80 -23.47 24.21
C ASP A 568 -31.13 -22.08 24.75
N ILE A 569 -31.29 -22.01 26.07
CA ILE A 569 -31.60 -20.73 26.71
C ILE A 569 -30.43 -19.77 26.58
N ALA A 570 -29.20 -20.26 26.73
CA ALA A 570 -28.01 -19.44 26.66
C ALA A 570 -27.51 -19.21 25.24
N ASP A 571 -28.26 -19.66 24.24
CA ASP A 571 -27.93 -19.50 22.82
C ASP A 571 -26.58 -20.12 22.48
N THR A 572 -26.49 -21.43 22.75
CA THR A 572 -25.30 -22.22 22.45
C THR A 572 -25.73 -23.50 21.75
N THR A 573 -24.99 -23.87 20.70
CA THR A 573 -25.33 -25.06 19.94
C THR A 573 -25.02 -26.32 20.76
N ASP A 574 -26.07 -27.11 21.04
CA ASP A 574 -25.91 -28.33 21.82
C ASP A 574 -26.79 -29.46 21.28
N ALA A 575 -27.34 -29.33 20.08
CA ALA A 575 -28.21 -30.36 19.53
C ALA A 575 -28.12 -30.26 18.00
N VAL A 576 -27.49 -31.26 17.38
CA VAL A 576 -27.24 -31.26 15.95
C VAL A 576 -27.68 -32.62 15.39
N ARG A 577 -28.34 -32.59 14.24
CA ARG A 577 -28.85 -33.81 13.62
C ARG A 577 -27.80 -34.41 12.68
N ASP A 578 -27.50 -35.69 12.87
CA ASP A 578 -26.62 -36.40 11.96
C ASP A 578 -27.41 -36.77 10.71
N PRO A 579 -26.98 -36.35 9.52
CA PRO A 579 -27.78 -36.59 8.31
C PRO A 579 -27.74 -38.00 7.78
N GLN A 580 -27.21 -38.97 8.52
CA GLN A 580 -27.15 -40.35 8.03
C GLN A 580 -28.49 -41.05 8.19
N THR A 581 -28.93 -41.24 9.45
CA THR A 581 -30.21 -41.89 9.74
C THR A 581 -31.10 -41.01 10.61
N LEU A 582 -30.78 -39.72 10.72
CA LEU A 582 -31.58 -38.73 11.46
C LEU A 582 -31.72 -39.11 12.94
N GLU A 583 -30.58 -39.13 13.63
CA GLU A 583 -30.55 -39.25 15.08
C GLU A 583 -30.03 -37.95 15.68
N ILE A 584 -30.55 -37.59 16.85
CA ILE A 584 -30.20 -36.34 17.52
C ILE A 584 -29.14 -36.64 18.57
N LEU A 585 -28.03 -35.90 18.51
CA LEU A 585 -26.92 -36.06 19.43
C LEU A 585 -26.63 -34.73 20.13
N ASP A 586 -26.34 -34.80 21.43
CA ASP A 586 -26.06 -33.63 22.22
C ASP A 586 -24.56 -33.34 22.26
N ILE A 587 -24.23 -32.07 22.53
CA ILE A 587 -22.85 -31.60 22.61
C ILE A 587 -22.65 -31.02 24.01
N THR A 588 -21.93 -31.74 24.87
CA THR A 588 -21.54 -31.24 26.18
C THR A 588 -20.03 -31.33 26.31
N PRO A 589 -19.33 -30.21 26.53
CA PRO A 589 -17.88 -30.28 26.68
C PRO A 589 -17.47 -31.01 27.95
N CYS A 590 -16.30 -31.65 27.89
CA CYS A 590 -15.75 -32.40 29.02
C CYS A 590 -14.68 -31.63 29.77
N SER A 591 -14.38 -30.39 29.37
CA SER A 591 -13.39 -29.57 30.05
C SER A 591 -14.12 -28.68 31.06
N PHE A 592 -13.97 -28.99 32.34
CA PHE A 592 -14.67 -28.27 33.40
C PHE A 592 -13.68 -27.95 34.52
N GLY A 593 -13.74 -26.71 35.00
CA GLY A 593 -12.97 -26.28 36.16
C GLY A 593 -11.48 -26.34 35.94
N GLY A 594 -10.76 -26.65 37.03
CA GLY A 594 -9.32 -26.75 36.98
C GLY A 594 -8.76 -27.74 37.98
N VAL A 595 -7.47 -27.62 38.31
CA VAL A 595 -6.81 -28.52 39.24
C VAL A 595 -6.39 -27.73 40.48
N SER A 596 -6.70 -28.28 41.65
CA SER A 596 -6.37 -27.67 42.93
C SER A 596 -5.46 -28.61 43.72
N VAL A 597 -4.59 -28.01 44.54
CA VAL A 597 -3.60 -28.74 45.31
C VAL A 597 -3.86 -28.49 46.79
N ILE A 598 -3.97 -29.56 47.56
CA ILE A 598 -4.25 -29.49 48.99
C ILE A 598 -2.93 -29.65 49.72
N THR A 599 -2.40 -28.54 50.25
CA THR A 599 -1.10 -28.58 50.92
C THR A 599 -1.29 -28.68 52.42
N PRO A 600 -0.68 -29.67 53.09
CA PRO A 600 -0.79 -29.77 54.55
C PRO A 600 -0.16 -28.60 55.29
N GLY A 601 0.75 -27.87 54.67
CA GLY A 601 1.41 -26.74 55.29
C GLY A 601 2.91 -26.95 55.39
N THR A 602 3.58 -25.92 55.88
CA THR A 602 5.02 -25.96 56.04
C THR A 602 5.40 -26.67 57.33
N ASN A 603 6.57 -27.31 57.32
CA ASN A 603 7.17 -28.02 58.45
C ASN A 603 6.26 -29.12 59.00
N THR A 604 5.33 -29.63 58.19
CA THR A 604 4.41 -30.68 58.63
C THR A 604 4.52 -31.93 57.79
N SER A 605 4.49 -31.80 56.46
CA SER A 605 4.55 -32.96 55.57
C SER A 605 5.11 -32.52 54.23
N ASN A 606 5.31 -33.49 53.35
CA ASN A 606 5.83 -33.24 52.01
C ASN A 606 4.86 -33.60 50.90
N GLN A 607 4.04 -34.63 51.08
CA GLN A 607 3.10 -35.04 50.05
C GLN A 607 1.89 -34.10 50.02
N VAL A 608 1.27 -34.00 48.84
CA VAL A 608 0.10 -33.14 48.63
C VAL A 608 -0.98 -33.95 47.94
N ALA A 609 -2.20 -33.41 47.98
CA ALA A 609 -3.36 -34.04 47.35
C ALA A 609 -3.83 -33.19 46.18
N VAL A 610 -4.30 -33.86 45.12
CA VAL A 610 -4.75 -33.22 43.90
C VAL A 610 -6.26 -33.35 43.81
N LEU A 611 -6.92 -32.21 43.61
CA LEU A 611 -8.37 -32.20 43.51
C LEU A 611 -8.85 -31.52 42.25
N TYR A 612 -9.73 -32.16 41.51
CA TYR A 612 -10.33 -31.60 40.31
C TYR A 612 -11.67 -30.98 40.66
N GLN A 613 -11.98 -29.86 39.99
CA GLN A 613 -13.13 -29.04 40.38
C GLN A 613 -14.45 -29.69 39.96
N ASP A 614 -14.65 -29.87 38.67
CA ASP A 614 -15.92 -30.39 38.15
C ASP A 614 -15.69 -31.43 37.07
N VAL A 615 -14.68 -32.28 37.26
CA VAL A 615 -14.36 -33.33 36.30
C VAL A 615 -14.64 -34.68 36.95
N ASN A 616 -15.46 -35.49 36.28
CA ASN A 616 -15.75 -36.84 36.77
C ASN A 616 -14.63 -37.80 36.35
N CYS A 617 -14.19 -38.61 37.30
CA CYS A 617 -13.13 -39.58 37.05
C CYS A 617 -13.64 -41.01 37.14
N ASN A 641 -6.76 -43.83 47.73
CA ASN A 641 -6.06 -43.44 46.51
C ASN A 641 -6.87 -42.44 45.71
N VAL A 642 -7.98 -42.90 45.13
CA VAL A 642 -8.86 -42.08 44.32
C VAL A 642 -10.23 -42.02 45.00
N PHE A 643 -10.70 -40.80 45.27
CA PHE A 643 -11.99 -40.58 45.91
C PHE A 643 -12.83 -39.66 45.05
N GLN A 644 -14.11 -40.00 44.90
CA GLN A 644 -15.05 -39.21 44.10
C GLN A 644 -16.05 -38.57 45.06
N THR A 645 -16.10 -37.24 45.05
CA THR A 645 -17.01 -36.47 45.88
C THR A 645 -17.92 -35.62 45.01
N ARG A 646 -18.75 -34.80 45.68
CA ARG A 646 -19.65 -33.91 44.96
C ARG A 646 -18.90 -32.80 44.24
N ALA A 647 -17.75 -32.39 44.78
CA ALA A 647 -16.96 -31.29 44.23
C ALA A 647 -15.83 -31.79 43.34
N GLY A 648 -16.06 -32.86 42.59
CA GLY A 648 -15.09 -33.37 41.65
C GLY A 648 -14.47 -34.68 42.10
N CYS A 649 -13.31 -34.97 41.52
CA CYS A 649 -12.54 -36.17 41.83
C CYS A 649 -11.31 -35.77 42.64
N LEU A 650 -11.11 -36.43 43.78
CA LEU A 650 -10.01 -36.15 44.68
C LEU A 650 -9.07 -37.35 44.70
N ILE A 651 -7.81 -37.12 44.35
CA ILE A 651 -6.80 -38.17 44.34
C ILE A 651 -5.68 -37.79 45.31
N GLY A 652 -4.91 -38.79 45.71
CA GLY A 652 -3.81 -38.59 46.62
C GLY A 652 -4.17 -38.65 48.09
N ALA A 653 -5.44 -38.77 48.42
CA ALA A 653 -5.88 -38.83 49.81
C ALA A 653 -7.03 -39.82 49.93
N GLU A 654 -7.00 -40.63 50.98
CA GLU A 654 -8.03 -41.63 51.21
C GLU A 654 -9.26 -40.99 51.85
N HIS A 655 -10.34 -41.77 51.94
CA HIS A 655 -11.59 -41.33 52.52
C HIS A 655 -11.87 -42.12 53.80
N VAL A 656 -12.28 -41.41 54.84
CA VAL A 656 -12.57 -42.00 56.15
C VAL A 656 -13.99 -41.65 56.54
N ASN A 657 -14.71 -42.64 57.08
CA ASN A 657 -16.10 -42.42 57.49
C ASN A 657 -16.21 -41.57 58.75
N ASN A 658 -15.15 -41.51 59.56
CA ASN A 658 -15.17 -40.70 60.76
C ASN A 658 -15.19 -39.21 60.41
N SER A 659 -15.90 -38.43 61.23
CA SER A 659 -16.07 -37.01 61.00
C SER A 659 -15.33 -36.22 62.06
N TYR A 660 -14.45 -35.33 61.63
CA TYR A 660 -13.69 -34.46 62.54
C TYR A 660 -13.90 -33.00 62.16
N GLU A 661 -13.15 -32.10 62.78
CA GLU A 661 -13.25 -30.69 62.45
C GLU A 661 -12.61 -30.41 61.10
N CYS A 662 -13.04 -29.31 60.48
CA CYS A 662 -12.60 -28.93 59.14
C CYS A 662 -11.44 -27.95 59.24
N ASP A 663 -10.26 -28.39 58.80
CA ASP A 663 -9.08 -27.53 58.76
C ASP A 663 -8.88 -26.91 57.38
N ILE A 664 -8.74 -27.74 56.36
CA ILE A 664 -8.56 -27.30 54.98
C ILE A 664 -9.84 -27.62 54.21
N PRO A 665 -10.63 -26.63 53.82
CA PRO A 665 -11.89 -26.91 53.11
C PRO A 665 -11.65 -27.42 51.70
N ILE A 666 -12.56 -28.28 51.25
CA ILE A 666 -12.55 -28.83 49.90
C ILE A 666 -13.81 -28.42 49.13
N GLY A 667 -14.97 -28.67 49.70
CA GLY A 667 -16.24 -28.30 49.09
C GLY A 667 -17.31 -29.31 49.39
N ALA A 668 -18.57 -28.83 49.32
CA ALA A 668 -19.77 -29.64 49.50
C ALA A 668 -19.79 -30.37 50.85
N GLY A 669 -19.40 -29.66 51.90
CA GLY A 669 -19.45 -30.21 53.24
C GLY A 669 -18.40 -31.27 53.53
N ILE A 670 -17.30 -31.28 52.78
CA ILE A 670 -16.22 -32.25 52.97
C ILE A 670 -14.90 -31.47 53.04
N CYS A 671 -14.09 -31.77 54.04
CA CYS A 671 -12.78 -31.14 54.21
C CYS A 671 -11.70 -32.21 54.29
N ALA A 672 -10.45 -31.76 54.28
CA ALA A 672 -9.29 -32.63 54.34
C ALA A 672 -8.32 -32.15 55.40
N SER A 673 -7.59 -33.09 55.99
CA SER A 673 -6.62 -32.77 57.03
C SER A 673 -5.52 -33.82 57.01
N TYR A 674 -4.38 -33.46 57.59
CA TYR A 674 -3.21 -34.34 57.67
C TYR A 674 -3.20 -34.95 59.07
N GLN A 675 -3.87 -36.07 59.23
CA GLN A 675 -3.97 -36.78 60.50
C GLN A 675 -3.34 -38.16 60.36
N THR A 676 -3.46 -38.95 61.43
CA THR A 676 -2.90 -40.31 61.45
C THR A 676 -3.89 -41.31 60.87
N SER A 689 1.67 -44.69 58.96
CA SER A 689 2.04 -43.41 59.55
C SER A 689 0.89 -42.41 59.45
N GLN A 690 1.18 -41.22 58.92
CA GLN A 690 0.19 -40.16 58.77
C GLN A 690 0.04 -39.83 57.29
N SER A 691 -1.19 -39.49 56.90
CA SER A 691 -1.49 -39.16 55.51
C SER A 691 -2.71 -38.27 55.46
N ILE A 692 -2.92 -37.64 54.31
CA ILE A 692 -4.07 -36.75 54.13
C ILE A 692 -5.34 -37.60 54.01
N ILE A 693 -6.36 -37.22 54.77
CA ILE A 693 -7.63 -37.93 54.80
C ILE A 693 -8.76 -36.95 54.49
N ALA A 694 -9.69 -37.37 53.65
CA ALA A 694 -10.86 -36.57 53.29
C ALA A 694 -12.08 -37.10 54.03
N TYR A 695 -12.83 -36.21 54.66
CA TYR A 695 -13.95 -36.61 55.50
C TYR A 695 -14.98 -35.49 55.54
N THR A 696 -16.19 -35.85 55.95
CA THR A 696 -17.25 -34.88 56.15
C THR A 696 -16.96 -34.05 57.41
N MET A 697 -17.11 -32.74 57.30
CA MET A 697 -16.83 -31.85 58.43
C MET A 697 -17.85 -32.05 59.54
N SER A 698 -17.37 -32.03 60.78
CA SER A 698 -18.26 -32.06 61.93
C SER A 698 -18.89 -30.67 62.12
N LEU A 699 -20.17 -30.66 62.47
CA LEU A 699 -20.89 -29.42 62.70
C LEU A 699 -20.72 -28.87 64.11
N GLY A 700 -20.04 -29.60 64.99
CA GLY A 700 -19.81 -29.17 66.34
C GLY A 700 -19.97 -30.34 67.30
N ALA A 701 -20.01 -30.02 68.58
CA ALA A 701 -20.16 -31.03 69.63
C ALA A 701 -21.62 -31.46 69.69
N GLU A 702 -21.89 -32.73 69.38
CA GLU A 702 -23.24 -33.27 69.38
C GLU A 702 -23.65 -33.53 70.83
N ASN A 703 -24.41 -32.61 71.40
CA ASN A 703 -24.90 -32.74 72.77
C ASN A 703 -26.37 -32.35 72.81
N SER A 704 -27.08 -32.91 73.79
CA SER A 704 -28.50 -32.63 73.99
C SER A 704 -28.69 -31.97 75.34
N VAL A 705 -29.36 -30.82 75.34
CA VAL A 705 -29.64 -30.10 76.58
C VAL A 705 -30.89 -30.68 77.22
N ALA A 706 -30.78 -31.07 78.50
CA ALA A 706 -31.91 -31.63 79.23
C ALA A 706 -32.91 -30.52 79.52
N TYR A 707 -34.06 -30.57 78.85
CA TYR A 707 -35.09 -29.56 78.98
C TYR A 707 -36.30 -30.14 79.71
N SER A 708 -36.79 -29.40 80.70
CA SER A 708 -37.99 -29.79 81.44
C SER A 708 -38.76 -28.54 81.81
N ASN A 709 -40.05 -28.73 82.10
CA ASN A 709 -40.92 -27.61 82.44
C ASN A 709 -40.73 -27.12 83.87
N ASN A 710 -39.95 -27.83 84.68
CA ASN A 710 -39.69 -27.43 86.06
C ASN A 710 -38.21 -27.60 86.40
N SER A 711 -37.34 -27.32 85.43
CA SER A 711 -35.91 -27.44 85.61
C SER A 711 -35.21 -26.19 85.08
N ILE A 712 -34.36 -25.60 85.91
CA ILE A 712 -33.60 -24.41 85.53
C ILE A 712 -32.15 -24.60 85.96
N ALA A 713 -31.27 -23.83 85.33
CA ALA A 713 -29.84 -23.85 85.64
C ALA A 713 -29.38 -22.44 85.99
N ILE A 714 -28.80 -22.29 87.18
CA ILE A 714 -28.27 -21.01 87.65
C ILE A 714 -26.78 -21.17 87.85
N PRO A 715 -25.94 -20.39 87.17
CA PRO A 715 -24.49 -20.52 87.35
C PRO A 715 -24.04 -20.06 88.72
N THR A 716 -22.99 -20.70 89.23
CA THR A 716 -22.44 -20.39 90.54
C THR A 716 -21.05 -19.78 90.47
N ASN A 717 -20.39 -19.77 89.31
CA ASN A 717 -19.06 -19.23 89.16
C ASN A 717 -18.94 -18.58 87.79
N PHE A 718 -17.82 -17.88 87.57
CA PHE A 718 -17.61 -17.17 86.32
C PHE A 718 -16.11 -17.02 86.07
N THR A 719 -15.77 -16.79 84.81
CA THR A 719 -14.40 -16.50 84.40
C THR A 719 -14.39 -15.19 83.63
N ILE A 720 -13.46 -14.30 83.98
CA ILE A 720 -13.30 -13.01 83.30
C ILE A 720 -12.39 -13.24 82.11
N SER A 721 -12.98 -13.39 80.92
CA SER A 721 -12.25 -13.65 79.70
C SER A 721 -12.14 -12.39 78.85
N VAL A 722 -11.00 -12.24 78.18
CA VAL A 722 -10.74 -11.08 77.32
C VAL A 722 -10.56 -11.60 75.90
N THR A 723 -11.34 -11.04 74.98
CA THR A 723 -11.32 -11.42 73.57
C THR A 723 -10.76 -10.27 72.74
N THR A 724 -9.79 -10.57 71.89
CA THR A 724 -9.15 -9.57 71.04
C THR A 724 -9.79 -9.58 69.67
N GLU A 725 -10.29 -8.43 69.24
CA GLU A 725 -10.94 -8.28 67.94
C GLU A 725 -10.09 -7.35 67.07
N ILE A 726 -9.76 -7.82 65.87
CA ILE A 726 -8.93 -7.08 64.93
C ILE A 726 -9.83 -6.36 63.94
N LEU A 727 -9.61 -5.05 63.79
CA LEU A 727 -10.43 -4.25 62.89
C LEU A 727 -9.58 -3.18 62.20
N PRO A 728 -9.31 -3.31 60.90
CA PRO A 728 -8.56 -2.27 60.19
C PRO A 728 -9.40 -1.03 59.99
N VAL A 729 -8.77 0.13 60.13
CA VAL A 729 -9.45 1.40 59.98
C VAL A 729 -8.90 2.26 58.85
N SER A 730 -7.70 1.99 58.35
CA SER A 730 -7.11 2.82 57.31
C SER A 730 -6.11 2.00 56.51
N MET A 731 -5.75 2.52 55.34
CA MET A 731 -4.76 1.91 54.46
C MET A 731 -3.78 2.99 54.01
N THR A 732 -2.78 2.57 53.24
CA THR A 732 -1.78 3.51 52.75
C THR A 732 -2.37 4.42 51.69
N LYS A 733 -2.06 5.71 51.80
CA LYS A 733 -2.56 6.71 50.85
C LYS A 733 -1.57 6.82 49.69
N THR A 734 -2.00 6.40 48.50
CA THR A 734 -1.17 6.41 47.31
C THR A 734 -1.76 7.36 46.28
N SER A 735 -0.92 8.22 45.73
CA SER A 735 -1.32 9.16 44.69
C SER A 735 -0.58 8.83 43.40
N VAL A 736 -1.34 8.65 42.32
CA VAL A 736 -0.79 8.27 41.02
C VAL A 736 -1.22 9.31 40.00
N ASP A 737 -0.27 9.84 39.25
CA ASP A 737 -0.52 10.82 38.19
C ASP A 737 -0.34 10.15 36.83
N CYS A 738 -0.57 10.95 35.78
CA CYS A 738 -0.48 10.45 34.41
C CYS A 738 0.78 10.91 33.68
N THR A 739 1.36 12.04 34.09
CA THR A 739 2.53 12.58 33.39
C THR A 739 3.76 11.70 33.58
N MET A 740 3.89 11.07 34.75
CA MET A 740 5.07 10.27 35.06
C MET A 740 4.83 8.78 34.86
N TYR A 741 3.64 8.28 35.22
CA TYR A 741 3.36 6.86 35.10
C TYR A 741 3.17 6.45 33.64
N ILE A 742 2.18 7.05 32.97
CA ILE A 742 1.86 6.64 31.59
C ILE A 742 2.96 7.08 30.63
N CYS A 743 3.41 8.32 30.76
CA CYS A 743 4.40 8.88 29.86
C CYS A 743 5.75 8.98 30.55
N GLY A 744 6.82 8.88 29.75
CA GLY A 744 8.16 8.96 30.28
C GLY A 744 8.77 10.35 30.16
N ASP A 745 9.72 10.51 29.24
CA ASP A 745 10.39 11.78 29.01
C ASP A 745 10.24 12.20 27.54
N SER A 746 9.04 12.01 26.99
CA SER A 746 8.76 12.36 25.60
C SER A 746 7.60 13.34 25.56
N THR A 747 7.72 14.35 24.68
CA THR A 747 6.68 15.36 24.59
C THR A 747 5.46 14.85 23.84
N GLU A 748 5.65 13.95 22.87
CA GLU A 748 4.54 13.46 22.06
C GLU A 748 3.52 12.66 22.89
N CYS A 749 3.99 11.93 23.89
CA CYS A 749 3.07 11.24 24.80
C CYS A 749 2.21 12.24 25.56
N SER A 750 2.81 13.34 26.02
CA SER A 750 2.03 14.37 26.70
C SER A 750 1.08 15.08 25.73
N ASN A 751 1.50 15.25 24.48
CA ASN A 751 0.62 15.85 23.48
C ASN A 751 -0.59 14.97 23.21
N LEU A 752 -0.38 13.65 23.14
CA LEU A 752 -1.50 12.73 22.96
C LEU A 752 -2.31 12.56 24.24
N LEU A 753 -1.75 12.90 25.39
CA LEU A 753 -2.46 12.82 26.66
C LEU A 753 -3.44 13.96 26.86
N LEU A 754 -3.39 15.00 26.02
CA LEU A 754 -4.34 16.11 26.13
C LEU A 754 -5.75 15.64 25.80
N GLN A 755 -5.90 14.77 24.80
CA GLN A 755 -7.22 14.25 24.45
C GLN A 755 -7.78 13.28 25.49
N TYR A 756 -6.94 12.80 26.42
CA TYR A 756 -7.39 11.93 27.49
C TYR A 756 -7.15 12.55 28.87
N GLY A 757 -7.02 13.88 28.94
CA GLY A 757 -6.78 14.54 30.20
C GLY A 757 -7.97 14.53 31.13
N SER A 758 -9.19 14.42 30.60
CA SER A 758 -10.37 14.33 31.44
C SER A 758 -10.37 13.06 32.28
N PHE A 759 -9.98 11.93 31.68
CA PHE A 759 -9.89 10.67 32.43
C PHE A 759 -8.89 10.78 33.56
N CYS A 760 -7.74 11.39 33.30
CA CYS A 760 -6.74 11.59 34.34
C CYS A 760 -7.24 12.55 35.42
N THR A 761 -8.06 13.54 35.04
CA THR A 761 -8.66 14.42 36.04
C THR A 761 -9.58 13.66 36.97
N GLN A 762 -10.44 12.78 36.41
CA GLN A 762 -11.31 11.97 37.26
C GLN A 762 -10.50 11.02 38.14
N LEU A 763 -9.44 10.42 37.59
CA LEU A 763 -8.62 9.50 38.38
C LEU A 763 -7.92 10.23 39.52
N ASN A 764 -7.38 11.42 39.25
CA ASN A 764 -6.72 12.20 40.29
C ASN A 764 -7.72 12.66 41.36
N ARG A 765 -8.91 13.08 40.96
CA ARG A 765 -9.92 13.48 41.92
C ARG A 765 -10.36 12.31 42.79
N ALA A 766 -10.54 11.13 42.18
CA ALA A 766 -10.91 9.94 42.94
C ALA A 766 -9.81 9.54 43.92
N LEU A 767 -8.55 9.63 43.49
CA LEU A 767 -7.45 9.27 44.38
C LEU A 767 -7.31 10.27 45.53
N THR A 768 -7.52 11.56 45.25
CA THR A 768 -7.50 12.57 46.31
C THR A 768 -8.64 12.36 47.29
N GLY A 769 -9.83 12.01 46.79
CA GLY A 769 -10.93 11.70 47.68
C GLY A 769 -10.68 10.47 48.53
N ILE A 770 -10.05 9.45 47.94
CA ILE A 770 -9.68 8.25 48.69
C ILE A 770 -8.68 8.60 49.79
N ALA A 771 -7.68 9.43 49.46
CA ALA A 771 -6.68 9.81 50.46
C ALA A 771 -7.31 10.63 51.59
N VAL A 772 -8.20 11.56 51.26
CA VAL A 772 -8.83 12.37 52.29
C VAL A 772 -9.84 11.55 53.10
N GLU A 773 -10.40 10.48 52.52
CA GLU A 773 -11.27 9.60 53.27
C GLU A 773 -10.46 8.73 54.24
N GLN A 774 -9.29 8.26 53.81
CA GLN A 774 -8.41 7.52 54.70
C GLN A 774 -7.90 8.42 55.83
N ASP A 775 -7.61 9.68 55.52
CA ASP A 775 -7.23 10.63 56.57
C ASP A 775 -8.39 10.90 57.51
N LYS A 776 -9.61 11.01 56.98
CA LYS A 776 -10.78 11.25 57.82
C LYS A 776 -11.21 10.02 58.60
N ASN A 777 -10.80 8.83 58.17
CA ASN A 777 -11.18 7.62 58.88
C ASN A 777 -10.52 7.56 60.26
N THR A 778 -9.28 8.04 60.36
CA THR A 778 -8.57 8.02 61.63
C THR A 778 -9.19 8.98 62.64
N GLN A 779 -9.73 10.12 62.16
CA GLN A 779 -10.28 11.11 63.07
C GLN A 779 -11.62 10.69 63.67
N GLU A 780 -12.26 9.67 63.13
CA GLU A 780 -13.57 9.24 63.62
C GLU A 780 -13.50 8.12 64.65
N VAL A 781 -12.43 7.35 64.68
CA VAL A 781 -12.31 6.24 65.61
C VAL A 781 -11.34 6.56 66.75
N PHE A 782 -10.21 7.21 66.45
CA PHE A 782 -9.21 7.51 67.47
C PHE A 782 -9.46 8.85 68.16
N ALA A 783 -9.91 9.86 67.41
CA ALA A 783 -10.15 11.18 67.97
C ALA A 783 -11.58 11.34 68.46
N GLN A 784 -12.02 10.43 69.33
CA GLN A 784 -13.36 10.51 69.88
C GLN A 784 -13.48 11.61 70.92
N VAL A 785 -12.42 11.85 71.68
CA VAL A 785 -12.39 12.88 72.72
C VAL A 785 -11.47 14.01 72.27
N LYS A 786 -11.72 15.20 72.81
CA LYS A 786 -10.94 16.39 72.49
C LYS A 786 -10.07 16.84 73.66
N GLN A 787 -9.84 15.97 74.64
CA GLN A 787 -9.00 16.28 75.79
C GLN A 787 -8.08 15.10 76.04
N ILE A 788 -6.79 15.39 76.21
CA ILE A 788 -5.78 14.36 76.45
C ILE A 788 -5.71 14.11 77.96
N TYR A 789 -6.11 12.91 78.37
CA TYR A 789 -6.10 12.54 79.77
C TYR A 789 -4.77 11.89 80.14
N LYS A 790 -4.25 12.24 81.31
CA LYS A 790 -2.95 11.76 81.76
C LYS A 790 -3.13 10.63 82.77
N THR A 791 -2.24 9.66 82.71
CA THR A 791 -2.26 8.55 83.66
C THR A 791 -1.80 9.05 85.03
N PRO A 792 -2.59 8.87 86.10
CA PRO A 792 -2.17 9.35 87.40
C PRO A 792 -1.02 8.50 87.94
N PRO A 793 -0.15 9.08 88.77
CA PRO A 793 0.93 8.28 89.37
C PRO A 793 0.43 7.22 90.32
N ILE A 794 -0.78 7.35 90.86
CA ILE A 794 -1.33 6.35 91.77
C ILE A 794 -1.82 5.16 90.94
N LYS A 795 -1.29 3.98 91.25
CA LYS A 795 -1.66 2.75 90.55
C LYS A 795 -2.53 1.85 91.42
N ASP A 796 -3.19 2.42 92.42
CA ASP A 796 -4.05 1.67 93.34
C ASP A 796 -5.41 1.48 92.68
N PHE A 797 -5.49 0.46 91.83
CA PHE A 797 -6.71 0.12 91.11
C PHE A 797 -7.45 -1.05 91.75
N GLY A 798 -7.18 -1.33 93.02
CA GLY A 798 -7.82 -2.45 93.68
C GLY A 798 -7.29 -3.81 93.28
N GLY A 799 -6.03 -3.86 92.84
CA GLY A 799 -5.42 -5.11 92.40
C GLY A 799 -5.37 -5.31 90.91
N PHE A 800 -5.95 -4.41 90.12
CA PHE A 800 -5.94 -4.55 88.67
C PHE A 800 -4.59 -4.10 88.12
N ASN A 801 -3.96 -4.97 87.34
CA ASN A 801 -2.66 -4.69 86.73
C ASN A 801 -2.88 -4.10 85.35
N PHE A 802 -2.50 -2.83 85.19
CA PHE A 802 -2.69 -2.11 83.94
C PHE A 802 -1.37 -1.76 83.24
N SER A 803 -0.26 -2.29 83.73
CA SER A 803 1.04 -1.94 83.14
C SER A 803 1.22 -2.52 81.75
N GLN A 804 0.48 -3.57 81.39
CA GLN A 804 0.63 -4.16 80.07
C GLN A 804 -0.01 -3.29 78.99
N ILE A 805 -1.09 -2.58 79.32
CA ILE A 805 -1.79 -1.76 78.34
C ILE A 805 -1.44 -0.28 78.46
N LEU A 806 -0.96 0.17 79.63
CA LEU A 806 -0.58 1.58 79.77
C LEU A 806 0.85 1.80 79.29
N PRO A 807 1.16 3.00 78.79
CA PRO A 807 2.54 3.29 78.39
C PRO A 807 3.48 3.29 79.57
N ASP A 808 4.75 2.94 79.28
CA ASP A 808 5.78 2.87 80.30
C ASP A 808 6.84 3.94 80.07
N PRO A 809 7.41 4.51 81.13
CA PRO A 809 8.46 5.51 80.96
C PRO A 809 9.85 4.93 80.72
N SER A 810 9.99 3.61 80.72
CA SER A 810 11.30 3.00 80.48
C SER A 810 11.76 3.22 79.05
N LYS A 811 10.83 3.13 78.08
CA LYS A 811 11.17 3.32 76.69
C LYS A 811 10.75 4.72 76.23
N PRO A 812 11.53 5.34 75.33
CA PRO A 812 11.14 6.67 74.83
C PRO A 812 9.85 6.66 74.02
N SER A 813 9.48 5.53 73.43
CA SER A 813 8.25 5.45 72.66
C SER A 813 7.04 5.45 73.59
N LYS A 814 5.94 6.03 73.10
CA LYS A 814 4.70 6.10 73.86
C LYS A 814 3.89 4.80 73.79
N ARG A 815 4.32 3.86 72.95
CA ARG A 815 3.56 2.63 72.76
C ARG A 815 3.50 1.77 74.01
N SER A 816 2.34 1.19 74.26
CA SER A 816 2.21 0.28 75.39
C SER A 816 3.06 -0.95 75.12
N PRO A 817 3.50 -1.62 76.20
CA PRO A 817 4.26 -2.85 75.99
C PRO A 817 3.52 -3.78 75.04
N ILE A 818 2.22 -3.94 75.22
CA ILE A 818 1.44 -4.77 74.32
C ILE A 818 1.46 -4.19 72.91
N GLU A 819 1.32 -2.87 72.80
CA GLU A 819 1.35 -2.23 71.49
C GLU A 819 2.69 -2.52 70.82
N ASP A 820 3.77 -2.46 71.58
CA ASP A 820 5.08 -2.78 71.03
C ASP A 820 5.10 -4.19 70.45
N LEU A 821 4.42 -5.13 71.10
CA LEU A 821 4.33 -6.48 70.55
C LEU A 821 3.50 -6.52 69.28
N LEU A 822 2.45 -5.70 69.19
CA LEU A 822 1.60 -5.71 68.00
C LEU A 822 2.28 -5.04 66.82
N PHE A 823 3.02 -3.96 67.06
CA PHE A 823 3.68 -3.24 65.97
C PHE A 823 4.76 -4.11 65.30
N ASN A 824 5.53 -4.84 66.10
CA ASN A 824 6.56 -5.71 65.55
C ASN A 824 5.99 -6.97 64.92
N LYS A 825 4.75 -7.33 65.25
CA LYS A 825 4.15 -8.55 64.70
C LYS A 825 3.79 -8.35 63.23
N VAL A 826 3.31 -7.17 62.86
CA VAL A 826 2.89 -6.90 61.49
C VAL A 826 4.07 -6.32 60.71
N THR A 827 3.98 -6.41 59.39
CA THR A 827 5.03 -5.90 58.52
C THR A 827 4.51 -4.74 57.67
N ALA A 852 12.47 0.26 44.40
CA ALA A 852 11.45 0.79 45.30
C ALA A 852 10.13 1.00 44.58
N GLN A 853 9.03 0.97 45.33
CA GLN A 853 7.71 1.17 44.74
C GLN A 853 7.47 2.61 44.34
N LYS A 854 8.15 3.57 44.95
CA LYS A 854 8.01 4.98 44.63
C LYS A 854 8.89 5.43 43.47
N PHE A 855 9.70 4.52 42.90
CA PHE A 855 10.60 4.90 41.82
C PHE A 855 9.87 5.17 40.52
N ASN A 856 8.63 4.69 40.37
CA ASN A 856 7.86 4.88 39.15
C ASN A 856 6.77 5.94 39.33
N GLY A 857 7.00 6.87 40.25
CA GLY A 857 6.09 7.98 40.45
C GLY A 857 4.89 7.71 41.34
N LEU A 858 4.77 6.50 41.88
CA LEU A 858 3.65 6.17 42.76
C LEU A 858 3.99 6.55 44.20
N THR A 859 3.94 7.86 44.45
CA THR A 859 4.27 8.41 45.76
C THR A 859 3.21 8.03 46.78
N VAL A 860 3.65 7.90 48.04
CA VAL A 860 2.78 7.55 49.15
C VAL A 860 2.69 8.76 50.07
N LEU A 861 1.47 9.26 50.27
CA LEU A 861 1.26 10.40 51.15
C LEU A 861 1.28 9.95 52.61
N PRO A 862 2.11 10.56 53.46
CA PRO A 862 2.11 10.18 54.87
C PRO A 862 0.80 10.56 55.54
N PRO A 863 0.36 9.80 56.54
CA PRO A 863 -0.90 10.14 57.22
C PRO A 863 -0.77 11.41 58.04
N LEU A 864 -1.92 12.07 58.23
CA LEU A 864 -1.94 13.30 59.03
C LEU A 864 -1.58 13.02 60.49
N LEU A 865 -2.09 11.94 61.05
CA LEU A 865 -1.80 11.55 62.43
C LEU A 865 -0.70 10.50 62.42
N THR A 866 0.39 10.78 63.11
CA THR A 866 1.50 9.84 63.21
C THR A 866 1.16 8.70 64.16
N ASP A 867 2.06 7.70 64.20
CA ASP A 867 1.89 6.59 65.13
C ASP A 867 2.00 7.05 66.57
N GLU A 868 2.88 8.00 66.86
CA GLU A 868 3.01 8.53 68.22
C GLU A 868 1.73 9.24 68.64
N MET A 869 1.12 10.01 67.74
CA MET A 869 -0.12 10.71 68.08
C MET A 869 -1.27 9.73 68.28
N ILE A 870 -1.33 8.67 67.47
CA ILE A 870 -2.35 7.65 67.65
C ILE A 870 -2.16 6.93 68.99
N ALA A 871 -0.90 6.64 69.33
CA ALA A 871 -0.61 6.01 70.62
C ALA A 871 -0.99 6.92 71.78
N GLN A 872 -0.74 8.23 71.63
CA GLN A 872 -1.15 9.19 72.66
C GLN A 872 -2.66 9.26 72.79
N TYR A 873 -3.37 9.21 71.67
CA TYR A 873 -4.84 9.17 71.71
C TYR A 873 -5.35 7.93 72.43
N THR A 874 -4.76 6.77 72.13
CA THR A 874 -5.17 5.54 72.81
C THR A 874 -4.83 5.59 74.28
N SER A 875 -3.69 6.17 74.65
CA SER A 875 -3.33 6.30 76.06
C SER A 875 -4.29 7.22 76.79
N ALA A 876 -4.69 8.33 76.15
CA ALA A 876 -5.67 9.23 76.76
C ALA A 876 -7.03 8.54 76.93
N LEU A 877 -7.43 7.76 75.93
CA LEU A 877 -8.69 7.02 76.05
C LEU A 877 -8.62 5.99 77.16
N LEU A 878 -7.49 5.32 77.29
CA LEU A 878 -7.30 4.34 78.37
C LEU A 878 -7.32 5.01 79.74
N ALA A 879 -6.68 6.18 79.85
CA ALA A 879 -6.68 6.92 81.12
C ALA A 879 -8.08 7.39 81.48
N GLY A 880 -8.85 7.85 80.48
CA GLY A 880 -10.24 8.21 80.72
C GLY A 880 -11.10 7.04 81.10
N THR A 881 -10.84 5.87 80.51
CA THR A 881 -11.65 4.69 80.80
C THR A 881 -11.41 4.16 82.21
N ILE A 882 -10.16 4.19 82.66
CA ILE A 882 -9.83 3.64 83.99
C ILE A 882 -10.11 4.62 85.13
N THR A 883 -10.46 5.86 84.81
CA THR A 883 -10.73 6.87 85.84
C THR A 883 -12.16 7.42 85.80
N SER A 884 -12.87 7.29 84.69
CA SER A 884 -14.23 7.81 84.60
C SER A 884 -15.18 6.76 84.03
N GLY A 885 -14.65 5.83 83.24
CA GLY A 885 -15.48 4.78 82.66
C GLY A 885 -16.19 5.23 81.39
N TRP A 886 -17.27 6.00 81.55
CA TRP A 886 -18.02 6.48 80.40
C TRP A 886 -18.39 7.96 80.47
N THR A 887 -18.21 8.63 81.61
CA THR A 887 -18.63 10.02 81.73
C THR A 887 -17.73 10.96 80.93
N PHE A 888 -16.50 10.55 80.62
CA PHE A 888 -15.60 11.39 79.84
C PHE A 888 -15.91 11.35 78.34
N GLY A 889 -16.79 10.46 77.90
CA GLY A 889 -17.19 10.42 76.51
C GLY A 889 -18.62 10.84 76.29
N ALA A 890 -19.31 11.22 77.37
CA ALA A 890 -20.71 11.63 77.30
C ALA A 890 -20.94 12.88 78.14
N GLY A 891 -20.01 13.83 78.07
CA GLY A 891 -20.14 15.07 78.81
C GLY A 891 -18.89 15.45 79.57
N PRO A 892 -19.06 16.06 80.74
CA PRO A 892 -17.92 16.47 81.55
C PRO A 892 -17.21 15.26 82.13
N ALA A 893 -15.88 15.34 82.23
CA ALA A 893 -15.06 14.24 82.72
C ALA A 893 -15.01 14.30 84.24
N LEU A 894 -15.58 13.28 84.88
CA LEU A 894 -15.56 13.15 86.33
C LEU A 894 -14.55 12.08 86.73
N GLN A 895 -14.50 11.80 88.04
CA GLN A 895 -13.59 10.80 88.57
C GLN A 895 -14.37 9.69 89.26
N ILE A 896 -13.82 8.48 89.22
CA ILE A 896 -14.44 7.32 89.86
C ILE A 896 -13.34 6.31 90.19
N PRO A 897 -13.46 5.57 91.28
CA PRO A 897 -12.53 4.46 91.51
C PRO A 897 -12.83 3.29 90.59
N PHE A 898 -11.79 2.52 90.27
CA PHE A 898 -11.98 1.36 89.42
C PHE A 898 -12.69 0.22 90.16
N PRO A 899 -12.54 0.17 91.49
CA PRO A 899 -13.27 -0.82 92.27
C PRO A 899 -14.77 -0.59 92.20
N MET A 900 -15.21 0.66 92.15
CA MET A 900 -16.61 0.97 91.93
C MET A 900 -16.99 0.95 90.45
N GLN A 901 -16.03 1.23 89.56
CA GLN A 901 -16.29 1.17 88.13
C GLN A 901 -16.61 -0.25 87.68
N MET A 902 -15.89 -1.23 88.23
CA MET A 902 -16.16 -2.63 87.91
C MET A 902 -17.56 -3.04 88.38
N ALA A 903 -17.97 -2.58 89.55
CA ALA A 903 -19.33 -2.85 90.02
C ALA A 903 -20.37 -2.13 89.17
N TYR A 904 -20.05 -0.93 88.68
CA TYR A 904 -20.95 -0.24 87.77
C TYR A 904 -21.12 -1.01 86.47
N ARG A 905 -20.03 -1.56 85.95
CA ARG A 905 -20.11 -2.40 84.75
C ARG A 905 -20.85 -3.70 85.04
N PHE A 906 -20.76 -4.22 86.26
CA PHE A 906 -21.46 -5.45 86.62
C PHE A 906 -22.98 -5.25 86.64
N ASN A 907 -23.45 -4.08 87.04
CA ASN A 907 -24.88 -3.83 87.11
C ASN A 907 -25.53 -3.76 85.73
N GLY A 908 -24.76 -3.54 84.68
CA GLY A 908 -25.29 -3.44 83.35
C GLY A 908 -25.57 -4.75 82.63
N ILE A 909 -25.22 -5.89 83.24
CA ILE A 909 -25.42 -7.19 82.61
C ILE A 909 -26.38 -8.05 83.43
N GLY A 910 -27.15 -7.44 84.32
CA GLY A 910 -28.20 -8.14 85.06
C GLY A 910 -27.78 -8.73 86.38
N VAL A 911 -26.50 -8.69 86.73
CA VAL A 911 -26.03 -9.21 88.01
C VAL A 911 -25.77 -8.05 88.97
N THR A 912 -26.13 -8.26 90.24
CA THR A 912 -25.99 -7.21 91.24
C THR A 912 -24.52 -6.89 91.50
N GLN A 913 -24.29 -5.66 91.98
CA GLN A 913 -22.93 -5.14 92.11
C GLN A 913 -22.17 -5.68 93.31
N ASN A 914 -22.86 -6.30 94.27
CA ASN A 914 -22.19 -6.74 95.49
C ASN A 914 -21.40 -8.02 95.31
N VAL A 915 -21.59 -8.75 94.21
CA VAL A 915 -20.87 -9.99 94.00
C VAL A 915 -19.41 -9.75 93.66
N LEU A 916 -19.06 -8.54 93.22
CA LEU A 916 -17.67 -8.24 92.90
C LEU A 916 -16.81 -8.10 94.16
N TYR A 917 -17.33 -7.43 95.18
CA TYR A 917 -16.53 -7.11 96.36
C TYR A 917 -16.26 -8.34 97.23
N GLU A 918 -17.04 -9.40 97.08
CA GLU A 918 -16.78 -10.62 97.85
C GLU A 918 -15.51 -11.32 97.36
N ASN A 919 -15.25 -11.26 96.05
CA ASN A 919 -14.11 -11.92 95.43
C ASN A 919 -13.37 -10.94 94.52
N GLN A 920 -13.09 -9.74 95.03
CA GLN A 920 -12.39 -8.73 94.25
C GLN A 920 -10.99 -9.19 93.87
N LYS A 921 -10.29 -9.84 94.80
CA LYS A 921 -8.96 -10.37 94.49
C LYS A 921 -9.03 -11.45 93.43
N LEU A 922 -10.06 -12.32 93.49
CA LEU A 922 -10.22 -13.36 92.49
C LEU A 922 -10.47 -12.77 91.11
N ILE A 923 -11.31 -11.74 91.02
CA ILE A 923 -11.62 -11.12 89.73
C ILE A 923 -10.39 -10.39 89.18
N ALA A 924 -9.65 -9.71 90.06
CA ALA A 924 -8.42 -9.04 89.63
C ALA A 924 -7.39 -10.04 89.13
N ASN A 925 -7.22 -11.16 89.83
CA ASN A 925 -6.29 -12.19 89.40
C ASN A 925 -6.74 -12.80 88.07
N GLN A 926 -8.05 -13.02 87.89
CA GLN A 926 -8.55 -13.54 86.63
C GLN A 926 -8.30 -12.57 85.49
N PHE A 927 -8.49 -11.27 85.73
CA PHE A 927 -8.22 -10.26 84.70
C PHE A 927 -6.74 -10.21 84.35
N ASN A 928 -5.86 -10.28 85.35
CA ASN A 928 -4.43 -10.28 85.08
C ASN A 928 -4.01 -11.53 84.31
N SER A 929 -4.57 -12.69 84.70
CA SER A 929 -4.26 -13.93 83.99
C SER A 929 -4.76 -13.88 82.55
N ALA A 930 -5.94 -13.30 82.31
CA ALA A 930 -6.44 -13.16 80.96
C ALA A 930 -5.57 -12.23 80.14
N ILE A 931 -5.11 -11.12 80.73
CA ILE A 931 -4.22 -10.19 80.03
C ILE A 931 -2.92 -10.89 79.65
N GLY A 932 -2.34 -11.64 80.59
CA GLY A 932 -1.14 -12.40 80.29
C GLY A 932 -1.35 -13.47 79.24
N LYS A 933 -2.54 -14.10 79.25
CA LYS A 933 -2.84 -15.15 78.28
C LYS A 933 -2.95 -14.58 76.87
N ILE A 934 -3.65 -13.46 76.70
CA ILE A 934 -3.74 -12.85 75.38
C ILE A 934 -2.39 -12.25 74.95
N GLN A 935 -1.56 -11.81 75.91
CA GLN A 935 -0.23 -11.33 75.55
C GLN A 935 0.65 -12.47 75.06
N ASP A 936 0.54 -13.65 75.69
CA ASP A 936 1.30 -14.80 75.24
C ASP A 936 0.77 -15.33 73.91
N SER A 937 -0.55 -15.29 73.72
CA SER A 937 -1.14 -15.79 72.48
C SER A 937 -0.83 -14.89 71.30
N LEU A 938 -0.80 -13.57 71.53
CA LEU A 938 -0.49 -12.64 70.45
C LEU A 938 0.99 -12.64 70.08
N SER A 939 1.85 -13.21 70.94
CA SER A 939 3.27 -13.30 70.65
C SER A 939 3.64 -14.54 69.85
N SER A 940 2.69 -15.45 69.62
CA SER A 940 2.96 -16.66 68.87
C SER A 940 2.90 -16.41 67.36
N ALA A 944 0.05 -15.19 62.41
CA ALA A 944 0.13 -13.74 62.46
C ALA A 944 -1.26 -13.12 62.43
N LEU A 945 -1.30 -11.79 62.40
CA LEU A 945 -2.57 -11.07 62.32
C LEU A 945 -3.22 -11.28 60.97
N GLY A 946 -4.54 -11.44 60.97
CA GLY A 946 -5.27 -11.71 59.74
C GLY A 946 -5.85 -10.47 59.07
N LYS A 947 -6.54 -9.64 59.84
CA LYS A 947 -7.22 -8.49 59.25
C LYS A 947 -6.23 -7.41 58.82
N LEU A 948 -5.20 -7.16 59.64
CA LEU A 948 -4.27 -6.08 59.35
C LEU A 948 -3.32 -6.45 58.20
N GLN A 949 -2.91 -7.71 58.15
CA GLN A 949 -1.96 -8.13 57.12
C GLN A 949 -2.61 -8.32 55.75
N ASP A 950 -3.92 -8.46 55.69
CA ASP A 950 -4.58 -8.71 54.41
C ASP A 950 -4.57 -7.47 53.53
N VAL A 951 -4.91 -6.31 54.10
CA VAL A 951 -5.01 -5.08 53.30
C VAL A 951 -3.63 -4.64 52.81
N VAL A 952 -2.61 -4.80 53.65
CA VAL A 952 -1.24 -4.48 53.23
C VAL A 952 -0.81 -5.38 52.09
N ASN A 953 -1.13 -6.67 52.17
CA ASN A 953 -0.79 -7.60 51.10
C ASN A 953 -1.51 -7.25 49.80
N GLN A 954 -2.79 -6.89 49.89
CA GLN A 954 -3.53 -6.52 48.69
C GLN A 954 -2.98 -5.24 48.06
N ASN A 955 -2.64 -4.25 48.90
CA ASN A 955 -2.05 -3.01 48.39
C ASN A 955 -0.70 -3.26 47.74
N ALA A 956 0.12 -4.12 48.35
CA ALA A 956 1.41 -4.46 47.77
C ALA A 956 1.27 -5.21 46.45
N GLN A 957 0.29 -6.12 46.37
CA GLN A 957 0.05 -6.84 45.13
C GLN A 957 -0.43 -5.91 44.03
N ALA A 958 -1.32 -4.97 44.37
CA ALA A 958 -1.79 -3.99 43.39
C ALA A 958 -0.66 -3.10 42.91
N LEU A 959 0.20 -2.66 43.84
CA LEU A 959 1.34 -1.83 43.47
C LEU A 959 2.31 -2.59 42.57
N ASN A 960 2.59 -3.85 42.91
CA ASN A 960 3.49 -4.66 42.10
C ASN A 960 2.92 -4.90 40.70
N THR A 961 1.61 -5.14 40.62
CA THR A 961 0.96 -5.31 39.31
C THR A 961 1.02 -4.01 38.50
N LEU A 962 0.88 -2.86 39.18
CA LEU A 962 0.99 -1.58 38.48
C LEU A 962 2.39 -1.36 37.91
N VAL A 963 3.42 -1.74 38.68
CA VAL A 963 4.78 -1.62 38.16
C VAL A 963 5.03 -2.61 37.02
N LYS A 964 4.50 -3.84 37.15
CA LYS A 964 4.71 -4.85 36.14
C LYS A 964 3.86 -4.66 34.89
N GLN A 965 2.86 -3.78 34.94
CA GLN A 965 2.02 -3.53 33.76
C GLN A 965 2.83 -2.92 32.62
N LEU A 966 3.74 -2.00 32.94
CA LEU A 966 4.53 -1.33 31.90
C LEU A 966 5.55 -2.25 31.24
N SER A 967 5.79 -3.45 31.78
CA SER A 967 6.69 -4.40 31.16
C SER A 967 6.04 -5.16 30.00
N SER A 968 4.74 -4.99 29.80
CA SER A 968 4.05 -5.64 28.70
C SER A 968 4.01 -4.71 27.48
N ASN A 969 3.49 -5.23 26.36
CA ASN A 969 3.41 -4.47 25.12
C ASN A 969 2.01 -4.04 24.74
N PHE A 970 0.98 -4.68 25.31
CA PHE A 970 -0.43 -4.35 25.04
C PHE A 970 -0.77 -4.50 23.56
N GLY A 971 -0.13 -5.45 22.88
CA GLY A 971 -0.35 -5.65 21.46
C GLY A 971 0.56 -4.86 20.54
N ALA A 972 1.37 -3.95 21.09
CA ALA A 972 2.28 -3.18 20.28
C ALA A 972 3.58 -3.95 20.04
N ILE A 973 4.47 -3.36 19.22
CA ILE A 973 5.73 -3.99 18.89
C ILE A 973 6.83 -3.68 19.90
N SER A 974 6.54 -2.88 20.93
CA SER A 974 7.54 -2.55 21.93
C SER A 974 6.84 -2.29 23.25
N SER A 975 7.59 -2.43 24.34
CA SER A 975 7.08 -2.19 25.68
C SER A 975 7.41 -0.77 26.17
N VAL A 976 8.65 -0.33 25.95
CA VAL A 976 9.09 1.00 26.34
C VAL A 976 8.88 1.95 25.16
N LEU A 977 8.36 3.15 25.43
CA LEU A 977 8.10 4.12 24.38
C LEU A 977 9.39 4.62 23.75
N ASN A 978 10.51 4.59 24.49
CA ASN A 978 11.77 5.09 23.98
C ASN A 978 12.27 4.26 22.80
N ASP A 979 12.14 2.94 22.88
CA ASP A 979 12.65 2.07 21.82
C ASP A 979 11.89 2.28 20.51
N ILE A 980 10.56 2.29 20.58
CA ILE A 980 9.75 2.47 19.38
C ILE A 980 9.91 3.89 18.85
N LEU A 981 10.02 4.88 19.74
CA LEU A 981 10.22 6.26 19.30
C LEU A 981 11.61 6.46 18.70
N SER A 982 12.57 5.60 19.04
CA SER A 982 13.91 5.72 18.48
C SER A 982 14.02 5.01 17.13
N ARG A 983 13.63 3.73 17.09
CA ARG A 983 13.78 2.97 15.85
C ARG A 983 12.76 3.36 14.79
N LEU A 984 11.64 3.96 15.19
CA LEU A 984 10.61 4.40 14.26
C LEU A 984 10.24 5.85 14.55
N ASP A 985 9.89 6.58 13.50
CA ASP A 985 9.52 7.98 13.65
C ASP A 985 8.17 8.09 14.36
N PRO A 986 7.92 9.21 15.03
CA PRO A 986 6.63 9.39 15.75
C PRO A 986 5.42 9.31 14.83
N PRO A 987 5.49 9.73 13.54
CA PRO A 987 4.38 9.36 12.65
C PRO A 987 4.17 7.85 12.51
N GLU A 988 5.25 7.06 12.47
CA GLU A 988 5.08 5.62 12.46
C GLU A 988 4.74 5.07 13.84
N ALA A 989 5.18 5.76 14.89
CA ALA A 989 4.91 5.32 16.26
C ALA A 989 3.58 5.82 16.80
N GLU A 990 2.80 6.54 15.99
CA GLU A 990 1.54 7.13 16.47
C GLU A 990 0.56 6.05 16.92
N VAL A 991 0.40 5.00 16.12
CA VAL A 991 -0.52 3.93 16.47
C VAL A 991 -0.04 3.16 17.69
N GLN A 992 1.27 2.89 17.76
CA GLN A 992 1.81 2.16 18.90
C GLN A 992 1.74 2.99 20.18
N ILE A 993 2.04 4.29 20.09
CA ILE A 993 1.95 5.15 21.26
C ILE A 993 0.51 5.27 21.72
N ASP A 994 -0.44 5.38 20.79
CA ASP A 994 -1.85 5.44 21.17
C ASP A 994 -2.31 4.14 21.80
N ARG A 995 -1.84 2.99 21.29
CA ARG A 995 -2.19 1.70 21.86
C ARG A 995 -1.64 1.56 23.28
N LEU A 996 -0.39 1.99 23.50
CA LEU A 996 0.17 1.97 24.84
C LEU A 996 -0.58 2.92 25.76
N ILE A 997 -1.00 4.07 25.23
CA ILE A 997 -1.74 5.06 26.02
C ILE A 997 -3.06 4.46 26.49
N THR A 998 -3.81 3.82 25.58
CA THR A 998 -5.10 3.28 25.97
C THR A 998 -4.96 2.04 26.84
N GLY A 999 -3.90 1.25 26.65
CA GLY A 999 -3.67 0.13 27.55
C GLY A 999 -3.33 0.57 28.97
N ARG A 1000 -2.44 1.56 29.09
CA ARG A 1000 -2.13 2.09 30.42
C ARG A 1000 -3.32 2.81 31.04
N LEU A 1001 -4.15 3.45 30.22
CA LEU A 1001 -5.36 4.08 30.75
C LEU A 1001 -6.34 3.04 31.28
N GLN A 1002 -6.49 1.91 30.56
CA GLN A 1002 -7.35 0.83 31.05
C GLN A 1002 -6.80 0.24 32.34
N SER A 1003 -5.47 0.05 32.41
CA SER A 1003 -4.86 -0.47 33.63
C SER A 1003 -5.06 0.48 34.80
N LEU A 1004 -4.88 1.79 34.58
CA LEU A 1004 -5.06 2.76 35.64
C LEU A 1004 -6.52 2.85 36.06
N GLN A 1005 -7.46 2.74 35.12
CA GLN A 1005 -8.87 2.73 35.47
C GLN A 1005 -9.24 1.51 36.30
N THR A 1006 -8.70 0.34 35.93
CA THR A 1006 -8.95 -0.87 36.73
C THR A 1006 -8.36 -0.74 38.12
N TYR A 1007 -7.16 -0.18 38.23
CA TYR A 1007 -6.53 0.03 39.53
C TYR A 1007 -7.33 1.01 40.38
N VAL A 1008 -7.84 2.07 39.76
CA VAL A 1008 -8.63 3.07 40.49
C VAL A 1008 -9.95 2.46 40.95
N THR A 1009 -10.58 1.64 40.12
CA THR A 1009 -11.82 0.97 40.53
C THR A 1009 -11.58 0.01 41.69
N GLN A 1010 -10.50 -0.77 41.62
CA GLN A 1010 -10.17 -1.68 42.71
C GLN A 1010 -9.86 -0.91 43.99
N GLN A 1011 -9.13 0.21 43.87
CA GLN A 1011 -8.82 1.03 45.04
C GLN A 1011 -10.08 1.67 45.61
N LEU A 1012 -11.04 2.04 44.76
CA LEU A 1012 -12.30 2.60 45.24
C LEU A 1012 -13.12 1.55 45.99
N ILE A 1013 -13.17 0.32 45.47
CA ILE A 1013 -13.87 -0.75 46.17
C ILE A 1013 -13.21 -1.05 47.52
N ARG A 1014 -11.87 -1.12 47.52
CA ARG A 1014 -11.14 -1.36 48.76
C ARG A 1014 -11.34 -0.21 49.74
N ALA A 1015 -11.39 1.03 49.24
CA ALA A 1015 -11.60 2.18 50.11
C ALA A 1015 -13.01 2.18 50.70
N ALA A 1016 -14.00 1.74 49.92
CA ALA A 1016 -15.34 1.58 50.46
C ALA A 1016 -15.38 0.52 51.56
N GLU A 1017 -14.67 -0.59 51.35
CA GLU A 1017 -14.60 -1.63 52.38
C GLU A 1017 -13.90 -1.11 53.64
N ILE A 1018 -12.82 -0.36 53.48
CA ILE A 1018 -12.11 0.21 54.62
C ILE A 1018 -12.97 1.26 55.32
N ARG A 1019 -13.77 2.02 54.56
CA ARG A 1019 -14.68 2.99 55.17
C ARG A 1019 -15.75 2.30 55.99
N ALA A 1020 -16.29 1.19 55.48
CA ALA A 1020 -17.27 0.42 56.26
C ALA A 1020 -16.64 -0.15 57.52
N SER A 1021 -15.43 -0.69 57.41
CA SER A 1021 -14.74 -1.24 58.58
C SER A 1021 -14.42 -0.14 59.58
N ALA A 1022 -14.04 1.05 59.12
CA ALA A 1022 -13.74 2.15 60.02
C ALA A 1022 -15.00 2.67 60.69
N ASN A 1023 -16.12 2.67 59.99
CA ASN A 1023 -17.40 3.04 60.62
C ASN A 1023 -17.78 2.03 61.69
N LEU A 1024 -17.57 0.73 61.42
CA LEU A 1024 -17.84 -0.30 62.42
C LEU A 1024 -16.93 -0.13 63.63
N ALA A 1025 -15.65 0.17 63.40
CA ALA A 1025 -14.72 0.36 64.51
C ALA A 1025 -15.04 1.62 65.30
N ALA A 1026 -15.50 2.68 64.62
CA ALA A 1026 -15.90 3.89 65.31
C ALA A 1026 -17.12 3.66 66.17
N THR A 1027 -18.10 2.89 65.68
CA THR A 1027 -19.26 2.54 66.50
C THR A 1027 -18.84 1.68 67.68
N LYS A 1028 -17.90 0.75 67.46
CA LYS A 1028 -17.40 -0.08 68.56
C LYS A 1028 -16.71 0.77 69.62
N MET A 1029 -15.88 1.73 69.19
CA MET A 1029 -15.23 2.62 70.15
C MET A 1029 -16.22 3.51 70.87
N SER A 1030 -17.28 3.94 70.19
CA SER A 1030 -18.29 4.77 70.82
C SER A 1030 -19.09 4.00 71.87
N GLU A 1031 -19.39 2.73 71.59
CA GLU A 1031 -20.28 1.96 72.46
C GLU A 1031 -19.53 1.14 73.50
N CYS A 1032 -18.69 0.20 73.05
CA CYS A 1032 -18.06 -0.74 73.97
C CYS A 1032 -16.91 -0.11 74.75
N VAL A 1033 -16.21 0.85 74.17
CA VAL A 1033 -15.11 1.52 74.86
C VAL A 1033 -15.60 2.68 75.71
N LEU A 1034 -16.40 3.57 75.13
CA LEU A 1034 -16.95 4.72 75.84
C LEU A 1034 -18.29 4.37 76.50
N GLY A 1035 -18.33 3.28 77.26
CA GLY A 1035 -19.53 2.87 77.95
C GLY A 1035 -19.68 1.37 77.87
N GLN A 1036 -20.84 0.89 78.34
CA GLN A 1036 -21.18 -0.53 78.33
C GLN A 1036 -22.35 -0.72 77.37
N SER A 1037 -22.09 -1.37 76.23
CA SER A 1037 -23.13 -1.60 75.25
C SER A 1037 -24.04 -2.72 75.72
N LYS A 1038 -25.36 -2.48 75.65
CA LYS A 1038 -26.34 -3.48 76.06
C LYS A 1038 -26.56 -4.55 75.01
N ARG A 1039 -26.14 -4.31 73.77
CA ARG A 1039 -26.28 -5.30 72.72
C ARG A 1039 -25.31 -6.46 72.93
N VAL A 1040 -25.80 -7.67 72.80
CA VAL A 1040 -24.99 -8.87 73.02
C VAL A 1040 -24.33 -9.27 71.71
N ASP A 1041 -23.20 -9.97 71.82
CA ASP A 1041 -22.43 -10.50 70.70
C ASP A 1041 -21.96 -9.38 69.76
N PHE A 1042 -21.75 -8.18 70.30
CA PHE A 1042 -21.20 -7.07 69.55
C PHE A 1042 -19.85 -6.61 70.06
N CYS A 1043 -19.59 -6.73 71.36
CA CYS A 1043 -18.32 -6.37 71.95
C CYS A 1043 -17.69 -7.59 72.61
N GLY A 1044 -17.68 -8.72 71.91
CA GLY A 1044 -17.12 -9.94 72.42
C GLY A 1044 -18.19 -10.93 72.84
N LYS A 1045 -17.83 -12.21 72.80
CA LYS A 1045 -18.76 -13.27 73.19
C LYS A 1045 -18.99 -13.24 74.70
N GLY A 1046 -20.26 -13.28 75.09
CA GLY A 1046 -20.64 -13.20 76.49
C GLY A 1046 -21.07 -11.80 76.88
N TYR A 1047 -21.31 -11.64 78.18
CA TYR A 1047 -21.75 -10.35 78.71
C TYR A 1047 -20.57 -9.39 78.73
N HIS A 1048 -20.69 -8.28 77.99
CA HIS A 1048 -19.62 -7.32 77.86
C HIS A 1048 -19.53 -6.43 79.10
N LEU A 1049 -18.30 -6.16 79.53
CA LEU A 1049 -18.03 -5.27 80.65
C LEU A 1049 -17.32 -4.00 80.21
N MET A 1050 -16.17 -4.12 79.57
CA MET A 1050 -15.41 -2.97 79.11
C MET A 1050 -14.47 -3.41 77.99
N SER A 1051 -13.94 -2.44 77.26
CA SER A 1051 -13.01 -2.69 76.17
C SER A 1051 -11.83 -1.72 76.27
N PHE A 1052 -10.65 -2.22 75.97
CA PHE A 1052 -9.42 -1.43 76.02
C PHE A 1052 -8.81 -1.32 74.62
N PRO A 1053 -8.97 -0.18 73.95
CA PRO A 1053 -8.37 -0.04 72.62
C PRO A 1053 -6.85 0.08 72.69
N GLN A 1054 -6.20 -0.44 71.65
CA GLN A 1054 -4.75 -0.40 71.53
C GLN A 1054 -4.36 0.08 70.14
N SER A 1055 -3.26 0.80 70.05
CA SER A 1055 -2.79 1.31 68.77
C SER A 1055 -2.27 0.17 67.91
N ALA A 1056 -2.60 0.22 66.62
CA ALA A 1056 -2.15 -0.76 65.64
C ALA A 1056 -1.79 -0.04 64.35
N PRO A 1057 -0.83 -0.56 63.59
CA PRO A 1057 -0.49 0.06 62.29
C PRO A 1057 -1.60 -0.17 61.28
N HIS A 1058 -2.18 0.93 60.80
CA HIS A 1058 -3.27 0.92 59.83
C HIS A 1058 -4.46 0.11 60.34
N GLY A 1059 -4.80 0.30 61.61
CA GLY A 1059 -5.91 -0.42 62.20
C GLY A 1059 -5.99 -0.18 63.69
N VAL A 1060 -6.90 -0.90 64.34
CA VAL A 1060 -7.08 -0.81 65.78
C VAL A 1060 -7.60 -2.16 66.27
N VAL A 1061 -7.26 -2.49 67.51
CA VAL A 1061 -7.73 -3.70 68.16
C VAL A 1061 -8.42 -3.31 69.46
N PHE A 1062 -9.30 -4.20 69.92
CA PHE A 1062 -10.06 -3.98 71.15
C PHE A 1062 -9.91 -5.19 72.06
N LEU A 1063 -9.59 -4.95 73.32
CA LEU A 1063 -9.46 -6.01 74.32
C LEU A 1063 -10.79 -6.11 75.05
N HIS A 1064 -11.72 -6.87 74.47
CA HIS A 1064 -13.09 -6.97 74.97
C HIS A 1064 -13.10 -7.80 76.25
N VAL A 1065 -13.18 -7.13 77.40
CA VAL A 1065 -13.29 -7.80 78.69
C VAL A 1065 -14.74 -8.24 78.86
N THR A 1066 -14.98 -9.54 78.75
CA THR A 1066 -16.34 -10.09 78.77
C THR A 1066 -16.58 -10.83 80.09
N TYR A 1067 -17.83 -11.28 80.25
CA TYR A 1067 -18.26 -11.97 81.46
C TYR A 1067 -19.06 -13.20 81.03
N VAL A 1068 -18.52 -14.39 81.24
CA VAL A 1068 -19.20 -15.63 80.86
C VAL A 1068 -19.32 -16.53 82.08
N PRO A 1069 -20.35 -17.36 82.17
CA PRO A 1069 -20.44 -18.32 83.27
C PRO A 1069 -19.52 -19.51 83.06
N ALA A 1070 -19.10 -20.11 84.18
CA ALA A 1070 -18.20 -21.25 84.14
C ALA A 1070 -18.85 -22.52 84.69
N GLN A 1071 -19.37 -22.49 85.91
CA GLN A 1071 -19.95 -23.66 86.55
C GLN A 1071 -21.40 -23.39 86.89
N GLU A 1072 -22.28 -24.34 86.57
CA GLU A 1072 -23.71 -24.23 86.84
C GLU A 1072 -24.18 -25.47 87.56
N LYS A 1073 -25.42 -25.42 88.05
CA LYS A 1073 -26.05 -26.54 88.73
C LYS A 1073 -27.49 -26.68 88.26
N ASN A 1074 -28.02 -27.90 88.38
CA ASN A 1074 -29.41 -28.15 88.03
C ASN A 1074 -30.31 -27.78 89.20
N PHE A 1075 -31.40 -27.08 88.91
CA PHE A 1075 -32.32 -26.60 89.93
C PHE A 1075 -33.75 -26.85 89.50
N THR A 1076 -34.65 -26.88 90.48
CA THR A 1076 -36.08 -27.00 90.24
C THR A 1076 -36.71 -25.61 90.38
N THR A 1077 -37.42 -25.18 89.35
CA THR A 1077 -37.95 -23.83 89.27
C THR A 1077 -39.48 -23.82 89.36
N ALA A 1078 -40.01 -22.76 89.96
CA ALA A 1078 -41.45 -22.53 90.04
C ALA A 1078 -41.71 -21.07 89.66
N PRO A 1079 -42.60 -20.82 88.70
CA PRO A 1079 -42.83 -19.43 88.25
C PRO A 1079 -43.58 -18.57 89.24
N ALA A 1080 -44.24 -19.15 90.24
CA ALA A 1080 -45.01 -18.38 91.20
C ALA A 1080 -45.10 -19.13 92.52
N ILE A 1081 -45.45 -18.40 93.57
CA ILE A 1081 -45.60 -18.95 94.91
C ILE A 1081 -46.95 -18.48 95.46
N CYS A 1082 -47.76 -19.44 95.93
CA CYS A 1082 -49.04 -19.15 96.56
C CYS A 1082 -48.89 -19.35 98.06
N HIS A 1083 -48.88 -18.25 98.81
CA HIS A 1083 -48.68 -18.31 100.26
C HIS A 1083 -50.00 -18.37 101.01
N ASP A 1084 -50.85 -17.34 100.83
CA ASP A 1084 -52.13 -17.23 101.51
C ASP A 1084 -53.24 -16.98 100.51
N GLY A 1085 -53.25 -17.76 99.43
CA GLY A 1085 -54.21 -17.59 98.36
C GLY A 1085 -53.86 -16.54 97.33
N LYS A 1086 -52.69 -15.93 97.44
CA LYS A 1086 -52.23 -14.91 96.50
C LYS A 1086 -50.92 -15.34 95.88
N ALA A 1087 -50.77 -15.08 94.59
CA ALA A 1087 -49.57 -15.49 93.86
C ALA A 1087 -48.44 -14.49 94.08
N HIS A 1088 -47.26 -15.02 94.38
CA HIS A 1088 -46.06 -14.20 94.59
C HIS A 1088 -45.12 -14.38 93.41
N PHE A 1089 -44.58 -13.28 92.90
CA PHE A 1089 -43.67 -13.31 91.78
C PHE A 1089 -42.39 -12.59 92.14
N PRO A 1090 -41.23 -13.12 91.73
CA PRO A 1090 -39.96 -12.45 92.04
C PRO A 1090 -39.78 -11.21 91.20
N ARG A 1091 -39.26 -10.15 91.83
CA ARG A 1091 -39.06 -8.89 91.13
C ARG A 1091 -37.93 -8.98 90.12
N GLU A 1092 -36.78 -9.53 90.53
CA GLU A 1092 -35.62 -9.62 89.66
C GLU A 1092 -35.11 -11.05 89.56
N GLY A 1093 -35.28 -11.83 90.62
CA GLY A 1093 -34.75 -13.17 90.70
C GLY A 1093 -35.68 -14.22 90.15
N VAL A 1094 -35.44 -15.47 90.58
CA VAL A 1094 -36.25 -16.61 90.15
C VAL A 1094 -36.26 -17.63 91.28
N PHE A 1095 -37.41 -18.28 91.48
CA PHE A 1095 -37.56 -19.26 92.54
C PHE A 1095 -36.84 -20.55 92.13
N VAL A 1096 -35.85 -20.97 92.92
CA VAL A 1096 -35.10 -22.19 92.68
C VAL A 1096 -35.13 -23.04 93.95
N SER A 1097 -34.91 -24.34 93.76
CA SER A 1097 -34.91 -25.29 94.86
C SER A 1097 -33.78 -26.29 94.67
N ASN A 1098 -33.21 -26.73 95.80
CA ASN A 1098 -32.18 -27.77 95.80
C ASN A 1098 -32.73 -29.12 96.26
N GLY A 1099 -34.03 -29.24 96.44
CA GLY A 1099 -34.64 -30.50 96.83
C GLY A 1099 -35.59 -30.40 98.00
N THR A 1100 -35.24 -29.59 98.99
CA THR A 1100 -36.06 -29.43 100.20
C THR A 1100 -36.57 -28.01 100.38
N HIS A 1101 -35.70 -27.02 100.28
CA HIS A 1101 -36.08 -25.62 100.49
C HIS A 1101 -36.11 -24.87 99.16
N TRP A 1102 -36.67 -23.66 99.22
CA TRP A 1102 -36.81 -22.81 98.05
C TRP A 1102 -36.11 -21.48 98.30
N PHE A 1103 -35.48 -20.96 97.26
CA PHE A 1103 -34.71 -19.72 97.36
C PHE A 1103 -34.85 -18.93 96.06
N VAL A 1104 -34.50 -17.65 96.14
CA VAL A 1104 -34.53 -16.74 95.00
C VAL A 1104 -33.11 -16.28 94.70
N THR A 1105 -32.75 -16.25 93.43
CA THR A 1105 -31.41 -15.82 93.02
C THR A 1105 -31.49 -15.22 91.63
N GLN A 1106 -30.48 -14.42 91.30
CA GLN A 1106 -30.41 -13.77 90.00
C GLN A 1106 -30.11 -14.80 88.91
N ARG A 1107 -30.38 -14.40 87.66
CA ARG A 1107 -30.22 -15.29 86.51
C ARG A 1107 -28.77 -15.41 86.05
N ASN A 1108 -27.85 -14.62 86.60
CA ASN A 1108 -26.45 -14.66 86.19
C ASN A 1108 -25.52 -15.15 87.29
N PHE A 1109 -26.00 -15.34 88.51
CA PHE A 1109 -25.16 -15.82 89.60
C PHE A 1109 -26.04 -16.53 90.62
N TYR A 1110 -25.44 -17.45 91.37
CA TYR A 1110 -26.16 -18.22 92.39
C TYR A 1110 -26.02 -17.51 93.73
N GLU A 1111 -27.05 -16.76 94.12
CA GLU A 1111 -27.11 -16.10 95.41
C GLU A 1111 -28.45 -16.45 96.05
N PRO A 1112 -28.53 -17.61 96.71
CA PRO A 1112 -29.81 -18.03 97.31
C PRO A 1112 -30.20 -17.13 98.47
N GLN A 1113 -31.46 -16.71 98.48
CA GLN A 1113 -31.98 -15.82 99.51
C GLN A 1113 -33.34 -16.32 99.97
N ILE A 1114 -33.67 -16.00 101.22
CA ILE A 1114 -34.95 -16.40 101.79
C ILE A 1114 -36.06 -15.57 101.15
N ILE A 1115 -37.12 -16.24 100.69
CA ILE A 1115 -38.24 -15.57 100.07
C ILE A 1115 -38.94 -14.69 101.11
N THR A 1116 -39.00 -13.39 100.83
CA THR A 1116 -39.58 -12.42 101.75
C THR A 1116 -40.57 -11.52 100.99
N THR A 1117 -41.12 -10.54 101.72
CA THR A 1117 -42.03 -9.58 101.13
C THR A 1117 -41.30 -8.56 100.25
N ASP A 1118 -40.04 -8.23 100.57
CA ASP A 1118 -39.33 -7.18 99.86
C ASP A 1118 -39.09 -7.55 98.40
N ASN A 1119 -38.73 -8.80 98.12
CA ASN A 1119 -38.38 -9.23 96.77
C ASN A 1119 -39.53 -9.88 96.02
N THR A 1120 -40.72 -9.96 96.61
CA THR A 1120 -41.87 -10.59 95.97
C THR A 1120 -43.08 -9.66 96.03
N PHE A 1121 -43.83 -9.61 94.95
CA PHE A 1121 -45.04 -8.78 94.87
C PHE A 1121 -46.25 -9.66 94.59
N VAL A 1122 -47.38 -9.27 95.16
CA VAL A 1122 -48.63 -10.02 95.07
C VAL A 1122 -49.42 -9.50 93.88
N SER A 1123 -49.86 -10.41 93.01
CA SER A 1123 -50.64 -10.05 91.83
C SER A 1123 -51.72 -11.11 91.64
N GLY A 1124 -52.94 -10.82 92.10
CA GLY A 1124 -54.04 -11.73 91.95
C GLY A 1124 -53.94 -12.94 92.86
N ASN A 1125 -54.74 -13.95 92.54
CA ASN A 1125 -54.79 -15.19 93.28
C ASN A 1125 -53.92 -16.25 92.63
N CYS A 1126 -53.80 -17.39 93.30
CA CYS A 1126 -52.96 -18.49 92.83
C CYS A 1126 -53.76 -19.61 92.17
N ASP A 1127 -54.82 -19.25 91.46
CA ASP A 1127 -55.62 -20.25 90.75
C ASP A 1127 -55.64 -19.94 89.27
N VAL A 1128 -54.62 -19.25 88.78
CA VAL A 1128 -54.58 -18.86 87.38
C VAL A 1128 -53.32 -19.35 86.68
N VAL A 1129 -52.36 -19.82 87.46
CA VAL A 1129 -51.10 -20.30 86.88
C VAL A 1129 -51.07 -21.82 86.84
N ILE A 1130 -50.59 -22.38 85.74
CA ILE A 1130 -50.54 -23.83 85.59
C ILE A 1130 -49.54 -24.47 86.54
N GLY A 1131 -48.38 -23.84 86.74
CA GLY A 1131 -47.37 -24.38 87.64
C GLY A 1131 -47.14 -23.51 88.85
N ILE A 1132 -47.33 -24.08 90.04
CA ILE A 1132 -47.16 -23.36 91.30
C ILE A 1132 -46.82 -24.36 92.39
N VAL A 1133 -46.22 -23.86 93.47
CA VAL A 1133 -45.84 -24.68 94.62
C VAL A 1133 -46.40 -24.04 95.88
N ASN A 1134 -46.57 -24.87 96.91
CA ASN A 1134 -47.10 -24.42 98.20
C ASN A 1134 -45.92 -24.03 99.08
N ASN A 1135 -45.61 -22.74 99.10
CA ASN A 1135 -44.50 -22.20 99.87
C ASN A 1135 -45.01 -21.16 100.86
N THR A 1136 -44.09 -20.54 101.58
CA THR A 1136 -44.41 -19.57 102.61
C THR A 1136 -43.56 -18.32 102.43
N VAL A 1137 -43.96 -17.25 103.12
CA VAL A 1137 -43.26 -15.97 103.09
C VAL A 1137 -42.78 -15.67 104.50
N TYR A 1138 -41.51 -15.26 104.62
CA TYR A 1138 -40.93 -14.99 105.93
C TYR A 1138 -41.61 -13.82 106.62
N ASP A 1139 -42.04 -12.80 105.86
CA ASP A 1139 -42.70 -11.60 106.35
C ASP A 1139 -41.86 -10.92 107.43
N PRO A 1140 -40.75 -10.25 107.06
CA PRO A 1140 -39.86 -9.68 108.07
C PRO A 1140 -40.47 -8.58 108.92
N LEU A 1141 -41.61 -8.02 108.51
CA LEU A 1141 -42.29 -7.02 109.34
C LEU A 1141 -42.81 -7.65 110.63
N GLN A 1142 -43.26 -8.90 110.56
CA GLN A 1142 -43.88 -9.55 111.71
C GLN A 1142 -42.95 -9.72 112.91
N PRO A 1143 -41.72 -10.27 112.79
CA PRO A 1143 -40.89 -10.45 114.00
C PRO A 1143 -40.53 -9.14 114.69
N GLU A 1144 -40.35 -8.06 113.93
CA GLU A 1144 -39.97 -6.79 114.54
C GLU A 1144 -41.15 -6.08 115.19
N LEU A 1145 -42.38 -6.57 114.97
CA LEU A 1145 -43.54 -5.95 115.62
C LEU A 1145 -43.63 -6.32 117.09
N ASP A 1146 -43.15 -7.51 117.48
CA ASP A 1146 -43.22 -7.94 118.86
C ASP A 1146 -42.27 -7.14 119.75
N GLN B 14 -49.91 -20.58 -26.09
CA GLN B 14 -50.78 -19.58 -26.71
C GLN B 14 -51.70 -18.94 -25.69
N CYS B 15 -52.20 -17.74 -26.00
CA CYS B 15 -53.09 -17.00 -25.12
C CYS B 15 -54.14 -16.27 -25.93
N VAL B 16 -55.26 -15.97 -25.29
CA VAL B 16 -56.35 -15.24 -25.90
C VAL B 16 -56.75 -14.08 -24.99
N ASN B 17 -57.37 -13.08 -25.59
CA ASN B 17 -57.87 -11.93 -24.85
C ASN B 17 -59.31 -12.17 -24.41
N LEU B 18 -59.77 -11.34 -23.48
CA LEU B 18 -61.10 -11.45 -22.92
C LEU B 18 -61.93 -10.21 -23.25
N THR B 19 -63.18 -10.20 -22.80
CA THR B 19 -64.11 -9.12 -23.06
C THR B 19 -64.46 -8.40 -21.76
N THR B 20 -64.81 -7.12 -21.88
CA THR B 20 -65.20 -6.32 -20.73
C THR B 20 -66.54 -6.80 -20.16
N ARG B 21 -66.64 -6.78 -18.84
CA ARG B 21 -67.84 -7.23 -18.15
C ARG B 21 -67.90 -6.53 -16.80
N THR B 22 -69.04 -6.66 -16.13
CA THR B 22 -69.22 -6.08 -14.80
C THR B 22 -68.46 -6.92 -13.78
N GLN B 23 -67.60 -6.27 -13.00
CA GLN B 23 -66.79 -6.94 -11.99
C GLN B 23 -67.08 -6.35 -10.61
N LEU B 24 -66.50 -6.99 -9.59
CA LEU B 24 -66.67 -6.56 -8.22
C LEU B 24 -65.36 -5.97 -7.71
N PRO B 25 -65.39 -4.74 -7.16
CA PRO B 25 -64.15 -4.16 -6.63
C PRO B 25 -63.67 -4.92 -5.41
N PRO B 26 -62.36 -4.97 -5.18
CA PRO B 26 -61.84 -5.69 -4.02
C PRO B 26 -62.19 -4.98 -2.72
N ALA B 27 -62.30 -5.77 -1.65
CA ALA B 27 -62.60 -5.27 -0.32
C ALA B 27 -61.38 -5.42 0.57
N TYR B 28 -61.46 -4.79 1.74
CA TYR B 28 -60.38 -4.82 2.74
C TYR B 28 -60.87 -5.55 3.98
N THR B 29 -60.05 -6.50 4.46
CA THR B 29 -60.35 -7.27 5.65
C THR B 29 -59.16 -7.22 6.59
N ASN B 30 -59.39 -7.67 7.82
CA ASN B 30 -58.38 -7.62 8.87
C ASN B 30 -57.83 -9.02 9.14
N SER B 31 -56.51 -9.10 9.29
CA SER B 31 -55.83 -10.34 9.62
C SER B 31 -55.74 -10.51 11.14
N PHE B 32 -55.81 -11.76 11.58
CA PHE B 32 -55.78 -12.09 13.00
C PHE B 32 -54.74 -13.20 13.24
N THR B 33 -53.56 -12.80 13.72
CA THR B 33 -52.42 -13.67 14.01
C THR B 33 -52.13 -14.62 12.84
N ARG B 34 -51.81 -14.02 11.69
CA ARG B 34 -51.50 -14.76 10.48
C ARG B 34 -50.19 -14.25 9.89
N GLY B 35 -49.53 -15.11 9.12
CA GLY B 35 -48.29 -14.73 8.47
C GLY B 35 -47.04 -14.91 9.29
N VAL B 36 -47.02 -15.88 10.21
CA VAL B 36 -45.86 -16.15 11.05
C VAL B 36 -45.25 -17.47 10.60
N TYR B 37 -43.95 -17.45 10.32
CA TYR B 37 -43.25 -18.63 9.85
C TYR B 37 -41.98 -18.88 10.65
N TYR B 38 -41.17 -19.84 10.23
CA TYR B 38 -39.90 -20.12 10.88
C TYR B 38 -38.80 -19.30 10.24
N PRO B 39 -38.15 -18.38 10.97
CA PRO B 39 -37.09 -17.56 10.36
C PRO B 39 -35.75 -18.25 10.25
N ASP B 40 -35.54 -19.36 10.96
CA ASP B 40 -34.27 -20.07 10.93
C ASP B 40 -34.55 -21.57 10.92
N LYS B 41 -33.48 -22.35 10.77
CA LYS B 41 -33.55 -23.80 10.74
C LYS B 41 -32.93 -24.43 12.00
N VAL B 42 -33.01 -23.74 13.12
CA VAL B 42 -32.47 -24.22 14.37
C VAL B 42 -33.61 -24.74 15.24
N PHE B 43 -33.25 -25.50 16.28
CA PHE B 43 -34.22 -26.08 17.21
C PHE B 43 -34.17 -25.30 18.52
N ARG B 44 -35.31 -24.77 18.93
CA ARG B 44 -35.44 -24.04 20.19
C ARG B 44 -36.59 -24.64 20.98
N SER B 45 -36.33 -24.97 22.25
CA SER B 45 -37.32 -25.62 23.09
C SER B 45 -37.48 -24.84 24.39
N SER B 46 -38.71 -24.41 24.67
CA SER B 46 -39.07 -23.73 25.92
C SER B 46 -38.28 -22.43 26.12
N VAL B 47 -38.01 -21.72 25.03
CA VAL B 47 -37.35 -20.42 25.08
C VAL B 47 -38.21 -19.42 24.32
N LEU B 48 -37.94 -18.14 24.59
CA LEU B 48 -38.58 -17.02 23.90
C LEU B 48 -37.50 -16.24 23.17
N HIS B 49 -37.41 -16.43 21.86
CA HIS B 49 -36.36 -15.83 21.04
C HIS B 49 -36.95 -14.71 20.20
N SER B 50 -36.26 -13.58 20.16
CA SER B 50 -36.66 -12.43 19.37
C SER B 50 -35.78 -12.36 18.12
N THR B 51 -36.41 -12.21 16.96
CA THR B 51 -35.71 -12.16 15.69
C THR B 51 -36.20 -10.97 14.88
N GLN B 52 -35.32 -10.46 14.03
CA GLN B 52 -35.62 -9.33 13.16
C GLN B 52 -35.66 -9.83 11.72
N ASP B 53 -36.85 -9.90 11.15
CA ASP B 53 -37.05 -10.35 9.78
C ASP B 53 -38.35 -9.74 9.26
N LEU B 54 -38.78 -10.20 8.09
CA LEU B 54 -39.99 -9.69 7.45
C LEU B 54 -41.16 -10.57 7.84
N PHE B 55 -42.12 -9.99 8.56
CA PHE B 55 -43.33 -10.70 8.97
C PHE B 55 -44.55 -9.83 8.74
N LEU B 56 -45.69 -10.48 8.60
CA LEU B 56 -46.94 -9.75 8.44
C LEU B 56 -47.35 -9.12 9.77
N PRO B 57 -47.59 -7.82 9.81
CA PRO B 57 -48.01 -7.19 11.07
C PRO B 57 -49.36 -7.70 11.54
N PHE B 58 -49.51 -7.79 12.86
CA PHE B 58 -50.75 -8.26 13.44
C PHE B 58 -51.82 -7.18 13.37
N PHE B 59 -53.06 -7.60 13.09
CA PHE B 59 -54.23 -6.72 12.99
C PHE B 59 -54.01 -5.62 11.97
N SER B 60 -53.42 -5.98 10.84
CA SER B 60 -53.14 -5.03 9.76
C SER B 60 -54.16 -5.21 8.64
N ASN B 61 -54.42 -4.10 7.93
CA ASN B 61 -55.35 -4.13 6.82
C ASN B 61 -54.77 -4.92 5.66
N VAL B 62 -55.57 -5.86 5.13
CA VAL B 62 -55.16 -6.69 4.01
C VAL B 62 -56.28 -6.67 2.97
N THR B 63 -55.90 -6.90 1.71
CA THR B 63 -56.86 -6.87 0.63
C THR B 63 -57.57 -8.21 0.48
N TRP B 64 -58.80 -8.16 -0.03
CA TRP B 64 -59.61 -9.34 -0.26
C TRP B 64 -59.95 -9.41 -1.74
N PHE B 65 -59.60 -10.52 -2.38
CA PHE B 65 -59.89 -10.76 -3.79
C PHE B 65 -60.91 -11.89 -3.88
N HIS B 66 -62.01 -11.64 -4.59
CA HIS B 66 -63.10 -12.59 -4.70
C HIS B 66 -63.03 -13.31 -6.03
N ALA B 67 -63.27 -14.63 -5.99
CA ALA B 67 -63.22 -15.46 -7.19
C ALA B 67 -64.45 -16.35 -7.35
N ILE B 68 -65.48 -16.16 -6.52
CA ILE B 68 -66.68 -16.97 -6.64
C ILE B 68 -67.48 -16.55 -7.87
N HIS B 69 -68.24 -17.48 -8.43
CA HIS B 69 -69.02 -17.20 -9.63
C HIS B 69 -70.34 -16.53 -9.28
N VAL B 70 -71.17 -17.18 -8.49
CA VAL B 70 -72.47 -16.63 -8.11
C VAL B 70 -72.39 -16.01 -6.72
N THR B 76 -71.65 -10.93 -10.48
CA THR B 76 -71.24 -12.29 -10.82
C THR B 76 -70.06 -12.26 -11.79
N LYS B 77 -69.50 -13.46 -12.04
CA LYS B 77 -68.36 -13.65 -12.95
C LYS B 77 -67.16 -12.78 -12.54
N ARG B 78 -66.66 -13.05 -11.33
CA ARG B 78 -65.59 -12.27 -10.74
C ARG B 78 -64.25 -12.86 -11.17
N PHE B 79 -63.52 -12.12 -12.01
CA PHE B 79 -62.16 -12.49 -12.38
C PHE B 79 -61.32 -11.22 -12.20
N ASP B 80 -60.41 -11.23 -11.23
CA ASP B 80 -59.57 -10.07 -10.94
C ASP B 80 -58.17 -10.56 -10.59
N ASN B 81 -57.30 -10.68 -11.60
CA ASN B 81 -55.89 -11.00 -11.41
C ASN B 81 -55.05 -9.85 -11.95
N PRO B 82 -54.88 -8.78 -11.18
CA PRO B 82 -53.96 -7.72 -11.60
C PRO B 82 -52.53 -8.05 -11.22
N VAL B 83 -51.60 -7.42 -11.92
CA VAL B 83 -50.18 -7.66 -11.72
C VAL B 83 -49.75 -6.82 -10.52
N LEU B 84 -49.81 -7.41 -9.33
CA LEU B 84 -49.46 -6.75 -8.08
C LEU B 84 -47.94 -6.67 -7.93
N PRO B 85 -47.42 -5.54 -7.47
CA PRO B 85 -45.97 -5.45 -7.21
C PRO B 85 -45.55 -6.37 -6.07
N PHE B 86 -44.33 -6.89 -6.17
CA PHE B 86 -43.77 -7.81 -5.19
C PHE B 86 -42.68 -7.08 -4.43
N ASN B 87 -42.96 -6.72 -3.18
CA ASN B 87 -41.99 -6.10 -2.31
C ASN B 87 -41.21 -7.18 -1.57
N ASP B 88 -40.47 -6.79 -0.53
CA ASP B 88 -39.64 -7.72 0.22
C ASP B 88 -40.55 -8.59 1.11
N GLY B 89 -41.12 -9.61 0.49
CA GLY B 89 -41.96 -10.55 1.21
C GLY B 89 -43.44 -10.28 1.05
N VAL B 90 -44.21 -11.32 0.72
CA VAL B 90 -45.67 -11.24 0.62
C VAL B 90 -46.27 -12.37 1.44
N TYR B 91 -47.60 -12.33 1.56
CA TYR B 91 -48.35 -13.33 2.32
C TYR B 91 -49.58 -13.72 1.51
N PHE B 92 -49.54 -14.88 0.87
CA PHE B 92 -50.64 -15.38 0.05
C PHE B 92 -51.38 -16.45 0.83
N ALA B 93 -52.58 -16.12 1.30
CA ALA B 93 -53.43 -17.04 2.05
C ALA B 93 -54.71 -17.30 1.27
N SER B 94 -55.05 -18.57 1.10
CA SER B 94 -56.25 -18.97 0.38
C SER B 94 -57.02 -20.00 1.20
N THR B 95 -58.33 -19.79 1.32
CA THR B 95 -59.21 -20.76 1.97
C THR B 95 -59.68 -21.80 0.94
N GLU B 96 -58.71 -22.58 0.47
CA GLU B 96 -58.95 -23.48 -0.65
C GLU B 96 -59.79 -24.68 -0.21
N LYS B 97 -60.83 -24.97 -0.99
CA LYS B 97 -61.69 -26.12 -0.77
C LYS B 97 -61.69 -27.10 -1.93
N SER B 98 -61.87 -26.60 -3.15
CA SER B 98 -61.96 -27.44 -4.35
C SER B 98 -60.77 -27.24 -5.28
N ASN B 99 -59.69 -26.63 -4.79
CA ASN B 99 -58.46 -26.39 -5.56
C ASN B 99 -58.72 -25.56 -6.81
N ILE B 100 -59.20 -24.34 -6.58
CA ILE B 100 -59.42 -23.41 -7.69
C ILE B 100 -58.11 -22.70 -8.06
N ILE B 101 -57.41 -22.16 -7.08
CA ILE B 101 -56.11 -21.54 -7.30
C ILE B 101 -55.07 -22.65 -7.43
N ARG B 102 -54.36 -22.66 -8.56
CA ARG B 102 -53.41 -23.73 -8.86
C ARG B 102 -51.96 -23.32 -8.69
N GLY B 103 -51.57 -22.15 -9.19
CA GLY B 103 -50.20 -21.74 -9.11
C GLY B 103 -50.03 -20.25 -9.29
N TRP B 104 -48.77 -19.82 -9.35
CA TRP B 104 -48.42 -18.41 -9.45
C TRP B 104 -47.37 -18.22 -10.53
N ILE B 105 -47.34 -17.03 -11.11
CA ILE B 105 -46.35 -16.65 -12.11
C ILE B 105 -45.67 -15.37 -11.67
N PHE B 106 -44.33 -15.39 -11.66
CA PHE B 106 -43.52 -14.27 -11.22
C PHE B 106 -42.72 -13.72 -12.39
N GLY B 107 -42.34 -12.45 -12.28
CA GLY B 107 -41.56 -11.81 -13.32
C GLY B 107 -41.25 -10.37 -12.96
N THR B 108 -40.46 -9.74 -13.82
CA THR B 108 -40.06 -8.35 -13.64
C THR B 108 -40.63 -7.45 -14.73
N THR B 109 -40.41 -7.78 -16.00
CA THR B 109 -40.96 -7.02 -17.11
C THR B 109 -41.90 -7.82 -18.00
N LEU B 110 -41.91 -9.16 -17.89
CA LEU B 110 -42.85 -10.03 -18.59
C LEU B 110 -42.79 -9.86 -20.10
N ASP B 111 -41.57 -9.73 -20.64
CA ASP B 111 -41.41 -9.56 -22.09
C ASP B 111 -40.26 -10.41 -22.63
N SER B 112 -40.05 -11.59 -22.04
CA SER B 112 -39.00 -12.54 -22.44
C SER B 112 -37.62 -11.89 -22.41
N LYS B 113 -37.36 -11.08 -21.39
CA LYS B 113 -36.09 -10.39 -21.23
C LYS B 113 -35.36 -10.75 -19.95
N THR B 114 -36.08 -11.13 -18.90
CA THR B 114 -35.48 -11.52 -17.62
C THR B 114 -35.88 -12.95 -17.31
N GLN B 115 -35.36 -13.45 -16.19
CA GLN B 115 -35.66 -14.81 -15.73
C GLN B 115 -36.97 -14.80 -14.98
N SER B 116 -37.98 -15.46 -15.53
CA SER B 116 -39.31 -15.49 -14.93
C SER B 116 -39.56 -16.81 -14.23
N LEU B 117 -40.35 -16.75 -13.16
CA LEU B 117 -40.63 -17.90 -12.31
C LEU B 117 -42.08 -18.33 -12.52
N LEU B 118 -42.30 -19.65 -12.58
CA LEU B 118 -43.61 -20.22 -12.78
C LEU B 118 -43.82 -21.33 -11.74
N ILE B 119 -44.94 -21.24 -11.01
CA ILE B 119 -45.38 -22.30 -10.11
C ILE B 119 -46.67 -22.88 -10.66
N VAL B 120 -46.71 -24.20 -10.79
CA VAL B 120 -47.91 -24.91 -11.22
C VAL B 120 -48.04 -26.21 -10.43
N ASN B 121 -49.17 -26.38 -9.76
CA ASN B 121 -49.46 -27.62 -9.03
C ASN B 121 -50.45 -28.43 -9.87
N ASN B 122 -49.90 -29.18 -10.82
CA ASN B 122 -50.74 -29.98 -11.70
C ASN B 122 -51.18 -31.26 -11.00
N ALA B 123 -52.05 -32.02 -11.68
CA ALA B 123 -52.64 -33.22 -11.10
C ALA B 123 -51.65 -34.37 -10.94
N THR B 124 -50.48 -34.29 -11.57
CA THR B 124 -49.49 -35.35 -11.49
C THR B 124 -48.29 -34.97 -10.64
N ASN B 125 -47.65 -33.84 -10.94
CA ASN B 125 -46.47 -33.41 -10.19
C ASN B 125 -46.39 -31.89 -10.22
N VAL B 126 -45.64 -31.35 -9.27
CA VAL B 126 -45.40 -29.92 -9.18
C VAL B 126 -44.19 -29.58 -10.05
N VAL B 127 -44.37 -28.67 -11.00
CA VAL B 127 -43.33 -28.28 -11.94
C VAL B 127 -42.88 -26.87 -11.59
N ILE B 128 -41.59 -26.72 -11.29
CA ILE B 128 -40.99 -25.42 -10.97
C ILE B 128 -39.89 -25.19 -11.98
N LYS B 129 -40.22 -24.50 -13.07
CA LYS B 129 -39.28 -24.18 -14.13
C LYS B 129 -39.08 -22.68 -14.18
N VAL B 130 -37.83 -22.25 -14.35
CA VAL B 130 -37.50 -20.82 -14.42
C VAL B 130 -36.88 -20.52 -15.77
N CYS B 131 -37.70 -20.08 -16.72
CA CYS B 131 -37.25 -19.66 -18.04
C CYS B 131 -37.97 -18.36 -18.40
N GLU B 132 -37.64 -17.80 -19.56
CA GLU B 132 -38.33 -16.62 -20.08
C GLU B 132 -39.55 -17.08 -20.89
N PHE B 133 -40.58 -17.52 -20.16
CA PHE B 133 -41.75 -18.16 -20.76
C PHE B 133 -42.65 -17.21 -21.55
N GLN B 134 -42.46 -15.89 -21.44
CA GLN B 134 -43.40 -14.86 -21.88
C GLN B 134 -44.71 -14.92 -21.09
N PHE B 135 -45.45 -13.82 -21.05
CA PHE B 135 -46.66 -13.76 -20.23
C PHE B 135 -47.70 -12.91 -20.96
N CYS B 136 -48.87 -13.50 -21.20
CA CYS B 136 -49.96 -12.78 -21.83
C CYS B 136 -50.68 -11.91 -20.80
N ASN B 137 -51.79 -11.31 -21.24
CA ASN B 137 -52.55 -10.43 -20.35
C ASN B 137 -53.27 -11.20 -19.25
N ASP B 138 -53.68 -12.44 -19.53
CA ASP B 138 -54.42 -13.23 -18.54
C ASP B 138 -54.26 -14.72 -18.75
N PRO B 139 -53.10 -15.30 -18.43
CA PRO B 139 -52.96 -16.77 -18.53
C PRO B 139 -53.79 -17.47 -17.47
N PHE B 140 -54.31 -18.63 -17.84
CA PHE B 140 -55.20 -19.39 -16.96
C PHE B 140 -55.23 -20.84 -17.42
N LEU B 141 -55.76 -21.70 -16.54
CA LEU B 141 -55.97 -23.10 -16.85
C LEU B 141 -57.45 -23.36 -17.00
N GLY B 142 -57.82 -24.06 -18.07
CA GLY B 142 -59.20 -24.43 -18.35
C GLY B 142 -59.41 -25.91 -18.13
N VAL B 143 -60.47 -26.25 -17.40
CA VAL B 143 -60.84 -27.63 -17.11
C VAL B 143 -62.15 -27.93 -17.82
N TYR B 144 -62.15 -28.97 -18.63
CA TYR B 144 -63.29 -29.34 -19.46
C TYR B 144 -63.97 -30.58 -18.91
N TYR B 145 -65.29 -30.57 -18.91
CA TYR B 145 -66.08 -31.70 -18.44
C TYR B 145 -66.41 -32.61 -19.61
N HIS B 146 -65.89 -33.83 -19.58
CA HIS B 146 -66.14 -34.79 -20.65
C HIS B 146 -67.56 -35.33 -20.56
N LYS B 147 -68.15 -35.59 -21.72
CA LYS B 147 -69.51 -36.13 -21.75
C LYS B 147 -69.52 -37.61 -21.35
N ASN B 148 -68.56 -38.39 -21.86
CA ASN B 148 -68.54 -39.82 -21.56
C ASN B 148 -68.02 -40.11 -20.16
N ASN B 149 -67.06 -39.32 -19.69
CA ASN B 149 -66.45 -39.54 -18.38
C ASN B 149 -67.05 -38.58 -17.36
N LYS B 150 -67.52 -39.13 -16.25
CA LYS B 150 -68.15 -38.33 -15.19
C LYS B 150 -67.10 -37.80 -14.21
N SER B 151 -66.18 -37.02 -14.76
CA SER B 151 -65.12 -36.40 -13.98
C SER B 151 -64.61 -35.19 -14.74
N TRP B 152 -63.74 -34.43 -14.08
CA TRP B 152 -63.17 -33.21 -14.64
C TRP B 152 -61.72 -33.45 -15.02
N MET B 153 -61.37 -33.12 -16.26
CA MET B 153 -60.01 -33.22 -16.76
C MET B 153 -59.55 -31.88 -17.31
N GLU B 154 -58.31 -31.50 -16.99
CA GLU B 154 -57.74 -30.27 -17.49
C GLU B 154 -57.18 -30.49 -18.89
N SER B 155 -57.73 -29.77 -19.87
CA SER B 155 -57.31 -29.92 -21.26
C SER B 155 -56.81 -28.63 -21.90
N GLU B 156 -57.11 -27.47 -21.32
CA GLU B 156 -56.67 -26.19 -21.87
C GLU B 156 -55.37 -25.79 -21.16
N PHE B 157 -54.25 -25.97 -21.85
CA PHE B 157 -52.92 -25.68 -21.30
C PHE B 157 -52.45 -24.38 -21.93
N ARG B 158 -52.82 -23.25 -21.32
CA ARG B 158 -52.46 -21.93 -21.83
C ARG B 158 -51.76 -21.16 -20.70
N VAL B 159 -50.45 -21.39 -20.57
CA VAL B 159 -49.62 -20.63 -19.65
C VAL B 159 -48.52 -19.86 -20.37
N TYR B 160 -47.92 -20.45 -21.40
CA TYR B 160 -46.82 -19.82 -22.10
C TYR B 160 -46.81 -20.28 -23.55
N SER B 161 -46.13 -19.49 -24.39
CA SER B 161 -46.03 -19.80 -25.82
C SER B 161 -44.78 -20.61 -26.13
N SER B 162 -43.61 -20.06 -25.83
CA SER B 162 -42.35 -20.74 -26.13
C SER B 162 -41.26 -20.17 -25.23
N ALA B 163 -40.16 -20.92 -25.13
CA ALA B 163 -38.99 -20.50 -24.36
C ALA B 163 -37.74 -20.79 -25.16
N ASN B 164 -36.72 -19.97 -24.95
CA ASN B 164 -35.46 -20.10 -25.68
C ASN B 164 -34.40 -20.87 -24.90
N ASN B 165 -34.10 -20.44 -23.67
CA ASN B 165 -33.07 -21.10 -22.88
C ASN B 165 -33.38 -20.98 -21.40
N CYS B 166 -32.90 -21.95 -20.64
CA CYS B 166 -32.87 -21.94 -19.18
C CYS B 166 -32.07 -23.13 -18.68
N THR B 167 -31.27 -22.91 -17.65
CA THR B 167 -30.47 -23.96 -17.04
C THR B 167 -31.04 -24.47 -15.73
N PHE B 168 -32.10 -23.84 -15.22
CA PHE B 168 -32.73 -24.24 -13.97
C PHE B 168 -34.02 -25.00 -14.26
N GLU B 169 -34.13 -26.20 -13.68
CA GLU B 169 -35.32 -27.03 -13.85
C GLU B 169 -35.43 -27.94 -12.64
N TYR B 170 -36.40 -27.66 -11.77
CA TYR B 170 -36.58 -28.41 -10.53
C TYR B 170 -37.99 -28.99 -10.49
N VAL B 171 -38.10 -30.24 -10.04
CA VAL B 171 -39.37 -30.92 -9.88
C VAL B 171 -39.51 -31.27 -8.41
N SER B 172 -40.63 -30.84 -7.81
CA SER B 172 -40.88 -31.07 -6.40
C SER B 172 -41.51 -32.46 -6.21
N GLN B 173 -41.95 -32.75 -4.99
CA GLN B 173 -42.59 -34.02 -4.72
C GLN B 173 -43.98 -34.06 -5.37
N PRO B 174 -44.41 -35.23 -5.86
CA PRO B 174 -45.75 -35.33 -6.45
C PRO B 174 -46.83 -35.15 -5.40
N PHE B 175 -47.96 -34.59 -5.85
CA PHE B 175 -49.11 -34.37 -4.99
C PHE B 175 -50.38 -34.71 -5.77
N LEU B 176 -51.42 -35.08 -5.02
CA LEU B 176 -52.71 -35.44 -5.61
C LEU B 176 -53.66 -34.26 -5.48
N MET B 177 -54.18 -33.80 -6.62
CA MET B 177 -55.07 -32.65 -6.69
C MET B 177 -56.46 -33.09 -7.11
N ASP B 178 -57.48 -32.46 -6.54
CA ASP B 178 -58.88 -32.75 -6.86
C ASP B 178 -59.34 -31.76 -7.92
N LEU B 179 -59.82 -32.29 -9.04
CA LEU B 179 -60.25 -31.46 -10.16
C LEU B 179 -61.72 -31.06 -10.09
N GLU B 180 -62.47 -31.57 -9.12
CA GLU B 180 -63.90 -31.27 -9.00
C GLU B 180 -64.08 -29.96 -8.23
N GLY B 181 -64.93 -29.08 -8.76
CA GLY B 181 -65.23 -27.81 -8.14
C GLY B 181 -66.67 -27.77 -7.67
N LYS B 182 -66.88 -27.17 -6.50
CA LYS B 182 -68.21 -27.06 -5.89
C LYS B 182 -68.44 -25.61 -5.45
N GLN B 183 -69.65 -25.35 -4.95
CA GLN B 183 -70.02 -24.04 -4.44
C GLN B 183 -70.34 -24.07 -2.95
N GLY B 184 -69.92 -25.11 -2.25
CA GLY B 184 -70.20 -25.24 -0.83
C GLY B 184 -69.20 -24.51 0.04
N ASN B 185 -69.32 -24.75 1.33
CA ASN B 185 -68.43 -24.12 2.30
C ASN B 185 -67.03 -24.71 2.22
N PHE B 186 -66.05 -23.91 2.62
CA PHE B 186 -64.65 -24.33 2.59
C PHE B 186 -64.33 -25.25 3.75
N LYS B 187 -63.36 -26.13 3.54
CA LYS B 187 -62.95 -27.09 4.55
C LYS B 187 -61.46 -27.07 4.86
N ASN B 188 -60.66 -26.30 4.14
CA ASN B 188 -59.22 -26.25 4.35
C ASN B 188 -58.71 -24.83 4.18
N LEU B 189 -57.57 -24.55 4.80
CA LEU B 189 -56.91 -23.25 4.71
C LEU B 189 -55.48 -23.47 4.23
N ARG B 190 -55.08 -22.69 3.22
CA ARG B 190 -53.75 -22.78 2.64
C ARG B 190 -53.04 -21.44 2.78
N GLU B 191 -51.77 -21.49 3.15
CA GLU B 191 -50.95 -20.30 3.35
C GLU B 191 -49.68 -20.43 2.53
N PHE B 192 -49.29 -19.34 1.86
CA PHE B 192 -48.08 -19.31 1.06
C PHE B 192 -47.34 -18.00 1.32
N VAL B 193 -46.04 -18.10 1.58
CA VAL B 193 -45.19 -16.96 1.85
C VAL B 193 -44.02 -16.99 0.87
N PHE B 194 -43.82 -15.90 0.13
CA PHE B 194 -42.76 -15.79 -0.84
C PHE B 194 -41.78 -14.71 -0.39
N LYS B 195 -40.50 -15.06 -0.34
CA LYS B 195 -39.45 -14.16 0.12
C LYS B 195 -38.28 -14.19 -0.85
N ASN B 196 -37.40 -13.19 -0.73
CA ASN B 196 -36.22 -13.09 -1.59
C ASN B 196 -35.11 -12.42 -0.78
N ILE B 197 -34.22 -13.23 -0.22
CA ILE B 197 -33.04 -12.75 0.51
C ILE B 197 -31.81 -13.34 -0.15
N ASP B 198 -30.85 -12.46 -0.51
CA ASP B 198 -29.52 -12.81 -1.03
C ASP B 198 -29.66 -13.32 -2.46
N GLY B 199 -30.90 -13.53 -2.92
CA GLY B 199 -31.18 -14.20 -4.16
C GLY B 199 -31.85 -15.55 -3.97
N TYR B 200 -31.84 -16.10 -2.76
CA TYR B 200 -32.51 -17.36 -2.49
C TYR B 200 -34.01 -17.15 -2.38
N PHE B 201 -34.77 -18.12 -2.87
CA PHE B 201 -36.23 -18.08 -2.83
C PHE B 201 -36.73 -18.92 -1.67
N LYS B 202 -37.65 -18.35 -0.89
CA LYS B 202 -38.19 -19.01 0.29
C LYS B 202 -39.69 -19.20 0.12
N ILE B 203 -40.16 -20.42 0.36
CA ILE B 203 -41.58 -20.76 0.28
C ILE B 203 -41.98 -21.43 1.58
N TYR B 204 -42.95 -20.84 2.28
CA TYR B 204 -43.46 -21.37 3.54
C TYR B 204 -44.93 -21.75 3.35
N SER B 205 -45.26 -23.01 3.68
CA SER B 205 -46.62 -23.49 3.49
C SER B 205 -46.95 -24.54 4.56
N LYS B 206 -48.22 -24.58 4.94
CA LYS B 206 -48.74 -25.60 5.84
C LYS B 206 -50.24 -25.67 5.67
N HIS B 207 -50.78 -26.90 5.67
CA HIS B 207 -52.21 -27.11 5.52
C HIS B 207 -52.89 -27.12 6.88
N THR B 208 -53.96 -26.33 7.01
CA THR B 208 -54.71 -26.21 8.25
C THR B 208 -56.19 -26.37 7.95
N PRO B 209 -56.89 -27.29 8.61
CA PRO B 209 -58.33 -27.45 8.34
C PRO B 209 -59.19 -26.53 9.18
N ILE B 210 -60.14 -25.85 8.54
CA ILE B 210 -61.07 -24.97 9.23
C ILE B 210 -62.38 -24.96 8.45
N ASN B 211 -63.46 -24.60 9.14
CA ASN B 211 -64.81 -24.55 8.56
C ASN B 211 -65.32 -23.12 8.65
N LEU B 212 -64.97 -22.30 7.67
CA LEU B 212 -65.41 -20.91 7.63
C LEU B 212 -65.26 -20.39 6.21
N VAL B 213 -65.91 -19.25 5.95
CA VAL B 213 -65.83 -18.58 4.66
C VAL B 213 -64.98 -17.32 4.74
N ARG B 214 -65.32 -16.42 5.66
CA ARG B 214 -64.54 -15.21 5.92
C ARG B 214 -64.36 -15.06 7.42
N ASP B 215 -63.68 -13.99 7.82
CA ASP B 215 -63.41 -13.68 9.23
C ASP B 215 -62.66 -14.82 9.91
N LEU B 216 -61.42 -15.00 9.46
CA LEU B 216 -60.59 -16.13 9.89
C LEU B 216 -60.40 -16.11 11.40
N PRO B 217 -60.38 -17.28 12.05
CA PRO B 217 -60.27 -17.31 13.51
C PRO B 217 -58.89 -16.86 13.99
N GLN B 218 -58.83 -16.55 15.28
CA GLN B 218 -57.61 -16.06 15.92
C GLN B 218 -56.64 -17.16 16.30
N GLY B 219 -56.81 -18.37 15.76
CA GLY B 219 -55.87 -19.44 16.05
C GLY B 219 -54.52 -19.20 15.42
N PHE B 220 -53.52 -19.89 15.96
CA PHE B 220 -52.14 -19.73 15.54
C PHE B 220 -51.66 -21.00 14.84
N SER B 221 -50.87 -20.80 13.79
CA SER B 221 -50.30 -21.92 13.03
C SER B 221 -49.06 -21.43 12.32
N ALA B 222 -47.89 -21.97 12.68
CA ALA B 222 -46.66 -21.57 12.04
C ALA B 222 -46.56 -22.16 10.63
N LEU B 223 -45.64 -21.63 9.83
CA LEU B 223 -45.44 -22.06 8.46
C LEU B 223 -44.02 -22.55 8.29
N GLU B 224 -43.87 -23.82 7.92
CA GLU B 224 -42.55 -24.43 7.72
C GLU B 224 -42.09 -24.21 6.27
N PRO B 225 -40.80 -23.98 6.06
CA PRO B 225 -40.28 -23.87 4.69
C PRO B 225 -40.42 -25.17 3.92
N LEU B 226 -40.81 -25.05 2.65
CA LEU B 226 -41.01 -26.22 1.80
C LEU B 226 -40.04 -26.24 0.63
N VAL B 227 -39.97 -25.17 -0.16
CA VAL B 227 -39.19 -25.14 -1.39
C VAL B 227 -38.18 -24.00 -1.29
N ASP B 228 -36.91 -24.30 -1.55
CA ASP B 228 -35.84 -23.32 -1.50
C ASP B 228 -34.98 -23.45 -2.75
N LEU B 229 -34.88 -22.38 -3.53
CA LEU B 229 -34.18 -22.39 -4.81
C LEU B 229 -33.24 -21.20 -4.95
N PRO B 230 -32.01 -21.43 -5.45
CA PRO B 230 -31.01 -20.36 -5.69
C PRO B 230 -31.08 -19.76 -7.09
N ILE B 231 -32.06 -18.89 -7.33
CA ILE B 231 -32.30 -18.32 -8.65
C ILE B 231 -31.99 -16.82 -8.61
N GLY B 232 -31.25 -16.34 -9.60
CA GLY B 232 -30.96 -14.92 -9.72
C GLY B 232 -32.08 -14.14 -10.39
N ILE B 233 -33.17 -13.89 -9.65
CA ILE B 233 -34.32 -13.16 -10.17
C ILE B 233 -34.52 -11.91 -9.33
N ASN B 234 -35.24 -10.94 -9.90
CA ASN B 234 -35.57 -9.71 -9.19
C ASN B 234 -37.05 -9.60 -8.85
N ILE B 235 -37.92 -10.14 -9.71
CA ILE B 235 -39.38 -10.28 -9.55
C ILE B 235 -40.05 -9.11 -8.83
N THR B 236 -40.00 -7.92 -9.45
CA THR B 236 -40.61 -6.74 -8.83
C THR B 236 -42.14 -6.81 -8.82
N ARG B 237 -42.75 -7.75 -9.55
CA ARG B 237 -44.19 -7.86 -9.61
C ARG B 237 -44.56 -9.34 -9.70
N PHE B 238 -45.80 -9.65 -9.33
CA PHE B 238 -46.25 -11.04 -9.36
C PHE B 238 -47.73 -11.09 -9.73
N GLN B 239 -48.17 -12.28 -10.16
CA GLN B 239 -49.53 -12.50 -10.60
C GLN B 239 -49.96 -13.92 -10.23
N THR B 240 -51.18 -14.05 -9.72
CA THR B 240 -51.75 -15.35 -9.40
C THR B 240 -52.60 -15.86 -10.55
N LEU B 241 -52.92 -17.15 -10.50
CA LEU B 241 -53.71 -17.81 -11.54
C LEU B 241 -55.03 -18.29 -10.98
N LEU B 242 -56.08 -18.15 -11.77
CA LEU B 242 -57.41 -18.64 -11.42
C LEU B 242 -57.89 -19.59 -12.51
N ALA B 243 -58.39 -20.76 -12.12
CA ALA B 243 -58.84 -21.78 -13.04
C ALA B 243 -60.36 -21.87 -12.99
N LEU B 244 -60.98 -21.86 -14.16
CA LEU B 244 -62.44 -21.99 -14.29
C LEU B 244 -62.81 -23.39 -14.77
N HIS B 245 -64.10 -23.62 -14.91
CA HIS B 245 -64.63 -24.91 -15.34
C HIS B 245 -65.45 -24.74 -16.61
N ARG B 246 -65.37 -25.74 -17.48
CA ARG B 246 -66.10 -25.76 -18.75
C ARG B 246 -67.10 -26.92 -18.68
N SER B 247 -68.30 -26.63 -18.20
CA SER B 247 -69.35 -27.61 -18.06
C SER B 247 -70.35 -27.47 -19.21
N TYR B 248 -71.44 -28.23 -19.15
CA TYR B 248 -72.45 -28.18 -20.20
C TYR B 248 -73.29 -26.92 -20.12
N LEU B 249 -73.30 -26.22 -18.98
CA LEU B 249 -74.06 -24.98 -18.87
C LEU B 249 -73.43 -23.88 -19.71
N THR B 250 -72.11 -23.73 -19.63
CA THR B 250 -71.41 -22.74 -20.43
C THR B 250 -71.34 -23.18 -21.88
N PRO B 251 -71.38 -22.25 -22.83
CA PRO B 251 -71.24 -22.61 -24.25
C PRO B 251 -69.90 -23.22 -24.60
N GLY B 252 -68.86 -22.98 -23.81
CA GLY B 252 -67.54 -23.52 -24.06
C GLY B 252 -66.52 -22.53 -24.55
N ASP B 253 -66.87 -21.25 -24.66
CA ASP B 253 -65.94 -20.21 -25.08
C ASP B 253 -65.56 -19.34 -23.89
N SER B 254 -64.28 -19.04 -23.80
CA SER B 254 -63.77 -18.18 -22.71
C SER B 254 -63.85 -16.70 -23.13
N SER B 255 -65.09 -16.24 -23.31
CA SER B 255 -65.35 -14.84 -23.64
C SER B 255 -66.20 -14.15 -22.59
N SER B 256 -67.37 -14.70 -22.24
CA SER B 256 -68.26 -14.10 -21.27
C SER B 256 -68.82 -15.06 -20.24
N GLY B 257 -68.86 -16.37 -20.52
CA GLY B 257 -69.46 -17.32 -19.60
C GLY B 257 -68.51 -18.36 -19.07
N TRP B 258 -68.31 -18.37 -17.75
CA TRP B 258 -67.46 -19.36 -17.10
C TRP B 258 -67.89 -19.53 -15.66
N THR B 259 -67.56 -20.68 -15.09
CA THR B 259 -67.81 -20.98 -13.68
C THR B 259 -66.47 -21.19 -13.00
N ALA B 260 -66.19 -20.39 -11.97
CA ALA B 260 -64.92 -20.44 -11.24
C ALA B 260 -65.05 -21.13 -9.89
N GLY B 261 -66.19 -21.73 -9.59
CA GLY B 261 -66.35 -22.38 -8.30
C GLY B 261 -66.47 -21.36 -7.19
N ALA B 262 -65.87 -21.68 -6.04
CA ALA B 262 -65.88 -20.79 -4.88
C ALA B 262 -64.46 -20.69 -4.34
N ALA B 263 -63.84 -19.53 -4.53
CA ALA B 263 -62.47 -19.30 -4.07
C ALA B 263 -62.35 -17.91 -3.50
N ALA B 264 -61.40 -17.75 -2.58
CA ALA B 264 -61.12 -16.46 -1.95
C ALA B 264 -59.70 -16.48 -1.43
N TYR B 265 -58.87 -15.58 -1.96
CA TYR B 265 -57.46 -15.51 -1.58
C TYR B 265 -57.10 -14.10 -1.14
N TYR B 266 -56.16 -14.02 -0.19
CA TYR B 266 -55.70 -12.75 0.36
C TYR B 266 -54.23 -12.55 0.02
N VAL B 267 -53.86 -11.31 -0.26
CA VAL B 267 -52.49 -10.95 -0.61
C VAL B 267 -51.96 -10.02 0.47
N GLY B 268 -51.07 -10.54 1.31
CA GLY B 268 -50.47 -9.76 2.37
C GLY B 268 -49.11 -9.20 1.98
N TYR B 269 -48.64 -8.24 2.78
CA TYR B 269 -47.35 -7.60 2.57
C TYR B 269 -46.54 -7.72 3.85
N LEU B 270 -45.39 -8.39 3.76
CA LEU B 270 -44.51 -8.54 4.90
C LEU B 270 -43.77 -7.24 5.17
N GLN B 271 -43.53 -6.96 6.46
CA GLN B 271 -42.86 -5.74 6.88
C GLN B 271 -41.72 -6.10 7.83
N PRO B 272 -40.64 -5.29 7.83
CA PRO B 272 -39.52 -5.57 8.74
C PRO B 272 -39.86 -5.21 10.18
N ARG B 273 -40.58 -6.10 10.85
CA ARG B 273 -41.00 -5.91 12.23
C ARG B 273 -40.37 -6.97 13.12
N THR B 274 -39.86 -6.54 14.27
CA THR B 274 -39.29 -7.48 15.23
C THR B 274 -40.39 -8.31 15.85
N PHE B 275 -40.17 -9.63 15.92
CA PHE B 275 -41.17 -10.57 16.41
C PHE B 275 -40.57 -11.43 17.51
N LEU B 276 -41.35 -11.63 18.57
CA LEU B 276 -40.98 -12.53 19.66
C LEU B 276 -41.73 -13.85 19.48
N LEU B 277 -40.99 -14.94 19.37
CA LEU B 277 -41.56 -16.25 19.09
C LEU B 277 -41.52 -17.11 20.35
N LYS B 278 -42.62 -17.81 20.61
CA LYS B 278 -42.73 -18.70 21.76
C LYS B 278 -42.60 -20.15 21.30
N TYR B 279 -41.68 -20.88 21.91
CA TYR B 279 -41.42 -22.28 21.57
C TYR B 279 -41.80 -23.16 22.75
N ASN B 280 -42.37 -24.33 22.44
CA ASN B 280 -42.77 -25.30 23.44
C ASN B 280 -41.67 -26.36 23.60
N GLU B 281 -41.96 -27.39 24.39
CA GLU B 281 -40.99 -28.47 24.59
C GLU B 281 -40.82 -29.30 23.33
N ASN B 282 -41.88 -29.46 22.54
CA ASN B 282 -41.78 -30.24 21.31
C ASN B 282 -40.90 -29.55 20.28
N GLY B 283 -41.00 -28.23 20.16
CA GLY B 283 -40.15 -27.48 19.25
C GLY B 283 -40.89 -26.81 18.12
N THR B 284 -42.13 -26.38 18.37
CA THR B 284 -42.94 -25.69 17.37
C THR B 284 -43.41 -24.36 17.93
N ILE B 285 -43.63 -23.40 17.03
CA ILE B 285 -44.06 -22.07 17.43
C ILE B 285 -45.53 -22.11 17.85
N THR B 286 -45.82 -21.57 19.03
CA THR B 286 -47.17 -21.55 19.57
C THR B 286 -47.80 -20.17 19.54
N ASP B 287 -47.07 -19.13 19.94
CA ASP B 287 -47.59 -17.77 19.97
C ASP B 287 -46.51 -16.81 19.47
N ALA B 288 -46.95 -15.66 18.99
CA ALA B 288 -46.05 -14.61 18.52
C ALA B 288 -46.51 -13.27 19.07
N VAL B 289 -45.54 -12.41 19.36
CA VAL B 289 -45.79 -11.07 19.89
C VAL B 289 -44.99 -10.07 19.07
N ASP B 290 -45.68 -9.06 18.52
CA ASP B 290 -45.02 -8.03 17.74
C ASP B 290 -44.39 -6.98 18.66
N CYS B 291 -43.53 -6.15 18.07
CA CYS B 291 -42.86 -5.08 18.81
C CYS B 291 -43.21 -3.69 18.30
N ALA B 292 -44.04 -3.57 17.26
CA ALA B 292 -44.38 -2.27 16.71
C ALA B 292 -45.86 -2.15 16.41
N LEU B 293 -46.71 -2.81 17.21
CA LEU B 293 -48.16 -2.75 17.03
C LEU B 293 -48.86 -2.12 18.22
N ASP B 294 -48.59 -2.60 19.43
CA ASP B 294 -49.22 -2.10 20.63
C ASP B 294 -48.18 -1.84 21.70
N PRO B 295 -48.39 -0.82 22.54
CA PRO B 295 -47.48 -0.63 23.69
C PRO B 295 -47.46 -1.81 24.64
N LEU B 296 -48.58 -2.52 24.80
CA LEU B 296 -48.57 -3.76 25.58
C LEU B 296 -47.69 -4.82 24.93
N SER B 297 -47.78 -4.96 23.61
CA SER B 297 -46.93 -5.90 22.89
C SER B 297 -45.46 -5.48 22.96
N GLU B 298 -45.20 -4.17 22.90
CA GLU B 298 -43.82 -3.68 23.03
C GLU B 298 -43.27 -3.98 24.41
N THR B 299 -44.09 -3.81 25.46
CA THR B 299 -43.67 -4.14 26.81
C THR B 299 -43.42 -5.65 26.96
N LYS B 300 -44.27 -6.46 26.33
CA LYS B 300 -44.10 -7.91 26.39
C LYS B 300 -42.81 -8.34 25.69
N CYS B 301 -42.51 -7.76 24.53
CA CYS B 301 -41.36 -8.17 23.75
C CYS B 301 -40.07 -7.45 24.13
N THR B 302 -40.14 -6.43 25.00
CA THR B 302 -38.94 -5.77 25.48
C THR B 302 -38.39 -6.38 26.76
N LEU B 303 -39.12 -7.30 27.39
CA LEU B 303 -38.66 -8.00 28.58
C LEU B 303 -38.41 -9.48 28.33
N LYS B 304 -38.65 -9.96 27.10
CA LYS B 304 -38.49 -11.37 26.72
C LYS B 304 -39.32 -12.29 27.61
N SER B 305 -40.54 -11.84 27.94
CA SER B 305 -41.46 -12.62 28.75
C SER B 305 -42.88 -12.39 28.25
N PHE B 306 -43.69 -13.44 28.27
CA PHE B 306 -45.07 -13.37 27.79
C PHE B 306 -46.03 -12.84 28.84
N THR B 307 -45.58 -12.59 30.06
CA THR B 307 -46.42 -12.06 31.12
C THR B 307 -45.86 -10.74 31.63
N VAL B 308 -46.74 -9.94 32.22
CA VAL B 308 -46.37 -8.62 32.75
C VAL B 308 -47.03 -8.45 34.10
N GLU B 309 -46.30 -7.86 35.04
CA GLU B 309 -46.80 -7.60 36.38
C GLU B 309 -47.01 -6.10 36.58
N LYS B 310 -47.39 -5.73 37.80
CA LYS B 310 -47.65 -4.34 38.11
C LYS B 310 -46.35 -3.55 38.17
N GLY B 311 -46.41 -2.29 37.72
CA GLY B 311 -45.27 -1.41 37.72
C GLY B 311 -45.19 -0.66 36.41
N ILE B 312 -44.08 0.07 36.24
CA ILE B 312 -43.82 0.82 35.02
C ILE B 312 -42.59 0.22 34.35
N TYR B 313 -42.51 0.39 33.02
CA TYR B 313 -41.44 -0.20 32.23
C TYR B 313 -40.98 0.80 31.17
N GLN B 314 -39.67 0.83 30.92
CA GLN B 314 -39.09 1.66 29.88
C GLN B 314 -38.96 0.82 28.61
N THR B 315 -39.82 1.10 27.62
CA THR B 315 -39.84 0.31 26.39
C THR B 315 -38.88 0.87 25.35
N SER B 316 -38.97 2.17 25.05
CA SER B 316 -38.13 2.80 24.04
C SER B 316 -38.01 4.28 24.36
N ASN B 317 -37.49 5.04 23.41
CA ASN B 317 -37.27 6.47 23.57
C ASN B 317 -38.16 7.24 22.61
N PHE B 318 -38.40 8.51 22.95
CA PHE B 318 -39.24 9.40 22.16
C PHE B 318 -38.37 10.50 21.57
N ARG B 319 -38.46 10.68 20.26
CA ARG B 319 -37.64 11.66 19.55
C ARG B 319 -38.51 12.42 18.56
N VAL B 320 -38.26 13.72 18.44
CA VAL B 320 -38.95 14.58 17.49
C VAL B 320 -38.01 14.81 16.31
N GLN B 321 -38.37 14.24 15.16
CA GLN B 321 -37.53 14.37 13.97
C GLN B 321 -37.69 15.76 13.37
N PRO B 322 -36.61 16.32 12.82
CA PRO B 322 -36.72 17.61 12.12
C PRO B 322 -37.56 17.49 10.85
N THR B 323 -38.25 18.57 10.52
CA THR B 323 -39.14 18.60 9.37
C THR B 323 -38.68 19.52 8.26
N GLU B 324 -38.12 20.68 8.59
CA GLU B 324 -37.76 21.69 7.63
C GLU B 324 -36.31 22.13 7.83
N SER B 325 -35.55 22.18 6.73
CA SER B 325 -34.17 22.63 6.75
C SER B 325 -34.09 23.99 6.09
N ILE B 326 -33.59 24.98 6.83
CA ILE B 326 -33.44 26.35 6.34
C ILE B 326 -32.01 26.80 6.57
N VAL B 327 -31.45 27.51 5.60
CA VAL B 327 -30.14 28.14 5.71
C VAL B 327 -30.35 29.66 5.61
N ARG B 328 -29.61 30.40 6.43
CA ARG B 328 -29.66 31.85 6.43
C ARG B 328 -28.25 32.39 6.30
N PHE B 329 -28.05 33.31 5.36
CA PHE B 329 -26.75 33.83 5.00
C PHE B 329 -26.88 35.33 4.73
N PRO B 330 -25.77 36.09 4.73
CA PRO B 330 -25.87 37.53 4.41
C PRO B 330 -26.48 37.78 3.05
N ASN B 331 -27.34 38.80 2.99
CA ASN B 331 -28.12 39.12 1.79
C ASN B 331 -27.51 40.26 0.98
N ILE B 332 -26.46 40.91 1.48
CA ILE B 332 -25.84 42.01 0.74
C ILE B 332 -24.98 41.51 -0.41
N THR B 333 -24.70 40.21 -0.48
CA THR B 333 -23.93 39.63 -1.57
C THR B 333 -24.83 39.58 -2.81
N ASN B 334 -24.93 40.73 -3.47
CA ASN B 334 -25.79 40.85 -4.64
C ASN B 334 -25.16 40.12 -5.83
N LEU B 335 -26.00 39.87 -6.85
CA LEU B 335 -25.52 39.25 -8.07
C LEU B 335 -24.55 40.18 -8.78
N CYS B 336 -23.45 39.62 -9.28
CA CYS B 336 -22.47 40.41 -10.00
C CYS B 336 -23.06 40.92 -11.32
N PRO B 337 -22.58 42.07 -11.82
CA PRO B 337 -23.24 42.70 -12.97
C PRO B 337 -22.92 42.07 -14.32
N PHE B 338 -22.45 40.81 -14.32
CA PHE B 338 -22.12 40.12 -15.56
C PHE B 338 -23.31 39.95 -16.50
N GLY B 339 -24.54 40.18 -16.03
CA GLY B 339 -25.70 40.12 -16.88
C GLY B 339 -25.84 41.30 -17.83
N GLU B 340 -24.96 42.30 -17.74
CA GLU B 340 -24.99 43.41 -18.69
C GLU B 340 -24.65 42.94 -20.10
N VAL B 341 -23.85 41.88 -20.22
CA VAL B 341 -23.56 41.32 -21.53
C VAL B 341 -24.74 40.50 -22.06
N PHE B 342 -25.68 40.13 -21.20
CA PHE B 342 -26.90 39.47 -21.67
C PHE B 342 -27.89 40.50 -22.20
N ASN B 343 -28.17 41.53 -21.40
CA ASN B 343 -29.02 42.65 -21.82
C ASN B 343 -28.19 43.78 -22.42
N ALA B 344 -27.35 43.44 -23.39
CA ALA B 344 -26.44 44.41 -23.98
C ALA B 344 -27.12 45.20 -25.09
N THR B 345 -26.76 46.49 -25.18
CA THR B 345 -27.28 47.32 -26.26
C THR B 345 -26.77 46.85 -27.61
N ARG B 346 -25.51 46.42 -27.67
CA ARG B 346 -24.90 45.92 -28.90
C ARG B 346 -24.17 44.62 -28.60
N PHE B 347 -24.02 43.79 -29.63
CA PHE B 347 -23.35 42.50 -29.52
C PHE B 347 -22.15 42.46 -30.44
N ALA B 348 -21.13 41.71 -30.03
CA ALA B 348 -19.90 41.59 -30.81
C ALA B 348 -20.14 40.77 -32.06
N SER B 349 -19.21 40.88 -33.00
CA SER B 349 -19.30 40.16 -34.27
C SER B 349 -18.97 38.69 -34.06
N VAL B 350 -19.18 37.90 -35.11
CA VAL B 350 -18.93 36.46 -35.04
C VAL B 350 -17.44 36.19 -34.93
N TYR B 351 -16.63 36.85 -35.76
CA TYR B 351 -15.19 36.63 -35.71
C TYR B 351 -14.55 37.28 -34.50
N ALA B 352 -14.95 38.51 -34.19
CA ALA B 352 -14.40 39.25 -33.06
C ALA B 352 -15.33 39.18 -31.86
N TRP B 353 -15.50 37.97 -31.33
CA TRP B 353 -16.38 37.76 -30.19
C TRP B 353 -15.69 38.23 -28.91
N ASN B 354 -16.39 39.06 -28.14
CA ASN B 354 -15.83 39.60 -26.92
C ASN B 354 -15.71 38.53 -25.85
N ARG B 355 -14.64 38.59 -25.07
CA ARG B 355 -14.40 37.66 -23.98
C ARG B 355 -14.50 38.40 -22.65
N LYS B 356 -15.35 37.90 -21.76
CA LYS B 356 -15.59 38.52 -20.47
C LYS B 356 -15.19 37.56 -19.36
N ARG B 357 -14.51 38.10 -18.34
CA ARG B 357 -14.06 37.32 -17.19
C ARG B 357 -14.86 37.72 -15.96
N ILE B 358 -15.42 36.73 -15.28
CA ILE B 358 -16.23 36.94 -14.09
C ILE B 358 -15.46 36.40 -12.90
N SER B 359 -15.22 37.27 -11.91
CA SER B 359 -14.48 36.87 -10.72
C SER B 359 -14.90 37.74 -9.55
N ASN B 360 -14.65 37.22 -8.34
CA ASN B 360 -14.94 37.91 -7.08
C ASN B 360 -16.41 38.30 -6.97
N CYS B 361 -17.28 37.35 -7.26
CA CYS B 361 -18.72 37.59 -7.17
C CYS B 361 -19.42 36.27 -6.88
N VAL B 362 -20.74 36.28 -6.94
CA VAL B 362 -21.57 35.09 -6.74
C VAL B 362 -22.60 35.05 -7.87
N ALA B 363 -22.69 33.91 -8.56
CA ALA B 363 -23.57 33.75 -9.70
C ALA B 363 -24.69 32.77 -9.36
N ASP B 364 -25.94 33.19 -9.59
CA ASP B 364 -27.10 32.34 -9.38
C ASP B 364 -27.50 31.73 -10.71
N TYR B 365 -27.55 30.40 -10.76
CA TYR B 365 -27.83 29.67 -11.99
C TYR B 365 -29.31 29.36 -12.18
N SER B 366 -30.17 29.74 -11.23
CA SER B 366 -31.59 29.45 -11.31
C SER B 366 -32.42 30.62 -11.83
N VAL B 367 -31.97 31.85 -11.62
CA VAL B 367 -32.72 33.01 -12.10
C VAL B 367 -32.71 33.06 -13.63
N LEU B 368 -31.54 32.84 -14.24
CA LEU B 368 -31.46 32.84 -15.70
C LEU B 368 -32.15 31.63 -16.31
N TYR B 369 -32.19 30.51 -15.59
CA TYR B 369 -32.86 29.32 -16.10
C TYR B 369 -34.38 29.51 -16.15
N ASN B 370 -34.94 30.23 -15.17
CA ASN B 370 -36.37 30.45 -15.08
C ASN B 370 -36.82 31.69 -15.84
N SER B 371 -36.01 32.19 -16.77
CA SER B 371 -36.39 33.35 -17.57
C SER B 371 -37.43 33.02 -18.63
N ALA B 372 -37.59 31.73 -18.95
CA ALA B 372 -38.56 31.26 -19.95
C ALA B 372 -38.34 31.89 -21.32
N SER B 373 -37.08 32.16 -21.67
CA SER B 373 -36.74 32.73 -22.96
C SER B 373 -35.56 32.08 -23.65
N PHE B 374 -34.76 31.28 -22.96
CA PHE B 374 -33.58 30.67 -23.56
C PHE B 374 -33.96 29.34 -24.20
N SER B 375 -33.57 29.18 -25.47
CA SER B 375 -33.97 28.03 -26.27
C SER B 375 -32.86 26.99 -26.41
N THR B 376 -31.75 27.15 -25.70
CA THR B 376 -30.63 26.21 -25.78
C THR B 376 -30.01 26.07 -24.40
N PHE B 377 -30.17 24.90 -23.78
CA PHE B 377 -29.60 24.64 -22.47
C PHE B 377 -29.03 23.23 -22.37
N LYS B 378 -28.57 22.67 -23.48
CA LYS B 378 -27.97 21.34 -23.48
C LYS B 378 -26.53 21.43 -22.97
N CYS B 379 -26.25 20.81 -21.83
CA CYS B 379 -24.95 20.92 -21.17
C CYS B 379 -24.37 19.54 -20.96
N TYR B 380 -23.10 19.37 -21.32
CA TYR B 380 -22.40 18.09 -21.28
C TYR B 380 -21.32 18.13 -20.20
N GLY B 381 -21.32 17.11 -19.34
CA GLY B 381 -20.37 17.03 -18.25
C GLY B 381 -20.83 17.68 -16.95
N VAL B 382 -21.86 18.54 -17.02
CA VAL B 382 -22.39 19.21 -15.85
C VAL B 382 -23.91 19.12 -15.89
N SER B 383 -24.52 19.32 -14.73
CA SER B 383 -25.97 19.27 -14.60
C SER B 383 -26.47 20.54 -13.94
N PRO B 384 -27.65 21.04 -14.33
CA PRO B 384 -28.18 22.25 -13.68
C PRO B 384 -28.43 22.08 -12.20
N THR B 385 -28.83 20.89 -11.76
CA THR B 385 -29.03 20.66 -10.33
C THR B 385 -27.70 20.62 -9.58
N LYS B 386 -26.66 20.05 -10.21
CA LYS B 386 -25.35 19.94 -9.60
C LYS B 386 -24.45 21.14 -9.89
N LEU B 387 -24.93 22.10 -10.69
CA LEU B 387 -24.12 23.28 -10.98
C LEU B 387 -23.97 24.16 -9.75
N ASN B 388 -25.03 24.27 -8.93
CA ASN B 388 -25.00 25.12 -7.75
C ASN B 388 -24.14 24.55 -6.62
N ASP B 389 -23.76 23.28 -6.69
CA ASP B 389 -22.96 22.66 -5.63
C ASP B 389 -21.46 22.87 -5.86
N LEU B 390 -20.95 22.41 -6.99
CA LEU B 390 -19.54 22.56 -7.32
C LEU B 390 -19.28 23.90 -8.00
N CYS B 391 -18.00 24.30 -8.01
CA CYS B 391 -17.59 25.52 -8.66
C CYS B 391 -16.23 25.32 -9.32
N PHE B 392 -15.75 26.37 -9.97
CA PHE B 392 -14.52 26.33 -10.77
C PHE B 392 -13.66 27.53 -10.41
N THR B 393 -12.48 27.61 -11.05
CA THR B 393 -11.56 28.70 -10.76
C THR B 393 -12.08 30.03 -11.34
N ASN B 394 -12.57 30.00 -12.58
CA ASN B 394 -13.01 31.21 -13.24
C ASN B 394 -14.10 30.86 -14.25
N VAL B 395 -14.94 31.85 -14.55
CA VAL B 395 -16.02 31.72 -15.51
C VAL B 395 -15.78 32.70 -16.65
N TYR B 396 -15.79 32.20 -17.88
CA TYR B 396 -15.55 33.00 -19.07
C TYR B 396 -16.86 33.17 -19.84
N ALA B 397 -17.15 34.41 -20.24
CA ALA B 397 -18.36 34.74 -20.96
C ALA B 397 -18.01 35.28 -22.34
N ASP B 398 -18.63 34.71 -23.38
CA ASP B 398 -18.43 35.15 -24.75
C ASP B 398 -19.79 35.43 -25.38
N SER B 399 -19.93 36.60 -26.01
CA SER B 399 -21.19 37.05 -26.57
C SER B 399 -21.03 37.33 -28.06
N PHE B 400 -21.99 36.86 -28.85
CA PHE B 400 -22.03 37.11 -30.30
C PHE B 400 -23.45 36.80 -30.77
N VAL B 401 -23.70 37.11 -32.04
CA VAL B 401 -24.99 36.86 -32.67
C VAL B 401 -24.78 35.89 -33.83
N ILE B 402 -25.49 34.76 -33.79
CA ILE B 402 -25.38 33.70 -34.77
C ILE B 402 -26.77 33.15 -35.04
N ARG B 403 -27.06 32.83 -36.30
CA ARG B 403 -28.38 32.36 -36.72
C ARG B 403 -28.78 31.08 -36.00
N GLY B 404 -30.09 30.80 -36.02
CA GLY B 404 -30.62 29.66 -35.28
C GLY B 404 -30.20 28.32 -35.83
N ASP B 405 -30.10 28.21 -37.17
CA ASP B 405 -29.66 26.95 -37.77
C ASP B 405 -28.21 26.65 -37.45
N GLU B 406 -27.40 27.68 -37.20
CA GLU B 406 -26.00 27.53 -36.85
C GLU B 406 -25.78 27.51 -35.33
N VAL B 407 -26.85 27.53 -34.54
CA VAL B 407 -26.72 27.46 -33.09
C VAL B 407 -26.15 26.11 -32.67
N ARG B 408 -26.56 25.04 -33.33
CA ARG B 408 -26.04 23.70 -33.02
C ARG B 408 -24.59 23.54 -33.42
N GLN B 409 -24.06 24.42 -34.29
CA GLN B 409 -22.69 24.29 -34.75
C GLN B 409 -21.65 24.72 -33.70
N ILE B 410 -22.07 25.37 -32.62
CA ILE B 410 -21.14 25.75 -31.56
C ILE B 410 -20.74 24.57 -30.68
N ALA B 411 -21.39 23.42 -30.85
CA ALA B 411 -20.99 22.23 -30.12
C ALA B 411 -19.60 21.78 -30.55
N PRO B 412 -18.83 21.20 -29.63
CA PRO B 412 -17.45 20.78 -29.97
C PRO B 412 -17.38 19.75 -31.09
N GLY B 413 -18.35 18.86 -31.19
CA GLY B 413 -18.34 17.85 -32.23
C GLY B 413 -19.06 18.27 -33.49
N GLN B 414 -18.70 19.44 -34.02
CA GLN B 414 -19.31 19.97 -35.23
C GLN B 414 -18.24 20.47 -36.19
N THR B 415 -18.55 20.41 -37.48
CA THR B 415 -17.69 20.90 -38.54
C THR B 415 -18.45 21.90 -39.40
N GLY B 416 -17.71 22.83 -40.00
CA GLY B 416 -18.32 23.81 -40.87
C GLY B 416 -17.41 25.02 -41.04
N LYS B 417 -17.99 26.09 -41.58
CA LYS B 417 -17.26 27.32 -41.81
C LYS B 417 -17.04 28.13 -40.55
N ILE B 418 -17.75 27.83 -39.47
CA ILE B 418 -17.60 28.51 -38.19
C ILE B 418 -17.00 27.61 -37.12
N ALA B 419 -17.45 26.35 -37.06
CA ALA B 419 -16.96 25.39 -36.08
C ALA B 419 -15.51 24.99 -36.32
N ASP B 420 -14.93 25.32 -37.47
CA ASP B 420 -13.53 25.00 -37.75
C ASP B 420 -12.68 26.22 -38.08
N TYR B 421 -13.27 27.40 -38.27
CA TYR B 421 -12.53 28.59 -38.65
C TYR B 421 -12.71 29.75 -37.69
N ASN B 422 -13.92 29.95 -37.16
CA ASN B 422 -14.21 31.09 -36.30
C ASN B 422 -14.15 30.75 -34.81
N TYR B 423 -14.91 29.74 -34.40
CA TYR B 423 -14.94 29.33 -33.00
C TYR B 423 -14.71 27.82 -32.93
N LYS B 424 -13.77 27.41 -32.08
CA LYS B 424 -13.43 26.02 -31.87
C LYS B 424 -13.58 25.69 -30.39
N LEU B 425 -14.30 24.61 -30.09
CA LEU B 425 -14.50 24.18 -28.72
C LEU B 425 -13.79 22.85 -28.47
N PRO B 426 -13.07 22.73 -27.36
CA PRO B 426 -12.35 21.48 -27.08
C PRO B 426 -13.30 20.34 -26.73
N ASP B 427 -12.78 19.12 -26.86
CA ASP B 427 -13.56 17.94 -26.54
C ASP B 427 -13.86 17.85 -25.04
N ASP B 428 -12.96 18.37 -24.20
CA ASP B 428 -13.14 18.39 -22.76
C ASP B 428 -13.66 19.73 -22.26
N PHE B 429 -14.49 20.40 -23.05
CA PHE B 429 -15.02 21.70 -22.66
C PHE B 429 -16.04 21.54 -21.54
N THR B 430 -15.90 22.36 -20.50
CA THR B 430 -16.82 22.35 -19.37
C THR B 430 -17.74 23.56 -19.48
N GLY B 431 -19.04 23.31 -19.41
CA GLY B 431 -20.04 24.36 -19.53
C GLY B 431 -20.90 24.15 -20.76
N CYS B 432 -21.74 25.15 -21.04
CA CYS B 432 -22.66 25.08 -22.15
C CYS B 432 -23.09 26.48 -22.56
N VAL B 433 -23.61 26.59 -23.77
CA VAL B 433 -23.95 27.88 -24.36
C VAL B 433 -25.37 28.26 -23.98
N ILE B 434 -25.66 29.55 -24.04
CA ILE B 434 -26.98 30.11 -23.77
C ILE B 434 -27.39 30.97 -24.95
N ALA B 435 -28.51 30.62 -25.58
CA ALA B 435 -29.00 31.35 -26.75
C ALA B 435 -30.49 31.61 -26.59
N TRP B 436 -30.96 32.70 -27.21
CA TRP B 436 -32.36 33.06 -27.15
C TRP B 436 -32.72 33.85 -28.41
N ASN B 437 -34.03 33.91 -28.68
CA ASN B 437 -34.51 34.62 -29.86
C ASN B 437 -34.35 36.12 -29.69
N SER B 438 -33.84 36.78 -30.73
CA SER B 438 -33.61 38.22 -30.73
C SER B 438 -34.13 38.82 -32.04
N ASN B 439 -35.35 38.45 -32.42
CA ASN B 439 -35.94 38.95 -33.66
C ASN B 439 -36.25 40.43 -33.57
N ASN B 440 -36.51 40.95 -32.36
CA ASN B 440 -36.82 42.37 -32.21
C ASN B 440 -35.61 43.24 -32.53
N LEU B 441 -34.43 42.82 -32.10
CA LEU B 441 -33.21 43.57 -32.33
C LEU B 441 -32.42 42.96 -33.49
N ASP B 442 -31.25 43.55 -33.77
CA ASP B 442 -30.32 43.09 -34.80
C ASP B 442 -30.98 43.03 -36.19
N SER B 443 -31.91 43.94 -36.45
CA SER B 443 -32.62 43.97 -37.72
C SER B 443 -33.13 45.37 -37.99
N LYS B 444 -33.12 45.75 -39.26
CA LYS B 444 -33.61 47.05 -39.68
C LYS B 444 -34.69 46.88 -40.75
N VAL B 445 -35.09 47.99 -41.38
CA VAL B 445 -36.04 47.91 -42.49
C VAL B 445 -35.44 47.15 -43.66
N GLY B 446 -34.19 47.45 -43.99
CA GLY B 446 -33.44 46.74 -45.01
C GLY B 446 -32.57 45.66 -44.42
N GLY B 447 -31.46 45.37 -45.10
CA GLY B 447 -30.53 44.37 -44.62
C GLY B 447 -29.60 44.93 -43.55
N ASN B 448 -29.42 44.16 -42.49
CA ASN B 448 -28.52 44.53 -41.39
C ASN B 448 -27.16 43.92 -41.66
N TYR B 449 -26.24 44.71 -42.19
CA TYR B 449 -24.93 44.25 -42.59
C TYR B 449 -23.85 44.55 -41.55
N ASN B 450 -24.25 44.76 -40.29
CA ASN B 450 -23.31 45.15 -39.25
C ASN B 450 -22.53 43.99 -38.66
N TYR B 451 -22.86 42.75 -39.00
CA TYR B 451 -22.20 41.57 -38.46
C TYR B 451 -21.62 40.74 -39.60
N LEU B 452 -20.38 40.32 -39.44
CA LEU B 452 -19.66 39.56 -40.46
C LEU B 452 -19.02 38.32 -39.84
N TYR B 453 -18.66 37.38 -40.70
CA TYR B 453 -18.02 36.14 -40.28
C TYR B 453 -16.90 35.78 -41.25
N ARG B 454 -15.88 35.09 -40.73
CA ARG B 454 -14.78 34.64 -41.57
C ARG B 454 -15.25 33.50 -42.47
N LEU B 455 -14.89 33.58 -43.75
CA LEU B 455 -15.32 32.61 -44.75
C LEU B 455 -14.22 31.70 -45.24
N PHE B 456 -13.00 32.20 -45.41
CA PHE B 456 -11.90 31.44 -45.97
C PHE B 456 -10.73 31.40 -45.00
N ARG B 457 -10.14 30.22 -44.85
CA ARG B 457 -8.96 30.03 -44.02
C ARG B 457 -8.19 28.82 -44.52
N LYS B 458 -6.86 28.91 -44.48
CA LYS B 458 -6.00 27.85 -44.99
C LYS B 458 -5.62 26.82 -43.94
N SER B 459 -5.97 27.05 -42.67
CA SER B 459 -5.58 26.13 -41.60
C SER B 459 -6.72 26.03 -40.58
N ASN B 460 -6.73 24.92 -39.86
CA ASN B 460 -7.72 24.70 -38.83
C ASN B 460 -7.44 25.59 -37.62
N LEU B 461 -8.53 26.01 -36.96
CA LEU B 461 -8.41 26.90 -35.82
C LEU B 461 -8.15 26.12 -34.54
N LYS B 462 -7.32 26.68 -33.66
CA LYS B 462 -7.07 26.08 -32.36
C LYS B 462 -8.28 26.30 -31.45
N PRO B 463 -8.49 25.40 -30.49
CA PRO B 463 -9.59 25.61 -29.52
C PRO B 463 -9.37 26.85 -28.67
N PHE B 464 -10.48 27.54 -28.36
CA PHE B 464 -10.49 28.77 -27.56
C PHE B 464 -9.57 29.83 -28.15
N GLU B 465 -9.62 29.98 -29.47
CA GLU B 465 -8.80 30.96 -30.19
C GLU B 465 -9.69 31.86 -31.02
N ARG B 466 -9.38 33.15 -31.02
CA ARG B 466 -10.09 34.14 -31.80
C ARG B 466 -9.12 34.79 -32.78
N ASP B 467 -9.51 34.85 -34.05
CA ASP B 467 -8.67 35.40 -35.11
C ASP B 467 -9.39 36.57 -35.76
N ILE B 468 -8.69 37.70 -35.85
CA ILE B 468 -9.19 38.89 -36.53
C ILE B 468 -8.15 39.24 -37.59
N SER B 469 -8.36 38.75 -38.81
CA SER B 469 -7.44 38.94 -39.92
C SER B 469 -8.14 39.70 -41.03
N THR B 470 -7.49 40.75 -41.53
CA THR B 470 -8.01 41.55 -42.64
C THR B 470 -7.16 41.41 -43.90
N GLU B 471 -6.32 40.38 -43.97
CA GLU B 471 -5.49 40.17 -45.14
C GLU B 471 -6.32 39.64 -46.30
N ILE B 472 -5.88 39.93 -47.52
CA ILE B 472 -6.56 39.46 -48.72
C ILE B 472 -6.31 37.97 -48.88
N TYR B 473 -7.40 37.19 -48.98
CA TYR B 473 -7.28 35.77 -49.18
C TYR B 473 -6.99 35.45 -50.64
N GLN B 474 -6.11 34.49 -50.87
CA GLN B 474 -5.72 34.08 -52.21
C GLN B 474 -5.84 32.57 -52.35
N ALA B 475 -6.09 32.13 -53.59
CA ALA B 475 -6.23 30.71 -53.87
C ALA B 475 -5.33 30.30 -55.03
N GLY B 476 -5.00 31.26 -55.90
CA GLY B 476 -4.15 30.96 -57.04
C GLY B 476 -2.68 30.90 -56.68
N SER B 477 -1.89 30.44 -57.64
CA SER B 477 -0.44 30.35 -57.43
C SER B 477 0.21 31.72 -57.38
N THR B 478 -0.29 32.67 -58.17
CA THR B 478 0.30 34.00 -58.19
C THR B 478 -0.03 34.73 -56.89
N PRO B 479 0.94 35.40 -56.27
CA PRO B 479 0.66 36.14 -55.04
C PRO B 479 -0.25 37.33 -55.29
N CYS B 480 -1.03 37.69 -54.27
CA CYS B 480 -1.95 38.81 -54.33
C CYS B 480 -1.42 39.95 -53.47
N ASN B 481 -1.17 41.10 -54.09
CA ASN B 481 -0.66 42.27 -53.39
C ASN B 481 -1.79 43.19 -52.92
N GLY B 482 -2.76 42.61 -52.21
CA GLY B 482 -3.86 43.38 -51.67
C GLY B 482 -4.89 43.86 -52.68
N VAL B 483 -4.83 43.36 -53.91
CA VAL B 483 -5.76 43.78 -54.94
C VAL B 483 -7.04 42.96 -54.85
N GLU B 484 -8.09 43.45 -55.51
CA GLU B 484 -9.39 42.78 -55.55
C GLU B 484 -9.64 42.10 -56.90
N GLY B 485 -8.59 41.52 -57.48
CA GLY B 485 -8.71 40.85 -58.76
C GLY B 485 -9.27 39.44 -58.62
N PHE B 486 -9.03 38.63 -59.66
CA PHE B 486 -9.49 37.25 -59.66
C PHE B 486 -8.74 36.43 -58.62
N ASN B 487 -9.47 35.50 -57.99
CA ASN B 487 -8.95 34.64 -56.92
C ASN B 487 -8.39 35.45 -55.75
N CYS B 488 -9.01 36.60 -55.48
CA CYS B 488 -8.58 37.49 -54.39
C CYS B 488 -9.84 38.11 -53.80
N TYR B 489 -10.31 37.56 -52.68
CA TYR B 489 -11.54 37.99 -52.05
C TYR B 489 -11.32 38.18 -50.55
N PHE B 490 -12.13 39.05 -49.96
CA PHE B 490 -12.04 39.30 -48.53
C PHE B 490 -12.55 38.10 -47.74
N PRO B 491 -11.84 37.64 -46.72
CA PRO B 491 -12.32 36.49 -45.94
C PRO B 491 -13.58 36.77 -45.13
N LEU B 492 -13.94 38.03 -44.91
CA LEU B 492 -15.13 38.38 -44.15
C LEU B 492 -16.31 38.60 -45.08
N GLN B 493 -17.41 37.89 -44.81
CA GLN B 493 -18.65 38.04 -45.55
C GLN B 493 -19.74 38.51 -44.59
N SER B 494 -20.62 39.39 -45.08
CA SER B 494 -21.63 39.98 -44.22
C SER B 494 -22.82 39.07 -44.03
N TYR B 495 -23.50 39.23 -42.90
CA TYR B 495 -24.69 38.48 -42.58
C TYR B 495 -25.93 39.22 -43.05
N GLY B 496 -26.86 38.49 -43.65
CA GLY B 496 -28.13 39.06 -44.05
C GLY B 496 -29.21 38.87 -43.01
N PHE B 497 -29.46 39.90 -42.21
CA PHE B 497 -30.45 39.81 -41.13
C PHE B 497 -31.75 40.50 -41.54
N GLN B 498 -32.38 39.97 -42.57
CA GLN B 498 -33.67 40.49 -42.99
C GLN B 498 -34.79 39.98 -42.07
N PRO B 499 -35.80 40.82 -41.79
CA PRO B 499 -36.91 40.37 -40.93
C PRO B 499 -37.80 39.31 -41.56
N THR B 500 -37.72 39.10 -42.88
CA THR B 500 -38.55 38.14 -43.57
C THR B 500 -37.93 36.75 -43.65
N ASN B 501 -36.79 36.53 -43.02
CA ASN B 501 -36.14 35.23 -43.06
C ASN B 501 -36.87 34.24 -42.16
N GLY B 502 -36.44 32.97 -42.26
CA GLY B 502 -37.08 31.91 -41.52
C GLY B 502 -36.66 31.86 -40.06
N VAL B 503 -37.19 30.85 -39.36
CA VAL B 503 -36.88 30.68 -37.94
C VAL B 503 -35.40 30.31 -37.76
N GLY B 504 -34.89 29.40 -38.59
CA GLY B 504 -33.50 29.00 -38.47
C GLY B 504 -32.51 30.06 -38.91
N TYR B 505 -32.95 31.02 -39.72
CA TYR B 505 -32.11 32.12 -40.16
C TYR B 505 -32.28 33.37 -39.31
N GLN B 506 -33.10 33.31 -38.25
CA GLN B 506 -33.32 34.46 -37.40
C GLN B 506 -32.06 34.75 -36.57
N PRO B 507 -31.80 36.03 -36.27
CA PRO B 507 -30.62 36.38 -35.48
C PRO B 507 -30.83 36.03 -34.01
N TYR B 508 -30.02 35.10 -33.50
CA TYR B 508 -30.10 34.66 -32.12
C TYR B 508 -28.86 35.13 -31.37
N ARG B 509 -29.08 35.75 -30.21
CA ARG B 509 -27.98 36.18 -29.36
C ARG B 509 -27.51 35.01 -28.52
N VAL B 510 -26.24 34.60 -28.72
CA VAL B 510 -25.69 33.42 -28.10
C VAL B 510 -24.61 33.85 -27.11
N VAL B 511 -24.72 33.34 -25.87
CA VAL B 511 -23.74 33.60 -24.82
C VAL B 511 -23.15 32.27 -24.39
N VAL B 512 -21.82 32.19 -24.36
CA VAL B 512 -21.10 30.97 -24.02
C VAL B 512 -20.54 31.12 -22.61
N LEU B 513 -20.85 30.15 -21.75
CA LEU B 513 -20.33 30.11 -20.39
C LEU B 513 -19.25 29.04 -20.33
N SER B 514 -17.99 29.46 -20.28
CA SER B 514 -16.85 28.56 -20.25
C SER B 514 -16.37 28.42 -18.81
N PHE B 515 -16.30 27.18 -18.33
CA PHE B 515 -15.90 26.89 -16.96
C PHE B 515 -14.53 26.23 -16.96
N GLU B 516 -13.62 26.74 -16.13
CA GLU B 516 -12.26 26.19 -16.01
C GLU B 516 -11.92 26.07 -14.54
N LEU B 517 -11.53 24.87 -14.11
CA LEU B 517 -11.19 24.60 -12.72
C LEU B 517 -9.74 24.17 -12.66
N LEU B 518 -8.88 25.05 -12.12
CA LEU B 518 -7.48 24.77 -11.93
C LEU B 518 -7.21 24.46 -10.46
N HIS B 519 -5.93 24.33 -10.11
CA HIS B 519 -5.54 24.08 -8.72
C HIS B 519 -5.55 25.33 -7.86
N ALA B 520 -5.76 26.50 -8.47
CA ALA B 520 -5.86 27.73 -7.70
C ALA B 520 -7.15 27.73 -6.86
N PRO B 521 -7.14 28.41 -5.71
CA PRO B 521 -8.37 28.50 -4.91
C PRO B 521 -9.48 29.21 -5.65
N ALA B 522 -10.71 28.73 -5.45
CA ALA B 522 -11.86 29.28 -6.14
C ALA B 522 -12.25 30.63 -5.55
N THR B 523 -12.74 31.51 -6.42
CA THR B 523 -13.21 32.83 -6.01
C THR B 523 -14.70 33.04 -6.22
N VAL B 524 -15.33 32.30 -7.13
CA VAL B 524 -16.77 32.38 -7.37
C VAL B 524 -17.34 30.98 -7.21
N CYS B 525 -18.36 30.84 -6.36
CA CYS B 525 -18.97 29.55 -6.12
C CYS B 525 -20.49 29.74 -6.03
N GLY B 526 -21.17 28.70 -5.54
CA GLY B 526 -22.61 28.64 -5.54
C GLY B 526 -23.24 29.68 -4.63
N PRO B 527 -24.47 30.08 -4.96
CA PRO B 527 -25.16 31.11 -4.17
C PRO B 527 -25.69 30.58 -2.85
N LYS B 528 -26.31 31.46 -2.08
CA LYS B 528 -26.85 31.13 -0.76
C LYS B 528 -28.34 31.40 -0.73
N LYS B 529 -29.10 30.44 -0.20
CA LYS B 529 -30.55 30.54 -0.16
C LYS B 529 -30.98 31.53 0.92
N SER B 530 -32.16 32.11 0.73
CA SER B 530 -32.74 33.10 1.61
C SER B 530 -34.14 32.68 2.04
N THR B 531 -34.27 31.44 2.52
CA THR B 531 -35.56 30.89 2.89
C THR B 531 -36.14 31.62 4.10
N ASN B 532 -37.45 31.47 4.27
CA ASN B 532 -38.16 32.17 5.33
C ASN B 532 -37.77 31.64 6.71
N LEU B 533 -37.77 32.54 7.69
CA LEU B 533 -37.42 32.18 9.06
C LEU B 533 -38.63 31.58 9.77
N VAL B 534 -38.42 30.45 10.43
CA VAL B 534 -39.46 29.75 11.17
C VAL B 534 -39.00 29.64 12.62
N LYS B 535 -39.85 30.10 13.55
CA LYS B 535 -39.54 30.13 14.96
C LYS B 535 -40.51 29.24 15.74
N ASN B 536 -40.07 28.84 16.94
CA ASN B 536 -40.86 28.01 17.86
C ASN B 536 -41.24 26.67 17.24
N LYS B 537 -40.43 26.16 16.33
CA LYS B 537 -40.66 24.87 15.70
C LYS B 537 -39.35 24.12 15.57
N CYS B 538 -39.42 22.80 15.67
CA CYS B 538 -38.24 21.94 15.58
C CYS B 538 -37.79 21.89 14.13
N VAL B 539 -36.74 22.64 13.79
CA VAL B 539 -36.22 22.72 12.44
C VAL B 539 -34.71 22.56 12.47
N ASN B 540 -34.16 22.21 11.32
CA ASN B 540 -32.71 22.07 11.14
C ASN B 540 -32.15 23.29 10.42
N PHE B 541 -30.92 23.65 10.78
CA PHE B 541 -30.30 24.86 10.24
C PHE B 541 -28.80 24.66 10.15
N ASN B 542 -28.16 25.52 9.35
CA ASN B 542 -26.71 25.57 9.19
C ASN B 542 -26.29 27.03 9.30
N PHE B 543 -26.00 27.48 10.51
CA PHE B 543 -25.65 28.88 10.76
C PHE B 543 -24.15 29.11 10.69
N ASN B 544 -23.54 28.66 9.58
CA ASN B 544 -22.17 28.95 9.18
C ASN B 544 -21.11 28.25 10.04
N GLY B 545 -21.51 27.63 11.15
CA GLY B 545 -20.55 26.96 11.99
C GLY B 545 -20.99 25.65 12.59
N LEU B 546 -22.26 25.28 12.40
CA LEU B 546 -22.80 24.10 13.05
C LEU B 546 -24.04 23.63 12.31
N THR B 547 -24.44 22.39 12.59
CA THR B 547 -25.65 21.78 12.05
C THR B 547 -26.44 21.23 13.23
N GLY B 548 -27.29 22.08 13.81
CA GLY B 548 -28.09 21.71 14.97
C GLY B 548 -29.57 21.79 14.68
N THR B 549 -30.33 20.91 15.32
CA THR B 549 -31.78 20.85 15.16
C THR B 549 -32.44 21.29 16.46
N GLY B 550 -33.35 22.25 16.35
CA GLY B 550 -34.04 22.74 17.53
C GLY B 550 -34.88 23.96 17.17
N VAL B 551 -35.61 24.44 18.19
CA VAL B 551 -36.47 25.59 18.03
C VAL B 551 -35.65 26.87 18.15
N LEU B 552 -36.23 28.00 17.75
CA LEU B 552 -35.58 29.31 17.81
C LEU B 552 -36.50 30.25 18.56
N THR B 553 -36.37 30.29 19.89
CA THR B 553 -37.21 31.14 20.72
C THR B 553 -36.64 32.55 20.77
N GLU B 554 -37.55 33.53 20.83
CA GLU B 554 -37.13 34.93 20.94
C GLU B 554 -36.43 35.16 22.28
N SER B 555 -35.30 35.84 22.23
CA SER B 555 -34.47 36.05 23.40
C SER B 555 -34.83 37.37 24.09
N ASN B 556 -34.18 37.62 25.23
CA ASN B 556 -34.35 38.87 25.97
C ASN B 556 -33.02 39.54 26.29
N LYS B 557 -31.89 38.99 25.84
CA LYS B 557 -30.57 39.54 26.08
C LYS B 557 -29.93 39.96 24.77
N LYS B 558 -29.25 41.10 24.78
CA LYS B 558 -28.61 41.64 23.59
C LYS B 558 -27.14 41.25 23.56
N PHE B 559 -26.66 40.91 22.37
CA PHE B 559 -25.28 40.49 22.18
C PHE B 559 -24.40 41.71 21.89
N LEU B 560 -23.08 41.51 21.96
CA LEU B 560 -22.12 42.51 21.54
C LEU B 560 -22.04 42.54 20.02
N PRO B 561 -21.58 43.66 19.43
CA PRO B 561 -21.58 43.76 17.96
C PRO B 561 -20.73 42.72 17.25
N PHE B 562 -19.63 42.26 17.85
CA PHE B 562 -18.74 41.30 17.21
C PHE B 562 -18.95 39.87 17.70
N GLN B 563 -20.02 39.60 18.45
CA GLN B 563 -20.36 38.25 18.85
C GLN B 563 -21.31 37.65 17.83
N GLN B 564 -20.86 36.58 17.16
CA GLN B 564 -21.69 35.86 16.21
C GLN B 564 -22.25 34.56 16.77
N PHE B 565 -21.58 33.94 17.73
CA PHE B 565 -21.98 32.68 18.32
C PHE B 565 -22.25 32.86 19.80
N GLY B 566 -22.83 31.81 20.41
CA GLY B 566 -23.12 31.80 21.83
C GLY B 566 -22.60 30.54 22.49
N ARG B 567 -22.51 30.59 23.82
CA ARG B 567 -21.98 29.48 24.60
C ARG B 567 -22.56 29.54 26.00
N ASP B 568 -22.50 28.40 26.69
CA ASP B 568 -22.99 28.27 28.06
C ASP B 568 -21.88 27.63 28.88
N ILE B 569 -22.23 27.18 30.08
CA ILE B 569 -21.26 26.51 30.96
C ILE B 569 -20.71 25.26 30.30
N ALA B 570 -21.59 24.45 29.70
CA ALA B 570 -21.18 23.23 29.02
C ALA B 570 -20.72 23.56 27.60
N ASP B 571 -20.29 22.53 26.86
CA ASP B 571 -19.86 22.70 25.48
C ASP B 571 -21.01 22.32 24.54
N THR B 572 -22.16 22.96 24.75
CA THR B 572 -23.32 22.76 23.89
C THR B 572 -23.77 24.12 23.39
N THR B 573 -24.01 24.24 22.08
CA THR B 573 -24.44 25.51 21.53
C THR B 573 -25.87 25.82 21.97
N ASP B 574 -26.05 26.99 22.57
CA ASP B 574 -27.34 27.41 23.09
C ASP B 574 -27.84 28.74 22.55
N ALA B 575 -26.97 29.56 21.95
CA ALA B 575 -27.39 30.85 21.42
C ALA B 575 -26.66 31.10 20.11
N VAL B 576 -27.28 31.89 19.24
CA VAL B 576 -26.71 32.21 17.94
C VAL B 576 -27.37 33.50 17.45
N ARG B 577 -26.66 34.22 16.58
CA ARG B 577 -27.12 35.49 16.05
C ARG B 577 -27.56 35.33 14.61
N ASP B 578 -28.78 35.78 14.31
CA ASP B 578 -29.31 35.69 12.95
C ASP B 578 -28.63 36.75 12.08
N PRO B 579 -27.99 36.37 10.97
CA PRO B 579 -27.31 37.36 10.12
C PRO B 579 -28.26 38.21 9.27
N GLN B 580 -29.57 37.98 9.33
CA GLN B 580 -30.49 38.74 8.49
C GLN B 580 -30.78 40.11 9.08
N THR B 581 -31.37 40.16 10.28
CA THR B 581 -31.76 41.41 10.90
C THR B 581 -31.15 41.53 12.30
N LEU B 582 -29.99 40.88 12.50
CA LEU B 582 -29.21 40.97 13.75
C LEU B 582 -30.05 40.56 14.96
N GLU B 583 -30.80 39.46 14.81
CA GLU B 583 -31.69 38.97 15.85
C GLU B 583 -31.04 37.84 16.64
N ILE B 584 -31.27 37.84 17.95
CA ILE B 584 -30.73 36.82 18.84
C ILE B 584 -31.81 35.80 19.14
N LEU B 585 -31.51 34.52 18.90
CA LEU B 585 -32.46 33.43 19.12
C LEU B 585 -31.81 32.36 19.98
N ASP B 586 -32.64 31.67 20.77
CA ASP B 586 -32.17 30.61 21.63
C ASP B 586 -32.22 29.26 20.91
N ILE B 587 -31.52 28.28 21.48
CA ILE B 587 -31.46 26.93 20.95
C ILE B 587 -31.99 25.97 22.01
N THR B 588 -32.97 25.15 21.65
CA THR B 588 -33.56 24.21 22.58
C THR B 588 -33.88 22.89 21.87
N PRO B 589 -33.29 21.77 22.31
CA PRO B 589 -33.61 20.48 21.69
C PRO B 589 -35.04 20.06 21.97
N CYS B 590 -35.60 19.30 21.04
CA CYS B 590 -36.97 18.82 21.15
C CYS B 590 -37.08 17.40 21.68
N SER B 591 -36.05 16.58 21.48
CA SER B 591 -36.06 15.19 21.96
C SER B 591 -35.70 15.18 23.43
N PHE B 592 -36.71 14.97 24.28
CA PHE B 592 -36.53 14.95 25.73
C PHE B 592 -37.16 13.70 26.31
N GLY B 593 -36.39 12.97 27.12
CA GLY B 593 -36.93 11.80 27.79
C GLY B 593 -37.16 10.62 26.85
N GLY B 594 -37.99 9.70 27.32
CA GLY B 594 -38.32 8.52 26.55
C GLY B 594 -39.79 8.14 26.63
N VAL B 595 -40.09 6.86 26.51
CA VAL B 595 -41.46 6.35 26.52
C VAL B 595 -41.60 5.37 27.67
N SER B 596 -42.59 5.60 28.53
CA SER B 596 -42.88 4.73 29.65
C SER B 596 -44.29 4.17 29.52
N VAL B 597 -44.45 2.87 29.77
CA VAL B 597 -45.71 2.17 29.63
C VAL B 597 -46.14 1.66 31.00
N ILE B 598 -47.38 1.96 31.38
CA ILE B 598 -47.95 1.52 32.65
C ILE B 598 -48.91 0.37 32.35
N THR B 599 -48.66 -0.77 32.98
CA THR B 599 -49.45 -1.97 32.77
C THR B 599 -50.10 -2.41 34.08
N PRO B 600 -51.42 -2.62 34.11
CA PRO B 600 -52.06 -3.09 35.35
C PRO B 600 -51.62 -4.48 35.78
N GLY B 601 -51.08 -5.30 34.88
CA GLY B 601 -50.61 -6.63 35.20
C GLY B 601 -51.34 -7.70 34.42
N THR B 602 -50.95 -8.94 34.69
CA THR B 602 -51.54 -10.08 34.00
C THR B 602 -52.84 -10.50 34.68
N ASN B 603 -53.78 -10.98 33.85
CA ASN B 603 -55.09 -11.48 34.27
C ASN B 603 -55.93 -10.41 34.98
N THR B 604 -55.61 -9.13 34.78
CA THR B 604 -56.36 -8.03 35.38
C THR B 604 -56.97 -7.11 34.34
N SER B 605 -56.19 -6.66 33.36
CA SER B 605 -56.68 -5.75 32.33
C SER B 605 -55.95 -6.06 31.03
N ASN B 606 -56.25 -5.27 30.01
CA ASN B 606 -55.60 -5.38 28.71
C ASN B 606 -55.12 -4.05 28.14
N GLN B 607 -55.62 -2.92 28.63
CA GLN B 607 -55.20 -1.61 28.15
C GLN B 607 -54.06 -1.06 29.00
N VAL B 608 -53.23 -0.22 28.38
CA VAL B 608 -52.07 0.37 29.04
C VAL B 608 -52.17 1.89 28.95
N ALA B 609 -51.30 2.56 29.70
CA ALA B 609 -51.18 4.01 29.69
C ALA B 609 -49.79 4.40 29.23
N VAL B 610 -49.71 5.33 28.29
CA VAL B 610 -48.46 5.77 27.70
C VAL B 610 -48.04 7.08 28.34
N LEU B 611 -46.82 7.14 28.85
CA LEU B 611 -46.29 8.30 29.54
C LEU B 611 -44.99 8.76 28.88
N TYR B 612 -44.90 10.05 28.59
CA TYR B 612 -43.68 10.66 28.09
C TYR B 612 -42.96 11.37 29.23
N GLN B 613 -41.63 11.26 29.26
CA GLN B 613 -40.88 11.59 30.46
C GLN B 613 -40.78 13.08 30.75
N ASP B 614 -40.13 13.85 29.89
CA ASP B 614 -39.81 15.23 30.20
C ASP B 614 -40.01 16.14 28.99
N VAL B 615 -41.09 15.93 28.24
CA VAL B 615 -41.40 16.75 27.08
C VAL B 615 -42.69 17.52 27.36
N ASN B 616 -42.80 18.70 26.75
CA ASN B 616 -44.03 19.48 26.86
C ASN B 616 -45.07 18.91 25.91
N CYS B 617 -46.31 18.86 26.37
CA CYS B 617 -47.37 18.17 25.66
C CYS B 617 -48.75 18.58 26.17
N ASN B 641 -58.55 11.32 29.00
CA ASN B 641 -57.82 10.99 27.79
C ASN B 641 -56.36 11.40 27.89
N VAL B 642 -56.11 12.70 27.74
CA VAL B 642 -54.76 13.27 27.81
C VAL B 642 -54.68 14.12 29.08
N PHE B 643 -53.75 13.76 29.97
CA PHE B 643 -53.54 14.48 31.21
C PHE B 643 -52.06 14.82 31.33
N GLN B 644 -51.77 16.08 31.64
CA GLN B 644 -50.39 16.57 31.75
C GLN B 644 -50.08 16.83 33.21
N THR B 645 -49.17 16.05 33.76
CA THR B 645 -48.63 16.27 35.10
C THR B 645 -47.24 16.89 34.98
N ARG B 646 -46.54 16.98 36.12
CA ARG B 646 -45.16 17.47 36.10
C ARG B 646 -44.23 16.51 35.36
N ALA B 647 -44.60 15.25 35.22
CA ALA B 647 -43.80 14.24 34.53
C ALA B 647 -44.32 13.98 33.11
N GLY B 648 -44.79 15.02 32.42
CA GLY B 648 -45.23 14.88 31.05
C GLY B 648 -46.67 14.38 30.93
N CYS B 649 -47.08 14.19 29.68
CA CYS B 649 -48.42 13.68 29.42
C CYS B 649 -48.57 12.23 29.84
N LEU B 650 -49.79 11.86 30.21
CA LEU B 650 -50.16 10.48 30.54
C LEU B 650 -51.41 10.17 29.73
N ILE B 651 -51.22 9.50 28.60
CA ILE B 651 -52.31 9.21 27.65
C ILE B 651 -52.74 7.77 27.84
N GLY B 652 -54.05 7.55 27.89
CA GLY B 652 -54.63 6.24 28.12
C GLY B 652 -55.32 6.09 29.45
N ALA B 653 -55.19 7.06 30.35
CA ALA B 653 -55.83 7.00 31.65
C ALA B 653 -56.26 8.40 32.06
N GLU B 654 -57.44 8.50 32.67
CA GLU B 654 -57.98 9.77 33.10
C GLU B 654 -57.40 10.17 34.46
N HIS B 655 -57.61 11.43 34.81
CA HIS B 655 -57.14 11.99 36.08
C HIS B 655 -58.33 12.29 36.98
N VAL B 656 -58.27 11.80 38.22
CA VAL B 656 -59.33 12.01 39.20
C VAL B 656 -58.76 12.84 40.35
N ASN B 657 -59.67 13.44 41.11
CA ASN B 657 -59.28 14.27 42.25
C ASN B 657 -59.21 13.49 43.55
N ASN B 658 -59.89 12.34 43.64
CA ASN B 658 -59.84 11.52 44.84
C ASN B 658 -58.47 10.87 44.99
N SER B 659 -58.04 10.70 46.24
CA SER B 659 -56.73 10.16 46.55
C SER B 659 -56.89 8.83 47.29
N TYR B 660 -56.14 7.83 46.84
CA TYR B 660 -56.07 6.52 47.50
C TYR B 660 -54.61 6.12 47.62
N GLU B 661 -54.38 4.96 48.24
CA GLU B 661 -53.03 4.42 48.31
C GLU B 661 -52.62 3.91 46.93
N CYS B 662 -51.46 4.36 46.45
CA CYS B 662 -51.02 4.09 45.09
C CYS B 662 -50.11 2.87 45.06
N ASP B 663 -50.14 2.16 43.93
CA ASP B 663 -49.34 0.97 43.72
C ASP B 663 -48.27 1.15 42.66
N ILE B 664 -48.62 1.67 41.49
CA ILE B 664 -47.68 1.88 40.40
C ILE B 664 -47.15 3.31 40.51
N PRO B 665 -45.86 3.51 40.77
CA PRO B 665 -45.33 4.86 40.89
C PRO B 665 -44.89 5.45 39.56
N ILE B 666 -45.02 6.77 39.47
CA ILE B 666 -44.63 7.52 38.27
C ILE B 666 -43.59 8.57 38.67
N GLY B 667 -43.97 9.48 39.54
CA GLY B 667 -43.09 10.54 39.97
C GLY B 667 -43.88 11.81 40.24
N ALA B 668 -43.20 12.74 40.92
CA ALA B 668 -43.76 14.04 41.31
C ALA B 668 -45.03 13.91 42.14
N GLY B 669 -45.11 12.87 42.97
CA GLY B 669 -46.22 12.70 43.87
C GLY B 669 -47.50 12.19 43.26
N ILE B 670 -47.48 11.76 41.99
CA ILE B 670 -48.65 11.28 41.30
C ILE B 670 -48.41 9.85 40.85
N CYS B 671 -49.33 8.95 41.21
CA CYS B 671 -49.25 7.53 40.87
C CYS B 671 -50.33 7.18 39.86
N ALA B 672 -50.41 5.89 39.55
CA ALA B 672 -51.45 5.36 38.67
C ALA B 672 -51.96 4.05 39.23
N SER B 673 -53.23 3.74 38.95
CA SER B 673 -53.85 2.52 39.42
C SER B 673 -55.01 2.17 38.51
N TYR B 674 -55.44 0.91 38.58
CA TYR B 674 -56.56 0.39 37.80
C TYR B 674 -57.74 0.23 38.74
N GLN B 675 -58.69 1.16 38.66
CA GLN B 675 -59.87 1.14 39.52
C GLN B 675 -61.14 1.36 38.71
N THR B 676 -62.27 1.54 39.40
CA THR B 676 -63.54 1.78 38.74
C THR B 676 -63.60 3.20 38.19
N SER B 689 -66.92 0.45 32.61
CA SER B 689 -66.69 -0.43 33.74
C SER B 689 -65.52 0.06 34.59
N GLN B 690 -64.34 -0.50 34.35
CA GLN B 690 -63.13 -0.15 35.07
C GLN B 690 -62.06 0.27 34.09
N SER B 691 -61.34 1.35 34.43
CA SER B 691 -60.28 1.87 33.58
C SER B 691 -59.15 2.39 34.45
N ILE B 692 -57.96 2.52 33.85
CA ILE B 692 -56.81 3.05 34.56
C ILE B 692 -57.04 4.52 34.90
N ILE B 693 -56.61 4.93 36.10
CA ILE B 693 -56.76 6.29 36.56
C ILE B 693 -55.42 6.78 37.11
N ALA B 694 -55.27 8.10 37.12
CA ALA B 694 -54.10 8.76 37.68
C ALA B 694 -54.54 9.74 38.75
N TYR B 695 -53.84 9.74 39.89
CA TYR B 695 -54.23 10.57 41.01
C TYR B 695 -53.02 10.84 41.89
N THR B 696 -53.16 11.84 42.75
CA THR B 696 -52.12 12.12 43.74
C THR B 696 -52.18 11.07 44.85
N MET B 697 -51.02 10.49 45.16
CA MET B 697 -50.97 9.44 46.17
C MET B 697 -51.19 10.03 47.56
N SER B 698 -51.99 9.32 48.37
CA SER B 698 -52.27 9.76 49.72
C SER B 698 -51.04 9.59 50.60
N LEU B 699 -50.90 10.50 51.57
CA LEU B 699 -49.78 10.45 52.51
C LEU B 699 -49.98 9.41 53.60
N GLY B 700 -51.18 8.86 53.74
CA GLY B 700 -51.48 7.86 54.74
C GLY B 700 -52.84 8.12 55.34
N ALA B 701 -53.16 7.36 56.39
CA ALA B 701 -54.44 7.50 57.08
C ALA B 701 -54.37 8.72 57.99
N GLU B 702 -54.97 9.82 57.57
CA GLU B 702 -54.98 11.04 58.35
C GLU B 702 -55.96 10.90 59.51
N ASN B 703 -55.47 11.15 60.72
CA ASN B 703 -56.30 11.01 61.92
C ASN B 703 -55.92 12.10 62.91
N SER B 704 -56.86 12.42 63.82
CA SER B 704 -56.67 13.46 64.81
C SER B 704 -56.61 12.82 66.19
N VAL B 705 -55.40 12.60 66.70
CA VAL B 705 -55.20 12.11 68.06
C VAL B 705 -55.44 13.25 69.03
N ALA B 706 -56.03 12.93 70.18
CA ALA B 706 -56.39 13.95 71.17
C ALA B 706 -55.24 14.16 72.13
N TYR B 707 -54.74 15.40 72.22
CA TYR B 707 -53.65 15.74 73.11
C TYR B 707 -54.16 16.68 74.19
N SER B 708 -53.85 16.37 75.44
CA SER B 708 -54.15 17.24 76.57
C SER B 708 -53.04 17.09 77.59
N ASN B 709 -52.88 18.13 78.43
CA ASN B 709 -51.84 18.13 79.43
C ASN B 709 -52.14 17.22 80.62
N ASN B 710 -53.36 16.68 80.71
CA ASN B 710 -53.74 15.79 81.79
C ASN B 710 -54.50 14.57 81.27
N SER B 711 -54.17 14.11 80.06
CA SER B 711 -54.81 12.97 79.45
C SER B 711 -53.77 11.91 79.10
N ILE B 712 -54.09 10.65 79.37
CA ILE B 712 -53.20 9.53 79.08
C ILE B 712 -54.00 8.43 78.39
N ALA B 713 -53.28 7.56 77.68
CA ALA B 713 -53.86 6.40 77.03
C ALA B 713 -52.97 5.20 77.32
N ILE B 714 -53.44 4.30 78.18
CA ILE B 714 -52.71 3.11 78.57
C ILE B 714 -53.44 1.89 78.02
N PRO B 715 -52.77 1.03 77.24
CA PRO B 715 -53.47 -0.11 76.63
C PRO B 715 -53.92 -1.13 77.66
N THR B 716 -55.02 -1.82 77.33
CA THR B 716 -55.59 -2.84 78.18
C THR B 716 -55.40 -4.25 77.64
N ASN B 717 -54.99 -4.40 76.38
CA ASN B 717 -54.81 -5.71 75.76
C ASN B 717 -53.59 -5.66 74.86
N PHE B 718 -53.25 -6.80 74.27
CA PHE B 718 -52.07 -6.90 73.42
C PHE B 718 -52.26 -8.04 72.44
N THR B 719 -51.43 -8.05 71.40
CA THR B 719 -51.44 -9.10 70.39
C THR B 719 -50.00 -9.55 70.13
N ILE B 720 -49.85 -10.84 69.86
CA ILE B 720 -48.54 -11.43 69.57
C ILE B 720 -48.46 -11.56 68.06
N SER B 721 -47.91 -10.53 67.41
CA SER B 721 -47.75 -10.52 65.96
C SER B 721 -46.37 -11.02 65.58
N VAL B 722 -46.28 -11.63 64.40
CA VAL B 722 -45.03 -12.16 63.86
C VAL B 722 -44.76 -11.50 62.52
N THR B 723 -43.57 -10.91 62.39
CA THR B 723 -43.15 -10.24 61.16
C THR B 723 -42.01 -11.03 60.53
N THR B 724 -42.08 -11.22 59.22
CA THR B 724 -41.10 -11.97 58.47
C THR B 724 -40.23 -11.01 57.66
N GLU B 725 -38.91 -11.16 57.80
CA GLU B 725 -37.95 -10.34 57.09
C GLU B 725 -37.04 -11.22 56.26
N ILE B 726 -36.83 -10.85 55.00
CA ILE B 726 -36.02 -11.62 54.07
C ILE B 726 -34.71 -10.88 53.85
N LEU B 727 -33.60 -11.53 54.17
CA LEU B 727 -32.27 -10.94 54.03
C LEU B 727 -31.35 -11.95 53.37
N PRO B 728 -30.86 -11.69 52.16
CA PRO B 728 -29.91 -12.61 51.54
C PRO B 728 -28.55 -12.54 52.22
N VAL B 729 -27.89 -13.69 52.30
CA VAL B 729 -26.57 -13.76 52.92
C VAL B 729 -25.49 -14.26 51.96
N SER B 730 -25.85 -14.91 50.87
CA SER B 730 -24.86 -15.43 49.94
C SER B 730 -25.46 -15.47 48.54
N MET B 731 -24.57 -15.53 47.54
CA MET B 731 -25.00 -15.61 46.15
C MET B 731 -24.31 -16.77 45.45
N THR B 732 -24.50 -16.88 44.14
CA THR B 732 -23.92 -17.98 43.38
C THR B 732 -22.43 -17.73 43.17
N LYS B 733 -21.61 -18.71 43.55
CA LYS B 733 -20.17 -18.64 43.37
C LYS B 733 -19.80 -19.13 41.98
N THR B 734 -18.97 -18.35 41.28
CA THR B 734 -18.57 -18.67 39.92
C THR B 734 -17.06 -18.46 39.77
N SER B 735 -16.51 -19.10 38.74
CA SER B 735 -15.09 -18.95 38.40
C SER B 735 -14.98 -18.81 36.89
N VAL B 736 -14.42 -17.69 36.43
CA VAL B 736 -14.30 -17.40 35.01
C VAL B 736 -12.83 -17.17 34.69
N ASP B 737 -12.33 -17.89 33.69
CA ASP B 737 -10.97 -17.75 33.21
C ASP B 737 -10.97 -17.10 31.83
N CYS B 738 -9.76 -16.81 31.32
CA CYS B 738 -9.62 -16.16 30.03
C CYS B 738 -9.41 -17.14 28.89
N THR B 739 -8.63 -18.21 29.12
CA THR B 739 -8.33 -19.15 28.05
C THR B 739 -9.54 -19.95 27.62
N MET B 740 -10.55 -20.07 28.49
CA MET B 740 -11.77 -20.79 28.13
C MET B 740 -12.87 -19.87 27.64
N TYR B 741 -12.87 -18.61 28.05
CA TYR B 741 -13.91 -17.65 27.65
C TYR B 741 -13.45 -16.76 26.50
N ILE B 742 -12.35 -16.03 26.69
CA ILE B 742 -11.84 -15.15 25.64
C ILE B 742 -11.25 -15.98 24.50
N CYS B 743 -10.52 -17.04 24.83
CA CYS B 743 -9.92 -17.92 23.84
C CYS B 743 -10.76 -19.18 23.66
N GLY B 744 -10.57 -19.83 22.52
CA GLY B 744 -11.26 -21.06 22.22
C GLY B 744 -10.33 -22.25 22.12
N ASP B 745 -10.20 -22.80 20.91
CA ASP B 745 -9.33 -23.93 20.65
C ASP B 745 -8.11 -23.54 19.82
N SER B 746 -7.77 -22.26 19.78
CA SER B 746 -6.64 -21.77 18.99
C SER B 746 -5.46 -21.44 19.90
N THR B 747 -4.26 -21.58 19.34
CA THR B 747 -3.03 -21.35 20.10
C THR B 747 -2.58 -19.89 20.03
N GLU B 748 -2.83 -19.21 18.92
CA GLU B 748 -2.39 -17.82 18.78
C GLU B 748 -3.15 -16.89 19.74
N CYS B 749 -4.36 -17.27 20.14
CA CYS B 749 -5.09 -16.50 21.14
C CYS B 749 -4.35 -16.50 22.48
N SER B 750 -3.80 -17.65 22.86
CA SER B 750 -3.01 -17.72 24.10
C SER B 750 -1.71 -16.91 23.96
N ASN B 751 -1.11 -16.92 22.77
CA ASN B 751 0.11 -16.14 22.55
C ASN B 751 -0.16 -14.64 22.66
N LEU B 752 -1.28 -14.18 22.10
CA LEU B 752 -1.65 -12.78 22.22
C LEU B 752 -2.23 -12.44 23.58
N LEU B 753 -2.63 -13.43 24.37
CA LEU B 753 -3.15 -13.21 25.71
C LEU B 753 -2.06 -13.00 26.75
N LEU B 754 -0.81 -13.30 26.41
CA LEU B 754 0.28 -13.10 27.36
C LEU B 754 0.54 -11.63 27.65
N GLN B 755 0.24 -10.75 26.68
CA GLN B 755 0.40 -9.32 26.89
C GLN B 755 -0.68 -8.76 27.81
N TYR B 756 -1.79 -9.48 27.99
CA TYR B 756 -2.86 -9.09 28.90
C TYR B 756 -3.02 -10.10 30.02
N GLY B 757 -1.96 -10.84 30.35
CA GLY B 757 -2.04 -11.83 31.40
C GLY B 757 -2.20 -11.24 32.79
N SER B 758 -1.69 -10.02 32.99
CA SER B 758 -1.87 -9.35 34.28
C SER B 758 -3.33 -9.03 34.55
N PHE B 759 -4.06 -8.61 33.52
CA PHE B 759 -5.49 -8.35 33.68
C PHE B 759 -6.25 -9.61 34.04
N CYS B 760 -5.92 -10.73 33.38
CA CYS B 760 -6.55 -12.00 33.70
C CYS B 760 -6.19 -12.47 35.10
N THR B 761 -4.95 -12.21 35.54
CA THR B 761 -4.57 -12.53 36.91
C THR B 761 -5.39 -11.70 37.91
N GLN B 762 -5.59 -10.41 37.60
CA GLN B 762 -6.42 -9.56 38.45
C GLN B 762 -7.85 -10.08 38.53
N LEU B 763 -8.42 -10.46 37.38
CA LEU B 763 -9.80 -10.95 37.36
C LEU B 763 -9.93 -12.28 38.10
N ASN B 764 -8.96 -13.18 37.93
CA ASN B 764 -8.99 -14.46 38.64
C ASN B 764 -8.84 -14.26 40.14
N ARG B 765 -7.96 -13.35 40.56
CA ARG B 765 -7.81 -13.06 41.99
C ARG B 765 -9.07 -12.45 42.56
N ALA B 766 -9.72 -11.55 41.80
CA ALA B 766 -10.97 -10.96 42.26
C ALA B 766 -12.07 -12.00 42.39
N LEU B 767 -12.16 -12.92 41.42
CA LEU B 767 -13.17 -13.98 41.50
C LEU B 767 -12.90 -14.93 42.66
N THR B 768 -11.63 -15.26 42.89
CA THR B 768 -11.28 -16.11 44.03
C THR B 768 -11.61 -15.42 45.35
N GLY B 769 -11.32 -14.12 45.46
CA GLY B 769 -11.68 -13.39 46.66
C GLY B 769 -13.18 -13.28 46.85
N ILE B 770 -13.93 -13.16 45.74
CA ILE B 770 -15.38 -13.12 45.83
C ILE B 770 -15.92 -14.46 46.32
N ALA B 771 -15.37 -15.57 45.81
CA ALA B 771 -15.80 -16.89 46.27
C ALA B 771 -15.46 -17.11 47.74
N VAL B 772 -14.28 -16.66 48.17
CA VAL B 772 -13.87 -16.76 49.57
C VAL B 772 -14.79 -15.93 50.45
N GLU B 773 -15.15 -14.73 49.98
CA GLU B 773 -16.07 -13.86 50.72
C GLU B 773 -17.45 -14.50 50.85
N GLN B 774 -17.94 -15.12 49.78
CA GLN B 774 -19.24 -15.80 49.83
C GLN B 774 -19.20 -17.00 50.77
N ASP B 775 -18.08 -17.74 50.78
CA ASP B 775 -17.93 -18.85 51.72
C ASP B 775 -17.88 -18.36 53.16
N LYS B 776 -17.23 -17.22 53.39
CA LYS B 776 -17.11 -16.68 54.75
C LYS B 776 -18.43 -16.09 55.24
N ASN B 777 -19.27 -15.60 54.32
CA ASN B 777 -20.52 -14.96 54.71
C ASN B 777 -21.48 -15.94 55.38
N THR B 778 -21.47 -17.20 54.96
CA THR B 778 -22.32 -18.20 55.59
C THR B 778 -21.87 -18.50 57.01
N GLN B 779 -20.56 -18.45 57.27
CA GLN B 779 -20.04 -18.75 58.60
C GLN B 779 -20.40 -17.66 59.61
N GLU B 780 -20.41 -16.41 59.18
CA GLU B 780 -20.69 -15.31 60.10
C GLU B 780 -22.17 -15.20 60.46
N VAL B 781 -23.05 -15.81 59.68
CA VAL B 781 -24.49 -15.71 59.90
C VAL B 781 -25.04 -16.93 60.64
N PHE B 782 -24.75 -18.13 60.14
CA PHE B 782 -25.33 -19.35 60.71
C PHE B 782 -24.45 -19.96 61.79
N ALA B 783 -23.14 -19.93 61.63
CA ALA B 783 -22.22 -20.58 62.58
C ALA B 783 -21.87 -19.63 63.73
N GLN B 784 -22.90 -19.29 64.51
CA GLN B 784 -22.72 -18.47 65.70
C GLN B 784 -22.42 -19.28 66.95
N VAL B 785 -22.64 -20.59 66.92
CA VAL B 785 -22.41 -21.47 68.07
C VAL B 785 -21.54 -22.63 67.61
N LYS B 786 -20.53 -22.96 68.41
CA LYS B 786 -19.64 -24.08 68.12
C LYS B 786 -20.15 -25.41 68.64
N GLN B 787 -21.26 -25.41 69.37
CA GLN B 787 -21.86 -26.63 69.91
C GLN B 787 -23.21 -26.88 69.27
N ILE B 788 -23.46 -28.13 68.90
CA ILE B 788 -24.72 -28.52 68.26
C ILE B 788 -25.73 -28.89 69.34
N TYR B 789 -26.90 -28.25 69.32
CA TYR B 789 -27.96 -28.47 70.28
C TYR B 789 -29.06 -29.29 69.63
N LYS B 790 -29.46 -30.37 70.29
CA LYS B 790 -30.50 -31.26 69.78
C LYS B 790 -31.82 -31.00 70.50
N THR B 791 -32.91 -31.06 69.74
CA THR B 791 -34.23 -30.84 70.31
C THR B 791 -34.61 -32.01 71.21
N PRO B 792 -35.04 -31.75 72.44
CA PRO B 792 -35.48 -32.85 73.31
C PRO B 792 -36.77 -33.46 72.79
N PRO B 793 -37.00 -34.75 73.07
CA PRO B 793 -38.25 -35.38 72.60
C PRO B 793 -39.50 -34.82 73.25
N ILE B 794 -39.39 -34.15 74.40
CA ILE B 794 -40.56 -33.58 75.06
C ILE B 794 -40.98 -32.32 74.31
N LYS B 795 -42.19 -32.35 73.76
CA LYS B 795 -42.72 -31.23 72.98
C LYS B 795 -43.68 -30.36 73.79
N ASP B 796 -43.75 -30.56 75.10
CA ASP B 796 -44.63 -29.76 75.96
C ASP B 796 -43.89 -28.49 76.34
N PHE B 797 -44.08 -27.43 75.56
CA PHE B 797 -43.45 -26.14 75.80
C PHE B 797 -44.41 -25.14 76.45
N GLY B 798 -45.35 -25.64 77.26
CA GLY B 798 -46.31 -24.77 77.90
C GLY B 798 -47.46 -24.32 77.03
N GLY B 799 -47.67 -24.97 75.88
CA GLY B 799 -48.73 -24.60 74.96
C GLY B 799 -48.25 -23.99 73.67
N PHE B 800 -46.96 -23.71 73.54
CA PHE B 800 -46.42 -23.12 72.32
C PHE B 800 -46.16 -24.21 71.30
N ASN B 801 -46.76 -24.08 70.11
CA ASN B 801 -46.61 -25.07 69.05
C ASN B 801 -45.42 -24.71 68.18
N PHE B 802 -44.42 -25.59 68.15
CA PHE B 802 -43.20 -25.37 67.37
C PHE B 802 -43.07 -26.34 66.21
N SER B 803 -44.19 -26.85 65.70
CA SER B 803 -44.14 -27.86 64.65
C SER B 803 -43.59 -27.30 63.34
N GLN B 804 -43.96 -26.06 63.00
CA GLN B 804 -43.55 -25.49 61.73
C GLN B 804 -42.08 -25.09 61.70
N ILE B 805 -41.53 -24.63 62.83
CA ILE B 805 -40.14 -24.20 62.84
C ILE B 805 -39.17 -25.35 63.12
N LEU B 806 -39.57 -26.33 63.93
CA LEU B 806 -38.70 -27.47 64.20
C LEU B 806 -38.79 -28.49 63.06
N PRO B 807 -37.71 -29.22 62.79
CA PRO B 807 -37.75 -30.24 61.76
C PRO B 807 -38.66 -31.40 62.14
N ASP B 808 -39.22 -32.05 61.12
CA ASP B 808 -40.12 -33.18 61.30
C ASP B 808 -39.40 -34.49 61.01
N PRO B 809 -39.72 -35.56 61.73
CA PRO B 809 -39.08 -36.85 61.48
C PRO B 809 -39.66 -37.61 60.30
N SER B 810 -40.79 -37.17 59.74
CA SER B 810 -41.38 -37.86 58.60
C SER B 810 -40.52 -37.68 57.34
N LYS B 811 -40.03 -36.47 57.12
CA LYS B 811 -39.19 -36.19 55.97
C LYS B 811 -37.73 -36.51 56.29
N PRO B 812 -37.03 -37.26 55.42
CA PRO B 812 -35.61 -37.56 55.69
C PRO B 812 -34.73 -36.31 55.75
N SER B 813 -35.08 -35.26 55.01
CA SER B 813 -34.30 -34.03 55.07
C SER B 813 -34.55 -33.31 56.39
N LYS B 814 -33.58 -32.49 56.78
CA LYS B 814 -33.63 -31.76 58.04
C LYS B 814 -34.41 -30.45 57.94
N ARG B 815 -34.90 -30.10 56.76
CA ARG B 815 -35.60 -28.83 56.60
C ARG B 815 -36.90 -28.77 57.40
N SER B 816 -37.16 -27.63 58.02
CA SER B 816 -38.40 -27.47 58.75
C SER B 816 -39.55 -27.33 57.77
N PRO B 817 -40.78 -27.55 58.25
CA PRO B 817 -41.94 -27.38 57.36
C PRO B 817 -41.87 -26.06 56.63
N ILE B 818 -41.59 -24.99 57.37
CA ILE B 818 -41.48 -23.67 56.75
C ILE B 818 -40.34 -23.66 55.75
N GLU B 819 -39.20 -24.22 56.15
CA GLU B 819 -38.04 -24.26 55.26
C GLU B 819 -38.37 -25.01 53.98
N ASP B 820 -39.12 -26.10 54.09
CA ASP B 820 -39.52 -26.85 52.90
C ASP B 820 -40.40 -25.98 51.99
N LEU B 821 -41.27 -25.16 52.57
CA LEU B 821 -42.09 -24.26 51.76
C LEU B 821 -41.24 -23.21 51.07
N LEU B 822 -40.23 -22.68 51.76
CA LEU B 822 -39.38 -21.65 51.17
C LEU B 822 -38.42 -22.24 50.13
N PHE B 823 -38.04 -23.51 50.28
CA PHE B 823 -37.14 -24.13 49.31
C PHE B 823 -37.77 -24.23 47.93
N ASN B 824 -39.05 -24.59 47.86
CA ASN B 824 -39.76 -24.69 46.59
C ASN B 824 -40.33 -23.37 46.11
N LYS B 825 -40.35 -22.34 46.97
CA LYS B 825 -40.92 -21.06 46.57
C LYS B 825 -40.01 -20.31 45.62
N VAL B 826 -38.71 -20.31 45.89
CA VAL B 826 -37.73 -19.58 45.08
C VAL B 826 -37.05 -20.55 44.13
N THR B 827 -36.99 -20.17 42.85
CA THR B 827 -36.35 -21.00 41.84
C THR B 827 -34.83 -21.00 42.01
N ALA B 852 -27.70 -24.83 30.40
CA ALA B 852 -26.85 -24.44 31.52
C ALA B 852 -25.89 -23.32 31.12
N GLN B 853 -25.38 -22.60 32.11
CA GLN B 853 -24.46 -21.50 31.90
C GLN B 853 -23.00 -21.90 32.05
N LYS B 854 -22.73 -23.20 32.23
CA LYS B 854 -21.37 -23.71 32.32
C LYS B 854 -20.82 -24.14 30.98
N PHE B 855 -21.51 -23.80 29.88
CA PHE B 855 -21.09 -24.22 28.54
C PHE B 855 -19.75 -23.62 28.15
N ASN B 856 -19.55 -22.33 28.42
CA ASN B 856 -18.39 -21.59 27.94
C ASN B 856 -17.35 -21.37 29.04
N GLY B 857 -17.17 -22.35 29.93
CA GLY B 857 -16.19 -22.24 30.99
C GLY B 857 -16.65 -21.47 32.21
N LEU B 858 -17.89 -20.98 32.22
CA LEU B 858 -18.42 -20.26 33.38
C LEU B 858 -18.96 -21.26 34.40
N THR B 859 -18.01 -21.95 35.04
CA THR B 859 -18.37 -22.97 36.02
C THR B 859 -18.91 -22.33 37.29
N VAL B 860 -19.64 -23.13 38.06
CA VAL B 860 -20.25 -22.70 39.31
C VAL B 860 -19.60 -23.46 40.45
N LEU B 861 -19.00 -22.74 41.38
CA LEU B 861 -18.37 -23.36 42.53
C LEU B 861 -19.42 -23.73 43.56
N PRO B 862 -19.49 -25.00 43.98
CA PRO B 862 -20.47 -25.38 45.01
C PRO B 862 -20.12 -24.73 46.34
N PRO B 863 -21.12 -24.41 47.16
CA PRO B 863 -20.85 -23.81 48.47
C PRO B 863 -20.19 -24.80 49.41
N LEU B 864 -19.38 -24.25 50.33
CA LEU B 864 -18.74 -25.08 51.35
C LEU B 864 -19.77 -25.72 52.27
N LEU B 865 -20.77 -24.96 52.69
CA LEU B 865 -21.83 -25.45 53.55
C LEU B 865 -23.04 -25.80 52.70
N THR B 866 -23.48 -27.05 52.75
CA THR B 866 -24.62 -27.49 51.98
C THR B 866 -25.91 -26.99 52.61
N ASP B 867 -27.02 -27.15 51.86
CA ASP B 867 -28.32 -26.74 52.37
C ASP B 867 -28.73 -27.58 53.58
N GLU B 868 -28.36 -28.86 53.59
CA GLU B 868 -28.64 -29.71 54.75
C GLU B 868 -27.89 -29.20 55.98
N MET B 869 -26.64 -28.77 55.81
CA MET B 869 -25.88 -28.25 56.94
C MET B 869 -26.43 -26.91 57.41
N ILE B 870 -26.92 -26.08 56.49
CA ILE B 870 -27.56 -24.83 56.88
C ILE B 870 -28.84 -25.11 57.66
N ALA B 871 -29.63 -26.09 57.21
CA ALA B 871 -30.84 -26.47 57.94
C ALA B 871 -30.49 -27.02 59.32
N GLN B 872 -29.41 -27.80 59.42
CA GLN B 872 -28.96 -28.31 60.70
C GLN B 872 -28.53 -27.17 61.63
N TYR B 873 -27.84 -26.17 61.09
CA TYR B 873 -27.45 -25.01 61.89
C TYR B 873 -28.69 -24.25 62.40
N THR B 874 -29.68 -24.07 61.53
CA THR B 874 -30.90 -23.38 61.96
C THR B 874 -31.65 -24.19 63.01
N SER B 875 -31.70 -25.52 62.85
CA SER B 875 -32.35 -26.36 63.85
C SER B 875 -31.62 -26.32 65.18
N ALA B 876 -30.28 -26.31 65.15
CA ALA B 876 -29.52 -26.20 66.39
C ALA B 876 -29.75 -24.86 67.08
N LEU B 877 -29.81 -23.78 66.29
CA LEU B 877 -30.10 -22.46 66.86
C LEU B 877 -31.50 -22.40 67.45
N LEU B 878 -32.47 -23.04 66.78
CA LEU B 878 -33.83 -23.08 67.29
C LEU B 878 -33.91 -23.88 68.59
N ALA B 879 -33.20 -25.01 68.65
CA ALA B 879 -33.18 -25.83 69.86
C ALA B 879 -32.51 -25.10 71.02
N GLY B 880 -31.43 -24.36 70.73
CA GLY B 880 -30.80 -23.55 71.77
C GLY B 880 -31.66 -22.41 72.23
N THR B 881 -32.43 -21.81 71.33
CA THR B 881 -33.27 -20.66 71.69
C THR B 881 -34.45 -21.09 72.57
N ILE B 882 -35.08 -22.22 72.25
CA ILE B 882 -36.27 -22.66 72.99
C ILE B 882 -35.94 -23.38 74.28
N THR B 883 -34.65 -23.57 74.60
CA THR B 883 -34.25 -24.24 75.82
C THR B 883 -33.40 -23.40 76.75
N SER B 884 -32.74 -22.35 76.25
CA SER B 884 -31.89 -21.52 77.09
C SER B 884 -32.20 -20.04 76.90
N GLY B 885 -32.72 -19.68 75.72
CA GLY B 885 -33.04 -18.30 75.43
C GLY B 885 -31.85 -17.49 74.94
N TRP B 886 -30.96 -17.12 75.86
CA TRP B 886 -29.78 -16.34 75.49
C TRP B 886 -28.49 -16.83 76.12
N THR B 887 -28.53 -17.76 77.08
CA THR B 887 -27.30 -18.20 77.74
C THR B 887 -26.44 -19.10 76.85
N PHE B 888 -27.04 -19.76 75.86
CA PHE B 888 -26.27 -20.60 74.95
C PHE B 888 -25.48 -19.81 73.93
N GLY B 889 -25.83 -18.54 73.72
CA GLY B 889 -25.11 -17.67 72.83
C GLY B 889 -24.17 -16.70 73.50
N ALA B 890 -24.07 -16.72 74.82
CA ALA B 890 -23.22 -15.80 75.58
C ALA B 890 -22.45 -16.55 76.65
N GLY B 891 -22.06 -17.78 76.37
CA GLY B 891 -21.32 -18.58 77.32
C GLY B 891 -21.81 -20.01 77.42
N PRO B 892 -21.78 -20.57 78.63
CA PRO B 892 -22.24 -21.94 78.85
C PRO B 892 -23.75 -22.03 78.69
N ALA B 893 -24.20 -23.08 78.01
CA ALA B 893 -25.62 -23.27 77.76
C ALA B 893 -26.31 -23.75 79.04
N LEU B 894 -27.45 -23.14 79.35
CA LEU B 894 -28.26 -23.50 80.51
C LEU B 894 -29.60 -24.07 80.05
N GLN B 895 -30.47 -24.34 81.02
CA GLN B 895 -31.81 -24.85 80.75
C GLN B 895 -32.82 -23.96 81.44
N ILE B 896 -33.96 -23.76 80.79
CA ILE B 896 -35.04 -22.93 81.31
C ILE B 896 -36.34 -23.34 80.66
N PRO B 897 -37.47 -23.37 81.39
CA PRO B 897 -38.76 -23.59 80.74
C PRO B 897 -39.12 -22.43 79.83
N PHE B 898 -39.88 -22.74 78.78
CA PHE B 898 -40.20 -21.72 77.78
C PHE B 898 -41.17 -20.68 78.33
N PRO B 899 -42.01 -21.04 79.30
CA PRO B 899 -42.87 -20.05 79.94
C PRO B 899 -42.05 -19.02 80.69
N MET B 900 -41.05 -19.47 81.45
CA MET B 900 -40.15 -18.55 82.15
C MET B 900 -39.30 -17.76 81.18
N GLN B 901 -38.87 -18.37 80.06
CA GLN B 901 -38.12 -17.62 79.06
C GLN B 901 -38.97 -16.53 78.42
N MET B 902 -40.24 -16.83 78.13
CA MET B 902 -41.13 -15.81 77.57
C MET B 902 -41.43 -14.72 78.59
N ALA B 903 -41.54 -15.07 79.87
CA ALA B 903 -41.69 -14.05 80.90
C ALA B 903 -40.45 -13.17 81.00
N TYR B 904 -39.26 -13.77 80.83
CA TYR B 904 -38.02 -13.00 80.80
C TYR B 904 -37.99 -12.04 79.61
N ARG B 905 -38.43 -12.52 78.44
CA ARG B 905 -38.51 -11.67 77.27
C ARG B 905 -39.54 -10.55 77.46
N PHE B 906 -40.60 -10.81 78.21
CA PHE B 906 -41.58 -9.78 78.51
C PHE B 906 -40.98 -8.69 79.40
N ASN B 907 -40.09 -9.07 80.32
CA ASN B 907 -39.48 -8.10 81.22
C ASN B 907 -38.50 -7.17 80.51
N GLY B 908 -38.01 -7.55 79.33
CA GLY B 908 -37.05 -6.74 78.60
C GLY B 908 -37.62 -5.59 77.81
N ILE B 909 -38.95 -5.45 77.78
CA ILE B 909 -39.60 -4.37 77.05
C ILE B 909 -40.38 -3.44 77.98
N GLY B 910 -40.27 -3.62 79.28
CA GLY B 910 -40.93 -2.77 80.24
C GLY B 910 -42.23 -3.31 80.81
N VAL B 911 -42.58 -4.57 80.52
CA VAL B 911 -43.80 -5.19 81.01
C VAL B 911 -43.43 -6.23 82.05
N THR B 912 -44.07 -6.17 83.21
CA THR B 912 -43.80 -7.12 84.27
C THR B 912 -44.34 -8.50 83.92
N GLN B 913 -43.88 -9.51 84.66
CA GLN B 913 -44.16 -10.90 84.33
C GLN B 913 -45.50 -11.40 84.84
N ASN B 914 -46.25 -10.59 85.60
CA ASN B 914 -47.54 -11.05 86.10
C ASN B 914 -48.64 -11.01 85.02
N VAL B 915 -48.37 -10.42 83.86
CA VAL B 915 -49.36 -10.42 82.78
C VAL B 915 -49.19 -11.61 81.86
N LEU B 916 -48.19 -12.46 82.07
CA LEU B 916 -47.91 -13.59 81.18
C LEU B 916 -48.60 -14.86 81.65
N TYR B 917 -48.32 -15.29 82.89
CA TYR B 917 -48.86 -16.55 83.39
C TYR B 917 -50.37 -16.49 83.62
N GLU B 918 -50.93 -15.30 83.81
CA GLU B 918 -52.37 -15.19 84.02
C GLU B 918 -53.15 -15.47 82.74
N ASN B 919 -52.55 -15.23 81.59
CA ASN B 919 -53.17 -15.49 80.28
C ASN B 919 -52.18 -16.18 79.36
N GLN B 920 -51.51 -17.21 79.88
CA GLN B 920 -50.52 -17.94 79.09
C GLN B 920 -51.16 -18.69 77.93
N LYS B 921 -52.38 -19.21 78.14
CA LYS B 921 -53.10 -19.88 77.07
C LYS B 921 -53.43 -18.91 75.94
N LEU B 922 -53.81 -17.68 76.28
CA LEU B 922 -54.09 -16.67 75.26
C LEU B 922 -52.84 -16.34 74.46
N ILE B 923 -51.70 -16.19 75.13
CA ILE B 923 -50.45 -15.88 74.44
C ILE B 923 -50.03 -17.03 73.53
N ALA B 924 -50.16 -18.28 74.02
CA ALA B 924 -49.82 -19.43 73.20
C ALA B 924 -50.73 -19.55 71.99
N ASN B 925 -52.03 -19.32 72.17
CA ASN B 925 -52.97 -19.37 71.06
C ASN B 925 -52.68 -18.27 70.04
N GLN B 926 -52.36 -17.06 70.52
CA GLN B 926 -52.02 -15.98 69.61
C GLN B 926 -50.74 -16.27 68.83
N PHE B 927 -49.74 -16.86 69.49
CA PHE B 927 -48.51 -17.22 68.80
C PHE B 927 -48.75 -18.30 67.76
N ASN B 928 -49.56 -19.31 68.08
CA ASN B 928 -49.88 -20.36 67.12
C ASN B 928 -50.66 -19.80 65.94
N SER B 929 -51.61 -18.90 66.21
CA SER B 929 -52.38 -18.27 65.14
C SER B 929 -51.50 -17.42 64.24
N ALA B 930 -50.54 -16.69 64.82
CA ALA B 930 -49.62 -15.88 64.02
C ALA B 930 -48.71 -16.77 63.17
N ILE B 931 -48.25 -17.89 63.73
CA ILE B 931 -47.42 -18.82 62.96
C ILE B 931 -48.22 -19.41 61.79
N GLY B 932 -49.47 -19.78 62.05
CA GLY B 932 -50.32 -20.28 60.97
C GLY B 932 -50.60 -19.22 59.92
N LYS B 933 -50.79 -17.97 60.35
CA LYS B 933 -51.05 -16.88 59.41
C LYS B 933 -49.84 -16.60 58.53
N ILE B 934 -48.63 -16.57 59.11
CA ILE B 934 -47.45 -16.33 58.28
C ILE B 934 -47.16 -17.54 57.40
N GLN B 935 -47.49 -18.76 57.85
CA GLN B 935 -47.35 -19.93 56.98
C GLN B 935 -48.30 -19.84 55.80
N ASP B 936 -49.54 -19.42 56.03
CA ASP B 936 -50.50 -19.29 54.94
C ASP B 936 -50.11 -18.16 53.99
N SER B 937 -49.60 -17.04 54.53
CA SER B 937 -49.24 -15.91 53.69
C SER B 937 -47.97 -16.18 52.90
N LEU B 938 -47.05 -16.98 53.44
CA LEU B 938 -45.82 -17.29 52.72
C LEU B 938 -46.05 -18.28 51.59
N SER B 939 -47.19 -18.95 51.57
CA SER B 939 -47.51 -19.88 50.49
C SER B 939 -48.11 -19.19 49.27
N SER B 940 -48.44 -17.90 49.38
CA SER B 940 -49.03 -17.16 48.27
C SER B 940 -47.95 -16.69 47.29
N ALA B 944 -44.22 -13.29 45.44
CA ALA B 944 -43.24 -14.26 45.91
C ALA B 944 -42.17 -13.57 46.76
N LEU B 945 -41.00 -14.20 46.85
CA LEU B 945 -39.90 -13.63 47.62
C LEU B 945 -39.28 -12.46 46.86
N GLY B 946 -39.14 -11.33 47.55
CA GLY B 946 -38.62 -10.13 46.93
C GLY B 946 -37.10 -10.05 46.87
N LYS B 947 -36.45 -10.11 48.03
CA LYS B 947 -35.01 -9.92 48.09
C LYS B 947 -34.26 -11.14 47.58
N LEU B 948 -34.77 -12.34 47.87
CA LEU B 948 -34.05 -13.56 47.49
C LEU B 948 -34.07 -13.78 45.98
N GLN B 949 -35.19 -13.47 45.33
CA GLN B 949 -35.30 -13.68 43.89
C GLN B 949 -34.53 -12.64 43.09
N ASP B 950 -34.18 -11.50 43.69
CA ASP B 950 -33.50 -10.46 42.94
C ASP B 950 -32.05 -10.83 42.63
N VAL B 951 -31.34 -11.41 43.60
CA VAL B 951 -29.92 -11.72 43.40
C VAL B 951 -29.75 -12.86 42.41
N VAL B 952 -30.63 -13.87 42.47
CA VAL B 952 -30.54 -15.00 41.55
C VAL B 952 -30.84 -14.55 40.13
N ASN B 953 -31.88 -13.71 39.97
CA ASN B 953 -32.21 -13.19 38.66
C ASN B 953 -31.09 -12.30 38.12
N GLN B 954 -30.47 -11.49 38.98
CA GLN B 954 -29.36 -10.65 38.55
C GLN B 954 -28.16 -11.48 38.12
N ASN B 955 -27.84 -12.55 38.85
CA ASN B 955 -26.74 -13.42 38.47
C ASN B 955 -27.03 -14.15 37.16
N ALA B 956 -28.27 -14.61 36.98
CA ALA B 956 -28.65 -15.27 35.74
C ALA B 956 -28.58 -14.30 34.55
N GLN B 957 -29.03 -13.06 34.76
CA GLN B 957 -28.95 -12.05 33.71
C GLN B 957 -27.49 -11.71 33.37
N ALA B 958 -26.63 -11.62 34.38
CA ALA B 958 -25.22 -11.36 34.14
C ALA B 958 -24.56 -12.49 33.35
N LEU B 959 -24.88 -13.74 33.71
CA LEU B 959 -24.32 -14.88 32.98
C LEU B 959 -24.86 -14.93 31.55
N ASN B 960 -26.15 -14.62 31.36
CA ASN B 960 -26.73 -14.59 30.02
C ASN B 960 -26.08 -13.50 29.16
N THR B 961 -25.82 -12.33 29.75
CA THR B 961 -25.10 -11.29 29.03
C THR B 961 -23.68 -11.72 28.71
N LEU B 962 -23.05 -12.45 29.63
CA LEU B 962 -21.69 -12.94 29.40
C LEU B 962 -21.62 -13.88 28.21
N VAL B 963 -22.60 -14.80 28.10
CA VAL B 963 -22.57 -15.70 26.95
C VAL B 963 -23.10 -15.01 25.68
N LYS B 964 -23.90 -13.95 25.82
CA LYS B 964 -24.39 -13.24 24.65
C LYS B 964 -23.34 -12.33 24.04
N GLN B 965 -22.40 -11.83 24.84
CA GLN B 965 -21.34 -10.96 24.31
C GLN B 965 -20.42 -11.70 23.34
N LEU B 966 -20.37 -13.03 23.39
CA LEU B 966 -19.53 -13.79 22.47
C LEU B 966 -20.09 -13.79 21.05
N SER B 967 -21.35 -13.45 20.86
CA SER B 967 -21.96 -13.40 19.53
C SER B 967 -21.84 -12.04 18.87
N SER B 968 -21.18 -11.08 19.52
CA SER B 968 -21.01 -9.74 18.98
C SER B 968 -19.66 -9.63 18.29
N ASN B 969 -19.64 -9.04 17.09
CA ASN B 969 -18.41 -8.90 16.34
C ASN B 969 -17.49 -7.85 16.93
N PHE B 970 -18.02 -6.95 17.77
CA PHE B 970 -17.27 -5.85 18.39
C PHE B 970 -16.62 -4.95 17.35
N GLY B 971 -17.27 -4.78 16.19
CA GLY B 971 -16.73 -3.99 15.12
C GLY B 971 -15.92 -4.75 14.09
N ALA B 972 -15.67 -6.04 14.31
CA ALA B 972 -14.90 -6.85 13.36
C ALA B 972 -15.83 -7.40 12.28
N ILE B 973 -15.28 -8.26 11.41
CA ILE B 973 -16.06 -8.83 10.32
C ILE B 973 -16.68 -10.17 10.67
N SER B 974 -16.45 -10.69 11.87
CA SER B 974 -17.00 -11.97 12.28
C SER B 974 -17.19 -11.98 13.78
N SER B 975 -18.07 -12.88 14.24
CA SER B 975 -18.36 -13.01 15.66
C SER B 975 -17.47 -14.04 16.35
N VAL B 976 -17.32 -15.22 15.75
CA VAL B 976 -16.49 -16.27 16.31
C VAL B 976 -15.06 -16.07 15.83
N LEU B 977 -14.10 -16.53 16.63
CA LEU B 977 -12.69 -16.36 16.31
C LEU B 977 -12.15 -17.45 15.40
N ASN B 978 -12.93 -18.50 15.14
CA ASN B 978 -12.46 -19.57 14.26
C ASN B 978 -12.71 -19.27 12.79
N ASP B 979 -13.77 -18.51 12.48
CA ASP B 979 -14.09 -18.21 11.09
C ASP B 979 -13.04 -17.33 10.45
N ILE B 980 -12.54 -16.34 11.19
CA ILE B 980 -11.50 -15.45 10.64
C ILE B 980 -10.20 -16.21 10.43
N LEU B 981 -9.89 -17.15 11.33
CA LEU B 981 -8.68 -17.94 11.17
C LEU B 981 -8.80 -18.91 10.00
N SER B 982 -9.99 -19.48 9.79
CA SER B 982 -10.18 -20.43 8.71
C SER B 982 -10.27 -19.75 7.34
N ARG B 983 -10.84 -18.54 7.29
CA ARG B 983 -11.04 -17.85 6.02
C ARG B 983 -9.86 -16.93 5.68
N LEU B 984 -9.49 -16.05 6.60
CA LEU B 984 -8.39 -15.12 6.38
C LEU B 984 -7.07 -15.79 6.76
N ASP B 985 -5.99 -15.02 6.71
CA ASP B 985 -4.65 -15.46 7.08
C ASP B 985 -4.23 -14.79 8.38
N PRO B 986 -3.31 -15.40 9.14
CA PRO B 986 -2.95 -14.87 10.48
C PRO B 986 -2.48 -13.41 10.47
N PRO B 987 -1.47 -13.02 9.68
CA PRO B 987 -0.86 -11.70 9.95
C PRO B 987 -1.75 -10.51 9.62
N GLU B 988 -2.69 -10.65 8.68
CA GLU B 988 -3.62 -9.56 8.40
C GLU B 988 -4.91 -9.64 9.20
N ALA B 989 -5.25 -10.81 9.74
CA ALA B 989 -6.40 -10.96 10.62
C ALA B 989 -6.05 -10.80 12.09
N GLU B 990 -4.78 -10.45 12.38
CA GLU B 990 -4.38 -10.25 13.77
C GLU B 990 -5.06 -9.02 14.38
N VAL B 991 -5.39 -8.02 13.56
CA VAL B 991 -6.07 -6.84 14.08
C VAL B 991 -7.50 -7.18 14.49
N GLN B 992 -8.21 -7.98 13.69
CA GLN B 992 -9.55 -8.42 14.05
C GLN B 992 -9.52 -9.28 15.31
N ILE B 993 -8.52 -10.16 15.41
CA ILE B 993 -8.38 -11.00 16.60
C ILE B 993 -8.13 -10.14 17.83
N ASP B 994 -7.24 -9.14 17.72
CA ASP B 994 -6.93 -8.27 18.85
C ASP B 994 -8.15 -7.44 19.24
N ARG B 995 -8.94 -7.02 18.25
CA ARG B 995 -10.20 -6.33 18.54
C ARG B 995 -11.16 -7.22 19.31
N LEU B 996 -11.23 -8.50 18.93
CA LEU B 996 -12.07 -9.45 19.64
C LEU B 996 -11.59 -9.63 21.09
N ILE B 997 -10.28 -9.75 21.29
CA ILE B 997 -9.75 -9.92 22.65
C ILE B 997 -10.01 -8.68 23.50
N THR B 998 -9.83 -7.48 22.94
CA THR B 998 -10.05 -6.30 23.76
C THR B 998 -11.53 -6.07 24.04
N GLY B 999 -12.42 -6.44 23.12
CA GLY B 999 -13.83 -6.37 23.40
C GLY B 999 -14.26 -7.35 24.48
N ARG B 1000 -13.78 -8.59 24.39
CA ARG B 1000 -14.08 -9.58 25.42
C ARG B 1000 -13.47 -9.19 26.77
N LEU B 1001 -12.29 -8.58 26.75
CA LEU B 1001 -11.67 -8.11 28.00
C LEU B 1001 -12.47 -6.98 28.63
N GLN B 1002 -12.97 -6.05 27.81
CA GLN B 1002 -13.83 -4.99 28.32
C GLN B 1002 -15.11 -5.56 28.92
N SER B 1003 -15.72 -6.54 28.23
CA SER B 1003 -16.92 -7.18 28.75
C SER B 1003 -16.64 -7.91 30.07
N LEU B 1004 -15.51 -8.61 30.14
CA LEU B 1004 -15.17 -9.35 31.36
C LEU B 1004 -14.87 -8.40 32.51
N GLN B 1005 -14.21 -7.27 32.23
CA GLN B 1005 -13.94 -6.28 33.28
C GLN B 1005 -15.23 -5.64 33.77
N THR B 1006 -16.17 -5.35 32.86
CA THR B 1006 -17.47 -4.82 33.28
C THR B 1006 -18.22 -5.83 34.13
N TYR B 1007 -18.20 -7.11 33.73
CA TYR B 1007 -18.84 -8.15 34.53
C TYR B 1007 -18.19 -8.29 35.90
N VAL B 1008 -16.86 -8.21 35.95
CA VAL B 1008 -16.14 -8.32 37.21
C VAL B 1008 -16.47 -7.15 38.13
N THR B 1009 -16.53 -5.94 37.59
CA THR B 1009 -16.89 -4.77 38.39
C THR B 1009 -18.32 -4.88 38.92
N GLN B 1010 -19.26 -5.32 38.07
CA GLN B 1010 -20.64 -5.48 38.50
C GLN B 1010 -20.75 -6.55 39.58
N GLN B 1011 -20.04 -7.66 39.42
CA GLN B 1011 -20.07 -8.72 40.43
C GLN B 1011 -19.38 -8.29 41.72
N LEU B 1012 -18.36 -7.43 41.63
CA LEU B 1012 -17.73 -6.91 42.84
C LEU B 1012 -18.66 -5.98 43.60
N ILE B 1013 -19.40 -5.13 42.89
CA ILE B 1013 -20.38 -4.27 43.54
C ILE B 1013 -21.49 -5.11 44.17
N ARG B 1014 -21.95 -6.14 43.45
CA ARG B 1014 -22.98 -7.02 43.99
C ARG B 1014 -22.46 -7.81 45.19
N ALA B 1015 -21.18 -8.20 45.17
CA ALA B 1015 -20.60 -8.90 46.31
C ALA B 1015 -20.43 -7.99 47.52
N ALA B 1016 -20.10 -6.71 47.29
CA ALA B 1016 -20.07 -5.76 48.40
C ALA B 1016 -21.45 -5.57 49.00
N GLU B 1017 -22.48 -5.47 48.16
CA GLU B 1017 -23.85 -5.37 48.66
C GLU B 1017 -24.25 -6.64 49.41
N ILE B 1018 -23.84 -7.80 48.90
CA ILE B 1018 -24.14 -9.07 49.55
C ILE B 1018 -23.45 -9.17 50.90
N ARG B 1019 -22.20 -8.69 50.98
CA ARG B 1019 -21.49 -8.68 52.26
C ARG B 1019 -22.15 -7.74 53.25
N ALA B 1020 -22.62 -6.58 52.78
CA ALA B 1020 -23.34 -5.66 53.68
C ALA B 1020 -24.63 -6.30 54.19
N SER B 1021 -25.38 -6.95 53.29
CA SER B 1021 -26.61 -7.63 53.71
C SER B 1021 -26.32 -8.79 54.66
N ALA B 1022 -25.22 -9.52 54.43
CA ALA B 1022 -24.86 -10.62 55.30
C ALA B 1022 -24.43 -10.12 56.68
N ASN B 1023 -23.71 -9.00 56.73
CA ASN B 1023 -23.36 -8.40 58.02
C ASN B 1023 -24.61 -7.93 58.76
N LEU B 1024 -25.56 -7.34 58.03
CA LEU B 1024 -26.82 -6.92 58.65
C LEU B 1024 -27.59 -8.12 59.19
N ALA B 1025 -27.64 -9.21 58.43
CA ALA B 1025 -28.34 -10.41 58.88
C ALA B 1025 -27.64 -11.06 60.06
N ALA B 1026 -26.30 -11.05 60.07
CA ALA B 1026 -25.54 -11.60 61.19
C ALA B 1026 -25.78 -10.77 62.45
N THR B 1027 -25.80 -9.44 62.33
CA THR B 1027 -26.11 -8.61 63.49
C THR B 1027 -27.54 -8.83 63.97
N LYS B 1028 -28.48 -9.00 63.04
CA LYS B 1028 -29.86 -9.29 63.42
C LYS B 1028 -29.95 -10.62 64.16
N MET B 1029 -29.23 -11.64 63.68
CA MET B 1029 -29.19 -12.93 64.37
C MET B 1029 -28.61 -12.79 65.77
N SER B 1030 -27.46 -12.11 65.87
CA SER B 1030 -26.75 -12.00 67.15
C SER B 1030 -27.57 -11.23 68.19
N GLU B 1031 -28.25 -10.17 67.77
CA GLU B 1031 -29.05 -9.39 68.72
C GLU B 1031 -30.41 -10.03 68.98
N CYS B 1032 -31.25 -10.15 67.94
CA CYS B 1032 -32.62 -10.59 68.15
C CYS B 1032 -32.70 -12.08 68.45
N VAL B 1033 -31.92 -12.91 67.75
CA VAL B 1033 -32.03 -14.35 67.92
C VAL B 1033 -31.33 -14.80 69.19
N LEU B 1034 -30.06 -14.44 69.35
CA LEU B 1034 -29.27 -14.85 70.52
C LEU B 1034 -29.44 -13.86 71.67
N GLY B 1035 -30.68 -13.58 72.03
CA GLY B 1035 -30.96 -12.63 73.10
C GLY B 1035 -32.18 -11.78 72.83
N GLN B 1036 -32.21 -10.58 73.39
CA GLN B 1036 -33.31 -9.64 73.18
C GLN B 1036 -32.73 -8.25 72.94
N SER B 1037 -32.83 -7.76 71.71
CA SER B 1037 -32.27 -6.46 71.38
C SER B 1037 -33.14 -5.35 71.94
N LYS B 1038 -32.51 -4.37 72.59
CA LYS B 1038 -33.22 -3.22 73.13
C LYS B 1038 -33.46 -2.13 72.10
N ARG B 1039 -32.95 -2.28 70.89
CA ARG B 1039 -33.13 -1.27 69.86
C ARG B 1039 -34.55 -1.36 69.30
N VAL B 1040 -35.26 -0.23 69.32
CA VAL B 1040 -36.64 -0.18 68.86
C VAL B 1040 -36.66 -0.16 67.33
N ASP B 1041 -37.60 -0.93 66.75
CA ASP B 1041 -37.80 -1.03 65.31
C ASP B 1041 -36.56 -1.57 64.58
N PHE B 1042 -35.80 -2.43 65.25
CA PHE B 1042 -34.68 -3.12 64.62
C PHE B 1042 -35.00 -4.57 64.28
N CYS B 1043 -35.68 -5.28 65.17
CA CYS B 1043 -36.12 -6.65 64.94
C CYS B 1043 -37.61 -6.72 64.63
N GLY B 1044 -38.14 -5.73 63.91
CA GLY B 1044 -39.54 -5.70 63.58
C GLY B 1044 -40.26 -4.48 64.14
N LYS B 1045 -41.43 -4.17 63.59
CA LYS B 1045 -42.20 -3.02 64.03
C LYS B 1045 -42.94 -3.36 65.32
N GLY B 1046 -42.53 -2.75 66.43
CA GLY B 1046 -43.13 -3.02 67.72
C GLY B 1046 -42.11 -3.41 68.77
N TYR B 1047 -42.57 -4.01 69.86
CA TYR B 1047 -41.70 -4.46 70.94
C TYR B 1047 -41.25 -5.89 70.64
N HIS B 1048 -39.95 -6.06 70.39
CA HIS B 1048 -39.40 -7.36 70.02
C HIS B 1048 -39.28 -8.25 71.25
N LEU B 1049 -39.61 -9.54 71.07
CA LEU B 1049 -39.48 -10.54 72.11
C LEU B 1049 -38.42 -11.58 71.76
N MET B 1050 -38.57 -12.26 70.63
CA MET B 1050 -37.62 -13.28 70.19
C MET B 1050 -37.76 -13.47 68.69
N SER B 1051 -36.78 -14.15 68.11
CA SER B 1051 -36.77 -14.42 66.67
C SER B 1051 -36.39 -15.88 66.43
N PHE B 1052 -36.94 -16.45 65.36
CA PHE B 1052 -36.66 -17.83 64.98
C PHE B 1052 -36.07 -17.87 63.58
N PRO B 1053 -34.76 -18.08 63.43
CA PRO B 1053 -34.18 -18.14 62.09
C PRO B 1053 -34.56 -19.44 61.38
N GLN B 1054 -34.78 -19.33 60.07
CA GLN B 1054 -35.11 -20.48 59.24
C GLN B 1054 -34.23 -20.48 58.00
N SER B 1055 -33.82 -21.67 57.56
CA SER B 1055 -32.93 -21.79 56.42
C SER B 1055 -33.65 -21.44 55.13
N ALA B 1056 -32.95 -20.75 54.24
CA ALA B 1056 -33.45 -20.35 52.94
C ALA B 1056 -32.37 -20.57 51.89
N PRO B 1057 -32.75 -20.82 50.64
CA PRO B 1057 -31.74 -20.96 49.57
C PRO B 1057 -31.05 -19.63 49.30
N HIS B 1058 -29.74 -19.60 49.54
CA HIS B 1058 -28.90 -18.42 49.35
C HIS B 1058 -29.41 -17.24 50.17
N GLY B 1059 -29.86 -17.50 51.39
CA GLY B 1059 -30.37 -16.44 52.23
C GLY B 1059 -30.89 -17.01 53.53
N VAL B 1060 -31.52 -16.13 54.31
CA VAL B 1060 -32.10 -16.52 55.60
C VAL B 1060 -33.29 -15.61 55.89
N VAL B 1061 -34.30 -16.17 56.54
CA VAL B 1061 -35.47 -15.41 56.96
C VAL B 1061 -35.52 -15.41 58.48
N PHE B 1062 -36.22 -14.41 59.03
CA PHE B 1062 -36.33 -14.25 60.47
C PHE B 1062 -37.80 -14.14 60.86
N LEU B 1063 -38.23 -14.99 61.78
CA LEU B 1063 -39.60 -14.96 62.29
C LEU B 1063 -39.58 -14.28 63.66
N HIS B 1064 -39.62 -12.95 63.63
CA HIS B 1064 -39.59 -12.16 64.86
C HIS B 1064 -40.91 -12.27 65.59
N VAL B 1065 -40.85 -12.46 66.91
CA VAL B 1065 -42.03 -12.42 67.76
C VAL B 1065 -42.14 -11.02 68.34
N THR B 1066 -43.26 -10.35 68.04
CA THR B 1066 -43.42 -8.93 68.36
C THR B 1066 -44.58 -8.75 69.32
N TYR B 1067 -44.33 -8.02 70.40
CA TYR B 1067 -45.37 -7.63 71.36
C TYR B 1067 -45.92 -6.27 70.92
N VAL B 1068 -47.22 -6.21 70.66
CA VAL B 1068 -47.84 -4.97 70.20
C VAL B 1068 -49.21 -4.81 70.83
N PRO B 1069 -49.50 -3.67 71.46
CA PRO B 1069 -50.84 -3.45 72.03
C PRO B 1069 -51.89 -3.30 70.93
N ALA B 1070 -53.12 -3.68 71.28
CA ALA B 1070 -54.24 -3.61 70.35
C ALA B 1070 -55.31 -2.62 70.80
N GLN B 1071 -55.81 -2.76 72.02
CA GLN B 1071 -56.89 -1.91 72.53
C GLN B 1071 -56.35 -1.03 73.63
N GLU B 1072 -56.74 0.24 73.62
CA GLU B 1072 -56.30 1.22 74.60
C GLU B 1072 -57.49 2.00 75.14
N LYS B 1073 -57.33 2.52 76.36
CA LYS B 1073 -58.36 3.30 77.02
C LYS B 1073 -57.79 4.63 77.48
N ASN B 1074 -58.62 5.67 77.43
CA ASN B 1074 -58.22 7.02 77.81
C ASN B 1074 -58.43 7.24 79.31
N PHE B 1075 -57.51 7.98 79.92
CA PHE B 1075 -57.54 8.21 81.36
C PHE B 1075 -56.99 9.60 81.66
N THR B 1076 -57.25 10.06 82.89
CA THR B 1076 -56.72 11.32 83.38
C THR B 1076 -55.48 11.04 84.22
N THR B 1077 -54.39 11.75 83.91
CA THR B 1077 -53.10 11.50 84.55
C THR B 1077 -52.61 12.74 85.28
N ALA B 1078 -51.79 12.52 86.31
CA ALA B 1078 -51.14 13.57 87.08
C ALA B 1078 -49.69 13.18 87.31
N PRO B 1079 -48.75 14.13 87.21
CA PRO B 1079 -47.34 13.79 87.39
C PRO B 1079 -46.94 13.52 88.83
N ALA B 1080 -47.73 13.96 89.81
CA ALA B 1080 -47.37 13.79 91.21
C ALA B 1080 -48.62 13.78 92.06
N ILE B 1081 -48.47 13.29 93.29
CA ILE B 1081 -49.57 13.19 94.25
C ILE B 1081 -49.16 13.89 95.53
N CYS B 1082 -50.01 14.79 96.02
CA CYS B 1082 -49.76 15.56 97.24
C CYS B 1082 -50.54 14.91 98.38
N HIS B 1083 -49.82 14.25 99.29
CA HIS B 1083 -50.46 13.57 100.41
C HIS B 1083 -50.51 14.44 101.66
N ASP B 1084 -49.34 14.84 102.16
CA ASP B 1084 -49.24 15.66 103.37
C ASP B 1084 -48.23 16.78 103.16
N GLY B 1085 -48.36 17.48 102.03
CA GLY B 1085 -47.44 18.54 101.69
C GLY B 1085 -46.17 18.09 101.01
N LYS B 1086 -46.02 16.81 100.72
CA LYS B 1086 -44.86 16.28 100.02
C LYS B 1086 -45.30 15.57 98.75
N ALA B 1087 -44.55 15.78 97.68
CA ALA B 1087 -44.89 15.21 96.39
C ALA B 1087 -44.51 13.73 96.33
N HIS B 1088 -45.40 12.92 95.77
CA HIS B 1088 -45.15 11.50 95.58
C HIS B 1088 -45.07 11.19 94.09
N PHE B 1089 -43.98 10.55 93.69
CA PHE B 1089 -43.76 10.20 92.30
C PHE B 1089 -43.70 8.68 92.13
N PRO B 1090 -44.27 8.15 91.06
CA PRO B 1090 -44.19 6.70 90.83
C PRO B 1090 -42.78 6.26 90.51
N ARG B 1091 -42.45 5.03 90.92
CA ARG B 1091 -41.12 4.48 90.66
C ARG B 1091 -40.99 4.02 89.21
N GLU B 1092 -41.84 3.08 88.80
CA GLU B 1092 -41.88 2.62 87.41
C GLU B 1092 -43.22 2.85 86.74
N GLY B 1093 -44.29 3.11 87.48
CA GLY B 1093 -45.61 3.29 86.91
C GLY B 1093 -45.92 4.73 86.60
N VAL B 1094 -47.21 5.01 86.46
CA VAL B 1094 -47.71 6.35 86.18
C VAL B 1094 -49.12 6.47 86.74
N PHE B 1095 -49.40 7.61 87.38
CA PHE B 1095 -50.72 7.83 87.98
C PHE B 1095 -51.77 8.02 86.89
N VAL B 1096 -52.86 7.26 87.00
CA VAL B 1096 -53.98 7.36 86.07
C VAL B 1096 -55.27 7.47 86.88
N SER B 1097 -56.31 8.00 86.23
CA SER B 1097 -57.61 8.15 86.85
C SER B 1097 -58.70 7.87 85.82
N ASN B 1098 -59.73 7.14 86.24
CA ASN B 1098 -60.86 6.84 85.38
C ASN B 1098 -62.07 7.72 85.67
N GLY B 1099 -61.92 8.73 86.52
CA GLY B 1099 -62.97 9.69 86.77
C GLY B 1099 -63.20 10.03 88.22
N THR B 1100 -63.02 9.07 89.12
CA THR B 1100 -63.19 9.33 90.55
C THR B 1100 -62.11 8.72 91.43
N HIS B 1101 -61.34 7.73 90.98
CA HIS B 1101 -60.25 7.15 91.76
C HIS B 1101 -58.95 7.28 90.99
N TRP B 1102 -57.85 7.26 91.73
CA TRP B 1102 -56.51 7.38 91.17
C TRP B 1102 -55.74 6.09 91.39
N PHE B 1103 -55.13 5.59 90.32
CA PHE B 1103 -54.37 4.34 90.37
C PHE B 1103 -53.04 4.53 89.64
N VAL B 1104 -52.09 3.66 89.96
CA VAL B 1104 -50.79 3.63 89.30
C VAL B 1104 -50.66 2.28 88.58
N THR B 1105 -50.07 2.31 87.39
CA THR B 1105 -49.92 1.12 86.57
C THR B 1105 -48.80 1.34 85.55
N GLN B 1106 -48.39 0.26 84.91
CA GLN B 1106 -47.30 0.31 83.95
C GLN B 1106 -47.75 1.05 82.68
N ARG B 1107 -46.75 1.49 81.90
CA ARG B 1107 -47.00 2.27 80.70
C ARG B 1107 -47.36 1.42 79.49
N ASN B 1108 -47.23 0.09 79.58
CA ASN B 1108 -47.51 -0.79 78.45
C ASN B 1108 -48.70 -1.70 78.69
N PHE B 1109 -49.31 -1.66 79.88
CA PHE B 1109 -50.47 -2.48 80.19
C PHE B 1109 -51.27 -1.79 81.29
N TYR B 1110 -52.57 -2.06 81.33
CA TYR B 1110 -53.46 -1.49 82.33
C TYR B 1110 -53.66 -2.51 83.44
N GLU B 1111 -52.89 -2.36 84.52
CA GLU B 1111 -53.03 -3.17 85.73
C GLU B 1111 -53.13 -2.20 86.90
N PRO B 1112 -54.32 -1.64 87.13
CA PRO B 1112 -54.45 -0.56 88.13
C PRO B 1112 -54.23 -1.08 89.55
N GLN B 1113 -53.37 -0.38 90.29
CA GLN B 1113 -53.09 -0.69 91.68
C GLN B 1113 -53.27 0.57 92.51
N ILE B 1114 -53.56 0.37 93.80
CA ILE B 1114 -53.78 1.51 94.69
C ILE B 1114 -52.46 2.22 94.97
N ILE B 1115 -52.58 3.48 95.40
CA ILE B 1115 -51.43 4.33 95.67
C ILE B 1115 -50.85 3.90 97.01
N THR B 1116 -49.67 3.28 96.97
CA THR B 1116 -49.03 2.70 98.13
C THR B 1116 -47.64 3.33 98.27
N THR B 1117 -47.04 3.24 99.47
CA THR B 1117 -45.67 3.72 99.64
C THR B 1117 -44.64 2.83 98.96
N ASP B 1118 -45.05 1.64 98.51
CA ASP B 1118 -44.14 0.75 97.79
C ASP B 1118 -43.80 1.27 96.40
N ASN B 1119 -44.80 1.70 95.64
CA ASN B 1119 -44.58 2.16 94.28
C ASN B 1119 -44.42 3.67 94.16
N THR B 1120 -44.38 4.39 95.28
CA THR B 1120 -44.19 5.84 95.29
C THR B 1120 -43.03 6.20 96.19
N PHE B 1121 -42.22 7.16 95.74
CA PHE B 1121 -41.10 7.69 96.52
C PHE B 1121 -41.28 9.19 96.71
N VAL B 1122 -40.95 9.66 97.91
CA VAL B 1122 -41.15 11.06 98.28
C VAL B 1122 -39.91 11.86 97.91
N SER B 1123 -40.12 13.01 97.28
CA SER B 1123 -39.02 13.89 96.89
C SER B 1123 -39.55 15.31 96.76
N GLY B 1124 -38.92 16.25 97.46
CA GLY B 1124 -39.28 17.64 97.36
C GLY B 1124 -40.57 17.98 98.09
N ASN B 1125 -41.03 19.20 97.87
CA ASN B 1125 -42.23 19.72 98.47
C ASN B 1125 -43.41 19.55 97.50
N CYS B 1126 -44.55 20.12 97.85
CA CYS B 1126 -45.77 19.97 97.07
C CYS B 1126 -46.04 21.13 96.12
N ASP B 1127 -45.69 22.36 96.51
CA ASP B 1127 -46.02 23.52 95.69
C ASP B 1127 -45.13 23.64 94.46
N VAL B 1128 -43.91 23.10 94.51
CA VAL B 1128 -42.97 23.26 93.39
C VAL B 1128 -43.45 22.48 92.17
N VAL B 1129 -44.03 21.30 92.38
CA VAL B 1129 -44.47 20.46 91.27
C VAL B 1129 -45.78 21.01 90.71
N ILE B 1130 -45.81 21.19 89.40
CA ILE B 1130 -47.02 21.63 88.71
C ILE B 1130 -47.82 20.41 88.29
N GLY B 1131 -49.14 20.57 88.20
CA GLY B 1131 -50.01 19.47 87.87
C GLY B 1131 -50.28 18.51 89.00
N ILE B 1132 -49.87 18.84 90.23
CA ILE B 1132 -50.09 17.93 91.35
C ILE B 1132 -51.56 17.91 91.74
N VAL B 1133 -51.96 16.82 92.41
CA VAL B 1133 -53.34 16.62 92.82
C VAL B 1133 -53.37 16.24 94.29
N ASN B 1134 -54.53 16.44 94.90
CA ASN B 1134 -54.75 16.11 96.31
C ASN B 1134 -55.24 14.67 96.39
N ASN B 1135 -54.32 13.75 96.64
CA ASN B 1135 -54.66 12.34 96.74
C ASN B 1135 -53.97 11.73 97.96
N THR B 1136 -54.60 10.72 98.55
CA THR B 1136 -54.11 10.08 99.75
C THR B 1136 -53.32 8.81 99.42
N VAL B 1137 -52.66 8.29 100.45
CA VAL B 1137 -51.83 7.09 100.34
C VAL B 1137 -52.32 6.07 101.36
N TYR B 1138 -52.28 4.79 100.98
CA TYR B 1138 -52.75 3.73 101.87
C TYR B 1138 -51.91 3.69 103.16
N ASP B 1139 -50.58 3.80 103.04
CA ASP B 1139 -49.62 3.60 104.11
C ASP B 1139 -49.87 2.24 104.76
N PRO B 1140 -49.50 1.15 104.09
CA PRO B 1140 -49.86 -0.19 104.60
C PRO B 1140 -49.22 -0.55 105.93
N LEU B 1141 -48.19 0.18 106.37
CA LEU B 1141 -47.62 -0.08 107.69
C LEU B 1141 -48.60 0.25 108.81
N GLN B 1142 -49.45 1.26 108.61
CA GLN B 1142 -50.37 1.69 109.67
C GLN B 1142 -51.37 0.62 110.10
N PRO B 1143 -52.08 -0.10 109.21
CA PRO B 1143 -52.97 -1.16 109.69
C PRO B 1143 -52.25 -2.34 110.33
N GLU B 1144 -50.98 -2.56 110.01
CA GLU B 1144 -50.25 -3.71 110.56
C GLU B 1144 -49.83 -3.49 112.00
N LEU B 1145 -49.50 -2.26 112.38
CA LEU B 1145 -49.02 -2.00 113.74
C LEU B 1145 -50.14 -1.93 114.76
N ASP B 1146 -51.40 -1.95 114.33
CA ASP B 1146 -52.53 -1.91 115.26
C ASP B 1146 -52.69 -3.25 115.97
N GLN C 14 9.96 59.91 -1.12
CA GLN C 14 11.36 60.13 -0.75
C GLN C 14 11.52 60.24 0.75
N CYS C 15 12.75 60.02 1.22
CA CYS C 15 13.05 60.09 2.64
C CYS C 15 14.38 60.82 2.85
N VAL C 16 14.57 61.30 4.08
CA VAL C 16 15.79 61.99 4.46
C VAL C 16 16.36 61.33 5.71
N ASN C 17 17.65 61.54 5.93
CA ASN C 17 18.36 60.95 7.05
C ASN C 17 18.52 61.98 8.17
N LEU C 18 18.56 61.48 9.40
CA LEU C 18 18.70 62.33 10.57
C LEU C 18 20.18 62.51 10.91
N THR C 19 20.45 63.29 11.96
CA THR C 19 21.80 63.56 12.41
C THR C 19 21.96 63.07 13.85
N THR C 20 23.22 62.82 14.22
CA THR C 20 23.52 62.35 15.56
C THR C 20 23.25 63.46 16.58
N ARG C 21 22.66 63.07 17.72
CA ARG C 21 22.31 64.02 18.76
C ARG C 21 22.22 63.27 20.09
N THR C 22 22.22 64.03 21.18
CA THR C 22 22.15 63.46 22.51
C THR C 22 20.73 63.02 22.80
N GLN C 23 20.54 61.71 22.98
CA GLN C 23 19.24 61.12 23.28
C GLN C 23 19.26 60.54 24.69
N LEU C 24 18.15 59.90 25.06
CA LEU C 24 18.02 59.27 26.36
C LEU C 24 17.76 57.78 26.22
N PRO C 25 18.36 56.96 27.08
CA PRO C 25 18.11 55.52 27.01
C PRO C 25 16.69 55.20 27.44
N PRO C 26 16.09 54.14 26.91
CA PRO C 26 14.74 53.76 27.34
C PRO C 26 14.73 53.23 28.77
N ALA C 27 13.60 53.43 29.42
CA ALA C 27 13.41 53.00 30.80
C ALA C 27 12.54 51.74 30.85
N TYR C 28 12.52 51.11 32.01
CA TYR C 28 11.74 49.89 32.24
C TYR C 28 10.67 50.18 33.28
N THR C 29 9.42 49.89 32.93
CA THR C 29 8.28 50.07 33.82
C THR C 29 7.53 48.74 33.95
N ASN C 30 6.50 48.73 34.79
CA ASN C 30 5.72 47.54 35.08
C ASN C 30 4.28 47.74 34.60
N SER C 31 3.74 46.74 33.91
CA SER C 31 2.37 46.77 33.45
C SER C 31 1.45 46.24 34.54
N PHE C 32 0.40 47.00 34.85
CA PHE C 32 -0.52 46.69 35.93
C PHE C 32 -1.82 46.17 35.33
N THR C 33 -1.88 44.85 35.12
CA THR C 33 -3.08 44.15 34.64
C THR C 33 -3.57 44.71 33.31
N ARG C 34 -2.72 44.57 32.28
CA ARG C 34 -3.03 45.03 30.94
C ARG C 34 -2.78 43.89 29.96
N GLY C 35 -3.02 44.16 28.68
CA GLY C 35 -2.80 43.17 27.63
C GLY C 35 -3.73 41.97 27.69
N VAL C 36 -5.02 42.20 27.92
CA VAL C 36 -6.01 41.13 28.00
C VAL C 36 -7.11 41.43 26.99
N TYR C 37 -7.50 40.41 26.22
CA TYR C 37 -8.49 40.61 25.17
C TYR C 37 -9.54 39.50 25.16
N TYR C 38 -10.39 39.48 24.14
CA TYR C 38 -11.35 38.40 23.95
C TYR C 38 -10.70 37.29 23.15
N PRO C 39 -10.54 36.09 23.72
CA PRO C 39 -9.87 35.01 22.97
C PRO C 39 -10.76 34.32 21.96
N ASP C 40 -12.08 34.49 22.03
CA ASP C 40 -13.00 33.82 21.12
C ASP C 40 -14.14 34.77 20.75
N LYS C 41 -14.81 34.44 19.67
CA LYS C 41 -15.95 35.21 19.17
C LYS C 41 -17.29 34.59 19.58
N VAL C 42 -17.34 33.98 20.75
CA VAL C 42 -18.56 33.37 21.26
C VAL C 42 -19.01 34.11 22.51
N PHE C 43 -20.29 34.00 22.81
CA PHE C 43 -20.92 34.73 23.91
C PHE C 43 -20.98 33.84 25.14
N ARG C 44 -20.53 34.38 26.27
CA ARG C 44 -20.53 33.67 27.54
C ARG C 44 -21.15 34.55 28.61
N SER C 45 -21.88 33.93 29.54
CA SER C 45 -22.58 34.64 30.60
C SER C 45 -22.35 33.93 31.92
N SER C 46 -21.71 34.64 32.86
CA SER C 46 -21.50 34.16 34.23
C SER C 46 -20.75 32.83 34.28
N VAL C 47 -19.73 32.70 33.43
CA VAL C 47 -18.87 31.52 33.43
C VAL C 47 -17.43 31.97 33.64
N LEU C 48 -16.59 31.00 34.01
CA LEU C 48 -15.16 31.22 34.20
C LEU C 48 -14.43 30.25 33.28
N HIS C 49 -14.17 30.69 32.05
CA HIS C 49 -13.58 29.86 31.02
C HIS C 49 -12.07 30.07 30.95
N SER C 50 -11.33 28.97 30.83
CA SER C 50 -9.89 29.00 30.71
C SER C 50 -9.49 28.47 29.33
N THR C 51 -8.65 29.23 28.63
CA THR C 51 -8.21 28.88 27.29
C THR C 51 -6.70 29.07 27.18
N GLN C 52 -6.10 28.34 26.25
CA GLN C 52 -4.66 28.40 25.98
C GLN C 52 -4.45 29.32 24.78
N ASP C 53 -4.02 30.55 25.05
CA ASP C 53 -3.81 31.54 24.02
C ASP C 53 -2.71 32.50 24.49
N LEU C 54 -2.11 33.20 23.53
CA LEU C 54 -1.05 34.15 23.85
C LEU C 54 -1.62 35.35 24.60
N PHE C 55 -1.02 35.69 25.73
CA PHE C 55 -1.45 36.83 26.52
C PHE C 55 -0.23 37.51 27.12
N LEU C 56 -0.39 38.78 27.48
CA LEU C 56 0.65 39.50 28.17
C LEU C 56 0.66 39.11 29.64
N PRO C 57 1.77 38.63 30.19
CA PRO C 57 1.80 38.24 31.60
C PRO C 57 1.61 39.44 32.51
N PHE C 58 0.92 39.21 33.63
CA PHE C 58 0.67 40.26 34.60
C PHE C 58 1.93 40.54 35.42
N PHE C 59 2.15 41.83 35.71
CA PHE C 59 3.28 42.30 36.52
C PHE C 59 4.62 41.85 35.94
N SER C 60 4.74 41.88 34.62
CA SER C 60 5.97 41.57 33.93
C SER C 60 6.69 42.84 33.53
N ASN C 61 8.01 42.78 33.46
CA ASN C 61 8.80 43.95 33.12
C ASN C 61 8.62 44.30 31.65
N VAL C 62 8.31 45.56 31.38
CA VAL C 62 8.00 46.03 30.03
C VAL C 62 8.85 47.26 29.74
N THR C 63 9.04 47.52 28.45
CA THR C 63 9.87 48.63 28.00
C THR C 63 9.05 49.90 27.89
N TRP C 64 9.71 51.03 28.13
CA TRP C 64 9.09 52.35 28.06
C TRP C 64 9.81 53.18 27.00
N PHE C 65 9.05 53.72 26.05
CA PHE C 65 9.57 54.60 25.02
C PHE C 65 8.88 55.95 25.16
N HIS C 66 9.67 57.02 25.20
CA HIS C 66 9.17 58.36 25.49
C HIS C 66 9.51 59.29 24.33
N ALA C 67 8.52 60.08 23.91
CA ALA C 67 8.65 60.93 22.73
C ALA C 67 8.37 62.40 23.01
N ILE C 68 8.71 62.88 24.21
CA ILE C 68 8.51 64.28 24.53
C ILE C 68 9.68 65.11 23.98
N HIS C 69 9.46 66.42 23.85
CA HIS C 69 10.50 67.34 23.42
C HIS C 69 11.24 68.00 24.57
N VAL C 70 10.52 68.43 25.61
CA VAL C 70 11.14 69.06 26.75
C VAL C 70 11.00 68.18 27.99
N THR C 76 16.27 65.96 26.72
CA THR C 76 15.39 66.64 25.77
C THR C 76 15.61 66.09 24.36
N LYS C 77 14.68 66.43 23.46
CA LYS C 77 14.70 66.00 22.06
C LYS C 77 14.75 64.48 21.94
N ARG C 78 13.71 63.84 22.48
CA ARG C 78 13.61 62.38 22.49
C ARG C 78 12.87 61.92 21.23
N PHE C 79 13.55 61.13 20.40
CA PHE C 79 12.96 60.60 19.18
C PHE C 79 13.70 59.30 18.85
N ASP C 80 13.09 58.17 19.20
CA ASP C 80 13.68 56.86 18.95
C ASP C 80 12.65 55.96 18.28
N ASN C 81 13.03 55.37 17.14
CA ASN C 81 12.19 54.43 16.41
C ASN C 81 13.02 53.19 16.12
N PRO C 82 13.24 52.35 17.14
CA PRO C 82 14.09 51.16 16.94
C PRO C 82 13.38 50.09 16.13
N VAL C 83 14.18 49.20 15.56
CA VAL C 83 13.66 48.09 14.75
C VAL C 83 13.44 46.93 15.72
N LEU C 84 12.28 46.94 16.35
CA LEU C 84 11.94 45.91 17.33
C LEU C 84 11.48 44.64 16.61
N PRO C 85 12.03 43.47 16.95
CA PRO C 85 11.53 42.23 16.34
C PRO C 85 10.10 41.95 16.76
N PHE C 86 9.36 41.33 15.83
CA PHE C 86 7.95 41.00 16.06
C PHE C 86 7.85 39.53 16.46
N ASN C 87 7.48 39.29 17.72
CA ASN C 87 7.31 37.95 18.24
C ASN C 87 5.87 37.49 18.01
N ASP C 88 5.49 36.37 18.61
CA ASP C 88 4.13 35.83 18.48
C ASP C 88 3.20 36.63 19.37
N GLY C 89 2.80 37.79 18.85
CA GLY C 89 1.89 38.66 19.59
C GLY C 89 2.60 39.79 20.31
N VAL C 90 2.16 41.03 20.07
CA VAL C 90 2.72 42.21 20.72
C VAL C 90 1.59 42.98 21.38
N TYR C 91 1.98 43.94 22.21
CA TYR C 91 1.04 44.79 22.94
C TYR C 91 1.48 46.24 22.80
N PHE C 92 0.91 46.94 21.83
CA PHE C 92 1.23 48.34 21.56
C PHE C 92 0.18 49.20 22.25
N ALA C 93 0.53 49.76 23.41
CA ALA C 93 -0.35 50.62 24.17
C ALA C 93 0.21 52.04 24.17
N SER C 94 -0.64 53.00 23.82
CA SER C 94 -0.23 54.41 23.76
C SER C 94 -1.17 55.24 24.60
N THR C 95 -0.61 56.08 25.47
CA THR C 95 -1.38 57.03 26.25
C THR C 95 -1.59 58.32 25.45
N GLU C 96 -2.21 58.16 24.29
CA GLU C 96 -2.30 59.24 23.32
C GLU C 96 -3.28 60.31 23.77
N LYS C 97 -2.87 61.58 23.63
CA LYS C 97 -3.71 62.72 23.98
C LYS C 97 -3.98 63.63 22.79
N SER C 98 -2.94 63.97 22.02
CA SER C 98 -3.07 64.90 20.91
C SER C 98 -2.89 64.22 19.55
N ASN C 99 -3.02 62.89 19.51
CA ASN C 99 -2.94 62.09 18.28
C ASN C 99 -1.59 62.27 17.58
N ILE C 100 -0.53 61.87 18.28
CA ILE C 100 0.81 61.92 17.72
C ILE C 100 1.13 60.66 16.92
N ILE C 101 0.70 59.50 17.43
CA ILE C 101 0.94 58.24 16.72
C ILE C 101 0.13 58.23 15.43
N ARG C 102 0.77 57.79 14.34
CA ARG C 102 0.17 57.82 13.02
C ARG C 102 -0.05 56.44 12.44
N GLY C 103 0.97 55.59 12.39
CA GLY C 103 0.82 54.29 11.78
C GLY C 103 1.93 53.33 12.18
N TRP C 104 1.85 52.13 11.63
CA TRP C 104 2.81 51.07 11.90
C TRP C 104 3.24 50.42 10.59
N ILE C 105 4.46 49.91 10.59
CA ILE C 105 5.02 49.19 9.44
C ILE C 105 5.54 47.85 9.90
N PHE C 106 5.19 46.79 9.16
CA PHE C 106 5.59 45.43 9.48
C PHE C 106 6.31 44.83 8.28
N GLY C 107 7.14 43.83 8.57
CA GLY C 107 7.86 43.14 7.52
C GLY C 107 8.96 42.28 8.08
N THR C 108 9.78 41.74 7.18
CA THR C 108 10.90 40.89 7.53
C THR C 108 12.25 41.57 7.31
N THR C 109 12.47 42.15 6.13
CA THR C 109 13.70 42.86 5.83
C THR C 109 13.50 44.29 5.36
N LEU C 110 12.29 44.65 4.91
CA LEU C 110 11.96 46.01 4.46
C LEU C 110 12.89 46.47 3.33
N ASP C 111 12.96 45.66 2.27
CA ASP C 111 13.80 45.97 1.11
C ASP C 111 13.09 45.68 -0.20
N SER C 112 11.75 45.84 -0.21
CA SER C 112 10.91 45.55 -1.38
C SER C 112 11.08 44.11 -1.87
N LYS C 113 11.21 43.19 -0.92
CA LYS C 113 11.35 41.77 -1.22
C LYS C 113 10.21 40.92 -0.67
N THR C 114 9.66 41.26 0.48
CA THR C 114 8.55 40.53 1.09
C THR C 114 7.30 41.41 1.10
N GLN C 115 6.18 40.79 1.48
CA GLN C 115 4.90 41.48 1.55
C GLN C 115 4.86 42.34 2.80
N SER C 116 5.18 43.62 2.66
CA SER C 116 5.20 44.54 3.78
C SER C 116 3.78 44.98 4.14
N LEU C 117 3.63 45.46 5.38
CA LEU C 117 2.37 45.94 5.90
C LEU C 117 2.44 47.45 6.09
N LEU C 118 1.42 48.16 5.60
CA LEU C 118 1.34 49.62 5.73
C LEU C 118 -0.02 49.96 6.34
N ILE C 119 -0.07 50.01 7.67
CA ILE C 119 -1.29 50.36 8.39
C ILE C 119 -1.14 51.79 8.90
N VAL C 120 -1.63 52.76 8.13
CA VAL C 120 -1.46 54.17 8.44
C VAL C 120 -2.84 54.82 8.60
N ASN C 121 -2.99 55.55 9.70
CA ASN C 121 -4.24 56.23 10.04
C ASN C 121 -4.15 57.67 9.52
N ASN C 122 -4.69 57.90 8.32
CA ASN C 122 -4.79 59.25 7.79
C ASN C 122 -5.85 60.04 8.55
N ALA C 123 -5.86 61.36 8.32
CA ALA C 123 -6.91 62.20 8.90
C ALA C 123 -8.26 61.91 8.26
N THR C 124 -8.27 61.55 6.98
CA THR C 124 -9.53 61.30 6.29
C THR C 124 -10.04 59.89 6.56
N ASN C 125 -9.24 58.88 6.26
CA ASN C 125 -9.68 57.50 6.40
C ASN C 125 -8.50 56.62 6.77
N VAL C 126 -8.80 55.49 7.40
CA VAL C 126 -7.79 54.52 7.81
C VAL C 126 -7.42 53.67 6.61
N VAL C 127 -6.13 53.64 6.28
CA VAL C 127 -5.63 52.92 5.10
C VAL C 127 -4.78 51.75 5.59
N ILE C 128 -5.17 50.54 5.20
CA ILE C 128 -4.43 49.32 5.50
C ILE C 128 -4.11 48.68 4.15
N LYS C 129 -2.87 48.82 3.70
CA LYS C 129 -2.46 48.36 2.38
C LYS C 129 -1.29 47.39 2.53
N VAL C 130 -1.44 46.20 1.93
CA VAL C 130 -0.42 45.15 2.02
C VAL C 130 0.28 45.00 0.67
N CYS C 131 1.40 45.69 0.50
CA CYS C 131 2.12 45.70 -0.77
C CYS C 131 3.61 45.59 -0.46
N GLU C 132 4.44 45.90 -1.45
CA GLU C 132 5.89 45.77 -1.33
C GLU C 132 6.57 47.13 -1.37
N PHE C 133 6.05 48.08 -0.60
CA PHE C 133 6.59 49.44 -0.57
C PHE C 133 8.03 49.44 -0.07
N GLN C 134 8.84 50.33 -0.64
CA GLN C 134 10.22 50.51 -0.23
C GLN C 134 10.26 51.39 1.01
N PHE C 135 10.55 50.79 2.15
CA PHE C 135 10.60 51.51 3.43
C PHE C 135 12.02 52.01 3.67
N CYS C 136 12.14 53.30 3.98
CA CYS C 136 13.44 53.92 4.21
C CYS C 136 13.92 53.63 5.62
N ASN C 137 14.99 54.33 6.04
CA ASN C 137 15.57 54.08 7.35
C ASN C 137 14.63 54.50 8.47
N ASP C 138 13.98 55.65 8.34
CA ASP C 138 13.07 56.16 9.37
C ASP C 138 11.94 56.94 8.72
N PRO C 139 10.89 56.27 8.27
CA PRO C 139 9.72 56.98 7.76
C PRO C 139 9.02 57.76 8.88
N PHE C 140 8.41 58.88 8.50
CA PHE C 140 7.74 59.74 9.47
C PHE C 140 6.68 60.56 8.73
N LEU C 141 5.78 61.16 9.51
CA LEU C 141 4.74 62.03 9.00
C LEU C 141 5.02 63.45 9.43
N GLY C 142 4.99 64.38 8.48
CA GLY C 142 5.31 65.77 8.74
C GLY C 142 4.07 66.63 8.77
N VAL C 143 3.97 67.46 9.81
CA VAL C 143 2.85 68.40 9.99
C VAL C 143 3.42 69.81 9.94
N TYR C 144 2.84 70.65 9.10
CA TYR C 144 3.31 72.01 8.89
C TYR C 144 2.23 73.02 9.27
N TYR C 145 2.65 74.22 9.63
CA TYR C 145 1.76 75.29 10.04
C TYR C 145 1.76 76.41 9.01
N HIS C 146 0.58 76.79 8.55
CA HIS C 146 0.43 77.93 7.64
C HIS C 146 0.34 79.20 8.45
N LYS C 147 0.92 80.28 7.91
CA LYS C 147 0.86 81.57 8.61
C LYS C 147 -0.54 82.17 8.54
N ASN C 148 -1.22 82.01 7.41
CA ASN C 148 -2.55 82.60 7.24
C ASN C 148 -3.62 81.79 7.99
N ASN C 149 -3.50 80.47 7.99
CA ASN C 149 -4.50 79.59 8.59
C ASN C 149 -4.01 79.12 9.95
N LYS C 150 -4.83 79.36 10.98
CA LYS C 150 -4.47 78.97 12.35
C LYS C 150 -4.87 77.51 12.59
N SER C 151 -4.20 76.63 11.85
CA SER C 151 -4.43 75.20 11.96
C SER C 151 -3.20 74.46 11.48
N TRP C 152 -3.08 73.20 11.90
CA TRP C 152 -1.94 72.36 11.58
C TRP C 152 -2.38 71.29 10.58
N MET C 153 -1.64 71.16 9.48
CA MET C 153 -1.99 70.24 8.41
C MET C 153 -0.76 69.43 8.00
N GLU C 154 -1.01 68.27 7.41
CA GLU C 154 0.04 67.36 6.98
C GLU C 154 0.43 67.65 5.54
N SER C 155 1.73 67.76 5.28
CA SER C 155 2.23 68.05 3.94
C SER C 155 3.28 67.04 3.50
N GLU C 156 4.10 66.57 4.44
CA GLU C 156 5.22 65.67 4.13
C GLU C 156 4.78 64.23 4.38
N PHE C 157 4.49 63.52 3.29
CA PHE C 157 4.12 62.10 3.38
C PHE C 157 5.34 61.24 3.01
N ARG C 158 6.27 61.17 3.96
CA ARG C 158 7.50 60.40 3.77
C ARG C 158 7.37 59.05 4.48
N VAL C 159 6.63 58.14 3.85
CA VAL C 159 6.41 56.82 4.40
C VAL C 159 6.94 55.75 3.44
N TYR C 160 6.97 56.07 2.15
CA TYR C 160 7.50 55.14 1.15
C TYR C 160 7.86 55.92 -0.10
N SER C 161 8.68 55.29 -0.95
CA SER C 161 9.12 55.91 -2.20
C SER C 161 8.26 55.49 -3.39
N SER C 162 8.21 54.19 -3.68
CA SER C 162 7.47 53.69 -4.84
C SER C 162 7.09 52.24 -4.61
N ALA C 163 6.15 51.76 -5.43
CA ALA C 163 5.70 50.38 -5.38
C ALA C 163 5.66 49.81 -6.80
N ASN C 164 5.90 48.51 -6.91
CA ASN C 164 5.93 47.83 -8.19
C ASN C 164 4.61 47.08 -8.45
N ASN C 165 4.25 46.15 -7.57
CA ASN C 165 3.05 45.36 -7.74
C ASN C 165 2.39 45.15 -6.39
N CYS C 166 1.06 45.01 -6.40
CA CYS C 166 0.31 44.78 -5.18
C CYS C 166 -0.95 44.00 -5.50
N THR C 167 -1.48 43.31 -4.49
CA THR C 167 -2.67 42.49 -4.67
C THR C 167 -3.76 42.84 -3.65
N PHE C 168 -3.36 43.24 -2.44
CA PHE C 168 -4.28 43.49 -1.35
C PHE C 168 -4.43 44.99 -1.14
N GLU C 169 -5.67 45.46 -1.10
CA GLU C 169 -5.98 46.86 -0.83
C GLU C 169 -7.21 46.92 0.05
N TYR C 170 -7.09 47.55 1.21
CA TYR C 170 -8.17 47.62 2.19
C TYR C 170 -8.32 49.06 2.67
N VAL C 171 -9.56 49.53 2.71
CA VAL C 171 -9.91 50.82 3.30
C VAL C 171 -10.88 50.58 4.43
N SER C 172 -10.56 51.09 5.61
CA SER C 172 -11.37 50.86 6.80
C SER C 172 -12.41 51.97 6.94
N GLN C 173 -13.07 52.04 8.10
CA GLN C 173 -14.02 53.10 8.36
C GLN C 173 -13.30 54.41 8.65
N PRO C 174 -13.91 55.54 8.29
CA PRO C 174 -13.29 56.84 8.58
C PRO C 174 -13.22 57.11 10.08
N PHE C 175 -12.18 57.83 10.48
CA PHE C 175 -11.98 58.20 11.88
C PHE C 175 -11.43 59.61 11.94
N LEU C 176 -11.93 60.39 12.91
CA LEU C 176 -11.53 61.77 13.08
C LEU C 176 -10.45 61.87 14.16
N MET C 177 -9.55 62.83 13.99
CA MET C 177 -8.45 63.01 14.94
C MET C 177 -8.06 64.48 14.96
N ASP C 178 -7.37 64.87 16.04
CA ASP C 178 -6.91 66.24 16.22
C ASP C 178 -5.43 66.33 15.88
N LEU C 179 -5.08 67.26 15.00
CA LEU C 179 -3.70 67.46 14.57
C LEU C 179 -2.96 68.50 15.40
N GLU C 180 -3.59 69.05 16.44
CA GLU C 180 -2.96 70.04 17.29
C GLU C 180 -2.31 69.35 18.49
N GLY C 181 -1.03 69.63 18.70
CA GLY C 181 -0.27 69.02 19.77
C GLY C 181 -0.11 69.98 20.95
N LYS C 182 -0.16 69.43 22.16
CA LYS C 182 -0.02 70.20 23.38
C LYS C 182 0.90 69.47 24.34
N GLN C 183 1.47 70.22 25.28
CA GLN C 183 2.39 69.69 26.27
C GLN C 183 1.71 69.35 27.59
N GLY C 184 0.38 69.36 27.62
CA GLY C 184 -0.35 69.06 28.84
C GLY C 184 -0.42 67.58 29.14
N ASN C 185 -1.14 67.27 30.21
CA ASN C 185 -1.28 65.88 30.64
C ASN C 185 -2.19 65.10 29.69
N PHE C 186 -1.99 63.80 29.65
CA PHE C 186 -2.77 62.94 28.77
C PHE C 186 -4.19 62.77 29.31
N LYS C 187 -5.12 62.46 28.40
CA LYS C 187 -6.52 62.29 28.75
C LYS C 187 -7.15 61.01 28.21
N ASN C 188 -6.49 60.30 27.28
CA ASN C 188 -7.08 59.12 26.67
C ASN C 188 -6.03 58.02 26.57
N LEU C 189 -6.50 56.78 26.56
CA LEU C 189 -5.65 55.61 26.41
C LEU C 189 -6.08 54.82 25.18
N ARG C 190 -5.11 54.44 24.35
CA ARG C 190 -5.35 53.60 23.18
C ARG C 190 -4.42 52.40 23.24
N GLU C 191 -5.00 51.21 23.18
CA GLU C 191 -4.25 49.95 23.26
C GLU C 191 -4.47 49.16 21.99
N PHE C 192 -3.38 48.64 21.41
CA PHE C 192 -3.44 47.87 20.18
C PHE C 192 -2.67 46.57 20.37
N VAL C 193 -3.26 45.46 19.97
CA VAL C 193 -2.65 44.14 20.06
C VAL C 193 -2.62 43.54 18.66
N PHE C 194 -1.44 43.15 18.20
CA PHE C 194 -1.25 42.57 16.89
C PHE C 194 -0.81 41.12 17.03
N LYS C 195 -1.52 40.21 16.36
CA LYS C 195 -1.23 38.79 16.40
C LYS C 195 -1.23 38.23 14.98
N ASN C 196 -0.57 37.08 14.82
CA ASN C 196 -0.49 36.43 13.52
C ASN C 196 -0.43 34.92 13.75
N ILE C 197 -1.56 34.25 13.53
CA ILE C 197 -1.64 32.79 13.62
C ILE C 197 -2.28 32.26 12.35
N ASP C 198 -1.59 31.30 11.71
CA ASP C 198 -2.05 30.65 10.47
C ASP C 198 -2.31 31.67 9.36
N GLY C 199 -1.53 32.75 9.32
CA GLY C 199 -1.70 33.78 8.32
C GLY C 199 -2.81 34.77 8.59
N TYR C 200 -3.51 34.65 9.72
CA TYR C 200 -4.61 35.55 10.06
C TYR C 200 -4.09 36.69 10.93
N PHE C 201 -4.43 37.92 10.55
CA PHE C 201 -4.02 39.10 11.28
C PHE C 201 -5.21 39.65 12.07
N LYS C 202 -5.00 39.87 13.37
CA LYS C 202 -6.04 40.34 14.27
C LYS C 202 -5.60 41.65 14.90
N ILE C 203 -6.50 42.63 14.92
CA ILE C 203 -6.22 43.95 15.51
C ILE C 203 -7.26 44.18 16.61
N TYR C 204 -6.77 44.39 17.84
CA TYR C 204 -7.61 44.55 19.01
C TYR C 204 -7.42 45.97 19.54
N SER C 205 -8.49 46.76 19.52
CA SER C 205 -8.42 48.16 19.92
C SER C 205 -9.57 48.52 20.84
N LYS C 206 -9.29 49.39 21.82
CA LYS C 206 -10.30 49.87 22.74
C LYS C 206 -9.80 51.17 23.36
N HIS C 207 -10.64 52.20 23.35
CA HIS C 207 -10.28 53.52 23.86
C HIS C 207 -11.01 53.77 25.17
N THR C 208 -10.25 54.14 26.21
CA THR C 208 -10.81 54.47 27.52
C THR C 208 -10.17 55.74 28.05
N PRO C 209 -10.93 56.57 28.75
CA PRO C 209 -10.36 57.80 29.32
C PRO C 209 -9.76 57.59 30.69
N ILE C 210 -8.70 58.36 30.97
CA ILE C 210 -8.04 58.35 32.26
C ILE C 210 -7.30 59.66 32.41
N ASN C 211 -6.97 60.03 33.66
CA ASN C 211 -6.22 61.23 33.97
C ASN C 211 -4.93 60.80 34.67
N LEU C 212 -3.90 60.49 33.88
CA LEU C 212 -2.62 60.05 34.41
C LEU C 212 -1.54 60.27 33.36
N VAL C 213 -0.30 60.26 33.81
CA VAL C 213 0.87 60.41 32.94
C VAL C 213 1.64 59.09 32.81
N ARG C 214 2.10 58.54 33.94
CA ARG C 214 2.80 57.27 33.98
C ARG C 214 2.20 56.42 35.10
N ASP C 215 2.69 55.18 35.22
CA ASP C 215 2.26 54.22 36.24
C ASP C 215 0.76 53.98 36.14
N LEU C 216 0.38 53.34 35.02
CA LEU C 216 -0.99 53.02 34.61
C LEU C 216 -1.84 52.46 35.75
N PRO C 217 -3.12 52.81 35.83
CA PRO C 217 -3.94 52.38 36.95
C PRO C 217 -4.25 50.89 36.88
N GLN C 218 -4.79 50.39 37.99
CA GLN C 218 -5.14 48.98 38.13
C GLN C 218 -6.53 48.65 37.60
N GLY C 219 -7.18 49.59 36.92
CA GLY C 219 -8.49 49.33 36.37
C GLY C 219 -8.46 48.32 35.24
N PHE C 220 -9.63 47.76 34.95
CA PHE C 220 -9.77 46.71 33.96
C PHE C 220 -10.58 47.21 32.78
N SER C 221 -10.08 46.95 31.57
CA SER C 221 -10.76 47.35 30.34
C SER C 221 -10.41 46.35 29.26
N ALA C 222 -11.41 45.60 28.80
CA ALA C 222 -11.18 44.57 27.79
C ALA C 222 -10.94 45.20 26.42
N LEU C 223 -10.20 44.48 25.59
CA LEU C 223 -9.90 44.91 24.22
C LEU C 223 -10.73 44.07 23.25
N GLU C 224 -11.46 44.74 22.37
CA GLU C 224 -12.34 44.04 21.44
C GLU C 224 -11.79 44.10 20.02
N PRO C 225 -11.86 43.00 19.26
CA PRO C 225 -11.44 43.04 17.87
C PRO C 225 -12.40 43.86 17.01
N LEU C 226 -11.86 44.39 15.92
CA LEU C 226 -12.64 45.14 14.95
C LEU C 226 -12.79 44.40 13.62
N VAL C 227 -11.68 44.04 12.98
CA VAL C 227 -11.69 43.35 11.69
C VAL C 227 -10.58 42.30 11.67
N ASP C 228 -10.67 41.41 10.68
CA ASP C 228 -9.67 40.37 10.47
C ASP C 228 -9.07 40.56 9.08
N LEU C 229 -7.74 40.44 8.99
CA LEU C 229 -7.03 40.66 7.73
C LEU C 229 -6.41 39.35 7.24
N PRO C 230 -7.01 38.68 6.27
CA PRO C 230 -6.46 37.41 5.74
C PRO C 230 -5.42 37.58 4.63
N ILE C 231 -4.17 37.87 5.04
CA ILE C 231 -3.08 38.03 4.09
C ILE C 231 -2.43 36.68 3.82
N GLY C 232 -1.88 36.06 4.87
CA GLY C 232 -1.25 34.77 4.74
C GLY C 232 0.26 34.83 4.61
N ILE C 233 0.89 35.72 5.37
CA ILE C 233 2.34 35.88 5.36
C ILE C 233 2.81 35.99 6.81
N ASN C 234 4.09 35.74 7.04
CA ASN C 234 4.68 35.82 8.36
C ASN C 234 5.45 37.12 8.51
N ILE C 235 5.47 37.64 9.74
CA ILE C 235 6.14 38.89 10.07
C ILE C 235 7.06 38.64 11.26
N THR C 236 8.32 39.04 11.14
CA THR C 236 9.30 38.86 12.21
C THR C 236 9.81 40.16 12.81
N ARG C 237 9.56 41.31 12.17
CA ARG C 237 10.04 42.59 12.68
C ARG C 237 8.95 43.64 12.47
N PHE C 238 8.99 44.67 13.32
CA PHE C 238 7.99 45.73 13.24
C PHE C 238 8.59 47.04 13.72
N GLN C 239 8.12 48.13 13.14
CA GLN C 239 8.56 49.47 13.54
C GLN C 239 7.33 50.37 13.64
N THR C 240 7.46 51.43 14.45
CA THR C 240 6.41 52.41 14.64
C THR C 240 6.76 53.70 13.91
N LEU C 241 5.73 54.41 13.48
CA LEU C 241 5.88 55.67 12.77
C LEU C 241 5.48 56.81 13.70
N LEU C 242 6.41 57.72 13.95
CA LEU C 242 6.17 58.88 14.80
C LEU C 242 6.15 60.15 13.95
N ALA C 243 5.28 61.08 14.34
CA ALA C 243 5.09 62.33 13.61
C ALA C 243 5.63 63.48 14.45
N LEU C 244 6.60 64.22 13.89
CA LEU C 244 7.11 65.41 14.53
C LEU C 244 6.24 66.61 14.16
N HIS C 245 6.63 67.79 14.65
CA HIS C 245 5.80 68.98 14.51
C HIS C 245 6.67 70.16 14.10
N ARG C 246 6.19 70.93 13.14
CA ARG C 246 6.92 72.07 12.57
C ARG C 246 6.14 73.35 12.87
N SER C 247 6.62 74.12 13.84
CA SER C 247 6.03 75.40 14.18
C SER C 247 6.90 76.53 13.63
N TYR C 248 6.55 77.77 13.98
CA TYR C 248 7.36 78.92 13.59
C TYR C 248 8.62 79.05 14.42
N LEU C 249 8.68 78.40 15.59
CA LEU C 249 9.88 78.45 16.41
C LEU C 249 11.03 77.69 15.76
N THR C 250 10.75 76.48 15.27
CA THR C 250 11.78 75.70 14.59
C THR C 250 12.02 76.26 13.19
N PRO C 251 13.25 76.13 12.67
CA PRO C 251 13.50 76.55 11.28
C PRO C 251 12.76 75.73 10.25
N GLY C 252 12.32 74.52 10.58
CA GLY C 252 11.60 73.67 9.67
C GLY C 252 12.40 72.57 9.02
N ASP C 253 13.69 72.45 9.34
CA ASP C 253 14.52 71.39 8.79
C ASP C 253 14.52 70.19 9.73
N SER C 254 14.49 69.00 9.15
CA SER C 254 14.51 67.75 9.93
C SER C 254 15.93 67.24 10.14
N SER C 255 16.80 68.11 10.66
CA SER C 255 18.18 67.75 10.95
C SER C 255 18.51 67.85 12.42
N SER C 256 18.27 69.01 13.04
CA SER C 256 18.55 69.18 14.47
C SER C 256 17.45 69.89 15.24
N GLY C 257 16.49 70.54 14.59
CA GLY C 257 15.46 71.26 15.30
C GLY C 257 14.06 70.79 14.98
N TRP C 258 13.39 70.20 15.97
CA TRP C 258 12.02 69.74 15.81
C TRP C 258 11.37 69.62 17.17
N THR C 259 10.05 69.67 17.19
CA THR C 259 9.25 69.43 18.38
C THR C 259 8.34 68.23 18.14
N ALA C 260 8.05 67.47 19.20
CA ALA C 260 7.25 66.26 19.09
C ALA C 260 6.05 66.26 20.03
N GLY C 261 5.79 67.34 20.76
CA GLY C 261 4.69 67.35 21.69
C GLY C 261 4.97 66.45 22.89
N ALA C 262 3.91 65.83 23.41
CA ALA C 262 4.01 64.92 24.55
C ALA C 262 3.27 63.64 24.18
N ALA C 263 4.02 62.54 24.06
CA ALA C 263 3.45 61.24 23.74
C ALA C 263 4.33 60.15 24.30
N ALA C 264 3.74 58.97 24.47
CA ALA C 264 4.47 57.81 25.00
C ALA C 264 3.75 56.55 24.55
N TYR C 265 4.49 55.64 23.92
CA TYR C 265 3.97 54.36 23.47
C TYR C 265 4.64 53.23 24.23
N TYR C 266 3.86 52.22 24.61
CA TYR C 266 4.33 51.08 25.38
C TYR C 266 4.34 49.85 24.48
N VAL C 267 5.47 49.15 24.45
CA VAL C 267 5.64 47.96 23.62
C VAL C 267 5.87 46.76 24.53
N GLY C 268 4.99 45.76 24.43
CA GLY C 268 5.14 44.55 25.20
C GLY C 268 5.05 43.33 24.30
N TYR C 269 5.50 42.21 24.83
CA TYR C 269 5.55 40.95 24.09
C TYR C 269 4.60 39.95 24.72
N LEU C 270 3.69 39.42 23.93
CA LEU C 270 2.75 38.42 24.41
C LEU C 270 3.45 37.07 24.61
N GLN C 271 3.00 36.34 25.62
CA GLN C 271 3.59 35.06 25.97
C GLN C 271 2.52 33.97 25.96
N PRO C 272 2.89 32.72 25.62
CA PRO C 272 1.90 31.63 25.62
C PRO C 272 1.53 31.20 27.03
N ARG C 273 0.69 31.99 27.70
CA ARG C 273 0.24 31.69 29.06
C ARG C 273 -1.26 31.53 29.06
N THR C 274 -1.74 30.42 29.63
CA THR C 274 -3.18 30.20 29.76
C THR C 274 -3.79 31.19 30.73
N PHE C 275 -4.94 31.74 30.38
CA PHE C 275 -5.60 32.77 31.17
C PHE C 275 -7.01 32.31 31.54
N LEU C 276 -7.41 32.65 32.77
CA LEU C 276 -8.76 32.41 33.25
C LEU C 276 -9.53 33.72 33.14
N LEU C 277 -10.62 33.71 32.38
CA LEU C 277 -11.39 34.91 32.08
C LEU C 277 -12.73 34.87 32.81
N LYS C 278 -13.14 36.02 33.33
CA LYS C 278 -14.41 36.17 34.03
C LYS C 278 -15.39 36.93 33.14
N TYR C 279 -16.58 36.36 32.96
CA TYR C 279 -17.62 36.96 32.14
C TYR C 279 -18.81 37.33 33.01
N ASN C 280 -19.36 38.52 32.78
CA ASN C 280 -20.50 39.00 33.54
C ASN C 280 -21.79 38.52 32.89
N GLU C 281 -22.92 39.09 33.33
CA GLU C 281 -24.21 38.72 32.74
C GLU C 281 -24.33 39.21 31.32
N ASN C 282 -23.77 40.40 31.02
CA ASN C 282 -23.87 40.99 29.69
C ASN C 282 -22.76 40.54 28.75
N GLY C 283 -21.82 39.72 29.22
CA GLY C 283 -20.85 39.11 28.34
C GLY C 283 -19.55 39.88 28.15
N THR C 284 -19.24 40.83 29.02
CA THR C 284 -17.98 41.55 28.95
C THR C 284 -17.01 41.02 30.00
N ILE C 285 -15.73 41.25 29.76
CA ILE C 285 -14.68 40.76 30.65
C ILE C 285 -14.58 41.68 31.87
N THR C 286 -14.64 41.08 33.06
CA THR C 286 -14.52 41.81 34.30
C THR C 286 -13.13 41.70 34.92
N ASP C 287 -12.58 40.50 34.99
CA ASP C 287 -11.25 40.30 35.55
C ASP C 287 -10.61 39.10 34.88
N ALA C 288 -9.28 39.06 34.92
CA ALA C 288 -8.49 37.97 34.37
C ALA C 288 -7.45 37.55 35.39
N VAL C 289 -7.25 36.23 35.51
CA VAL C 289 -6.29 35.66 36.43
C VAL C 289 -5.27 34.85 35.63
N ASP C 290 -3.99 35.19 35.80
CA ASP C 290 -2.93 34.43 35.18
C ASP C 290 -2.80 33.06 35.86
N CYS C 291 -2.12 32.14 35.18
CA CYS C 291 -2.05 30.77 35.64
C CYS C 291 -0.62 30.29 35.89
N ALA C 292 0.39 31.14 35.64
CA ALA C 292 1.77 30.80 35.91
C ALA C 292 2.55 31.97 36.52
N LEU C 293 1.85 32.90 37.18
CA LEU C 293 2.47 34.07 37.78
C LEU C 293 2.68 33.92 39.28
N ASP C 294 1.63 33.54 40.01
CA ASP C 294 1.67 33.38 41.45
C ASP C 294 1.06 32.04 41.84
N PRO C 295 1.53 31.42 42.91
CA PRO C 295 0.87 30.19 43.40
C PRO C 295 -0.58 30.40 43.78
N LEU C 296 -0.94 31.58 44.30
CA LEU C 296 -2.35 31.89 44.52
C LEU C 296 -3.11 31.97 43.20
N SER C 297 -2.49 32.59 42.19
CA SER C 297 -3.10 32.64 40.86
C SER C 297 -3.21 31.25 40.25
N GLU C 298 -2.21 30.40 40.47
CA GLU C 298 -2.28 29.02 39.98
C GLU C 298 -3.40 28.25 40.68
N THR C 299 -3.58 28.47 41.98
CA THR C 299 -4.66 27.83 42.70
C THR C 299 -6.02 28.31 42.19
N LYS C 300 -6.14 29.60 41.91
CA LYS C 300 -7.37 30.14 41.35
C LYS C 300 -7.64 29.57 39.96
N CYS C 301 -6.59 29.39 39.15
CA CYS C 301 -6.70 28.77 37.84
C CYS C 301 -7.09 27.30 37.87
N THR C 302 -6.54 26.52 38.80
CA THR C 302 -6.71 25.07 38.77
C THR C 302 -8.07 24.61 39.29
N LEU C 303 -8.88 25.51 39.86
CA LEU C 303 -10.21 25.17 40.34
C LEU C 303 -11.32 25.87 39.58
N LYS C 304 -10.97 26.75 38.62
CA LYS C 304 -11.93 27.53 37.84
C LYS C 304 -12.88 28.32 38.73
N SER C 305 -12.33 28.90 39.80
CA SER C 305 -13.10 29.71 40.73
C SER C 305 -12.27 30.89 41.21
N PHE C 306 -12.89 32.06 41.26
CA PHE C 306 -12.20 33.26 41.73
C PHE C 306 -12.05 33.29 43.25
N THR C 307 -12.85 32.50 43.97
CA THR C 307 -12.81 32.46 45.42
C THR C 307 -12.30 31.10 45.88
N VAL C 308 -11.24 31.12 46.70
CA VAL C 308 -10.65 29.91 47.26
C VAL C 308 -10.76 29.98 48.78
N GLU C 309 -10.88 28.83 49.42
CA GLU C 309 -11.01 28.73 50.86
C GLU C 309 -9.75 28.09 51.45
N LYS C 310 -9.75 27.94 52.77
CA LYS C 310 -8.62 27.31 53.45
C LYS C 310 -8.60 25.81 53.19
N GLY C 311 -7.42 25.28 52.93
CA GLY C 311 -7.27 23.87 52.66
C GLY C 311 -6.01 23.61 51.86
N ILE C 312 -5.89 22.37 51.39
CA ILE C 312 -4.76 21.92 50.60
C ILE C 312 -5.25 21.70 49.17
N TYR C 313 -4.54 22.30 48.21
CA TYR C 313 -4.89 22.19 46.80
C TYR C 313 -3.66 21.73 46.02
N GLN C 314 -3.84 20.72 45.18
CA GLN C 314 -2.76 20.22 44.34
C GLN C 314 -2.80 20.95 43.00
N THR C 315 -1.75 21.72 42.71
CA THR C 315 -1.71 22.54 41.51
C THR C 315 -1.03 21.82 40.35
N SER C 316 0.23 21.42 40.54
CA SER C 316 1.00 20.79 39.48
C SER C 316 2.00 19.82 40.12
N ASN C 317 2.97 19.38 39.34
CA ASN C 317 4.00 18.45 39.79
C ASN C 317 5.37 19.11 39.67
N PHE C 318 6.35 18.52 40.36
CA PHE C 318 7.72 18.99 40.35
C PHE C 318 8.59 17.96 39.67
N ARG C 319 9.28 18.36 38.60
CA ARG C 319 10.17 17.48 37.86
C ARG C 319 11.52 18.16 37.71
N VAL C 320 12.59 17.38 37.92
CA VAL C 320 13.95 17.87 37.79
C VAL C 320 14.51 17.39 36.46
N GLN C 321 14.88 18.33 35.60
CA GLN C 321 15.39 18.00 34.27
C GLN C 321 16.92 17.92 34.29
N PRO C 322 17.51 16.89 33.70
CA PRO C 322 18.97 16.81 33.65
C PRO C 322 19.56 17.85 32.72
N THR C 323 20.81 18.20 32.99
CA THR C 323 21.52 19.20 32.20
C THR C 323 22.80 18.67 31.56
N GLU C 324 23.18 17.42 31.82
CA GLU C 324 24.39 16.86 31.24
C GLU C 324 24.19 15.36 31.05
N SER C 325 25.00 14.79 30.15
CA SER C 325 24.97 13.37 29.85
C SER C 325 26.38 12.79 29.96
N ILE C 326 26.48 11.62 30.57
CA ILE C 326 27.74 10.92 30.73
C ILE C 326 27.63 9.55 30.05
N VAL C 327 28.66 9.19 29.29
CA VAL C 327 28.73 7.90 28.60
C VAL C 327 30.04 7.23 29.01
N ARG C 328 29.96 5.97 29.43
CA ARG C 328 31.13 5.22 29.86
C ARG C 328 31.38 4.08 28.88
N PHE C 329 32.66 3.89 28.53
CA PHE C 329 33.12 2.89 27.59
C PHE C 329 34.32 2.18 28.19
N PRO C 330 34.66 0.99 27.69
CA PRO C 330 35.86 0.30 28.18
C PRO C 330 37.13 1.08 27.87
N ASN C 331 38.24 0.56 28.41
CA ASN C 331 39.52 1.28 28.38
C ASN C 331 40.03 1.46 26.96
N ILE C 332 40.83 2.52 26.77
CA ILE C 332 41.41 2.84 25.46
C ILE C 332 42.64 2.01 25.15
N THR C 333 43.00 1.05 26.01
CA THR C 333 44.15 0.20 25.80
C THR C 333 43.98 -0.75 24.62
N ASN C 334 42.78 -0.88 24.08
CA ASN C 334 42.52 -1.67 22.88
C ASN C 334 42.90 -0.95 21.60
N LEU C 335 43.68 0.13 21.69
CA LEU C 335 44.12 0.88 20.52
C LEU C 335 44.98 0.00 19.62
N CYS C 336 44.85 0.22 18.31
CA CYS C 336 45.57 -0.59 17.33
C CYS C 336 47.07 -0.33 17.41
N PRO C 337 47.90 -1.36 17.60
CA PRO C 337 49.35 -1.15 17.58
C PRO C 337 49.86 -0.96 16.16
N PHE C 338 50.19 0.28 15.81
CA PHE C 338 50.64 0.59 14.46
C PHE C 338 51.82 1.56 14.45
N GLY C 339 52.58 1.64 15.56
CA GLY C 339 53.74 2.49 15.61
C GLY C 339 54.91 2.04 14.75
N GLU C 340 54.88 0.80 14.26
CA GLU C 340 55.92 0.29 13.38
C GLU C 340 55.73 0.69 11.93
N VAL C 341 54.62 1.37 11.59
CA VAL C 341 54.41 1.88 10.25
C VAL C 341 54.49 3.41 10.20
N PHE C 342 54.37 4.10 11.33
CA PHE C 342 54.53 5.55 11.38
C PHE C 342 55.92 5.94 11.86
N ASN C 343 56.32 5.47 13.04
CA ASN C 343 57.67 5.68 13.56
C ASN C 343 58.53 4.46 13.24
N ALA C 344 58.75 4.26 11.93
CA ALA C 344 59.48 3.11 11.43
C ALA C 344 60.94 3.45 11.20
N THR C 345 61.79 2.44 11.37
CA THR C 345 63.22 2.63 11.11
C THR C 345 63.49 2.84 9.63
N ARG C 346 62.77 2.12 8.76
CA ARG C 346 62.97 2.22 7.32
C ARG C 346 61.61 2.31 6.63
N PHE C 347 61.64 2.84 5.41
CA PHE C 347 60.44 3.03 4.61
C PHE C 347 60.62 2.39 3.25
N ALA C 348 59.53 1.91 2.68
CA ALA C 348 59.58 1.21 1.40
C ALA C 348 59.58 2.20 0.24
N SER C 349 59.91 1.70 -0.94
CA SER C 349 59.88 2.49 -2.16
C SER C 349 58.44 2.75 -2.60
N VAL C 350 58.29 3.71 -3.51
CA VAL C 350 56.94 4.12 -3.90
C VAL C 350 56.33 3.12 -4.89
N TYR C 351 57.16 2.45 -5.70
CA TYR C 351 56.61 1.44 -6.59
C TYR C 351 56.31 0.16 -5.83
N ALA C 352 57.20 -0.24 -4.91
CA ALA C 352 56.93 -1.36 -4.01
C ALA C 352 56.48 -0.83 -2.64
N TRP C 353 55.34 -0.16 -2.63
CA TRP C 353 54.83 0.42 -1.39
C TRP C 353 54.25 -0.67 -0.50
N ASN C 354 54.63 -0.63 0.77
CA ASN C 354 54.17 -1.64 1.72
C ASN C 354 52.71 -1.43 2.07
N ARG C 355 51.95 -2.51 2.06
CA ARG C 355 50.52 -2.49 2.40
C ARG C 355 50.31 -3.24 3.70
N LYS C 356 49.68 -2.58 4.66
CA LYS C 356 49.45 -3.14 5.98
C LYS C 356 47.96 -3.17 6.29
N ARG C 357 47.50 -4.29 6.85
CA ARG C 357 46.11 -4.46 7.24
C ARG C 357 46.00 -4.47 8.76
N ILE C 358 45.10 -3.63 9.29
CA ILE C 358 44.92 -3.50 10.73
C ILE C 358 43.54 -4.06 11.08
N SER C 359 43.50 -4.94 12.08
CA SER C 359 42.25 -5.59 12.46
C SER C 359 42.29 -5.95 13.94
N ASN C 360 41.10 -6.20 14.48
CA ASN C 360 40.89 -6.70 15.85
C ASN C 360 41.43 -5.71 16.89
N CYS C 361 41.01 -4.46 16.78
CA CYS C 361 41.37 -3.41 17.74
C CYS C 361 40.38 -2.26 17.57
N VAL C 362 40.69 -1.13 18.19
CA VAL C 362 39.92 0.10 18.02
C VAL C 362 40.87 1.20 17.59
N ALA C 363 40.31 2.22 16.94
CA ALA C 363 41.08 3.31 16.34
C ALA C 363 40.74 4.62 17.01
N ASP C 364 41.77 5.37 17.40
CA ASP C 364 41.63 6.71 17.98
C ASP C 364 42.34 7.69 17.06
N TYR C 365 41.58 8.59 16.45
CA TYR C 365 42.13 9.54 15.48
C TYR C 365 42.55 10.86 16.10
N SER C 366 42.30 11.07 17.39
CA SER C 366 42.63 12.33 18.03
C SER C 366 44.07 12.41 18.54
N VAL C 367 44.72 11.26 18.76
CA VAL C 367 46.08 11.26 19.29
C VAL C 367 47.06 11.75 18.22
N LEU C 368 46.91 11.30 16.99
CA LEU C 368 47.83 11.71 15.93
C LEU C 368 47.48 13.07 15.35
N TYR C 369 46.21 13.48 15.44
CA TYR C 369 45.81 14.78 14.92
C TYR C 369 46.35 15.94 15.75
N ASN C 370 46.71 15.68 17.01
CA ASN C 370 47.25 16.71 17.90
C ASN C 370 48.76 16.62 18.04
N SER C 371 49.43 15.86 17.17
CA SER C 371 50.88 15.73 17.26
C SER C 371 51.60 16.99 16.79
N ALA C 372 50.90 17.90 16.10
CA ALA C 372 51.46 19.16 15.60
C ALA C 372 52.66 18.94 14.70
N SER C 373 52.61 17.88 13.89
CA SER C 373 53.67 17.57 12.94
C SER C 373 53.20 17.27 11.54
N PHE C 374 51.95 16.85 11.35
CA PHE C 374 51.45 16.49 10.03
C PHE C 374 51.07 17.75 9.26
N SER C 375 51.53 17.84 8.02
CA SER C 375 51.28 19.01 7.18
C SER C 375 50.22 18.78 6.11
N THR C 376 49.61 17.59 6.06
CA THR C 376 48.60 17.27 5.06
C THR C 376 47.52 16.42 5.72
N PHE C 377 46.33 16.99 5.90
CA PHE C 377 45.21 16.27 6.49
C PHE C 377 43.90 16.59 5.78
N LYS C 378 43.97 16.89 4.48
CA LYS C 378 42.77 17.17 3.71
C LYS C 378 42.08 15.86 3.35
N CYS C 379 40.86 15.67 3.84
CA CYS C 379 40.13 14.42 3.67
C CYS C 379 38.77 14.70 3.05
N TYR C 380 38.40 13.89 2.05
CA TYR C 380 37.16 14.05 1.31
C TYR C 380 36.23 12.88 1.61
N GLY C 381 34.98 13.20 1.95
CA GLY C 381 33.99 12.20 2.29
C GLY C 381 33.92 11.83 3.75
N VAL C 382 34.95 12.16 4.53
CA VAL C 382 34.98 11.90 5.96
C VAL C 382 35.41 13.17 6.68
N SER C 383 35.11 13.22 7.97
CA SER C 383 35.44 14.37 8.80
C SER C 383 36.18 13.91 10.05
N PRO C 384 37.12 14.72 10.55
CA PRO C 384 37.81 14.34 11.80
C PRO C 384 36.88 14.24 13.00
N THR C 385 35.81 15.05 13.04
CA THR C 385 34.86 14.95 14.15
C THR C 385 34.04 13.68 14.06
N LYS C 386 33.71 13.23 12.86
CA LYS C 386 32.92 12.01 12.66
C LYS C 386 33.77 10.77 12.48
N LEU C 387 35.10 10.89 12.58
CA LEU C 387 35.96 9.72 12.43
C LEU C 387 35.83 8.78 13.62
N ASN C 388 35.49 9.30 14.79
CA ASN C 388 35.32 8.48 16.00
C ASN C 388 33.90 7.97 16.18
N ASP C 389 32.99 8.32 15.28
CA ASP C 389 31.60 7.87 15.36
C ASP C 389 31.28 6.78 14.35
N LEU C 390 31.53 7.03 13.07
CA LEU C 390 31.32 6.03 12.03
C LEU C 390 32.59 5.21 11.83
N CYS C 391 32.41 3.92 11.54
CA CYS C 391 33.54 3.01 11.42
C CYS C 391 33.32 2.08 10.23
N PHE C 392 34.43 1.51 9.75
CA PHE C 392 34.46 0.68 8.56
C PHE C 392 34.97 -0.71 8.92
N THR C 393 34.81 -1.64 7.96
CA THR C 393 35.16 -3.03 8.20
C THR C 393 36.67 -3.20 8.36
N ASN C 394 37.45 -2.67 7.43
CA ASN C 394 38.90 -2.82 7.45
C ASN C 394 39.57 -1.49 7.16
N VAL C 395 40.79 -1.34 7.67
CA VAL C 395 41.60 -0.15 7.44
C VAL C 395 42.92 -0.61 6.83
N TYR C 396 43.27 -0.04 5.68
CA TYR C 396 44.48 -0.39 4.95
C TYR C 396 45.49 0.74 5.08
N ALA C 397 46.73 0.39 5.40
CA ALA C 397 47.81 1.36 5.56
C ALA C 397 48.85 1.16 4.45
N ASP C 398 49.14 2.23 3.72
CA ASP C 398 50.12 2.21 2.63
C ASP C 398 51.16 3.28 2.92
N SER C 399 52.43 2.88 2.98
CA SER C 399 53.50 3.73 3.46
C SER C 399 54.61 3.83 2.42
N PHE C 400 55.03 5.07 2.12
CA PHE C 400 56.13 5.33 1.21
C PHE C 400 56.66 6.74 1.44
N VAL C 401 57.83 7.02 0.88
CA VAL C 401 58.47 8.33 0.99
C VAL C 401 58.47 9.01 -0.38
N ILE C 402 57.93 10.22 -0.42
CA ILE C 402 57.74 10.93 -1.69
C ILE C 402 58.16 12.39 -1.47
N ARG C 403 58.39 13.10 -2.57
CA ARG C 403 58.81 14.49 -2.51
C ARG C 403 57.65 15.39 -2.11
N GLY C 404 57.99 16.63 -1.73
CA GLY C 404 56.98 17.57 -1.28
C GLY C 404 56.01 17.99 -2.37
N ASP C 405 56.52 18.24 -3.58
CA ASP C 405 55.64 18.62 -4.69
C ASP C 405 54.82 17.45 -5.20
N GLU C 406 55.21 16.21 -4.86
CA GLU C 406 54.45 15.03 -5.23
C GLU C 406 53.44 14.61 -4.17
N VAL C 407 53.34 15.37 -3.07
CA VAL C 407 52.34 15.07 -2.04
C VAL C 407 50.94 15.30 -2.57
N ARG C 408 50.74 16.36 -3.36
CA ARG C 408 49.44 16.66 -3.92
C ARG C 408 49.05 15.70 -5.05
N GLN C 409 50.01 14.95 -5.60
CA GLN C 409 49.74 14.11 -6.76
C GLN C 409 49.01 12.81 -6.41
N ILE C 410 49.03 12.39 -5.15
CA ILE C 410 48.36 11.13 -4.79
C ILE C 410 46.86 11.30 -4.60
N ALA C 411 46.32 12.49 -4.85
CA ALA C 411 44.88 12.68 -4.83
C ALA C 411 44.24 11.94 -5.99
N PRO C 412 42.99 11.48 -5.84
CA PRO C 412 42.34 10.76 -6.94
C PRO C 412 42.17 11.58 -8.21
N GLY C 413 41.96 12.88 -8.10
CA GLY C 413 41.80 13.72 -9.28
C GLY C 413 43.09 14.35 -9.75
N GLN C 414 44.14 13.55 -9.88
CA GLN C 414 45.45 14.05 -10.30
C GLN C 414 46.05 13.09 -11.33
N THR C 415 46.90 13.65 -12.19
CA THR C 415 47.65 12.90 -13.18
C THR C 415 49.14 13.21 -13.04
N GLY C 416 49.97 12.30 -13.52
CA GLY C 416 51.40 12.51 -13.49
C GLY C 416 52.13 11.18 -13.53
N LYS C 417 53.45 11.27 -13.31
CA LYS C 417 54.30 10.08 -13.28
C LYS C 417 54.04 9.23 -12.05
N ILE C 418 53.51 9.80 -10.99
CA ILE C 418 53.17 9.06 -9.78
C ILE C 418 51.69 8.68 -9.76
N ALA C 419 50.82 9.63 -10.12
CA ALA C 419 49.37 9.42 -10.07
C ALA C 419 48.87 8.45 -11.13
N ASP C 420 49.68 8.12 -12.14
CA ASP C 420 49.24 7.25 -13.22
C ASP C 420 50.14 6.04 -13.46
N TYR C 421 51.40 6.06 -13.00
CA TYR C 421 52.31 4.96 -13.24
C TYR C 421 52.77 4.25 -11.98
N ASN C 422 52.64 4.87 -10.80
CA ASN C 422 53.04 4.25 -9.54
C ASN C 422 51.87 3.94 -8.62
N TYR C 423 51.05 4.94 -8.31
CA TYR C 423 49.89 4.77 -7.45
C TYR C 423 48.67 5.41 -8.10
N LYS C 424 47.57 4.66 -8.17
CA LYS C 424 46.31 5.15 -8.71
C LYS C 424 45.25 5.09 -7.62
N LEU C 425 44.50 6.19 -7.46
CA LEU C 425 43.47 6.27 -6.45
C LEU C 425 42.10 6.30 -7.11
N PRO C 426 41.15 5.50 -6.64
CA PRO C 426 39.81 5.50 -7.24
C PRO C 426 39.06 6.78 -6.93
N ASP C 427 38.06 7.07 -7.77
CA ASP C 427 37.25 8.26 -7.57
C ASP C 427 36.38 8.17 -6.32
N ASP C 428 36.00 6.95 -5.93
CA ASP C 428 35.20 6.73 -4.73
C ASP C 428 36.07 6.31 -3.54
N PHE C 429 37.31 6.79 -3.48
CA PHE C 429 38.21 6.44 -2.40
C PHE C 429 37.75 7.07 -1.10
N THR C 430 37.71 6.27 -0.04
CA THR C 430 37.32 6.71 1.29
C THR C 430 38.56 6.84 2.16
N GLY C 431 38.75 8.02 2.74
CA GLY C 431 39.91 8.27 3.55
C GLY C 431 40.80 9.37 2.99
N CYS C 432 42.02 9.47 3.49
CA CYS C 432 42.95 10.51 3.08
C CYS C 432 44.37 10.07 3.42
N VAL C 433 45.34 10.96 3.20
CA VAL C 433 46.75 10.64 3.36
C VAL C 433 47.34 11.52 4.46
N ILE C 434 48.39 11.02 5.08
CA ILE C 434 49.08 11.71 6.16
C ILE C 434 50.54 11.88 5.77
N ALA C 435 51.03 13.12 5.79
CA ALA C 435 52.41 13.42 5.45
C ALA C 435 53.00 14.38 6.47
N TRP C 436 54.30 14.25 6.71
CA TRP C 436 55.01 15.11 7.65
C TRP C 436 56.48 15.17 7.27
N ASN C 437 57.16 16.18 7.82
CA ASN C 437 58.53 16.46 7.43
C ASN C 437 59.48 15.35 7.87
N SER C 438 60.47 15.08 7.02
CA SER C 438 61.47 14.05 7.26
C SER C 438 62.86 14.59 6.94
N ASN C 439 63.17 15.79 7.46
CA ASN C 439 64.48 16.39 7.19
C ASN C 439 65.59 15.69 7.94
N ASN C 440 65.29 15.06 9.08
CA ASN C 440 66.33 14.41 9.88
C ASN C 440 66.80 13.11 9.22
N LEU C 441 65.88 12.31 8.70
CA LEU C 441 66.19 11.02 8.12
C LEU C 441 66.11 11.09 6.60
N ASP C 442 66.32 9.94 5.96
CA ASP C 442 66.26 9.78 4.51
C ASP C 442 67.21 10.73 3.79
N SER C 443 68.39 10.94 4.39
CA SER C 443 69.39 11.83 3.80
C SER C 443 70.76 11.45 4.34
N LYS C 444 71.76 11.46 3.47
CA LYS C 444 73.14 11.18 3.82
C LYS C 444 73.99 12.41 3.49
N VAL C 445 75.31 12.26 3.61
CA VAL C 445 76.23 13.33 3.25
C VAL C 445 76.14 13.62 1.75
N GLY C 446 76.12 12.57 0.94
CA GLY C 446 75.94 12.68 -0.50
C GLY C 446 74.51 12.43 -0.91
N GLY C 447 74.35 11.92 -2.14
CA GLY C 447 73.02 11.60 -2.62
C GLY C 447 72.51 10.30 -2.04
N ASN C 448 71.23 10.31 -1.65
CA ASN C 448 70.57 9.14 -1.08
C ASN C 448 69.77 8.48 -2.19
N TYR C 449 70.38 7.46 -2.82
CA TYR C 449 69.78 6.77 -3.96
C TYR C 449 69.15 5.44 -3.55
N ASN C 450 68.59 5.37 -2.35
CA ASN C 450 67.99 4.14 -1.83
C ASN C 450 66.52 3.98 -2.21
N TYR C 451 65.91 4.99 -2.83
CA TYR C 451 64.51 4.93 -3.21
C TYR C 451 64.38 5.14 -4.72
N LEU C 452 63.39 4.45 -5.30
CA LEU C 452 63.34 4.21 -6.73
C LEU C 452 61.89 4.36 -7.18
N TYR C 453 61.66 4.76 -8.43
CA TYR C 453 60.29 4.92 -8.88
C TYR C 453 60.15 4.60 -10.36
N ARG C 454 58.95 4.14 -10.73
CA ARG C 454 58.63 3.81 -12.12
C ARG C 454 58.55 5.09 -12.95
N LEU C 455 59.20 5.09 -14.11
CA LEU C 455 59.20 6.24 -15.01
C LEU C 455 58.45 6.02 -16.30
N PHE C 456 58.46 4.80 -16.84
CA PHE C 456 57.84 4.51 -18.14
C PHE C 456 56.84 3.37 -18.00
N ARG C 457 55.69 3.54 -18.65
CA ARG C 457 54.65 2.52 -18.66
C ARG C 457 53.77 2.74 -19.89
N LYS C 458 53.44 1.64 -20.56
CA LYS C 458 52.66 1.71 -21.79
C LYS C 458 51.15 1.69 -21.55
N SER C 459 50.70 1.44 -20.32
CA SER C 459 49.28 1.36 -20.03
C SER C 459 49.00 2.09 -18.73
N ASN C 460 47.77 2.58 -18.59
CA ASN C 460 47.34 3.26 -17.37
C ASN C 460 47.17 2.25 -16.24
N LEU C 461 47.68 2.60 -15.06
CA LEU C 461 47.60 1.72 -13.92
C LEU C 461 46.17 1.65 -13.38
N LYS C 462 45.79 0.47 -12.89
CA LYS C 462 44.50 0.30 -12.26
C LYS C 462 44.52 0.86 -10.83
N PRO C 463 43.37 1.33 -10.33
CA PRO C 463 43.31 1.81 -8.94
C PRO C 463 43.58 0.70 -7.94
N PHE C 464 44.26 1.08 -6.85
CA PHE C 464 44.64 0.16 -5.77
C PHE C 464 45.45 -1.03 -6.29
N GLU C 465 46.38 -0.75 -7.21
CA GLU C 465 47.22 -1.77 -7.80
C GLU C 465 48.69 -1.36 -7.69
N ARG C 466 49.55 -2.32 -7.38
CA ARG C 466 50.98 -2.10 -7.27
C ARG C 466 51.69 -3.06 -8.21
N ASP C 467 52.61 -2.52 -9.01
CA ASP C 467 53.35 -3.31 -10.00
C ASP C 467 54.84 -3.17 -9.74
N ILE C 468 55.54 -4.29 -9.73
CA ILE C 468 57.00 -4.33 -9.58
C ILE C 468 57.52 -5.08 -10.80
N SER C 469 57.87 -4.33 -11.85
CA SER C 469 58.39 -4.90 -13.08
C SER C 469 59.81 -4.40 -13.31
N THR C 470 60.74 -5.35 -13.50
CA THR C 470 62.14 -5.02 -13.74
C THR C 470 62.57 -5.38 -15.16
N GLU C 471 61.61 -5.57 -16.07
CA GLU C 471 61.94 -5.83 -17.46
C GLU C 471 62.43 -4.55 -18.14
N ILE C 472 63.25 -4.73 -19.18
CA ILE C 472 63.79 -3.58 -19.91
C ILE C 472 62.66 -2.93 -20.70
N TYR C 473 62.43 -1.64 -20.46
CA TYR C 473 61.42 -0.91 -21.19
C TYR C 473 61.91 -0.64 -22.62
N GLN C 474 60.99 -0.75 -23.57
CA GLN C 474 61.31 -0.54 -24.98
C GLN C 474 60.47 0.60 -25.55
N ALA C 475 61.06 1.33 -26.49
CA ALA C 475 60.39 2.43 -27.16
C ALA C 475 60.32 2.28 -28.67
N GLY C 476 61.33 1.67 -29.30
CA GLY C 476 61.33 1.47 -30.72
C GLY C 476 60.50 0.26 -31.14
N SER C 477 60.38 0.09 -32.45
CA SER C 477 59.62 -1.03 -32.99
C SER C 477 60.34 -2.36 -32.78
N THR C 478 61.67 -2.35 -32.81
CA THR C 478 62.42 -3.59 -32.63
C THR C 478 62.33 -4.04 -31.17
N PRO C 479 62.14 -5.33 -30.93
CA PRO C 479 62.10 -5.83 -29.55
C PRO C 479 63.46 -5.73 -28.88
N CYS C 480 63.43 -5.57 -27.56
CA CYS C 480 64.64 -5.44 -26.75
C CYS C 480 64.83 -6.73 -25.96
N ASN C 481 65.96 -7.39 -26.17
CA ASN C 481 66.29 -8.64 -25.46
C ASN C 481 67.10 -8.38 -24.19
N GLY C 482 66.60 -7.48 -23.35
CA GLY C 482 67.27 -7.19 -22.09
C GLY C 482 68.52 -6.36 -22.18
N VAL C 483 68.82 -5.79 -23.35
CA VAL C 483 70.03 -4.99 -23.52
C VAL C 483 69.75 -3.56 -23.07
N GLU C 484 70.82 -2.79 -22.89
CA GLU C 484 70.73 -1.40 -22.45
C GLU C 484 71.24 -0.45 -23.52
N GLY C 485 70.86 -0.70 -24.77
CA GLY C 485 71.26 0.13 -25.89
C GLY C 485 70.34 1.31 -26.09
N PHE C 486 70.29 1.78 -27.34
CA PHE C 486 69.42 2.90 -27.69
C PHE C 486 67.96 2.49 -27.61
N ASN C 487 67.12 3.42 -27.14
CA ASN C 487 65.67 3.22 -26.98
C ASN C 487 65.36 2.04 -26.06
N CYS C 488 66.25 1.78 -25.09
CA CYS C 488 66.06 0.68 -24.15
C CYS C 488 66.64 1.14 -22.81
N TYR C 489 65.77 1.61 -21.93
CA TYR C 489 66.17 2.14 -20.63
C TYR C 489 65.38 1.43 -19.55
N PHE C 490 65.97 1.38 -18.36
CA PHE C 490 65.28 0.79 -17.21
C PHE C 490 64.13 1.70 -16.80
N PRO C 491 62.92 1.16 -16.61
CA PRO C 491 61.79 2.01 -16.22
C PRO C 491 61.93 2.63 -14.84
N LEU C 492 62.83 2.11 -14.02
CA LEU C 492 63.05 2.62 -12.66
C LEU C 492 64.15 3.68 -12.66
N GLN C 493 63.85 4.83 -12.07
CA GLN C 493 64.77 5.97 -12.03
C GLN C 493 65.01 6.34 -10.57
N SER C 494 66.25 6.69 -10.23
CA SER C 494 66.64 6.92 -8.85
C SER C 494 66.26 8.31 -8.37
N TYR C 495 66.21 8.46 -7.05
CA TYR C 495 65.93 9.73 -6.40
C TYR C 495 67.21 10.36 -5.85
N GLY C 496 67.39 11.65 -6.10
CA GLY C 496 68.46 12.39 -5.48
C GLY C 496 67.99 13.13 -4.23
N PHE C 497 68.17 12.51 -3.07
CA PHE C 497 67.69 13.09 -1.81
C PHE C 497 68.83 13.84 -1.11
N GLN C 498 69.29 14.89 -1.77
CA GLN C 498 70.35 15.71 -1.21
C GLN C 498 69.80 16.61 -0.10
N PRO C 499 70.60 16.89 0.94
CA PRO C 499 70.13 17.80 1.99
C PRO C 499 69.96 19.24 1.53
N THR C 500 70.55 19.63 0.40
CA THR C 500 70.47 21.00 -0.10
C THR C 500 69.19 21.26 -0.89
N ASN C 501 68.33 20.27 -1.07
CA ASN C 501 67.09 20.47 -1.80
C ASN C 501 66.12 21.34 -1.01
N GLY C 502 65.21 21.97 -1.74
CA GLY C 502 64.24 22.86 -1.14
C GLY C 502 63.08 22.11 -0.51
N VAL C 503 62.07 22.89 -0.10
CA VAL C 503 60.89 22.32 0.53
C VAL C 503 60.09 21.49 -0.47
N GLY C 504 59.98 21.96 -1.71
CA GLY C 504 59.24 21.21 -2.71
C GLY C 504 59.89 19.90 -3.08
N TYR C 505 61.23 19.87 -3.10
CA TYR C 505 61.97 18.65 -3.40
C TYR C 505 62.39 17.90 -2.14
N GLN C 506 61.95 18.35 -0.97
CA GLN C 506 62.25 17.65 0.27
C GLN C 506 61.51 16.30 0.30
N PRO C 507 62.17 15.23 0.71
CA PRO C 507 61.46 13.94 0.85
C PRO C 507 60.54 13.95 2.06
N TYR C 508 59.30 13.51 1.84
CA TYR C 508 58.29 13.43 2.89
C TYR C 508 57.80 12.00 3.00
N ARG C 509 57.79 11.47 4.22
CA ARG C 509 57.27 10.14 4.47
C ARG C 509 55.75 10.21 4.59
N VAL C 510 55.05 9.51 3.70
CA VAL C 510 53.60 9.61 3.58
C VAL C 510 52.98 8.24 3.87
N VAL C 511 51.99 8.23 4.75
CA VAL C 511 51.22 7.03 5.06
C VAL C 511 49.81 7.23 4.54
N VAL C 512 49.34 6.30 3.71
CA VAL C 512 48.02 6.39 3.10
C VAL C 512 47.06 5.51 3.88
N LEU C 513 45.96 6.11 4.34
CA LEU C 513 44.93 5.39 5.08
C LEU C 513 43.75 5.14 4.16
N SER C 514 43.47 3.86 3.89
CA SER C 514 42.39 3.45 3.02
C SER C 514 41.28 2.83 3.86
N PHE C 515 40.08 3.36 3.74
CA PHE C 515 38.94 2.89 4.52
C PHE C 515 37.99 2.12 3.61
N GLU C 516 37.71 0.87 3.98
CA GLU C 516 36.83 0.00 3.21
C GLU C 516 35.73 -0.53 4.13
N LEU C 517 34.48 -0.36 3.70
CA LEU C 517 33.32 -0.79 4.49
C LEU C 517 32.46 -1.68 3.63
N LEU C 518 32.45 -2.97 3.93
CA LEU C 518 31.62 -3.95 3.24
C LEU C 518 30.42 -4.32 4.11
N HIS C 519 29.64 -5.30 3.66
CA HIS C 519 28.50 -5.77 4.43
C HIS C 519 28.89 -6.68 5.59
N ALA C 520 30.15 -7.10 5.65
CA ALA C 520 30.63 -7.90 6.77
C ALA C 520 30.69 -7.06 8.04
N PRO C 521 30.55 -7.67 9.21
CA PRO C 521 30.71 -6.92 10.46
C PRO C 521 32.11 -6.32 10.59
N ALA C 522 32.17 -5.12 11.16
CA ALA C 522 33.42 -4.39 11.26
C ALA C 522 34.22 -4.88 12.46
N THR C 523 35.43 -5.37 12.20
CA THR C 523 36.29 -5.83 13.28
C THR C 523 36.95 -4.69 14.04
N VAL C 524 37.03 -3.51 13.45
CA VAL C 524 37.63 -2.33 14.09
C VAL C 524 36.63 -1.19 14.06
N CYS C 525 36.39 -0.58 15.23
CA CYS C 525 35.50 0.57 15.32
C CYS C 525 35.97 1.48 16.44
N GLY C 526 36.05 2.78 16.13
CA GLY C 526 36.40 3.77 17.12
C GLY C 526 35.32 3.92 18.17
N PRO C 527 35.68 3.78 19.44
CA PRO C 527 34.70 3.86 20.52
C PRO C 527 34.49 5.29 21.02
N LYS C 528 33.35 5.47 21.69
CA LYS C 528 33.06 6.75 22.32
C LYS C 528 33.99 6.99 23.50
N LYS C 529 34.53 8.20 23.59
CA LYS C 529 35.48 8.53 24.64
C LYS C 529 34.80 8.54 26.00
N SER C 530 35.53 8.06 27.01
CA SER C 530 34.99 7.97 28.37
C SER C 530 34.98 9.36 29.00
N THR C 531 33.80 9.82 29.40
CA THR C 531 33.67 11.14 30.01
C THR C 531 34.05 11.09 31.48
N ASN C 532 34.13 12.28 32.09
CA ASN C 532 34.48 12.39 33.50
C ASN C 532 33.32 11.92 34.37
N LEU C 533 33.65 11.52 35.60
CA LEU C 533 32.68 10.98 36.54
C LEU C 533 32.07 12.10 37.36
N VAL C 534 30.73 12.14 37.41
CA VAL C 534 29.99 13.06 38.25
C VAL C 534 28.97 12.27 39.05
N LYS C 535 28.87 12.57 40.35
CA LYS C 535 28.01 11.82 41.24
C LYS C 535 27.19 12.80 42.08
N ASN C 536 26.20 12.25 42.80
CA ASN C 536 25.31 13.00 43.68
C ASN C 536 24.57 14.11 42.94
N LYS C 537 24.13 13.80 41.71
CA LYS C 537 23.38 14.74 40.91
C LYS C 537 22.52 13.98 39.91
N CYS C 538 21.34 14.52 39.63
CA CYS C 538 20.41 13.90 38.69
C CYS C 538 20.94 14.13 37.27
N VAL C 539 21.56 13.10 36.70
CA VAL C 539 22.15 13.18 35.38
C VAL C 539 21.55 12.09 34.49
N ASN C 540 21.85 12.18 33.20
CA ASN C 540 21.42 11.19 32.22
C ASN C 540 22.61 10.38 31.75
N PHE C 541 22.38 9.10 31.49
CA PHE C 541 23.46 8.20 31.12
C PHE C 541 22.89 7.01 30.37
N ASN C 542 23.77 6.30 29.67
CA ASN C 542 23.44 5.01 29.08
C ASN C 542 24.62 4.05 29.23
N PHE C 543 24.40 2.98 30.00
CA PHE C 543 25.42 1.96 30.22
C PHE C 543 25.21 0.76 29.28
N ASN C 544 25.09 1.05 27.99
CA ASN C 544 25.02 0.10 26.87
C ASN C 544 23.78 -0.78 26.88
N GLY C 545 22.89 -0.65 27.86
CA GLY C 545 21.70 -1.50 27.89
C GLY C 545 20.42 -0.80 28.27
N LEU C 546 20.50 0.46 28.67
CA LEU C 546 19.32 1.20 29.12
C LEU C 546 19.60 2.69 29.01
N THR C 547 18.54 3.49 29.08
CA THR C 547 18.62 4.94 29.09
C THR C 547 17.82 5.42 30.30
N GLY C 548 18.49 5.51 31.45
CA GLY C 548 17.86 5.89 32.71
C GLY C 548 18.39 7.22 33.20
N THR C 549 17.53 7.99 33.87
CA THR C 549 17.88 9.28 34.43
C THR C 549 17.78 9.21 35.95
N GLY C 550 18.83 9.67 36.63
CA GLY C 550 18.83 9.65 38.08
C GLY C 550 20.19 10.01 38.61
N VAL C 551 20.35 9.80 39.92
CA VAL C 551 21.59 10.10 40.62
C VAL C 551 22.40 8.83 40.76
N LEU C 552 23.70 8.98 41.04
CA LEU C 552 24.61 7.87 41.23
C LEU C 552 25.31 8.04 42.57
N THR C 553 24.96 7.20 43.54
CA THR C 553 25.50 7.26 44.89
C THR C 553 26.35 6.03 45.17
N GLU C 554 27.29 6.18 46.10
CA GLU C 554 28.15 5.07 46.49
C GLU C 554 27.37 4.06 47.31
N SER C 555 27.52 2.78 46.97
CA SER C 555 26.84 1.68 47.65
C SER C 555 27.84 0.92 48.52
N ASN C 556 27.36 -0.15 49.16
CA ASN C 556 28.19 -0.96 50.03
C ASN C 556 28.10 -2.45 49.74
N LYS C 557 27.37 -2.86 48.69
CA LYS C 557 27.23 -4.26 48.32
C LYS C 557 28.07 -4.55 47.09
N LYS C 558 28.89 -5.60 47.16
CA LYS C 558 29.75 -5.98 46.06
C LYS C 558 29.01 -6.92 45.11
N PHE C 559 29.37 -6.83 43.83
CA PHE C 559 28.76 -7.63 42.78
C PHE C 559 29.65 -8.80 42.41
N LEU C 560 29.01 -9.90 42.01
CA LEU C 560 29.74 -11.03 41.47
C LEU C 560 30.38 -10.63 40.14
N PRO C 561 31.60 -11.12 39.82
CA PRO C 561 32.35 -10.64 38.65
C PRO C 561 31.91 -11.22 37.32
N PHE C 562 30.58 -11.36 37.14
CA PHE C 562 30.03 -11.68 35.83
C PHE C 562 28.75 -10.90 35.54
N GLN C 563 28.39 -9.93 36.37
CA GLN C 563 27.14 -9.20 36.22
C GLN C 563 27.40 -7.73 35.97
N GLN C 564 26.49 -7.09 35.24
CA GLN C 564 26.58 -5.67 34.91
C GLN C 564 25.49 -4.84 35.56
N PHE C 565 24.23 -5.20 35.37
CA PHE C 565 23.10 -4.47 35.92
C PHE C 565 22.60 -5.16 37.20
N GLY C 566 21.49 -4.66 37.73
CA GLY C 566 20.90 -5.23 38.93
C GLY C 566 19.47 -4.80 39.14
N ARG C 567 18.60 -5.77 39.45
CA ARG C 567 17.19 -5.53 39.66
C ARG C 567 16.86 -5.62 41.14
N ASP C 568 15.57 -5.51 41.46
CA ASP C 568 15.10 -5.59 42.84
C ASP C 568 13.80 -6.38 42.86
N ILE C 569 13.08 -6.30 43.98
CA ILE C 569 11.78 -6.95 44.08
C ILE C 569 10.75 -6.29 43.16
N ALA C 570 10.92 -5.00 42.90
CA ALA C 570 9.99 -4.25 42.06
C ALA C 570 10.34 -4.29 40.59
N ASP C 571 11.38 -5.05 40.21
CA ASP C 571 11.83 -5.20 38.82
C ASP C 571 12.20 -3.86 38.20
N THR C 572 12.94 -3.05 38.96
CA THR C 572 13.43 -1.77 38.51
C THR C 572 14.96 -1.76 38.58
N THR C 573 15.60 -1.24 37.54
CA THR C 573 17.05 -1.15 37.52
C THR C 573 17.52 -0.06 38.48
N ASP C 574 18.23 -0.47 39.53
CA ASP C 574 18.68 0.48 40.55
C ASP C 574 20.10 0.21 41.03
N ALA C 575 20.80 -0.74 40.43
CA ALA C 575 22.17 -1.06 40.83
C ALA C 575 22.96 -1.44 39.59
N VAL C 576 23.96 -0.63 39.26
CA VAL C 576 24.75 -0.81 38.05
C VAL C 576 26.22 -0.63 38.40
N ARG C 577 27.09 -1.23 37.58
CA ARG C 577 28.54 -1.15 37.75
C ARG C 577 29.15 -0.50 36.52
N ASP C 578 29.95 0.54 36.74
CA ASP C 578 30.59 1.23 35.63
C ASP C 578 31.74 0.40 35.07
N PRO C 579 31.99 0.48 33.77
CA PRO C 579 33.12 -0.26 33.17
C PRO C 579 34.48 0.33 33.46
N GLN C 580 34.56 1.50 34.11
CA GLN C 580 35.84 2.15 34.31
C GLN C 580 36.66 1.44 35.39
N THR C 581 36.13 1.39 36.62
CA THR C 581 36.88 0.82 37.74
C THR C 581 36.06 -0.20 38.53
N LEU C 582 34.98 -0.73 37.93
CA LEU C 582 34.10 -1.71 38.55
C LEU C 582 33.55 -1.22 39.89
N GLU C 583 33.14 0.04 39.91
CA GLU C 583 32.61 0.66 41.12
C GLU C 583 31.09 0.54 41.13
N ILE C 584 30.55 -0.06 42.18
CA ILE C 584 29.12 -0.31 42.27
C ILE C 584 28.41 0.99 42.62
N LEU C 585 27.41 1.34 41.82
CA LEU C 585 26.64 2.57 42.01
C LEU C 585 25.16 2.26 42.02
N ASP C 586 24.40 3.12 42.68
CA ASP C 586 22.96 3.00 42.77
C ASP C 586 22.27 4.02 41.89
N ILE C 587 21.01 3.76 41.57
CA ILE C 587 20.21 4.63 40.71
C ILE C 587 18.97 5.04 41.49
N THR C 588 18.75 6.35 41.60
CA THR C 588 17.60 6.91 42.31
C THR C 588 17.07 8.08 41.49
N PRO C 589 15.79 8.10 41.17
CA PRO C 589 15.23 9.21 40.39
C PRO C 589 15.26 10.51 41.18
N CYS C 590 15.40 11.62 40.44
CA CYS C 590 15.50 12.94 41.04
C CYS C 590 14.16 13.64 41.17
N SER C 591 13.16 13.24 40.40
CA SER C 591 11.84 13.86 40.44
C SER C 591 10.93 13.04 41.33
N PHE C 592 10.38 13.67 42.37
CA PHE C 592 9.55 12.99 43.35
C PHE C 592 8.38 13.88 43.75
N GLY C 593 7.17 13.35 43.66
CA GLY C 593 5.99 14.03 44.14
C GLY C 593 5.62 15.26 43.32
N GLY C 594 4.83 16.12 43.95
CA GLY C 594 4.37 17.35 43.31
C GLY C 594 4.52 18.57 44.19
N VAL C 595 3.72 19.60 43.91
CA VAL C 595 3.76 20.86 44.64
C VAL C 595 2.35 21.19 45.12
N SER C 596 2.23 21.57 46.40
CA SER C 596 0.96 21.94 47.00
C SER C 596 1.02 23.37 47.48
N VAL C 597 -0.11 24.08 47.37
CA VAL C 597 -0.20 25.49 47.74
C VAL C 597 -1.15 25.61 48.93
N ILE C 598 -0.69 26.29 49.98
CA ILE C 598 -1.47 26.50 51.18
C ILE C 598 -2.02 27.93 51.15
N THR C 599 -3.34 28.07 51.25
CA THR C 599 -3.99 29.37 51.24
C THR C 599 -4.82 29.54 52.50
N PRO C 600 -4.64 30.63 53.24
CA PRO C 600 -5.47 30.86 54.43
C PRO C 600 -6.96 31.03 54.14
N GLY C 601 -7.32 31.41 52.93
CA GLY C 601 -8.71 31.57 52.55
C GLY C 601 -9.03 32.98 52.11
N THR C 602 -10.26 33.14 51.61
CA THR C 602 -10.71 34.43 51.13
C THR C 602 -11.05 35.36 52.30
N ASN C 603 -10.93 36.67 52.03
CA ASN C 603 -11.21 37.75 52.97
C ASN C 603 -10.34 37.67 54.23
N THR C 604 -9.23 36.95 54.19
CA THR C 604 -8.35 36.84 55.34
C THR C 604 -6.90 37.17 55.02
N SER C 605 -6.40 36.77 53.85
CA SER C 605 -5.01 36.97 53.49
C SER C 605 -4.89 37.08 51.98
N ASN C 606 -3.67 37.35 51.52
CA ASN C 606 -3.36 37.36 50.09
C ASN C 606 -2.11 36.56 49.75
N GLN C 607 -1.22 36.31 50.68
CA GLN C 607 -0.04 35.48 50.42
C GLN C 607 -0.38 34.01 50.57
N VAL C 608 0.47 33.16 50.00
CA VAL C 608 0.27 31.72 50.01
C VAL C 608 1.58 31.04 50.39
N ALA C 609 1.45 29.79 50.83
CA ALA C 609 2.59 28.95 51.21
C ALA C 609 2.70 27.79 50.25
N VAL C 610 3.91 27.50 49.79
CA VAL C 610 4.17 26.45 48.81
C VAL C 610 4.78 25.26 49.54
N LEU C 611 4.19 24.09 49.37
CA LEU C 611 4.66 22.87 50.00
C LEU C 611 5.00 21.82 48.95
N TYR C 612 6.23 21.32 49.00
CA TYR C 612 6.63 20.19 48.19
C TYR C 612 6.38 18.91 48.97
N GLN C 613 6.06 17.83 48.25
CA GLN C 613 5.58 16.62 48.89
C GLN C 613 6.69 15.84 49.57
N ASP C 614 7.66 15.35 48.80
CA ASP C 614 8.75 14.52 49.31
C ASP C 614 10.08 14.99 48.72
N VAL C 615 10.29 16.30 48.75
CA VAL C 615 11.52 16.91 48.26
C VAL C 615 12.38 17.26 49.47
N ASN C 616 13.63 16.78 49.46
CA ASN C 616 14.55 17.09 50.54
C ASN C 616 14.86 18.59 50.55
N CYS C 617 14.86 19.17 51.75
CA CYS C 617 14.94 20.62 51.88
C CYS C 617 16.18 21.04 52.63
N ASN C 641 11.01 31.18 56.77
CA ASN C 641 11.48 31.04 55.39
C ASN C 641 11.44 29.58 54.94
N VAL C 642 12.58 28.91 55.02
CA VAL C 642 12.69 27.52 54.58
C VAL C 642 12.54 26.61 55.80
N PHE C 643 11.59 25.68 55.72
CA PHE C 643 11.32 24.74 56.80
C PHE C 643 11.25 23.34 56.24
N GLN C 644 11.99 22.40 56.85
CA GLN C 644 12.03 21.00 56.43
C GLN C 644 11.34 20.16 57.51
N THR C 645 10.13 19.71 57.19
CA THR C 645 9.41 18.75 58.01
C THR C 645 9.59 17.35 57.42
N ARG C 646 8.84 16.38 57.94
CA ARG C 646 8.82 15.05 57.33
C ARG C 646 8.27 15.08 55.91
N ALA C 647 7.43 16.06 55.59
CA ALA C 647 6.76 16.10 54.30
C ALA C 647 7.25 17.26 53.43
N GLY C 648 8.57 17.48 53.40
CA GLY C 648 9.16 18.33 52.40
C GLY C 648 9.32 19.79 52.81
N CYS C 649 9.69 20.59 51.82
CA CYS C 649 9.90 22.02 52.01
C CYS C 649 8.58 22.71 52.37
N LEU C 650 8.69 23.72 53.24
CA LEU C 650 7.55 24.59 53.57
C LEU C 650 8.04 26.03 53.51
N ILE C 651 7.99 26.60 52.32
CA ILE C 651 8.45 27.97 52.09
C ILE C 651 7.27 28.92 52.22
N GLY C 652 7.54 30.11 52.77
CA GLY C 652 6.51 31.09 53.01
C GLY C 652 5.75 30.93 54.31
N ALA C 653 6.15 29.97 55.15
CA ALA C 653 5.51 29.73 56.44
C ALA C 653 6.59 29.41 57.46
N GLU C 654 6.78 30.32 58.42
CA GLU C 654 7.79 30.10 59.46
C GLU C 654 7.33 29.03 60.44
N HIS C 655 8.30 28.38 61.07
CA HIS C 655 8.04 27.32 62.04
C HIS C 655 8.19 27.85 63.45
N VAL C 656 7.22 27.54 64.31
CA VAL C 656 7.22 27.98 65.69
C VAL C 656 7.17 26.75 66.59
N ASN C 657 7.78 26.86 67.77
CA ASN C 657 7.82 25.75 68.72
C ASN C 657 6.53 25.59 69.52
N ASN C 658 5.69 26.62 69.56
CA ASN C 658 4.41 26.51 70.26
C ASN C 658 3.43 25.67 69.47
N SER C 659 2.50 25.04 70.18
CA SER C 659 1.52 24.16 69.58
C SER C 659 0.11 24.62 69.91
N TYR C 660 -0.73 24.71 68.89
CA TYR C 660 -2.14 25.05 69.05
C TYR C 660 -2.98 24.07 68.25
N GLU C 661 -4.29 24.27 68.29
CA GLU C 661 -5.19 23.51 67.43
C GLU C 661 -4.99 23.92 65.98
N CYS C 662 -4.98 22.93 65.09
CA CYS C 662 -4.70 23.15 63.68
C CYS C 662 -5.97 22.98 62.85
N ASP C 663 -6.05 23.74 61.76
CA ASP C 663 -7.20 23.72 60.87
C ASP C 663 -6.86 23.29 59.44
N ILE C 664 -5.64 23.51 58.98
CA ILE C 664 -5.23 23.13 57.64
C ILE C 664 -4.27 21.95 57.75
N PRO C 665 -4.71 20.73 57.47
CA PRO C 665 -3.82 19.57 57.59
C PRO C 665 -2.77 19.54 56.48
N ILE C 666 -1.59 19.03 56.84
CA ILE C 666 -0.50 18.83 55.90
C ILE C 666 -0.04 17.38 55.90
N GLY C 667 0.30 16.85 57.06
CA GLY C 667 0.75 15.47 57.21
C GLY C 667 1.82 15.36 58.26
N ALA C 668 1.99 14.14 58.77
CA ALA C 668 3.01 13.79 59.78
C ALA C 668 2.87 14.63 61.05
N GLY C 669 1.64 14.94 61.43
CA GLY C 669 1.40 15.62 62.69
C GLY C 669 1.74 17.09 62.72
N ILE C 670 1.97 17.72 61.58
CA ILE C 670 2.30 19.13 61.51
C ILE C 670 1.31 19.81 60.59
N CYS C 671 0.67 20.87 61.07
CA CYS C 671 -0.33 21.63 60.34
C CYS C 671 0.19 23.02 60.03
N ALA C 672 -0.68 23.84 59.44
CA ALA C 672 -0.39 25.24 59.17
C ALA C 672 -1.63 26.06 59.48
N SER C 673 -1.41 27.34 59.81
CA SER C 673 -2.49 28.25 60.13
C SER C 673 -2.05 29.67 59.81
N TYR C 674 -2.92 30.63 60.11
CA TYR C 674 -2.67 32.05 59.89
C TYR C 674 -2.90 32.78 61.21
N GLN C 675 -1.82 32.99 61.96
CA GLN C 675 -1.91 33.69 63.24
C GLN C 675 -0.88 34.82 63.30
N THR C 676 -0.76 35.46 64.45
CA THR C 676 0.19 36.55 64.64
C THR C 676 1.58 36.00 64.92
N SER C 689 3.34 41.88 61.73
CA SER C 689 1.90 41.68 61.66
C SER C 689 1.55 40.19 61.82
N GLN C 690 0.71 39.69 60.92
CA GLN C 690 0.27 38.30 60.93
C GLN C 690 0.69 37.63 59.63
N SER C 691 1.17 36.39 59.74
CA SER C 691 1.63 35.65 58.58
C SER C 691 1.34 34.16 58.80
N ILE C 692 1.53 33.39 57.74
CA ILE C 692 1.31 31.95 57.81
C ILE C 692 2.40 31.32 58.65
N ILE C 693 2.01 30.46 59.60
CA ILE C 693 2.93 29.82 60.52
C ILE C 693 2.74 28.31 60.45
N ALA C 694 3.79 27.59 60.83
CA ALA C 694 3.78 26.13 60.86
C ALA C 694 4.12 25.66 62.27
N TYR C 695 3.37 24.66 62.73
CA TYR C 695 3.55 24.17 64.09
C TYR C 695 3.03 22.74 64.17
N THR C 696 3.44 22.05 65.23
CA THR C 696 2.91 20.72 65.51
C THR C 696 1.48 20.84 66.02
N MET C 697 0.58 20.04 65.43
CA MET C 697 -0.83 20.10 65.81
C MET C 697 -1.03 19.52 67.20
N SER C 698 -2.01 20.07 67.92
CA SER C 698 -2.35 19.64 69.26
C SER C 698 -3.64 18.83 69.21
N LEU C 699 -3.63 17.64 69.81
CA LEU C 699 -4.80 16.77 69.82
C LEU C 699 -5.88 17.24 70.79
N GLY C 700 -5.57 18.16 71.68
CA GLY C 700 -6.55 18.66 72.61
C GLY C 700 -5.89 19.35 73.79
N ALA C 701 -6.73 19.84 74.69
CA ALA C 701 -6.25 20.52 75.89
C ALA C 701 -5.73 19.48 76.89
N GLU C 702 -4.46 19.62 77.26
CA GLU C 702 -3.86 18.68 78.19
C GLU C 702 -4.37 18.94 79.60
N ASN C 703 -4.78 17.87 80.29
CA ASN C 703 -5.27 17.97 81.66
C ASN C 703 -5.11 16.62 82.33
N SER C 704 -5.14 16.64 83.66
CA SER C 704 -5.01 15.44 84.47
C SER C 704 -6.22 15.31 85.39
N VAL C 705 -6.75 14.11 85.50
CA VAL C 705 -7.89 13.83 86.35
C VAL C 705 -7.40 13.31 87.69
N ALA C 706 -7.82 13.96 88.77
CA ALA C 706 -7.42 13.56 90.12
C ALA C 706 -8.13 12.26 90.48
N TYR C 707 -7.39 11.15 90.43
CA TYR C 707 -7.94 9.83 90.70
C TYR C 707 -7.48 9.36 92.07
N SER C 708 -8.42 8.85 92.87
CA SER C 708 -8.11 8.28 94.17
C SER C 708 -9.09 7.14 94.45
N ASN C 709 -8.67 6.24 95.33
CA ASN C 709 -9.50 5.08 95.66
C ASN C 709 -10.70 5.44 96.54
N ASN C 710 -10.74 6.64 97.09
CA ASN C 710 -11.85 7.09 97.94
C ASN C 710 -12.30 8.48 97.53
N SER C 711 -12.30 8.76 96.23
CA SER C 711 -12.72 10.04 95.69
C SER C 711 -13.82 9.82 94.66
N ILE C 712 -14.90 10.59 94.77
CA ILE C 712 -16.04 10.49 93.87
C ILE C 712 -16.42 11.90 93.41
N ALA C 713 -16.70 12.04 92.12
CA ALA C 713 -17.21 13.28 91.56
C ALA C 713 -18.64 13.05 91.09
N ILE C 714 -19.58 13.84 91.60
CA ILE C 714 -20.99 13.69 91.27
C ILE C 714 -21.52 15.02 90.75
N PRO C 715 -22.14 15.04 89.57
CA PRO C 715 -22.67 16.30 89.04
C PRO C 715 -23.84 16.82 89.85
N THR C 716 -23.96 18.15 89.90
CA THR C 716 -25.04 18.82 90.60
C THR C 716 -25.93 19.66 89.69
N ASN C 717 -25.52 19.87 88.43
CA ASN C 717 -26.31 20.66 87.50
C ASN C 717 -26.09 20.12 86.10
N PHE C 718 -27.01 20.45 85.20
CA PHE C 718 -26.98 19.95 83.83
C PHE C 718 -27.43 21.03 82.87
N THR C 719 -27.00 20.89 81.62
CA THR C 719 -27.41 21.78 80.54
C THR C 719 -27.94 20.95 79.39
N ILE C 720 -29.11 21.32 78.87
CA ILE C 720 -29.72 20.62 77.75
C ILE C 720 -29.11 21.15 76.46
N SER C 721 -28.42 20.27 75.73
CA SER C 721 -27.74 20.63 74.49
C SER C 721 -28.38 19.92 73.31
N VAL C 722 -28.50 20.62 72.20
CA VAL C 722 -29.06 20.07 70.97
C VAL C 722 -27.97 20.10 69.90
N THR C 723 -27.69 18.93 69.32
CA THR C 723 -26.67 18.78 68.30
C THR C 723 -27.33 18.40 66.99
N THR C 724 -26.98 19.13 65.92
CA THR C 724 -27.54 18.89 64.60
C THR C 724 -26.58 18.01 63.81
N GLU C 725 -27.11 16.93 63.23
CA GLU C 725 -26.34 15.99 62.43
C GLU C 725 -26.90 15.96 61.03
N ILE C 726 -26.01 16.05 60.03
CA ILE C 726 -26.41 16.10 58.63
C ILE C 726 -26.18 14.73 58.01
N LEU C 727 -27.22 14.15 57.42
CA LEU C 727 -27.13 12.83 56.81
C LEU C 727 -27.90 12.80 55.49
N PRO C 728 -27.21 12.78 54.36
CA PRO C 728 -27.91 12.64 53.07
C PRO C 728 -28.50 11.25 52.92
N VAL C 729 -29.61 11.17 52.20
CA VAL C 729 -30.27 9.91 51.93
C VAL C 729 -30.44 9.61 50.44
N SER C 730 -30.39 10.62 49.58
CA SER C 730 -30.54 10.42 48.14
C SER C 730 -29.90 11.61 47.42
N MET C 731 -29.87 11.52 46.10
CA MET C 731 -29.32 12.59 45.27
C MET C 731 -30.06 12.61 43.94
N THR C 732 -29.51 13.32 42.96
CA THR C 732 -30.17 13.48 41.68
C THR C 732 -30.21 12.17 40.91
N LYS C 733 -31.34 11.91 40.26
CA LYS C 733 -31.53 10.72 39.44
C LYS C 733 -31.33 11.08 37.98
N THR C 734 -30.35 10.45 37.35
CA THR C 734 -30.00 10.73 35.96
C THR C 734 -30.15 9.47 35.12
N SER C 735 -30.63 9.64 33.88
CA SER C 735 -30.76 8.55 32.93
C SER C 735 -30.04 8.94 31.65
N VAL C 736 -29.09 8.11 31.23
CA VAL C 736 -28.26 8.38 30.05
C VAL C 736 -28.38 7.19 29.10
N ASP C 737 -28.65 7.48 27.84
CA ASP C 737 -28.74 6.47 26.80
C ASP C 737 -27.70 6.75 25.72
N CYS C 738 -27.19 5.68 25.10
CA CYS C 738 -26.17 5.82 24.08
C CYS C 738 -26.74 6.41 22.79
N THR C 739 -28.02 6.19 22.52
CA THR C 739 -28.63 6.68 21.29
C THR C 739 -28.72 8.20 21.25
N MET C 740 -28.64 8.86 22.40
CA MET C 740 -28.63 10.32 22.46
C MET C 740 -27.28 10.90 22.86
N TYR C 741 -26.43 10.12 23.54
CA TYR C 741 -25.14 10.61 23.99
C TYR C 741 -24.03 10.29 22.99
N ILE C 742 -23.84 9.00 22.70
CA ILE C 742 -22.77 8.59 21.78
C ILE C 742 -23.10 9.00 20.35
N CYS C 743 -24.34 8.77 19.92
CA CYS C 743 -24.78 9.07 18.56
C CYS C 743 -25.72 10.27 18.57
N GLY C 744 -25.59 11.12 17.56
CA GLY C 744 -26.45 12.27 17.42
C GLY C 744 -27.59 12.03 16.44
N ASP C 745 -27.49 12.64 15.26
CA ASP C 745 -28.49 12.50 14.21
C ASP C 745 -27.94 11.75 13.00
N SER C 746 -27.11 10.74 13.25
CA SER C 746 -26.50 9.94 12.20
C SER C 746 -26.96 8.50 12.30
N THR C 747 -27.05 7.84 11.14
CA THR C 747 -27.48 6.44 11.07
C THR C 747 -26.32 5.45 11.15
N GLU C 748 -25.11 5.88 10.77
CA GLU C 748 -23.96 4.97 10.82
C GLU C 748 -23.59 4.64 12.25
N CYS C 749 -23.72 5.60 13.17
CA CYS C 749 -23.42 5.34 14.57
C CYS C 749 -24.39 4.33 15.16
N SER C 750 -25.66 4.40 14.79
CA SER C 750 -26.65 3.43 15.27
C SER C 750 -26.33 2.04 14.73
N ASN C 751 -25.90 1.93 13.47
CA ASN C 751 -25.53 0.64 12.91
C ASN C 751 -24.29 0.08 13.60
N LEU C 752 -23.31 0.94 13.89
CA LEU C 752 -22.09 0.49 14.56
C LEU C 752 -22.30 0.20 16.03
N LEU C 753 -23.37 0.73 16.64
CA LEU C 753 -23.66 0.45 18.04
C LEU C 753 -24.38 -0.87 18.26
N LEU C 754 -24.74 -1.58 17.17
CA LEU C 754 -25.38 -2.87 17.33
C LEU C 754 -24.44 -3.91 17.92
N GLN C 755 -23.13 -3.78 17.67
CA GLN C 755 -22.17 -4.67 18.30
C GLN C 755 -21.98 -4.36 19.78
N TYR C 756 -22.33 -3.15 20.22
CA TYR C 756 -22.23 -2.76 21.62
C TYR C 756 -23.60 -2.48 22.22
N GLY C 757 -24.66 -3.07 21.66
CA GLY C 757 -26.00 -2.84 22.18
C GLY C 757 -26.20 -3.42 23.58
N SER C 758 -25.57 -4.57 23.85
CA SER C 758 -25.69 -5.19 25.16
C SER C 758 -25.02 -4.34 26.24
N PHE C 759 -23.90 -3.68 25.91
CA PHE C 759 -23.25 -2.78 26.86
C PHE C 759 -24.17 -1.65 27.26
N CYS C 760 -24.81 -1.01 26.28
CA CYS C 760 -25.73 0.09 26.58
C CYS C 760 -26.98 -0.39 27.29
N THR C 761 -27.45 -1.60 26.97
CA THR C 761 -28.58 -2.18 27.69
C THR C 761 -28.23 -2.39 29.17
N GLN C 762 -27.03 -2.92 29.43
CA GLN C 762 -26.59 -3.12 30.81
C GLN C 762 -26.43 -1.79 31.54
N LEU C 763 -25.88 -0.77 30.86
CA LEU C 763 -25.72 0.53 31.49
C LEU C 763 -27.07 1.17 31.80
N ASN C 764 -28.02 1.07 30.87
CA ASN C 764 -29.36 1.62 31.09
C ASN C 764 -30.07 0.88 32.22
N ARG C 765 -29.92 -0.44 32.29
CA ARG C 765 -30.52 -1.21 33.37
C ARG C 765 -29.91 -0.84 34.71
N ALA C 766 -28.58 -0.63 34.75
CA ALA C 766 -27.93 -0.21 35.99
C ALA C 766 -28.41 1.15 36.43
N LEU C 767 -28.54 2.09 35.50
CA LEU C 767 -29.05 3.42 35.85
C LEU C 767 -30.49 3.37 36.33
N THR C 768 -31.32 2.55 35.67
CA THR C 768 -32.70 2.38 36.10
C THR C 768 -32.78 1.77 37.50
N GLY C 769 -31.93 0.78 37.79
CA GLY C 769 -31.90 0.21 39.11
C GLY C 769 -31.41 1.18 40.16
N ILE C 770 -30.44 2.04 39.80
CA ILE C 770 -29.98 3.07 40.72
C ILE C 770 -31.10 4.05 41.03
N ALA C 771 -31.85 4.47 40.00
CA ALA C 771 -32.97 5.38 40.22
C ALA C 771 -34.06 4.75 41.07
N VAL C 772 -34.35 3.46 40.84
CA VAL C 772 -35.37 2.75 41.61
C VAL C 772 -34.93 2.63 43.07
N GLU C 773 -33.66 2.29 43.30
CA GLU C 773 -33.15 2.18 44.66
C GLU C 773 -33.19 3.51 45.38
N GLN C 774 -32.83 4.60 44.69
CA GLN C 774 -32.85 5.92 45.31
C GLN C 774 -34.27 6.39 45.57
N ASP C 775 -35.22 6.01 44.72
CA ASP C 775 -36.63 6.26 45.03
C ASP C 775 -37.06 5.46 46.26
N LYS C 776 -36.59 4.22 46.39
CA LYS C 776 -36.86 3.42 47.58
C LYS C 776 -36.06 3.91 48.78
N ASN C 777 -34.97 4.65 48.57
CA ASN C 777 -34.18 5.17 49.68
C ASN C 777 -34.97 6.19 50.48
N THR C 778 -35.75 7.04 49.81
CA THR C 778 -36.56 8.03 50.51
C THR C 778 -37.69 7.38 51.27
N GLN C 779 -38.26 6.30 50.72
CA GLN C 779 -39.38 5.62 51.36
C GLN C 779 -38.98 4.81 52.58
N GLU C 780 -37.69 4.63 52.82
CA GLU C 780 -37.22 3.85 53.97
C GLU C 780 -37.01 4.72 55.21
N VAL C 781 -36.47 5.92 55.03
CA VAL C 781 -36.16 6.79 56.17
C VAL C 781 -37.34 7.67 56.55
N PHE C 782 -38.04 8.23 55.55
CA PHE C 782 -39.11 9.18 55.84
C PHE C 782 -40.46 8.51 56.09
N ALA C 783 -40.75 7.42 55.37
CA ALA C 783 -42.05 6.75 55.48
C ALA C 783 -41.99 5.65 56.56
N GLN C 784 -41.66 6.06 57.78
CA GLN C 784 -41.61 5.13 58.89
C GLN C 784 -43.00 4.80 59.41
N VAL C 785 -43.95 5.73 59.31
CA VAL C 785 -45.31 5.54 59.79
C VAL C 785 -46.27 5.66 58.62
N LYS C 786 -47.27 4.79 58.59
CA LYS C 786 -48.29 4.79 57.53
C LYS C 786 -49.49 5.67 57.85
N GLN C 787 -49.47 6.36 58.99
CA GLN C 787 -50.56 7.24 59.39
C GLN C 787 -50.01 8.65 59.62
N ILE C 788 -50.75 9.65 59.13
CA ILE C 788 -50.35 11.05 59.22
C ILE C 788 -51.03 11.67 60.44
N TYR C 789 -50.22 12.22 61.34
CA TYR C 789 -50.71 12.86 62.55
C TYR C 789 -50.57 14.37 62.41
N LYS C 790 -51.66 15.10 62.64
CA LYS C 790 -51.62 16.54 62.53
C LYS C 790 -51.36 17.17 63.89
N THR C 791 -50.77 18.36 63.86
CA THR C 791 -50.46 19.06 65.11
C THR C 791 -51.75 19.60 65.73
N PRO C 792 -52.03 19.26 66.99
CA PRO C 792 -53.24 19.77 67.63
C PRO C 792 -53.15 21.28 67.85
N PRO C 793 -54.28 21.98 67.86
CA PRO C 793 -54.24 23.43 68.12
C PRO C 793 -53.77 23.79 69.52
N ILE C 794 -53.83 22.87 70.47
CA ILE C 794 -53.32 23.11 71.83
C ILE C 794 -51.80 23.18 71.74
N LYS C 795 -51.24 24.39 71.88
CA LYS C 795 -49.83 24.63 71.61
C LYS C 795 -48.99 24.79 72.87
N ASP C 796 -49.52 24.48 74.05
CA ASP C 796 -48.74 24.54 75.27
C ASP C 796 -48.31 23.13 75.67
N PHE C 797 -47.05 23.01 76.09
CA PHE C 797 -46.47 21.72 76.44
C PHE C 797 -45.63 21.81 77.72
N GLY C 798 -45.98 22.73 78.61
CA GLY C 798 -45.20 22.95 79.80
C GLY C 798 -44.07 23.96 79.65
N GLY C 799 -44.14 24.81 78.63
CA GLY C 799 -43.09 25.80 78.38
C GLY C 799 -42.17 25.47 77.23
N PHE C 800 -42.43 24.40 76.49
CA PHE C 800 -41.58 24.01 75.36
C PHE C 800 -42.07 24.71 74.10
N ASN C 801 -41.22 25.54 73.51
CA ASN C 801 -41.55 26.31 72.32
C ASN C 801 -41.24 25.46 71.09
N PHE C 802 -42.27 24.95 70.43
CA PHE C 802 -42.13 24.09 69.27
C PHE C 802 -42.42 24.81 67.96
N SER C 803 -42.57 26.14 67.99
CA SER C 803 -42.92 26.87 66.77
C SER C 803 -41.80 26.86 65.75
N GLN C 804 -40.55 26.72 66.19
CA GLN C 804 -39.43 26.73 65.26
C GLN C 804 -39.35 25.43 64.47
N ILE C 805 -39.84 24.33 65.04
CA ILE C 805 -39.77 23.03 64.36
C ILE C 805 -41.12 22.59 63.77
N LEU C 806 -42.24 23.17 64.24
CA LEU C 806 -43.53 22.80 63.69
C LEU C 806 -43.88 23.68 62.48
N PRO C 807 -44.64 23.15 61.53
CA PRO C 807 -45.04 23.96 60.38
C PRO C 807 -45.99 25.09 60.79
N ASP C 808 -45.92 26.18 60.03
CA ASP C 808 -46.74 27.35 60.28
C ASP C 808 -47.66 27.61 59.09
N PRO C 809 -48.96 27.83 59.31
CA PRO C 809 -49.87 28.07 58.18
C PRO C 809 -49.75 29.45 57.57
N SER C 810 -48.85 30.31 58.07
CA SER C 810 -48.69 31.64 57.48
C SER C 810 -48.16 31.56 56.05
N LYS C 811 -47.20 30.67 55.80
CA LYS C 811 -46.68 30.51 54.46
C LYS C 811 -47.43 29.40 53.72
N PRO C 812 -47.59 29.53 52.39
CA PRO C 812 -48.23 28.46 51.62
C PRO C 812 -47.48 27.14 51.68
N SER C 813 -46.15 27.17 51.77
CA SER C 813 -45.37 25.94 51.90
C SER C 813 -45.56 25.35 53.29
N LYS C 814 -45.51 24.01 53.36
CA LYS C 814 -45.68 23.29 54.61
C LYS C 814 -44.39 23.16 55.40
N ARG C 815 -43.29 23.73 54.91
CA ARG C 815 -42.00 23.58 55.59
C ARG C 815 -41.89 24.44 56.85
N SER C 816 -41.24 23.90 57.88
CA SER C 816 -41.04 24.66 59.11
C SER C 816 -39.94 25.69 58.89
N PRO C 817 -39.91 26.74 59.74
CA PRO C 817 -38.87 27.76 59.62
C PRO C 817 -37.49 27.14 59.43
N ILE C 818 -37.14 26.18 60.27
CA ILE C 818 -35.85 25.50 60.12
C ILE C 818 -35.74 24.93 58.72
N GLU C 819 -36.70 24.09 58.35
CA GLU C 819 -36.71 23.50 57.02
C GLU C 819 -36.55 24.58 55.94
N ASP C 820 -37.22 25.72 56.11
CA ASP C 820 -37.09 26.82 55.17
C ASP C 820 -35.68 27.39 55.18
N LEU C 821 -35.07 27.49 56.37
CA LEU C 821 -33.70 27.98 56.46
C LEU C 821 -32.71 27.01 55.81
N LEU C 822 -32.94 25.70 55.99
CA LEU C 822 -32.06 24.71 55.39
C LEU C 822 -32.24 24.63 53.87
N PHE C 823 -33.44 24.92 53.38
CA PHE C 823 -33.68 24.88 51.93
C PHE C 823 -32.88 25.94 51.20
N ASN C 824 -32.81 27.15 51.75
CA ASN C 824 -32.09 28.24 51.10
C ASN C 824 -30.59 28.16 51.27
N LYS C 825 -30.10 27.38 52.23
CA LYS C 825 -28.67 27.32 52.48
C LYS C 825 -27.94 26.51 51.41
N VAL C 826 -28.52 25.41 50.97
CA VAL C 826 -27.90 24.52 50.00
C VAL C 826 -28.49 24.80 48.63
N THR C 827 -27.64 24.94 47.63
CA THR C 827 -28.07 25.20 46.26
C THR C 827 -28.30 23.89 45.51
N ALA C 852 -27.06 23.54 28.42
CA ALA C 852 -27.33 23.01 29.74
C ALA C 852 -26.92 21.53 29.83
N GLN C 853 -27.10 20.94 31.02
CA GLN C 853 -26.74 19.55 31.21
C GLN C 853 -27.73 18.59 30.56
N LYS C 854 -28.97 19.02 30.35
CA LYS C 854 -30.00 18.19 29.73
C LYS C 854 -30.06 18.36 28.22
N PHE C 855 -29.18 19.17 27.63
CA PHE C 855 -29.24 19.46 26.20
C PHE C 855 -28.64 18.37 25.34
N ASN C 856 -28.03 17.34 25.92
CA ASN C 856 -27.41 16.26 25.16
C ASN C 856 -28.00 14.91 25.52
N GLY C 857 -29.29 14.88 25.86
CA GLY C 857 -29.96 13.64 26.18
C GLY C 857 -29.77 13.15 27.60
N LEU C 858 -29.04 13.89 28.44
CA LEU C 858 -28.84 13.52 29.84
C LEU C 858 -30.02 14.05 30.65
N THR C 859 -31.15 13.37 30.51
CA THR C 859 -32.38 13.77 31.19
C THR C 859 -32.29 13.47 32.69
N VAL C 860 -33.11 14.17 33.45
CA VAL C 860 -33.19 14.00 34.90
C VAL C 860 -34.60 13.56 35.26
N LEU C 861 -34.69 12.49 36.06
CA LEU C 861 -35.98 11.96 36.49
C LEU C 861 -36.40 12.61 37.80
N PRO C 862 -37.60 13.20 37.88
CA PRO C 862 -38.03 13.79 39.14
C PRO C 862 -38.27 12.71 40.20
N PRO C 863 -38.08 13.04 41.46
CA PRO C 863 -38.32 12.04 42.52
C PRO C 863 -39.79 11.72 42.67
N LEU C 864 -40.06 10.50 43.17
CA LEU C 864 -41.44 10.07 43.40
C LEU C 864 -42.10 10.91 44.48
N LEU C 865 -41.39 11.20 45.56
CA LEU C 865 -41.91 11.99 46.66
C LEU C 865 -41.42 13.43 46.53
N THR C 866 -42.36 14.37 46.44
CA THR C 866 -42.03 15.78 46.32
C THR C 866 -41.60 16.34 47.67
N ASP C 867 -41.10 17.58 47.65
CA ASP C 867 -40.65 18.23 48.88
C ASP C 867 -41.79 18.50 49.84
N GLU C 868 -42.98 18.82 49.32
CA GLU C 868 -44.14 19.03 50.18
C GLU C 868 -44.55 17.74 50.87
N MET C 869 -44.48 16.61 50.17
CA MET C 869 -44.81 15.33 50.79
C MET C 869 -43.79 14.96 51.86
N ILE C 870 -42.51 15.25 51.62
CA ILE C 870 -41.48 15.01 52.64
C ILE C 870 -41.71 15.90 53.85
N ALA C 871 -42.07 17.17 53.63
CA ALA C 871 -42.38 18.06 54.73
C ALA C 871 -43.58 17.58 55.52
N GLN C 872 -44.60 17.05 54.84
CA GLN C 872 -45.74 16.45 55.53
C GLN C 872 -45.33 15.24 56.35
N TYR C 873 -44.41 14.42 55.80
CA TYR C 873 -43.92 13.26 56.54
C TYR C 873 -43.22 13.67 57.82
N THR C 874 -42.33 14.66 57.73
CA THR C 874 -41.65 15.14 58.94
C THR C 874 -42.61 15.82 59.91
N SER C 875 -43.64 16.51 59.39
CA SER C 875 -44.64 17.10 60.28
C SER C 875 -45.41 16.03 61.04
N ALA C 876 -45.79 14.95 60.36
CA ALA C 876 -46.48 13.85 61.01
C ALA C 876 -45.58 13.17 62.04
N LEU C 877 -44.31 12.98 61.70
CA LEU C 877 -43.36 12.38 62.64
C LEU C 877 -43.18 13.26 63.87
N LEU C 878 -43.07 14.58 63.66
CA LEU C 878 -42.93 15.50 64.79
C LEU C 878 -44.17 15.51 65.67
N ALA C 879 -45.36 15.48 65.05
CA ALA C 879 -46.59 15.43 65.82
C ALA C 879 -46.69 14.15 66.64
N GLY C 880 -46.30 13.02 66.04
CA GLY C 880 -46.31 11.77 66.77
C GLY C 880 -45.30 11.73 67.90
N THR C 881 -44.13 12.35 67.69
CA THR C 881 -43.13 12.40 68.74
C THR C 881 -43.55 13.32 69.88
N ILE C 882 -44.21 14.43 69.56
CA ILE C 882 -44.66 15.36 70.59
C ILE C 882 -45.81 14.75 71.39
N THR C 883 -46.79 14.16 70.70
CA THR C 883 -47.99 13.67 71.39
C THR C 883 -47.79 12.30 72.00
N SER C 884 -47.16 11.37 71.28
CA SER C 884 -47.02 10.00 71.73
C SER C 884 -45.62 9.62 72.15
N GLY C 885 -44.59 10.25 71.58
CA GLY C 885 -43.21 9.93 71.92
C GLY C 885 -42.66 8.75 71.15
N TRP C 886 -43.03 7.53 71.56
CA TRP C 886 -42.59 6.34 70.85
C TRP C 886 -43.66 5.27 70.69
N THR C 887 -44.86 5.47 71.23
CA THR C 887 -45.90 4.46 71.10
C THR C 887 -46.49 4.40 69.71
N PHE C 888 -46.46 5.52 68.97
CA PHE C 888 -46.95 5.52 67.60
C PHE C 888 -46.02 4.82 66.63
N GLY C 889 -44.74 4.71 66.97
CA GLY C 889 -43.76 4.02 66.15
C GLY C 889 -43.56 2.56 66.45
N ALA C 890 -44.24 2.04 67.48
CA ALA C 890 -44.09 0.63 67.86
C ALA C 890 -45.43 0.00 68.18
N GLY C 891 -46.49 0.47 67.55
CA GLY C 891 -47.83 -0.05 67.79
C GLY C 891 -48.86 1.05 67.59
N PRO C 892 -49.98 0.90 68.30
CA PRO C 892 -51.06 1.88 68.21
C PRO C 892 -50.64 3.20 68.86
N ALA C 893 -51.04 4.29 68.23
CA ALA C 893 -50.69 5.62 68.74
C ALA C 893 -51.49 5.94 69.99
N LEU C 894 -50.81 6.44 71.01
CA LEU C 894 -51.42 6.84 72.27
C LEU C 894 -51.18 8.33 72.49
N GLN C 895 -51.59 8.83 73.65
CA GLN C 895 -51.41 10.22 74.02
C GLN C 895 -50.63 10.31 75.33
N ILE C 896 -49.62 11.18 75.34
CA ILE C 896 -48.84 11.45 76.54
C ILE C 896 -48.63 12.95 76.64
N PRO C 897 -48.64 13.53 77.85
CA PRO C 897 -48.19 14.91 78.00
C PRO C 897 -46.69 15.00 77.80
N PHE C 898 -46.24 16.16 77.29
CA PHE C 898 -44.81 16.34 77.11
C PHE C 898 -44.09 16.51 78.43
N PRO C 899 -44.77 17.05 79.44
CA PRO C 899 -44.18 17.16 80.77
C PRO C 899 -43.91 15.79 81.38
N MET C 900 -44.70 14.78 81.01
CA MET C 900 -44.44 13.41 81.44
C MET C 900 -43.57 12.65 80.44
N GLN C 901 -43.62 13.01 79.15
CA GLN C 901 -42.74 12.38 78.18
C GLN C 901 -41.28 12.74 78.44
N MET C 902 -41.01 13.97 78.88
CA MET C 902 -39.64 14.34 79.23
C MET C 902 -39.15 13.55 80.43
N ALA C 903 -40.03 13.30 81.41
CA ALA C 903 -39.66 12.45 82.53
C ALA C 903 -39.44 11.02 82.10
N TYR C 904 -40.24 10.53 81.14
CA TYR C 904 -40.04 9.20 80.59
C TYR C 904 -38.68 9.07 79.92
N ARG C 905 -38.28 10.09 79.16
CA ARG C 905 -36.96 10.09 78.54
C ARG C 905 -35.85 10.23 79.58
N PHE C 906 -36.10 10.98 80.65
CA PHE C 906 -35.12 11.13 81.72
C PHE C 906 -34.89 9.82 82.46
N ASN C 907 -35.94 9.02 82.61
CA ASN C 907 -35.83 7.76 83.33
C ASN C 907 -34.99 6.72 82.58
N GLY C 908 -34.79 6.90 81.28
CA GLY C 908 -34.04 5.95 80.48
C GLY C 908 -32.55 6.12 80.49
N ILE C 909 -32.01 7.14 81.17
CA ILE C 909 -30.59 7.38 81.22
C ILE C 909 -30.06 7.34 82.66
N GLY C 910 -30.80 6.70 83.56
CA GLY C 910 -30.38 6.56 84.93
C GLY C 910 -30.75 7.71 85.84
N VAL C 911 -31.37 8.76 85.32
CA VAL C 911 -31.78 9.91 86.11
C VAL C 911 -33.22 9.71 86.55
N THR C 912 -33.48 9.98 87.83
CA THR C 912 -34.84 9.86 88.35
C THR C 912 -35.74 10.94 87.76
N GLN C 913 -37.03 10.60 87.62
CA GLN C 913 -37.98 11.50 86.99
C GLN C 913 -38.43 12.64 87.90
N ASN C 914 -38.10 12.60 89.19
CA ASN C 914 -38.54 13.64 90.10
C ASN C 914 -37.74 14.94 89.96
N VAL C 915 -36.56 14.88 89.35
CA VAL C 915 -35.74 16.09 89.21
C VAL C 915 -36.21 16.98 88.06
N LEU C 916 -37.13 16.51 87.24
CA LEU C 916 -37.62 17.32 86.11
C LEU C 916 -38.67 18.32 86.57
N TYR C 917 -39.65 17.87 87.35
CA TYR C 917 -40.77 18.72 87.73
C TYR C 917 -40.36 19.83 88.69
N GLU C 918 -39.23 19.68 89.40
CA GLU C 918 -38.79 20.73 90.30
C GLU C 918 -38.25 21.94 89.55
N ASN C 919 -37.68 21.73 88.37
CA ASN C 919 -37.12 22.80 87.55
C ASN C 919 -37.55 22.65 86.10
N GLN C 920 -38.86 22.43 85.90
CA GLN C 920 -39.39 22.26 84.54
C GLN C 920 -39.25 23.53 83.72
N LYS C 921 -39.46 24.69 84.33
CA LYS C 921 -39.31 25.95 83.63
C LYS C 921 -37.87 26.18 83.18
N LEU C 922 -36.91 25.83 84.03
CA LEU C 922 -35.50 25.98 83.68
C LEU C 922 -35.13 25.09 82.49
N ILE C 923 -35.60 23.84 82.49
CA ILE C 923 -35.29 22.92 81.40
C ILE C 923 -35.98 23.36 80.11
N ALA C 924 -37.21 23.86 80.22
CA ALA C 924 -37.90 24.37 79.04
C ALA C 924 -37.18 25.59 78.45
N ASN C 925 -36.72 26.50 79.31
CA ASN C 925 -35.96 27.65 78.85
C ASN C 925 -34.64 27.23 78.23
N GLN C 926 -33.99 26.21 78.81
CA GLN C 926 -32.74 25.69 78.24
C GLN C 926 -32.97 25.09 76.86
N PHE C 927 -34.08 24.34 76.70
CA PHE C 927 -34.40 23.77 75.39
C PHE C 927 -34.70 24.85 74.36
N ASN C 928 -35.44 25.89 74.77
CA ASN C 928 -35.74 26.99 73.85
C ASN C 928 -34.48 27.74 73.46
N SER C 929 -33.58 27.97 74.41
CA SER C 929 -32.32 28.65 74.11
C SER C 929 -31.45 27.79 73.20
N ALA C 930 -31.44 26.47 73.41
CA ALA C 930 -30.69 25.59 72.52
C ALA C 930 -31.25 25.61 71.10
N ILE C 931 -32.59 25.61 70.97
CA ILE C 931 -33.21 25.68 69.66
C ILE C 931 -32.85 26.99 68.97
N GLY C 932 -32.90 28.11 69.71
CA GLY C 932 -32.49 29.38 69.15
C GLY C 932 -31.01 29.41 68.77
N LYS C 933 -30.18 28.72 69.56
CA LYS C 933 -28.75 28.67 69.28
C LYS C 933 -28.47 27.91 67.99
N ILE C 934 -29.11 26.76 67.79
CA ILE C 934 -28.92 26.03 66.54
C ILE C 934 -29.56 26.78 65.37
N GLN C 935 -30.63 27.55 65.62
CA GLN C 935 -31.19 28.37 64.55
C GLN C 935 -30.23 29.48 64.12
N ASP C 936 -29.57 30.11 65.09
CA ASP C 936 -28.60 31.15 64.76
C ASP C 936 -27.35 30.57 64.12
N SER C 937 -26.92 29.38 64.55
CA SER C 937 -25.73 28.76 63.99
C SER C 937 -25.96 28.24 62.59
N LEU C 938 -27.16 27.73 62.31
CA LEU C 938 -27.46 27.24 60.97
C LEU C 938 -27.55 28.38 59.96
N SER C 939 -27.96 29.57 60.40
CA SER C 939 -28.06 30.72 59.51
C SER C 939 -26.72 31.39 59.23
N SER C 940 -25.67 31.02 59.96
CA SER C 940 -24.35 31.62 59.75
C SER C 940 -23.69 31.04 58.50
N ALA C 944 -21.32 26.54 56.21
CA ALA C 944 -22.46 26.00 55.48
C ALA C 944 -22.55 24.50 55.64
N LEU C 945 -23.56 23.89 55.02
CA LEU C 945 -23.73 22.45 55.09
C LEU C 945 -22.65 21.74 54.28
N GLY C 946 -22.07 20.70 54.87
CA GLY C 946 -21.01 19.96 54.22
C GLY C 946 -21.45 18.64 53.61
N LYS C 947 -22.28 17.90 54.34
CA LYS C 947 -22.73 16.60 53.85
C LYS C 947 -23.73 16.75 52.71
N LEU C 948 -24.63 17.73 52.80
CA LEU C 948 -25.64 17.92 51.77
C LEU C 948 -25.10 18.61 50.53
N GLN C 949 -23.96 19.29 50.62
CA GLN C 949 -23.41 20.00 49.47
C GLN C 949 -22.52 19.13 48.60
N ASP C 950 -21.81 18.16 49.20
CA ASP C 950 -20.94 17.29 48.41
C ASP C 950 -21.75 16.37 47.50
N VAL C 951 -22.87 15.85 48.00
CA VAL C 951 -23.66 14.89 47.24
C VAL C 951 -24.27 15.50 45.98
N VAL C 952 -24.30 16.83 45.90
CA VAL C 952 -24.67 17.52 44.66
C VAL C 952 -23.44 17.96 43.88
N ASN C 953 -22.36 18.31 44.58
CA ASN C 953 -21.17 18.84 43.91
C ASN C 953 -20.46 17.75 43.10
N GLN C 954 -20.30 16.55 43.65
CA GLN C 954 -19.67 15.48 42.88
C GLN C 954 -20.53 15.06 41.70
N ASN C 955 -21.86 15.08 41.86
CA ASN C 955 -22.76 14.77 40.75
C ASN C 955 -22.64 15.82 39.64
N ALA C 956 -22.56 17.10 40.03
CA ALA C 956 -22.39 18.16 39.04
C ALA C 956 -21.04 18.04 38.33
N GLN C 957 -19.98 17.69 39.07
CA GLN C 957 -18.68 17.49 38.45
C GLN C 957 -18.69 16.32 37.49
N ALA C 958 -19.36 15.22 37.86
CA ALA C 958 -19.45 14.07 36.97
C ALA C 958 -20.23 14.40 35.71
N LEU C 959 -21.34 15.14 35.85
CA LEU C 959 -22.11 15.54 34.67
C LEU C 959 -21.31 16.49 33.79
N ASN C 960 -20.57 17.42 34.39
CA ASN C 960 -19.74 18.34 33.62
C ASN C 960 -18.66 17.59 32.86
N THR C 961 -18.04 16.59 33.51
CA THR C 961 -17.06 15.74 32.82
C THR C 961 -17.71 14.95 31.70
N LEU C 962 -18.95 14.51 31.90
CA LEU C 962 -19.66 13.77 30.85
C LEU C 962 -19.90 14.65 29.62
N VAL C 963 -20.30 15.90 29.81
CA VAL C 963 -20.45 16.79 28.67
C VAL C 963 -19.10 17.16 28.06
N LYS C 964 -18.07 17.34 28.91
CA LYS C 964 -16.76 17.74 28.40
C LYS C 964 -16.09 16.62 27.60
N GLN C 965 -16.43 15.37 27.89
CA GLN C 965 -15.87 14.25 27.12
C GLN C 965 -16.37 14.23 25.68
N LEU C 966 -17.47 14.92 25.39
CA LEU C 966 -17.98 14.97 24.02
C LEU C 966 -17.11 15.83 23.11
N SER C 967 -16.38 16.79 23.67
CA SER C 967 -15.47 17.62 22.90
C SER C 967 -14.09 17.00 22.73
N SER C 968 -13.86 15.83 23.32
CA SER C 968 -12.59 15.13 23.17
C SER C 968 -12.59 14.28 21.91
N ASN C 969 -11.44 14.22 21.25
CA ASN C 969 -11.30 13.46 20.02
C ASN C 969 -10.97 12.00 20.25
N PHE C 970 -10.38 11.66 21.39
CA PHE C 970 -9.93 10.29 21.70
C PHE C 970 -8.99 9.76 20.62
N GLY C 971 -8.08 10.62 20.16
CA GLY C 971 -7.13 10.27 19.13
C GLY C 971 -7.58 10.50 17.72
N ALA C 972 -8.84 10.87 17.50
CA ALA C 972 -9.35 11.12 16.16
C ALA C 972 -8.99 12.53 15.71
N ILE C 973 -9.43 12.89 14.50
CA ILE C 973 -9.13 14.20 13.95
C ILE C 973 -10.20 15.24 14.25
N SER C 974 -11.42 14.81 14.60
CA SER C 974 -12.49 15.73 14.93
C SER C 974 -13.26 15.22 16.14
N SER C 975 -13.75 16.15 16.95
CA SER C 975 -14.50 15.77 18.14
C SER C 975 -15.90 15.29 17.78
N VAL C 976 -16.55 15.95 16.82
CA VAL C 976 -17.92 15.63 16.44
C VAL C 976 -17.89 14.72 15.21
N LEU C 977 -18.70 13.66 15.25
CA LEU C 977 -18.75 12.71 14.13
C LEU C 977 -19.38 13.31 12.88
N ASN C 978 -20.17 14.38 13.03
CA ASN C 978 -20.77 15.02 11.86
C ASN C 978 -19.71 15.64 10.95
N ASP C 979 -18.66 16.22 11.55
CA ASP C 979 -17.61 16.86 10.76
C ASP C 979 -16.87 15.83 9.90
N ILE C 980 -16.50 14.70 10.49
CA ILE C 980 -15.80 13.67 9.71
C ILE C 980 -16.74 12.93 8.78
N LEU C 981 -18.03 12.87 9.09
CA LEU C 981 -18.99 12.33 8.13
C LEU C 981 -19.11 13.22 6.90
N SER C 982 -19.09 14.55 7.12
CA SER C 982 -19.22 15.48 6.00
C SER C 982 -17.93 15.55 5.18
N ARG C 983 -16.77 15.58 5.84
CA ARG C 983 -15.52 15.82 5.13
C ARG C 983 -14.90 14.54 4.56
N LEU C 984 -15.41 13.36 4.91
CA LEU C 984 -14.87 12.11 4.42
C LEU C 984 -15.98 11.25 3.82
N ASP C 985 -15.58 10.06 3.36
CA ASP C 985 -16.48 9.04 2.87
C ASP C 985 -16.53 7.87 3.85
N PRO C 986 -17.62 7.09 3.85
CA PRO C 986 -17.76 6.01 4.83
C PRO C 986 -16.77 4.86 4.69
N PRO C 987 -15.96 4.74 3.58
CA PRO C 987 -14.76 3.91 3.72
C PRO C 987 -13.77 4.39 4.77
N GLU C 988 -13.26 5.61 4.63
CA GLU C 988 -12.21 6.08 5.52
C GLU C 988 -12.74 6.66 6.81
N ALA C 989 -14.03 6.99 6.88
CA ALA C 989 -14.63 7.47 8.12
C ALA C 989 -15.24 6.33 8.93
N GLU C 990 -14.44 5.27 9.14
CA GLU C 990 -14.88 4.10 9.88
C GLU C 990 -14.07 3.88 11.14
N VAL C 991 -12.74 3.88 11.03
CA VAL C 991 -11.89 3.66 12.20
C VAL C 991 -12.00 4.83 13.17
N GLN C 992 -12.15 6.06 12.65
CA GLN C 992 -12.32 7.22 13.53
C GLN C 992 -13.63 7.14 14.30
N ILE C 993 -14.72 6.75 13.63
CA ILE C 993 -16.01 6.62 14.31
C ILE C 993 -15.96 5.49 15.32
N ASP C 994 -15.30 4.38 14.98
CA ASP C 994 -15.16 3.27 15.92
C ASP C 994 -14.38 3.67 17.15
N ARG C 995 -13.28 4.40 16.98
CA ARG C 995 -12.49 4.84 18.12
C ARG C 995 -13.23 5.85 18.97
N LEU C 996 -13.99 6.76 18.33
CA LEU C 996 -14.82 7.69 19.08
C LEU C 996 -15.89 6.95 19.88
N ILE C 997 -16.50 5.93 19.27
CA ILE C 997 -17.53 5.15 19.96
C ILE C 997 -16.94 4.42 21.16
N THR C 998 -15.76 3.81 20.98
CA THR C 998 -15.11 3.11 22.10
C THR C 998 -14.72 4.09 23.21
N GLY C 999 -14.24 5.27 22.85
CA GLY C 999 -13.91 6.26 23.87
C GLY C 999 -15.13 6.74 24.64
N ARG C 1000 -16.23 7.01 23.93
CA ARG C 1000 -17.46 7.43 24.59
C ARG C 1000 -18.02 6.30 25.47
N LEU C 1001 -17.91 5.06 25.01
CA LEU C 1001 -18.36 3.93 25.81
C LEU C 1001 -17.52 3.77 27.07
N GLN C 1002 -16.20 3.97 26.96
CA GLN C 1002 -15.34 3.92 28.13
C GLN C 1002 -15.68 5.04 29.11
N SER C 1003 -15.94 6.25 28.60
CA SER C 1003 -16.35 7.35 29.47
C SER C 1003 -17.67 7.06 30.16
N LEU C 1004 -18.63 6.50 29.42
CA LEU C 1004 -19.92 6.14 30.01
C LEU C 1004 -19.77 5.06 31.07
N GLN C 1005 -18.91 4.07 30.82
CA GLN C 1005 -18.68 3.01 31.80
C GLN C 1005 -18.02 3.56 33.06
N THR C 1006 -17.05 4.46 32.91
CA THR C 1006 -16.43 5.09 34.06
C THR C 1006 -17.43 5.92 34.85
N TYR C 1007 -18.30 6.67 34.15
CA TYR C 1007 -19.33 7.45 34.82
C TYR C 1007 -20.31 6.55 35.56
N VAL C 1008 -20.69 5.42 34.94
CA VAL C 1008 -21.61 4.48 35.56
C VAL C 1008 -20.99 3.85 36.80
N THR C 1009 -19.71 3.49 36.73
CA THR C 1009 -19.03 2.93 37.90
C THR C 1009 -18.93 3.95 39.04
N GLN C 1010 -18.59 5.20 38.70
CA GLN C 1010 -18.53 6.24 39.73
C GLN C 1010 -19.90 6.50 40.35
N GLN C 1011 -20.94 6.52 39.52
CA GLN C 1011 -22.30 6.68 40.04
C GLN C 1011 -22.73 5.50 40.90
N LEU C 1012 -22.28 4.28 40.55
CA LEU C 1012 -22.60 3.12 41.36
C LEU C 1012 -21.90 3.19 42.72
N ILE C 1013 -20.65 3.64 42.74
CA ILE C 1013 -19.95 3.79 44.02
C ILE C 1013 -20.61 4.87 44.87
N ARG C 1014 -20.98 5.99 44.25
CA ARG C 1014 -21.66 7.07 44.96
C ARG C 1014 -23.02 6.61 45.46
N ALA C 1015 -23.73 5.80 44.67
CA ALA C 1015 -25.02 5.28 45.09
C ALA C 1015 -24.89 4.27 46.23
N ALA C 1016 -23.81 3.48 46.24
CA ALA C 1016 -23.55 2.60 47.38
C ALA C 1016 -23.28 3.40 48.64
N GLU C 1017 -22.50 4.48 48.53
CA GLU C 1017 -22.26 5.35 49.69
C GLU C 1017 -23.57 6.00 50.16
N ILE C 1018 -24.39 6.44 49.21
CA ILE C 1018 -25.68 7.04 49.54
C ILE C 1018 -26.60 6.03 50.20
N ARG C 1019 -26.57 4.78 49.72
CA ARG C 1019 -27.38 3.72 50.34
C ARG C 1019 -26.92 3.44 51.77
N ALA C 1020 -25.61 3.43 52.00
CA ALA C 1020 -25.10 3.25 53.36
C ALA C 1020 -25.53 4.40 54.27
N SER C 1021 -25.43 5.63 53.77
CA SER C 1021 -25.85 6.80 54.56
C SER C 1021 -27.35 6.77 54.84
N ALA C 1022 -28.14 6.34 53.84
CA ALA C 1022 -29.59 6.26 54.02
C ALA C 1022 -29.97 5.16 54.99
N ASN C 1023 -29.24 4.04 54.97
CA ASN C 1023 -29.47 2.99 55.96
C ASN C 1023 -29.14 3.47 57.36
N LEU C 1024 -28.04 4.22 57.51
CA LEU C 1024 -27.70 4.79 58.80
C LEU C 1024 -28.77 5.77 59.28
N ALA C 1025 -29.27 6.62 58.38
CA ALA C 1025 -30.31 7.58 58.74
C ALA C 1025 -31.61 6.87 59.09
N ALA C 1026 -31.95 5.80 58.36
CA ALA C 1026 -33.16 5.04 58.67
C ALA C 1026 -33.06 4.34 60.01
N THR C 1027 -31.89 3.78 60.34
CA THR C 1027 -31.71 3.17 61.66
C THR C 1027 -31.78 4.22 62.75
N LYS C 1028 -31.22 5.41 62.52
CA LYS C 1028 -31.33 6.50 63.49
C LYS C 1028 -32.78 6.92 63.69
N MET C 1029 -33.53 7.04 62.59
CA MET C 1029 -34.94 7.42 62.70
C MET C 1029 -35.74 6.34 63.41
N SER C 1030 -35.39 5.08 63.21
CA SER C 1030 -36.09 4.00 63.90
C SER C 1030 -35.73 3.95 65.39
N GLU C 1031 -34.50 4.33 65.75
CA GLU C 1031 -34.04 4.15 67.12
C GLU C 1031 -34.25 5.39 67.99
N CYS C 1032 -33.63 6.51 67.63
CA CYS C 1032 -33.62 7.68 68.51
C CYS C 1032 -34.68 8.71 68.15
N VAL C 1033 -35.50 8.47 67.14
CA VAL C 1033 -36.64 9.32 66.83
C VAL C 1033 -37.94 8.68 67.30
N LEU C 1034 -38.16 7.42 66.96
CA LEU C 1034 -39.28 6.65 67.49
C LEU C 1034 -38.88 5.88 68.74
N GLY C 1035 -38.29 6.58 69.69
CA GLY C 1035 -37.84 5.96 70.92
C GLY C 1035 -36.58 6.63 71.43
N GLN C 1036 -36.04 6.07 72.50
CA GLN C 1036 -34.80 6.54 73.11
C GLN C 1036 -33.71 5.49 72.88
N SER C 1037 -32.60 5.93 72.30
CA SER C 1037 -31.51 5.04 71.95
C SER C 1037 -30.58 4.85 73.15
N LYS C 1038 -30.46 3.60 73.61
CA LYS C 1038 -29.54 3.30 74.70
C LYS C 1038 -28.08 3.29 74.26
N ARG C 1039 -27.82 3.25 72.95
CA ARG C 1039 -26.46 3.28 72.44
C ARG C 1039 -25.91 4.70 72.59
N VAL C 1040 -24.90 4.87 73.43
CA VAL C 1040 -24.32 6.18 73.68
C VAL C 1040 -23.41 6.57 72.52
N ASP C 1041 -23.22 7.88 72.36
CA ASP C 1041 -22.38 8.47 71.31
C ASP C 1041 -22.82 8.03 69.91
N PHE C 1042 -24.12 7.82 69.72
CA PHE C 1042 -24.67 7.42 68.43
C PHE C 1042 -25.67 8.43 67.90
N CYS C 1043 -26.60 8.89 68.74
CA CYS C 1043 -27.60 9.88 68.37
C CYS C 1043 -27.42 11.16 69.18
N GLY C 1044 -26.18 11.61 69.33
CA GLY C 1044 -25.88 12.81 70.08
C GLY C 1044 -24.77 12.58 71.09
N LYS C 1045 -23.99 13.64 71.35
CA LYS C 1045 -22.89 13.57 72.30
C LYS C 1045 -23.45 13.73 73.70
N GLY C 1046 -23.52 12.64 74.45
CA GLY C 1046 -24.05 12.64 75.80
C GLY C 1046 -25.20 11.67 75.93
N TYR C 1047 -25.98 11.87 77.01
CA TYR C 1047 -27.15 11.03 77.26
C TYR C 1047 -28.31 11.51 76.38
N HIS C 1048 -28.73 10.66 75.45
CA HIS C 1048 -29.76 11.03 74.50
C HIS C 1048 -31.13 11.06 75.15
N LEU C 1049 -31.94 12.05 74.76
CA LEU C 1049 -33.31 12.16 75.21
C LEU C 1049 -34.31 11.96 74.08
N MET C 1050 -34.20 12.76 73.02
CA MET C 1050 -35.10 12.66 71.87
C MET C 1050 -34.44 13.33 70.68
N SER C 1051 -34.99 13.06 69.50
CA SER C 1051 -34.51 13.66 68.26
C SER C 1051 -35.69 14.17 67.45
N PHE C 1052 -35.47 15.29 66.75
CA PHE C 1052 -36.49 15.93 65.93
C PHE C 1052 -36.05 15.95 64.47
N PRO C 1053 -36.56 15.04 63.65
CA PRO C 1053 -36.19 15.06 62.22
C PRO C 1053 -36.81 16.23 61.49
N GLN C 1054 -36.10 16.70 60.46
CA GLN C 1054 -36.56 17.80 59.62
C GLN C 1054 -36.31 17.45 58.16
N SER C 1055 -37.13 18.03 57.29
CA SER C 1055 -36.98 17.79 55.85
C SER C 1055 -35.84 18.64 55.29
N ALA C 1056 -34.97 17.99 54.52
CA ALA C 1056 -33.83 18.64 53.90
C ALA C 1056 -33.77 18.28 52.42
N PRO C 1057 -33.20 19.16 51.59
CA PRO C 1057 -33.05 18.81 50.16
C PRO C 1057 -32.09 17.66 49.94
N HIS C 1058 -32.61 16.53 49.45
CA HIS C 1058 -31.84 15.32 49.19
C HIS C 1058 -31.12 14.83 50.44
N GLY C 1059 -31.80 14.87 51.57
CA GLY C 1059 -31.22 14.43 52.82
C GLY C 1059 -32.17 14.65 53.98
N VAL C 1060 -31.71 14.29 55.16
CA VAL C 1060 -32.47 14.45 56.39
C VAL C 1060 -31.52 14.88 57.50
N VAL C 1061 -32.01 15.75 58.40
CA VAL C 1061 -31.24 16.22 59.53
C VAL C 1061 -31.99 15.85 60.80
N PHE C 1062 -31.25 15.78 61.91
CA PHE C 1062 -31.82 15.41 63.20
C PHE C 1062 -31.36 16.41 64.26
N LEU C 1063 -32.30 16.87 65.08
CA LEU C 1063 -32.03 17.77 66.19
C LEU C 1063 -31.90 16.90 67.45
N HIS C 1064 -30.70 16.37 67.68
CA HIS C 1064 -30.45 15.43 68.77
C HIS C 1064 -30.44 16.19 70.10
N VAL C 1065 -31.53 16.08 70.85
CA VAL C 1065 -31.60 16.65 72.19
C VAL C 1065 -30.87 15.71 73.14
N THR C 1066 -29.87 16.22 73.85
CA THR C 1066 -29.01 15.42 74.71
C THR C 1066 -29.11 15.91 76.15
N TYR C 1067 -28.39 15.21 77.03
CA TYR C 1067 -28.37 15.51 78.46
C TYR C 1067 -26.93 15.36 78.95
N VAL C 1068 -26.28 16.47 79.25
CA VAL C 1068 -24.88 16.45 79.67
C VAL C 1068 -24.74 17.17 81.01
N PRO C 1069 -23.79 16.80 81.86
CA PRO C 1069 -23.57 17.54 83.10
C PRO C 1069 -22.73 18.78 82.89
N ALA C 1070 -22.96 19.77 83.74
CA ALA C 1070 -22.26 21.05 83.68
C ALA C 1070 -21.39 21.30 84.89
N GLN C 1071 -21.96 21.25 86.09
CA GLN C 1071 -21.24 21.55 87.32
C GLN C 1071 -21.16 20.29 88.19
N GLU C 1072 -20.04 20.11 88.87
CA GLU C 1072 -19.83 18.95 89.71
C GLU C 1072 -18.90 19.32 90.86
N LYS C 1073 -18.95 18.51 91.92
CA LYS C 1073 -18.07 18.67 93.06
C LYS C 1073 -17.40 17.34 93.37
N ASN C 1074 -16.56 17.35 94.41
CA ASN C 1074 -15.68 16.23 94.72
C ASN C 1074 -15.88 15.78 96.16
N PHE C 1075 -16.17 14.49 96.34
CA PHE C 1075 -16.55 13.95 97.63
C PHE C 1075 -15.72 12.70 97.93
N THR C 1076 -16.12 11.98 98.98
CA THR C 1076 -15.47 10.76 99.41
C THR C 1076 -16.45 9.59 99.28
N THR C 1077 -16.01 8.52 98.63
CA THR C 1077 -16.86 7.37 98.37
C THR C 1077 -16.43 6.18 99.22
N ALA C 1078 -17.36 5.22 99.36
CA ALA C 1078 -17.10 3.95 100.02
C ALA C 1078 -17.99 2.88 99.40
N PRO C 1079 -17.42 1.78 98.88
CA PRO C 1079 -18.24 0.75 98.24
C PRO C 1079 -19.15 0.00 99.19
N ALA C 1080 -18.88 0.01 100.49
CA ALA C 1080 -19.72 -0.71 101.44
C ALA C 1080 -19.76 0.06 102.75
N ILE C 1081 -20.81 -0.19 103.53
CA ILE C 1081 -21.01 0.46 104.83
C ILE C 1081 -21.29 -0.63 105.85
N CYS C 1082 -20.54 -0.61 106.96
CA CYS C 1082 -20.72 -1.56 108.05
C CYS C 1082 -21.55 -0.91 109.15
N HIS C 1083 -22.73 -1.48 109.41
CA HIS C 1083 -23.63 -0.92 110.41
C HIS C 1083 -23.45 -1.60 111.76
N ASP C 1084 -23.72 -2.91 111.83
CA ASP C 1084 -23.56 -3.68 113.06
C ASP C 1084 -22.92 -5.02 112.76
N GLY C 1085 -21.88 -5.02 111.93
CA GLY C 1085 -21.24 -6.25 111.50
C GLY C 1085 -21.69 -6.77 110.17
N LYS C 1086 -22.57 -6.06 109.47
CA LYS C 1086 -23.06 -6.45 108.15
C LYS C 1086 -22.76 -5.35 107.15
N ALA C 1087 -22.58 -5.74 105.89
CA ALA C 1087 -22.23 -4.82 104.83
C ALA C 1087 -23.49 -4.36 104.10
N HIS C 1088 -23.65 -3.05 103.95
CA HIS C 1088 -24.77 -2.45 103.26
C HIS C 1088 -24.31 -1.92 101.91
N PHE C 1089 -25.05 -2.28 100.85
CA PHE C 1089 -24.71 -1.83 99.51
C PHE C 1089 -25.88 -1.05 98.92
N PRO C 1090 -25.61 0.02 98.18
CA PRO C 1090 -26.70 0.78 97.57
C PRO C 1090 -27.34 0.00 96.42
N ARG C 1091 -28.63 0.27 96.21
CA ARG C 1091 -29.37 -0.39 95.13
C ARG C 1091 -29.15 0.31 93.80
N GLU C 1092 -29.40 1.61 93.75
CA GLU C 1092 -29.25 2.40 92.53
C GLU C 1092 -28.17 3.47 92.64
N GLY C 1093 -28.14 4.20 93.75
CA GLY C 1093 -27.19 5.29 93.92
C GLY C 1093 -25.84 4.82 94.40
N VAL C 1094 -25.09 5.76 94.98
CA VAL C 1094 -23.74 5.50 95.48
C VAL C 1094 -23.53 6.35 96.73
N PHE C 1095 -22.86 5.77 97.72
CA PHE C 1095 -22.58 6.49 98.95
C PHE C 1095 -21.63 7.65 98.69
N VAL C 1096 -22.03 8.85 99.14
CA VAL C 1096 -21.27 10.07 98.92
C VAL C 1096 -21.12 10.79 100.26
N SER C 1097 -19.89 11.16 100.61
CA SER C 1097 -19.59 11.82 101.86
C SER C 1097 -18.85 13.12 101.58
N ASN C 1098 -19.39 14.24 102.06
CA ASN C 1098 -18.71 15.53 101.97
C ASN C 1098 -17.90 15.81 103.24
N GLY C 1099 -17.08 14.85 103.64
CA GLY C 1099 -16.22 14.97 104.81
C GLY C 1099 -16.77 14.48 106.13
N THR C 1100 -18.00 14.86 106.46
CA THR C 1100 -18.57 14.58 107.78
C THR C 1100 -19.74 13.60 107.72
N HIS C 1101 -20.79 13.90 106.96
CA HIS C 1101 -21.97 13.06 106.89
C HIS C 1101 -21.90 12.12 105.70
N TRP C 1102 -22.88 11.23 105.61
CA TRP C 1102 -22.94 10.22 104.55
C TRP C 1102 -24.33 10.23 103.93
N PHE C 1103 -24.37 10.34 102.60
CA PHE C 1103 -25.61 10.29 101.84
C PHE C 1103 -25.42 9.38 100.63
N VAL C 1104 -26.54 8.98 100.04
CA VAL C 1104 -26.54 8.21 98.80
C VAL C 1104 -27.21 9.05 97.71
N THR C 1105 -26.50 9.25 96.60
CA THR C 1105 -26.99 10.05 95.48
C THR C 1105 -26.88 9.24 94.20
N GLN C 1106 -27.74 9.57 93.24
CA GLN C 1106 -27.69 8.93 91.94
C GLN C 1106 -26.43 9.34 91.19
N ARG C 1107 -26.03 8.50 90.22
CA ARG C 1107 -24.77 8.70 89.52
C ARG C 1107 -24.80 9.87 88.54
N ASN C 1108 -25.97 10.44 88.25
CA ASN C 1108 -26.07 11.52 87.28
C ASN C 1108 -26.57 12.83 87.87
N PHE C 1109 -26.89 12.87 89.17
CA PHE C 1109 -27.35 14.09 89.80
C PHE C 1109 -27.04 14.05 91.29
N TYR C 1110 -26.81 15.22 91.87
CA TYR C 1110 -26.51 15.33 93.29
C TYR C 1110 -27.82 15.50 94.06
N GLU C 1111 -28.35 14.39 94.55
CA GLU C 1111 -29.58 14.39 95.35
C GLU C 1111 -29.28 13.64 96.65
N PRO C 1112 -28.74 14.33 97.65
CA PRO C 1112 -28.40 13.65 98.91
C PRO C 1112 -29.64 13.21 99.66
N GLN C 1113 -29.61 11.97 100.16
CA GLN C 1113 -30.72 11.39 100.91
C GLN C 1113 -30.19 10.70 102.15
N ILE C 1114 -31.05 10.57 103.15
CA ILE C 1114 -30.70 9.86 104.36
C ILE C 1114 -30.61 8.36 104.06
N ILE C 1115 -29.50 7.75 104.46
CA ILE C 1115 -29.25 6.34 104.19
C ILE C 1115 -30.23 5.51 105.00
N THR C 1116 -31.14 4.83 104.32
CA THR C 1116 -32.19 4.04 104.95
C THR C 1116 -32.14 2.60 104.45
N THR C 1117 -33.14 1.81 104.88
CA THR C 1117 -33.23 0.42 104.47
C THR C 1117 -33.80 0.25 103.06
N ASP C 1118 -34.63 1.19 102.62
CA ASP C 1118 -35.31 1.05 101.33
C ASP C 1118 -34.33 1.09 100.16
N ASN C 1119 -33.30 1.93 100.24
CA ASN C 1119 -32.35 2.09 99.14
C ASN C 1119 -31.06 1.30 99.34
N THR C 1120 -30.93 0.55 100.44
CA THR C 1120 -29.72 -0.23 100.72
C THR C 1120 -30.10 -1.67 101.00
N PHE C 1121 -29.42 -2.60 100.34
CA PHE C 1121 -29.63 -4.02 100.55
C PHE C 1121 -28.40 -4.64 101.20
N VAL C 1122 -28.63 -5.59 102.11
CA VAL C 1122 -27.56 -6.22 102.88
C VAL C 1122 -27.16 -7.53 102.20
N SER C 1123 -25.87 -7.84 102.24
CA SER C 1123 -25.36 -9.07 101.62
C SER C 1123 -23.99 -9.36 102.22
N GLY C 1124 -23.84 -10.57 102.77
CA GLY C 1124 -22.55 -11.00 103.29
C GLY C 1124 -22.23 -10.41 104.66
N ASN C 1125 -20.99 -10.67 105.08
CA ASN C 1125 -20.50 -10.19 106.36
C ASN C 1125 -19.82 -8.83 106.18
N CYS C 1126 -19.12 -8.37 107.21
CA CYS C 1126 -18.45 -7.07 107.16
C CYS C 1126 -16.98 -7.17 106.73
N ASP C 1127 -16.30 -8.26 107.09
CA ASP C 1127 -14.88 -8.42 106.79
C ASP C 1127 -14.69 -9.13 105.45
N VAL C 1128 -15.27 -8.55 104.41
CA VAL C 1128 -15.13 -9.07 103.05
C VAL C 1128 -14.67 -8.04 102.05
N VAL C 1129 -14.76 -6.74 102.34
CA VAL C 1129 -14.35 -5.67 101.44
C VAL C 1129 -13.19 -4.94 102.07
N ILE C 1130 -12.15 -4.68 101.26
CA ILE C 1130 -10.98 -3.96 101.77
C ILE C 1130 -11.33 -2.52 102.13
N GLY C 1131 -12.24 -1.91 101.37
CA GLY C 1131 -12.66 -0.55 101.66
C GLY C 1131 -14.06 -0.47 102.24
N ILE C 1132 -14.15 -0.24 103.55
CA ILE C 1132 -15.43 -0.12 104.23
C ILE C 1132 -15.34 1.02 105.25
N VAL C 1133 -16.51 1.55 105.62
CA VAL C 1133 -16.60 2.64 106.60
C VAL C 1133 -17.68 2.28 107.61
N ASN C 1134 -17.66 2.99 108.73
CA ASN C 1134 -18.65 2.82 109.79
C ASN C 1134 -19.70 3.92 109.68
N ASN C 1135 -20.97 3.51 109.67
CA ASN C 1135 -22.07 4.45 109.56
C ASN C 1135 -23.31 3.82 110.19
N THR C 1136 -24.41 4.58 110.21
CA THR C 1136 -25.64 4.14 110.83
C THR C 1136 -26.79 4.20 109.82
N VAL C 1137 -27.81 3.39 110.09
CA VAL C 1137 -29.00 3.31 109.27
C VAL C 1137 -30.17 3.88 110.07
N TYR C 1138 -31.01 4.68 109.40
CA TYR C 1138 -32.12 5.34 110.09
C TYR C 1138 -33.17 4.34 110.54
N ASP C 1139 -33.30 3.20 109.84
CA ASP C 1139 -34.30 2.16 110.09
C ASP C 1139 -35.70 2.76 110.12
N PRO C 1140 -36.27 3.10 108.96
CA PRO C 1140 -37.50 3.92 108.93
C PRO C 1140 -38.75 3.23 109.46
N LEU C 1141 -38.69 1.99 109.94
CA LEU C 1141 -39.83 1.37 110.58
C LEU C 1141 -39.75 1.38 112.10
N GLN C 1142 -38.59 1.76 112.66
CA GLN C 1142 -38.46 1.78 114.12
C GLN C 1142 -39.33 2.85 114.79
N PRO C 1143 -39.32 4.13 114.36
CA PRO C 1143 -40.19 5.10 115.04
C PRO C 1143 -41.68 4.88 114.81
N GLU C 1144 -42.06 4.13 113.78
CA GLU C 1144 -43.48 3.95 113.48
C GLU C 1144 -44.15 2.97 114.45
N LEU C 1145 -43.39 2.04 115.02
CA LEU C 1145 -43.96 1.05 115.93
C LEU C 1145 -44.02 1.55 117.37
N ASP C 1146 -43.52 2.75 117.66
CA ASP C 1146 -43.57 3.30 119.01
C ASP C 1146 -44.99 3.71 119.39
N VAL D 2 -23.94 -31.04 -58.77
CA VAL D 2 -24.42 -32.32 -59.30
C VAL D 2 -25.70 -32.73 -58.59
N GLN D 3 -26.37 -33.74 -59.13
CA GLN D 3 -27.61 -34.26 -58.57
C GLN D 3 -27.52 -35.77 -58.46
N LEU D 4 -28.12 -36.33 -57.42
CA LEU D 4 -28.10 -37.76 -57.18
C LEU D 4 -29.47 -38.37 -57.44
N VAL D 5 -29.48 -39.55 -58.06
CA VAL D 5 -30.71 -40.25 -58.42
C VAL D 5 -30.74 -41.58 -57.69
N GLU D 6 -31.93 -41.99 -57.26
CA GLU D 6 -32.14 -43.24 -56.55
C GLU D 6 -33.09 -44.14 -57.36
N SER D 7 -33.43 -45.28 -56.77
CA SER D 7 -34.32 -46.23 -57.43
C SER D 7 -35.78 -45.80 -57.22
N GLY D 8 -36.68 -46.53 -57.87
CA GLY D 8 -38.10 -46.25 -57.79
C GLY D 8 -38.76 -46.90 -56.59
N ALA D 9 -40.09 -46.91 -56.63
CA ALA D 9 -40.87 -47.51 -55.55
C ALA D 9 -40.70 -49.03 -55.55
N GLU D 10 -40.63 -49.60 -54.35
CA GLU D 10 -40.41 -51.03 -54.18
C GLU D 10 -41.36 -51.57 -53.11
N VAL D 11 -41.91 -52.75 -53.38
CA VAL D 11 -42.76 -53.45 -52.41
C VAL D 11 -42.26 -54.89 -52.30
N LYS D 12 -42.35 -55.43 -51.09
CA LYS D 12 -41.75 -56.72 -50.74
C LYS D 12 -42.63 -57.40 -49.69
N LYS D 13 -42.06 -58.41 -49.03
CA LYS D 13 -42.70 -59.23 -48.01
C LYS D 13 -42.14 -58.92 -46.62
N PRO D 14 -42.92 -59.14 -45.55
CA PRO D 14 -42.40 -58.89 -44.20
C PRO D 14 -41.43 -59.98 -43.75
N GLY D 15 -40.16 -59.82 -44.10
CA GLY D 15 -39.16 -60.82 -43.77
C GLY D 15 -38.22 -61.09 -44.92
N SER D 16 -38.28 -60.27 -45.96
CA SER D 16 -37.38 -60.34 -47.10
C SER D 16 -36.28 -59.29 -46.93
N SER D 17 -35.46 -59.14 -47.96
CA SER D 17 -34.36 -58.17 -47.96
C SER D 17 -34.65 -57.10 -49.00
N VAL D 18 -34.62 -55.84 -48.58
CA VAL D 18 -34.83 -54.72 -49.49
C VAL D 18 -33.48 -54.28 -50.05
N LYS D 19 -33.44 -54.10 -51.37
CA LYS D 19 -32.21 -53.72 -52.07
C LYS D 19 -32.44 -52.43 -52.82
N VAL D 20 -31.70 -51.39 -52.47
CA VAL D 20 -31.80 -50.10 -53.14
C VAL D 20 -30.39 -49.60 -53.44
N SER D 21 -30.33 -48.61 -54.32
CA SER D 21 -29.07 -47.97 -54.70
C SER D 21 -29.32 -46.48 -54.89
N CYS D 22 -28.25 -45.70 -54.80
CA CYS D 22 -28.31 -44.26 -55.03
C CYS D 22 -27.16 -43.88 -55.96
N LYS D 23 -27.50 -43.50 -57.19
CA LYS D 23 -26.53 -43.17 -58.22
C LYS D 23 -26.29 -41.66 -58.27
N ALA D 24 -25.15 -41.29 -58.84
CA ALA D 24 -24.75 -39.90 -58.95
C ALA D 24 -24.72 -39.48 -60.41
N SER D 25 -25.36 -38.36 -60.72
CA SER D 25 -25.44 -37.82 -62.07
C SER D 25 -24.69 -36.50 -62.15
N GLY D 26 -23.99 -36.29 -63.25
CA GLY D 26 -23.20 -35.08 -63.43
C GLY D 26 -21.84 -35.10 -62.77
N GLY D 27 -21.44 -36.22 -62.19
CA GLY D 27 -20.15 -36.31 -61.54
C GLY D 27 -20.14 -37.42 -60.52
N THR D 28 -18.93 -37.71 -60.04
CA THR D 28 -18.73 -38.75 -59.05
C THR D 28 -18.95 -38.16 -57.65
N PHE D 29 -18.64 -38.95 -56.61
CA PHE D 29 -18.78 -38.48 -55.24
C PHE D 29 -17.57 -37.68 -54.76
N SER D 30 -16.54 -37.56 -55.59
CA SER D 30 -15.27 -36.88 -55.26
C SER D 30 -14.68 -37.62 -54.06
N SER D 31 -14.28 -36.92 -53.00
CA SER D 31 -13.77 -37.56 -51.79
C SER D 31 -14.69 -37.39 -50.59
N TYR D 32 -15.82 -36.72 -50.76
CA TYR D 32 -16.77 -36.55 -49.67
C TYR D 32 -17.45 -37.87 -49.33
N ALA D 33 -17.76 -38.04 -48.04
CA ALA D 33 -18.38 -39.27 -47.57
C ALA D 33 -19.84 -39.36 -48.02
N ILE D 34 -20.36 -40.58 -48.02
CA ILE D 34 -21.73 -40.87 -48.42
C ILE D 34 -22.45 -41.50 -47.24
N SER D 35 -23.60 -40.94 -46.86
CA SER D 35 -24.39 -41.43 -45.76
C SER D 35 -25.84 -41.58 -46.20
N TRP D 36 -26.61 -42.34 -45.41
CA TRP D 36 -28.01 -42.59 -45.66
C TRP D 36 -28.83 -42.18 -44.45
N VAL D 37 -29.92 -41.46 -44.69
CA VAL D 37 -30.82 -41.01 -43.63
C VAL D 37 -32.24 -41.35 -44.03
N ARG D 38 -32.95 -42.08 -43.16
CA ARG D 38 -34.33 -42.45 -43.42
C ARG D 38 -35.28 -41.43 -42.80
N GLN D 39 -36.55 -41.53 -43.17
CA GLN D 39 -37.58 -40.62 -42.66
C GLN D 39 -38.91 -41.34 -42.64
N ALA D 40 -39.51 -41.48 -41.44
CA ALA D 40 -40.79 -42.15 -41.27
C ALA D 40 -41.91 -41.14 -41.14
N PRO D 41 -43.11 -41.47 -41.63
CA PRO D 41 -44.24 -40.55 -41.48
C PRO D 41 -44.68 -40.47 -40.03
N GLY D 42 -44.77 -39.24 -39.52
CA GLY D 42 -45.12 -39.00 -38.14
C GLY D 42 -44.00 -39.12 -37.14
N GLN D 43 -42.78 -39.42 -37.60
CA GLN D 43 -41.62 -39.56 -36.74
C GLN D 43 -40.47 -38.72 -37.30
N GLY D 44 -39.35 -38.73 -36.60
CA GLY D 44 -38.18 -37.99 -37.01
C GLY D 44 -37.33 -38.77 -38.00
N LEU D 45 -36.17 -38.19 -38.30
CA LEU D 45 -35.21 -38.78 -39.23
C LEU D 45 -34.14 -39.52 -38.45
N GLU D 46 -33.88 -40.77 -38.82
CA GLU D 46 -32.89 -41.59 -38.16
C GLU D 46 -31.64 -41.72 -39.03
N TRP D 47 -30.50 -41.91 -38.37
CA TRP D 47 -29.22 -42.12 -39.03
C TRP D 47 -28.75 -43.53 -38.73
N MET D 48 -28.49 -44.30 -39.77
CA MET D 48 -28.10 -45.70 -39.62
C MET D 48 -26.62 -45.97 -39.90
N GLY D 49 -26.01 -45.22 -40.81
CA GLY D 49 -24.60 -45.42 -41.08
C GLY D 49 -24.14 -44.53 -42.21
N GLY D 50 -22.84 -44.63 -42.50
CA GLY D 50 -22.25 -43.87 -43.58
C GLY D 50 -21.12 -44.65 -44.22
N ILE D 51 -20.84 -44.32 -45.48
CA ILE D 51 -19.83 -45.02 -46.27
C ILE D 51 -18.75 -44.02 -46.67
N ILE D 52 -17.50 -44.46 -46.58
CA ILE D 52 -16.37 -43.71 -47.10
C ILE D 52 -16.05 -44.26 -48.49
N PRO D 53 -16.46 -43.58 -49.57
CA PRO D 53 -16.31 -44.17 -50.90
C PRO D 53 -14.87 -44.23 -51.39
N ILE D 54 -13.99 -43.35 -50.89
CA ILE D 54 -12.61 -43.35 -51.35
C ILE D 54 -11.74 -44.37 -50.64
N LEU D 55 -12.22 -44.93 -49.52
CA LEU D 55 -11.48 -45.97 -48.81
C LEU D 55 -12.26 -47.27 -48.66
N GLY D 56 -13.54 -47.30 -49.00
CA GLY D 56 -14.33 -48.51 -48.90
C GLY D 56 -14.55 -49.03 -47.50
N ILE D 57 -14.86 -48.13 -46.55
CA ILE D 57 -15.14 -48.51 -45.17
C ILE D 57 -16.46 -47.88 -44.76
N ALA D 58 -17.07 -48.46 -43.73
CA ALA D 58 -18.38 -48.04 -43.25
C ALA D 58 -18.36 -47.86 -41.74
N ASN D 59 -19.16 -46.91 -41.27
CA ASN D 59 -19.33 -46.64 -39.84
C ASN D 59 -20.83 -46.62 -39.55
N TYR D 60 -21.30 -47.65 -38.85
CA TYR D 60 -22.72 -47.82 -38.58
C TYR D 60 -23.13 -47.02 -37.34
N ALA D 61 -24.34 -47.28 -36.85
CA ALA D 61 -24.86 -46.64 -35.65
C ALA D 61 -25.08 -47.69 -34.56
N GLN D 62 -25.20 -47.22 -33.33
CA GLN D 62 -25.40 -48.13 -32.20
C GLN D 62 -26.81 -48.69 -32.17
N LYS D 63 -27.79 -47.95 -32.71
CA LYS D 63 -29.17 -48.42 -32.70
C LYS D 63 -29.36 -49.61 -33.64
N PHE D 64 -28.70 -49.60 -34.80
CA PHE D 64 -28.82 -50.67 -35.77
C PHE D 64 -27.72 -51.69 -35.55
N GLN D 65 -28.11 -52.95 -35.37
CA GLN D 65 -27.16 -54.02 -35.13
C GLN D 65 -26.58 -54.51 -36.45
N GLY D 66 -25.81 -55.60 -36.41
CA GLY D 66 -25.13 -56.11 -37.58
C GLY D 66 -26.03 -56.83 -38.58
N ARG D 67 -27.05 -56.14 -39.07
CA ARG D 67 -27.93 -56.67 -40.10
C ARG D 67 -27.86 -55.90 -41.41
N VAL D 68 -27.20 -54.75 -41.44
CA VAL D 68 -27.13 -53.89 -42.62
C VAL D 68 -25.67 -53.74 -43.01
N THR D 69 -25.36 -54.04 -44.28
CA THR D 69 -24.05 -53.82 -44.84
C THR D 69 -24.15 -52.78 -45.94
N ILE D 70 -23.34 -51.73 -45.85
CA ILE D 70 -23.33 -50.63 -46.82
C ILE D 70 -21.96 -50.58 -47.48
N THR D 71 -21.94 -50.54 -48.81
CA THR D 71 -20.71 -50.52 -49.57
C THR D 71 -20.80 -49.44 -50.64
N ALA D 72 -19.64 -49.08 -51.19
CA ALA D 72 -19.55 -48.11 -52.27
C ALA D 72 -18.55 -48.60 -53.31
N ASP D 73 -18.85 -48.36 -54.58
CA ASP D 73 -17.99 -48.75 -55.68
C ASP D 73 -17.43 -47.50 -56.35
N LYS D 74 -16.10 -47.42 -56.44
CA LYS D 74 -15.45 -46.28 -57.07
C LYS D 74 -15.46 -46.36 -58.58
N SER D 75 -15.70 -47.54 -59.15
CA SER D 75 -15.69 -47.68 -60.60
C SER D 75 -16.92 -47.04 -61.24
N THR D 76 -18.10 -47.28 -60.66
CA THR D 76 -19.34 -46.75 -61.21
C THR D 76 -19.88 -45.56 -60.44
N SER D 77 -19.24 -45.18 -59.32
CA SER D 77 -19.60 -44.01 -58.51
C SER D 77 -21.05 -44.07 -58.05
N THR D 78 -21.43 -45.21 -57.48
CA THR D 78 -22.78 -45.41 -56.96
C THR D 78 -22.71 -45.88 -55.51
N ALA D 79 -23.79 -45.61 -54.78
CA ALA D 79 -23.92 -46.05 -53.39
C ALA D 79 -24.74 -47.33 -53.34
N TYR D 80 -24.25 -48.30 -52.57
CA TYR D 80 -24.83 -49.64 -52.52
C TYR D 80 -25.35 -49.89 -51.11
N MET D 81 -26.66 -50.03 -50.97
CA MET D 81 -27.30 -50.22 -49.67
C MET D 81 -28.00 -51.57 -49.61
N GLU D 82 -27.86 -52.25 -48.48
CA GLU D 82 -28.49 -53.55 -48.26
C GLU D 82 -29.08 -53.60 -46.87
N LEU D 83 -30.33 -54.03 -46.77
CA LEU D 83 -31.01 -54.23 -45.50
C LEU D 83 -31.68 -55.60 -45.49
N SER D 84 -31.58 -56.31 -44.37
CA SER D 84 -32.15 -57.63 -44.22
C SER D 84 -33.04 -57.68 -42.98
N SER D 85 -33.76 -58.80 -42.85
CA SER D 85 -34.74 -59.03 -41.77
C SER D 85 -35.75 -57.87 -41.68
N LEU D 86 -36.54 -57.73 -42.74
CA LEU D 86 -37.50 -56.65 -42.83
C LEU D 86 -38.61 -56.83 -41.79
N ARG D 87 -39.18 -55.70 -41.37
CA ARG D 87 -40.22 -55.69 -40.35
C ARG D 87 -41.33 -54.73 -40.78
N SER D 88 -42.52 -54.92 -40.22
CA SER D 88 -43.65 -54.05 -40.53
C SER D 88 -43.43 -52.62 -40.03
N GLU D 89 -42.55 -52.43 -39.04
CA GLU D 89 -42.21 -51.08 -38.60
C GLU D 89 -41.49 -50.30 -39.70
N ASP D 90 -40.61 -50.97 -40.44
CA ASP D 90 -39.79 -50.33 -41.46
C ASP D 90 -40.66 -50.02 -42.69
N THR D 91 -41.43 -48.92 -42.58
CA THR D 91 -42.22 -48.40 -43.69
C THR D 91 -41.77 -47.00 -44.09
N ALA D 92 -40.52 -46.67 -43.81
CA ALA D 92 -39.99 -45.33 -44.03
C ALA D 92 -39.32 -45.24 -45.40
N VAL D 93 -39.16 -44.00 -45.87
CA VAL D 93 -38.47 -43.71 -47.12
C VAL D 93 -37.03 -43.31 -46.80
N TYR D 94 -36.12 -43.55 -47.73
CA TYR D 94 -34.70 -43.30 -47.54
C TYR D 94 -34.19 -42.31 -48.56
N TYR D 95 -33.27 -41.45 -48.13
CA TYR D 95 -32.54 -40.54 -49.00
C TYR D 95 -31.06 -40.75 -48.77
N CYS D 96 -30.27 -40.49 -49.81
CA CYS D 96 -28.82 -40.55 -49.68
C CYS D 96 -28.27 -39.16 -49.41
N ALA D 97 -27.54 -39.03 -48.31
CA ALA D 97 -27.01 -37.76 -47.84
C ALA D 97 -25.55 -37.61 -48.26
N ARG D 98 -25.15 -36.37 -48.55
CA ARG D 98 -23.77 -36.02 -48.84
C ARG D 98 -23.31 -35.04 -47.78
N GLU D 99 -22.19 -35.34 -47.13
CA GLU D 99 -21.69 -34.53 -46.03
C GLU D 99 -20.55 -33.64 -46.51
N ASN D 100 -20.53 -32.40 -46.01
CA ASN D 100 -19.49 -31.42 -46.32
C ASN D 100 -18.94 -30.90 -45.00
N GLY D 101 -17.78 -31.41 -44.59
CA GLY D 101 -17.18 -31.02 -43.34
C GLY D 101 -16.41 -29.72 -43.45
N TYR D 102 -15.87 -29.29 -42.31
CA TYR D 102 -15.08 -28.07 -42.23
C TYR D 102 -14.11 -28.19 -41.06
N SER D 103 -13.21 -27.22 -40.97
CA SER D 103 -12.23 -27.15 -39.88
C SER D 103 -12.67 -26.05 -38.92
N GLY D 104 -12.91 -26.42 -37.66
CA GLY D 104 -13.36 -25.46 -36.68
C GLY D 104 -13.62 -26.12 -35.35
N TYR D 105 -14.15 -25.32 -34.43
CA TYR D 105 -14.44 -25.82 -33.08
C TYR D 105 -15.63 -26.78 -33.07
N GLY D 106 -16.60 -26.57 -33.95
CA GLY D 106 -17.78 -27.40 -33.98
C GLY D 106 -17.54 -28.81 -34.48
N ALA D 107 -17.07 -28.92 -35.73
CA ALA D 107 -16.76 -30.20 -36.37
C ALA D 107 -17.97 -31.14 -36.38
N ALA D 108 -19.14 -30.59 -36.68
CA ALA D 108 -20.36 -31.37 -36.79
C ALA D 108 -20.69 -31.57 -38.27
N ALA D 109 -20.95 -32.82 -38.64
CA ALA D 109 -21.21 -33.13 -40.05
C ALA D 109 -22.56 -32.59 -40.48
N ASN D 110 -22.56 -31.85 -41.59
CA ASN D 110 -23.77 -31.26 -42.15
C ASN D 110 -24.03 -31.88 -43.52
N PHE D 111 -25.28 -32.28 -43.75
CA PHE D 111 -25.66 -32.90 -45.02
C PHE D 111 -25.88 -31.83 -46.07
N ASP D 112 -25.03 -31.81 -47.09
CA ASP D 112 -25.09 -30.79 -48.13
C ASP D 112 -26.07 -31.15 -49.24
N LEU D 113 -25.84 -32.28 -49.91
CA LEU D 113 -26.68 -32.72 -51.00
C LEU D 113 -27.59 -33.85 -50.55
N TRP D 114 -28.77 -33.92 -51.16
CA TRP D 114 -29.79 -34.90 -50.81
C TRP D 114 -30.31 -35.58 -52.05
N GLY D 115 -30.67 -36.86 -51.90
CA GLY D 115 -31.20 -37.63 -53.01
C GLY D 115 -32.68 -37.37 -53.23
N ARG D 116 -33.20 -38.00 -54.29
CA ARG D 116 -34.61 -37.84 -54.62
C ARG D 116 -35.50 -38.55 -53.61
N GLY D 117 -35.13 -39.76 -53.21
CA GLY D 117 -35.91 -40.53 -52.25
C GLY D 117 -36.48 -41.81 -52.82
N THR D 118 -36.37 -42.89 -52.05
CA THR D 118 -36.87 -44.20 -52.45
C THR D 118 -38.03 -44.59 -51.54
N LEU D 119 -39.16 -44.95 -52.14
CA LEU D 119 -40.35 -45.35 -51.39
C LEU D 119 -40.34 -46.86 -51.23
N VAL D 120 -40.23 -47.33 -49.98
CA VAL D 120 -40.20 -48.75 -49.67
C VAL D 120 -41.26 -49.04 -48.63
N THR D 121 -42.15 -49.99 -48.94
CA THR D 121 -43.20 -50.40 -48.03
C THR D 121 -43.29 -51.92 -48.00
N VAL D 122 -43.80 -52.45 -46.90
CA VAL D 122 -43.93 -53.89 -46.69
C VAL D 122 -45.41 -54.24 -46.63
N SER D 123 -45.78 -55.32 -47.32
CA SER D 123 -47.16 -55.78 -47.34
C SER D 123 -47.17 -57.31 -47.44
N SER D 124 -47.88 -57.95 -46.50
CA SER D 124 -47.95 -59.41 -46.51
C SER D 124 -48.87 -59.92 -47.61
N ALA D 125 -49.88 -59.14 -47.99
CA ALA D 125 -50.80 -59.57 -49.04
C ALA D 125 -50.13 -59.52 -50.40
N SER D 126 -50.46 -60.49 -51.24
CA SER D 126 -49.90 -60.58 -52.59
C SER D 126 -50.73 -59.74 -53.56
N THR D 127 -50.36 -59.80 -54.83
CA THR D 127 -51.06 -59.03 -55.86
C THR D 127 -52.30 -59.78 -56.32
N LYS D 128 -53.42 -59.06 -56.37
CA LYS D 128 -54.70 -59.62 -56.80
C LYS D 128 -55.28 -58.75 -57.90
N GLY D 129 -56.47 -59.11 -58.37
CA GLY D 129 -57.13 -58.37 -59.42
C GLY D 129 -58.16 -57.39 -58.87
N PRO D 130 -58.04 -56.13 -59.27
CA PRO D 130 -58.99 -55.11 -58.79
C PRO D 130 -60.36 -55.30 -59.39
N SER D 131 -61.37 -54.81 -58.66
CA SER D 131 -62.76 -54.86 -59.08
C SER D 131 -63.34 -53.46 -59.07
N VAL D 132 -63.97 -53.07 -60.18
CA VAL D 132 -64.57 -51.76 -60.34
C VAL D 132 -66.06 -51.93 -60.62
N PHE D 133 -66.89 -51.19 -59.88
CA PHE D 133 -68.33 -51.24 -60.07
C PHE D 133 -68.87 -49.82 -60.24
N PRO D 134 -69.88 -49.64 -61.09
CA PRO D 134 -70.36 -48.27 -61.36
C PRO D 134 -71.17 -47.71 -60.20
N LEU D 135 -71.16 -46.38 -60.11
CA LEU D 135 -71.96 -45.63 -59.15
C LEU D 135 -72.80 -44.61 -59.91
N ALA D 136 -74.10 -44.57 -59.61
CA ALA D 136 -75.01 -43.67 -60.28
C ALA D 136 -75.88 -42.93 -59.27
N PRO D 137 -76.21 -41.68 -59.54
CA PRO D 137 -77.08 -40.94 -58.61
C PRO D 137 -78.53 -41.40 -58.71
N SER D 138 -79.28 -41.10 -57.65
CA SER D 138 -80.69 -41.45 -57.57
C SER D 138 -81.55 -40.23 -57.94
N SER D 139 -82.87 -40.43 -57.93
CA SER D 139 -83.78 -39.34 -58.27
C SER D 139 -83.84 -38.30 -57.15
N LYS D 140 -83.74 -38.73 -55.89
CA LYS D 140 -83.79 -37.79 -54.78
C LYS D 140 -82.50 -36.99 -54.66
N SER D 141 -81.37 -37.56 -55.09
CA SER D 141 -80.10 -36.85 -55.01
C SER D 141 -80.03 -35.71 -56.02
N THR D 142 -80.66 -35.89 -57.20
CA THR D 142 -80.65 -34.87 -58.24
C THR D 142 -81.78 -33.87 -58.00
N SER D 143 -81.59 -33.06 -56.94
CA SER D 143 -82.57 -32.05 -56.62
C SER D 143 -82.57 -30.91 -57.63
N GLY D 144 -81.38 -30.48 -58.06
CA GLY D 144 -81.23 -29.42 -59.03
C GLY D 144 -80.86 -29.96 -60.39
N GLY D 145 -80.23 -29.09 -61.18
CA GLY D 145 -79.78 -29.44 -62.52
C GLY D 145 -78.44 -30.12 -62.61
N THR D 146 -77.78 -30.36 -61.48
CA THR D 146 -76.47 -30.99 -61.44
C THR D 146 -76.59 -32.41 -60.89
N ALA D 147 -75.69 -33.28 -61.34
CA ALA D 147 -75.66 -34.67 -60.92
C ALA D 147 -74.24 -35.07 -60.56
N ALA D 148 -74.12 -36.00 -59.62
CA ALA D 148 -72.84 -36.50 -59.15
C ALA D 148 -72.76 -38.00 -59.42
N LEU D 149 -71.66 -38.42 -60.06
CA LEU D 149 -71.46 -39.81 -60.40
C LEU D 149 -69.97 -40.10 -60.48
N GLY D 150 -69.63 -41.37 -60.43
CA GLY D 150 -68.23 -41.76 -60.49
C GLY D 150 -68.08 -43.27 -60.45
N CYS D 151 -66.84 -43.70 -60.26
CA CYS D 151 -66.51 -45.11 -60.19
C CYS D 151 -65.72 -45.40 -58.92
N LEU D 152 -65.91 -46.59 -58.38
CA LEU D 152 -65.26 -47.01 -57.15
C LEU D 152 -64.32 -48.17 -57.42
N VAL D 153 -63.13 -48.11 -56.81
CA VAL D 153 -62.10 -49.14 -56.95
C VAL D 153 -61.97 -49.88 -55.64
N LYS D 154 -62.00 -51.21 -55.70
CA LYS D 154 -61.93 -52.05 -54.51
C LYS D 154 -60.94 -53.19 -54.75
N ASP D 155 -60.41 -53.70 -53.64
CA ASP D 155 -59.40 -54.77 -53.57
C ASP D 155 -58.31 -54.60 -54.65
N TYR D 156 -57.61 -53.47 -54.56
CA TYR D 156 -56.53 -53.13 -55.47
C TYR D 156 -55.27 -52.83 -54.68
N PHE D 157 -54.12 -53.03 -55.33
CA PHE D 157 -52.83 -52.77 -54.71
C PHE D 157 -51.85 -52.41 -55.82
N PRO D 158 -51.02 -51.35 -55.64
CA PRO D 158 -50.94 -50.47 -54.48
C PRO D 158 -51.90 -49.29 -54.55
N GLU D 159 -51.81 -48.36 -53.59
CA GLU D 159 -52.70 -47.21 -53.57
C GLU D 159 -52.55 -46.26 -54.77
N PRO D 160 -51.33 -45.86 -55.22
CA PRO D 160 -51.26 -44.91 -56.36
C PRO D 160 -51.84 -45.47 -57.66
N VAL D 161 -52.95 -44.89 -58.10
CA VAL D 161 -53.63 -45.30 -59.33
C VAL D 161 -53.98 -44.05 -60.11
N THR D 162 -53.61 -44.02 -61.40
CA THR D 162 -53.89 -42.87 -62.26
C THR D 162 -55.27 -43.07 -62.88
N VAL D 163 -56.25 -42.30 -62.41
CA VAL D 163 -57.61 -42.42 -62.90
C VAL D 163 -57.90 -41.24 -63.83
N SER D 164 -58.46 -41.56 -64.99
CA SER D 164 -58.77 -40.54 -65.99
C SER D 164 -60.22 -40.70 -66.43
N TRP D 165 -60.83 -39.57 -66.80
CA TRP D 165 -62.19 -39.53 -67.30
C TRP D 165 -62.16 -39.33 -68.81
N ASN D 166 -62.75 -40.27 -69.55
CA ASN D 166 -62.78 -40.27 -71.02
C ASN D 166 -61.38 -40.15 -71.61
N SER D 167 -60.44 -40.91 -71.03
CA SER D 167 -59.03 -40.91 -71.43
C SER D 167 -58.42 -39.51 -71.33
N GLY D 168 -58.77 -38.79 -70.27
CA GLY D 168 -58.24 -37.46 -70.05
C GLY D 168 -58.94 -36.35 -70.77
N ALA D 169 -60.08 -36.61 -71.40
CA ALA D 169 -60.81 -35.57 -72.11
C ALA D 169 -61.55 -34.62 -71.18
N LEU D 170 -61.77 -35.01 -69.93
CA LEU D 170 -62.45 -34.19 -68.95
C LEU D 170 -61.47 -33.76 -67.86
N THR D 171 -61.41 -32.45 -67.61
CA THR D 171 -60.52 -31.91 -66.60
C THR D 171 -61.21 -31.05 -65.55
N SER D 172 -62.46 -30.62 -65.78
CA SER D 172 -63.19 -29.79 -64.84
C SER D 172 -64.07 -30.66 -63.96
N GLY D 173 -63.99 -30.44 -62.65
CA GLY D 173 -64.79 -31.21 -61.71
C GLY D 173 -64.22 -32.55 -61.32
N VAL D 174 -63.02 -32.88 -61.79
CA VAL D 174 -62.39 -34.16 -61.47
C VAL D 174 -61.63 -34.03 -60.16
N HIS D 175 -61.91 -34.93 -59.22
CA HIS D 175 -61.26 -34.93 -57.92
C HIS D 175 -60.67 -36.30 -57.65
N THR D 176 -59.48 -36.32 -57.07
CA THR D 176 -58.77 -37.55 -56.74
C THR D 176 -58.71 -37.71 -55.23
N PHE D 177 -59.10 -38.89 -54.75
CA PHE D 177 -59.13 -39.19 -53.33
C PHE D 177 -58.08 -40.23 -52.98
N PRO D 178 -57.45 -40.13 -51.81
CA PRO D 178 -56.46 -41.13 -51.40
C PRO D 178 -57.11 -42.34 -50.74
N ALA D 179 -56.29 -43.36 -50.51
CA ALA D 179 -56.76 -44.59 -49.90
C ALA D 179 -56.77 -44.45 -48.37
N VAL D 180 -57.14 -45.55 -47.70
CA VAL D 180 -57.23 -45.57 -46.24
C VAL D 180 -56.98 -47.00 -45.77
N LEU D 181 -56.34 -47.12 -44.60
CA LEU D 181 -56.09 -48.43 -44.03
C LEU D 181 -57.38 -49.11 -43.59
N GLN D 182 -57.34 -50.44 -43.53
CA GLN D 182 -58.47 -51.25 -43.13
C GLN D 182 -57.98 -52.33 -42.16
N SER D 183 -58.93 -53.15 -41.68
CA SER D 183 -58.58 -54.24 -40.78
C SER D 183 -57.75 -55.30 -41.48
N SER D 184 -58.05 -55.59 -42.74
CA SER D 184 -57.32 -56.57 -43.52
C SER D 184 -56.20 -55.95 -44.36
N GLY D 185 -55.96 -54.65 -44.22
CA GLY D 185 -54.94 -53.99 -45.01
C GLY D 185 -55.36 -53.58 -46.40
N LEU D 186 -56.64 -53.71 -46.74
CA LEU D 186 -57.12 -53.34 -48.06
C LEU D 186 -57.18 -51.82 -48.21
N TYR D 187 -57.12 -51.36 -49.46
CA TYR D 187 -57.18 -49.95 -49.79
C TYR D 187 -58.39 -49.68 -50.67
N SER D 188 -58.90 -48.45 -50.58
CA SER D 188 -60.07 -48.06 -51.35
C SER D 188 -60.02 -46.55 -51.61
N LEU D 189 -60.17 -46.17 -52.87
CA LEU D 189 -60.23 -44.78 -53.28
C LEU D 189 -61.64 -44.43 -53.73
N SER D 190 -61.83 -43.16 -54.11
CA SER D 190 -63.11 -42.70 -54.63
C SER D 190 -62.87 -41.61 -55.65
N SER D 191 -63.86 -41.40 -56.51
CA SER D 191 -63.78 -40.39 -57.55
C SER D 191 -65.18 -39.93 -57.92
N VAL D 192 -65.41 -38.63 -57.88
CA VAL D 192 -66.71 -38.04 -58.20
C VAL D 192 -66.49 -36.84 -59.11
N VAL D 193 -67.40 -36.68 -60.07
CA VAL D 193 -67.36 -35.56 -61.01
C VAL D 193 -68.73 -34.88 -61.02
N THR D 194 -68.73 -33.62 -61.45
CA THR D 194 -69.94 -32.81 -61.53
C THR D 194 -70.30 -32.63 -62.99
N VAL D 195 -71.50 -33.10 -63.37
CA VAL D 195 -71.96 -33.00 -64.75
C VAL D 195 -73.41 -32.49 -64.74
N PRO D 196 -73.82 -31.73 -65.76
CA PRO D 196 -75.22 -31.31 -65.83
C PRO D 196 -76.15 -32.47 -66.15
N SER D 197 -77.40 -32.31 -65.73
CA SER D 197 -78.40 -33.36 -65.96
C SER D 197 -78.83 -33.45 -67.42
N SER D 198 -78.59 -32.39 -68.22
CA SER D 198 -78.97 -32.41 -69.62
C SER D 198 -78.07 -33.30 -70.45
N SER D 199 -76.86 -33.58 -69.99
CA SER D 199 -75.92 -34.43 -70.72
C SER D 199 -76.00 -35.90 -70.30
N LEU D 200 -76.88 -36.25 -69.37
CA LEU D 200 -76.99 -37.63 -68.93
C LEU D 200 -77.70 -38.53 -69.93
N GLY D 201 -78.46 -37.95 -70.86
CA GLY D 201 -79.19 -38.75 -71.83
C GLY D 201 -78.52 -38.84 -73.18
N THR D 202 -77.43 -38.08 -73.36
CA THR D 202 -76.71 -38.06 -74.63
C THR D 202 -75.24 -38.41 -74.51
N GLN D 203 -74.65 -38.33 -73.32
CA GLN D 203 -73.24 -38.62 -73.11
C GLN D 203 -73.10 -39.75 -72.10
N THR D 204 -72.26 -40.73 -72.43
CA THR D 204 -71.99 -41.88 -71.57
C THR D 204 -70.60 -41.72 -70.96
N TYR D 205 -70.53 -41.76 -69.64
CA TYR D 205 -69.28 -41.58 -68.91
C TYR D 205 -68.68 -42.94 -68.57
N ILE D 206 -67.39 -43.12 -68.87
CA ILE D 206 -66.69 -44.36 -68.60
C ILE D 206 -65.43 -44.04 -67.80
N CYS D 207 -64.91 -45.05 -67.11
CA CYS D 207 -63.72 -44.94 -66.29
C CYS D 207 -62.64 -45.85 -66.84
N ASN D 208 -61.43 -45.31 -66.98
CA ASN D 208 -60.27 -46.05 -67.46
C ASN D 208 -59.27 -46.17 -66.32
N VAL D 209 -59.06 -47.40 -65.85
CA VAL D 209 -58.13 -47.67 -64.75
C VAL D 209 -57.00 -48.52 -65.31
N ASN D 210 -55.77 -48.05 -65.11
CA ASN D 210 -54.57 -48.72 -65.60
C ASN D 210 -53.72 -49.15 -64.42
N HIS D 211 -53.32 -50.42 -64.42
CA HIS D 211 -52.46 -50.99 -63.37
C HIS D 211 -51.18 -51.46 -64.04
N LYS D 212 -50.12 -50.66 -63.91
CA LYS D 212 -48.83 -51.02 -64.50
C LYS D 212 -48.21 -52.28 -63.92
N PRO D 213 -48.12 -52.48 -62.60
CA PRO D 213 -47.54 -53.75 -62.11
C PRO D 213 -48.40 -54.97 -62.40
N SER D 214 -49.72 -54.82 -62.46
CA SER D 214 -50.61 -55.95 -62.66
C SER D 214 -50.85 -56.28 -64.13
N ASN D 215 -50.40 -55.42 -65.05
CA ASN D 215 -50.53 -55.61 -66.50
C ASN D 215 -51.98 -55.82 -66.90
N THR D 216 -52.89 -55.04 -66.31
CA THR D 216 -54.31 -55.14 -66.61
C THR D 216 -54.89 -53.76 -66.86
N LYS D 217 -55.96 -53.72 -67.65
CA LYS D 217 -56.66 -52.48 -67.96
C LYS D 217 -58.10 -52.83 -68.35
N VAL D 218 -59.05 -52.40 -67.53
CA VAL D 218 -60.45 -52.74 -67.74
C VAL D 218 -61.21 -51.50 -68.18
N ASP D 219 -62.26 -51.73 -68.98
CA ASP D 219 -63.15 -50.67 -69.44
C ASP D 219 -64.57 -51.00 -68.99
N LYS D 220 -65.20 -50.06 -68.30
CA LYS D 220 -66.53 -50.27 -67.74
C LYS D 220 -67.39 -49.05 -67.99
N LYS D 221 -68.67 -49.30 -68.25
CA LYS D 221 -69.58 -48.21 -68.51
C LYS D 221 -70.48 -47.94 -67.30
N VAL D 222 -71.02 -46.73 -67.24
CA VAL D 222 -71.87 -46.29 -66.14
C VAL D 222 -73.22 -45.87 -66.71
N GLU D 223 -74.30 -46.37 -66.14
CA GLU D 223 -75.64 -46.05 -66.59
C GLU D 223 -76.48 -45.57 -65.41
N PRO D 224 -77.43 -44.66 -65.65
CA PRO D 224 -78.31 -44.21 -64.58
C PRO D 224 -79.29 -45.29 -64.16
N LYS D 225 -79.72 -45.21 -62.91
CA LYS D 225 -80.69 -46.16 -62.38
C LYS D 225 -82.06 -45.93 -63.00
N SER D 226 -82.79 -47.02 -63.26
CA SER D 226 -84.12 -46.94 -63.86
C SER D 226 -85.22 -46.90 -62.82
N CYS D 227 -85.02 -47.53 -61.67
CA CYS D 227 -86.05 -47.52 -60.63
C CYS D 227 -86.18 -46.15 -59.98
N ASP D 228 -85.08 -45.44 -59.82
CA ASP D 228 -85.12 -44.10 -59.24
C ASP D 228 -84.14 -43.16 -59.94
N SER E 2 -36.53 -39.37 -28.78
CA SER E 2 -35.10 -39.71 -28.67
C SER E 2 -34.40 -38.80 -27.67
N VAL E 3 -33.09 -38.61 -27.86
CA VAL E 3 -32.31 -37.75 -26.97
C VAL E 3 -32.49 -36.27 -27.26
N LEU E 4 -33.12 -35.93 -28.38
CA LEU E 4 -33.34 -34.54 -28.77
C LEU E 4 -34.81 -34.20 -28.60
N THR E 5 -35.09 -33.07 -27.95
CA THR E 5 -36.45 -32.64 -27.66
C THR E 5 -36.78 -31.41 -28.49
N GLN E 6 -37.91 -31.46 -29.18
CA GLN E 6 -38.39 -30.36 -30.00
C GLN E 6 -39.87 -30.11 -29.72
N PRO E 7 -40.35 -28.88 -29.90
CA PRO E 7 -41.77 -28.62 -29.73
C PRO E 7 -42.58 -29.36 -30.79
N PRO E 8 -43.81 -29.77 -30.46
CA PRO E 8 -44.61 -30.51 -31.46
C PRO E 8 -45.10 -29.63 -32.61
N SER E 9 -45.55 -28.41 -32.33
CA SER E 9 -46.03 -27.52 -33.37
C SER E 9 -45.88 -26.08 -32.90
N VAL E 10 -45.83 -25.17 -33.87
CA VAL E 10 -45.72 -23.74 -33.60
C VAL E 10 -46.72 -23.00 -34.47
N SER E 11 -47.02 -21.77 -34.06
CA SER E 11 -47.97 -20.92 -34.77
C SER E 11 -47.37 -19.53 -34.94
N GLY E 12 -47.83 -18.83 -35.98
CA GLY E 12 -47.33 -17.50 -36.26
C GLY E 12 -48.24 -16.77 -37.23
N ALA E 13 -47.82 -15.56 -37.59
CA ALA E 13 -48.56 -14.71 -38.49
C ALA E 13 -47.64 -14.19 -39.59
N PRO E 14 -48.19 -13.89 -40.78
CA PRO E 14 -47.33 -13.39 -41.87
C PRO E 14 -46.89 -11.96 -41.66
N GLY E 15 -45.80 -11.76 -40.91
CA GLY E 15 -45.30 -10.44 -40.63
C GLY E 15 -44.68 -10.29 -39.26
N GLN E 16 -44.81 -11.33 -38.43
CA GLN E 16 -44.23 -11.35 -37.10
C GLN E 16 -43.00 -12.26 -37.08
N ARG E 17 -42.36 -12.35 -35.92
CA ARG E 17 -41.15 -13.13 -35.73
C ARG E 17 -41.49 -14.39 -34.93
N VAL E 18 -41.08 -15.54 -35.45
CA VAL E 18 -41.30 -16.84 -34.81
C VAL E 18 -39.94 -17.45 -34.51
N THR E 19 -39.71 -17.79 -33.25
CA THR E 19 -38.44 -18.37 -32.81
C THR E 19 -38.67 -19.83 -32.42
N ILE E 20 -37.90 -20.73 -33.03
CA ILE E 20 -37.97 -22.16 -32.75
C ILE E 20 -36.69 -22.55 -32.02
N SER E 21 -36.84 -23.19 -30.87
CA SER E 21 -35.72 -23.58 -30.03
C SER E 21 -35.62 -25.09 -29.97
N CYS E 22 -34.42 -25.61 -30.22
CA CYS E 22 -34.14 -27.04 -30.20
C CYS E 22 -33.15 -27.31 -29.06
N THR E 23 -33.61 -28.02 -28.03
CA THR E 23 -32.80 -28.33 -26.87
C THR E 23 -32.55 -29.82 -26.78
N GLY E 24 -31.35 -30.20 -26.34
CA GLY E 24 -31.00 -31.59 -26.20
C GLY E 24 -30.12 -31.87 -25.00
N SER E 25 -29.54 -33.06 -24.94
CA SER E 25 -28.67 -33.43 -23.84
C SER E 25 -27.31 -32.74 -23.95
N SER E 26 -26.56 -32.77 -22.86
CA SER E 26 -25.24 -32.15 -22.83
C SER E 26 -24.21 -32.93 -23.62
N SER E 27 -24.48 -34.20 -23.93
CA SER E 27 -23.52 -35.00 -24.70
C SER E 27 -23.44 -34.54 -26.15
N ASN E 28 -24.54 -34.08 -26.73
CA ASN E 28 -24.58 -33.65 -28.12
C ASN E 28 -24.79 -32.15 -28.27
N ILE E 29 -25.82 -31.60 -27.66
CA ILE E 29 -26.10 -30.17 -27.79
C ILE E 29 -25.18 -29.36 -26.89
N GLY E 30 -25.03 -29.78 -25.64
CA GLY E 30 -24.21 -29.05 -24.69
C GLY E 30 -22.72 -29.18 -24.88
N ALA E 31 -22.28 -30.09 -25.75
CA ALA E 31 -20.86 -30.27 -26.02
C ALA E 31 -20.41 -29.24 -27.06
N GLY E 32 -19.20 -29.43 -27.60
CA GLY E 32 -18.65 -28.49 -28.55
C GLY E 32 -19.21 -28.57 -29.96
N TYR E 33 -20.05 -29.56 -30.24
CA TYR E 33 -20.64 -29.68 -31.57
C TYR E 33 -21.67 -28.57 -31.80
N ASP E 34 -21.72 -28.10 -33.04
CA ASP E 34 -22.69 -27.10 -33.45
C ASP E 34 -24.00 -27.80 -33.85
N VAL E 35 -24.92 -27.06 -34.45
CA VAL E 35 -26.19 -27.60 -34.89
C VAL E 35 -26.36 -27.31 -36.38
N HIS E 36 -27.15 -28.14 -37.04
CA HIS E 36 -27.42 -28.00 -38.47
C HIS E 36 -28.93 -28.09 -38.68
N TRP E 37 -29.49 -27.13 -39.42
CA TRP E 37 -30.92 -27.07 -39.65
C TRP E 37 -31.26 -27.64 -41.03
N TYR E 38 -32.40 -28.32 -41.11
CA TYR E 38 -32.87 -28.90 -42.35
C TYR E 38 -34.36 -28.63 -42.50
N GLN E 39 -34.78 -28.34 -43.73
CA GLN E 39 -36.17 -28.05 -44.05
C GLN E 39 -36.70 -29.10 -45.01
N GLN E 40 -37.83 -29.72 -44.66
CA GLN E 40 -38.44 -30.77 -45.47
C GLN E 40 -39.88 -30.37 -45.76
N LEU E 41 -40.14 -29.99 -47.01
CA LEU E 41 -41.50 -29.67 -47.42
C LEU E 41 -42.32 -30.95 -47.60
N PRO E 42 -43.63 -30.90 -47.36
CA PRO E 42 -44.46 -32.10 -47.49
C PRO E 42 -44.68 -32.49 -48.94
N GLY E 43 -43.71 -33.20 -49.53
CA GLY E 43 -43.83 -33.63 -50.91
C GLY E 43 -42.50 -33.66 -51.66
N THR E 44 -41.51 -32.95 -51.13
CA THR E 44 -40.18 -32.91 -51.72
C THR E 44 -39.14 -33.40 -50.72
N ALA E 45 -37.94 -33.66 -51.23
CA ALA E 45 -36.86 -34.13 -50.39
C ALA E 45 -36.39 -33.02 -49.44
N PRO E 46 -35.89 -33.38 -48.25
CA PRO E 46 -35.34 -32.37 -47.34
C PRO E 46 -34.10 -31.73 -47.94
N LYS E 47 -33.86 -30.48 -47.56
CA LYS E 47 -32.74 -29.73 -48.09
C LYS E 47 -32.02 -28.99 -46.96
N LEU E 48 -30.73 -28.73 -47.20
CA LEU E 48 -29.90 -28.02 -46.25
C LEU E 48 -30.36 -26.56 -46.11
N LEU E 49 -30.29 -26.05 -44.87
CA LEU E 49 -30.64 -24.66 -44.61
C LEU E 49 -29.51 -23.86 -43.99
N ILE E 50 -28.91 -24.34 -42.91
CA ILE E 50 -27.88 -23.61 -42.18
C ILE E 50 -26.85 -24.61 -41.64
N TYR E 51 -25.57 -24.32 -41.84
CA TYR E 51 -24.51 -25.05 -41.16
C TYR E 51 -23.59 -24.07 -40.44
N GLY E 52 -23.01 -24.53 -39.33
CA GLY E 52 -22.02 -23.75 -38.61
C GLY E 52 -22.58 -22.65 -37.73
N ASN E 53 -23.91 -22.51 -37.67
CA ASN E 53 -24.66 -21.58 -36.80
C ASN E 53 -24.45 -20.11 -37.15
N SER E 54 -23.60 -19.79 -38.14
CA SER E 54 -23.36 -18.41 -38.52
C SER E 54 -23.33 -18.17 -40.02
N ASN E 55 -23.09 -19.18 -40.84
CA ASN E 55 -22.97 -19.02 -42.28
C ASN E 55 -24.24 -19.47 -42.99
N ARG E 56 -24.37 -19.04 -44.24
CA ARG E 56 -25.53 -19.36 -45.07
C ARG E 56 -25.09 -19.87 -46.42
N PRO E 57 -25.87 -20.78 -47.03
CA PRO E 57 -25.50 -21.32 -48.35
C PRO E 57 -25.98 -20.44 -49.49
N SER E 58 -25.74 -20.88 -50.71
CA SER E 58 -26.22 -20.16 -51.90
C SER E 58 -27.67 -20.53 -52.18
N GLY E 59 -28.48 -19.52 -52.49
CA GLY E 59 -29.88 -19.72 -52.77
C GLY E 59 -30.78 -19.68 -51.55
N VAL E 60 -30.21 -19.60 -50.34
CA VAL E 60 -30.99 -19.51 -49.11
C VAL E 60 -31.25 -18.04 -48.83
N PRO E 61 -32.50 -17.64 -48.60
CA PRO E 61 -32.80 -16.23 -48.33
C PRO E 61 -32.19 -15.76 -47.02
N ASP E 62 -31.95 -14.44 -46.95
CA ASP E 62 -31.33 -13.83 -45.78
C ASP E 62 -32.24 -13.81 -44.56
N ARG E 63 -33.53 -14.12 -44.72
CA ARG E 63 -34.44 -14.13 -43.59
C ARG E 63 -34.19 -15.28 -42.62
N PHE E 64 -33.42 -16.29 -43.04
CA PHE E 64 -33.12 -17.43 -42.20
C PHE E 64 -31.83 -17.14 -41.43
N SER E 65 -31.95 -16.98 -40.12
CA SER E 65 -30.80 -16.73 -39.25
C SER E 65 -30.97 -17.48 -37.95
N GLY E 66 -29.89 -18.07 -37.46
CA GLY E 66 -29.93 -18.84 -36.23
C GLY E 66 -28.85 -18.40 -35.27
N SER E 67 -29.06 -18.75 -34.00
CA SER E 67 -28.13 -18.41 -32.93
C SER E 67 -28.01 -19.58 -31.97
N LYS E 68 -26.85 -19.68 -31.32
CA LYS E 68 -26.58 -20.72 -30.34
C LYS E 68 -26.29 -20.07 -29.00
N SER E 69 -26.99 -20.51 -27.96
CA SER E 69 -26.85 -19.94 -26.61
C SER E 69 -26.92 -21.07 -25.60
N GLY E 70 -25.79 -21.38 -24.97
CA GLY E 70 -25.73 -22.40 -23.94
C GLY E 70 -26.04 -23.80 -24.43
N THR E 71 -27.04 -24.43 -23.83
CA THR E 71 -27.44 -25.79 -24.17
C THR E 71 -28.71 -25.79 -25.03
N SER E 72 -28.82 -24.81 -25.93
CA SER E 72 -29.96 -24.71 -26.81
C SER E 72 -29.56 -23.98 -28.09
N ALA E 73 -30.36 -24.17 -29.13
CA ALA E 73 -30.15 -23.51 -30.40
C ALA E 73 -31.45 -22.80 -30.80
N SER E 74 -31.34 -21.53 -31.17
CA SER E 74 -32.49 -20.71 -31.49
C SER E 74 -32.38 -20.20 -32.93
N LEU E 75 -33.54 -19.82 -33.49
CA LEU E 75 -33.62 -19.33 -34.85
C LEU E 75 -34.41 -18.03 -34.89
N ALA E 76 -34.05 -17.16 -35.83
CA ALA E 76 -34.74 -15.91 -36.07
C ALA E 76 -35.26 -15.89 -37.49
N ILE E 77 -36.56 -15.62 -37.64
CA ILE E 77 -37.23 -15.62 -38.94
C ILE E 77 -37.82 -14.24 -39.18
N THR E 78 -37.50 -13.65 -40.32
CA THR E 78 -38.00 -12.33 -40.70
C THR E 78 -39.20 -12.54 -41.62
N GLY E 79 -40.37 -12.74 -41.02
CA GLY E 79 -41.59 -12.91 -41.79
C GLY E 79 -41.83 -14.33 -42.26
N LEU E 80 -43.08 -14.77 -42.22
CA LEU E 80 -43.46 -16.11 -42.66
C LEU E 80 -44.18 -16.01 -44.01
N GLN E 81 -43.79 -16.87 -44.94
CA GLN E 81 -44.36 -16.92 -46.27
C GLN E 81 -45.22 -18.18 -46.42
N ALA E 82 -45.88 -18.29 -47.57
CA ALA E 82 -46.74 -19.44 -47.84
C ALA E 82 -45.92 -20.71 -48.08
N GLU E 83 -44.67 -20.58 -48.51
CA GLU E 83 -43.80 -21.72 -48.75
C GLU E 83 -43.05 -22.17 -47.51
N ASP E 84 -43.26 -21.52 -46.37
CA ASP E 84 -42.60 -21.88 -45.13
C ASP E 84 -43.30 -23.02 -44.39
N GLU E 85 -44.41 -23.52 -44.91
CA GLU E 85 -45.13 -24.62 -44.27
C GLU E 85 -44.38 -25.93 -44.48
N ALA E 86 -43.40 -26.21 -43.61
CA ALA E 86 -42.58 -27.40 -43.75
C ALA E 86 -42.07 -27.81 -42.38
N ASP E 87 -41.65 -29.09 -42.29
CA ASP E 87 -41.09 -29.61 -41.06
C ASP E 87 -39.69 -29.05 -40.84
N TYR E 88 -39.34 -28.86 -39.56
CA TYR E 88 -38.04 -28.31 -39.17
C TYR E 88 -37.37 -29.26 -38.21
N TYR E 89 -36.09 -29.56 -38.47
CA TYR E 89 -35.33 -30.50 -37.66
C TYR E 89 -33.97 -29.92 -37.35
N CYS E 90 -33.39 -30.38 -36.23
CA CYS E 90 -32.06 -30.00 -35.79
C CYS E 90 -31.20 -31.24 -35.68
N GLN E 91 -30.03 -31.20 -36.31
CA GLN E 91 -29.10 -32.33 -36.34
C GLN E 91 -27.79 -31.95 -35.69
N SER E 92 -27.30 -32.82 -34.80
CA SER E 92 -26.03 -32.58 -34.12
C SER E 92 -25.35 -33.91 -33.87
N TYR E 93 -24.04 -33.86 -33.70
CA TYR E 93 -23.25 -35.06 -33.45
C TYR E 93 -23.40 -35.50 -32.01
N ASP E 94 -23.68 -36.79 -31.80
CA ASP E 94 -23.87 -37.35 -30.47
C ASP E 94 -22.65 -38.19 -30.11
N SER E 95 -22.07 -37.90 -28.94
CA SER E 95 -20.88 -38.63 -28.51
C SER E 95 -21.23 -40.04 -28.04
N SER E 96 -22.32 -40.17 -27.26
CA SER E 96 -22.71 -41.49 -26.76
C SER E 96 -23.21 -42.39 -27.88
N LEU E 97 -24.02 -41.83 -28.80
CA LEU E 97 -24.51 -42.60 -29.94
C LEU E 97 -23.42 -42.85 -30.97
N SER E 98 -22.38 -42.00 -31.00
CA SER E 98 -21.32 -42.05 -32.01
C SER E 98 -21.89 -41.94 -33.42
N GLY E 99 -22.85 -41.04 -33.59
CA GLY E 99 -23.48 -40.82 -34.88
C GLY E 99 -24.39 -39.62 -34.82
N SER E 100 -24.83 -39.19 -36.00
CA SER E 100 -25.72 -38.04 -36.09
C SER E 100 -27.11 -38.39 -35.58
N VAL E 101 -27.75 -37.43 -34.92
CA VAL E 101 -29.09 -37.59 -34.39
C VAL E 101 -29.90 -36.34 -34.75
N PHE E 102 -31.10 -36.55 -35.27
CA PHE E 102 -31.98 -35.45 -35.62
C PHE E 102 -32.89 -35.07 -34.46
N GLY E 103 -33.56 -33.94 -34.58
CA GLY E 103 -34.46 -33.46 -33.55
C GLY E 103 -35.82 -34.12 -33.63
N GLY E 104 -36.69 -33.70 -32.69
CA GLY E 104 -38.03 -34.26 -32.66
C GLY E 104 -38.92 -33.77 -33.78
N GLY E 105 -38.65 -32.57 -34.29
CA GLY E 105 -39.43 -32.03 -35.39
C GLY E 105 -40.58 -31.16 -34.94
N THR E 106 -40.81 -30.05 -35.64
CA THR E 106 -41.89 -29.13 -35.34
C THR E 106 -42.63 -28.77 -36.62
N LYS E 107 -43.91 -28.44 -36.48
CA LYS E 107 -44.77 -28.09 -37.60
C LYS E 107 -45.13 -26.62 -37.52
N LEU E 108 -44.83 -25.88 -38.60
CA LEU E 108 -45.15 -24.46 -38.71
C LEU E 108 -46.23 -24.32 -39.78
N THR E 109 -47.47 -24.20 -39.33
CA THR E 109 -48.63 -24.10 -40.23
C THR E 109 -49.19 -22.69 -40.18
N VAL E 110 -49.14 -22.00 -41.32
CA VAL E 110 -49.70 -20.66 -41.46
C VAL E 110 -50.65 -20.72 -42.66
N LEU E 111 -51.94 -20.89 -42.38
CA LEU E 111 -52.93 -21.00 -43.44
C LEU E 111 -54.29 -20.60 -42.89
N GLY E 112 -55.20 -20.25 -43.80
CA GLY E 112 -56.56 -19.90 -43.44
C GLY E 112 -57.52 -20.07 -44.59
N GLN E 113 -58.63 -20.76 -44.34
CA GLN E 113 -59.62 -21.05 -45.37
C GLN E 113 -61.02 -20.70 -44.88
N PRO E 114 -61.90 -20.26 -45.77
CA PRO E 114 -63.30 -19.96 -45.37
C PRO E 114 -64.15 -21.21 -45.17
N LYS E 115 -64.04 -21.78 -43.96
CA LYS E 115 -64.79 -22.97 -43.62
C LYS E 115 -66.28 -22.67 -43.56
N ALA E 116 -67.08 -23.60 -44.09
CA ALA E 116 -68.53 -23.44 -44.12
C ALA E 116 -69.23 -24.65 -43.51
N ALA E 117 -70.55 -24.71 -43.66
CA ALA E 117 -71.30 -25.83 -43.13
C ALA E 117 -70.97 -27.11 -43.90
N PRO E 118 -70.88 -28.26 -43.21
CA PRO E 118 -70.52 -29.51 -43.92
C PRO E 118 -71.65 -30.05 -44.77
N SER E 119 -71.45 -30.09 -46.08
CA SER E 119 -72.41 -30.67 -47.02
C SER E 119 -72.03 -32.13 -47.24
N VAL E 120 -72.89 -33.05 -46.82
CA VAL E 120 -72.62 -34.47 -46.92
C VAL E 120 -73.56 -35.10 -47.94
N THR E 121 -73.12 -36.22 -48.50
CA THR E 121 -73.92 -36.99 -49.45
C THR E 121 -73.78 -38.47 -49.11
N LEU E 122 -74.85 -39.22 -49.35
CA LEU E 122 -74.89 -40.65 -49.08
C LEU E 122 -75.28 -41.38 -50.35
N PHE E 123 -74.43 -42.31 -50.77
CA PHE E 123 -74.68 -43.11 -51.97
C PHE E 123 -74.95 -44.56 -51.58
N PRO E 124 -76.19 -45.05 -51.70
CA PRO E 124 -76.45 -46.45 -51.37
C PRO E 124 -75.80 -47.36 -52.39
N PRO E 125 -75.44 -48.58 -52.01
CA PRO E 125 -74.84 -49.52 -52.97
C PRO E 125 -75.83 -49.94 -54.04
N SER E 126 -75.29 -50.26 -55.21
CA SER E 126 -76.11 -50.65 -56.35
C SER E 126 -76.52 -52.11 -56.25
N SER E 127 -77.32 -52.55 -57.22
CA SER E 127 -77.80 -53.94 -57.21
C SER E 127 -76.70 -54.91 -57.62
N GLU E 128 -75.74 -54.47 -58.43
CA GLU E 128 -74.67 -55.36 -58.86
C GLU E 128 -73.64 -55.63 -57.77
N GLU E 129 -73.64 -54.83 -56.71
CA GLU E 129 -72.72 -55.03 -55.59
C GLU E 129 -73.20 -56.10 -54.62
N LEU E 130 -74.47 -56.50 -54.70
CA LEU E 130 -74.99 -57.51 -53.79
C LEU E 130 -74.53 -58.93 -54.13
N GLN E 131 -74.09 -59.16 -55.36
CA GLN E 131 -73.64 -60.48 -55.78
C GLN E 131 -72.16 -60.72 -55.53
N ALA E 132 -71.45 -59.74 -54.96
CA ALA E 132 -70.03 -59.86 -54.65
C ALA E 132 -69.77 -60.36 -53.23
N ASN E 133 -70.83 -60.74 -52.51
CA ASN E 133 -70.74 -61.22 -51.12
C ASN E 133 -70.11 -60.18 -50.19
N LYS E 134 -70.32 -58.90 -50.50
CA LYS E 134 -69.82 -57.82 -49.67
C LYS E 134 -70.72 -56.60 -49.87
N ALA E 135 -70.71 -55.73 -48.87
CA ALA E 135 -71.52 -54.51 -48.90
C ALA E 135 -70.69 -53.36 -48.33
N THR E 136 -70.46 -52.34 -49.15
CA THR E 136 -69.73 -51.15 -48.72
C THR E 136 -70.66 -49.94 -48.76
N LEU E 137 -70.51 -49.06 -47.77
CA LEU E 137 -71.28 -47.83 -47.68
C LEU E 137 -70.33 -46.65 -47.73
N VAL E 138 -70.59 -45.72 -48.65
CA VAL E 138 -69.73 -44.56 -48.87
C VAL E 138 -70.48 -43.31 -48.42
N CYS E 139 -69.84 -42.51 -47.58
CA CYS E 139 -70.40 -41.26 -47.08
C CYS E 139 -69.43 -40.14 -47.49
N LEU E 140 -69.69 -39.54 -48.65
CA LEU E 140 -68.82 -38.51 -49.19
C LEU E 140 -69.25 -37.14 -48.65
N ILE E 141 -68.29 -36.36 -48.18
CA ILE E 141 -68.53 -35.04 -47.62
C ILE E 141 -67.65 -34.04 -48.36
N SER E 142 -68.23 -32.92 -48.77
CA SER E 142 -67.52 -31.89 -49.51
C SER E 142 -67.81 -30.52 -48.90
N ASP E 143 -66.94 -29.57 -49.22
CA ASP E 143 -67.02 -28.19 -48.72
C ASP E 143 -66.99 -28.17 -47.19
N PHE E 144 -65.88 -28.66 -46.63
CA PHE E 144 -65.72 -28.77 -45.19
C PHE E 144 -64.25 -28.65 -44.83
N TYR E 145 -63.99 -28.27 -43.57
CA TYR E 145 -62.66 -28.10 -43.00
C TYR E 145 -62.13 -29.44 -42.48
N PRO E 146 -60.82 -29.65 -42.52
CA PRO E 146 -60.25 -30.90 -41.99
C PRO E 146 -60.51 -31.11 -40.51
N GLY E 147 -60.65 -30.04 -39.73
CA GLY E 147 -61.01 -30.20 -38.33
C GLY E 147 -62.42 -30.70 -38.16
N ALA E 148 -62.64 -31.41 -37.05
CA ALA E 148 -63.92 -32.06 -36.72
C ALA E 148 -64.37 -32.98 -37.86
N VAL E 149 -63.55 -34.01 -38.10
CA VAL E 149 -63.75 -34.93 -39.22
C VAL E 149 -64.36 -36.25 -38.76
N THR E 150 -64.74 -36.35 -37.47
CA THR E 150 -65.28 -37.59 -36.94
C THR E 150 -66.60 -37.96 -37.61
N VAL E 151 -66.71 -39.22 -38.00
CA VAL E 151 -67.88 -39.75 -38.72
C VAL E 151 -68.47 -40.88 -37.89
N ALA E 152 -69.78 -40.81 -37.65
CA ALA E 152 -70.51 -41.83 -36.90
C ALA E 152 -71.57 -42.46 -37.78
N TRP E 153 -71.76 -43.77 -37.61
CA TRP E 153 -72.75 -44.53 -38.36
C TRP E 153 -73.80 -45.10 -37.41
N LYS E 154 -75.06 -45.03 -37.83
CA LYS E 154 -76.16 -45.54 -37.04
C LYS E 154 -77.16 -46.27 -37.94
N ALA E 155 -77.90 -47.19 -37.34
CA ALA E 155 -78.93 -47.95 -38.04
C ALA E 155 -80.30 -47.78 -37.37
N ASP E 156 -80.52 -46.61 -36.76
CA ASP E 156 -81.75 -46.19 -36.09
C ASP E 156 -82.08 -47.01 -34.84
N SER E 157 -81.26 -48.00 -34.49
CA SER E 157 -81.48 -48.77 -33.27
C SER E 157 -80.23 -48.98 -32.43
N SER E 158 -79.03 -48.92 -33.02
CA SER E 158 -77.77 -49.13 -32.30
C SER E 158 -76.64 -48.59 -33.14
N PRO E 159 -75.67 -47.90 -32.56
CA PRO E 159 -74.52 -47.43 -33.34
C PRO E 159 -73.65 -48.58 -33.80
N VAL E 160 -72.96 -48.36 -34.91
CA VAL E 160 -72.07 -49.36 -35.51
C VAL E 160 -70.64 -49.01 -35.11
N LYS E 161 -69.97 -49.96 -34.46
CA LYS E 161 -68.59 -49.78 -34.02
C LYS E 161 -67.62 -50.65 -34.79
N ALA E 162 -68.06 -51.28 -35.88
CA ALA E 162 -67.20 -52.15 -36.69
C ALA E 162 -67.18 -51.63 -38.13
N GLY E 163 -65.98 -51.62 -38.71
CA GLY E 163 -65.81 -51.16 -40.07
C GLY E 163 -65.82 -49.66 -40.24
N VAL E 164 -65.75 -48.90 -39.16
CA VAL E 164 -65.74 -47.44 -39.23
C VAL E 164 -64.31 -46.95 -39.31
N GLU E 165 -64.10 -45.85 -40.00
CA GLU E 165 -62.76 -45.28 -40.19
C GLU E 165 -62.90 -43.82 -40.60
N THR E 166 -61.76 -43.16 -40.71
CA THR E 166 -61.68 -41.80 -41.24
C THR E 166 -60.51 -41.73 -42.22
N THR E 167 -60.61 -40.77 -43.15
CA THR E 167 -59.63 -40.63 -44.22
C THR E 167 -59.09 -39.22 -44.23
N THR E 168 -57.80 -39.09 -44.52
CA THR E 168 -57.17 -37.78 -44.63
C THR E 168 -57.65 -37.09 -45.91
N PRO E 169 -58.23 -35.89 -45.82
CA PRO E 169 -58.74 -35.22 -47.02
C PRO E 169 -57.60 -34.75 -47.92
N SER E 170 -57.94 -34.62 -49.21
CA SER E 170 -57.01 -34.17 -50.23
C SER E 170 -57.37 -32.77 -50.67
N LYS E 171 -56.34 -31.94 -50.89
CA LYS E 171 -56.57 -30.55 -51.28
C LYS E 171 -57.10 -30.48 -52.70
N GLN E 172 -58.13 -29.65 -52.89
CA GLN E 172 -58.73 -29.44 -54.21
C GLN E 172 -57.99 -28.31 -54.93
N SER E 173 -58.53 -27.87 -56.05
CA SER E 173 -57.93 -26.80 -56.85
C SER E 173 -58.48 -25.42 -56.49
N ASN E 174 -59.37 -25.33 -55.52
CA ASN E 174 -59.98 -24.06 -55.11
C ASN E 174 -59.91 -23.90 -53.59
N ASN E 175 -58.78 -24.31 -53.00
CA ASN E 175 -58.52 -24.21 -51.56
C ASN E 175 -59.61 -24.91 -50.74
N LYS E 176 -59.86 -26.18 -51.08
CA LYS E 176 -60.87 -26.97 -50.40
C LYS E 176 -60.34 -28.37 -50.16
N TYR E 177 -60.91 -29.03 -49.16
CA TYR E 177 -60.54 -30.39 -48.79
C TYR E 177 -61.76 -31.30 -48.87
N ALA E 178 -61.57 -32.49 -49.42
CA ALA E 178 -62.66 -33.46 -49.57
C ALA E 178 -62.17 -34.83 -49.15
N ALA E 179 -63.04 -35.58 -48.47
CA ALA E 179 -62.72 -36.91 -47.99
C ALA E 179 -63.98 -37.77 -48.03
N SER E 180 -63.80 -39.05 -47.72
CA SER E 180 -64.91 -40.01 -47.73
C SER E 180 -64.63 -41.09 -46.70
N SER E 181 -65.70 -41.78 -46.29
CA SER E 181 -65.62 -42.84 -45.31
C SER E 181 -66.27 -44.10 -45.86
N TYR E 182 -65.78 -45.24 -45.40
CA TYR E 182 -66.27 -46.55 -45.85
C TYR E 182 -66.78 -47.34 -44.66
N LEU E 183 -67.72 -48.24 -44.94
CA LEU E 183 -68.31 -49.11 -43.92
C LEU E 183 -68.50 -50.49 -44.55
N SER E 184 -67.74 -51.48 -44.05
CA SER E 184 -67.81 -52.82 -44.60
C SER E 184 -68.95 -53.59 -43.93
N LEU E 185 -69.86 -54.12 -44.74
CA LEU E 185 -71.00 -54.88 -44.26
C LEU E 185 -71.19 -56.10 -45.17
N THR E 186 -72.20 -56.90 -44.85
CA THR E 186 -72.52 -58.09 -45.63
C THR E 186 -73.92 -57.96 -46.25
N PRO E 187 -74.13 -58.51 -47.45
CA PRO E 187 -75.46 -58.45 -48.07
C PRO E 187 -76.52 -59.21 -47.30
N GLU E 188 -76.15 -60.18 -46.45
CA GLU E 188 -77.14 -60.92 -45.69
C GLU E 188 -77.85 -60.03 -44.67
N GLN E 189 -77.10 -59.16 -44.00
CA GLN E 189 -77.67 -58.24 -43.03
C GLN E 189 -78.00 -56.88 -43.62
N TRP E 190 -77.77 -56.68 -44.91
CA TRP E 190 -78.08 -55.40 -45.55
C TRP E 190 -79.58 -55.14 -45.57
N LYS E 191 -80.37 -56.17 -45.86
CA LYS E 191 -81.82 -56.03 -45.93
C LYS E 191 -82.51 -56.20 -44.58
N SER E 192 -81.76 -56.57 -43.54
CA SER E 192 -82.37 -56.74 -42.22
C SER E 192 -82.76 -55.40 -41.60
N HIS E 193 -81.88 -54.42 -41.68
CA HIS E 193 -82.16 -53.11 -41.12
C HIS E 193 -83.10 -52.32 -42.04
N ARG E 194 -83.78 -51.35 -41.45
CA ARG E 194 -84.76 -50.56 -42.21
C ARG E 194 -84.11 -49.41 -42.97
N SER E 195 -83.17 -48.70 -42.33
CA SER E 195 -82.54 -47.55 -42.95
C SER E 195 -81.13 -47.38 -42.41
N TYR E 196 -80.31 -46.66 -43.17
CA TYR E 196 -78.94 -46.38 -42.80
C TYR E 196 -78.66 -44.89 -42.98
N SER E 197 -77.76 -44.36 -42.15
CA SER E 197 -77.46 -42.94 -42.18
C SER E 197 -76.01 -42.72 -41.80
N CYS E 198 -75.49 -41.56 -42.20
CA CYS E 198 -74.12 -41.15 -41.90
C CYS E 198 -74.17 -39.85 -41.11
N GLN E 199 -73.49 -39.84 -39.96
CA GLN E 199 -73.50 -38.68 -39.06
C GLN E 199 -72.10 -38.06 -39.05
N VAL E 200 -72.03 -36.77 -39.36
CA VAL E 200 -70.78 -36.01 -39.33
C VAL E 200 -70.99 -34.80 -38.44
N THR E 201 -70.13 -34.64 -37.44
CA THR E 201 -70.19 -33.52 -36.51
C THR E 201 -69.09 -32.52 -36.83
N HIS E 202 -69.47 -31.25 -37.00
CA HIS E 202 -68.53 -30.20 -37.33
C HIS E 202 -68.94 -28.92 -36.61
N GLU E 203 -68.06 -28.44 -35.72
CA GLU E 203 -68.20 -27.23 -34.91
C GLU E 203 -69.60 -27.04 -34.32
N GLY E 204 -70.24 -28.12 -33.90
CA GLY E 204 -71.56 -28.06 -33.32
C GLY E 204 -72.70 -28.17 -34.32
N SER E 205 -72.41 -28.22 -35.61
CA SER E 205 -73.43 -28.35 -36.64
C SER E 205 -73.44 -29.77 -37.18
N THR E 206 -74.61 -30.40 -37.17
CA THR E 206 -74.77 -31.78 -37.63
C THR E 206 -75.85 -31.84 -38.70
N VAL E 207 -75.57 -32.60 -39.76
CA VAL E 207 -76.50 -32.80 -40.86
C VAL E 207 -76.75 -34.31 -40.99
N GLU E 208 -78.02 -34.70 -40.99
CA GLU E 208 -78.42 -36.09 -41.04
C GLU E 208 -79.04 -36.40 -42.40
N LYS E 209 -78.51 -37.42 -43.08
CA LYS E 209 -79.03 -37.87 -44.35
C LYS E 209 -79.36 -39.35 -44.24
N THR E 210 -80.61 -39.71 -44.51
CA THR E 210 -81.08 -41.09 -44.39
C THR E 210 -81.60 -41.57 -45.74
N VAL E 211 -81.09 -42.71 -46.19
CA VAL E 211 -81.51 -43.31 -47.45
C VAL E 211 -82.39 -44.52 -47.17
N ALA E 212 -83.24 -44.85 -48.13
CA ALA E 212 -84.15 -45.99 -48.00
C ALA E 212 -83.74 -47.08 -48.99
N PRO E 213 -83.22 -48.21 -48.51
CA PRO E 213 -82.88 -49.31 -49.44
C PRO E 213 -84.09 -49.88 -50.17
N THR E 214 -85.26 -49.87 -49.55
CA THR E 214 -86.46 -50.40 -50.18
C THR E 214 -87.49 -49.30 -50.38
N GLU F 1 6.84 -37.06 -63.31
CA GLU F 1 6.85 -35.61 -63.48
C GLU F 1 7.47 -34.93 -62.26
N VAL F 2 8.16 -35.71 -61.44
CA VAL F 2 8.79 -35.22 -60.22
C VAL F 2 10.30 -35.19 -60.43
N GLN F 3 10.92 -34.04 -60.13
CA GLN F 3 12.36 -33.88 -60.29
C GLN F 3 12.90 -33.08 -59.12
N LEU F 4 14.00 -33.55 -58.56
CA LEU F 4 14.67 -32.91 -57.44
C LEU F 4 16.14 -32.67 -57.78
N VAL F 5 16.64 -31.50 -57.43
CA VAL F 5 18.02 -31.10 -57.71
C VAL F 5 18.72 -30.82 -56.39
N GLU F 6 19.85 -31.47 -56.17
CA GLU F 6 20.63 -31.32 -54.95
C GLU F 6 22.01 -30.75 -55.27
N SER F 7 22.52 -29.91 -54.39
CA SER F 7 23.83 -29.29 -54.56
C SER F 7 24.37 -28.92 -53.19
N GLY F 8 25.57 -28.34 -53.18
CA GLY F 8 26.22 -27.92 -51.95
C GLY F 8 27.25 -28.88 -51.42
N GLY F 9 27.30 -30.11 -51.93
CA GLY F 9 28.30 -31.06 -51.46
C GLY F 9 29.69 -30.73 -51.95
N GLY F 10 30.67 -31.21 -51.20
CA GLY F 10 32.05 -30.98 -51.55
C GLY F 10 32.98 -31.33 -50.40
N LEU F 11 34.22 -30.87 -50.52
CA LEU F 11 35.23 -31.11 -49.51
C LEU F 11 35.21 -29.98 -48.49
N ILE F 12 35.14 -30.34 -47.20
CA ILE F 12 35.11 -29.37 -46.13
C ILE F 12 35.73 -30.01 -44.89
N GLN F 13 36.25 -29.17 -44.01
CA GLN F 13 36.83 -29.65 -42.76
C GLN F 13 35.73 -30.10 -41.80
N PRO F 14 36.03 -31.07 -40.92
CA PRO F 14 35.05 -31.46 -39.90
C PRO F 14 34.68 -30.33 -38.96
N GLY F 15 35.61 -29.42 -38.67
CA GLY F 15 35.32 -28.27 -37.83
C GLY F 15 34.88 -27.07 -38.63
N GLY F 16 33.84 -27.24 -39.45
CA GLY F 16 33.36 -26.16 -40.30
C GLY F 16 31.85 -26.26 -40.49
N SER F 17 31.30 -25.23 -41.10
CA SER F 17 29.87 -25.11 -41.34
C SER F 17 29.61 -25.01 -42.83
N LEU F 18 28.63 -25.78 -43.31
CA LEU F 18 28.22 -25.76 -44.71
C LEU F 18 26.70 -25.74 -44.79
N ARG F 19 26.18 -25.24 -45.90
CA ARG F 19 24.75 -25.15 -46.15
C ARG F 19 24.40 -25.99 -47.37
N LEU F 20 23.45 -26.90 -47.20
CA LEU F 20 22.99 -27.75 -48.29
C LEU F 20 21.82 -27.09 -49.01
N SER F 21 21.55 -27.56 -50.22
CA SER F 21 20.49 -26.99 -51.06
C SER F 21 19.76 -28.10 -51.77
N CYS F 22 18.45 -28.21 -51.51
CA CYS F 22 17.58 -29.15 -52.21
C CYS F 22 16.41 -28.39 -52.80
N ALA F 23 16.19 -28.55 -54.10
CA ALA F 23 15.15 -27.83 -54.81
C ALA F 23 14.26 -28.80 -55.56
N ALA F 24 12.97 -28.45 -55.64
CA ALA F 24 11.98 -29.24 -56.36
C ALA F 24 11.34 -28.38 -57.44
N SER F 25 11.18 -28.95 -58.63
CA SER F 25 10.62 -28.20 -59.74
C SER F 25 9.09 -28.14 -59.67
N GLY F 26 8.45 -29.31 -59.69
CA GLY F 26 7.00 -29.39 -59.66
C GLY F 26 6.37 -29.62 -58.31
N LEU F 27 7.13 -29.46 -57.22
CA LEU F 27 6.62 -29.69 -55.87
C LEU F 27 6.96 -28.50 -54.98
N THR F 28 6.11 -28.27 -54.00
CA THR F 28 6.32 -27.24 -53.00
C THR F 28 6.91 -27.84 -51.73
N VAL F 29 7.44 -26.97 -50.87
CA VAL F 29 8.17 -27.42 -49.67
C VAL F 29 7.36 -27.29 -48.39
N SER F 30 6.18 -26.68 -48.43
CA SER F 30 5.40 -26.42 -47.23
C SER F 30 4.08 -27.17 -47.21
N SER F 31 3.96 -28.27 -47.95
CA SER F 31 2.71 -29.02 -47.98
C SER F 31 2.90 -30.53 -47.99
N ASN F 32 4.13 -31.03 -47.86
CA ASN F 32 4.34 -32.48 -47.90
C ASN F 32 5.56 -32.83 -47.06
N TYR F 33 5.62 -34.11 -46.68
CA TYR F 33 6.75 -34.61 -45.92
C TYR F 33 7.99 -34.74 -46.81
N MET F 34 9.15 -34.66 -46.16
CA MET F 34 10.42 -34.84 -46.86
C MET F 34 11.40 -35.56 -45.93
N HIS F 35 12.13 -36.52 -46.49
CA HIS F 35 13.05 -37.34 -45.74
C HIS F 35 14.48 -37.05 -46.15
N TRP F 36 15.37 -36.94 -45.16
CA TRP F 36 16.79 -36.71 -45.40
C TRP F 36 17.52 -38.03 -45.15
N VAL F 37 17.67 -38.82 -46.21
CA VAL F 37 18.27 -40.14 -46.13
C VAL F 37 19.73 -40.05 -46.56
N ARG F 38 20.63 -40.50 -45.70
CA ARG F 38 22.05 -40.55 -46.00
C ARG F 38 22.51 -41.99 -46.10
N GLN F 39 23.17 -42.32 -47.21
CA GLN F 39 23.68 -43.67 -47.45
C GLN F 39 25.19 -43.64 -47.43
N ALA F 40 25.78 -44.46 -46.57
CA ALA F 40 27.23 -44.55 -46.49
C ALA F 40 27.79 -45.25 -47.73
N PRO F 41 28.98 -44.86 -48.17
CA PRO F 41 29.60 -45.52 -49.33
C PRO F 41 29.97 -46.96 -49.00
N GLY F 42 29.38 -47.90 -49.73
CA GLY F 42 29.60 -49.31 -49.49
C GLY F 42 28.68 -49.94 -48.47
N LYS F 43 27.82 -49.16 -47.82
CA LYS F 43 26.88 -49.65 -46.83
C LYS F 43 25.45 -49.36 -47.29
N GLY F 44 24.49 -49.71 -46.44
CA GLY F 44 23.09 -49.52 -46.76
C GLY F 44 22.59 -48.13 -46.43
N LEU F 45 21.31 -47.92 -46.73
CA LEU F 45 20.67 -46.63 -46.47
C LEU F 45 20.44 -46.44 -44.97
N GLU F 46 20.36 -45.18 -44.56
CA GLU F 46 20.12 -44.85 -43.16
C GLU F 46 19.35 -43.55 -43.08
N TRP F 47 18.30 -43.53 -42.26
CA TRP F 47 17.51 -42.33 -42.04
C TRP F 47 18.22 -41.42 -41.05
N VAL F 48 18.09 -40.11 -41.27
CA VAL F 48 18.74 -39.09 -40.44
C VAL F 48 17.73 -38.11 -39.86
N SER F 49 16.90 -37.51 -40.72
CA SER F 49 15.97 -36.49 -40.26
C SER F 49 14.75 -36.46 -41.18
N VAL F 50 13.67 -35.88 -40.67
CA VAL F 50 12.43 -35.73 -41.43
C VAL F 50 11.83 -34.36 -41.09
N LEU F 51 11.17 -33.76 -42.08
CA LEU F 51 10.51 -32.48 -41.92
C LEU F 51 9.04 -32.63 -42.32
N TYR F 52 8.14 -32.15 -41.47
CA TYR F 52 6.71 -32.27 -41.72
C TYR F 52 6.23 -31.11 -42.58
N ALA F 53 4.93 -31.12 -42.89
CA ALA F 53 4.33 -30.03 -43.65
C ALA F 53 4.21 -28.76 -42.81
N GLY F 54 4.19 -28.88 -41.49
CA GLY F 54 4.16 -27.75 -40.60
C GLY F 54 5.54 -27.35 -40.12
N GLY F 55 5.57 -26.65 -38.99
CA GLY F 55 6.83 -26.21 -38.41
C GLY F 55 7.40 -27.18 -37.40
N SER F 56 7.42 -28.48 -37.73
CA SER F 56 7.91 -29.51 -36.84
C SER F 56 8.93 -30.37 -37.58
N ALA F 57 10.01 -30.72 -36.90
CA ALA F 57 11.06 -31.57 -37.47
C ALA F 57 11.50 -32.58 -36.43
N PHE F 58 12.04 -33.70 -36.92
CA PHE F 58 12.50 -34.79 -36.07
C PHE F 58 13.86 -35.27 -36.54
N TYR F 59 14.61 -35.84 -35.60
CA TYR F 59 15.94 -36.37 -35.87
C TYR F 59 16.08 -37.72 -35.21
N ALA F 60 17.05 -38.51 -35.71
CA ALA F 60 17.31 -39.83 -35.16
C ALA F 60 18.11 -39.71 -33.87
N ASP F 61 18.43 -40.88 -33.28
CA ASP F 61 19.14 -40.88 -32.01
C ASP F 61 20.60 -40.44 -32.16
N SER F 62 21.27 -40.91 -33.21
CA SER F 62 22.68 -40.57 -33.41
C SER F 62 22.88 -39.17 -33.95
N VAL F 63 21.86 -38.59 -34.60
CA VAL F 63 21.98 -37.28 -35.22
C VAL F 63 20.96 -36.33 -34.64
N LYS F 64 20.63 -36.51 -33.36
CA LYS F 64 19.65 -35.64 -32.70
C LYS F 64 20.15 -34.20 -32.63
N GLY F 65 21.43 -34.01 -32.29
CA GLY F 65 22.02 -32.69 -32.24
C GLY F 65 22.58 -32.25 -33.58
N ARG F 66 23.21 -31.07 -33.55
CA ARG F 66 23.92 -30.43 -34.66
C ARG F 66 23.19 -30.48 -35.99
N PHE F 67 21.86 -30.43 -35.96
CA PHE F 67 21.04 -30.47 -37.17
C PHE F 67 19.98 -29.38 -37.09
N THR F 68 19.81 -28.64 -38.19
CA THR F 68 18.80 -27.60 -38.28
C THR F 68 18.20 -27.61 -39.68
N ILE F 69 16.87 -27.59 -39.74
CA ILE F 69 16.14 -27.56 -41.01
C ILE F 69 15.32 -26.29 -41.06
N SER F 70 15.45 -25.53 -42.15
CA SER F 70 14.72 -24.27 -42.33
C SER F 70 14.34 -24.15 -43.81
N ARG F 71 13.11 -24.53 -44.12
CA ARG F 71 12.63 -24.46 -45.50
C ARG F 71 12.34 -23.00 -45.89
N ASN F 72 12.45 -22.73 -47.18
CA ASN F 72 12.18 -21.41 -47.73
C ASN F 72 11.14 -21.53 -48.84
N ASN F 73 10.04 -20.78 -48.70
CA ASN F 73 8.97 -20.79 -49.69
C ASN F 73 9.14 -19.75 -50.78
N SER F 74 10.12 -18.85 -50.67
CA SER F 74 10.30 -17.82 -51.68
C SER F 74 10.91 -18.39 -52.95
N LYS F 75 11.92 -19.25 -52.83
CA LYS F 75 12.59 -19.84 -53.98
C LYS F 75 12.27 -21.31 -54.18
N ASN F 76 11.32 -21.85 -53.40
CA ASN F 76 10.91 -23.26 -53.46
C ASN F 76 12.10 -24.20 -53.26
N THR F 77 12.97 -23.85 -52.31
CA THR F 77 14.17 -24.63 -52.01
C THR F 77 14.18 -25.03 -50.55
N LEU F 78 14.97 -26.07 -50.25
CA LEU F 78 15.10 -26.60 -48.90
C LEU F 78 16.53 -26.39 -48.42
N TYR F 79 16.67 -25.89 -47.19
CA TYR F 79 17.97 -25.56 -46.62
C TYR F 79 18.23 -26.42 -45.39
N LEU F 80 19.46 -26.91 -45.29
CA LEU F 80 19.91 -27.67 -44.12
C LEU F 80 21.26 -27.13 -43.67
N GLN F 81 21.40 -26.94 -42.36
CA GLN F 81 22.60 -26.33 -41.77
C GLN F 81 23.28 -27.32 -40.85
N MET F 82 24.61 -27.42 -40.98
CA MET F 82 25.43 -28.32 -40.17
C MET F 82 26.51 -27.48 -39.48
N ASN F 83 26.37 -27.30 -38.16
CA ASN F 83 27.36 -26.52 -37.42
C ASN F 83 28.65 -27.30 -37.21
N SER F 84 28.55 -28.59 -36.90
CA SER F 84 29.71 -29.42 -36.63
C SER F 84 29.59 -30.73 -37.40
N LEU F 85 30.74 -31.36 -37.64
CA LEU F 85 30.82 -32.60 -38.39
C LEU F 85 31.70 -33.60 -37.67
N ARG F 86 31.48 -34.87 -37.96
CA ARG F 86 32.30 -35.96 -37.44
C ARG F 86 32.92 -36.75 -38.59
N ALA F 87 33.77 -37.71 -38.23
CA ALA F 87 34.45 -38.51 -39.24
C ALA F 87 33.52 -39.51 -39.92
N GLU F 88 32.36 -39.80 -39.33
CA GLU F 88 31.41 -40.74 -39.89
C GLU F 88 30.37 -40.07 -40.78
N ASP F 89 30.47 -38.77 -41.02
CA ASP F 89 29.49 -38.04 -41.80
C ASP F 89 29.73 -38.15 -43.30
N THR F 90 30.79 -38.82 -43.74
CA THR F 90 31.07 -38.97 -45.16
C THR F 90 30.08 -39.98 -45.74
N ALA F 91 29.07 -39.46 -46.44
CA ALA F 91 28.03 -40.31 -47.03
C ALA F 91 27.36 -39.55 -48.15
N ILE F 92 26.64 -40.30 -48.99
CA ILE F 92 25.86 -39.73 -50.08
C ILE F 92 24.44 -39.52 -49.59
N TYR F 93 23.75 -38.55 -50.19
CA TYR F 93 22.39 -38.21 -49.77
C TYR F 93 21.52 -37.98 -51.01
N TYR F 94 20.22 -38.21 -50.84
CA TYR F 94 19.23 -37.90 -51.87
C TYR F 94 18.04 -37.22 -51.19
N CYS F 95 17.89 -35.92 -51.42
CA CYS F 95 16.71 -35.22 -50.92
C CYS F 95 15.47 -35.69 -51.65
N ALA F 96 14.42 -36.01 -50.89
CA ALA F 96 13.25 -36.66 -51.48
C ALA F 96 12.00 -36.28 -50.69
N ARG F 97 10.85 -36.53 -51.31
CA ARG F 97 9.55 -36.30 -50.70
C ARG F 97 8.76 -37.60 -50.68
N GLY F 98 7.87 -37.72 -49.70
CA GLY F 98 7.09 -38.94 -49.58
C GLY F 98 5.87 -38.72 -48.70
N LEU F 99 5.01 -39.73 -48.68
CA LEU F 99 3.80 -39.73 -47.88
C LEU F 99 4.09 -40.36 -46.51
N GLY F 100 3.04 -40.68 -45.78
CA GLY F 100 3.22 -41.34 -44.50
C GLY F 100 3.60 -42.80 -44.68
N ASP F 101 4.52 -43.26 -43.83
CA ASP F 101 5.01 -44.63 -43.70
C ASP F 101 5.82 -45.12 -44.90
N TYR F 102 5.94 -44.34 -45.96
CA TYR F 102 6.72 -44.72 -47.13
C TYR F 102 6.99 -43.49 -47.98
N LEU F 103 8.02 -43.60 -48.83
CA LEU F 103 8.34 -42.56 -49.79
C LEU F 103 8.59 -43.20 -51.15
N ASP F 104 8.22 -42.47 -52.21
CA ASP F 104 8.34 -42.96 -53.57
C ASP F 104 9.34 -42.17 -54.40
N SER F 105 9.21 -40.84 -54.43
CA SER F 105 10.12 -40.03 -55.21
C SER F 105 11.50 -39.97 -54.56
N TRP F 106 12.50 -39.67 -55.38
CA TRP F 106 13.88 -39.55 -54.93
C TRP F 106 14.56 -38.45 -55.73
N GLY F 107 15.85 -38.24 -55.46
CA GLY F 107 16.60 -37.19 -56.11
C GLY F 107 18.04 -37.60 -56.32
N GLN F 108 18.82 -36.67 -56.88
CA GLN F 108 20.22 -36.92 -57.20
C GLN F 108 21.08 -36.85 -55.93
N GLY F 109 22.38 -36.99 -56.11
CA GLY F 109 23.31 -36.95 -55.00
C GLY F 109 24.64 -36.31 -55.32
N THR F 110 25.21 -35.59 -54.35
CA THR F 110 26.51 -34.97 -54.49
C THR F 110 27.44 -35.51 -53.40
N LEU F 111 28.65 -35.87 -53.80
CA LEU F 111 29.60 -36.46 -52.85
C LEU F 111 30.16 -35.40 -51.91
N VAL F 112 30.14 -35.68 -50.62
CA VAL F 112 30.69 -34.80 -49.60
C VAL F 112 31.64 -35.61 -48.72
N THR F 113 32.85 -35.09 -48.52
CA THR F 113 33.87 -35.76 -47.73
C THR F 113 34.43 -34.81 -46.69
N VAL F 114 34.62 -35.32 -45.48
CA VAL F 114 35.21 -34.56 -44.38
C VAL F 114 36.49 -35.25 -43.95
N SER F 115 37.60 -34.50 -43.92
CA SER F 115 38.88 -35.05 -43.55
C SER F 115 39.80 -33.91 -43.11
N SER F 116 40.87 -34.26 -42.41
CA SER F 116 41.86 -33.30 -41.97
C SER F 116 43.01 -33.12 -42.94
N ALA F 117 42.99 -33.82 -44.07
CA ALA F 117 44.04 -33.73 -45.07
C ALA F 117 43.69 -32.65 -46.09
N SER F 118 44.45 -32.59 -47.18
CA SER F 118 44.24 -31.60 -48.23
C SER F 118 44.64 -32.22 -49.56
N THR F 119 44.78 -31.38 -50.58
CA THR F 119 45.17 -31.86 -51.90
C THR F 119 46.62 -32.34 -51.88
N LYS F 120 46.86 -33.46 -52.55
CA LYS F 120 48.19 -34.06 -52.62
C LYS F 120 48.36 -34.73 -53.96
N GLY F 121 49.51 -34.50 -54.59
CA GLY F 121 49.81 -35.08 -55.88
C GLY F 121 49.93 -36.59 -55.82
N PRO F 122 49.52 -37.28 -56.88
CA PRO F 122 49.54 -38.74 -56.87
C PRO F 122 50.93 -39.29 -57.20
N SER F 123 51.30 -40.34 -56.47
CA SER F 123 52.56 -41.04 -56.70
C SER F 123 52.27 -42.32 -57.48
N VAL F 124 52.91 -42.46 -58.64
CA VAL F 124 52.69 -43.59 -59.55
C VAL F 124 53.92 -44.47 -59.54
N PHE F 125 53.72 -45.77 -59.32
CA PHE F 125 54.80 -46.74 -59.32
C PHE F 125 54.43 -47.90 -60.24
N PRO F 126 55.37 -48.40 -61.03
CA PRO F 126 55.06 -49.47 -61.99
C PRO F 126 54.99 -50.83 -61.32
N LEU F 127 54.36 -51.76 -62.03
CA LEU F 127 54.22 -53.15 -61.60
C LEU F 127 54.90 -54.03 -62.64
N ALA F 128 56.09 -54.51 -62.32
CA ALA F 128 56.85 -55.32 -63.26
C ALA F 128 56.26 -56.72 -63.36
N PRO F 129 55.87 -57.17 -64.55
CA PRO F 129 55.34 -58.53 -64.68
C PRO F 129 56.41 -59.59 -64.45
N SER F 130 55.97 -60.75 -63.98
CA SER F 130 56.88 -61.86 -63.73
C SER F 130 57.18 -62.61 -65.01
N SER F 131 58.36 -63.23 -65.05
CA SER F 131 58.77 -64.00 -66.21
C SER F 131 58.46 -65.48 -66.04
N THR F 138 50.09 -66.12 -70.42
CA THR F 138 49.65 -64.73 -70.30
C THR F 138 50.40 -64.01 -69.18
N ALA F 139 50.23 -62.70 -69.12
CA ALA F 139 50.89 -61.89 -68.11
C ALA F 139 50.03 -60.67 -67.81
N ALA F 140 50.29 -60.06 -66.65
CA ALA F 140 49.57 -58.87 -66.21
C ALA F 140 50.56 -57.72 -66.02
N LEU F 141 50.18 -56.54 -66.50
CA LEU F 141 51.00 -55.35 -66.40
C LEU F 141 50.14 -54.18 -65.94
N GLY F 142 50.75 -53.24 -65.24
CA GLY F 142 49.99 -52.09 -64.79
C GLY F 142 50.85 -51.18 -63.93
N CYS F 143 50.19 -50.16 -63.38
CA CYS F 143 50.83 -49.20 -62.47
C CYS F 143 49.90 -48.95 -61.30
N LEU F 144 50.49 -48.60 -60.16
CA LEU F 144 49.75 -48.35 -58.93
C LEU F 144 49.77 -46.86 -58.59
N VAL F 145 48.68 -46.39 -58.00
CA VAL F 145 48.55 -45.01 -57.56
C VAL F 145 48.47 -45.00 -56.04
N LYS F 146 49.37 -44.27 -55.39
CA LYS F 146 49.43 -44.20 -53.94
C LYS F 146 49.56 -42.76 -53.50
N ASP F 147 48.99 -42.47 -52.32
CA ASP F 147 49.09 -41.17 -51.66
C ASP F 147 48.55 -40.05 -52.55
N TYR F 148 47.26 -40.12 -52.83
CA TYR F 148 46.58 -39.11 -53.64
C TYR F 148 45.29 -38.68 -52.95
N PHE F 149 44.85 -37.46 -53.27
CA PHE F 149 43.63 -36.90 -52.71
C PHE F 149 43.19 -35.75 -53.60
N PRO F 150 41.88 -35.56 -53.83
CA PRO F 150 40.75 -36.39 -53.41
C PRO F 150 40.14 -37.22 -54.54
N GLU F 151 39.04 -37.90 -54.24
CA GLU F 151 38.28 -38.63 -55.24
C GLU F 151 37.67 -37.64 -56.24
N PRO F 152 37.63 -37.98 -57.54
CA PRO F 152 38.18 -39.16 -58.20
C PRO F 152 39.38 -38.86 -59.10
N VAL F 153 39.95 -39.90 -59.71
CA VAL F 153 41.02 -39.76 -60.69
C VAL F 153 40.75 -40.74 -61.84
N THR F 154 40.97 -40.28 -63.06
CA THR F 154 40.77 -41.09 -64.25
C THR F 154 42.08 -41.67 -64.74
N VAL F 155 42.00 -42.86 -65.33
CA VAL F 155 43.16 -43.57 -65.85
C VAL F 155 42.88 -44.00 -67.28
N SER F 156 43.95 -44.17 -68.05
CA SER F 156 43.85 -44.59 -69.43
C SER F 156 45.10 -45.37 -69.81
N TRP F 157 44.97 -46.18 -70.87
CA TRP F 157 46.06 -47.01 -71.36
C TRP F 157 46.30 -46.71 -72.84
N ASN F 158 47.54 -46.36 -73.17
CA ASN F 158 47.96 -46.04 -74.54
C ASN F 158 47.09 -44.94 -75.14
N SER F 159 46.80 -43.92 -74.32
CA SER F 159 45.93 -42.79 -74.70
C SER F 159 44.56 -43.28 -75.19
N GLY F 160 44.02 -44.28 -74.50
CA GLY F 160 42.71 -44.82 -74.82
C GLY F 160 42.70 -45.88 -75.90
N ALA F 161 43.85 -46.25 -76.44
CA ALA F 161 43.89 -47.30 -77.47
C ALA F 161 43.56 -48.66 -76.89
N LEU F 162 44.04 -48.95 -75.67
CA LEU F 162 43.82 -50.23 -75.03
C LEU F 162 42.53 -50.17 -74.23
N THR F 163 41.59 -51.07 -74.55
CA THR F 163 40.30 -51.11 -73.88
C THR F 163 39.87 -52.50 -73.47
N SER F 164 40.64 -53.54 -73.79
CA SER F 164 40.28 -54.92 -73.49
C SER F 164 41.09 -55.41 -72.30
N GLY F 165 40.41 -56.00 -71.32
CA GLY F 165 41.08 -56.50 -70.13
C GLY F 165 41.36 -55.46 -69.07
N VAL F 166 40.82 -54.25 -69.20
CA VAL F 166 41.05 -53.20 -68.22
C VAL F 166 40.16 -53.44 -67.02
N HIS F 167 40.75 -53.44 -65.82
CA HIS F 167 40.03 -53.65 -64.57
C HIS F 167 40.51 -52.60 -63.57
N THR F 168 39.78 -51.49 -63.50
CA THR F 168 40.13 -50.38 -62.60
C THR F 168 39.45 -50.62 -61.26
N PHE F 169 40.23 -50.96 -60.24
CA PHE F 169 39.69 -51.19 -58.92
C PHE F 169 39.27 -49.87 -58.28
N PRO F 170 38.19 -49.88 -57.50
CA PRO F 170 37.77 -48.65 -56.80
C PRO F 170 38.77 -48.26 -55.72
N ALA F 171 38.81 -46.96 -55.44
CA ALA F 171 39.72 -46.45 -54.42
C ALA F 171 39.29 -46.89 -53.03
N VAL F 172 40.27 -47.29 -52.22
CA VAL F 172 40.02 -47.71 -50.85
C VAL F 172 40.73 -46.74 -49.91
N LEU F 173 40.09 -46.47 -48.78
CA LEU F 173 40.63 -45.53 -47.79
C LEU F 173 41.65 -46.24 -46.91
N GLN F 174 42.84 -45.65 -46.81
CA GLN F 174 43.90 -46.19 -45.98
C GLN F 174 43.78 -45.66 -44.56
N SER F 175 44.72 -46.08 -43.70
CA SER F 175 44.73 -45.59 -42.32
C SER F 175 45.24 -44.17 -42.21
N SER F 176 45.94 -43.66 -43.23
CA SER F 176 46.47 -42.31 -43.23
C SER F 176 45.53 -41.30 -43.85
N GLY F 177 44.33 -41.72 -44.27
CA GLY F 177 43.35 -40.81 -44.83
C GLY F 177 43.51 -40.53 -46.31
N LEU F 178 44.42 -41.21 -46.99
CA LEU F 178 44.63 -41.02 -48.43
C LEU F 178 44.25 -42.29 -49.18
N TYR F 179 43.54 -42.13 -50.28
CA TYR F 179 43.04 -43.25 -51.05
C TYR F 179 44.13 -43.80 -51.97
N SER F 180 43.87 -44.99 -52.52
CA SER F 180 44.80 -45.64 -53.43
C SER F 180 44.02 -46.60 -54.33
N LEU F 181 44.54 -46.80 -55.54
CA LEU F 181 43.90 -47.68 -56.51
C LEU F 181 44.97 -48.56 -57.16
N SER F 182 44.49 -49.55 -57.91
CA SER F 182 45.36 -50.42 -58.70
C SER F 182 44.74 -50.61 -60.08
N SER F 183 45.56 -50.47 -61.12
CA SER F 183 45.11 -50.62 -62.50
C SER F 183 45.95 -51.70 -63.17
N VAL F 184 45.29 -52.72 -63.70
CA VAL F 184 45.95 -53.84 -64.38
C VAL F 184 45.26 -54.09 -65.71
N VAL F 185 46.02 -54.71 -66.62
CA VAL F 185 45.49 -55.16 -67.91
C VAL F 185 46.07 -56.53 -68.21
N THR F 186 45.44 -57.24 -69.15
CA THR F 186 45.87 -58.55 -69.57
C THR F 186 46.60 -58.45 -70.90
N VAL F 187 47.91 -58.71 -70.88
CA VAL F 187 48.77 -58.58 -72.04
C VAL F 187 49.40 -59.95 -72.30
N PRO F 188 49.40 -60.45 -73.54
CA PRO F 188 50.11 -61.70 -73.83
C PRO F 188 51.60 -61.54 -73.71
N SER F 189 52.28 -62.65 -73.42
CA SER F 189 53.73 -62.62 -73.21
C SER F 189 54.51 -62.42 -74.50
N SER F 190 53.92 -62.75 -75.65
CA SER F 190 54.63 -62.59 -76.91
C SER F 190 54.76 -61.13 -77.33
N SER F 191 53.92 -60.25 -76.82
CA SER F 191 53.95 -58.83 -77.16
C SER F 191 54.62 -57.98 -76.09
N LEU F 192 55.29 -58.62 -75.11
CA LEU F 192 55.95 -57.86 -74.06
C LEU F 192 57.11 -57.05 -74.59
N GLY F 193 57.91 -57.64 -75.47
CA GLY F 193 59.07 -56.99 -76.05
C GLY F 193 58.81 -56.23 -77.33
N THR F 194 57.56 -56.12 -77.77
CA THR F 194 57.21 -55.44 -79.01
C THR F 194 56.47 -54.13 -78.77
N GLN F 195 55.41 -54.14 -77.97
CA GLN F 195 54.61 -52.95 -77.72
C GLN F 195 54.94 -52.36 -76.36
N THR F 196 54.89 -51.03 -76.29
CA THR F 196 55.15 -50.30 -75.06
C THR F 196 53.84 -49.77 -74.49
N TYR F 197 53.61 -50.00 -73.20
CA TYR F 197 52.36 -49.64 -72.54
C TYR F 197 52.64 -48.57 -71.50
N ILE F 198 51.96 -47.42 -71.65
CA ILE F 198 52.11 -46.30 -70.74
C ILE F 198 50.74 -45.95 -70.17
N CYS F 199 50.64 -45.83 -68.85
CA CYS F 199 49.41 -45.49 -68.17
C CYS F 199 49.45 -44.03 -67.75
N ASN F 200 48.37 -43.30 -68.06
CA ASN F 200 48.26 -41.89 -67.75
C ASN F 200 47.36 -41.69 -66.53
N VAL F 201 47.87 -40.98 -65.53
CA VAL F 201 47.12 -40.70 -64.30
C VAL F 201 47.06 -39.18 -64.14
N ASN F 202 45.85 -38.64 -64.09
CA ASN F 202 45.65 -37.21 -63.92
C ASN F 202 44.25 -36.96 -63.35
N HIS F 203 44.13 -35.89 -62.59
CA HIS F 203 42.84 -35.49 -62.04
C HIS F 203 42.81 -33.98 -61.85
N LYS F 204 41.58 -33.44 -61.88
CA LYS F 204 41.40 -31.98 -61.88
C LYS F 204 41.88 -31.27 -60.61
N PRO F 205 41.57 -31.72 -59.38
CA PRO F 205 41.90 -30.89 -58.21
C PRO F 205 43.39 -30.60 -58.02
N SER F 206 44.27 -31.53 -58.40
CA SER F 206 45.71 -31.28 -58.28
C SER F 206 46.35 -30.83 -59.57
N ASN F 207 45.71 -31.07 -60.72
CA ASN F 207 46.23 -30.69 -62.04
C ASN F 207 47.63 -31.25 -62.28
N THR F 208 47.83 -32.50 -61.90
CA THR F 208 49.11 -33.18 -62.07
C THR F 208 48.96 -34.24 -63.17
N LYS F 209 49.80 -34.13 -64.19
CA LYS F 209 49.81 -35.06 -65.31
C LYS F 209 51.15 -35.77 -65.37
N VAL F 210 51.11 -37.09 -65.41
CA VAL F 210 52.33 -37.90 -65.47
C VAL F 210 52.16 -38.95 -66.57
N ASP F 211 53.30 -39.44 -67.06
CA ASP F 211 53.34 -40.47 -68.10
C ASP F 211 54.53 -41.37 -67.80
N LYS F 212 54.27 -42.48 -67.12
CA LYS F 212 55.30 -43.42 -66.73
C LYS F 212 55.12 -44.74 -67.47
N LYS F 213 56.20 -45.20 -68.10
CA LYS F 213 56.14 -46.45 -68.82
C LYS F 213 56.48 -47.61 -67.92
N VAL F 214 55.79 -48.72 -68.09
CA VAL F 214 56.02 -49.91 -67.30
C VAL F 214 56.73 -50.94 -68.18
N GLU F 215 57.85 -51.45 -67.69
CA GLU F 215 58.67 -52.40 -68.42
C GLU F 215 58.70 -53.74 -67.70
N PRO F 216 58.92 -54.85 -68.43
CA PRO F 216 59.11 -56.14 -67.76
C PRO F 216 60.36 -56.14 -66.90
N LYS F 217 60.33 -56.95 -65.85
CA LYS F 217 61.42 -56.96 -64.88
C LYS F 217 62.69 -57.54 -65.49
N SER F 218 63.83 -56.98 -65.07
CA SER F 218 65.14 -57.44 -65.49
C SER F 218 65.64 -58.49 -64.49
N CYS F 219 66.93 -58.81 -64.54
CA CYS F 219 67.50 -59.75 -63.58
C CYS F 219 67.40 -59.22 -62.14
N ASP F 220 67.49 -57.92 -61.95
CA ASP F 220 67.38 -57.33 -60.62
C ASP F 220 65.95 -57.41 -60.10
N ASP G 1 15.41 -48.74 -31.54
CA ASP G 1 14.43 -49.66 -30.96
C ASP G 1 14.12 -50.81 -31.91
N ILE G 2 14.04 -50.48 -33.20
CA ILE G 2 13.73 -51.46 -34.25
C ILE G 2 14.97 -51.66 -35.12
N GLN G 3 15.29 -52.93 -35.39
CA GLN G 3 16.42 -53.29 -36.22
C GLN G 3 15.91 -54.14 -37.38
N MET G 4 16.26 -53.74 -38.60
CA MET G 4 15.83 -54.43 -39.81
C MET G 4 16.99 -55.28 -40.32
N THR G 5 16.85 -56.60 -40.23
CA THR G 5 17.88 -57.54 -40.65
C THR G 5 17.35 -58.36 -41.82
N GLN G 6 18.16 -58.49 -42.86
CA GLN G 6 17.83 -59.29 -44.04
C GLN G 6 18.69 -60.53 -44.06
N SER G 7 18.04 -61.69 -44.13
CA SER G 7 18.79 -62.96 -44.18
C SER G 7 19.68 -63.11 -45.41
N PRO G 8 19.21 -62.89 -46.65
CA PRO G 8 20.14 -63.03 -47.77
C PRO G 8 20.96 -61.78 -48.00
N SER G 9 22.20 -61.99 -48.44
CA SER G 9 23.12 -60.92 -48.76
C SER G 9 23.55 -60.92 -50.22
N SER G 10 23.96 -62.07 -50.75
CA SER G 10 24.36 -62.21 -52.14
C SER G 10 23.81 -63.53 -52.65
N VAL G 11 22.83 -63.46 -53.56
CA VAL G 11 22.19 -64.64 -54.12
C VAL G 11 22.28 -64.57 -55.64
N SER G 12 22.70 -65.67 -56.26
CA SER G 12 22.86 -65.75 -57.71
C SER G 12 21.74 -66.61 -58.29
N ALA G 13 21.09 -66.10 -59.33
CA ALA G 13 19.99 -66.81 -59.97
C ALA G 13 20.03 -66.53 -61.46
N SER G 14 19.43 -67.43 -62.23
CA SER G 14 19.35 -67.31 -63.68
C SER G 14 18.14 -66.46 -64.05
N VAL G 15 17.83 -66.40 -65.35
CA VAL G 15 16.68 -65.62 -65.81
C VAL G 15 15.38 -66.29 -65.39
N GLY G 16 15.31 -67.62 -65.50
CA GLY G 16 14.12 -68.34 -65.10
C GLY G 16 14.18 -68.84 -63.67
N ASP G 17 14.33 -67.92 -62.72
CA ASP G 17 14.44 -68.29 -61.32
C ASP G 17 13.83 -67.20 -60.46
N ARG G 18 13.48 -67.57 -59.23
CA ARG G 18 12.92 -66.65 -58.25
C ARG G 18 14.00 -66.29 -57.24
N VAL G 19 14.20 -65.00 -57.02
CA VAL G 19 15.29 -64.56 -56.16
C VAL G 19 15.00 -64.85 -54.68
N THR G 20 13.73 -64.79 -54.26
CA THR G 20 13.28 -65.13 -52.91
C THR G 20 14.04 -64.35 -51.84
N ILE G 21 13.89 -63.03 -51.86
CA ILE G 21 14.52 -62.16 -50.88
C ILE G 21 13.51 -61.87 -49.78
N THR G 22 13.93 -62.07 -48.53
CA THR G 22 13.07 -61.88 -47.37
C THR G 22 13.70 -60.87 -46.42
N CYS G 23 12.85 -60.22 -45.62
CA CYS G 23 13.27 -59.25 -44.62
C CYS G 23 12.63 -59.60 -43.29
N ARG G 24 13.36 -59.34 -42.20
CA ARG G 24 12.92 -59.69 -40.87
C ARG G 24 12.96 -58.47 -39.96
N ALA G 25 12.01 -58.41 -39.03
CA ALA G 25 11.92 -57.32 -38.07
C ALA G 25 11.77 -57.88 -36.67
N SER G 26 12.32 -57.15 -35.70
CA SER G 26 12.22 -57.58 -34.30
C SER G 26 10.80 -57.46 -33.79
N GLN G 27 10.08 -56.42 -34.19
CA GLN G 27 8.70 -56.20 -33.79
C GLN G 27 7.78 -56.34 -35.00
N GLY G 28 6.61 -56.97 -34.77
CA GLY G 28 5.65 -57.18 -35.83
C GLY G 28 5.06 -55.90 -36.39
N ILE G 29 5.12 -55.75 -37.72
CA ILE G 29 4.57 -54.59 -38.42
C ILE G 29 3.58 -55.09 -39.46
N GLY G 30 2.38 -54.53 -39.46
CA GLY G 30 1.33 -55.01 -40.33
C GLY G 30 1.18 -54.28 -41.65
N SER G 31 1.77 -54.84 -42.71
CA SER G 31 1.59 -54.37 -44.09
C SER G 31 1.97 -52.90 -44.27
N TRP G 32 3.12 -52.51 -43.71
CA TRP G 32 3.66 -51.17 -43.89
C TRP G 32 5.14 -51.25 -44.29
N LEU G 33 5.45 -52.13 -45.24
CA LEU G 33 6.80 -52.32 -45.71
C LEU G 33 6.92 -51.87 -47.16
N ALA G 34 8.03 -51.22 -47.49
CA ALA G 34 8.32 -50.76 -48.84
C ALA G 34 9.67 -51.29 -49.29
N TRP G 35 9.77 -51.56 -50.58
CA TRP G 35 11.00 -52.09 -51.17
C TRP G 35 11.51 -51.14 -52.24
N TYR G 36 12.83 -51.08 -52.37
CA TYR G 36 13.49 -50.14 -53.26
C TYR G 36 14.54 -50.87 -54.09
N GLN G 37 14.89 -50.26 -55.22
CA GLN G 37 15.93 -50.78 -56.12
C GLN G 37 16.89 -49.64 -56.44
N GLN G 38 18.11 -49.73 -55.92
CA GLN G 38 19.13 -48.70 -56.09
C GLN G 38 20.23 -49.23 -56.99
N LYS G 39 20.24 -48.77 -58.24
CA LYS G 39 21.30 -49.14 -59.16
C LYS G 39 22.62 -48.49 -58.73
N PRO G 40 23.75 -49.12 -59.04
CA PRO G 40 25.05 -48.50 -58.71
C PRO G 40 25.26 -47.23 -59.49
N GLY G 41 25.48 -46.13 -58.77
CA GLY G 41 25.61 -44.83 -59.39
C GLY G 41 24.32 -44.15 -59.74
N LYS G 42 23.18 -44.71 -59.35
CA LYS G 42 21.87 -44.16 -59.66
C LYS G 42 21.03 -44.06 -58.39
N ALA G 43 20.08 -43.15 -58.41
CA ALA G 43 19.20 -42.94 -57.26
C ALA G 43 18.27 -44.14 -57.06
N PRO G 44 17.94 -44.46 -55.82
CA PRO G 44 16.98 -45.55 -55.57
C PRO G 44 15.58 -45.19 -56.06
N GLN G 45 14.81 -46.22 -56.40
CA GLN G 45 13.44 -46.06 -56.85
C GLN G 45 12.55 -47.05 -56.11
N LEU G 46 11.37 -46.58 -55.71
CA LEU G 46 10.42 -47.44 -55.01
C LEU G 46 9.86 -48.50 -55.97
N LEU G 47 9.76 -49.73 -55.48
CA LEU G 47 9.20 -50.83 -56.26
C LEU G 47 7.79 -51.19 -55.79
N ILE G 48 7.64 -51.53 -54.51
CA ILE G 48 6.34 -51.81 -53.92
C ILE G 48 6.22 -50.98 -52.64
N TYR G 49 4.97 -50.78 -52.22
CA TYR G 49 4.69 -50.08 -50.96
C TYR G 49 3.53 -50.75 -50.26
N ALA G 50 3.57 -50.70 -48.93
CA ALA G 50 2.61 -51.35 -48.03
C ALA G 50 2.55 -52.87 -48.22
N ALA G 51 3.59 -53.45 -48.83
CA ALA G 51 3.81 -54.89 -48.97
C ALA G 51 2.74 -55.60 -49.81
N SER G 52 1.76 -54.86 -50.32
CA SER G 52 0.71 -55.46 -51.14
C SER G 52 0.49 -54.71 -52.45
N THR G 53 0.60 -53.38 -52.44
CA THR G 53 0.28 -52.57 -53.60
C THR G 53 1.48 -52.46 -54.54
N LEU G 54 1.19 -52.08 -55.78
CA LEU G 54 2.19 -51.91 -56.82
C LEU G 54 2.10 -50.51 -57.41
N GLN G 55 3.25 -49.90 -57.66
CA GLN G 55 3.28 -48.58 -58.28
C GLN G 55 2.93 -48.68 -59.76
N SER G 56 2.46 -47.56 -60.31
CA SER G 56 2.05 -47.54 -61.71
C SER G 56 3.24 -47.71 -62.65
N GLY G 57 4.35 -47.02 -62.38
CA GLY G 57 5.51 -47.13 -63.24
C GLY G 57 6.28 -48.42 -63.07
N VAL G 58 6.14 -49.08 -61.93
CA VAL G 58 6.84 -50.35 -61.69
C VAL G 58 6.15 -51.46 -62.49
N PRO G 59 6.91 -52.27 -63.23
CA PRO G 59 6.28 -53.38 -63.94
C PRO G 59 5.71 -54.38 -62.96
N PRO G 60 4.65 -55.09 -63.35
CA PRO G 60 3.97 -56.02 -62.43
C PRO G 60 4.70 -57.34 -62.21
N ARG G 61 5.97 -57.47 -62.62
CA ARG G 61 6.72 -58.69 -62.38
C ARG G 61 7.10 -58.86 -60.92
N PHE G 62 7.05 -57.80 -60.13
CA PHE G 62 7.37 -57.87 -58.71
C PHE G 62 6.14 -58.20 -57.89
N SER G 63 6.36 -58.80 -56.73
CA SER G 63 5.26 -59.19 -55.85
C SER G 63 5.75 -59.20 -54.41
N GLY G 64 4.80 -59.11 -53.49
CA GLY G 64 5.10 -59.15 -52.06
C GLY G 64 3.94 -59.66 -51.25
N SER G 65 4.24 -60.38 -50.16
CA SER G 65 3.19 -60.96 -49.33
C SER G 65 3.74 -61.19 -47.93
N GLY G 66 3.19 -60.51 -46.94
CA GLY G 66 3.58 -60.71 -45.56
C GLY G 66 2.65 -60.01 -44.59
N SER G 67 2.19 -60.73 -43.57
CA SER G 67 1.20 -60.15 -42.66
C SER G 67 1.85 -59.31 -41.57
N GLY G 68 2.61 -59.94 -40.67
CA GLY G 68 3.21 -59.19 -39.58
C GLY G 68 4.71 -59.30 -39.41
N THR G 69 5.29 -60.43 -39.77
CA THR G 69 6.71 -60.62 -39.44
C THR G 69 7.55 -61.08 -40.63
N ASP G 70 7.02 -61.94 -41.48
CA ASP G 70 7.78 -62.54 -42.59
C ASP G 70 7.29 -61.96 -43.90
N PHE G 71 8.17 -61.23 -44.59
CA PHE G 71 7.86 -60.62 -45.87
C PHE G 71 8.75 -61.20 -46.96
N THR G 72 8.37 -60.98 -48.21
CA THR G 72 9.11 -61.52 -49.33
C THR G 72 8.97 -60.59 -50.54
N LEU G 73 9.91 -60.73 -51.46
CA LEU G 73 9.94 -59.98 -52.71
C LEU G 73 10.21 -60.91 -53.89
N THR G 74 9.44 -62.01 -53.94
CA THR G 74 9.61 -62.99 -54.99
C THR G 74 9.24 -62.42 -56.35
N ILE G 75 10.06 -62.71 -57.36
CA ILE G 75 9.87 -62.24 -58.72
C ILE G 75 9.68 -63.44 -59.63
N THR G 76 8.63 -63.40 -60.47
CA THR G 76 8.32 -64.53 -61.33
C THR G 76 9.41 -64.73 -62.39
N SER G 77 9.85 -63.64 -63.03
CA SER G 77 10.87 -63.72 -64.07
C SER G 77 11.93 -62.67 -63.79
N LEU G 78 13.19 -63.10 -63.72
CA LEU G 78 14.30 -62.21 -63.47
C LEU G 78 14.79 -61.60 -64.78
N GLN G 79 14.92 -60.27 -64.80
CA GLN G 79 15.36 -59.56 -65.99
C GLN G 79 16.76 -59.02 -65.81
N PRO G 80 17.58 -58.99 -66.87
CA PRO G 80 18.94 -58.45 -66.74
C PRO G 80 19.00 -56.95 -66.53
N GLU G 81 17.92 -56.22 -66.81
CA GLU G 81 17.94 -54.78 -66.65
C GLU G 81 17.95 -54.37 -65.19
N ASP G 82 17.24 -55.12 -64.34
CA ASP G 82 17.13 -54.79 -62.92
C ASP G 82 18.03 -55.73 -62.12
N PHE G 83 19.30 -55.34 -61.97
CA PHE G 83 20.28 -56.08 -61.16
C PHE G 83 20.89 -55.08 -60.19
N ALA G 84 20.27 -54.93 -59.03
CA ALA G 84 20.68 -53.94 -58.04
C ALA G 84 20.36 -54.46 -56.65
N SER G 85 20.54 -53.61 -55.65
CA SER G 85 20.29 -53.97 -54.26
C SER G 85 18.84 -53.66 -53.87
N TYR G 86 18.41 -54.25 -52.77
CA TYR G 86 17.06 -54.08 -52.26
C TYR G 86 17.10 -53.78 -50.77
N TYR G 87 16.16 -52.95 -50.32
CA TYR G 87 16.07 -52.55 -48.93
C TYR G 87 14.62 -52.62 -48.47
N CYS G 88 14.42 -53.02 -47.22
CA CYS G 88 13.10 -53.04 -46.59
C CYS G 88 13.03 -51.88 -45.60
N GLN G 89 12.08 -50.98 -45.80
CA GLN G 89 11.95 -49.77 -45.01
C GLN G 89 10.60 -49.75 -44.30
N GLN G 90 10.65 -49.58 -42.98
CA GLN G 90 9.45 -49.45 -42.16
C GLN G 90 9.58 -48.22 -41.29
N ALA G 91 8.55 -47.37 -41.30
CA ALA G 91 8.57 -46.12 -40.56
C ALA G 91 7.94 -46.30 -39.19
N ASN G 92 8.00 -45.25 -38.38
CA ASN G 92 7.45 -45.23 -37.03
C ASN G 92 6.32 -44.20 -36.96
N SER G 93 5.79 -44.02 -35.75
CA SER G 93 4.74 -43.02 -35.53
C SER G 93 5.25 -41.60 -35.68
N VAL G 94 6.55 -41.38 -35.51
CA VAL G 94 7.14 -40.05 -35.67
C VAL G 94 7.84 -39.93 -37.04
N LEU G 95 7.44 -40.73 -38.02
CA LEU G 95 8.03 -40.76 -39.36
C LEU G 95 9.53 -41.04 -39.30
N ALA G 96 9.93 -41.92 -38.39
CA ALA G 96 11.33 -42.33 -38.26
C ALA G 96 11.55 -43.55 -39.15
N LEU G 97 12.17 -43.33 -40.30
CA LEU G 97 12.41 -44.42 -41.24
C LEU G 97 13.49 -45.35 -40.70
N THR G 98 13.42 -46.62 -41.14
CA THR G 98 14.37 -47.64 -40.72
C THR G 98 14.72 -48.47 -41.95
N PHE G 99 15.91 -48.24 -42.51
CA PHE G 99 16.37 -48.94 -43.69
C PHE G 99 17.28 -50.09 -43.27
N GLY G 100 17.02 -51.28 -43.80
CA GLY G 100 17.79 -52.46 -43.50
C GLY G 100 18.98 -52.65 -44.41
N GLY G 101 19.51 -53.87 -44.41
CA GLY G 101 20.65 -54.19 -45.25
C GLY G 101 20.27 -54.33 -46.71
N GLY G 102 21.30 -54.41 -47.54
CA GLY G 102 21.14 -54.52 -48.98
C GLY G 102 21.49 -55.93 -49.46
N THR G 103 20.63 -56.48 -50.29
CA THR G 103 20.83 -57.81 -50.88
C THR G 103 21.05 -57.64 -52.38
N LYS G 104 22.18 -58.13 -52.88
CA LYS G 104 22.57 -57.98 -54.27
C LYS G 104 22.32 -59.27 -55.04
N VAL G 105 21.85 -59.12 -56.28
CA VAL G 105 21.59 -60.24 -57.17
C VAL G 105 22.64 -60.21 -58.28
N GLU G 106 23.32 -61.33 -58.49
CA GLU G 106 24.40 -61.41 -59.46
C GLU G 106 24.14 -62.54 -60.44
N ILE G 107 24.72 -62.40 -61.64
CA ILE G 107 24.59 -63.42 -62.67
C ILE G 107 25.51 -64.59 -62.34
N LYS G 108 24.96 -65.80 -62.42
CA LYS G 108 25.75 -67.00 -62.17
C LYS G 108 26.88 -67.13 -63.17
N ARG G 109 28.07 -67.49 -62.67
CA ARG G 109 29.28 -67.52 -63.47
C ARG G 109 30.04 -68.80 -63.18
N THR G 110 30.88 -69.20 -64.14
CA THR G 110 31.75 -70.35 -63.98
C THR G 110 32.77 -70.10 -62.86
N VAL G 111 33.10 -71.16 -62.13
CA VAL G 111 34.02 -71.05 -61.01
C VAL G 111 35.40 -70.60 -61.49
N ALA G 112 35.89 -71.20 -62.57
CA ALA G 112 37.18 -70.90 -63.22
C ALA G 112 38.29 -71.11 -62.17
N ALA G 113 39.29 -70.23 -62.13
CA ALA G 113 40.38 -70.37 -61.17
C ALA G 113 40.92 -68.99 -60.80
N PRO G 114 41.13 -68.73 -59.51
CA PRO G 114 41.72 -67.43 -59.11
C PRO G 114 43.21 -67.37 -59.37
N SER G 115 43.60 -67.01 -60.58
CA SER G 115 45.01 -66.92 -60.94
C SER G 115 45.71 -65.84 -60.11
N VAL G 116 46.88 -66.19 -59.58
CA VAL G 116 47.64 -65.30 -58.71
C VAL G 116 48.77 -64.67 -59.50
N PHE G 117 48.88 -63.35 -59.43
CA PHE G 117 49.92 -62.60 -60.13
C PHE G 117 50.65 -61.73 -59.11
N ILE G 118 51.88 -62.11 -58.77
CA ILE G 118 52.67 -61.36 -57.81
C ILE G 118 53.29 -60.15 -58.52
N PHE G 119 53.58 -59.11 -57.74
CA PHE G 119 54.16 -57.87 -58.28
C PHE G 119 55.05 -57.25 -57.22
N PRO G 120 56.37 -57.50 -57.30
CA PRO G 120 57.28 -56.83 -56.37
C PRO G 120 57.35 -55.35 -56.66
N PRO G 121 57.57 -54.52 -55.63
CA PRO G 121 57.73 -53.08 -55.87
C PRO G 121 59.02 -52.79 -56.64
N SER G 122 58.96 -51.74 -57.45
CA SER G 122 60.10 -51.36 -58.28
C SER G 122 61.12 -50.59 -57.45
N ASP G 123 62.29 -50.35 -58.07
CA ASP G 123 63.35 -49.62 -57.40
C ASP G 123 63.06 -48.14 -57.27
N GLU G 124 62.08 -47.62 -58.04
CA GLU G 124 61.70 -46.22 -57.90
C GLU G 124 61.05 -45.95 -56.56
N GLN G 125 60.27 -46.90 -56.04
CA GLN G 125 59.62 -46.75 -54.76
C GLN G 125 60.57 -46.91 -53.58
N LEU G 126 61.81 -47.35 -53.83
CA LEU G 126 62.78 -47.49 -52.74
C LEU G 126 63.15 -46.15 -52.14
N LYS G 127 63.30 -45.13 -52.97
CA LYS G 127 63.64 -43.79 -52.48
C LYS G 127 62.47 -43.06 -51.85
N SER G 128 61.24 -43.53 -52.07
CA SER G 128 60.06 -42.89 -51.49
C SER G 128 59.89 -43.21 -50.01
N GLY G 129 60.56 -44.24 -49.50
CA GLY G 129 60.46 -44.61 -48.11
C GLY G 129 59.30 -45.53 -47.77
N THR G 130 58.44 -45.85 -48.74
CA THR G 130 57.31 -46.73 -48.52
C THR G 130 57.39 -47.89 -49.51
N ALA G 131 57.16 -49.11 -49.01
CA ALA G 131 57.21 -50.31 -49.83
C ALA G 131 55.81 -50.93 -49.87
N SER G 132 55.30 -51.15 -51.08
CA SER G 132 53.99 -51.75 -51.28
C SER G 132 54.11 -52.92 -52.25
N VAL G 133 53.63 -54.08 -51.83
CA VAL G 133 53.65 -55.29 -52.64
C VAL G 133 52.24 -55.86 -52.67
N VAL G 134 51.76 -56.21 -53.87
CA VAL G 134 50.41 -56.70 -54.06
C VAL G 134 50.44 -58.02 -54.82
N CYS G 135 49.39 -58.80 -54.66
CA CYS G 135 49.15 -59.99 -55.47
C CYS G 135 47.75 -59.91 -56.06
N LEU G 136 47.63 -60.24 -57.34
CA LEU G 136 46.41 -60.01 -58.09
C LEU G 136 45.61 -61.29 -58.26
N LEU G 137 44.29 -61.14 -58.26
CA LEU G 137 43.36 -62.23 -58.52
C LEU G 137 42.44 -61.84 -59.67
N ASN G 138 42.30 -62.74 -60.64
CA ASN G 138 41.49 -62.48 -61.82
C ASN G 138 40.67 -63.72 -62.16
N ASN G 139 39.57 -63.49 -62.87
CA ASN G 139 38.61 -64.50 -63.34
C ASN G 139 38.29 -65.54 -62.26
N PHE G 140 37.84 -65.04 -61.12
CA PHE G 140 37.47 -65.88 -60.00
C PHE G 140 36.00 -65.67 -59.66
N TYR G 141 35.35 -66.75 -59.23
CA TYR G 141 33.94 -66.73 -58.86
C TYR G 141 33.65 -67.93 -58.00
N PRO G 142 32.89 -67.80 -56.90
CA PRO G 142 32.24 -66.57 -56.40
C PRO G 142 33.18 -65.70 -55.56
N ARG G 143 32.62 -64.83 -54.73
CA ARG G 143 33.41 -63.93 -53.90
C ARG G 143 34.18 -64.64 -52.79
N GLU G 144 33.86 -65.90 -52.51
CA GLU G 144 34.54 -66.63 -51.46
C GLU G 144 35.95 -67.04 -51.88
N ALA G 145 36.93 -66.21 -51.52
CA ALA G 145 38.33 -66.48 -51.85
C ALA G 145 39.21 -65.76 -50.84
N LYS G 146 39.99 -66.53 -50.08
CA LYS G 146 40.86 -65.94 -49.08
C LYS G 146 42.01 -65.19 -49.75
N VAL G 147 42.50 -64.15 -49.08
CA VAL G 147 43.51 -63.25 -49.64
C VAL G 147 44.62 -63.05 -48.62
N GLN G 148 44.63 -63.87 -47.57
CA GLN G 148 45.60 -63.72 -46.49
C GLN G 148 47.01 -63.98 -46.98
N TRP G 149 47.93 -63.11 -46.57
CA TRP G 149 49.32 -63.16 -47.00
C TRP G 149 50.15 -64.02 -46.06
N LYS G 150 51.29 -64.49 -46.57
CA LYS G 150 52.24 -65.28 -45.80
C LYS G 150 53.64 -64.76 -46.05
N VAL G 151 54.27 -64.22 -44.99
CA VAL G 151 55.62 -63.70 -45.05
C VAL G 151 56.47 -64.47 -44.04
N ASP G 152 57.58 -65.04 -44.52
CA ASP G 152 58.51 -65.83 -43.71
C ASP G 152 57.81 -66.99 -43.00
N ASN G 153 56.86 -67.63 -43.72
CA ASN G 153 56.07 -68.74 -43.21
C ASN G 153 55.33 -68.37 -41.91
N ALA G 154 54.79 -67.15 -41.88
CA ALA G 154 54.07 -66.65 -40.71
C ALA G 154 52.79 -65.99 -41.16
N LEU G 155 51.81 -65.95 -40.25
CA LEU G 155 50.51 -65.37 -40.53
C LEU G 155 50.51 -63.89 -40.20
N GLN G 156 49.96 -63.08 -41.11
CA GLN G 156 49.87 -61.63 -40.93
C GLN G 156 48.40 -61.23 -40.93
N SER G 157 48.01 -60.38 -39.99
CA SER G 157 46.65 -59.92 -39.85
C SER G 157 46.63 -58.41 -39.71
N GLY G 158 45.62 -57.78 -40.30
CA GLY G 158 45.49 -56.33 -40.25
C GLY G 158 46.58 -55.57 -40.99
N ASN G 159 46.96 -56.05 -42.18
CA ASN G 159 48.00 -55.40 -42.96
C ASN G 159 47.64 -55.20 -44.43
N SER G 160 46.51 -55.75 -44.90
CA SER G 160 46.11 -55.63 -46.29
C SER G 160 44.66 -55.16 -46.37
N GLN G 161 44.36 -54.41 -47.43
CA GLN G 161 43.02 -53.89 -47.67
C GLN G 161 42.49 -54.47 -48.96
N GLU G 162 41.27 -54.99 -48.92
CA GLU G 162 40.66 -55.61 -50.08
C GLU G 162 40.03 -54.56 -50.99
N SER G 163 40.11 -54.80 -52.30
CA SER G 163 39.52 -53.93 -53.31
C SER G 163 38.74 -54.78 -54.29
N VAL G 164 37.43 -54.62 -54.33
CA VAL G 164 36.54 -55.39 -55.19
C VAL G 164 35.98 -54.47 -56.26
N THR G 165 36.16 -54.84 -57.51
CA THR G 165 35.64 -54.08 -58.64
C THR G 165 34.22 -54.54 -58.98
N GLU G 166 33.53 -53.72 -59.78
CA GLU G 166 32.18 -54.05 -60.19
C GLU G 166 32.20 -55.08 -61.31
N GLN G 167 31.07 -55.77 -61.47
CA GLN G 167 30.95 -56.79 -62.50
C GLN G 167 30.82 -56.16 -63.87
N ASP G 168 31.62 -56.64 -64.82
CA ASP G 168 31.56 -56.12 -66.18
C ASP G 168 30.32 -56.63 -66.90
N SER G 169 29.90 -55.87 -67.92
CA SER G 169 28.71 -56.20 -68.69
C SER G 169 29.00 -57.16 -69.84
N LYS G 170 30.26 -57.56 -70.03
CA LYS G 170 30.61 -58.46 -71.12
C LYS G 170 30.49 -59.92 -70.72
N ASP G 171 31.16 -60.32 -69.62
CA ASP G 171 31.10 -61.70 -69.17
C ASP G 171 30.96 -61.84 -67.66
N SER G 172 30.80 -60.75 -66.92
CA SER G 172 30.64 -60.75 -65.46
C SER G 172 31.83 -61.44 -64.78
N THR G 173 33.01 -60.86 -64.95
CA THR G 173 34.25 -61.39 -64.41
C THR G 173 34.66 -60.56 -63.20
N TYR G 174 34.86 -61.23 -62.07
CA TYR G 174 35.28 -60.57 -60.85
C TYR G 174 36.80 -60.43 -60.80
N SER G 175 37.26 -59.38 -60.13
CA SER G 175 38.68 -59.12 -59.95
C SER G 175 38.94 -58.71 -58.51
N LEU G 176 40.05 -59.18 -57.96
CA LEU G 176 40.42 -58.90 -56.58
C LEU G 176 41.88 -58.44 -56.52
N SER G 177 42.15 -57.54 -55.57
CA SER G 177 43.50 -57.03 -55.37
C SER G 177 43.63 -56.54 -53.93
N SER G 178 44.69 -56.96 -53.26
CA SER G 178 44.95 -56.57 -51.88
C SER G 178 46.25 -55.78 -51.83
N THR G 179 46.21 -54.61 -51.18
CA THR G 179 47.35 -53.72 -51.07
C THR G 179 47.93 -53.81 -49.66
N LEU G 180 49.21 -54.14 -49.56
CA LEU G 180 49.92 -54.22 -48.29
C LEU G 180 50.96 -53.12 -48.22
N THR G 181 50.90 -52.32 -47.16
CA THR G 181 51.79 -51.19 -46.96
C THR G 181 52.73 -51.48 -45.81
N LEU G 182 54.03 -51.30 -46.05
CA LEU G 182 55.04 -51.51 -45.01
C LEU G 182 56.17 -50.51 -45.22
N SER G 183 56.87 -50.23 -44.12
CA SER G 183 57.98 -49.29 -44.16
C SER G 183 59.20 -49.94 -44.82
N LYS G 184 60.15 -49.09 -45.23
CA LYS G 184 61.36 -49.59 -45.86
C LYS G 184 62.28 -50.29 -44.86
N ALA G 185 62.18 -49.94 -43.58
CA ALA G 185 62.98 -50.62 -42.56
C ALA G 185 62.55 -52.07 -42.40
N ASP G 186 61.24 -52.33 -42.42
CA ASP G 186 60.72 -53.69 -42.33
C ASP G 186 60.77 -54.43 -43.66
N TYR G 187 60.96 -53.72 -44.77
CA TYR G 187 61.03 -54.38 -46.07
C TYR G 187 62.28 -55.23 -46.20
N GLU G 188 63.42 -54.73 -45.71
CA GLU G 188 64.66 -55.49 -45.78
C GLU G 188 64.79 -56.53 -44.67
N LYS G 189 63.93 -56.48 -43.66
CA LYS G 189 64.00 -57.47 -42.58
C LYS G 189 63.45 -58.83 -43.02
N HIS G 190 62.55 -58.84 -44.00
CA HIS G 190 61.94 -60.07 -44.49
C HIS G 190 62.51 -60.44 -45.84
N LYS G 191 62.54 -61.74 -46.13
CA LYS G 191 63.08 -62.26 -47.37
C LYS G 191 62.07 -62.98 -48.23
N VAL G 192 61.05 -63.60 -47.64
CA VAL G 192 60.06 -64.38 -48.37
C VAL G 192 58.69 -63.75 -48.15
N TYR G 193 57.98 -63.48 -49.24
CA TYR G 193 56.64 -62.94 -49.20
C TYR G 193 55.75 -63.71 -50.18
N ALA G 194 54.52 -63.99 -49.75
CA ALA G 194 53.58 -64.72 -50.59
C ALA G 194 52.17 -64.49 -50.08
N CYS G 195 51.20 -64.76 -50.95
CA CYS G 195 49.79 -64.75 -50.58
C CYS G 195 49.14 -66.02 -51.14
N GLU G 196 48.26 -66.61 -50.34
CA GLU G 196 47.62 -67.88 -50.69
C GLU G 196 46.12 -67.68 -50.85
N VAL G 197 45.54 -68.35 -51.84
CA VAL G 197 44.13 -68.24 -52.16
C VAL G 197 43.52 -69.63 -52.18
N THR G 198 42.40 -69.81 -51.50
CA THR G 198 41.65 -71.06 -51.51
C THR G 198 40.33 -70.85 -52.24
N HIS G 199 39.98 -71.80 -53.10
CA HIS G 199 38.78 -71.67 -53.93
C HIS G 199 38.14 -73.04 -54.11
N GLN G 200 36.86 -73.02 -54.48
CA GLN G 200 36.13 -74.25 -54.73
C GLN G 200 36.63 -74.95 -55.99
N GLY G 201 37.02 -74.20 -57.00
CA GLY G 201 37.47 -74.76 -58.26
C GLY G 201 38.89 -75.28 -58.26
N LEU G 202 39.63 -75.11 -57.19
CA LEU G 202 41.00 -75.59 -57.08
C LEU G 202 41.02 -76.81 -56.16
N SER G 203 41.61 -77.91 -56.65
CA SER G 203 41.75 -79.10 -55.83
C SER G 203 42.68 -78.85 -54.65
N SER G 204 43.76 -78.11 -54.86
CA SER G 204 44.70 -77.75 -53.82
C SER G 204 44.97 -76.25 -53.89
N PRO G 205 45.24 -75.61 -52.75
CA PRO G 205 45.59 -74.19 -52.77
C PRO G 205 46.91 -73.96 -53.50
N VAL G 206 46.97 -72.83 -54.20
CA VAL G 206 48.16 -72.43 -54.93
C VAL G 206 48.75 -71.19 -54.26
N THR G 207 50.08 -71.10 -54.28
CA THR G 207 50.80 -69.98 -53.68
C THR G 207 52.06 -69.71 -54.49
N LYS G 208 52.31 -68.43 -54.76
CA LYS G 208 53.50 -68.01 -55.49
C LYS G 208 54.43 -67.27 -54.54
N SER G 209 55.64 -67.79 -54.34
CA SER G 209 56.62 -67.20 -53.45
C SER G 209 57.86 -66.82 -54.25
N PHE G 210 58.28 -65.56 -54.12
CA PHE G 210 59.44 -65.04 -54.83
C PHE G 210 60.26 -64.20 -53.88
N ASN G 211 61.46 -63.83 -54.33
CA ASN G 211 62.36 -63.01 -53.54
C ASN G 211 62.09 -61.53 -53.80
N ARG G 212 62.89 -60.67 -53.16
CA ARG G 212 62.75 -59.23 -53.35
C ARG G 212 63.09 -58.81 -54.77
N GLY G 213 63.96 -59.56 -55.44
CA GLY G 213 64.33 -59.29 -56.82
C GLY G 213 65.70 -58.64 -56.92
N GLU G 214 66.72 -59.45 -57.21
CA GLU G 214 68.11 -59.05 -57.32
C GLU G 214 68.91 -60.26 -57.78
N CYS G 215 70.11 -59.99 -58.29
CA CYS G 215 71.02 -61.05 -58.69
C CYS G 215 72.47 -60.56 -58.69
N GLU H 1 -10.05 32.52 -66.13
CA GLU H 1 -8.80 31.80 -66.39
C GLU H 1 -8.78 30.46 -65.68
N VAL H 2 -9.96 29.90 -65.43
CA VAL H 2 -10.10 28.62 -64.75
C VAL H 2 -10.33 27.53 -65.78
N GLN H 3 -9.93 26.30 -65.42
CA GLN H 3 -10.11 25.15 -66.30
C GLN H 3 -10.11 23.90 -65.44
N LEU H 4 -11.19 23.14 -65.49
CA LEU H 4 -11.33 21.92 -64.70
C LEU H 4 -11.65 20.76 -65.63
N VAL H 5 -10.95 19.64 -65.44
CA VAL H 5 -11.15 18.44 -66.24
C VAL H 5 -11.45 17.28 -65.32
N GLU H 6 -12.22 16.32 -65.83
CA GLU H 6 -12.62 15.15 -65.07
C GLU H 6 -12.35 13.89 -65.88
N SER H 7 -12.10 12.79 -65.16
CA SER H 7 -11.81 11.51 -65.79
C SER H 7 -12.23 10.39 -64.84
N GLY H 8 -12.41 9.21 -65.41
CA GLY H 8 -12.80 8.03 -64.66
C GLY H 8 -14.20 7.55 -64.95
N GLY H 9 -14.98 8.27 -65.77
CA GLY H 9 -16.33 7.83 -66.07
C GLY H 9 -16.35 6.63 -67.01
N GLY H 10 -17.44 5.90 -66.93
CA GLY H 10 -17.61 4.73 -67.78
C GLY H 10 -18.71 3.83 -67.24
N LEU H 11 -18.71 2.59 -67.73
CA LEU H 11 -19.69 1.59 -67.34
C LEU H 11 -19.10 0.68 -66.27
N ILE H 12 -19.84 0.47 -65.19
CA ILE H 12 -19.38 -0.35 -64.07
C ILE H 12 -20.59 -0.99 -63.40
N GLN H 13 -20.34 -2.07 -62.67
CA GLN H 13 -21.38 -2.81 -61.96
C GLN H 13 -21.84 -2.03 -60.72
N PRO H 14 -23.09 -2.24 -60.29
CA PRO H 14 -23.53 -1.60 -59.03
C PRO H 14 -22.73 -2.04 -57.82
N GLY H 15 -22.29 -3.30 -57.78
CA GLY H 15 -21.50 -3.80 -56.67
C GLY H 15 -20.01 -3.64 -56.88
N GLY H 16 -19.54 -2.40 -56.91
CA GLY H 16 -18.13 -2.14 -57.12
C GLY H 16 -17.74 -0.79 -56.57
N SER H 17 -16.45 -0.50 -56.66
CA SER H 17 -15.88 0.76 -56.18
C SER H 17 -15.35 1.56 -57.36
N LEU H 18 -15.68 2.84 -57.40
CA LEU H 18 -15.24 3.73 -58.46
C LEU H 18 -14.57 4.95 -57.87
N ARG H 19 -13.44 5.35 -58.47
CA ARG H 19 -12.67 6.50 -58.02
C ARG H 19 -12.61 7.53 -59.14
N LEU H 20 -12.99 8.76 -58.83
CA LEU H 20 -12.97 9.85 -59.80
C LEU H 20 -11.69 10.67 -59.66
N SER H 21 -11.48 11.57 -60.62
CA SER H 21 -10.28 12.40 -60.63
C SER H 21 -10.64 13.74 -61.25
N CYS H 22 -10.65 14.79 -60.44
CA CYS H 22 -10.91 16.15 -60.88
C CYS H 22 -9.64 16.97 -60.70
N ALA H 23 -9.18 17.60 -61.78
CA ALA H 23 -7.92 18.34 -61.78
C ALA H 23 -8.19 19.82 -62.01
N ALA H 24 -7.45 20.67 -61.29
CA ALA H 24 -7.53 22.11 -61.43
C ALA H 24 -6.20 22.64 -61.94
N SER H 25 -6.26 23.52 -62.94
CA SER H 25 -5.05 24.07 -63.55
C SER H 25 -4.55 25.29 -62.79
N GLY H 26 -5.39 26.32 -62.68
CA GLY H 26 -4.99 27.54 -62.02
C GLY H 26 -5.55 27.69 -60.61
N LEU H 27 -6.02 26.59 -60.03
CA LEU H 27 -6.61 26.59 -58.71
C LEU H 27 -5.94 25.55 -57.83
N THR H 28 -5.75 25.89 -56.56
CA THR H 28 -5.19 24.97 -55.58
C THR H 28 -6.27 24.04 -55.05
N VAL H 29 -5.82 22.94 -54.43
CA VAL H 29 -6.73 21.92 -53.92
C VAL H 29 -6.90 21.98 -52.41
N SER H 30 -6.39 23.04 -51.77
CA SER H 30 -6.55 23.17 -50.32
C SER H 30 -6.82 24.62 -49.91
N SER H 31 -7.41 25.42 -50.80
CA SER H 31 -7.63 26.83 -50.47
C SER H 31 -8.98 27.37 -50.96
N ASN H 32 -9.94 26.50 -51.27
CA ASN H 32 -11.23 26.98 -51.75
C ASN H 32 -12.30 25.95 -51.45
N TYR H 33 -13.55 26.41 -51.46
CA TYR H 33 -14.70 25.54 -51.28
C TYR H 33 -15.06 24.89 -52.61
N MET H 34 -15.20 23.56 -52.57
CA MET H 34 -15.53 22.82 -53.77
C MET H 34 -16.85 22.11 -53.61
N HIS H 35 -17.60 22.01 -54.70
CA HIS H 35 -18.90 21.35 -54.70
C HIS H 35 -18.94 20.31 -55.81
N TRP H 36 -19.57 19.18 -55.52
CA TRP H 36 -19.77 18.10 -56.49
C TRP H 36 -21.25 18.08 -56.84
N VAL H 37 -21.62 18.88 -57.83
CA VAL H 37 -23.01 19.00 -58.27
C VAL H 37 -23.27 17.97 -59.36
N ARG H 38 -24.26 17.11 -59.15
CA ARG H 38 -24.59 16.03 -60.06
C ARG H 38 -25.99 16.27 -60.62
N GLN H 39 -26.10 16.27 -61.95
CA GLN H 39 -27.37 16.52 -62.63
C GLN H 39 -27.82 15.26 -63.36
N ALA H 40 -29.05 14.83 -63.07
CA ALA H 40 -29.61 13.67 -63.73
C ALA H 40 -29.94 13.99 -65.19
N PRO H 41 -29.85 13.01 -66.08
CA PRO H 41 -30.22 13.25 -67.49
C PRO H 41 -31.72 13.46 -67.61
N GLY H 42 -32.09 14.57 -68.23
CA GLY H 42 -33.49 14.96 -68.36
C GLY H 42 -34.07 15.66 -67.15
N LYS H 43 -33.28 15.86 -66.09
CA LYS H 43 -33.72 16.53 -64.88
C LYS H 43 -32.73 17.65 -64.55
N GLY H 44 -33.04 18.39 -63.48
CA GLY H 44 -32.19 19.48 -63.05
C GLY H 44 -30.99 18.99 -62.25
N LEU H 45 -30.19 19.96 -61.81
CA LEU H 45 -29.01 19.65 -61.02
C LEU H 45 -29.41 19.24 -59.60
N GLU H 46 -28.48 18.59 -58.91
CA GLU H 46 -28.69 18.16 -57.54
C GLU H 46 -27.38 18.17 -56.80
N TRP H 47 -27.40 18.67 -55.57
CA TRP H 47 -26.22 18.69 -54.72
C TRP H 47 -25.94 17.30 -54.17
N VAL H 48 -24.67 16.95 -54.04
CA VAL H 48 -24.27 15.64 -53.55
C VAL H 48 -23.36 15.79 -52.33
N SER H 49 -22.25 16.52 -52.50
CA SER H 49 -21.27 16.65 -51.43
C SER H 49 -20.53 17.97 -51.56
N VAL H 50 -19.93 18.39 -50.45
CA VAL H 50 -19.13 19.61 -50.41
C VAL H 50 -17.90 19.35 -49.55
N LEU H 51 -16.79 19.97 -49.91
CA LEU H 51 -15.56 19.90 -49.13
C LEU H 51 -14.99 21.31 -48.97
N TYR H 52 -14.38 21.54 -47.82
CA TYR H 52 -13.83 22.85 -47.47
C TYR H 52 -12.33 22.88 -47.73
N ALA H 53 -11.72 24.03 -47.42
CA ALA H 53 -10.27 24.17 -47.58
C ALA H 53 -9.51 23.31 -46.57
N GLY H 54 -10.09 23.09 -45.39
CA GLY H 54 -9.50 22.25 -44.37
C GLY H 54 -9.88 20.80 -44.52
N GLY H 55 -9.70 20.05 -43.44
CA GLY H 55 -10.04 18.64 -43.42
C GLY H 55 -11.46 18.36 -42.98
N SER H 56 -12.43 18.92 -43.69
CA SER H 56 -13.84 18.72 -43.37
C SER H 56 -14.63 18.52 -44.65
N ALA H 57 -15.70 17.73 -44.55
CA ALA H 57 -16.56 17.47 -45.70
C ALA H 57 -17.98 17.23 -45.21
N PHE H 58 -18.95 17.43 -46.10
CA PHE H 58 -20.35 17.24 -45.79
C PHE H 58 -21.03 16.54 -46.96
N TYR H 59 -22.13 15.85 -46.65
CA TYR H 59 -22.91 15.12 -47.63
C TYR H 59 -24.39 15.40 -47.42
N ALA H 60 -25.18 15.10 -48.46
CA ALA H 60 -26.62 15.31 -48.39
C ALA H 60 -27.28 14.17 -47.61
N ASP H 61 -28.61 14.24 -47.50
CA ASP H 61 -29.34 13.24 -46.74
C ASP H 61 -29.35 11.89 -47.45
N SER H 62 -29.56 11.90 -48.77
CA SER H 62 -29.62 10.65 -49.53
C SER H 62 -28.26 10.02 -49.75
N VAL H 63 -27.18 10.79 -49.66
CA VAL H 63 -25.84 10.28 -49.92
C VAL H 63 -24.95 10.50 -48.70
N LYS H 64 -25.54 10.45 -47.51
CA LYS H 64 -24.78 10.65 -46.28
C LYS H 64 -23.75 9.55 -46.08
N GLY H 65 -24.15 8.30 -46.30
CA GLY H 65 -23.23 7.18 -46.21
C GLY H 65 -22.52 6.91 -47.52
N ARG H 66 -21.73 5.83 -47.53
CA ARG H 66 -20.99 5.28 -48.66
C ARG H 66 -20.26 6.33 -49.50
N PHE H 67 -19.77 7.40 -48.86
CA PHE H 67 -19.08 8.48 -49.55
C PHE H 67 -17.82 8.86 -48.79
N THR H 68 -16.73 9.06 -49.54
CA THR H 68 -15.46 9.47 -48.98
C THR H 68 -14.79 10.47 -49.91
N ILE H 69 -14.24 11.54 -49.33
CA ILE H 69 -13.54 12.58 -50.07
C ILE H 69 -12.13 12.69 -49.51
N SER H 70 -11.14 12.60 -50.40
CA SER H 70 -9.73 12.68 -50.01
C SER H 70 -8.97 13.42 -51.10
N ARG H 71 -8.63 14.67 -50.84
CA ARG H 71 -7.88 15.48 -51.79
C ARG H 71 -6.41 15.09 -51.77
N ASN H 72 -5.69 15.50 -52.82
CA ASN H 72 -4.27 15.21 -52.96
C ASN H 72 -3.55 16.49 -53.35
N ASN H 73 -2.64 16.94 -52.49
CA ASN H 73 -1.87 18.15 -52.73
C ASN H 73 -0.62 17.92 -53.57
N SER H 74 -0.24 16.66 -53.80
CA SER H 74 0.99 16.37 -54.54
C SER H 74 0.85 16.71 -56.02
N LYS H 75 -0.25 16.28 -56.64
CA LYS H 75 -0.48 16.49 -58.06
C LYS H 75 -1.57 17.50 -58.36
N ASN H 76 -2.09 18.17 -57.33
CA ASN H 76 -3.15 19.17 -57.45
C ASN H 76 -4.39 18.59 -58.14
N THR H 77 -4.92 17.53 -57.54
CA THR H 77 -6.08 16.84 -58.07
C THR H 77 -7.06 16.54 -56.95
N LEU H 78 -8.33 16.40 -57.31
CA LEU H 78 -9.41 16.09 -56.38
C LEU H 78 -9.92 14.68 -56.67
N TYR H 79 -10.02 13.87 -55.62
CA TYR H 79 -10.43 12.48 -55.73
C TYR H 79 -11.73 12.25 -54.98
N LEU H 80 -12.67 11.57 -55.63
CA LEU H 80 -13.93 11.18 -55.01
C LEU H 80 -14.11 9.68 -55.21
N GLN H 81 -14.38 8.98 -54.11
CA GLN H 81 -14.49 7.52 -54.11
C GLN H 81 -15.91 7.11 -53.75
N MET H 82 -16.49 6.22 -54.54
CA MET H 82 -17.84 5.71 -54.35
C MET H 82 -17.73 4.21 -54.08
N ASN H 83 -17.80 3.81 -52.81
CA ASN H 83 -17.63 2.40 -52.48
C ASN H 83 -18.86 1.58 -52.85
N SER H 84 -20.05 2.18 -52.79
CA SER H 84 -21.28 1.50 -53.15
C SER H 84 -22.07 2.37 -54.11
N LEU H 85 -22.75 1.72 -55.05
CA LEU H 85 -23.51 2.40 -56.09
C LEU H 85 -24.90 1.80 -56.19
N ARG H 86 -25.85 2.62 -56.65
CA ARG H 86 -27.23 2.22 -56.86
C ARG H 86 -27.62 2.48 -58.31
N ALA H 87 -28.84 2.06 -58.65
CA ALA H 87 -29.33 2.22 -60.02
C ALA H 87 -29.67 3.67 -60.34
N GLU H 88 -29.96 4.49 -59.34
CA GLU H 88 -30.29 5.89 -59.55
C GLU H 88 -29.07 6.79 -59.61
N ASP H 89 -27.87 6.24 -59.41
CA ASP H 89 -26.66 7.05 -59.37
C ASP H 89 -26.14 7.45 -60.75
N THR H 90 -26.72 6.93 -61.82
CA THR H 90 -26.28 7.30 -63.16
C THR H 90 -26.77 8.72 -63.48
N ALA H 91 -25.83 9.59 -63.82
CA ALA H 91 -26.07 11.01 -64.08
C ALA H 91 -24.78 11.61 -64.64
N ILE H 92 -24.77 12.94 -64.79
CA ILE H 92 -23.59 13.69 -65.19
C ILE H 92 -23.27 14.70 -64.10
N TYR H 93 -22.02 14.71 -63.64
CA TYR H 93 -21.58 15.59 -62.58
C TYR H 93 -20.41 16.45 -63.04
N TYR H 94 -20.25 17.60 -62.39
CA TYR H 94 -19.20 18.56 -62.72
C TYR H 94 -18.51 18.99 -61.44
N CYS H 95 -17.21 18.73 -61.34
CA CYS H 95 -16.42 19.27 -60.23
C CYS H 95 -16.17 20.76 -60.45
N ALA H 96 -16.13 21.50 -59.35
CA ALA H 96 -16.00 22.95 -59.43
C ALA H 96 -15.48 23.50 -58.11
N ARG H 97 -15.08 24.76 -58.14
CA ARG H 97 -14.65 25.51 -56.97
C ARG H 97 -15.49 26.77 -56.84
N GLY H 98 -15.75 27.19 -55.60
CA GLY H 98 -16.60 28.33 -55.40
C GLY H 98 -16.41 28.95 -54.03
N LEU H 99 -17.13 30.04 -53.80
CA LEU H 99 -17.08 30.79 -52.55
C LEU H 99 -18.23 30.35 -51.65
N GLY H 100 -18.44 31.10 -50.56
CA GLY H 100 -19.54 30.80 -49.66
C GLY H 100 -20.87 31.21 -50.24
N ASP H 101 -21.87 30.32 -50.05
CA ASP H 101 -23.28 30.47 -50.43
C ASP H 101 -23.51 30.48 -51.94
N TYR H 102 -22.47 30.47 -52.77
CA TYR H 102 -22.61 30.42 -54.21
C TYR H 102 -21.28 30.01 -54.82
N LEU H 103 -21.35 29.41 -56.00
CA LEU H 103 -20.17 29.02 -56.76
C LEU H 103 -20.31 29.50 -58.19
N ASP H 104 -19.20 29.97 -58.76
CA ASP H 104 -19.18 30.53 -60.11
C ASP H 104 -18.41 29.69 -61.12
N SER H 105 -17.29 29.10 -60.70
CA SER H 105 -16.49 28.27 -61.60
C SER H 105 -17.22 26.97 -61.90
N TRP H 106 -16.91 26.38 -63.05
CA TRP H 106 -17.56 25.16 -63.51
C TRP H 106 -16.60 24.38 -64.39
N GLY H 107 -16.86 23.08 -64.52
CA GLY H 107 -16.01 22.20 -65.28
C GLY H 107 -16.82 21.27 -66.17
N GLN H 108 -16.11 20.41 -66.88
CA GLN H 108 -16.74 19.46 -67.79
C GLN H 108 -17.39 18.33 -67.00
N GLY H 109 -17.99 17.39 -67.74
CA GLY H 109 -18.67 16.27 -67.11
C GLY H 109 -18.36 14.98 -67.81
N THR H 110 -18.38 13.90 -67.03
CA THR H 110 -18.16 12.54 -67.54
C THR H 110 -19.41 11.71 -67.28
N LEU H 111 -19.90 11.04 -68.31
CA LEU H 111 -21.11 10.23 -68.20
C LEU H 111 -20.78 8.87 -67.62
N VAL H 112 -21.57 8.44 -66.64
CA VAL H 112 -21.42 7.13 -66.00
C VAL H 112 -22.72 6.36 -66.18
N THR H 113 -22.60 5.10 -66.58
CA THR H 113 -23.74 4.22 -66.75
C THR H 113 -23.58 3.01 -65.83
N VAL H 114 -24.58 2.74 -65.02
CA VAL H 114 -24.58 1.62 -64.10
C VAL H 114 -25.82 0.76 -64.36
N SER H 115 -25.60 -0.53 -64.58
CA SER H 115 -26.67 -1.48 -64.87
C SER H 115 -26.13 -2.89 -64.69
N SER H 116 -27.05 -3.86 -64.76
CA SER H 116 -26.69 -5.27 -64.69
C SER H 116 -26.52 -5.91 -66.05
N ALA H 117 -26.64 -5.15 -67.13
CA ALA H 117 -26.51 -5.68 -68.48
C ALA H 117 -25.08 -5.54 -68.98
N SER H 118 -24.86 -5.89 -70.24
CA SER H 118 -23.54 -5.82 -70.86
C SER H 118 -23.73 -5.33 -72.29
N THR H 119 -22.67 -5.45 -73.10
CA THR H 119 -22.73 -5.02 -74.48
C THR H 119 -23.61 -5.96 -75.29
N LYS H 120 -24.51 -5.37 -76.09
CA LYS H 120 -25.44 -6.14 -76.91
C LYS H 120 -25.54 -5.49 -78.29
N GLY H 121 -25.50 -6.31 -79.33
CA GLY H 121 -25.59 -5.84 -80.69
C GLY H 121 -26.94 -5.22 -80.99
N PRO H 122 -26.95 -4.17 -81.82
CA PRO H 122 -28.21 -3.48 -82.13
C PRO H 122 -29.01 -4.24 -83.18
N SER H 123 -30.32 -4.33 -82.95
CA SER H 123 -31.23 -4.96 -83.89
C SER H 123 -31.96 -3.88 -84.68
N VAL H 124 -31.86 -3.93 -85.99
CA VAL H 124 -32.44 -2.92 -86.87
C VAL H 124 -33.59 -3.56 -87.63
N PHE H 125 -34.77 -2.94 -87.53
CA PHE H 125 -35.96 -3.42 -88.21
C PHE H 125 -36.52 -2.30 -89.09
N PRO H 126 -36.83 -2.59 -90.35
CA PRO H 126 -37.31 -1.53 -91.25
C PRO H 126 -38.73 -1.10 -90.92
N LEU H 127 -39.04 0.14 -91.32
CA LEU H 127 -40.36 0.71 -91.13
C LEU H 127 -40.97 0.95 -92.51
N ALA H 128 -41.93 0.10 -92.89
CA ALA H 128 -42.54 0.19 -94.21
C ALA H 128 -43.52 1.35 -94.24
N PRO H 129 -43.33 2.33 -95.13
CA PRO H 129 -44.29 3.43 -95.22
C PRO H 129 -45.60 3.00 -95.84
N SER H 130 -46.69 3.62 -95.41
CA SER H 130 -48.00 3.32 -95.94
C SER H 130 -48.18 3.96 -97.31
N SER H 131 -49.04 3.34 -98.12
CA SER H 131 -49.31 3.84 -99.46
C SER H 131 -50.55 4.74 -99.47
N THR H 138 -46.43 13.31 -99.51
CA THR H 138 -45.21 13.04 -98.76
C THR H 138 -45.31 11.72 -98.01
N ALA H 139 -44.17 11.23 -97.52
CA ALA H 139 -44.13 9.96 -96.79
C ALA H 139 -42.96 9.99 -95.82
N ALA H 140 -43.01 9.09 -94.84
CA ALA H 140 -41.98 8.96 -93.83
C ALA H 140 -41.38 7.56 -93.88
N LEU H 141 -40.05 7.50 -93.79
CA LEU H 141 -39.33 6.23 -93.84
C LEU H 141 -38.22 6.26 -92.80
N GLY H 142 -37.85 5.08 -92.32
CA GLY H 142 -36.78 4.99 -91.34
C GLY H 142 -36.59 3.57 -90.87
N CYS H 143 -35.70 3.41 -89.90
CA CYS H 143 -35.41 2.14 -89.28
C CYS H 143 -35.39 2.31 -87.77
N LEU H 144 -35.78 1.25 -87.05
CA LEU H 144 -35.87 1.27 -85.60
C LEU H 144 -34.74 0.44 -85.01
N VAL H 145 -34.01 1.04 -84.06
CA VAL H 145 -32.94 0.36 -83.34
C VAL H 145 -33.50 -0.11 -82.00
N LYS H 146 -33.45 -1.42 -81.77
CA LYS H 146 -34.04 -2.02 -80.57
C LYS H 146 -33.03 -2.96 -79.92
N ASP H 147 -33.02 -2.97 -78.59
CA ASP H 147 -32.19 -3.86 -77.78
C ASP H 147 -30.70 -3.67 -78.08
N TYR H 148 -30.22 -2.46 -77.78
CA TYR H 148 -28.81 -2.14 -77.94
C TYR H 148 -28.28 -1.50 -76.67
N PHE H 149 -26.97 -1.63 -76.45
CA PHE H 149 -26.31 -1.13 -75.26
C PHE H 149 -24.83 -1.03 -75.56
N PRO H 150 -24.13 0.01 -75.07
CA PRO H 150 -24.62 1.17 -74.31
C PRO H 150 -24.72 2.46 -75.13
N GLU H 151 -25.00 3.56 -74.44
CA GLU H 151 -25.00 4.87 -75.07
C GLU H 151 -23.58 5.24 -75.53
N PRO H 152 -23.43 5.88 -76.69
CA PRO H 152 -24.42 6.24 -77.69
C PRO H 152 -24.34 5.45 -79.00
N VAL H 153 -25.27 5.70 -79.93
CA VAL H 153 -25.27 5.09 -81.24
C VAL H 153 -25.58 6.16 -82.27
N THR H 154 -24.74 6.22 -83.31
CA THR H 154 -24.90 7.17 -84.40
C THR H 154 -25.59 6.49 -85.57
N VAL H 155 -26.25 7.30 -86.41
CA VAL H 155 -26.95 6.81 -87.59
C VAL H 155 -26.58 7.69 -88.77
N SER H 156 -26.76 7.16 -89.98
CA SER H 156 -26.46 7.88 -91.20
C SER H 156 -27.34 7.37 -92.32
N TRP H 157 -27.71 8.26 -93.22
CA TRP H 157 -28.57 7.94 -94.36
C TRP H 157 -27.77 8.12 -95.64
N ASN H 158 -27.72 7.05 -96.45
CA ASN H 158 -27.00 7.02 -97.73
C ASN H 158 -25.53 7.40 -97.54
N SER H 159 -24.92 6.89 -96.46
CA SER H 159 -23.53 7.18 -96.08
C SER H 159 -23.30 8.69 -95.94
N GLY H 160 -24.27 9.37 -95.34
CA GLY H 160 -24.16 10.80 -95.10
C GLY H 160 -24.59 11.68 -96.25
N ALA H 161 -25.06 11.10 -97.37
CA ALA H 161 -25.49 11.92 -98.50
C ALA H 161 -26.79 12.65 -98.19
N LEU H 162 -27.72 12.00 -97.48
CA LEU H 162 -29.00 12.60 -97.15
C LEU H 162 -28.89 13.29 -95.79
N THR H 163 -29.11 14.61 -95.78
CA THR H 163 -29.04 15.39 -94.55
C THR H 163 -30.25 16.27 -94.32
N SER H 164 -31.24 16.24 -95.21
CA SER H 164 -32.44 17.06 -95.09
C SER H 164 -33.58 16.23 -94.52
N GLY H 165 -34.25 16.77 -93.50
CA GLY H 165 -35.35 16.07 -92.87
C GLY H 165 -34.96 14.97 -91.91
N VAL H 166 -33.70 14.88 -91.51
CA VAL H 166 -33.25 13.83 -90.61
C VAL H 166 -33.64 14.21 -89.18
N HIS H 167 -34.37 13.34 -88.52
CA HIS H 167 -34.81 13.54 -87.14
C HIS H 167 -34.41 12.30 -86.33
N THR H 168 -33.30 12.40 -85.61
CA THR H 168 -32.79 11.29 -84.79
C THR H 168 -33.29 11.48 -83.36
N PHE H 169 -34.21 10.61 -82.95
CA PHE H 169 -34.75 10.69 -81.61
C PHE H 169 -33.71 10.23 -80.59
N PRO H 170 -33.69 10.83 -79.40
CA PRO H 170 -32.73 10.41 -78.37
C PRO H 170 -33.08 9.04 -77.81
N ALA H 171 -32.08 8.42 -77.19
CA ALA H 171 -32.26 7.09 -76.60
C ALA H 171 -33.20 7.15 -75.41
N VAL H 172 -34.02 6.12 -75.28
CA VAL H 172 -34.96 5.98 -74.18
C VAL H 172 -34.69 4.64 -73.49
N LEU H 173 -34.67 4.66 -72.16
CA LEU H 173 -34.39 3.46 -71.39
C LEU H 173 -35.66 2.66 -71.18
N GLN H 174 -35.64 1.39 -71.58
CA GLN H 174 -36.79 0.51 -71.43
C GLN H 174 -36.77 -0.15 -70.06
N SER H 175 -37.81 -0.93 -69.78
CA SER H 175 -37.89 -1.64 -68.51
C SER H 175 -36.96 -2.85 -68.45
N SER H 176 -36.47 -3.33 -69.59
CA SER H 176 -35.57 -4.47 -69.64
C SER H 176 -34.11 -4.08 -69.48
N GLY H 177 -33.81 -2.79 -69.33
CA GLY H 177 -32.45 -2.34 -69.18
C GLY H 177 -31.69 -2.10 -70.47
N LEU H 178 -32.37 -2.10 -71.61
CA LEU H 178 -31.74 -1.86 -72.91
C LEU H 178 -32.39 -0.66 -73.57
N TYR H 179 -31.57 0.18 -74.18
CA TYR H 179 -32.04 1.42 -74.79
C TYR H 179 -32.71 1.15 -76.13
N SER H 180 -33.52 2.11 -76.57
CA SER H 180 -34.20 2.06 -77.86
C SER H 180 -34.02 3.39 -78.57
N LEU H 181 -33.86 3.33 -79.89
CA LEU H 181 -33.64 4.51 -80.71
C LEU H 181 -34.45 4.40 -81.98
N SER H 182 -35.03 5.53 -82.40
CA SER H 182 -35.81 5.60 -83.63
C SER H 182 -35.29 6.75 -84.49
N SER H 183 -35.21 6.51 -85.80
CA SER H 183 -34.76 7.51 -86.75
C SER H 183 -35.68 7.51 -87.95
N VAL H 184 -36.13 8.70 -88.35
CA VAL H 184 -37.04 8.86 -89.48
C VAL H 184 -36.56 10.02 -90.35
N VAL H 185 -36.97 9.98 -91.62
CA VAL H 185 -36.68 11.04 -92.58
C VAL H 185 -37.93 11.33 -93.39
N THR H 186 -37.94 12.49 -94.03
CA THR H 186 -39.06 12.90 -94.89
C THR H 186 -38.69 12.65 -96.34
N VAL H 187 -39.52 11.88 -97.04
CA VAL H 187 -39.25 11.51 -98.42
C VAL H 187 -40.54 11.66 -99.24
N PRO H 188 -40.48 12.31 -100.41
CA PRO H 188 -41.66 12.40 -101.26
C PRO H 188 -42.06 11.04 -101.81
N SER H 189 -43.36 10.88 -102.07
CA SER H 189 -43.87 9.62 -102.57
C SER H 189 -43.47 9.35 -104.02
N SER H 190 -43.10 10.38 -104.77
CA SER H 190 -42.72 10.19 -106.16
C SER H 190 -41.33 9.57 -106.30
N SER H 191 -40.49 9.67 -105.27
CA SER H 191 -39.15 9.11 -105.30
C SER H 191 -39.04 7.80 -104.51
N LEU H 192 -40.17 7.20 -104.13
CA LEU H 192 -40.12 5.95 -103.37
C LEU H 192 -39.62 4.80 -104.23
N GLY H 193 -40.07 4.72 -105.48
CA GLY H 193 -39.67 3.66 -106.38
C GLY H 193 -38.45 3.94 -107.23
N THR H 194 -37.79 5.09 -107.02
CA THR H 194 -36.62 5.47 -107.80
C THR H 194 -35.33 5.34 -107.02
N GLN H 195 -35.27 5.92 -105.82
CA GLN H 195 -34.06 5.91 -105.00
C GLN H 195 -34.17 4.85 -103.90
N THR H 196 -33.02 4.29 -103.54
CA THR H 196 -32.92 3.30 -102.47
C THR H 196 -32.29 3.95 -101.25
N TYR H 197 -32.91 3.77 -100.09
CA TYR H 197 -32.47 4.38 -98.85
C TYR H 197 -32.02 3.30 -97.88
N ILE H 198 -30.75 3.37 -97.46
CA ILE H 198 -30.18 2.43 -96.52
C ILE H 198 -29.64 3.22 -95.32
N CYS H 199 -30.02 2.81 -94.12
CA CYS H 199 -29.57 3.46 -92.90
C CYS H 199 -28.51 2.59 -92.23
N ASN H 200 -27.40 3.23 -91.83
CA ASN H 200 -26.28 2.53 -91.21
C ASN H 200 -26.30 2.77 -89.70
N VAL H 201 -26.29 1.69 -88.93
CA VAL H 201 -26.28 1.75 -87.47
C VAL H 201 -25.02 1.05 -86.99
N ASN H 202 -24.19 1.77 -86.23
CA ASN H 202 -22.95 1.21 -85.73
C ASN H 202 -22.53 1.99 -84.49
N HIS H 203 -21.75 1.33 -83.63
CA HIS H 203 -21.19 1.98 -82.46
C HIS H 203 -19.92 1.24 -82.03
N LYS H 204 -19.05 1.97 -81.33
CA LYS H 204 -17.74 1.44 -80.96
C LYS H 204 -17.76 0.24 -80.01
N PRO H 205 -18.53 0.23 -78.90
CA PRO H 205 -18.39 -0.88 -77.94
C PRO H 205 -18.70 -2.27 -78.49
N SER H 206 -19.52 -2.38 -79.55
CA SER H 206 -19.81 -3.68 -80.13
C SER H 206 -19.12 -3.94 -81.46
N ASN H 207 -18.72 -2.88 -82.17
CA ASN H 207 -18.03 -2.98 -83.46
C ASN H 207 -18.82 -3.79 -84.47
N THR H 208 -20.10 -3.42 -84.63
CA THR H 208 -21.00 -4.08 -85.56
C THR H 208 -21.47 -3.10 -86.62
N LYS H 209 -21.41 -3.53 -87.88
CA LYS H 209 -21.83 -2.71 -89.01
C LYS H 209 -22.87 -3.49 -89.80
N VAL H 210 -24.14 -3.07 -89.71
CA VAL H 210 -25.24 -3.72 -90.39
C VAL H 210 -25.86 -2.72 -91.36
N ASP H 211 -25.94 -3.10 -92.63
CA ASP H 211 -26.54 -2.27 -93.68
C ASP H 211 -27.83 -2.94 -94.13
N LYS H 212 -28.96 -2.41 -93.67
CA LYS H 212 -30.28 -2.95 -93.99
C LYS H 212 -31.09 -1.90 -94.74
N LYS H 213 -31.67 -2.32 -95.85
CA LYS H 213 -32.48 -1.41 -96.64
C LYS H 213 -33.93 -1.47 -96.24
N VAL H 214 -34.67 -0.44 -96.57
CA VAL H 214 -36.11 -0.37 -96.29
C VAL H 214 -36.84 -0.24 -97.61
N GLU H 215 -37.77 -1.16 -97.87
CA GLU H 215 -38.53 -1.18 -99.11
C GLU H 215 -40.01 -1.34 -98.79
N PRO H 216 -40.88 -0.46 -99.29
CA PRO H 216 -42.33 -0.60 -99.06
C PRO H 216 -42.98 -1.65 -99.96
N LYS H 217 -42.69 -2.91 -99.68
CA LYS H 217 -43.22 -4.03 -100.45
C LYS H 217 -43.72 -5.10 -99.50
N SER H 218 -44.16 -6.22 -100.07
CA SER H 218 -44.71 -7.37 -99.35
C SER H 218 -45.91 -6.98 -98.50
N CYS H 219 -46.22 -7.79 -97.49
CA CYS H 219 -47.36 -7.52 -96.62
C CYS H 219 -47.02 -7.96 -95.20
N ASP H 220 -47.47 -7.16 -94.24
CA ASP H 220 -47.28 -7.38 -92.79
C ASP H 220 -45.87 -7.80 -92.40
N ASP I 1 -35.19 19.97 -45.32
CA ASP I 1 -35.86 21.04 -44.59
C ASP I 1 -36.43 22.09 -45.53
N ILE I 2 -35.69 22.40 -46.58
CA ILE I 2 -36.09 23.40 -47.58
C ILE I 2 -36.37 22.68 -48.90
N GLN I 3 -37.44 23.12 -49.57
CA GLN I 3 -37.82 22.58 -50.86
C GLN I 3 -37.97 23.74 -51.85
N MET I 4 -37.76 23.45 -53.13
CA MET I 4 -37.68 24.47 -54.16
C MET I 4 -38.76 24.16 -55.20
N THR I 5 -39.62 25.15 -55.46
CA THR I 5 -40.64 25.07 -56.50
C THR I 5 -40.52 26.29 -57.41
N GLN I 6 -40.55 26.05 -58.72
CA GLN I 6 -40.50 27.10 -59.72
C GLN I 6 -41.82 27.13 -60.48
N SER I 7 -42.46 28.30 -60.52
CA SER I 7 -43.73 28.43 -61.22
C SER I 7 -43.62 28.18 -62.73
N PRO I 8 -42.69 28.79 -63.48
CA PRO I 8 -42.63 28.47 -64.91
C PRO I 8 -41.75 27.27 -65.22
N SER I 9 -42.19 26.48 -66.18
CA SER I 9 -41.45 25.31 -66.64
C SER I 9 -41.09 25.37 -68.12
N SER I 10 -42.02 25.81 -68.97
CA SER I 10 -41.77 25.94 -70.40
C SER I 10 -42.49 27.19 -70.89
N VAL I 11 -41.73 28.21 -71.27
CA VAL I 11 -42.28 29.48 -71.72
C VAL I 11 -41.73 29.81 -73.10
N SER I 12 -42.53 30.52 -73.88
CA SER I 12 -42.15 30.93 -75.23
C SER I 12 -42.26 32.45 -75.33
N ALA I 13 -41.22 33.07 -75.88
CA ALA I 13 -41.20 34.52 -76.04
C ALA I 13 -40.43 34.88 -77.30
N SER I 14 -40.68 36.09 -77.80
CA SER I 14 -40.03 36.58 -79.00
C SER I 14 -38.72 37.27 -78.62
N VAL I 15 -38.10 37.95 -79.58
CA VAL I 15 -36.85 38.66 -79.32
C VAL I 15 -37.10 39.85 -78.40
N GLY I 16 -38.13 40.63 -78.70
CA GLY I 16 -38.47 41.79 -77.88
C GLY I 16 -39.50 41.48 -76.81
N ASP I 17 -39.13 40.60 -75.87
CA ASP I 17 -40.04 40.21 -74.81
C ASP I 17 -39.24 39.88 -73.55
N ARG I 18 -39.91 39.92 -72.42
CA ARG I 18 -39.31 39.59 -71.13
C ARG I 18 -39.79 38.20 -70.70
N VAL I 19 -38.82 37.33 -70.37
CA VAL I 19 -39.17 35.95 -70.04
C VAL I 19 -39.90 35.85 -68.70
N THR I 20 -39.56 36.74 -67.75
CA THR I 20 -40.23 36.87 -66.46
C THR I 20 -40.29 35.54 -65.70
N ILE I 21 -39.15 34.87 -65.60
CA ILE I 21 -39.05 33.63 -64.82
C ILE I 21 -38.99 33.98 -63.34
N THR I 22 -39.88 33.38 -62.56
CA THR I 22 -39.98 33.65 -61.13
C THR I 22 -39.46 32.46 -60.33
N CYS I 23 -38.81 32.77 -59.21
CA CYS I 23 -38.22 31.77 -58.33
C CYS I 23 -38.81 31.91 -56.93
N ARG I 24 -39.33 30.81 -56.39
CA ARG I 24 -39.98 30.81 -55.09
C ARG I 24 -39.33 29.77 -54.18
N ALA I 25 -39.14 30.15 -52.92
CA ALA I 25 -38.53 29.26 -51.93
C ALA I 25 -39.51 29.03 -50.79
N SER I 26 -39.36 27.87 -50.13
CA SER I 26 -40.24 27.52 -49.02
C SER I 26 -40.03 28.46 -47.84
N GLN I 27 -38.78 28.78 -47.53
CA GLN I 27 -38.46 29.68 -46.43
C GLN I 27 -37.78 30.94 -46.98
N GLY I 28 -38.05 32.07 -46.32
CA GLY I 28 -37.49 33.34 -46.73
C GLY I 28 -35.97 33.40 -46.63
N ILE I 29 -35.33 33.78 -47.73
CA ILE I 29 -33.88 33.92 -47.79
C ILE I 29 -33.55 35.31 -48.31
N GLY I 30 -32.65 36.02 -47.62
CA GLY I 30 -32.36 37.40 -47.97
C GLY I 30 -31.15 37.60 -48.86
N SER I 31 -31.40 37.75 -50.16
CA SER I 31 -30.39 38.13 -51.15
C SER I 31 -29.21 37.16 -51.18
N TRP I 32 -29.50 35.86 -51.11
CA TRP I 32 -28.49 34.81 -51.22
C TRP I 32 -28.87 33.80 -52.29
N LEU I 33 -29.27 34.31 -53.46
CA LEU I 33 -29.71 33.50 -54.58
C LEU I 33 -28.85 33.78 -55.80
N ALA I 34 -28.54 32.72 -56.55
CA ALA I 34 -27.74 32.83 -57.76
C ALA I 34 -28.43 32.11 -58.90
N TRP I 35 -28.23 32.59 -60.12
CA TRP I 35 -28.86 32.04 -61.31
C TRP I 35 -27.82 31.45 -62.24
N TYR I 36 -28.23 30.44 -63.01
CA TYR I 36 -27.35 29.71 -63.90
C TYR I 36 -27.97 29.61 -65.28
N GLN I 37 -27.15 29.24 -66.26
CA GLN I 37 -27.59 29.06 -67.64
C GLN I 37 -26.84 27.86 -68.21
N GLN I 38 -27.52 26.71 -68.27
CA GLN I 38 -26.92 25.47 -68.74
C GLN I 38 -27.50 25.13 -70.12
N LYS I 39 -26.67 25.22 -71.15
CA LYS I 39 -27.07 24.81 -72.48
C LYS I 39 -27.07 23.29 -72.59
N PRO I 40 -27.91 22.72 -73.44
CA PRO I 40 -27.91 21.26 -73.65
C PRO I 40 -26.60 20.81 -74.27
N GLY I 41 -25.91 19.89 -73.60
CA GLY I 41 -24.62 19.43 -74.03
C GLY I 41 -23.45 20.32 -73.65
N LYS I 42 -23.70 21.39 -72.90
CA LYS I 42 -22.68 22.33 -72.48
C LYS I 42 -22.71 22.46 -70.97
N ALA I 43 -21.53 22.62 -70.37
CA ALA I 43 -21.42 22.80 -68.93
C ALA I 43 -22.11 24.10 -68.51
N PRO I 44 -22.74 24.12 -67.33
CA PRO I 44 -23.43 25.33 -66.89
C PRO I 44 -22.46 26.45 -66.56
N GLN I 45 -23.01 27.67 -66.47
CA GLN I 45 -22.25 28.84 -66.08
C GLN I 45 -23.13 29.75 -65.24
N LEU I 46 -22.49 30.49 -64.34
CA LEU I 46 -23.21 31.44 -63.49
C LEU I 46 -23.61 32.67 -64.28
N LEU I 47 -24.78 33.22 -63.96
CA LEU I 47 -25.26 34.45 -64.59
C LEU I 47 -25.24 35.62 -63.61
N ILE I 48 -25.92 35.50 -62.47
CA ILE I 48 -25.88 36.50 -61.40
C ILE I 48 -25.68 35.76 -60.09
N TYR I 49 -25.23 36.51 -59.08
CA TYR I 49 -25.08 35.98 -57.73
C TYR I 49 -25.58 37.00 -56.73
N ALA I 50 -26.10 36.50 -55.61
CA ALA I 50 -26.71 37.27 -54.52
C ALA I 50 -27.94 38.06 -54.96
N ALA I 51 -28.46 37.79 -56.16
CA ALA I 51 -29.69 38.36 -56.71
C ALA I 51 -29.66 39.88 -56.81
N SER I 52 -28.49 40.51 -56.69
CA SER I 52 -28.41 41.97 -56.75
C SER I 52 -27.36 42.47 -57.73
N THR I 53 -26.22 41.78 -57.85
CA THR I 53 -25.10 42.22 -58.66
C THR I 53 -24.99 41.36 -59.91
N LEU I 54 -23.93 41.60 -60.68
CA LEU I 54 -23.76 41.02 -62.00
C LEU I 54 -22.32 40.58 -62.20
N GLN I 55 -22.13 39.43 -62.84
CA GLN I 55 -20.80 38.92 -63.13
C GLN I 55 -20.14 39.78 -64.22
N SER I 56 -18.81 39.84 -64.18
CA SER I 56 -18.06 40.68 -65.09
C SER I 56 -18.17 40.19 -66.53
N GLY I 57 -18.03 38.88 -66.74
CA GLY I 57 -18.09 38.34 -68.09
C GLY I 57 -19.49 38.18 -68.64
N VAL I 58 -20.50 38.14 -67.77
CA VAL I 58 -21.89 37.96 -68.18
C VAL I 58 -22.40 39.29 -68.74
N PRO I 59 -23.11 39.28 -69.88
CA PRO I 59 -23.64 40.53 -70.41
C PRO I 59 -24.68 41.12 -69.48
N PRO I 60 -24.84 42.44 -69.45
CA PRO I 60 -25.73 43.08 -68.47
C PRO I 60 -27.21 43.02 -68.82
N ARG I 61 -27.61 42.19 -69.79
CA ARG I 61 -29.04 42.06 -70.09
C ARG I 61 -29.80 41.38 -68.96
N PHE I 62 -29.18 40.41 -68.29
CA PHE I 62 -29.83 39.73 -67.18
C PHE I 62 -29.87 40.63 -65.95
N SER I 63 -30.98 40.56 -65.22
CA SER I 63 -31.15 41.35 -64.01
C SER I 63 -32.11 40.62 -63.07
N GLY I 64 -32.05 40.99 -61.80
CA GLY I 64 -32.91 40.38 -60.79
C GLY I 64 -33.05 41.28 -59.59
N SER I 65 -34.20 41.14 -58.92
CA SER I 65 -34.49 41.95 -57.73
C SER I 65 -35.46 41.18 -56.85
N GLY I 66 -34.96 40.63 -55.75
CA GLY I 66 -35.80 39.92 -54.81
C GLY I 66 -35.34 40.07 -53.38
N SER I 67 -36.22 40.51 -52.49
CA SER I 67 -35.81 40.79 -51.12
C SER I 67 -35.78 39.53 -50.26
N GLY I 68 -36.95 38.94 -50.00
CA GLY I 68 -36.97 37.77 -49.14
C GLY I 68 -37.64 36.52 -49.69
N THR I 69 -38.65 36.68 -50.53
CA THR I 69 -39.42 35.50 -50.94
C THR I 69 -39.59 35.38 -52.45
N ASP I 70 -39.79 36.49 -53.16
CA ASP I 70 -40.09 36.47 -54.59
C ASP I 70 -38.88 36.97 -55.35
N PHE I 71 -38.38 36.15 -56.27
CA PHE I 71 -37.22 36.48 -57.08
C PHE I 71 -37.59 36.38 -58.56
N THR I 72 -36.83 37.08 -59.39
CA THR I 72 -37.12 37.12 -60.81
C THR I 72 -35.82 37.27 -61.60
N LEU I 73 -35.88 36.92 -62.87
CA LEU I 73 -34.76 37.03 -63.81
C LEU I 73 -35.23 37.66 -65.11
N THR I 74 -35.93 38.79 -65.00
CA THR I 74 -36.43 39.49 -66.17
C THR I 74 -35.27 39.99 -67.04
N ILE I 75 -35.39 39.79 -68.35
CA ILE I 75 -34.37 40.16 -69.31
C ILE I 75 -34.95 41.22 -70.24
N THR I 76 -34.21 42.33 -70.38
CA THR I 76 -34.69 43.42 -71.23
C THR I 76 -34.70 43.02 -72.70
N SER I 77 -33.62 42.42 -73.18
CA SER I 77 -33.50 42.00 -74.57
C SER I 77 -33.10 40.53 -74.61
N LEU I 78 -33.99 39.70 -75.17
CA LEU I 78 -33.74 38.27 -75.28
C LEU I 78 -32.97 37.98 -76.56
N GLN I 79 -31.84 37.30 -76.44
CA GLN I 79 -30.99 36.97 -77.56
C GLN I 79 -31.12 35.50 -77.93
N PRO I 80 -30.93 35.15 -79.21
CA PRO I 80 -30.98 33.72 -79.59
C PRO I 80 -29.85 32.89 -78.99
N GLU I 81 -28.76 33.51 -78.53
CA GLU I 81 -27.64 32.73 -78.00
C GLU I 81 -27.96 32.18 -76.62
N ASP I 82 -28.65 32.95 -75.78
CA ASP I 82 -28.93 32.55 -74.40
C ASP I 82 -30.29 31.85 -74.31
N PHE I 83 -30.42 30.77 -75.06
CA PHE I 83 -31.61 29.91 -75.04
C PHE I 83 -31.20 28.61 -74.33
N ALA I 84 -31.35 28.60 -73.01
CA ALA I 84 -30.93 27.46 -72.21
C ALA I 84 -31.83 27.35 -70.99
N SER I 85 -31.49 26.45 -70.09
CA SER I 85 -32.25 26.25 -68.86
C SER I 85 -31.78 27.22 -67.77
N TYR I 86 -32.64 27.43 -66.79
CA TYR I 86 -32.36 28.36 -65.70
C TYR I 86 -32.65 27.71 -64.37
N TYR I 87 -31.76 27.94 -63.40
CA TYR I 87 -31.91 27.41 -62.05
C TYR I 87 -31.56 28.50 -61.05
N CYS I 88 -32.23 28.48 -59.91
CA CYS I 88 -31.91 29.35 -58.78
C CYS I 88 -31.54 28.48 -57.58
N GLN I 89 -30.36 28.75 -57.01
CA GLN I 89 -29.77 27.91 -55.99
C GLN I 89 -29.55 28.71 -54.71
N GLN I 90 -29.88 28.09 -53.57
CA GLN I 90 -29.65 28.68 -52.26
C GLN I 90 -28.94 27.67 -51.38
N ALA I 91 -27.92 28.14 -50.65
CA ALA I 91 -27.13 27.28 -49.79
C ALA I 91 -27.59 27.40 -48.34
N ASN I 92 -27.05 26.50 -47.50
CA ASN I 92 -27.36 26.45 -46.09
C ASN I 92 -26.15 26.85 -45.27
N SER I 93 -26.26 26.73 -43.94
CA SER I 93 -25.15 27.09 -43.05
C SER I 93 -24.00 26.10 -43.14
N VAL I 94 -24.24 24.89 -43.64
CA VAL I 94 -23.19 23.88 -43.78
C VAL I 94 -22.84 23.74 -45.26
N LEU I 95 -23.05 24.81 -46.02
CA LEU I 95 -22.79 24.85 -47.46
C LEU I 95 -23.54 23.75 -48.20
N ALA I 96 -24.80 23.52 -47.80
CA ALA I 96 -25.65 22.52 -48.43
C ALA I 96 -26.41 23.18 -49.58
N LEU I 97 -25.99 22.89 -50.81
CA LEU I 97 -26.64 23.46 -51.97
C LEU I 97 -28.00 22.82 -52.20
N THR I 98 -28.87 23.56 -52.89
CA THR I 98 -30.21 23.09 -53.21
C THR I 98 -30.56 23.57 -54.62
N PHE I 99 -30.39 22.69 -55.60
CA PHE I 99 -30.75 22.99 -56.99
C PHE I 99 -32.14 22.43 -57.29
N GLY I 100 -32.86 23.11 -58.17
CA GLY I 100 -34.22 22.77 -58.50
C GLY I 100 -34.41 22.36 -59.94
N GLY I 101 -35.67 22.43 -60.39
CA GLY I 101 -36.00 22.04 -61.75
C GLY I 101 -35.57 23.07 -62.77
N GLY I 102 -35.68 22.68 -64.04
CA GLY I 102 -35.22 23.50 -65.15
C GLY I 102 -36.38 24.16 -65.87
N THR I 103 -36.22 25.44 -66.16
CA THR I 103 -37.17 26.20 -66.97
C THR I 103 -36.52 26.48 -68.31
N LYS I 104 -37.18 26.05 -69.39
CA LYS I 104 -36.64 26.14 -70.74
C LYS I 104 -37.41 27.18 -71.54
N VAL I 105 -36.67 27.98 -72.31
CA VAL I 105 -37.24 29.01 -73.17
C VAL I 105 -37.09 28.56 -74.61
N GLU I 106 -38.20 28.52 -75.34
CA GLU I 106 -38.22 28.05 -76.71
C GLU I 106 -38.75 29.14 -77.63
N ILE I 107 -38.28 29.12 -78.88
CA ILE I 107 -38.71 30.10 -79.87
C ILE I 107 -40.14 29.79 -80.30
N LYS I 108 -40.94 30.83 -80.49
CA LYS I 108 -42.32 30.66 -80.93
C LYS I 108 -42.37 30.11 -82.35
N ARG I 109 -43.38 29.27 -82.59
CA ARG I 109 -43.52 28.59 -83.87
C ARG I 109 -44.99 28.49 -84.22
N THR I 110 -45.27 28.26 -85.50
CA THR I 110 -46.62 28.04 -85.96
C THR I 110 -47.19 26.75 -85.38
N VAL I 111 -48.50 26.75 -85.15
CA VAL I 111 -49.17 25.59 -84.55
C VAL I 111 -49.08 24.39 -85.48
N ALA I 112 -49.32 24.62 -86.77
CA ALA I 112 -49.23 23.62 -87.86
C ALA I 112 -50.20 22.47 -87.55
N ALA I 113 -49.83 21.22 -87.84
CA ALA I 113 -50.73 20.09 -87.65
C ALA I 113 -49.93 18.83 -87.33
N PRO I 114 -50.40 17.99 -86.41
CA PRO I 114 -49.68 16.75 -86.08
C PRO I 114 -49.92 15.64 -87.09
N SER I 115 -49.12 15.62 -88.16
CA SER I 115 -49.24 14.55 -89.15
C SER I 115 -48.89 13.21 -88.54
N VAL I 116 -49.85 12.28 -88.58
CA VAL I 116 -49.71 10.97 -87.98
C VAL I 116 -49.29 9.97 -89.05
N PHE I 117 -48.21 9.23 -88.78
CA PHE I 117 -47.68 8.25 -89.72
C PHE I 117 -47.56 6.92 -89.00
N ILE I 118 -48.46 5.98 -89.31
CA ILE I 118 -48.43 4.66 -88.69
C ILE I 118 -47.33 3.83 -89.34
N PHE I 119 -46.80 2.87 -88.58
CA PHE I 119 -45.72 2.00 -89.06
C PHE I 119 -45.93 0.60 -88.48
N PRO I 120 -46.47 -0.33 -89.26
CA PRO I 120 -46.60 -1.70 -88.77
C PRO I 120 -45.23 -2.36 -88.66
N PRO I 121 -45.07 -3.33 -87.77
CA PRO I 121 -43.80 -4.04 -87.68
C PRO I 121 -43.54 -4.88 -88.92
N SER I 122 -42.25 -5.02 -89.24
CA SER I 122 -41.84 -5.75 -90.43
C SER I 122 -41.87 -7.27 -90.17
N ASP I 123 -41.77 -8.03 -91.26
CA ASP I 123 -41.79 -9.49 -91.16
C ASP I 123 -40.49 -10.04 -90.58
N GLU I 124 -39.40 -9.26 -90.62
CA GLU I 124 -38.15 -9.72 -90.03
C GLU I 124 -38.24 -9.80 -88.51
N GLN I 125 -39.02 -8.91 -87.89
CA GLN I 125 -39.18 -8.91 -86.44
C GLN I 125 -40.05 -10.04 -85.93
N LEU I 126 -40.73 -10.76 -86.82
CA LEU I 126 -41.57 -11.88 -86.39
C LEU I 126 -40.72 -13.02 -85.83
N LYS I 127 -39.55 -13.25 -86.43
CA LYS I 127 -38.66 -14.31 -85.95
C LYS I 127 -38.07 -13.98 -84.59
N SER I 128 -37.86 -12.68 -84.30
CA SER I 128 -37.28 -12.28 -83.03
C SER I 128 -38.21 -12.53 -81.84
N GLY I 129 -39.51 -12.64 -82.08
CA GLY I 129 -40.47 -12.90 -81.02
C GLY I 129 -41.00 -11.67 -80.33
N THR I 130 -40.53 -10.48 -80.69
CA THR I 130 -41.00 -9.22 -80.11
C THR I 130 -41.60 -8.36 -81.21
N ALA I 131 -42.78 -7.81 -80.95
CA ALA I 131 -43.50 -6.98 -81.90
C ALA I 131 -43.56 -5.55 -81.38
N SER I 132 -43.08 -4.61 -82.20
CA SER I 132 -43.09 -3.19 -81.85
C SER I 132 -43.79 -2.42 -82.96
N VAL I 133 -44.78 -1.61 -82.60
CA VAL I 133 -45.52 -0.79 -83.53
C VAL I 133 -45.51 0.65 -83.03
N VAL I 134 -45.20 1.59 -83.93
CA VAL I 134 -45.05 2.99 -83.59
C VAL I 134 -45.90 3.83 -84.53
N CYS I 135 -46.25 5.04 -84.06
CA CYS I 135 -46.88 6.05 -84.89
C CYS I 135 -46.11 7.35 -84.71
N LEU I 136 -45.87 8.05 -85.83
CA LEU I 136 -44.98 9.20 -85.86
C LEU I 136 -45.75 10.50 -85.83
N LEU I 137 -45.17 11.49 -85.16
CA LEU I 137 -45.70 12.85 -85.12
C LEU I 137 -44.63 13.82 -85.60
N ASN I 138 -45.00 14.72 -86.50
CA ASN I 138 -44.07 15.67 -87.08
C ASN I 138 -44.75 17.02 -87.23
N ASN I 139 -43.92 18.07 -87.29
CA ASN I 139 -44.29 19.48 -87.42
C ASN I 139 -45.50 19.84 -86.55
N PHE I 140 -45.32 19.65 -85.25
CA PHE I 140 -46.34 19.96 -84.26
C PHE I 140 -45.79 20.95 -83.25
N TYR I 141 -46.66 21.83 -82.75
CA TYR I 141 -46.28 22.86 -81.78
C TYR I 141 -47.57 23.35 -81.12
N PRO I 142 -47.59 23.51 -79.79
CA PRO I 142 -46.51 23.28 -78.83
C PRO I 142 -46.38 21.83 -78.39
N ARG I 143 -45.75 21.60 -77.24
CA ARG I 143 -45.47 20.24 -76.76
C ARG I 143 -46.71 19.52 -76.22
N GLU I 144 -47.85 20.20 -76.09
CA GLU I 144 -49.03 19.56 -75.51
C GLU I 144 -49.62 18.55 -76.48
N ALA I 145 -49.06 17.34 -76.51
CA ALA I 145 -49.44 16.33 -77.50
C ALA I 145 -49.93 15.09 -76.78
N LYS I 146 -51.13 14.66 -77.10
CA LYS I 146 -51.63 13.39 -76.58
C LYS I 146 -51.14 12.25 -77.46
N VAL I 147 -50.59 11.21 -76.80
CA VAL I 147 -49.97 10.08 -77.48
C VAL I 147 -50.68 8.77 -77.15
N GLN I 148 -51.85 8.84 -76.51
CA GLN I 148 -52.58 7.65 -76.10
C GLN I 148 -52.98 6.80 -77.30
N TRP I 149 -52.74 5.49 -77.18
CA TRP I 149 -53.02 4.54 -78.24
C TRP I 149 -54.37 3.86 -78.00
N LYS I 150 -55.07 3.56 -79.10
CA LYS I 150 -56.35 2.86 -79.05
C LYS I 150 -56.20 1.53 -79.77
N VAL I 151 -56.36 0.43 -79.05
CA VAL I 151 -56.25 -0.92 -79.60
C VAL I 151 -57.56 -1.63 -79.34
N ASP I 152 -58.22 -2.09 -80.40
CA ASP I 152 -59.50 -2.80 -80.33
C ASP I 152 -60.56 -1.97 -79.61
N ASN I 153 -60.54 -0.66 -79.86
CA ASN I 153 -61.46 0.30 -79.23
C ASN I 153 -61.39 0.24 -77.70
N ALA I 154 -60.17 0.10 -77.18
CA ALA I 154 -59.95 0.02 -75.74
C ALA I 154 -58.78 0.91 -75.36
N LEU I 155 -58.78 1.34 -74.10
CA LEU I 155 -57.73 2.22 -73.59
C LEU I 155 -56.50 1.41 -73.23
N GLN I 156 -55.33 1.91 -73.63
CA GLN I 156 -54.05 1.28 -73.32
C GLN I 156 -53.20 2.26 -72.50
N SER I 157 -52.72 1.80 -71.35
CA SER I 157 -51.92 2.63 -70.46
C SER I 157 -50.70 1.85 -69.99
N GLY I 158 -49.61 2.57 -69.77
CA GLY I 158 -48.38 1.96 -69.30
C GLY I 158 -47.73 1.00 -70.28
N ASN I 159 -47.78 1.33 -71.58
CA ASN I 159 -47.17 0.48 -72.59
C ASN I 159 -46.36 1.24 -73.63
N SER I 160 -46.35 2.58 -73.58
CA SER I 160 -45.64 3.38 -74.56
C SER I 160 -44.70 4.34 -73.85
N GLN I 161 -43.52 4.55 -74.43
CA GLN I 161 -42.52 5.47 -73.91
C GLN I 161 -42.29 6.57 -74.94
N GLU I 162 -42.35 7.83 -74.48
CA GLU I 162 -42.22 8.96 -75.37
C GLU I 162 -40.75 9.27 -75.64
N SER I 163 -40.48 9.75 -76.85
CA SER I 163 -39.13 10.15 -77.27
C SER I 163 -39.24 11.52 -77.94
N VAL I 164 -38.67 12.53 -77.32
CA VAL I 164 -38.75 13.91 -77.79
C VAL I 164 -37.36 14.33 -78.27
N THR I 165 -37.27 14.72 -79.54
CA THR I 165 -36.02 15.22 -80.07
C THR I 165 -35.83 16.69 -79.71
N GLU I 166 -34.59 17.16 -79.84
CA GLU I 166 -34.28 18.55 -79.55
C GLU I 166 -34.71 19.45 -80.71
N GLN I 167 -34.86 20.74 -80.40
CA GLN I 167 -35.27 21.70 -81.40
C GLN I 167 -34.12 21.96 -82.38
N ASP I 168 -34.42 21.86 -83.67
CA ASP I 168 -33.41 22.10 -84.69
C ASP I 168 -33.13 23.60 -84.84
N SER I 169 -31.95 23.91 -85.35
CA SER I 169 -31.51 25.28 -85.52
C SER I 169 -31.98 25.91 -86.82
N LYS I 170 -32.70 25.15 -87.66
CA LYS I 170 -33.17 25.67 -88.95
C LYS I 170 -34.50 26.42 -88.79
N ASP I 171 -35.53 25.72 -88.30
CA ASP I 171 -36.84 26.34 -88.13
C ASP I 171 -37.52 25.96 -86.81
N SER I 172 -36.81 25.29 -85.90
CA SER I 172 -37.33 24.90 -84.58
C SER I 172 -38.58 24.02 -84.72
N THR I 173 -38.39 22.85 -85.32
CA THR I 173 -39.46 21.90 -85.56
C THR I 173 -39.37 20.76 -84.54
N TYR I 174 -40.51 20.43 -83.94
CA TYR I 174 -40.59 19.36 -82.95
C TYR I 174 -41.04 18.07 -83.61
N SER I 175 -40.50 16.95 -83.12
CA SER I 175 -40.86 15.62 -83.59
C SER I 175 -41.13 14.72 -82.40
N LEU I 176 -42.11 13.83 -82.55
CA LEU I 176 -42.52 12.93 -81.47
C LEU I 176 -42.66 11.52 -82.01
N SER I 177 -42.34 10.55 -81.16
CA SER I 177 -42.49 9.14 -81.50
C SER I 177 -42.61 8.33 -80.20
N SER I 178 -43.50 7.36 -80.20
CA SER I 178 -43.73 6.49 -79.05
C SER I 178 -43.56 5.04 -79.48
N THR I 179 -42.80 4.29 -78.68
CA THR I 179 -42.52 2.89 -78.96
C THR I 179 -43.26 2.00 -77.97
N LEU I 180 -43.95 0.99 -78.48
CA LEU I 180 -44.71 0.05 -77.66
C LEU I 180 -44.07 -1.33 -77.78
N THR I 181 -43.83 -1.96 -76.64
CA THR I 181 -43.24 -3.29 -76.58
C THR I 181 -44.28 -4.30 -76.14
N LEU I 182 -44.46 -5.36 -76.94
CA LEU I 182 -45.41 -6.40 -76.64
C LEU I 182 -44.89 -7.73 -77.16
N SER I 183 -45.39 -8.81 -76.56
CA SER I 183 -44.99 -10.15 -76.97
C SER I 183 -45.64 -10.53 -78.30
N LYS I 184 -45.09 -11.56 -78.93
CA LYS I 184 -45.64 -12.02 -80.21
C LYS I 184 -46.96 -12.75 -80.03
N ALA I 185 -47.18 -13.35 -78.85
CA ALA I 185 -48.45 -14.02 -78.59
C ALA I 185 -49.59 -13.02 -78.51
N ASP I 186 -49.35 -11.85 -77.89
CA ASP I 186 -50.38 -10.82 -77.79
C ASP I 186 -50.55 -10.05 -79.10
N TYR I 187 -49.57 -10.12 -80.01
CA TYR I 187 -49.69 -9.41 -81.28
C TYR I 187 -50.77 -10.02 -82.15
N GLU I 188 -50.87 -11.35 -82.20
CA GLU I 188 -51.88 -12.01 -83.01
C GLU I 188 -53.27 -11.96 -82.40
N LYS I 189 -53.38 -11.65 -81.10
CA LYS I 189 -54.69 -11.58 -80.46
C LYS I 189 -55.44 -10.32 -80.88
N HIS I 190 -54.74 -9.20 -80.99
CA HIS I 190 -55.37 -7.93 -81.37
C HIS I 190 -55.39 -7.77 -82.88
N LYS I 191 -56.44 -7.11 -83.37
CA LYS I 191 -56.64 -6.90 -84.80
C LYS I 191 -56.58 -5.45 -85.22
N VAL I 192 -56.99 -4.51 -84.37
CA VAL I 192 -57.04 -3.10 -84.70
C VAL I 192 -56.05 -2.36 -83.81
N TYR I 193 -55.17 -1.58 -84.43
CA TYR I 193 -54.19 -0.78 -83.72
C TYR I 193 -54.18 0.63 -84.30
N ALA I 194 -54.20 1.63 -83.42
CA ALA I 194 -54.21 3.03 -83.84
C ALA I 194 -53.79 3.90 -82.67
N CYS I 195 -53.39 5.13 -83.00
CA CYS I 195 -53.07 6.15 -82.01
C CYS I 195 -53.76 7.44 -82.37
N GLU I 196 -54.26 8.16 -81.36
CA GLU I 196 -55.00 9.39 -81.55
C GLU I 196 -54.27 10.55 -80.90
N VAL I 197 -54.41 11.73 -81.50
CA VAL I 197 -53.73 12.93 -81.04
C VAL I 197 -54.73 14.06 -80.87
N THR I 198 -54.38 15.03 -80.02
CA THR I 198 -55.19 16.20 -79.77
C THR I 198 -54.30 17.44 -79.73
N HIS I 199 -54.71 18.47 -80.46
CA HIS I 199 -53.94 19.71 -80.54
C HIS I 199 -54.87 20.88 -80.83
N GLN I 200 -54.33 22.09 -80.60
CA GLN I 200 -55.05 23.31 -80.92
C GLN I 200 -55.18 23.52 -82.42
N GLY I 201 -54.27 22.95 -83.21
CA GLY I 201 -54.29 23.13 -84.65
C GLY I 201 -55.31 22.29 -85.41
N LEU I 202 -55.96 21.35 -84.74
CA LEU I 202 -56.98 20.52 -85.36
C LEU I 202 -58.33 20.83 -84.73
N SER I 203 -59.34 21.04 -85.59
CA SER I 203 -60.71 21.17 -85.09
C SER I 203 -61.22 19.84 -84.54
N SER I 204 -60.83 18.73 -85.14
CA SER I 204 -61.22 17.39 -84.72
C SER I 204 -59.98 16.51 -84.63
N PRO I 205 -59.97 15.55 -83.70
CA PRO I 205 -58.84 14.61 -83.63
C PRO I 205 -58.72 13.76 -84.89
N VAL I 206 -57.49 13.46 -85.27
CA VAL I 206 -57.18 12.67 -86.46
C VAL I 206 -56.56 11.35 -86.01
N THR I 207 -57.20 10.25 -86.39
CA THR I 207 -56.72 8.91 -86.05
C THR I 207 -56.61 8.08 -87.32
N LYS I 208 -55.47 7.41 -87.48
CA LYS I 208 -55.23 6.51 -88.59
C LYS I 208 -55.21 5.08 -88.05
N SER I 209 -56.09 4.24 -88.57
CA SER I 209 -56.25 2.87 -88.08
C SER I 209 -56.01 1.89 -89.23
N PHE I 210 -55.22 0.86 -88.96
CA PHE I 210 -54.94 -0.22 -89.89
C PHE I 210 -55.30 -1.55 -89.25
N ASN I 211 -55.12 -2.63 -90.00
CA ASN I 211 -55.44 -3.98 -89.55
C ASN I 211 -54.25 -4.89 -89.79
N ARG I 212 -54.29 -6.07 -89.18
CA ARG I 212 -53.24 -7.06 -89.34
C ARG I 212 -53.30 -7.64 -90.75
N GLY I 213 -52.15 -7.66 -91.43
CA GLY I 213 -52.09 -8.22 -92.78
C GLY I 213 -52.89 -7.44 -93.80
N GLU I 214 -52.94 -6.12 -93.67
CA GLU I 214 -53.67 -5.27 -94.59
C GLU I 214 -52.68 -4.66 -95.58
N CYS I 215 -52.91 -4.89 -96.87
CA CYS I 215 -52.01 -4.41 -97.91
C CYS I 215 -52.62 -3.25 -98.69
N VAL J 2 3.78 52.82 -46.70
CA VAL J 2 3.04 53.98 -47.20
C VAL J 2 2.89 55.01 -46.10
N GLN J 3 2.22 56.12 -46.42
CA GLN J 3 2.02 57.20 -45.46
C GLN J 3 0.58 57.70 -45.58
N LEU J 4 0.10 58.29 -44.48
CA LEU J 4 -1.24 58.85 -44.42
C LEU J 4 -1.14 60.36 -44.24
N VAL J 5 -1.80 61.11 -45.13
CA VAL J 5 -1.73 62.56 -45.15
C VAL J 5 -3.12 63.11 -44.83
N GLU J 6 -3.18 64.04 -43.90
CA GLU J 6 -4.43 64.68 -43.47
C GLU J 6 -4.47 66.12 -43.97
N SER J 7 -5.53 66.82 -43.59
CA SER J 7 -5.72 68.21 -43.98
C SER J 7 -5.07 69.13 -42.96
N GLY J 8 -5.25 70.44 -43.12
CA GLY J 8 -4.67 71.42 -42.23
C GLY J 8 -5.56 71.70 -41.04
N ALA J 9 -5.19 72.76 -40.30
CA ALA J 9 -5.95 73.16 -39.13
C ALA J 9 -7.31 73.71 -39.53
N GLU J 10 -8.33 73.36 -38.76
CA GLU J 10 -9.71 73.79 -39.02
C GLU J 10 -10.25 74.49 -37.79
N VAL J 11 -10.89 75.64 -38.01
CA VAL J 11 -11.54 76.41 -36.95
C VAL J 11 -13.03 76.46 -37.25
N LYS J 12 -13.84 76.07 -36.26
CA LYS J 12 -15.27 75.99 -36.47
C LYS J 12 -16.05 76.72 -35.38
N LYS J 13 -17.37 76.57 -35.37
CA LYS J 13 -18.27 77.23 -34.46
C LYS J 13 -18.87 76.24 -33.47
N PRO J 14 -19.30 76.70 -32.28
CA PRO J 14 -19.92 75.77 -31.33
C PRO J 14 -21.33 75.36 -31.75
N GLY J 15 -21.41 74.34 -32.60
CA GLY J 15 -22.67 73.89 -33.13
C GLY J 15 -22.71 73.85 -34.64
N SER J 16 -21.53 73.74 -35.26
CA SER J 16 -21.39 73.66 -36.70
C SER J 16 -21.03 72.23 -37.09
N SER J 17 -20.75 72.03 -38.38
CA SER J 17 -20.38 70.74 -38.93
C SER J 17 -18.96 70.79 -39.45
N VAL J 18 -18.20 69.72 -39.21
CA VAL J 18 -16.81 69.66 -39.60
C VAL J 18 -16.59 68.42 -40.46
N LYS J 19 -15.67 68.52 -41.42
CA LYS J 19 -15.31 67.40 -42.28
C LYS J 19 -13.89 67.61 -42.79
N VAL J 20 -13.12 66.51 -42.81
CA VAL J 20 -11.75 66.50 -43.34
C VAL J 20 -11.58 65.23 -44.17
N SER J 21 -10.37 65.05 -44.70
CA SER J 21 -10.01 63.86 -45.45
C SER J 21 -8.65 63.37 -45.00
N CYS J 22 -8.50 62.05 -44.90
CA CYS J 22 -7.23 61.41 -44.56
C CYS J 22 -6.79 60.62 -45.79
N LYS J 23 -6.08 61.29 -46.69
CA LYS J 23 -5.64 60.68 -47.94
C LYS J 23 -4.42 59.77 -47.69
N ALA J 24 -4.23 58.85 -48.61
CA ALA J 24 -3.11 57.90 -48.56
C ALA J 24 -2.20 58.13 -49.75
N SER J 25 -0.90 58.21 -49.49
CA SER J 25 0.10 58.43 -50.53
C SER J 25 1.02 57.22 -50.62
N GLY J 26 1.37 56.85 -51.85
CA GLY J 26 2.20 55.70 -52.09
C GLY J 26 1.48 54.37 -52.11
N GLY J 27 0.17 54.36 -51.99
CA GLY J 27 -0.60 53.13 -51.99
C GLY J 27 -1.98 53.35 -51.41
N THR J 28 -2.88 52.43 -51.75
CA THR J 28 -4.25 52.50 -51.27
C THR J 28 -4.36 51.91 -49.87
N PHE J 29 -5.59 51.87 -49.35
CA PHE J 29 -5.83 51.30 -48.04
C PHE J 29 -5.73 49.78 -48.01
N SER J 30 -5.70 49.14 -49.18
CA SER J 30 -5.65 47.67 -49.35
C SER J 30 -6.90 47.11 -48.67
N SER J 31 -6.78 46.06 -47.86
CA SER J 31 -7.92 45.49 -47.16
C SER J 31 -7.88 45.70 -45.65
N TYR J 32 -6.82 46.35 -45.14
CA TYR J 32 -6.72 46.59 -43.71
C TYR J 32 -7.72 47.66 -43.26
N ALA J 33 -8.14 47.55 -42.01
CA ALA J 33 -9.09 48.51 -41.45
C ALA J 33 -8.42 49.86 -41.23
N ILE J 34 -9.19 50.93 -41.45
CA ILE J 34 -8.74 52.29 -41.21
C ILE J 34 -9.58 52.86 -40.07
N SER J 35 -8.92 53.24 -38.99
CA SER J 35 -9.59 53.72 -37.79
C SER J 35 -9.19 55.15 -37.48
N TRP J 36 -9.98 55.79 -36.62
CA TRP J 36 -9.73 57.16 -36.19
C TRP J 36 -9.57 57.18 -34.67
N VAL J 37 -8.46 57.75 -34.20
CA VAL J 37 -8.16 57.84 -32.78
C VAL J 37 -7.78 59.27 -32.46
N ARG J 38 -8.42 59.85 -31.46
CA ARG J 38 -8.18 61.23 -31.06
C ARG J 38 -7.27 61.28 -29.83
N GLN J 39 -6.60 62.42 -29.68
CA GLN J 39 -5.79 62.70 -28.49
C GLN J 39 -5.96 64.16 -28.12
N ALA J 40 -5.90 64.44 -26.82
CA ALA J 40 -6.15 65.77 -26.30
C ALA J 40 -5.03 66.19 -25.36
N PRO J 41 -4.74 67.49 -25.28
CA PRO J 41 -3.75 67.97 -24.30
C PRO J 41 -4.29 67.83 -22.88
N GLY J 42 -3.52 67.16 -22.03
CA GLY J 42 -3.93 66.94 -20.66
C GLY J 42 -4.85 65.76 -20.45
N GLN J 43 -5.22 65.05 -21.51
CA GLN J 43 -6.11 63.90 -21.41
C GLN J 43 -5.54 62.74 -22.22
N GLY J 44 -6.21 61.59 -22.14
CA GLY J 44 -5.79 60.39 -22.83
C GLY J 44 -6.32 60.32 -24.24
N LEU J 45 -6.23 59.13 -24.82
CA LEU J 45 -6.68 58.86 -26.18
C LEU J 45 -7.96 58.04 -26.16
N GLU J 46 -8.87 58.37 -27.07
CA GLU J 46 -10.15 57.69 -27.20
C GLU J 46 -10.24 57.02 -28.57
N TRP J 47 -11.36 56.31 -28.79
CA TRP J 47 -11.58 55.57 -30.01
C TRP J 47 -13.02 55.78 -30.45
N MET J 48 -13.23 55.96 -31.76
CA MET J 48 -14.56 56.20 -32.30
C MET J 48 -15.04 55.13 -33.26
N GLY J 49 -14.16 54.48 -33.99
CA GLY J 49 -14.56 53.43 -34.90
C GLY J 49 -13.50 53.16 -35.94
N GLY J 50 -13.86 52.28 -36.87
CA GLY J 50 -12.97 51.91 -37.96
C GLY J 50 -13.75 51.68 -39.22
N ILE J 51 -13.06 51.84 -40.36
CA ILE J 51 -13.67 51.74 -41.68
C ILE J 51 -12.99 50.63 -42.46
N ILE J 52 -13.79 49.71 -42.99
CA ILE J 52 -13.29 48.66 -43.88
C ILE J 52 -13.43 49.10 -45.33
N PRO J 53 -12.34 49.07 -46.13
CA PRO J 53 -12.37 49.55 -47.53
C PRO J 53 -12.66 48.50 -48.60
N ILE J 54 -13.57 47.55 -48.36
CA ILE J 54 -13.97 46.54 -49.34
C ILE J 54 -15.47 46.34 -49.19
N LEU J 55 -16.02 46.84 -48.10
CA LEU J 55 -17.43 46.66 -47.78
C LEU J 55 -18.13 47.91 -47.30
N GLY J 56 -17.44 48.90 -46.77
CA GLY J 56 -18.07 50.11 -46.27
C GLY J 56 -18.95 49.91 -45.04
N ILE J 57 -18.48 49.14 -44.06
CA ILE J 57 -19.19 48.93 -42.81
C ILE J 57 -18.34 49.48 -41.67
N ALA J 58 -18.94 50.34 -40.86
CA ALA J 58 -18.24 50.98 -39.75
C ALA J 58 -18.89 50.59 -38.43
N ASN J 59 -18.07 50.17 -37.47
CA ASN J 59 -18.52 49.82 -36.13
C ASN J 59 -18.12 50.93 -35.18
N TYR J 60 -19.10 51.53 -34.52
CA TYR J 60 -18.88 52.68 -33.66
C TYR J 60 -18.51 52.23 -32.25
N ALA J 61 -18.49 53.17 -31.32
CA ALA J 61 -18.22 52.89 -29.91
C ALA J 61 -19.44 53.28 -29.07
N GLN J 62 -19.62 52.57 -27.96
CA GLN J 62 -20.79 52.81 -27.12
C GLN J 62 -20.69 54.09 -26.31
N LYS J 63 -19.48 54.65 -26.17
CA LYS J 63 -19.33 55.89 -25.40
C LYS J 63 -19.85 57.09 -26.17
N PHE J 64 -19.85 57.03 -27.50
CA PHE J 64 -20.31 58.12 -28.34
C PHE J 64 -21.63 57.73 -29.01
N GLN J 65 -22.52 58.70 -29.19
CA GLN J 65 -23.81 58.46 -29.80
C GLN J 65 -23.66 58.43 -31.32
N GLY J 66 -24.79 58.41 -32.03
CA GLY J 66 -24.77 58.36 -33.48
C GLY J 66 -24.69 59.72 -34.14
N ARG J 67 -23.99 60.66 -33.51
CA ARG J 67 -23.82 62.00 -34.04
C ARG J 67 -22.60 62.13 -34.95
N VAL J 68 -21.80 61.08 -35.10
CA VAL J 68 -20.64 61.07 -35.96
C VAL J 68 -20.79 59.97 -37.00
N THR J 69 -20.36 60.25 -38.23
CA THR J 69 -20.37 59.29 -39.33
C THR J 69 -18.98 59.23 -39.94
N ILE J 70 -18.53 58.03 -40.27
CA ILE J 70 -17.25 57.81 -40.95
C ILE J 70 -17.50 57.02 -42.22
N THR J 71 -17.00 57.54 -43.35
CA THR J 71 -17.21 56.92 -44.65
C THR J 71 -15.92 56.95 -45.45
N ALA J 72 -15.81 56.03 -46.40
CA ALA J 72 -14.68 55.98 -47.31
C ALA J 72 -15.14 55.48 -48.67
N ASP J 73 -14.38 55.82 -49.70
CA ASP J 73 -14.68 55.44 -51.07
C ASP J 73 -13.51 54.68 -51.66
N LYS J 74 -13.82 53.61 -52.41
CA LYS J 74 -12.79 52.79 -53.03
C LYS J 74 -12.19 53.45 -54.28
N SER J 75 -12.87 54.44 -54.85
CA SER J 75 -12.35 55.09 -56.05
C SER J 75 -11.16 55.99 -55.72
N THR J 76 -11.23 56.71 -54.60
CA THR J 76 -10.16 57.62 -54.21
C THR J 76 -9.29 57.04 -53.10
N SER J 77 -9.74 55.99 -52.42
CA SER J 77 -9.03 55.36 -51.30
C SER J 77 -8.72 56.37 -50.19
N THR J 78 -9.71 57.22 -49.89
CA THR J 78 -9.61 58.22 -48.83
C THR J 78 -10.76 58.04 -47.86
N ALA J 79 -10.50 58.40 -46.60
CA ALA J 79 -11.49 58.27 -45.53
C ALA J 79 -11.98 59.64 -45.10
N TYR J 80 -13.30 59.78 -44.98
CA TYR J 80 -13.93 61.02 -44.56
C TYR J 80 -14.71 60.79 -43.27
N MET J 81 -14.84 61.84 -42.46
CA MET J 81 -15.65 61.79 -41.25
C MET J 81 -16.53 63.03 -41.20
N GLU J 82 -17.62 62.92 -40.44
CA GLU J 82 -18.58 64.02 -40.29
C GLU J 82 -19.12 63.99 -38.87
N LEU J 83 -18.80 65.03 -38.10
CA LEU J 83 -19.26 65.16 -36.72
C LEU J 83 -20.16 66.39 -36.61
N SER J 84 -21.30 66.22 -35.98
CA SER J 84 -22.26 67.31 -35.77
C SER J 84 -22.32 67.67 -34.29
N SER J 85 -22.99 68.79 -34.01
CA SER J 85 -23.18 69.32 -32.66
C SER J 85 -21.83 69.56 -31.97
N LEU J 86 -21.08 70.50 -32.54
CA LEU J 86 -19.76 70.83 -32.00
C LEU J 86 -19.88 71.46 -30.61
N ARG J 87 -18.91 71.16 -29.77
CA ARG J 87 -18.89 71.65 -28.39
C ARG J 87 -17.49 72.15 -28.07
N SER J 88 -17.40 73.03 -27.06
CA SER J 88 -16.12 73.58 -26.65
C SER J 88 -15.21 72.52 -26.04
N GLU J 89 -15.75 71.39 -25.58
CA GLU J 89 -14.91 70.31 -25.08
C GLU J 89 -14.08 69.71 -26.20
N ASP J 90 -14.65 69.55 -27.39
CA ASP J 90 -13.97 68.91 -28.52
C ASP J 90 -13.03 69.93 -29.19
N THR J 91 -11.94 70.21 -28.48
CA THR J 91 -10.86 71.06 -28.99
C THR J 91 -9.57 70.26 -29.19
N ALA J 92 -9.71 68.98 -29.53
CA ALA J 92 -8.59 68.06 -29.64
C ALA J 92 -8.27 67.77 -31.09
N VAL J 93 -7.05 67.29 -31.32
CA VAL J 93 -6.61 66.92 -32.67
C VAL J 93 -7.11 65.51 -32.98
N TYR J 94 -7.44 65.27 -34.24
CA TYR J 94 -8.03 64.01 -34.68
C TYR J 94 -7.08 63.32 -35.64
N TYR J 95 -6.74 62.07 -35.34
CA TYR J 95 -5.78 61.29 -36.12
C TYR J 95 -6.48 60.09 -36.76
N CYS J 96 -6.00 59.70 -37.93
CA CYS J 96 -6.46 58.49 -38.61
C CYS J 96 -5.39 57.41 -38.47
N ALA J 97 -5.81 56.21 -38.06
CA ALA J 97 -4.90 55.11 -37.77
C ALA J 97 -5.22 53.90 -38.64
N ARG J 98 -4.22 53.04 -38.81
CA ARG J 98 -4.32 51.82 -39.60
C ARG J 98 -4.08 50.62 -38.70
N GLU J 99 -5.00 49.67 -38.72
CA GLU J 99 -4.90 48.48 -37.89
C GLU J 99 -4.17 47.37 -38.63
N ASN J 100 -3.54 46.48 -37.85
CA ASN J 100 -2.81 45.33 -38.39
C ASN J 100 -3.16 44.12 -37.54
N GLY J 101 -3.99 43.23 -38.07
CA GLY J 101 -4.40 42.05 -37.33
C GLY J 101 -3.39 40.92 -37.40
N TYR J 102 -3.64 39.91 -36.58
CA TYR J 102 -2.79 38.73 -36.52
C TYR J 102 -3.61 37.57 -35.98
N SER J 103 -2.96 36.41 -35.83
CA SER J 103 -3.59 35.21 -35.33
C SER J 103 -2.96 34.84 -33.98
N GLY J 104 -3.80 34.58 -32.99
CA GLY J 104 -3.32 34.21 -31.68
C GLY J 104 -4.43 34.22 -30.67
N TYR J 105 -4.05 33.99 -29.41
CA TYR J 105 -5.02 33.97 -28.32
C TYR J 105 -5.42 35.37 -27.87
N GLY J 106 -4.65 36.39 -28.23
CA GLY J 106 -4.95 37.75 -27.83
C GLY J 106 -5.99 38.43 -28.70
N ALA J 107 -5.71 38.48 -30.02
CA ALA J 107 -6.58 39.11 -31.01
C ALA J 107 -6.88 40.56 -30.66
N ALA J 108 -5.87 41.29 -30.23
CA ALA J 108 -5.98 42.70 -29.90
C ALA J 108 -5.47 43.53 -31.07
N ALA J 109 -6.30 44.47 -31.52
CA ALA J 109 -5.94 45.28 -32.69
C ALA J 109 -4.83 46.26 -32.34
N ASN J 110 -3.79 46.29 -33.16
CA ASN J 110 -2.66 47.18 -32.99
C ASN J 110 -2.58 48.16 -34.14
N PHE J 111 -2.24 49.40 -33.83
CA PHE J 111 -2.19 50.49 -34.81
C PHE J 111 -0.75 50.66 -35.26
N ASP J 112 -0.43 50.15 -36.46
CA ASP J 112 0.93 50.23 -36.97
C ASP J 112 1.21 51.58 -37.61
N LEU J 113 0.27 52.13 -38.36
CA LEU J 113 0.43 53.38 -39.08
C LEU J 113 -0.57 54.41 -38.58
N TRP J 114 -0.12 55.66 -38.46
CA TRP J 114 -0.94 56.75 -37.99
C TRP J 114 -0.89 57.91 -38.98
N GLY J 115 -1.94 58.73 -38.98
CA GLY J 115 -2.00 59.87 -39.87
C GLY J 115 -1.11 61.01 -39.42
N ARG J 116 -0.97 62.00 -40.31
CA ARG J 116 -0.14 63.16 -40.02
C ARG J 116 -0.76 64.03 -38.92
N GLY J 117 -2.05 64.32 -39.04
CA GLY J 117 -2.74 65.06 -38.01
C GLY J 117 -3.59 66.22 -38.51
N THR J 118 -4.74 66.42 -37.87
CA THR J 118 -5.64 67.53 -38.17
C THR J 118 -5.94 68.28 -36.88
N LEU J 119 -5.80 69.60 -36.91
CA LEU J 119 -6.05 70.43 -35.74
C LEU J 119 -7.47 70.96 -35.79
N VAL J 120 -8.25 70.67 -34.75
CA VAL J 120 -9.64 71.11 -34.65
C VAL J 120 -9.78 71.93 -33.38
N THR J 121 -10.25 73.17 -33.52
CA THR J 121 -10.46 74.06 -32.40
C THR J 121 -11.80 74.76 -32.56
N VAL J 122 -12.44 75.06 -31.43
CA VAL J 122 -13.75 75.70 -31.40
C VAL J 122 -13.62 77.02 -30.67
N SER J 123 -14.09 78.10 -31.28
CA SER J 123 -14.10 79.41 -30.66
C SER J 123 -15.32 80.19 -31.16
N SER J 124 -16.06 80.78 -30.22
CA SER J 124 -17.25 81.54 -30.58
C SER J 124 -16.93 82.91 -31.16
N ALA J 125 -15.71 83.41 -30.95
CA ALA J 125 -15.35 84.72 -31.47
C ALA J 125 -15.14 84.67 -32.98
N SER J 126 -15.44 85.79 -33.63
CA SER J 126 -15.30 85.91 -35.07
C SER J 126 -13.92 86.48 -35.42
N THR J 127 -13.69 86.69 -36.71
CA THR J 127 -12.42 87.23 -37.18
C THR J 127 -12.42 88.75 -37.10
N LYS J 128 -11.37 89.31 -36.51
CA LYS J 128 -11.23 90.76 -36.35
C LYS J 128 -9.86 91.17 -36.86
N GLY J 129 -9.58 92.47 -36.79
CA GLY J 129 -8.33 93.02 -37.23
C GLY J 129 -7.35 93.22 -36.10
N PRO J 130 -6.18 92.59 -36.18
CA PRO J 130 -5.19 92.73 -35.12
C PRO J 130 -4.59 94.13 -35.08
N SER J 131 -4.14 94.52 -33.89
CA SER J 131 -3.53 95.83 -33.66
C SER J 131 -2.15 95.63 -33.04
N VAL J 132 -1.16 96.34 -33.59
CA VAL J 132 0.23 96.26 -33.12
C VAL J 132 0.64 97.63 -32.61
N PHE J 133 1.25 97.65 -31.42
CA PHE J 133 1.68 98.89 -30.79
C PHE J 133 3.15 98.80 -30.39
N PRO J 134 3.91 99.88 -30.51
CA PRO J 134 5.34 99.81 -30.24
C PRO J 134 5.66 99.76 -28.75
N LEU J 135 6.78 99.11 -28.43
CA LEU J 135 7.32 99.03 -27.08
C LEU J 135 8.77 99.51 -27.11
N ALA J 136 9.12 100.38 -26.16
CA ALA J 136 10.48 100.89 -26.06
C ALA J 136 10.89 100.99 -24.60
N PRO J 137 12.09 100.55 -24.27
CA PRO J 137 12.62 100.73 -22.91
C PRO J 137 12.70 102.20 -22.50
N SER J 138 12.94 102.40 -21.21
CA SER J 138 13.16 103.71 -20.65
C SER J 138 14.65 103.93 -20.41
N SER J 139 14.99 105.07 -19.80
CA SER J 139 16.38 105.38 -19.52
C SER J 139 16.95 104.46 -18.43
N LYS J 140 16.12 104.09 -17.45
CA LYS J 140 16.58 103.21 -16.38
C LYS J 140 16.77 101.77 -16.84
N SER J 141 16.08 101.35 -17.90
CA SER J 141 16.22 99.98 -18.38
C SER J 141 17.57 99.75 -19.04
N THR J 142 18.10 100.75 -19.73
CA THR J 142 19.38 100.61 -20.44
C THR J 142 20.55 100.99 -19.51
N SER J 143 20.65 100.26 -18.40
CA SER J 143 21.74 100.46 -17.46
C SER J 143 23.09 100.08 -18.10
N GLY J 144 23.11 99.00 -18.86
CA GLY J 144 24.30 98.57 -19.56
C GLY J 144 24.30 99.00 -21.01
N GLY J 145 25.10 98.31 -21.82
CA GLY J 145 25.19 98.59 -23.24
C GLY J 145 24.15 97.92 -24.10
N THR J 146 23.20 97.20 -23.51
CA THR J 146 22.19 96.48 -24.26
C THR J 146 20.79 96.99 -23.91
N ALA J 147 19.89 96.91 -24.88
CA ALA J 147 18.50 97.28 -24.70
C ALA J 147 17.60 96.17 -25.23
N ALA J 148 16.47 95.97 -24.57
CA ALA J 148 15.52 94.93 -24.91
C ALA J 148 14.20 95.56 -25.34
N LEU J 149 13.83 95.36 -26.60
CA LEU J 149 12.65 95.99 -27.17
C LEU J 149 12.02 95.05 -28.18
N GLY J 150 10.78 95.36 -28.55
CA GLY J 150 10.08 94.55 -29.52
C GLY J 150 8.68 95.08 -29.78
N CYS J 151 7.90 94.26 -30.48
CA CYS J 151 6.52 94.59 -30.84
C CYS J 151 5.58 93.54 -30.28
N LEU J 152 4.42 93.97 -29.81
CA LEU J 152 3.40 93.08 -29.26
C LEU J 152 2.16 93.11 -30.14
N VAL J 153 1.56 91.95 -30.33
CA VAL J 153 0.35 91.78 -31.15
C VAL J 153 -0.83 91.55 -30.21
N LYS J 154 -1.93 92.25 -30.46
CA LYS J 154 -3.11 92.17 -29.63
C LYS J 154 -4.34 91.92 -30.50
N ASP J 155 -5.39 91.40 -29.85
CA ASP J 155 -6.71 91.09 -30.42
C ASP J 155 -6.61 90.44 -31.80
N TYR J 156 -5.96 89.28 -31.84
CA TYR J 156 -5.91 88.44 -33.03
C TYR J 156 -6.65 87.14 -32.72
N PHE J 157 -7.64 86.83 -33.54
CA PHE J 157 -8.44 85.62 -33.33
C PHE J 157 -7.77 84.35 -33.89
N PRO J 158 -7.29 84.31 -35.17
CA PRO J 158 -6.79 83.01 -35.67
C PRO J 158 -5.30 82.80 -35.43
N GLU J 159 -4.94 82.49 -34.17
CA GLU J 159 -3.64 81.97 -33.72
C GLU J 159 -2.54 83.03 -33.81
N PRO J 160 -1.49 82.93 -32.99
CA PRO J 160 -0.31 83.78 -33.19
C PRO J 160 0.33 83.55 -34.56
N VAL J 161 0.90 84.63 -35.09
CA VAL J 161 1.42 84.64 -36.45
C VAL J 161 2.94 84.52 -36.43
N THR J 162 3.51 84.32 -37.61
CA THR J 162 4.96 84.25 -37.74
C THR J 162 5.54 85.66 -37.69
N VAL J 163 6.45 85.89 -36.73
CA VAL J 163 7.06 87.18 -36.51
C VAL J 163 8.47 87.15 -37.07
N SER J 164 8.76 88.07 -38.00
CA SER J 164 10.07 88.18 -38.61
C SER J 164 10.63 89.58 -38.39
N TRP J 165 11.91 89.65 -38.05
CA TRP J 165 12.58 90.92 -37.82
C TRP J 165 13.33 91.32 -39.09
N ASN J 166 13.00 92.51 -39.61
CA ASN J 166 13.58 93.04 -40.85
C ASN J 166 13.41 92.07 -42.01
N SER J 167 12.21 91.47 -42.11
CA SER J 167 11.88 90.48 -43.13
C SER J 167 12.86 89.30 -43.12
N GLY J 168 13.18 88.81 -41.93
CA GLY J 168 14.05 87.67 -41.78
C GLY J 168 15.53 87.97 -41.81
N ALA J 169 15.93 89.24 -41.79
CA ALA J 169 17.34 89.60 -41.81
C ALA J 169 18.01 89.44 -40.46
N LEU J 170 17.26 89.27 -39.38
CA LEU J 170 17.81 89.09 -38.05
C LEU J 170 17.53 87.67 -37.57
N THR J 171 18.59 86.97 -37.18
CA THR J 171 18.46 85.60 -36.70
C THR J 171 19.08 85.36 -35.33
N SER J 172 19.80 86.32 -34.76
CA SER J 172 20.44 86.18 -33.47
C SER J 172 19.73 87.04 -32.44
N GLY J 173 19.41 86.45 -31.29
CA GLY J 173 18.74 87.17 -30.23
C GLY J 173 17.25 87.32 -30.39
N VAL J 174 16.62 86.57 -31.30
CA VAL J 174 15.19 86.64 -31.54
C VAL J 174 14.51 85.49 -30.81
N HIS J 175 13.44 85.80 -30.08
CA HIS J 175 12.70 84.81 -29.31
C HIS J 175 11.21 84.96 -29.61
N THR J 176 10.51 83.83 -29.56
CA THR J 176 9.07 83.78 -29.83
C THR J 176 8.36 83.31 -28.58
N PHE J 177 7.25 83.99 -28.24
CA PHE J 177 6.46 83.66 -27.07
C PHE J 177 5.07 83.17 -27.47
N PRO J 178 4.54 82.16 -26.80
CA PRO J 178 3.21 81.64 -27.15
C PRO J 178 2.10 82.48 -26.52
N ALA J 179 0.88 82.18 -26.96
CA ALA J 179 -0.31 82.87 -26.47
C ALA J 179 -0.80 82.23 -25.17
N VAL J 180 -1.91 82.75 -24.65
CA VAL J 180 -2.48 82.25 -23.41
C VAL J 180 -3.98 82.54 -23.42
N LEU J 181 -4.75 81.63 -22.83
CA LEU J 181 -6.19 81.82 -22.73
C LEU J 181 -6.51 82.95 -21.76
N GLN J 182 -7.49 83.76 -22.12
CA GLN J 182 -7.92 84.90 -21.33
C GLN J 182 -9.38 84.72 -20.91
N SER J 183 -9.92 85.75 -20.25
CA SER J 183 -11.30 85.70 -19.79
C SER J 183 -12.27 85.73 -20.97
N SER J 184 -11.98 86.53 -21.99
CA SER J 184 -12.82 86.66 -23.16
C SER J 184 -12.34 85.82 -24.33
N GLY J 185 -11.34 84.95 -24.10
CA GLY J 185 -10.80 84.12 -25.16
C GLY J 185 -9.77 84.78 -26.05
N LEU J 186 -9.38 86.01 -25.74
CA LEU J 186 -8.38 86.70 -26.55
C LEU J 186 -6.99 86.12 -26.32
N TYR J 187 -6.12 86.29 -27.31
CA TYR J 187 -4.77 85.80 -27.27
C TYR J 187 -3.78 86.96 -27.35
N SER J 188 -2.67 86.83 -26.64
CA SER J 188 -1.63 87.86 -26.63
C SER J 188 -0.27 87.20 -26.59
N LEU J 189 0.66 87.69 -27.41
CA LEU J 189 2.01 87.15 -27.50
C LEU J 189 3.01 88.23 -27.11
N SER J 190 4.29 87.87 -27.17
CA SER J 190 5.38 88.80 -26.89
C SER J 190 6.56 88.47 -27.79
N SER J 191 7.42 89.47 -27.99
CA SER J 191 8.61 89.30 -28.82
C SER J 191 9.64 90.32 -28.38
N VAL J 192 10.72 89.85 -27.77
CA VAL J 192 11.78 90.71 -27.24
C VAL J 192 13.11 90.29 -27.86
N VAL J 193 13.89 91.28 -28.31
CA VAL J 193 15.20 91.03 -28.90
C VAL J 193 16.24 91.87 -28.18
N THR J 194 17.50 91.47 -28.31
CA THR J 194 18.62 92.13 -27.67
C THR J 194 19.46 92.82 -28.74
N VAL J 195 19.66 94.13 -28.57
CA VAL J 195 20.43 94.92 -29.52
C VAL J 195 21.39 95.82 -28.75
N PRO J 196 22.56 96.15 -29.31
CA PRO J 196 23.45 97.11 -28.64
C PRO J 196 22.88 98.52 -28.66
N SER J 197 23.32 99.31 -27.68
CA SER J 197 22.85 100.69 -27.57
C SER J 197 23.43 101.60 -28.64
N SER J 198 24.55 101.21 -29.27
CA SER J 198 25.17 102.04 -30.28
C SER J 198 24.41 102.02 -31.61
N SER J 199 23.55 101.03 -31.82
CA SER J 199 22.79 100.91 -33.06
C SER J 199 21.42 101.58 -32.98
N LEU J 200 21.09 102.21 -31.86
CA LEU J 200 19.79 102.86 -31.70
C LEU J 200 19.72 104.22 -32.40
N GLY J 201 20.85 104.79 -32.81
CA GLY J 201 20.85 106.09 -33.44
C GLY J 201 21.12 106.06 -34.92
N THR J 202 21.45 104.88 -35.45
CA THR J 202 21.77 104.74 -36.87
C THR J 202 20.94 103.68 -37.59
N GLN J 203 20.32 102.75 -36.88
CA GLN J 203 19.52 101.70 -37.50
C GLN J 203 18.17 101.62 -36.80
N THR J 204 17.10 101.65 -37.58
CA THR J 204 15.75 101.53 -37.07
C THR J 204 15.27 100.08 -37.14
N TYR J 205 14.32 99.75 -36.27
CA TYR J 205 13.76 98.41 -36.19
C TYR J 205 12.29 98.46 -36.57
N ILE J 206 11.88 97.51 -37.42
CA ILE J 206 10.49 97.41 -37.84
C ILE J 206 10.03 95.96 -37.67
N CYS J 207 8.73 95.79 -37.50
CA CYS J 207 8.12 94.48 -37.32
C CYS J 207 7.19 94.20 -38.49
N ASN J 208 7.43 93.07 -39.17
CA ASN J 208 6.62 92.66 -40.31
C ASN J 208 5.71 91.52 -39.85
N VAL J 209 4.41 91.77 -39.84
CA VAL J 209 3.41 90.76 -39.47
C VAL J 209 2.68 90.33 -40.73
N ASN J 210 2.52 89.02 -40.89
CA ASN J 210 1.83 88.45 -42.03
C ASN J 210 0.72 87.52 -41.52
N HIS J 211 -0.50 87.76 -41.98
CA HIS J 211 -1.67 87.04 -41.49
C HIS J 211 -2.40 86.45 -42.68
N LYS J 212 -2.28 85.12 -42.85
CA LYS J 212 -2.89 84.45 -44.00
C LYS J 212 -4.42 84.51 -44.02
N PRO J 213 -5.16 84.19 -42.96
CA PRO J 213 -6.63 84.16 -43.11
C PRO J 213 -7.27 85.55 -43.26
N SER J 214 -6.69 86.59 -42.67
CA SER J 214 -7.30 87.91 -42.74
C SER J 214 -6.83 88.73 -43.94
N ASN J 215 -5.84 88.24 -44.68
CA ASN J 215 -5.30 88.92 -45.87
C ASN J 215 -4.82 90.33 -45.55
N THR J 216 -4.11 90.48 -44.45
CA THR J 216 -3.63 91.77 -43.98
C THR J 216 -2.14 91.72 -43.73
N LYS J 217 -1.50 92.89 -43.84
CA LYS J 217 -0.07 93.01 -43.59
C LYS J 217 0.20 94.44 -43.13
N VAL J 218 0.57 94.60 -41.86
CA VAL J 218 0.76 95.91 -41.24
C VAL J 218 2.24 96.11 -40.98
N ASP J 219 2.77 97.27 -41.39
CA ASP J 219 4.16 97.64 -41.16
C ASP J 219 4.20 98.77 -40.15
N LYS J 220 4.99 98.59 -39.08
CA LYS J 220 5.08 99.56 -38.01
C LYS J 220 6.54 99.70 -37.59
N LYS J 221 6.89 100.89 -37.10
CA LYS J 221 8.24 101.21 -36.66
C LYS J 221 8.26 101.44 -35.16
N VAL J 222 9.45 101.27 -34.57
CA VAL J 222 9.67 101.50 -33.15
C VAL J 222 10.85 102.43 -32.98
N GLU J 223 10.89 103.10 -31.83
CA GLU J 223 11.99 103.99 -31.49
C GLU J 223 12.02 104.16 -29.98
N PRO J 224 13.21 104.31 -29.39
CA PRO J 224 13.29 104.57 -27.95
C PRO J 224 12.63 105.89 -27.57
N LYS J 225 12.11 105.94 -26.35
CA LYS J 225 11.44 107.13 -25.87
C LYS J 225 12.41 108.29 -25.70
N SER J 226 11.92 109.50 -25.97
CA SER J 226 12.74 110.71 -25.87
C SER J 226 12.60 111.41 -24.52
N CYS J 227 11.47 111.24 -23.82
CA CYS J 227 11.30 111.87 -22.52
C CYS J 227 12.20 111.24 -21.47
N ASP J 228 12.37 109.92 -21.51
CA ASP J 228 13.25 109.24 -20.57
C ASP J 228 14.17 108.26 -21.30
N SER K 2 -10.59 56.65 -17.12
CA SER K 2 -11.42 55.58 -17.66
C SER K 2 -11.20 54.28 -16.90
N VAL K 3 -11.39 53.15 -17.58
CA VAL K 3 -11.20 51.84 -16.96
C VAL K 3 -9.74 51.44 -16.86
N LEU K 4 -8.83 52.17 -17.50
CA LEU K 4 -7.41 51.87 -17.48
C LEU K 4 -6.70 52.86 -16.56
N THR K 5 -5.87 52.33 -15.66
CA THR K 5 -5.15 53.14 -14.68
C THR K 5 -3.66 53.13 -15.01
N GLN K 6 -3.06 54.32 -15.07
CA GLN K 6 -1.65 54.48 -15.34
C GLN K 6 -1.04 55.47 -14.37
N PRO K 7 0.25 55.33 -14.05
CA PRO K 7 0.89 56.31 -13.17
C PRO K 7 0.95 57.67 -13.83
N PRO K 8 0.87 58.76 -13.05
CA PRO K 8 0.88 60.11 -13.64
C PRO K 8 2.22 60.48 -14.26
N SER K 9 3.31 60.31 -13.51
CA SER K 9 4.63 60.67 -13.99
C SER K 9 5.67 59.76 -13.35
N VAL K 10 6.83 59.66 -14.00
CA VAL K 10 7.92 58.80 -13.55
C VAL K 10 9.24 59.44 -13.93
N SER K 11 10.21 59.35 -13.02
CA SER K 11 11.54 59.91 -13.22
C SER K 11 12.49 58.82 -13.68
N GLY K 12 13.48 59.22 -14.48
CA GLY K 12 14.46 58.29 -15.01
C GLY K 12 15.86 58.84 -14.89
N ALA K 13 16.83 57.94 -15.03
CA ALA K 13 18.24 58.28 -14.95
C ALA K 13 18.98 57.64 -16.11
N PRO K 14 20.06 58.29 -16.60
CA PRO K 14 20.81 57.74 -17.75
C PRO K 14 21.69 56.54 -17.41
N GLY K 15 21.07 55.36 -17.39
CA GLY K 15 21.82 54.13 -17.15
C GLY K 15 21.05 53.10 -16.33
N GLN K 16 20.00 53.52 -15.66
CA GLN K 16 19.20 52.62 -14.84
C GLN K 16 18.01 52.09 -15.64
N ARG K 17 17.21 51.23 -15.00
CA ARG K 17 16.07 50.61 -15.62
C ARG K 17 14.79 51.12 -14.97
N VAL K 18 13.80 51.46 -15.79
CA VAL K 18 12.52 51.99 -15.34
C VAL K 18 11.42 51.03 -15.76
N THR K 19 10.61 50.60 -14.80
CA THR K 19 9.50 49.69 -15.05
C THR K 19 8.18 50.44 -14.93
N ILE K 20 7.35 50.37 -15.96
CA ILE K 20 6.06 51.04 -16.00
C ILE K 20 4.98 49.96 -15.96
N SER K 21 4.04 50.10 -15.03
CA SER K 21 2.97 49.14 -14.83
C SER K 21 1.65 49.76 -15.29
N CYS K 22 0.97 49.06 -16.20
CA CYS K 22 -0.34 49.49 -16.72
C CYS K 22 -1.36 48.43 -16.34
N THR K 23 -2.28 48.78 -15.44
CA THR K 23 -3.29 47.87 -14.95
C THR K 23 -4.68 48.36 -15.33
N GLY K 24 -5.59 47.42 -15.54
CA GLY K 24 -6.96 47.74 -15.90
C GLY K 24 -7.97 46.76 -15.35
N SER K 25 -9.20 46.83 -15.85
CA SER K 25 -10.25 45.94 -15.39
C SER K 25 -10.06 44.54 -15.93
N SER K 26 -10.77 43.58 -15.32
CA SER K 26 -10.66 42.18 -15.73
C SER K 26 -11.33 41.93 -17.09
N SER K 27 -12.25 42.80 -17.51
CA SER K 27 -12.93 42.59 -18.77
C SER K 27 -12.03 42.91 -19.96
N ASN K 28 -11.07 43.81 -19.79
CA ASN K 28 -10.17 44.23 -20.86
C ASN K 28 -8.74 43.76 -20.64
N ILE K 29 -8.17 44.02 -19.47
CA ILE K 29 -6.78 43.67 -19.20
C ILE K 29 -6.68 42.27 -18.60
N GLY K 30 -7.53 41.95 -17.64
CA GLY K 30 -7.51 40.64 -17.00
C GLY K 30 -7.95 39.49 -17.89
N ALA K 31 -8.58 39.79 -19.02
CA ALA K 31 -9.00 38.76 -19.98
C ALA K 31 -7.81 38.36 -20.85
N GLY K 32 -8.07 37.63 -21.92
CA GLY K 32 -7.03 37.15 -22.80
C GLY K 32 -6.50 38.16 -23.79
N TYR K 33 -7.02 39.39 -23.78
CA TYR K 33 -6.55 40.40 -24.71
C TYR K 33 -5.12 40.83 -24.37
N ASP K 34 -4.34 41.09 -25.41
CA ASP K 34 -2.97 41.55 -25.24
C ASP K 34 -2.95 43.07 -25.02
N VAL K 35 -1.74 43.61 -24.88
CA VAL K 35 -1.56 45.05 -24.70
C VAL K 35 -0.66 45.57 -25.82
N HIS K 36 -0.81 46.86 -26.12
CA HIS K 36 -0.03 47.52 -27.16
C HIS K 36 0.47 48.85 -26.61
N TRP K 37 1.76 49.11 -26.79
CA TRP K 37 2.39 50.34 -26.31
C TRP K 37 2.56 51.32 -27.45
N TYR K 38 2.25 52.58 -27.19
CA TYR K 38 2.40 53.66 -28.17
C TYR K 38 3.19 54.79 -27.54
N GLN K 39 4.20 55.27 -28.26
CA GLN K 39 5.05 56.37 -27.80
C GLN K 39 4.63 57.64 -28.54
N GLN K 40 4.15 58.63 -27.80
CA GLN K 40 3.66 59.89 -28.36
C GLN K 40 4.67 60.99 -28.03
N LEU K 41 5.50 61.33 -29.01
CA LEU K 41 6.45 62.42 -28.82
C LEU K 41 5.73 63.76 -28.82
N PRO K 42 6.24 64.74 -28.07
CA PRO K 42 5.59 66.06 -28.04
C PRO K 42 5.79 66.83 -29.34
N GLY K 43 5.00 66.51 -30.36
CA GLY K 43 5.11 67.16 -31.65
C GLY K 43 5.15 66.17 -32.81
N THR K 44 5.06 64.89 -32.49
CA THR K 44 5.09 63.83 -33.50
C THR K 44 3.94 62.86 -33.25
N ALA K 45 3.43 62.27 -34.33
CA ALA K 45 2.33 61.33 -34.23
C ALA K 45 2.81 60.05 -33.52
N PRO K 46 1.95 59.43 -32.72
CA PRO K 46 2.36 58.19 -32.03
C PRO K 46 2.57 57.05 -33.00
N LYS K 47 3.44 56.12 -32.60
CA LYS K 47 3.74 54.94 -33.40
C LYS K 47 3.74 53.72 -32.50
N LEU K 48 3.56 52.56 -33.11
CA LEU K 48 3.52 51.30 -32.37
C LEU K 48 4.90 50.97 -31.83
N LEU K 49 4.97 50.58 -30.55
CA LEU K 49 6.22 50.20 -29.91
C LEU K 49 6.39 48.69 -29.88
N ILE K 50 5.44 47.96 -29.29
CA ILE K 50 5.39 46.51 -29.32
C ILE K 50 3.96 46.06 -29.61
N TYR K 51 3.84 44.84 -30.11
CA TYR K 51 2.54 44.24 -30.37
C TYR K 51 2.62 42.76 -30.08
N GLY K 52 1.54 42.21 -29.51
CA GLY K 52 1.51 40.81 -29.13
C GLY K 52 2.26 40.50 -27.86
N ASN K 53 2.75 41.50 -27.14
CA ASN K 53 3.47 41.44 -25.86
C ASN K 53 4.85 40.79 -25.97
N SER K 54 5.23 40.28 -27.15
CA SER K 54 6.55 39.69 -27.31
C SER K 54 7.28 40.11 -28.58
N ASN K 55 6.59 40.62 -29.60
CA ASN K 55 7.19 40.95 -30.88
C ASN K 55 7.56 42.43 -30.94
N ARG K 56 8.40 42.77 -31.91
CA ARG K 56 8.84 44.14 -32.13
C ARG K 56 8.73 44.47 -33.61
N PRO K 57 8.05 45.55 -33.98
CA PRO K 57 7.97 45.93 -35.39
C PRO K 57 9.31 46.47 -35.90
N SER K 58 9.36 46.63 -37.21
CA SER K 58 10.58 47.13 -37.85
C SER K 58 10.83 48.58 -37.47
N GLY K 59 12.10 48.90 -37.19
CA GLY K 59 12.50 50.22 -36.76
C GLY K 59 12.49 50.44 -35.26
N VAL K 60 11.93 49.51 -34.49
CA VAL K 60 11.92 49.64 -33.04
C VAL K 60 13.27 49.18 -32.50
N PRO K 61 13.94 49.98 -31.68
CA PRO K 61 15.23 49.57 -31.11
C PRO K 61 15.07 48.40 -30.15
N ASP K 62 16.15 47.62 -30.02
CA ASP K 62 16.13 46.44 -29.17
C ASP K 62 16.08 46.77 -27.68
N ARG K 63 16.31 48.02 -27.30
CA ARG K 63 16.26 48.40 -25.89
C ARG K 63 14.85 48.36 -25.32
N PHE K 64 13.83 48.43 -26.18
CA PHE K 64 12.44 48.40 -25.73
C PHE K 64 11.95 46.96 -25.67
N SER K 65 11.40 46.58 -24.51
CA SER K 65 10.87 45.24 -24.31
C SER K 65 9.62 45.32 -23.44
N GLY K 66 8.77 44.29 -23.56
CA GLY K 66 7.55 44.23 -22.80
C GLY K 66 7.18 42.81 -22.46
N SER K 67 6.37 42.68 -21.41
CA SER K 67 5.91 41.37 -20.94
C SER K 67 4.55 41.52 -20.28
N LYS K 68 3.84 40.40 -20.18
CA LYS K 68 2.53 40.36 -19.54
C LYS K 68 2.58 39.38 -18.37
N SER K 69 2.09 39.82 -17.21
CA SER K 69 2.11 39.00 -16.00
C SER K 69 0.75 39.15 -15.31
N GLY K 70 -0.13 38.17 -15.52
CA GLY K 70 -1.44 38.21 -14.89
C GLY K 70 -2.30 39.32 -15.46
N THR K 71 -2.88 40.13 -14.58
CA THR K 71 -3.75 41.22 -14.96
C THR K 71 -3.02 42.56 -14.98
N SER K 72 -1.73 42.55 -15.33
CA SER K 72 -0.94 43.76 -15.41
C SER K 72 0.04 43.66 -16.57
N ALA K 73 0.45 44.81 -17.08
CA ALA K 73 1.41 44.91 -18.17
C ALA K 73 2.65 45.66 -17.71
N SER K 74 3.81 45.14 -18.07
CA SER K 74 5.09 45.71 -17.66
C SER K 74 5.90 46.10 -18.89
N LEU K 75 6.50 47.29 -18.82
CA LEU K 75 7.34 47.81 -19.90
C LEU K 75 8.75 48.00 -19.37
N ALA K 76 9.71 47.37 -20.03
CA ALA K 76 11.11 47.44 -19.65
C ALA K 76 11.91 48.08 -20.77
N ILE K 77 12.65 49.14 -20.45
CA ILE K 77 13.47 49.86 -21.40
C ILE K 77 14.92 49.78 -20.94
N THR K 78 15.80 49.35 -21.84
CA THR K 78 17.23 49.23 -21.53
C THR K 78 17.89 50.59 -21.74
N GLY K 79 18.03 51.34 -20.67
CA GLY K 79 18.62 52.67 -20.74
C GLY K 79 17.61 53.73 -21.14
N LEU K 80 17.97 54.97 -20.83
CA LEU K 80 17.13 56.12 -21.15
C LEU K 80 17.95 57.15 -21.91
N GLN K 81 17.44 57.60 -23.04
CA GLN K 81 18.12 58.57 -23.91
C GLN K 81 17.40 59.92 -23.85
N ALA K 82 17.95 60.88 -24.59
CA ALA K 82 17.34 62.21 -24.64
C ALA K 82 16.05 62.23 -25.46
N GLU K 83 15.87 61.29 -26.36
CA GLU K 83 14.68 61.21 -27.19
C GLU K 83 13.57 60.37 -26.56
N ASP K 84 13.78 59.85 -25.35
CA ASP K 84 12.78 59.05 -24.67
C ASP K 84 11.77 59.88 -23.90
N GLU K 85 11.90 61.21 -23.91
CA GLU K 85 10.97 62.09 -23.20
C GLU K 85 9.68 62.18 -24.01
N ALA K 86 8.80 61.20 -23.78
CA ALA K 86 7.54 61.13 -24.48
C ALA K 86 6.52 60.40 -23.62
N ASP K 87 5.25 60.57 -23.96
CA ASP K 87 4.16 59.94 -23.23
C ASP K 87 3.91 58.54 -23.79
N TYR K 88 3.75 57.57 -22.90
CA TYR K 88 3.52 56.19 -23.27
C TYR K 88 2.11 55.77 -22.85
N TYR K 89 1.43 55.04 -23.74
CA TYR K 89 0.05 54.63 -23.51
C TYR K 89 -0.09 53.14 -23.80
N CYS K 90 -0.96 52.49 -23.03
CA CYS K 90 -1.27 51.08 -23.22
C CYS K 90 -2.68 50.95 -23.76
N GLN K 91 -2.83 50.16 -24.82
CA GLN K 91 -4.11 50.00 -25.51
C GLN K 91 -4.50 48.53 -25.51
N SER K 92 -5.76 48.26 -25.20
CA SER K 92 -6.28 46.90 -25.18
C SER K 92 -7.76 46.91 -25.54
N TYR K 93 -8.25 45.75 -25.97
CA TYR K 93 -9.65 45.61 -26.35
C TYR K 93 -10.52 45.43 -25.11
N ASP K 94 -11.67 46.11 -25.11
CA ASP K 94 -12.61 46.07 -24.00
C ASP K 94 -13.87 45.33 -24.43
N SER K 95 -14.25 44.31 -23.65
CA SER K 95 -15.44 43.53 -23.98
C SER K 95 -16.72 44.31 -23.64
N SER K 96 -16.73 44.98 -22.49
CA SER K 96 -17.95 45.67 -22.06
C SER K 96 -18.22 46.90 -22.92
N LEU K 97 -17.18 47.66 -23.26
CA LEU K 97 -17.36 48.86 -24.07
C LEU K 97 -17.42 48.58 -25.56
N SER K 98 -17.14 47.34 -25.97
CA SER K 98 -17.19 46.91 -27.37
C SER K 98 -16.29 47.77 -28.26
N GLY K 99 -15.11 48.12 -27.74
CA GLY K 99 -14.17 48.92 -28.50
C GLY K 99 -12.84 48.98 -27.80
N SER K 100 -11.81 49.33 -28.58
CA SER K 100 -10.48 49.47 -28.03
C SER K 100 -10.39 50.70 -27.14
N VAL K 101 -9.68 50.56 -26.02
CA VAL K 101 -9.50 51.66 -25.07
C VAL K 101 -8.02 51.87 -24.84
N PHE K 102 -7.66 53.09 -24.47
CA PHE K 102 -6.28 53.47 -24.22
C PHE K 102 -6.08 53.78 -22.74
N GLY K 103 -4.83 53.70 -22.31
CA GLY K 103 -4.49 53.96 -20.92
C GLY K 103 -4.49 55.44 -20.58
N GLY K 104 -4.34 55.72 -19.28
CA GLY K 104 -4.30 57.10 -18.82
C GLY K 104 -3.03 57.84 -19.20
N GLY K 105 -1.95 57.12 -19.45
CA GLY K 105 -0.71 57.74 -19.88
C GLY K 105 0.21 58.06 -18.72
N THR K 106 1.51 58.06 -19.02
CA THR K 106 2.55 58.39 -18.05
C THR K 106 3.54 59.35 -18.69
N LYS K 107 4.17 60.17 -17.85
CA LYS K 107 5.14 61.16 -18.29
C LYS K 107 6.52 60.74 -17.81
N LEU K 108 7.45 60.59 -18.75
CA LEU K 108 8.83 60.21 -18.46
C LEU K 108 9.72 61.39 -18.88
N THR K 109 10.16 62.16 -17.89
CA THR K 109 10.97 63.34 -18.13
C THR K 109 12.38 63.09 -17.62
N VAL K 110 13.36 63.18 -18.51
CA VAL K 110 14.78 63.03 -18.17
C VAL K 110 15.47 64.29 -18.67
N LEU K 111 15.62 65.28 -17.79
CA LEU K 111 16.22 66.55 -18.16
C LEU K 111 16.83 67.20 -16.94
N GLY K 112 17.74 68.15 -17.18
CA GLY K 112 18.37 68.90 -16.11
C GLY K 112 19.02 70.16 -16.63
N GLN K 113 18.74 71.29 -15.98
CA GLN K 113 19.26 72.58 -16.41
C GLN K 113 19.85 73.33 -15.22
N PRO K 114 20.87 74.16 -15.47
CA PRO K 114 21.46 74.99 -14.38
C PRO K 114 20.58 76.19 -14.04
N LYS K 115 19.59 75.93 -13.19
CA LYS K 115 18.66 76.99 -12.77
C LYS K 115 19.38 78.03 -11.92
N ALA K 116 19.10 79.30 -12.18
CA ALA K 116 19.70 80.39 -11.45
C ALA K 116 18.64 81.35 -10.93
N ALA K 117 19.07 82.50 -10.41
CA ALA K 117 18.13 83.49 -9.92
C ALA K 117 17.37 84.11 -11.09
N PRO K 118 16.05 84.26 -10.97
CA PRO K 118 15.27 84.82 -12.08
C PRO K 118 15.55 86.31 -12.26
N SER K 119 15.46 86.76 -13.51
CA SER K 119 15.64 88.17 -13.87
C SER K 119 14.31 88.69 -14.41
N VAL K 120 13.85 89.80 -13.87
CA VAL K 120 12.54 90.37 -14.21
C VAL K 120 12.75 91.78 -14.78
N THR K 121 12.03 92.08 -15.87
CA THR K 121 12.02 93.39 -16.48
C THR K 121 10.59 93.84 -16.70
N LEU K 122 10.29 95.07 -16.33
CA LEU K 122 8.95 95.64 -16.43
C LEU K 122 8.92 96.74 -17.48
N PHE K 123 7.94 96.69 -18.36
CA PHE K 123 7.80 97.68 -19.42
C PHE K 123 6.48 98.42 -19.27
N PRO K 124 6.47 99.63 -18.70
CA PRO K 124 5.24 100.41 -18.65
C PRO K 124 4.70 100.66 -20.05
N PRO K 125 3.38 100.75 -20.21
CA PRO K 125 2.80 101.04 -21.52
C PRO K 125 3.18 102.43 -22.02
N SER K 126 3.24 102.56 -23.34
CA SER K 126 3.59 103.83 -23.96
C SER K 126 2.40 104.78 -23.96
N SER K 127 2.61 105.98 -24.48
CA SER K 127 1.55 106.99 -24.49
C SER K 127 0.49 106.68 -25.54
N GLU K 128 0.87 106.00 -26.63
CA GLU K 128 -0.09 105.70 -27.68
C GLU K 128 -1.06 104.59 -27.29
N GLU K 129 -0.75 103.81 -26.26
CA GLU K 129 -1.64 102.75 -25.82
C GLU K 129 -2.83 103.26 -25.02
N LEU K 130 -2.76 104.51 -24.51
CA LEU K 130 -3.85 105.06 -23.73
C LEU K 130 -5.04 105.48 -24.57
N GLN K 131 -4.86 105.65 -25.88
CA GLN K 131 -5.94 106.05 -26.77
C GLN K 131 -6.76 104.88 -27.28
N ALA K 132 -6.41 103.66 -26.91
CA ALA K 132 -7.14 102.46 -27.33
C ALA K 132 -8.17 102.02 -26.31
N ASN K 133 -8.44 102.85 -25.29
CA ASN K 133 -9.40 102.55 -24.22
C ASN K 133 -9.05 101.26 -23.49
N LYS K 134 -7.77 100.96 -23.36
CA LYS K 134 -7.32 99.77 -22.64
C LYS K 134 -5.91 100.02 -22.11
N ALA K 135 -5.56 99.30 -21.05
CA ALA K 135 -4.24 99.36 -20.45
C ALA K 135 -3.74 97.95 -20.23
N THR K 136 -2.55 97.66 -20.74
CA THR K 136 -1.95 96.33 -20.65
C THR K 136 -0.58 96.44 -19.99
N LEU K 137 -0.44 95.79 -18.83
CA LEU K 137 0.82 95.79 -18.09
C LEU K 137 1.51 94.46 -18.30
N VAL K 138 2.76 94.51 -18.75
CA VAL K 138 3.54 93.31 -19.03
C VAL K 138 4.61 93.15 -17.95
N CYS K 139 4.95 91.90 -17.67
CA CYS K 139 5.98 91.55 -16.68
C CYS K 139 6.88 90.49 -17.34
N LEU K 140 7.92 90.95 -18.03
CA LEU K 140 8.81 90.05 -18.75
C LEU K 140 9.80 89.42 -17.79
N ILE K 141 9.91 88.09 -17.84
CA ILE K 141 10.83 87.34 -17.02
C ILE K 141 11.63 86.39 -17.91
N SER K 142 12.93 86.31 -17.69
CA SER K 142 13.82 85.51 -18.51
C SER K 142 14.90 84.90 -17.64
N ASP K 143 15.54 83.85 -18.17
CA ASP K 143 16.62 83.13 -17.50
C ASP K 143 16.16 82.57 -16.15
N PHE K 144 15.19 81.66 -16.23
CA PHE K 144 14.57 81.08 -15.04
C PHE K 144 14.29 79.61 -15.32
N TYR K 145 13.59 78.96 -14.38
CA TYR K 145 13.20 77.56 -14.47
C TYR K 145 11.69 77.43 -14.59
N PRO K 146 11.20 76.42 -15.32
CA PRO K 146 9.73 76.27 -15.46
C PRO K 146 9.00 76.07 -14.15
N GLY K 147 9.64 75.48 -13.14
CA GLY K 147 9.03 75.38 -11.83
C GLY K 147 9.05 76.71 -11.10
N ALA K 148 8.07 76.89 -10.21
CA ALA K 148 7.91 78.08 -9.38
C ALA K 148 7.82 79.35 -10.23
N VAL K 149 6.75 79.40 -11.03
CA VAL K 149 6.52 80.53 -11.94
C VAL K 149 5.31 81.33 -11.48
N THR K 150 5.07 81.35 -10.18
CA THR K 150 3.96 82.11 -9.63
C THR K 150 4.16 83.60 -9.85
N VAL K 151 3.10 84.28 -10.29
CA VAL K 151 3.14 85.70 -10.61
C VAL K 151 2.12 86.41 -9.74
N ALA K 152 2.55 87.48 -9.06
CA ALA K 152 1.69 88.28 -8.21
C ALA K 152 1.82 89.75 -8.58
N TRP K 153 0.71 90.47 -8.44
CA TRP K 153 0.66 91.90 -8.76
C TRP K 153 0.18 92.68 -7.54
N LYS K 154 0.80 93.82 -7.31
CA LYS K 154 0.44 94.69 -6.18
C LYS K 154 0.45 96.14 -6.64
N ALA K 155 -0.32 96.96 -5.93
CA ALA K 155 -0.42 98.39 -6.20
C ALA K 155 -0.05 99.21 -4.96
N ASP K 156 0.83 98.67 -4.13
CA ASP K 156 1.37 99.24 -2.89
C ASP K 156 0.31 99.44 -1.81
N SER K 157 -0.95 99.06 -2.04
CA SER K 157 -1.98 99.14 -1.02
C SER K 157 -2.85 97.89 -0.92
N SER K 158 -2.96 97.09 -1.98
CA SER K 158 -3.78 95.89 -1.97
C SER K 158 -3.35 95.01 -3.14
N PRO K 159 -3.31 93.68 -2.97
CA PRO K 159 -2.96 92.81 -4.08
C PRO K 159 -4.03 92.80 -5.15
N VAL K 160 -3.62 92.55 -6.39
CA VAL K 160 -4.51 92.52 -7.53
C VAL K 160 -4.88 91.07 -7.83
N LYS K 161 -6.18 90.79 -7.88
CA LYS K 161 -6.68 89.45 -8.14
C LYS K 161 -7.52 89.39 -9.42
N ALA K 162 -7.44 90.42 -10.25
CA ALA K 162 -8.19 90.47 -11.50
C ALA K 162 -7.22 90.67 -12.66
N GLY K 163 -7.43 89.91 -13.73
CA GLY K 163 -6.59 90.01 -14.91
C GLY K 163 -5.26 89.30 -14.81
N VAL K 164 -5.02 88.55 -13.75
CA VAL K 164 -3.77 87.83 -13.59
C VAL K 164 -3.85 86.49 -14.32
N GLU K 165 -2.74 86.11 -14.96
CA GLU K 165 -2.68 84.88 -15.72
C GLU K 165 -1.23 84.43 -15.82
N THR K 166 -1.04 83.17 -16.21
CA THR K 166 0.29 82.59 -16.35
C THR K 166 0.42 81.96 -17.73
N THR K 167 1.49 82.30 -18.44
CA THR K 167 1.78 81.73 -19.75
C THR K 167 2.86 80.66 -19.61
N THR K 168 2.71 79.58 -20.36
CA THR K 168 3.73 78.54 -20.37
C THR K 168 5.00 79.06 -21.04
N PRO K 169 6.17 78.62 -20.60
CA PRO K 169 7.42 79.10 -21.21
C PRO K 169 7.74 78.36 -22.50
N SER K 170 8.58 79.00 -23.31
CA SER K 170 9.03 78.45 -24.58
C SER K 170 10.54 78.22 -24.52
N LYS K 171 10.99 77.09 -25.06
CA LYS K 171 12.40 76.75 -25.04
C LYS K 171 13.20 77.65 -25.97
N GLN K 172 14.33 78.16 -25.49
CA GLN K 172 15.22 78.99 -26.27
C GLN K 172 16.23 78.11 -27.00
N SER K 173 17.24 78.74 -27.59
CA SER K 173 18.28 78.03 -28.32
C SER K 173 19.48 77.68 -27.45
N ASN K 174 19.46 78.02 -26.16
CA ASN K 174 20.55 77.73 -25.24
C ASN K 174 20.04 76.99 -24.01
N ASN K 175 19.06 76.11 -24.21
CA ASN K 175 18.44 75.30 -23.14
C ASN K 175 17.88 76.19 -22.03
N LYS K 176 17.12 77.21 -22.42
CA LYS K 176 16.51 78.13 -21.49
C LYS K 176 15.04 78.33 -21.85
N TYR K 177 14.25 78.68 -20.84
CA TYR K 177 12.81 78.88 -21.00
C TYR K 177 12.46 80.31 -20.64
N ALA K 178 11.64 80.95 -21.48
CA ALA K 178 11.23 82.33 -21.28
C ALA K 178 9.72 82.44 -21.35
N ALA K 179 9.15 83.24 -20.46
CA ALA K 179 7.71 83.44 -20.41
C ALA K 179 7.43 84.88 -20.00
N SER K 180 6.15 85.21 -19.84
CA SER K 180 5.72 86.55 -19.47
C SER K 180 4.33 86.46 -18.86
N SER K 181 3.79 87.62 -18.49
CA SER K 181 2.43 87.70 -17.95
C SER K 181 1.82 89.03 -18.36
N TYR K 182 0.52 89.00 -18.65
CA TYR K 182 -0.21 90.19 -19.10
C TYR K 182 -1.27 90.55 -18.06
N LEU K 183 -1.52 91.84 -17.92
CA LEU K 183 -2.51 92.36 -16.97
C LEU K 183 -3.35 93.41 -17.68
N SER K 184 -4.62 93.11 -17.90
CA SER K 184 -5.52 94.03 -18.58
C SER K 184 -6.13 95.02 -17.59
N LEU K 185 -6.04 96.31 -17.91
CA LEU K 185 -6.58 97.37 -17.07
C LEU K 185 -7.21 98.42 -17.98
N THR K 186 -7.52 99.58 -17.40
CA THR K 186 -8.10 100.68 -18.14
C THR K 186 -7.31 101.95 -17.87
N PRO K 187 -7.23 102.87 -18.85
CA PRO K 187 -6.53 104.14 -18.62
C PRO K 187 -7.18 105.04 -17.58
N GLU K 188 -8.46 104.81 -17.24
CA GLU K 188 -9.13 105.65 -16.26
C GLU K 188 -8.50 105.50 -14.88
N GLN K 189 -8.18 104.26 -14.48
CA GLN K 189 -7.55 104.01 -13.19
C GLN K 189 -6.03 103.92 -13.28
N TRP K 190 -5.46 104.11 -14.47
CA TRP K 190 -4.01 104.03 -14.62
C TRP K 190 -3.31 105.17 -13.88
N LYS K 191 -3.86 106.37 -13.94
CA LYS K 191 -3.25 107.52 -13.28
C LYS K 191 -3.61 107.62 -11.80
N SER K 192 -4.57 106.83 -11.33
CA SER K 192 -4.96 106.91 -9.92
C SER K 192 -3.88 106.31 -9.02
N HIS K 193 -3.35 105.14 -9.38
CA HIS K 193 -2.33 104.49 -8.58
C HIS K 193 -0.97 105.17 -8.79
N ARG K 194 -0.21 105.27 -7.70
CA ARG K 194 1.08 105.95 -7.76
C ARG K 194 2.14 105.11 -8.46
N SER K 195 2.16 103.79 -8.20
CA SER K 195 3.17 102.92 -8.77
C SER K 195 2.61 101.53 -8.93
N TYR K 196 3.26 100.74 -9.79
CA TYR K 196 2.89 99.36 -10.05
C TYR K 196 4.13 98.47 -9.95
N SER K 197 3.92 97.22 -9.55
CA SER K 197 5.02 96.28 -9.41
C SER K 197 4.52 94.87 -9.74
N CYS K 198 5.45 94.04 -10.20
CA CYS K 198 5.17 92.64 -10.50
C CYS K 198 6.04 91.76 -9.61
N GLN K 199 5.41 90.84 -8.89
CA GLN K 199 6.09 89.97 -7.94
C GLN K 199 6.23 88.58 -8.53
N VAL K 200 7.46 88.09 -8.61
CA VAL K 200 7.76 86.75 -9.09
C VAL K 200 8.52 86.00 -8.00
N THR K 201 8.01 84.84 -7.60
CA THR K 201 8.63 84.03 -6.57
C THR K 201 9.19 82.76 -7.18
N HIS K 202 10.47 82.49 -6.92
CA HIS K 202 11.15 81.32 -7.45
C HIS K 202 12.12 80.80 -6.41
N GLU K 203 11.93 79.54 -5.98
CA GLU K 203 12.77 78.82 -5.02
C GLU K 203 13.10 79.64 -3.77
N GLY K 204 12.19 80.51 -3.37
CA GLY K 204 12.39 81.36 -2.21
C GLY K 204 13.12 82.66 -2.48
N SER K 205 13.57 82.89 -3.71
CA SER K 205 14.25 84.13 -4.08
C SER K 205 13.24 85.09 -4.70
N THR K 206 13.08 86.25 -4.08
CA THR K 206 12.11 87.25 -4.52
C THR K 206 12.84 88.50 -4.99
N VAL K 207 12.52 88.94 -6.20
CA VAL K 207 13.08 90.16 -6.78
C VAL K 207 11.94 91.13 -7.03
N GLU K 208 12.08 92.35 -6.53
CA GLU K 208 11.04 93.36 -6.63
C GLU K 208 11.53 94.51 -7.50
N LYS K 209 10.72 94.91 -8.47
CA LYS K 209 11.02 96.04 -9.34
C LYS K 209 9.83 97.00 -9.33
N THR K 210 10.14 98.30 -9.25
CA THR K 210 9.11 99.33 -9.17
C THR K 210 9.26 100.27 -10.35
N VAL K 211 8.17 100.48 -11.09
CA VAL K 211 8.13 101.39 -12.23
C VAL K 211 7.23 102.56 -11.89
N ALA K 212 7.70 103.77 -12.19
CA ALA K 212 6.95 104.98 -11.89
C ALA K 212 6.34 105.55 -13.15
N PRO K 213 5.01 105.52 -13.30
CA PRO K 213 4.38 106.14 -14.47
C PRO K 213 4.60 107.65 -14.56
N THR K 214 4.71 108.33 -13.43
CA THR K 214 4.92 109.77 -13.42
C THR K 214 6.13 110.14 -12.57
N GLU L 1 70.12 7.42 -34.82
CA GLU L 1 69.12 6.75 -35.65
C GLU L 1 67.73 7.31 -35.38
N VAL L 2 67.67 8.51 -34.80
CA VAL L 2 66.42 9.17 -34.45
C VAL L 2 66.22 10.36 -35.38
N GLN L 3 65.03 10.45 -35.97
CA GLN L 3 64.69 11.52 -36.89
C GLN L 3 63.24 11.92 -36.70
N LEU L 4 62.98 13.23 -36.78
CA LEU L 4 61.63 13.77 -36.66
C LEU L 4 61.39 14.77 -37.78
N VAL L 5 60.15 14.81 -38.27
CA VAL L 5 59.75 15.69 -39.36
C VAL L 5 58.66 16.62 -38.85
N GLU L 6 58.88 17.92 -39.03
CA GLU L 6 57.96 18.95 -38.56
C GLU L 6 57.28 19.63 -39.75
N SER L 7 55.98 19.87 -39.61
CA SER L 7 55.20 20.50 -40.66
C SER L 7 53.97 21.14 -40.04
N GLY L 8 53.27 21.94 -40.84
CA GLY L 8 52.06 22.61 -40.42
C GLY L 8 52.20 24.09 -40.13
N GLY L 9 53.42 24.59 -40.04
CA GLY L 9 53.61 26.00 -39.77
C GLY L 9 53.31 26.87 -40.98
N GLY L 10 53.00 28.13 -40.71
CA GLY L 10 52.69 29.06 -41.77
C GLY L 10 52.10 30.34 -41.21
N LEU L 11 51.64 31.18 -42.13
CA LEU L 11 51.02 32.46 -41.77
C LEU L 11 49.52 32.31 -41.65
N ILE L 12 48.97 32.73 -40.52
CA ILE L 12 47.53 32.62 -40.25
C ILE L 12 47.13 33.74 -39.30
N GLN L 13 45.82 34.02 -39.27
CA GLN L 13 45.31 35.05 -38.37
C GLN L 13 45.37 34.57 -36.92
N PRO L 14 45.53 35.49 -35.97
CA PRO L 14 45.50 35.10 -34.55
C PRO L 14 44.20 34.45 -34.12
N GLY L 15 43.07 34.85 -34.68
CA GLY L 15 41.80 34.25 -34.35
C GLY L 15 41.46 33.07 -35.25
N GLY L 16 42.33 32.08 -35.30
CA GLY L 16 42.13 30.91 -36.14
C GLY L 16 42.60 29.65 -35.44
N SER L 17 42.39 28.52 -36.12
CA SER L 17 42.75 27.20 -35.61
C SER L 17 43.88 26.63 -36.44
N LEU L 18 44.92 26.14 -35.76
CA LEU L 18 46.09 25.56 -36.41
C LEU L 18 46.29 24.13 -35.91
N ARG L 19 46.64 23.24 -36.83
CA ARG L 19 46.92 21.85 -36.52
C ARG L 19 48.30 21.48 -37.04
N LEU L 20 49.10 20.85 -36.21
CA LEU L 20 50.46 20.45 -36.55
C LEU L 20 50.51 18.97 -36.88
N SER L 21 51.68 18.54 -37.38
CA SER L 21 51.89 17.14 -37.75
C SER L 21 53.37 16.83 -37.56
N CYS L 22 53.69 16.06 -36.53
CA CYS L 22 55.05 15.60 -36.26
C CYS L 22 55.10 14.09 -36.49
N ALA L 23 55.99 13.65 -37.37
CA ALA L 23 56.12 12.26 -37.73
C ALA L 23 57.42 11.69 -37.17
N ALA L 24 57.32 10.55 -36.50
CA ALA L 24 58.48 9.85 -35.95
C ALA L 24 58.72 8.58 -36.74
N SER L 25 59.96 8.40 -37.20
CA SER L 25 60.30 7.25 -38.02
C SER L 25 60.55 6.01 -37.18
N GLY L 26 61.54 6.05 -36.31
CA GLY L 26 61.90 4.91 -35.48
C GLY L 26 61.42 5.02 -34.05
N LEU L 27 60.47 5.91 -33.80
CA LEU L 27 59.97 6.16 -32.46
C LEU L 27 58.46 5.94 -32.41
N THR L 28 57.99 5.36 -31.30
CA THR L 28 56.57 5.15 -31.08
C THR L 28 56.01 6.32 -30.27
N VAL L 29 54.92 6.92 -30.77
CA VAL L 29 54.36 8.10 -30.14
C VAL L 29 53.53 7.80 -28.90
N SER L 30 53.22 6.54 -28.64
CA SER L 30 52.40 6.15 -27.50
C SER L 30 53.18 5.27 -26.52
N SER L 31 54.51 5.42 -26.49
CA SER L 31 55.34 4.62 -25.61
C SER L 31 56.38 5.42 -24.84
N ASN L 32 56.52 6.72 -25.10
CA ASN L 32 57.52 7.52 -24.42
C ASN L 32 57.05 8.96 -24.32
N TYR L 33 57.66 9.71 -23.42
CA TYR L 33 57.31 11.11 -23.23
C TYR L 33 57.71 11.94 -24.44
N MET L 34 56.82 12.84 -24.86
CA MET L 34 57.07 13.75 -25.96
C MET L 34 56.90 15.17 -25.47
N HIS L 35 57.77 16.06 -25.95
CA HIS L 35 57.78 17.45 -25.52
C HIS L 35 57.70 18.38 -26.72
N TRP L 36 57.10 19.55 -26.51
CA TRP L 36 56.94 20.57 -27.55
C TRP L 36 57.65 21.83 -27.06
N VAL L 37 58.93 21.96 -27.38
CA VAL L 37 59.73 23.10 -26.93
C VAL L 37 59.69 24.17 -28.00
N ARG L 38 59.33 25.40 -27.60
CA ARG L 38 59.15 26.52 -28.50
C ARG L 38 60.09 27.65 -28.11
N GLN L 39 60.86 28.14 -29.08
CA GLN L 39 61.84 29.19 -28.85
C GLN L 39 61.43 30.47 -29.55
N ALA L 40 61.33 31.56 -28.79
CA ALA L 40 60.98 32.84 -29.36
C ALA L 40 62.14 33.39 -30.20
N PRO L 41 61.84 34.13 -31.26
CA PRO L 41 62.91 34.75 -32.06
C PRO L 41 63.63 35.82 -31.26
N GLY L 42 64.95 35.70 -31.16
CA GLY L 42 65.75 36.61 -30.36
C GLY L 42 65.80 36.28 -28.89
N LYS L 43 65.12 35.22 -28.45
CA LYS L 43 65.10 34.81 -27.05
C LYS L 43 65.46 33.33 -26.97
N GLY L 44 65.39 32.78 -25.76
CA GLY L 44 65.71 31.40 -25.51
C GLY L 44 64.50 30.49 -25.68
N LEU L 45 64.70 29.22 -25.34
CA LEU L 45 63.63 28.25 -25.41
C LEU L 45 62.59 28.49 -24.33
N GLU L 46 61.34 28.12 -24.62
CA GLU L 46 60.25 28.23 -23.67
C GLU L 46 59.42 26.95 -23.72
N TRP L 47 58.99 26.48 -22.55
CA TRP L 47 58.19 25.28 -22.45
C TRP L 47 56.73 25.59 -22.77
N VAL L 48 56.04 24.61 -23.36
CA VAL L 48 54.65 24.77 -23.75
C VAL L 48 53.78 23.74 -23.03
N SER L 49 54.00 22.46 -23.33
CA SER L 49 53.20 21.39 -22.77
C SER L 49 53.94 20.07 -22.96
N VAL L 50 53.41 19.02 -22.32
CA VAL L 50 54.03 17.70 -22.34
C VAL L 50 52.94 16.65 -22.57
N LEU L 51 53.24 15.67 -23.43
CA LEU L 51 52.38 14.52 -23.64
C LEU L 51 53.06 13.29 -23.05
N TYR L 52 52.37 12.60 -22.16
CA TYR L 52 52.94 11.46 -21.46
C TYR L 52 52.85 10.20 -22.32
N ALA L 53 53.37 9.10 -21.79
CA ALA L 53 53.26 7.81 -22.46
C ALA L 53 51.85 7.24 -22.37
N GLY L 54 51.05 7.70 -21.40
CA GLY L 54 49.67 7.31 -21.27
C GLY L 54 48.71 8.37 -21.78
N GLY L 55 47.49 8.34 -21.25
CA GLY L 55 46.48 9.31 -21.62
C GLY L 55 46.43 10.51 -20.70
N SER L 56 47.60 11.09 -20.41
CA SER L 56 47.69 12.25 -19.52
C SER L 56 48.57 13.31 -20.17
N ALA L 57 48.26 14.57 -19.86
CA ALA L 57 49.02 15.69 -20.39
C ALA L 57 49.00 16.83 -19.38
N PHE L 58 49.97 17.73 -19.51
CA PHE L 58 50.07 18.90 -18.64
C PHE L 58 50.40 20.12 -19.48
N TYR L 59 50.04 21.29 -18.95
CA TYR L 59 50.26 22.56 -19.63
C TYR L 59 50.90 23.54 -18.67
N ALA L 60 51.58 24.54 -19.25
CA ALA L 60 52.25 25.57 -18.46
C ALA L 60 51.24 26.60 -17.96
N ASP L 61 51.75 27.60 -17.24
CA ASP L 61 50.88 28.62 -16.67
C ASP L 61 50.31 29.55 -17.73
N SER L 62 51.17 30.00 -18.66
CA SER L 62 50.73 30.97 -19.66
C SER L 62 49.96 30.34 -20.81
N VAL L 63 50.05 29.02 -20.98
CA VAL L 63 49.39 28.35 -22.09
C VAL L 63 48.52 27.21 -21.56
N LYS L 64 47.98 27.39 -20.34
CA LYS L 64 47.12 26.38 -19.75
C LYS L 64 45.85 26.17 -20.58
N GLY L 65 45.23 27.27 -21.03
CA GLY L 65 44.05 27.19 -21.86
C GLY L 65 44.38 27.08 -23.33
N ARG L 66 43.32 27.08 -24.14
CA ARG L 66 43.32 27.05 -25.61
C ARG L 66 44.31 26.06 -26.22
N PHE L 67 44.54 24.94 -25.55
CA PHE L 67 45.46 23.92 -26.03
C PHE L 67 44.82 22.55 -25.92
N THR L 68 44.97 21.74 -26.97
CA THR L 68 44.45 20.39 -27.02
C THR L 68 45.46 19.49 -27.72
N ILE L 69 45.69 18.31 -27.15
CA ILE L 69 46.63 17.35 -27.71
C ILE L 69 45.93 16.02 -27.93
N SER L 70 46.42 15.26 -28.89
CA SER L 70 45.88 13.96 -29.24
C SER L 70 46.87 13.18 -30.09
N ARG L 71 47.04 11.89 -29.81
CA ARG L 71 47.96 11.04 -30.54
C ARG L 71 47.21 9.91 -31.24
N ASN L 72 47.71 9.52 -32.41
CA ASN L 72 47.13 8.44 -33.20
C ASN L 72 48.22 7.42 -33.50
N ASN L 73 47.92 6.15 -33.27
CA ASN L 73 48.87 5.07 -33.51
C ASN L 73 48.73 4.46 -34.90
N SER L 74 47.79 4.95 -35.72
CA SER L 74 47.61 4.39 -37.05
C SER L 74 48.75 4.78 -37.97
N LYS L 75 49.16 6.06 -37.95
CA LYS L 75 50.23 6.55 -38.81
C LYS L 75 51.47 6.96 -38.03
N ASN L 76 51.49 6.74 -36.70
CA ASN L 76 52.62 7.09 -35.83
C ASN L 76 53.00 8.56 -35.96
N THR L 77 51.98 9.42 -35.96
CA THR L 77 52.17 10.86 -36.07
C THR L 77 51.49 11.57 -34.91
N LEU L 78 51.97 12.78 -34.63
CA LEU L 78 51.50 13.57 -33.51
C LEU L 78 50.95 14.90 -33.99
N TYR L 79 49.81 15.30 -33.45
CA TYR L 79 49.15 16.54 -33.82
C TYR L 79 49.07 17.48 -32.62
N LEU L 80 49.26 18.76 -32.88
CA LEU L 80 49.14 19.81 -31.87
C LEU L 80 48.09 20.80 -32.35
N GLN L 81 47.06 21.03 -31.53
CA GLN L 81 45.93 21.87 -31.91
C GLN L 81 45.87 23.10 -31.02
N MET L 82 45.43 24.22 -31.61
CA MET L 82 45.30 25.48 -30.90
C MET L 82 44.08 26.21 -31.45
N ASN L 83 43.04 26.35 -30.62
CA ASN L 83 41.83 27.03 -31.06
C ASN L 83 42.02 28.54 -31.14
N SER L 84 42.88 29.11 -30.30
CA SER L 84 43.13 30.54 -30.27
C SER L 84 44.62 30.81 -30.23
N LEU L 85 45.02 31.96 -30.78
CA LEU L 85 46.41 32.37 -30.82
C LEU L 85 46.51 33.85 -30.46
N ARG L 86 47.66 34.24 -29.96
CA ARG L 86 47.93 35.62 -29.55
C ARG L 86 49.05 36.20 -30.41
N ALA L 87 49.33 37.49 -30.20
CA ALA L 87 50.36 38.17 -30.98
C ALA L 87 51.76 37.70 -30.62
N GLU L 88 51.98 37.33 -29.36
CA GLU L 88 53.29 36.86 -28.91
C GLU L 88 53.51 35.38 -29.21
N ASP L 89 52.52 34.69 -29.78
CA ASP L 89 52.62 33.26 -30.01
C ASP L 89 53.59 32.92 -31.14
N THR L 90 53.90 33.86 -32.02
CA THR L 90 54.77 33.56 -33.16
C THR L 90 56.20 33.30 -32.69
N ALA L 91 56.74 32.15 -33.07
CA ALA L 91 58.06 31.68 -32.66
C ALA L 91 58.42 30.48 -33.52
N ILE L 92 59.51 29.80 -33.15
CA ILE L 92 59.94 28.56 -33.79
C ILE L 92 59.97 27.47 -32.74
N TYR L 93 59.29 26.36 -33.01
CA TYR L 93 59.19 25.25 -32.08
C TYR L 93 59.80 23.99 -32.69
N TYR L 94 60.28 23.10 -31.82
CA TYR L 94 60.88 21.83 -32.22
C TYR L 94 60.25 20.73 -31.39
N CYS L 95 59.56 19.79 -32.07
CA CYS L 95 58.98 18.66 -31.37
C CYS L 95 60.00 17.54 -31.25
N ALA L 96 59.95 16.82 -30.12
CA ALA L 96 61.01 15.91 -29.77
C ALA L 96 60.48 14.84 -28.82
N ARG L 97 61.37 13.90 -28.47
CA ARG L 97 61.10 12.84 -27.52
C ARG L 97 62.17 12.86 -26.44
N GLY L 98 61.81 12.45 -25.23
CA GLY L 98 62.78 12.44 -24.15
C GLY L 98 62.35 11.59 -22.98
N LEU L 99 63.32 11.32 -22.11
CA LEU L 99 63.11 10.53 -20.91
C LEU L 99 62.58 11.44 -19.79
N GLY L 100 62.57 10.94 -18.56
CA GLY L 100 62.15 11.76 -17.44
C GLY L 100 63.24 12.74 -17.03
N ASP L 101 62.83 13.97 -16.75
CA ASP L 101 63.62 15.10 -16.26
C ASP L 101 64.58 15.66 -17.31
N TYR L 102 64.70 15.06 -18.49
CA TYR L 102 65.60 15.52 -19.54
C TYR L 102 65.24 14.83 -20.84
N LEU L 103 65.55 15.48 -21.96
CA LEU L 103 65.27 14.97 -23.29
C LEU L 103 66.52 15.01 -24.15
N ASP L 104 66.75 13.91 -24.89
CA ASP L 104 67.91 13.78 -25.76
C ASP L 104 67.62 14.22 -27.19
N SER L 105 66.64 13.60 -27.84
CA SER L 105 66.37 13.83 -29.24
C SER L 105 65.77 15.21 -29.47
N TRP L 106 65.87 15.69 -30.71
CA TRP L 106 65.30 16.96 -31.12
C TRP L 106 64.84 16.85 -32.57
N GLY L 107 64.16 17.88 -33.04
CA GLY L 107 63.65 17.89 -34.40
C GLY L 107 63.82 19.22 -35.11
N GLN L 108 63.25 19.33 -36.31
CA GLN L 108 63.35 20.55 -37.10
C GLN L 108 62.37 21.60 -36.59
N GLY L 109 62.30 22.72 -37.30
CA GLY L 109 61.41 23.79 -36.91
C GLY L 109 60.69 24.45 -38.07
N THR L 110 59.42 24.78 -37.87
CA THR L 110 58.61 25.47 -38.88
C THR L 110 58.27 26.86 -38.38
N LEU L 111 58.42 27.85 -39.26
CA LEU L 111 58.12 29.23 -38.91
C LEU L 111 56.63 29.48 -38.98
N VAL L 112 56.08 30.06 -37.92
CA VAL L 112 54.66 30.43 -37.87
C VAL L 112 54.57 31.92 -37.53
N THR L 113 53.78 32.65 -38.30
CA THR L 113 53.60 34.08 -38.12
C THR L 113 52.11 34.39 -37.96
N VAL L 114 51.78 35.15 -36.93
CA VAL L 114 50.40 35.58 -36.68
C VAL L 114 50.38 37.09 -36.59
N SER L 115 49.56 37.72 -37.43
CA SER L 115 49.44 39.17 -37.47
C SER L 115 48.14 39.53 -38.17
N SER L 116 47.79 40.81 -38.09
CA SER L 116 46.60 41.33 -38.75
C SER L 116 46.90 41.89 -40.15
N ALA L 117 48.15 41.81 -40.60
CA ALA L 117 48.52 42.32 -41.91
C ALA L 117 48.44 41.22 -42.96
N SER L 118 48.83 41.56 -44.18
CA SER L 118 48.80 40.63 -45.30
C SER L 118 50.04 40.85 -46.15
N THR L 119 50.04 40.27 -47.35
CA THR L 119 51.18 40.42 -48.25
C THR L 119 51.27 41.85 -48.77
N LYS L 120 52.50 42.37 -48.84
CA LYS L 120 52.74 43.73 -49.28
C LYS L 120 54.06 43.78 -50.03
N GLY L 121 54.07 44.46 -51.17
CA GLY L 121 55.26 44.60 -51.98
C GLY L 121 56.32 45.42 -51.28
N PRO L 122 57.59 45.20 -51.64
CA PRO L 122 58.68 45.91 -50.96
C PRO L 122 58.97 47.28 -51.58
N SER L 123 59.03 48.30 -50.72
CA SER L 123 59.41 49.64 -51.15
C SER L 123 60.91 49.81 -50.95
N VAL L 124 61.64 49.99 -52.05
CA VAL L 124 63.09 50.06 -52.04
C VAL L 124 63.52 51.49 -52.32
N PHE L 125 64.47 51.99 -51.53
CA PHE L 125 65.01 53.33 -51.67
C PHE L 125 66.53 53.27 -51.60
N PRO L 126 67.23 53.99 -52.48
CA PRO L 126 68.69 53.95 -52.48
C PRO L 126 69.29 54.82 -51.39
N LEU L 127 70.59 54.67 -51.20
CA LEU L 127 71.35 55.45 -50.22
C LEU L 127 72.47 56.17 -50.95
N ALA L 128 72.37 57.49 -51.01
CA ALA L 128 73.39 58.28 -51.70
C ALA L 128 74.65 58.36 -50.84
N PRO L 129 75.80 57.92 -51.32
CA PRO L 129 77.03 57.98 -50.51
C PRO L 129 77.50 59.41 -50.32
N SER L 130 78.10 59.65 -49.15
CA SER L 130 78.64 60.96 -48.83
C SER L 130 79.94 61.21 -49.59
N SER L 131 80.21 62.49 -49.86
CA SER L 131 81.42 62.89 -50.58
C SER L 131 82.47 63.39 -49.61
N THR L 138 87.39 54.90 -49.54
CA THR L 138 86.39 53.90 -49.19
C THR L 138 85.08 54.56 -48.78
N ALA L 139 83.97 54.07 -49.35
CA ALA L 139 82.65 54.62 -49.07
C ALA L 139 81.66 53.47 -48.92
N ALA L 140 80.46 53.81 -48.48
CA ALA L 140 79.39 52.84 -48.29
C ALA L 140 78.24 53.13 -49.25
N LEU L 141 77.66 52.06 -49.79
CA LEU L 141 76.57 52.17 -50.75
C LEU L 141 75.61 51.01 -50.54
N GLY L 142 74.32 51.27 -50.69
CA GLY L 142 73.33 50.23 -50.52
C GLY L 142 71.93 50.76 -50.77
N CYS L 143 70.96 49.88 -50.59
CA CYS L 143 69.55 50.20 -50.78
C CYS L 143 68.76 49.75 -49.56
N LEU L 144 67.82 50.59 -49.14
CA LEU L 144 66.98 50.31 -47.98
C LEU L 144 65.65 49.74 -48.44
N VAL L 145 65.24 48.62 -47.83
CA VAL L 145 63.97 47.97 -48.12
C VAL L 145 63.05 48.22 -46.93
N LYS L 146 61.92 48.88 -47.19
CA LYS L 146 60.97 49.26 -46.15
C LYS L 146 59.58 48.77 -46.51
N ASP L 147 58.83 48.36 -45.48
CA ASP L 147 57.44 47.93 -45.60
C ASP L 147 57.29 46.75 -46.56
N TYR L 148 57.90 45.64 -46.18
CA TYR L 148 57.80 44.39 -46.93
C TYR L 148 57.36 43.28 -46.00
N PHE L 149 56.60 42.33 -46.55
CA PHE L 149 56.03 41.24 -45.77
C PHE L 149 55.73 40.09 -46.71
N PRO L 150 55.96 38.83 -46.31
CA PRO L 150 56.55 38.37 -45.04
C PRO L 150 58.01 37.93 -45.18
N GLU L 151 58.55 37.37 -44.09
CA GLU L 151 59.89 36.81 -44.12
C GLU L 151 59.91 35.57 -45.02
N PRO L 152 60.99 35.36 -45.80
CA PRO L 152 62.15 36.22 -45.99
C PRO L 152 62.22 36.87 -47.37
N VAL L 153 63.27 37.67 -47.61
CA VAL L 153 63.53 38.26 -48.91
C VAL L 153 65.02 38.07 -49.22
N THR L 154 65.33 38.00 -50.51
CA THR L 154 66.70 37.73 -50.97
C THR L 154 67.25 38.96 -51.68
N VAL L 155 68.44 39.39 -51.27
CA VAL L 155 69.09 40.56 -51.84
C VAL L 155 70.40 40.11 -52.49
N SER L 156 70.61 40.49 -53.74
CA SER L 156 71.83 40.17 -54.47
C SER L 156 72.38 41.44 -55.11
N TRP L 157 73.70 41.52 -55.21
CA TRP L 157 74.40 42.67 -55.75
C TRP L 157 75.01 42.30 -57.10
N ASN L 158 74.67 43.07 -58.14
CA ASN L 158 75.16 42.86 -59.50
C ASN L 158 74.88 41.45 -60.00
N SER L 159 73.69 40.94 -59.68
CA SER L 159 73.27 39.57 -60.01
C SER L 159 74.25 38.53 -59.46
N GLY L 160 74.71 38.76 -58.24
CA GLY L 160 75.63 37.84 -57.59
C GLY L 160 77.09 38.04 -57.91
N ALA L 161 77.43 39.04 -58.74
CA ALA L 161 78.84 39.27 -59.07
C ALA L 161 79.60 39.83 -57.88
N LEU L 162 78.99 40.72 -57.12
CA LEU L 162 79.63 41.34 -55.97
C LEU L 162 79.31 40.52 -54.71
N THR L 163 80.33 39.93 -54.11
CA THR L 163 80.17 39.13 -52.91
C THR L 163 81.09 39.54 -51.77
N SER L 164 81.94 40.55 -51.98
CA SER L 164 82.86 41.01 -50.95
C SER L 164 82.30 42.26 -50.27
N GLY L 165 82.30 42.25 -48.94
CA GLY L 165 81.79 43.38 -48.19
C GLY L 165 80.29 43.41 -48.02
N VAL L 166 79.59 42.34 -48.41
CA VAL L 166 78.13 42.30 -48.29
C VAL L 166 77.77 42.03 -46.84
N HIS L 167 76.93 42.89 -46.27
CA HIS L 167 76.46 42.77 -44.89
C HIS L 167 74.95 42.92 -44.89
N THR L 168 74.25 41.79 -44.94
CA THR L 168 72.79 41.77 -44.94
C THR L 168 72.30 41.72 -43.50
N PHE L 169 71.76 42.84 -43.01
CA PHE L 169 71.27 42.90 -41.65
C PHE L 169 69.99 42.09 -41.51
N PRO L 170 69.75 41.47 -40.35
CA PRO L 170 68.51 40.72 -40.15
C PRO L 170 67.31 41.64 -40.09
N ALA L 171 66.15 41.07 -40.44
CA ALA L 171 64.91 41.82 -40.45
C ALA L 171 64.48 42.17 -39.02
N VAL L 172 63.95 43.38 -38.85
CA VAL L 172 63.46 43.86 -37.57
C VAL L 172 62.00 44.26 -37.73
N LEU L 173 61.17 43.81 -36.80
CA LEU L 173 59.74 44.13 -36.85
C LEU L 173 59.51 45.55 -36.34
N GLN L 174 58.77 46.33 -37.12
CA GLN L 174 58.47 47.70 -36.78
C GLN L 174 57.14 47.77 -36.01
N SER L 175 56.73 48.99 -35.67
CA SER L 175 55.48 49.19 -34.95
C SER L 175 54.25 49.01 -35.84
N SER L 176 54.42 49.05 -37.16
CA SER L 176 53.32 48.90 -38.09
C SER L 176 53.11 47.46 -38.54
N GLY L 177 53.88 46.51 -38.00
CA GLY L 177 53.75 45.12 -38.35
C GLY L 177 54.46 44.69 -39.61
N LEU L 178 55.22 45.57 -40.24
CA LEU L 178 55.95 45.25 -41.46
C LEU L 178 57.44 45.33 -41.20
N TYR L 179 58.19 44.36 -41.72
CA TYR L 179 59.62 44.26 -41.47
C TYR L 179 60.38 45.34 -42.23
N SER L 180 61.58 45.64 -41.74
CA SER L 180 62.50 46.57 -42.38
C SER L 180 63.85 45.91 -42.54
N LEU L 181 64.53 46.22 -43.65
CA LEU L 181 65.79 45.58 -43.98
C LEU L 181 66.79 46.61 -44.47
N SER L 182 68.03 46.49 -44.01
CA SER L 182 69.14 47.32 -44.45
C SER L 182 70.24 46.43 -45.04
N SER L 183 70.83 46.87 -46.15
CA SER L 183 71.88 46.12 -46.80
C SER L 183 72.82 47.09 -47.51
N VAL L 184 74.10 47.04 -47.15
CA VAL L 184 75.11 47.92 -47.73
C VAL L 184 76.37 47.12 -48.04
N VAL L 185 77.22 47.70 -48.90
CA VAL L 185 78.49 47.09 -49.28
C VAL L 185 79.58 48.15 -49.17
N THR L 186 80.82 47.67 -49.10
CA THR L 186 81.99 48.54 -49.00
C THR L 186 82.60 48.70 -50.39
N VAL L 187 82.50 49.91 -50.94
CA VAL L 187 82.99 50.22 -52.27
C VAL L 187 84.03 51.32 -52.15
N PRO L 188 85.21 51.18 -52.76
CA PRO L 188 86.18 52.28 -52.74
C PRO L 188 85.68 53.48 -53.53
N SER L 189 86.15 54.67 -53.12
CA SER L 189 85.71 55.91 -53.75
C SER L 189 86.30 56.12 -55.14
N SER L 190 87.36 55.39 -55.49
CA SER L 190 87.98 55.57 -56.79
C SER L 190 87.17 54.94 -57.92
N SER L 191 86.27 54.01 -57.59
CA SER L 191 85.45 53.33 -58.58
C SER L 191 83.98 53.73 -58.51
N LEU L 192 83.67 54.86 -57.87
CA LEU L 192 82.28 55.30 -57.77
C LEU L 192 81.71 55.70 -59.11
N GLY L 193 82.48 56.44 -59.91
CA GLY L 193 82.06 56.89 -61.22
C GLY L 193 82.39 55.97 -62.37
N THR L 194 82.91 54.78 -62.10
CA THR L 194 83.30 53.83 -63.13
C THR L 194 82.36 52.65 -63.23
N GLN L 195 82.01 52.03 -62.11
CA GLN L 195 81.16 50.85 -62.08
C GLN L 195 79.79 51.18 -61.50
N THR L 196 78.76 50.57 -62.07
CA THR L 196 77.39 50.76 -61.62
C THR L 196 76.95 49.57 -60.80
N TYR L 197 76.38 49.84 -59.63
CA TYR L 197 75.97 48.80 -58.68
C TYR L 197 74.46 48.82 -58.54
N ILE L 198 73.81 47.70 -58.85
CA ILE L 198 72.36 47.56 -58.76
C ILE L 198 72.06 46.38 -57.83
N CYS L 199 71.19 46.61 -56.85
CA CYS L 199 70.78 45.57 -55.91
C CYS L 199 69.44 45.01 -56.34
N ASN L 200 69.34 43.68 -56.39
CA ASN L 200 68.13 42.99 -56.82
C ASN L 200 67.40 42.43 -55.60
N VAL L 201 66.10 42.69 -55.52
CA VAL L 201 65.27 42.23 -54.41
C VAL L 201 64.07 41.48 -54.97
N ASN L 202 63.78 40.31 -54.39
CA ASN L 202 62.65 39.51 -54.81
C ASN L 202 62.30 38.52 -53.71
N HIS L 203 61.02 38.18 -53.61
CA HIS L 203 60.58 37.16 -52.69
C HIS L 203 59.33 36.48 -53.25
N LYS L 204 59.14 35.22 -52.84
CA LYS L 204 58.08 34.39 -53.43
C LYS L 204 56.65 34.86 -53.16
N PRO L 205 56.24 35.22 -51.94
CA PRO L 205 54.79 35.49 -51.72
C PRO L 205 54.21 36.63 -52.55
N SER L 206 54.99 37.67 -52.84
CA SER L 206 54.48 38.78 -53.63
C SER L 206 54.95 38.75 -55.08
N ASN L 207 56.07 38.09 -55.37
CA ASN L 207 56.63 37.97 -56.72
C ASN L 207 56.88 39.35 -57.34
N THR L 208 57.62 40.16 -56.61
CA THR L 208 57.98 41.52 -57.04
C THR L 208 59.48 41.59 -57.26
N LYS L 209 59.88 42.01 -58.46
CA LYS L 209 61.29 42.14 -58.82
C LYS L 209 61.50 43.53 -59.41
N VAL L 210 62.29 44.35 -58.72
CA VAL L 210 62.58 45.72 -59.16
C VAL L 210 64.09 45.90 -59.15
N ASP L 211 64.64 46.32 -60.29
CA ASP L 211 66.07 46.59 -60.43
C ASP L 211 66.27 48.09 -60.37
N LYS L 212 66.74 48.58 -59.23
CA LYS L 212 66.96 50.00 -58.99
C LYS L 212 68.44 50.26 -58.75
N LYS L 213 68.98 51.23 -59.48
CA LYS L 213 70.37 51.57 -59.32
C LYS L 213 70.58 52.62 -58.26
N VAL L 214 71.82 52.73 -57.79
CA VAL L 214 72.18 53.71 -56.78
C VAL L 214 73.25 54.63 -57.38
N GLU L 215 73.04 55.93 -57.25
CA GLU L 215 73.93 56.92 -57.82
C GLU L 215 74.40 57.89 -56.73
N PRO L 216 75.61 58.44 -56.86
CA PRO L 216 76.09 59.42 -55.88
C PRO L 216 75.32 60.72 -55.98
N LYS L 217 75.37 61.48 -54.88
CA LYS L 217 74.67 62.76 -54.78
C LYS L 217 75.62 63.92 -54.99
N SER L 218 75.05 65.04 -55.41
CA SER L 218 75.82 66.27 -55.62
C SER L 218 74.91 67.47 -55.41
N CYS L 219 75.53 68.61 -55.15
CA CYS L 219 74.76 69.83 -54.91
C CYS L 219 74.13 70.33 -56.21
N ASP L 220 72.86 70.70 -56.12
CA ASP L 220 72.00 71.17 -57.21
C ASP L 220 72.21 70.45 -58.55
N ASP M 1 57.46 29.58 -9.93
CA ASP M 1 58.12 29.23 -8.69
C ASP M 1 59.62 29.06 -8.88
N ILE M 2 59.99 28.46 -10.02
CA ILE M 2 61.39 28.20 -10.35
C ILE M 2 61.79 29.17 -11.45
N GLN M 3 62.86 29.94 -11.20
CA GLN M 3 63.41 30.87 -12.18
C GLN M 3 64.90 30.59 -12.31
N MET M 4 65.36 30.41 -13.55
CA MET M 4 66.75 30.08 -13.83
C MET M 4 67.44 31.30 -14.43
N THR M 5 68.50 31.76 -13.77
CA THR M 5 69.30 32.90 -14.23
C THR M 5 70.72 32.44 -14.51
N GLN M 6 71.29 32.94 -15.59
CA GLN M 6 72.66 32.63 -15.98
C GLN M 6 73.51 33.88 -15.85
N SER M 7 74.58 33.79 -15.07
CA SER M 7 75.48 34.93 -14.89
C SER M 7 76.17 35.37 -16.18
N PRO M 8 76.80 34.49 -16.98
CA PRO M 8 77.39 34.99 -18.22
C PRO M 8 76.39 35.06 -19.37
N SER M 9 76.53 36.09 -20.17
CA SER M 9 75.70 36.29 -21.36
C SER M 9 76.50 36.42 -22.65
N SER M 10 77.63 37.11 -22.61
CA SER M 10 78.50 37.27 -23.78
C SER M 10 79.94 37.23 -23.29
N VAL M 11 80.58 36.08 -23.44
CA VAL M 11 81.95 35.87 -22.99
C VAL M 11 82.84 35.62 -24.19
N SER M 12 84.02 36.22 -24.18
CA SER M 12 85.01 36.06 -25.25
C SER M 12 86.23 35.33 -24.70
N ALA M 13 86.63 34.26 -25.38
CA ALA M 13 87.77 33.46 -24.97
C ALA M 13 88.52 32.97 -26.20
N SER M 14 89.80 32.67 -26.00
CA SER M 14 90.64 32.17 -27.08
C SER M 14 90.45 30.66 -27.24
N VAL M 15 91.24 30.07 -28.13
CA VAL M 15 91.16 28.62 -28.36
C VAL M 15 91.68 27.86 -27.14
N GLY M 16 92.75 28.35 -26.53
CA GLY M 16 93.28 27.74 -25.32
C GLY M 16 92.75 28.38 -24.05
N ASP M 17 91.44 28.38 -23.87
CA ASP M 17 90.83 29.03 -22.72
C ASP M 17 89.58 28.27 -22.31
N ARG M 18 89.16 28.49 -21.07
CA ARG M 18 87.97 27.86 -20.52
C ARG M 18 86.83 28.86 -20.48
N VAL M 19 85.65 28.45 -20.94
CA VAL M 19 84.51 29.36 -21.02
C VAL M 19 83.98 29.69 -19.63
N THR M 20 83.92 28.69 -18.75
CA THR M 20 83.41 28.82 -17.37
C THR M 20 82.00 29.41 -17.36
N ILE M 21 81.08 28.68 -17.97
CA ILE M 21 79.68 29.10 -18.07
C ILE M 21 78.88 28.43 -16.96
N THR M 22 78.07 29.23 -16.25
CA THR M 22 77.32 28.75 -15.10
C THR M 22 75.86 29.16 -15.20
N CYS M 23 74.99 28.34 -14.61
CA CYS M 23 73.60 28.68 -14.41
C CYS M 23 73.27 28.64 -12.93
N ARG M 24 72.26 29.41 -12.53
CA ARG M 24 71.83 29.47 -11.14
C ARG M 24 70.38 29.05 -11.02
N ALA M 25 70.04 28.47 -9.88
CA ALA M 25 68.69 28.00 -9.60
C ALA M 25 68.17 28.60 -8.31
N SER M 26 66.89 28.98 -8.32
CA SER M 26 66.28 29.53 -7.11
C SER M 26 66.12 28.46 -6.04
N GLN M 27 65.80 27.23 -6.45
CA GLN M 27 65.63 26.12 -5.53
C GLN M 27 66.74 25.09 -5.77
N GLY M 28 67.17 24.46 -4.67
CA GLY M 28 68.26 23.49 -4.76
C GLY M 28 67.82 22.24 -5.51
N ILE M 29 68.47 21.98 -6.65
CA ILE M 29 68.19 20.81 -7.47
C ILE M 29 69.45 19.96 -7.52
N GLY M 30 69.32 18.69 -7.14
CA GLY M 30 70.48 17.83 -7.05
C GLY M 30 70.77 16.99 -8.28
N SER M 31 71.69 17.48 -9.13
CA SER M 31 72.19 16.76 -10.30
C SER M 31 71.06 16.36 -11.27
N TRP M 32 70.15 17.30 -11.53
CA TRP M 32 69.08 17.10 -12.51
C TRP M 32 69.08 18.26 -13.51
N LEU M 33 70.26 18.63 -14.01
CA LEU M 33 70.44 19.76 -14.91
C LEU M 33 71.10 19.29 -16.20
N ALA M 34 70.62 19.81 -17.33
CA ALA M 34 71.17 19.48 -18.63
C ALA M 34 71.39 20.76 -19.43
N TRP M 35 72.37 20.71 -20.33
CA TRP M 35 72.77 21.86 -21.14
C TRP M 35 72.43 21.63 -22.60
N TYR M 36 71.81 22.64 -23.22
CA TYR M 36 71.43 22.60 -24.62
C TYR M 36 72.39 23.46 -25.44
N GLN M 37 72.91 22.92 -26.53
CA GLN M 37 73.76 23.64 -27.45
C GLN M 37 73.00 23.81 -28.76
N GLN M 38 72.54 25.03 -29.03
CA GLN M 38 71.74 25.33 -30.21
C GLN M 38 72.55 26.20 -31.15
N LYS M 39 73.00 25.62 -32.26
CA LYS M 39 73.69 26.39 -33.28
C LYS M 39 72.70 27.30 -34.01
N PRO M 40 73.17 28.45 -34.51
CA PRO M 40 72.28 29.34 -35.27
C PRO M 40 71.80 28.67 -36.56
N GLY M 41 70.49 28.61 -36.73
CA GLY M 41 69.91 27.91 -37.87
C GLY M 41 69.88 26.41 -37.76
N LYS M 42 70.17 25.86 -36.58
CA LYS M 42 70.20 24.42 -36.37
C LYS M 42 69.46 24.07 -35.08
N ALA M 43 68.99 22.83 -35.01
CA ALA M 43 68.27 22.37 -33.84
C ALA M 43 69.20 22.22 -32.64
N PRO M 44 68.70 22.46 -31.43
CA PRO M 44 69.53 22.25 -30.23
C PRO M 44 69.82 20.76 -30.03
N GLN M 45 70.98 20.49 -29.42
CA GLN M 45 71.42 19.14 -29.14
C GLN M 45 71.89 19.04 -27.69
N LEU M 46 71.54 17.94 -27.03
CA LEU M 46 72.11 17.64 -25.73
C LEU M 46 73.60 17.32 -25.85
N LEU M 47 74.34 17.68 -24.82
CA LEU M 47 75.76 17.33 -24.72
C LEU M 47 76.02 16.36 -23.58
N ILE M 48 75.66 16.73 -22.35
CA ILE M 48 75.70 15.83 -21.20
C ILE M 48 74.37 15.96 -20.47
N TYR M 49 74.08 14.96 -19.63
CA TYR M 49 72.84 14.92 -18.88
C TYR M 49 73.12 14.60 -17.42
N ALA M 50 72.23 15.09 -16.54
CA ALA M 50 72.28 14.90 -15.10
C ALA M 50 73.54 15.50 -14.46
N ALA M 51 74.22 16.39 -15.19
CA ALA M 51 75.37 17.17 -14.72
C ALA M 51 76.57 16.32 -14.29
N SER M 52 76.50 15.02 -14.49
CA SER M 52 77.61 14.13 -14.13
C SER M 52 78.00 13.18 -15.24
N THR M 53 77.03 12.69 -16.01
CA THR M 53 77.29 11.70 -17.06
C THR M 53 77.61 12.42 -18.38
N LEU M 54 77.64 11.67 -19.47
CA LEU M 54 77.91 12.22 -20.79
C LEU M 54 77.28 11.32 -21.85
N GLN M 55 77.14 11.87 -23.05
CA GLN M 55 76.58 11.14 -24.18
C GLN M 55 77.69 10.47 -24.98
N SER M 56 77.33 9.37 -25.65
CA SER M 56 78.32 8.59 -26.39
C SER M 56 78.79 9.34 -27.63
N GLY M 57 77.86 9.86 -28.43
CA GLY M 57 78.24 10.58 -29.64
C GLY M 57 78.79 11.97 -29.40
N VAL M 58 78.45 12.57 -28.26
CA VAL M 58 78.94 13.92 -27.94
C VAL M 58 80.41 13.84 -27.54
N PRO M 59 81.26 14.74 -28.03
CA PRO M 59 82.67 14.75 -27.60
C PRO M 59 82.79 14.99 -26.10
N PRO M 60 83.76 14.35 -25.45
CA PRO M 60 83.87 14.42 -23.98
C PRO M 60 84.48 15.70 -23.45
N ARG M 61 84.63 16.75 -24.27
CA ARG M 61 85.20 18.00 -23.79
C ARG M 61 84.29 18.67 -22.75
N PHE M 62 82.98 18.62 -22.97
CA PHE M 62 82.03 19.27 -22.08
C PHE M 62 81.87 18.45 -20.81
N SER M 63 82.11 19.09 -19.67
CA SER M 63 81.98 18.44 -18.37
C SER M 63 81.30 19.39 -17.39
N GLY M 64 80.67 18.81 -16.38
CA GLY M 64 79.98 19.59 -15.38
C GLY M 64 80.12 18.97 -14.00
N SER M 65 79.98 19.82 -12.99
CA SER M 65 80.07 19.38 -11.60
C SER M 65 79.32 20.37 -10.72
N GLY M 66 78.21 19.94 -10.15
CA GLY M 66 77.42 20.79 -9.27
C GLY M 66 76.52 20.00 -8.35
N SER M 67 76.57 20.29 -7.04
CA SER M 67 75.81 19.49 -6.09
C SER M 67 74.35 19.95 -6.01
N GLY M 68 74.11 21.15 -5.49
CA GLY M 68 72.74 21.61 -5.36
C GLY M 68 72.40 22.98 -5.94
N THR M 69 73.37 23.87 -5.99
CA THR M 69 73.04 25.24 -6.39
C THR M 69 73.95 25.80 -7.49
N ASP M 70 75.25 25.50 -7.43
CA ASP M 70 76.23 26.06 -8.35
C ASP M 70 76.68 24.99 -9.33
N PHE M 71 76.51 25.24 -10.62
CA PHE M 71 76.87 24.31 -11.67
C PHE M 71 77.82 25.00 -12.64
N THR M 72 78.72 24.21 -13.23
CA THR M 72 79.75 24.75 -14.11
C THR M 72 79.76 23.99 -15.43
N LEU M 73 80.26 24.65 -16.46
CA LEU M 73 80.38 24.10 -17.81
C LEU M 73 81.76 24.41 -18.38
N THR M 74 82.79 24.11 -17.59
CA THR M 74 84.15 24.37 -18.03
C THR M 74 84.55 23.44 -19.17
N ILE M 75 85.26 24.00 -20.15
CA ILE M 75 85.73 23.27 -21.33
C ILE M 75 87.25 23.31 -21.33
N THR M 76 87.87 22.13 -21.42
CA THR M 76 89.33 22.05 -21.37
C THR M 76 89.97 22.74 -22.57
N SER M 77 89.42 22.52 -23.77
CA SER M 77 89.99 23.11 -24.99
C SER M 77 88.84 23.53 -25.90
N LEU M 78 88.77 24.83 -26.19
CA LEU M 78 87.74 25.36 -27.07
C LEU M 78 88.05 25.02 -28.52
N GLN M 79 86.99 24.84 -29.30
CA GLN M 79 87.10 24.49 -30.71
C GLN M 79 86.20 25.41 -31.53
N PRO M 80 86.58 25.67 -32.80
CA PRO M 80 85.73 26.52 -33.64
C PRO M 80 84.40 25.89 -34.03
N GLU M 81 84.25 24.57 -33.88
CA GLU M 81 83.02 23.91 -34.32
C GLU M 81 81.85 24.24 -33.40
N ASP M 82 82.06 24.19 -32.09
CA ASP M 82 80.98 24.41 -31.12
C ASP M 82 81.02 25.87 -30.66
N PHE M 83 80.47 26.74 -31.49
CA PHE M 83 80.29 28.15 -31.19
C PHE M 83 78.79 28.45 -31.24
N ALA M 84 78.12 28.26 -30.11
CA ALA M 84 76.68 28.39 -30.04
C ALA M 84 76.29 28.89 -28.65
N SER M 85 75.00 28.82 -28.34
CA SER M 85 74.47 29.26 -27.07
C SER M 85 74.32 28.09 -26.11
N TYR M 86 74.03 28.42 -24.84
CA TYR M 86 73.87 27.42 -23.79
C TYR M 86 72.65 27.75 -22.96
N TYR M 87 72.08 26.71 -22.35
CA TYR M 87 70.93 26.85 -21.47
C TYR M 87 71.05 25.84 -20.33
N CYS M 88 70.36 26.13 -19.23
CA CYS M 88 70.23 25.19 -18.12
C CYS M 88 68.75 24.83 -17.99
N GLN M 89 68.47 23.54 -17.86
CA GLN M 89 67.09 23.04 -17.93
C GLN M 89 66.84 22.07 -16.78
N GLN M 90 65.72 22.28 -16.08
CA GLN M 90 65.28 21.39 -15.01
C GLN M 90 63.79 21.15 -15.14
N ALA M 91 63.37 19.89 -15.00
CA ALA M 91 61.97 19.53 -15.05
C ALA M 91 61.43 19.32 -13.63
N ASN M 92 60.12 19.48 -13.50
CA ASN M 92 59.42 19.31 -12.24
C ASN M 92 58.84 17.90 -12.17
N SER M 93 58.07 17.62 -11.11
CA SER M 93 57.41 16.33 -10.99
C SER M 93 56.30 16.14 -12.01
N VAL M 94 55.79 17.22 -12.59
CA VAL M 94 54.79 17.15 -13.64
C VAL M 94 55.44 17.33 -15.02
N LEU M 95 56.75 17.08 -15.13
CA LEU M 95 57.52 17.25 -16.37
C LEU M 95 57.41 18.68 -16.90
N ALA M 96 57.51 19.65 -16.00
CA ALA M 96 57.46 21.07 -16.35
C ALA M 96 58.88 21.59 -16.47
N LEU M 97 59.33 21.82 -17.70
CA LEU M 97 60.68 22.28 -17.93
C LEU M 97 60.83 23.75 -17.54
N THR M 98 62.06 24.13 -17.17
CA THR M 98 62.38 25.51 -16.79
C THR M 98 63.76 25.83 -17.34
N PHE M 99 63.80 26.60 -18.42
CA PHE M 99 65.04 27.03 -19.04
C PHE M 99 65.44 28.42 -18.53
N GLY M 100 66.73 28.70 -18.63
CA GLY M 100 67.29 29.99 -18.27
C GLY M 100 67.62 30.83 -19.48
N GLY M 101 68.56 31.76 -19.29
CA GLY M 101 68.99 32.61 -20.38
C GLY M 101 69.97 31.92 -21.31
N GLY M 102 70.31 32.63 -22.39
CA GLY M 102 71.23 32.13 -23.38
C GLY M 102 72.58 32.78 -23.25
N THR M 103 73.62 31.95 -23.13
CA THR M 103 75.00 32.41 -23.01
C THR M 103 75.73 32.09 -24.31
N LYS M 104 76.08 33.13 -25.06
CA LYS M 104 76.74 32.98 -26.35
C LYS M 104 78.22 33.34 -26.20
N VAL M 105 79.08 32.46 -26.69
CA VAL M 105 80.53 32.68 -26.69
C VAL M 105 80.94 33.12 -28.08
N GLU M 106 81.87 34.08 -28.14
CA GLU M 106 82.30 34.68 -29.39
C GLU M 106 83.83 34.65 -29.49
N ILE M 107 84.31 34.74 -30.72
CA ILE M 107 85.76 34.78 -30.98
C ILE M 107 86.26 36.18 -30.69
N LYS M 108 87.46 36.26 -30.11
CA LYS M 108 88.06 37.55 -29.80
C LYS M 108 88.45 38.28 -31.09
N ARG M 109 88.31 39.60 -31.06
CA ARG M 109 88.59 40.45 -32.21
C ARG M 109 89.19 41.76 -31.74
N THR M 110 89.89 42.43 -32.65
CA THR M 110 90.47 43.73 -32.35
C THR M 110 89.38 44.77 -32.13
N VAL M 111 89.70 45.77 -31.31
CA VAL M 111 88.73 46.82 -30.99
C VAL M 111 88.40 47.64 -32.22
N ALA M 112 89.42 48.03 -32.98
CA ALA M 112 89.33 48.80 -34.23
C ALA M 112 88.62 50.12 -33.93
N ALA M 113 87.77 50.61 -34.82
CA ALA M 113 87.05 51.85 -34.60
C ALA M 113 85.68 51.77 -35.27
N PRO M 114 84.61 52.15 -34.56
CA PRO M 114 83.25 52.13 -35.16
C PRO M 114 83.01 53.31 -36.10
N SER M 115 83.43 53.13 -37.35
CA SER M 115 83.24 54.17 -38.36
C SER M 115 81.76 54.41 -38.62
N VAL M 116 81.37 55.68 -38.66
CA VAL M 116 79.99 56.09 -38.83
C VAL M 116 79.82 56.65 -40.24
N PHE M 117 78.78 56.19 -40.94
CA PHE M 117 78.47 56.63 -42.30
C PHE M 117 77.04 57.17 -42.30
N ILE M 118 76.91 58.50 -42.27
CA ILE M 118 75.59 59.11 -42.33
C ILE M 118 75.04 59.00 -43.74
N PHE M 119 73.71 59.00 -43.86
CA PHE M 119 73.06 58.87 -45.15
C PHE M 119 71.78 59.70 -45.20
N PRO M 120 71.76 60.79 -45.98
CA PRO M 120 70.53 61.56 -46.11
C PRO M 120 69.48 60.77 -46.88
N PRO M 121 68.19 61.00 -46.62
CA PRO M 121 67.15 60.29 -47.37
C PRO M 121 67.12 60.73 -48.83
N SER M 122 66.74 59.80 -49.69
CA SER M 122 66.67 60.06 -51.12
C SER M 122 65.43 60.87 -51.46
N ASP M 123 65.45 61.45 -52.67
CA ASP M 123 64.30 62.24 -53.12
C ASP M 123 63.11 61.37 -53.48
N GLU M 124 63.31 60.07 -53.67
CA GLU M 124 62.20 59.17 -53.94
C GLU M 124 61.29 59.03 -52.73
N GLN M 125 61.87 59.04 -51.52
CA GLN M 125 61.10 58.92 -50.30
C GLN M 125 60.22 60.12 -50.02
N LEU M 126 60.45 61.25 -50.70
CA LEU M 126 59.60 62.43 -50.51
C LEU M 126 58.18 62.17 -50.99
N LYS M 127 58.02 61.49 -52.12
CA LYS M 127 56.69 61.18 -52.63
C LYS M 127 56.01 60.07 -51.84
N SER M 128 56.78 59.22 -51.16
CA SER M 128 56.20 58.15 -50.36
C SER M 128 55.56 58.63 -49.08
N GLY M 129 55.93 59.82 -48.60
CA GLY M 129 55.39 60.36 -47.37
C GLY M 129 56.11 59.95 -46.10
N THR M 130 57.09 59.07 -46.20
CA THR M 130 57.86 58.63 -45.04
C THR M 130 59.34 58.84 -45.32
N ALA M 131 60.03 59.46 -44.37
CA ALA M 131 61.46 59.74 -44.48
C ALA M 131 62.22 58.92 -43.43
N SER M 132 63.23 58.18 -43.89
CA SER M 132 64.05 57.35 -43.02
C SER M 132 65.50 57.80 -43.12
N VAL M 133 66.11 58.06 -41.97
CA VAL M 133 67.51 58.47 -41.88
C VAL M 133 68.25 57.43 -41.05
N VAL M 134 69.33 56.90 -41.60
CA VAL M 134 70.11 55.85 -40.96
C VAL M 134 71.57 56.25 -40.90
N CYS M 135 72.28 55.67 -39.93
CA CYS M 135 73.73 55.75 -39.85
C CYS M 135 74.27 54.38 -39.46
N LEU M 136 75.33 53.96 -40.13
CA LEU M 136 75.84 52.60 -40.04
C LEU M 136 77.11 52.54 -39.21
N LEU M 137 77.33 51.39 -38.58
CA LEU M 137 78.54 51.12 -37.82
C LEU M 137 79.14 49.82 -38.34
N ASN M 138 80.44 49.83 -38.63
CA ASN M 138 81.12 48.67 -39.17
C ASN M 138 82.47 48.51 -38.49
N ASN M 139 83.00 47.28 -38.58
CA ASN M 139 84.27 46.83 -37.98
C ASN M 139 84.46 47.37 -36.57
N PHE M 140 83.49 47.07 -35.71
CA PHE M 140 83.53 47.47 -34.31
C PHE M 140 83.44 46.25 -33.42
N TYR M 141 84.15 46.31 -32.29
CA TYR M 141 84.18 45.21 -31.33
C TYR M 141 84.56 45.78 -29.98
N PRO M 142 83.90 45.38 -28.88
CA PRO M 142 82.79 44.41 -28.79
C PRO M 142 81.44 45.02 -29.13
N ARG M 143 80.36 44.37 -28.69
CA ARG M 143 79.00 44.83 -29.00
C ARG M 143 78.62 46.13 -28.29
N GLU M 144 79.42 46.57 -27.31
CA GLU M 144 79.14 47.81 -26.60
C GLU M 144 79.40 48.99 -27.52
N ALA M 145 78.34 49.54 -28.10
CA ALA M 145 78.45 50.68 -29.02
C ALA M 145 77.16 51.47 -28.96
N LYS M 146 77.23 52.72 -28.50
CA LYS M 146 76.05 53.54 -28.38
C LYS M 146 75.54 53.95 -29.75
N VAL M 147 74.23 53.97 -29.91
CA VAL M 147 73.57 54.29 -31.17
C VAL M 147 72.60 55.47 -31.02
N GLN M 148 72.62 56.14 -29.86
CA GLN M 148 71.73 57.25 -29.58
C GLN M 148 71.91 58.40 -30.57
N TRP M 149 70.81 58.90 -31.10
CA TRP M 149 70.82 59.95 -32.10
C TRP M 149 70.77 61.33 -31.45
N LYS M 150 71.23 62.33 -32.19
CA LYS M 150 71.18 63.73 -31.77
C LYS M 150 70.55 64.55 -32.89
N VAL M 151 69.35 65.06 -32.65
CA VAL M 151 68.62 65.87 -33.62
C VAL M 151 68.42 67.26 -33.03
N ASP M 152 68.93 68.27 -33.73
CA ASP M 152 68.85 69.68 -33.30
C ASP M 152 69.42 69.88 -31.90
N ASN M 153 70.53 69.18 -31.61
CA ASN M 153 71.20 69.22 -30.31
C ASN M 153 70.25 68.85 -29.18
N ALA M 154 69.40 67.85 -29.41
CA ALA M 154 68.43 67.40 -28.43
C ALA M 154 68.44 65.88 -28.36
N LEU M 155 68.02 65.35 -27.21
CA LEU M 155 67.99 63.92 -26.99
C LEU M 155 66.73 63.31 -27.61
N GLN M 156 66.91 62.24 -28.39
CA GLN M 156 65.82 61.51 -29.00
C GLN M 156 65.84 60.08 -28.49
N SER M 157 64.71 59.61 -27.98
CA SER M 157 64.59 58.27 -27.43
C SER M 157 63.32 57.61 -27.96
N GLY M 158 63.39 56.29 -28.13
CA GLY M 158 62.26 55.52 -28.60
C GLY M 158 61.85 55.81 -30.03
N ASN M 159 62.82 56.00 -30.93
CA ASN M 159 62.54 56.29 -32.32
C ASN M 159 63.35 55.47 -33.30
N SER M 160 64.31 54.66 -32.84
CA SER M 160 65.15 53.86 -33.71
C SER M 160 65.20 52.43 -33.21
N GLN M 161 65.36 51.50 -34.16
CA GLN M 161 65.46 50.08 -33.86
C GLN M 161 66.81 49.56 -34.33
N GLU M 162 67.49 48.82 -33.46
CA GLU M 162 68.83 48.32 -33.78
C GLU M 162 68.76 47.04 -34.59
N SER M 163 69.68 46.91 -35.54
CA SER M 163 69.80 45.71 -36.37
C SER M 163 71.28 45.32 -36.42
N VAL M 164 71.60 44.17 -35.83
CA VAL M 164 72.97 43.68 -35.74
C VAL M 164 73.06 42.37 -36.51
N THR M 165 74.03 42.31 -37.43
CA THR M 165 74.23 41.10 -38.22
C THR M 165 75.02 40.05 -37.44
N GLU M 166 74.96 38.83 -37.93
CA GLU M 166 75.67 37.72 -37.29
C GLU M 166 77.16 37.78 -37.62
N GLN M 167 77.95 37.08 -36.81
CA GLN M 167 79.40 37.06 -37.01
C GLN M 167 79.75 36.23 -38.24
N ASP M 168 80.58 36.79 -39.10
CA ASP M 168 81.01 36.10 -40.31
C ASP M 168 82.13 35.10 -39.99
N SER M 169 82.33 34.16 -40.89
CA SER M 169 83.35 33.12 -40.73
C SER M 169 84.68 33.51 -41.36
N LYS M 170 84.79 34.69 -41.94
CA LYS M 170 86.05 35.12 -42.56
C LYS M 170 86.97 35.81 -41.56
N ASP M 171 86.49 36.89 -40.93
CA ASP M 171 87.28 37.62 -39.95
C ASP M 171 86.51 37.95 -38.68
N SER M 172 85.25 37.53 -38.56
CA SER M 172 84.41 37.75 -37.39
C SER M 172 84.28 39.23 -37.06
N THR M 173 83.70 39.97 -37.99
CA THR M 173 83.45 41.40 -37.83
C THR M 173 81.98 41.65 -37.54
N TYR M 174 81.71 42.75 -36.83
CA TYR M 174 80.36 43.10 -36.42
C TYR M 174 79.90 44.34 -37.17
N SER M 175 78.62 44.35 -37.56
CA SER M 175 78.00 45.49 -38.22
C SER M 175 76.67 45.80 -37.55
N LEU M 176 76.38 47.09 -37.38
CA LEU M 176 75.15 47.53 -36.72
C LEU M 176 74.53 48.66 -37.52
N SER M 177 73.22 48.56 -37.76
CA SER M 177 72.47 49.59 -38.45
C SER M 177 71.21 49.91 -37.67
N SER M 178 70.86 51.19 -37.62
CA SER M 178 69.67 51.66 -36.91
C SER M 178 68.80 52.45 -37.88
N THR M 179 67.51 52.13 -37.90
CA THR M 179 66.55 52.77 -38.78
C THR M 179 65.59 53.63 -37.96
N LEU M 180 65.46 54.90 -38.34
CA LEU M 180 64.56 55.83 -37.68
C LEU M 180 63.43 56.18 -38.62
N THR M 181 62.19 56.00 -38.16
CA THR M 181 61.00 56.24 -38.96
C THR M 181 60.32 57.51 -38.46
N LEU M 182 60.02 58.41 -39.39
CA LEU M 182 59.35 59.66 -39.07
C LEU M 182 58.50 60.10 -40.25
N SER M 183 57.51 60.95 -39.97
CA SER M 183 56.64 61.46 -41.02
C SER M 183 57.38 62.50 -41.85
N LYS M 184 56.84 62.76 -43.04
CA LYS M 184 57.43 63.75 -43.92
C LYS M 184 57.24 65.17 -43.41
N ALA M 185 56.15 65.41 -42.65
CA ALA M 185 55.94 66.73 -42.07
C ALA M 185 56.97 67.03 -40.99
N ASP M 186 57.34 66.02 -40.19
CA ASP M 186 58.33 66.19 -39.15
C ASP M 186 59.75 66.29 -39.69
N TYR M 187 59.99 65.81 -40.92
CA TYR M 187 61.32 65.89 -41.50
C TYR M 187 61.72 67.33 -41.80
N GLU M 188 60.78 68.13 -42.30
CA GLU M 188 61.07 69.52 -42.62
C GLU M 188 61.15 70.39 -41.37
N LYS M 189 60.66 69.91 -40.23
CA LYS M 189 60.72 70.70 -39.00
C LYS M 189 62.14 70.74 -38.43
N HIS M 190 62.91 69.67 -38.60
CA HIS M 190 64.26 69.58 -38.06
C HIS M 190 65.28 69.82 -39.16
N LYS M 191 66.38 70.48 -38.79
CA LYS M 191 67.43 70.84 -39.74
C LYS M 191 68.73 70.08 -39.52
N VAL M 192 69.04 69.68 -38.28
CA VAL M 192 70.28 69.00 -37.95
C VAL M 192 69.96 67.59 -37.48
N TYR M 193 70.59 66.59 -38.11
CA TYR M 193 70.43 65.20 -37.75
C TYR M 193 71.81 64.56 -37.63
N ALA M 194 72.02 63.78 -36.56
CA ALA M 194 73.30 63.13 -36.33
C ALA M 194 73.10 62.00 -35.33
N CYS M 195 74.08 61.10 -35.29
CA CYS M 195 74.14 60.03 -34.30
C CYS M 195 75.55 59.97 -33.73
N GLU M 196 75.64 59.72 -32.43
CA GLU M 196 76.91 59.72 -31.72
C GLU M 196 77.26 58.31 -31.25
N VAL M 197 78.53 57.95 -31.35
CA VAL M 197 79.03 56.62 -31.00
C VAL M 197 80.08 56.77 -29.91
N THR M 198 79.96 55.96 -28.86
CA THR M 198 80.95 55.87 -27.80
C THR M 198 81.52 54.47 -27.75
N HIS M 199 82.85 54.36 -27.79
CA HIS M 199 83.50 53.06 -27.85
C HIS M 199 84.88 53.15 -27.21
N GLN M 200 85.42 51.97 -26.89
CA GLN M 200 86.75 51.90 -26.30
C GLN M 200 87.84 52.27 -27.31
N GLY M 201 87.62 51.95 -28.58
CA GLY M 201 88.64 52.18 -29.60
C GLY M 201 88.83 53.64 -29.98
N LEU M 202 87.93 54.52 -29.55
CA LEU M 202 88.04 55.95 -29.83
C LEU M 202 88.30 56.69 -28.53
N SER M 203 89.34 57.55 -28.53
CA SER M 203 89.63 58.37 -27.36
C SER M 203 88.51 59.35 -27.08
N SER M 204 87.93 59.94 -28.13
CA SER M 204 86.81 60.84 -28.03
C SER M 204 85.69 60.38 -28.95
N PRO M 205 84.44 60.63 -28.58
CA PRO M 205 83.32 60.24 -29.46
C PRO M 205 83.35 61.03 -30.77
N VAL M 206 82.94 60.37 -31.84
CA VAL M 206 82.88 60.97 -33.17
C VAL M 206 81.42 61.12 -33.57
N THR M 207 81.14 62.20 -34.29
CA THR M 207 79.78 62.49 -34.75
C THR M 207 79.84 63.13 -36.12
N LYS M 208 79.00 62.65 -37.04
CA LYS M 208 78.88 63.21 -38.38
C LYS M 208 77.50 63.86 -38.50
N SER M 209 77.48 65.14 -38.84
CA SER M 209 76.25 65.92 -38.92
C SER M 209 76.13 66.55 -40.31
N PHE M 210 74.91 66.51 -40.85
CA PHE M 210 74.62 67.12 -42.15
C PHE M 210 73.31 67.89 -42.04
N ASN M 211 73.12 68.81 -42.97
CA ASN M 211 71.92 69.64 -43.03
C ASN M 211 71.02 69.17 -44.17
N ARG M 212 69.76 69.61 -44.12
CA ARG M 212 68.79 69.25 -45.14
C ARG M 212 69.13 69.94 -46.45
N GLY M 213 69.16 69.16 -47.53
CA GLY M 213 69.53 69.71 -48.82
C GLY M 213 70.95 70.22 -48.90
N GLU M 214 71.88 69.58 -48.18
CA GLU M 214 73.26 70.01 -48.14
C GLU M 214 74.15 68.81 -48.38
N CYS M 215 75.13 68.97 -49.27
CA CYS M 215 76.05 67.89 -49.61
C CYS M 215 77.19 67.78 -48.59
N VAL N 2 68.82 -19.63 -18.60
CA VAL N 2 70.22 -19.74 -18.20
C VAL N 2 70.32 -20.47 -16.87
N GLN N 3 71.54 -20.64 -16.38
CA GLN N 3 71.80 -21.34 -15.14
C GLN N 3 72.80 -20.55 -14.29
N LEU N 4 72.74 -20.78 -12.98
CA LEU N 4 73.63 -20.13 -12.03
C LEU N 4 74.55 -21.18 -11.41
N VAL N 5 75.85 -20.95 -11.51
CA VAL N 5 76.87 -21.85 -10.97
C VAL N 5 77.63 -21.10 -9.88
N GLU N 6 77.63 -21.64 -8.67
CA GLU N 6 78.27 -21.00 -7.54
C GLU N 6 79.66 -21.59 -7.30
N SER N 7 80.32 -21.12 -6.25
CA SER N 7 81.65 -21.59 -5.90
C SER N 7 81.57 -22.88 -5.09
N GLY N 8 82.74 -23.38 -4.67
CA GLY N 8 82.83 -24.61 -3.91
C GLY N 8 82.65 -24.37 -2.42
N ALA N 9 82.90 -25.44 -1.66
CA ALA N 9 82.77 -25.38 -0.21
C ALA N 9 83.89 -24.54 0.39
N GLU N 10 83.54 -23.78 1.44
CA GLU N 10 84.48 -22.91 2.12
C GLU N 10 84.45 -23.17 3.62
N VAL N 11 85.62 -23.17 4.24
CA VAL N 11 85.77 -23.33 5.69
C VAL N 11 86.44 -22.07 6.22
N LYS N 12 85.83 -21.45 7.24
CA LYS N 12 86.35 -20.20 7.77
C LYS N 12 86.51 -20.26 9.29
N LYS N 13 86.83 -19.11 9.89
CA LYS N 13 87.10 -18.99 11.31
C LYS N 13 86.00 -18.19 12.01
N PRO N 14 85.80 -18.39 13.32
CA PRO N 14 84.79 -17.60 14.03
C PRO N 14 85.23 -16.16 14.27
N GLY N 15 85.00 -15.31 13.27
CA GLY N 15 85.42 -13.93 13.34
C GLY N 15 86.21 -13.49 12.12
N SER N 16 86.10 -14.25 11.03
CA SER N 16 86.76 -13.95 9.77
C SER N 16 85.74 -13.42 8.78
N SER N 17 86.21 -13.18 7.55
CA SER N 17 85.38 -12.66 6.47
C SER N 17 85.36 -13.65 5.31
N VAL N 18 84.25 -13.68 4.59
CA VAL N 18 84.05 -14.58 3.47
C VAL N 18 83.69 -13.76 2.24
N LYS N 19 83.97 -14.31 1.06
CA LYS N 19 83.69 -13.64 -0.20
C LYS N 19 83.60 -14.70 -1.29
N VAL N 20 82.39 -14.96 -1.78
CA VAL N 20 82.16 -15.94 -2.84
C VAL N 20 81.48 -15.24 -4.01
N SER N 21 81.36 -15.97 -5.12
CA SER N 21 80.71 -15.47 -6.31
C SER N 21 79.96 -16.60 -6.99
N CYS N 22 78.90 -16.25 -7.72
CA CYS N 22 78.17 -17.20 -8.54
C CYS N 22 77.96 -16.59 -9.92
N LYS N 23 78.59 -17.17 -10.94
CA LYS N 23 78.51 -16.66 -12.30
C LYS N 23 77.33 -17.31 -13.02
N ALA N 24 76.53 -16.48 -13.69
CA ALA N 24 75.42 -16.98 -14.49
C ALA N 24 75.93 -17.48 -15.83
N SER N 25 75.81 -18.78 -16.08
CA SER N 25 76.29 -19.38 -17.31
C SER N 25 75.21 -19.33 -18.39
N GLY N 26 75.62 -19.09 -19.62
CA GLY N 26 74.70 -19.01 -20.74
C GLY N 26 74.07 -17.65 -20.94
N GLY N 27 74.39 -16.66 -20.12
CA GLY N 27 73.82 -15.33 -20.28
C GLY N 27 74.11 -14.49 -19.06
N THR N 28 73.83 -13.19 -19.22
CA THR N 28 74.04 -12.23 -18.16
C THR N 28 72.81 -12.15 -17.26
N PHE N 29 72.85 -11.26 -16.28
CA PHE N 29 71.72 -11.06 -15.37
C PHE N 29 70.58 -10.27 -16.01
N SER N 30 70.81 -9.69 -17.19
CA SER N 30 69.83 -8.87 -17.92
C SER N 30 69.44 -7.70 -17.02
N SER N 31 68.14 -7.47 -16.76
CA SER N 31 67.71 -6.40 -15.87
C SER N 31 66.94 -6.93 -14.66
N TYR N 32 67.09 -8.22 -14.36
CA TYR N 32 66.39 -8.83 -13.25
C TYR N 32 67.25 -8.77 -12.00
N ALA N 33 66.61 -8.47 -10.86
CA ALA N 33 67.34 -8.30 -9.61
C ALA N 33 67.89 -9.65 -9.12
N ILE N 34 69.07 -9.60 -8.51
CA ILE N 34 69.73 -10.78 -7.96
C ILE N 34 69.69 -10.69 -6.44
N SER N 35 69.18 -11.74 -5.81
CA SER N 35 69.00 -11.77 -4.36
C SER N 35 69.66 -13.02 -3.79
N TRP N 36 70.00 -12.96 -2.51
CA TRP N 36 70.66 -14.06 -1.81
C TRP N 36 69.69 -14.71 -0.84
N VAL N 37 69.60 -16.04 -0.90
CA VAL N 37 68.70 -16.82 -0.07
C VAL N 37 69.53 -17.82 0.73
N ARG N 38 69.30 -17.87 2.04
CA ARG N 38 70.03 -18.75 2.94
C ARG N 38 69.10 -19.89 3.37
N GLN N 39 69.60 -21.12 3.28
CA GLN N 39 68.88 -22.30 3.74
C GLN N 39 69.68 -22.95 4.86
N ALA N 40 69.04 -23.18 6.01
CA ALA N 40 69.71 -23.73 7.17
C ALA N 40 69.24 -25.16 7.44
N PRO N 41 70.12 -26.04 7.92
CA PRO N 41 69.71 -27.41 8.24
C PRO N 41 68.85 -27.44 9.49
N GLY N 42 67.64 -27.98 9.36
CA GLY N 42 66.71 -28.08 10.46
C GLY N 42 65.94 -26.81 10.77
N GLN N 43 66.15 -25.74 10.00
CA GLN N 43 65.46 -24.48 10.24
C GLN N 43 64.84 -23.95 8.95
N GLY N 44 64.34 -22.72 8.99
CA GLY N 44 63.73 -22.10 7.84
C GLY N 44 64.73 -21.37 6.96
N LEU N 45 64.25 -20.36 6.25
CA LEU N 45 65.06 -19.58 5.33
C LEU N 45 64.98 -18.11 5.69
N GLU N 46 66.09 -17.41 5.47
CA GLU N 46 66.21 -15.99 5.74
C GLU N 46 66.65 -15.25 4.48
N TRP N 47 66.02 -14.11 4.22
CA TRP N 47 66.31 -13.29 3.04
C TRP N 47 67.03 -12.03 3.50
N MET N 48 68.33 -11.96 3.25
CA MET N 48 69.11 -10.80 3.68
C MET N 48 68.80 -9.58 2.81
N GLY N 49 68.76 -9.77 1.49
CA GLY N 49 68.51 -8.65 0.60
C GLY N 49 68.78 -9.05 -0.85
N GLY N 50 68.74 -8.05 -1.72
CA GLY N 50 68.96 -8.26 -3.13
C GLY N 50 69.66 -7.08 -3.77
N ILE N 51 70.18 -7.33 -4.97
CA ILE N 51 70.90 -6.33 -5.73
C ILE N 51 70.21 -6.15 -7.08
N ILE N 52 70.15 -4.90 -7.54
CA ILE N 52 69.80 -4.60 -8.93
C ILE N 52 71.10 -4.25 -9.66
N PRO N 53 71.57 -5.08 -10.58
CA PRO N 53 72.86 -4.80 -11.25
C PRO N 53 72.81 -3.62 -12.20
N ILE N 54 71.62 -3.14 -12.56
CA ILE N 54 71.51 -2.02 -13.48
C ILE N 54 71.98 -0.72 -12.81
N LEU N 55 71.58 -0.50 -11.56
CA LEU N 55 71.91 0.74 -10.85
C LEU N 55 72.83 0.52 -9.65
N GLY N 56 73.01 -0.71 -9.20
CA GLY N 56 73.91 -0.99 -8.10
C GLY N 56 73.50 -0.45 -6.75
N ILE N 57 72.22 -0.57 -6.40
CA ILE N 57 71.72 -0.20 -5.08
C ILE N 57 71.12 -1.45 -4.45
N ALA N 58 71.61 -1.80 -3.26
CA ALA N 58 71.21 -3.03 -2.58
C ALA N 58 70.39 -2.68 -1.34
N ASN N 59 69.20 -3.26 -1.24
CA ASN N 59 68.37 -3.13 -0.06
C ASN N 59 68.64 -4.30 0.89
N TYR N 60 68.10 -4.19 2.11
CA TYR N 60 68.36 -5.17 3.15
C TYR N 60 67.06 -5.41 3.92
N ALA N 61 67.21 -6.07 5.07
CA ALA N 61 66.09 -6.42 5.93
C ALA N 61 66.36 -5.91 7.34
N GLN N 62 65.28 -5.69 8.09
CA GLN N 62 65.40 -5.19 9.45
C GLN N 62 65.94 -6.23 10.42
N LYS N 63 65.89 -7.51 10.06
CA LYS N 63 66.42 -8.55 10.92
C LYS N 63 67.94 -8.68 10.81
N PHE N 64 68.56 -8.07 9.81
CA PHE N 64 70.00 -8.12 9.61
C PHE N 64 70.59 -6.73 9.80
N GLN N 65 71.76 -6.68 10.43
CA GLN N 65 72.46 -5.43 10.68
C GLN N 65 73.30 -5.04 9.47
N GLY N 66 74.16 -4.03 9.63
CA GLY N 66 75.01 -3.56 8.57
C GLY N 66 76.34 -4.28 8.44
N ARG N 67 76.54 -5.38 9.17
CA ARG N 67 77.78 -6.12 9.12
C ARG N 67 77.95 -6.93 7.83
N VAL N 68 76.91 -7.04 7.01
CA VAL N 68 76.95 -7.77 5.74
C VAL N 68 76.87 -6.76 4.61
N THR N 69 77.79 -6.87 3.65
CA THR N 69 77.81 -6.03 2.46
C THR N 69 77.75 -6.92 1.22
N ILE N 70 76.81 -6.63 0.34
CA ILE N 70 76.61 -7.38 -0.90
C ILE N 70 76.73 -6.41 -2.08
N THR N 71 77.45 -6.84 -3.12
CA THR N 71 77.74 -6.00 -4.27
C THR N 71 77.64 -6.82 -5.56
N ALA N 72 77.34 -6.13 -6.66
CA ALA N 72 77.30 -6.75 -7.97
C ALA N 72 77.90 -5.80 -8.99
N ASP N 73 78.54 -6.36 -10.01
CA ASP N 73 79.17 -5.59 -11.08
C ASP N 73 78.46 -5.89 -12.40
N LYS N 74 78.06 -4.84 -13.11
CA LYS N 74 77.39 -5.00 -14.39
C LYS N 74 78.38 -5.24 -15.54
N SER N 75 79.67 -4.97 -15.32
CA SER N 75 80.65 -5.17 -16.38
C SER N 75 80.91 -6.65 -16.62
N THR N 76 80.97 -7.45 -15.56
CA THR N 76 81.24 -8.87 -15.66
C THR N 76 80.05 -9.74 -15.30
N SER N 77 78.94 -9.13 -14.86
CA SER N 77 77.69 -9.84 -14.50
C SER N 77 77.94 -10.89 -13.43
N THR N 78 78.53 -10.45 -12.32
CA THR N 78 78.81 -11.32 -11.18
C THR N 78 78.17 -10.76 -9.92
N ALA N 79 77.88 -11.64 -8.97
CA ALA N 79 77.28 -11.28 -7.69
C ALA N 79 78.22 -11.65 -6.57
N TYR N 80 78.43 -10.72 -5.64
CA TYR N 80 79.31 -10.92 -4.50
C TYR N 80 78.57 -10.61 -3.21
N MET N 81 78.98 -11.29 -2.13
CA MET N 81 78.54 -10.94 -0.78
C MET N 81 79.74 -10.97 0.15
N GLU N 82 79.66 -10.19 1.22
CA GLU N 82 80.74 -10.09 2.18
C GLU N 82 80.14 -10.06 3.59
N LEU N 83 80.47 -11.06 4.39
CA LEU N 83 79.97 -11.18 5.75
C LEU N 83 81.13 -11.11 6.73
N SER N 84 80.99 -10.29 7.76
CA SER N 84 82.01 -10.12 8.78
C SER N 84 81.47 -10.55 10.14
N SER N 85 82.40 -10.83 11.06
CA SER N 85 82.10 -11.29 12.41
C SER N 85 81.27 -12.58 12.37
N LEU N 86 81.89 -13.63 11.83
CA LEU N 86 81.22 -14.91 11.68
C LEU N 86 80.95 -15.54 13.05
N ARG N 87 79.86 -16.31 13.11
CA ARG N 87 79.43 -16.98 14.33
C ARG N 87 79.25 -18.46 14.05
N SER N 88 79.29 -19.26 15.12
CA SER N 88 79.19 -20.71 14.98
C SER N 88 77.81 -21.16 14.51
N GLU N 89 76.79 -20.30 14.63
CA GLU N 89 75.46 -20.65 14.13
C GLU N 89 75.44 -20.66 12.60
N ASP N 90 76.20 -19.77 11.98
CA ASP N 90 76.19 -19.62 10.52
C ASP N 90 77.10 -20.68 9.89
N THR N 91 76.61 -21.91 9.92
CA THR N 91 77.28 -23.05 9.31
C THR N 91 76.36 -23.72 8.29
N ALA N 92 75.69 -22.92 7.48
CA ALA N 92 74.70 -23.39 6.53
C ALA N 92 75.14 -23.06 5.09
N VAL N 93 74.24 -23.31 4.15
CA VAL N 93 74.52 -23.11 2.75
C VAL N 93 73.91 -21.79 2.30
N TYR N 94 74.32 -21.32 1.12
CA TYR N 94 73.85 -20.07 0.56
C TYR N 94 73.47 -20.26 -0.90
N TYR N 95 72.46 -19.50 -1.34
CA TYR N 95 72.01 -19.50 -2.72
C TYR N 95 71.83 -18.06 -3.20
N CYS N 96 72.15 -17.81 -4.46
CA CYS N 96 71.90 -16.54 -5.11
C CYS N 96 70.74 -16.73 -6.09
N ALA N 97 69.70 -15.91 -5.94
CA ALA N 97 68.44 -16.11 -6.63
C ALA N 97 68.11 -14.92 -7.53
N ARG N 98 67.52 -15.23 -8.68
CA ARG N 98 67.02 -14.21 -9.60
C ARG N 98 65.50 -14.16 -9.49
N GLU N 99 64.97 -12.98 -9.18
CA GLU N 99 63.54 -12.83 -9.00
C GLU N 99 62.83 -12.72 -10.36
N ASN N 100 61.50 -12.69 -10.29
CA ASN N 100 60.67 -12.57 -11.50
C ASN N 100 59.40 -11.83 -11.11
N GLY N 101 59.36 -10.53 -11.36
CA GLY N 101 58.19 -9.74 -11.04
C GLY N 101 57.08 -9.88 -12.07
N TYR N 102 55.91 -9.38 -11.71
CA TYR N 102 54.75 -9.40 -12.59
C TYR N 102 53.84 -8.23 -12.23
N SER N 103 52.65 -8.22 -12.81
CA SER N 103 51.65 -7.18 -12.56
C SER N 103 50.42 -7.81 -11.93
N GLY N 104 49.95 -7.22 -10.84
CA GLY N 104 48.77 -7.73 -10.17
C GLY N 104 48.51 -6.96 -8.90
N TYR N 105 47.51 -7.42 -8.15
CA TYR N 105 47.15 -6.78 -6.89
C TYR N 105 48.08 -7.14 -5.74
N GLY N 106 48.88 -8.19 -5.89
CA GLY N 106 49.77 -8.62 -4.83
C GLY N 106 51.18 -8.10 -4.96
N ALA N 107 51.75 -8.22 -6.17
CA ALA N 107 53.13 -7.81 -6.47
C ALA N 107 54.13 -8.48 -5.54
N ALA N 108 53.90 -9.76 -5.23
CA ALA N 108 54.81 -10.54 -4.41
C ALA N 108 55.93 -11.08 -5.28
N ALA N 109 57.17 -10.79 -4.91
CA ALA N 109 58.32 -11.21 -5.70
C ALA N 109 58.52 -12.71 -5.61
N ASN N 110 58.64 -13.36 -6.77
CA ASN N 110 58.91 -14.79 -6.85
C ASN N 110 60.25 -15.00 -7.55
N PHE N 111 61.09 -15.85 -6.97
CA PHE N 111 62.41 -16.12 -7.50
C PHE N 111 62.34 -17.34 -8.43
N ASP N 112 62.61 -17.11 -9.72
CA ASP N 112 62.50 -18.16 -10.72
C ASP N 112 63.78 -18.97 -10.85
N LEU N 113 64.92 -18.30 -10.90
CA LEU N 113 66.21 -18.97 -11.07
C LEU N 113 66.93 -19.11 -9.73
N TRP N 114 67.80 -20.11 -9.67
CA TRP N 114 68.41 -20.57 -8.43
C TRP N 114 69.87 -20.94 -8.68
N GLY N 115 70.70 -20.76 -7.65
CA GLY N 115 72.09 -21.13 -7.73
C GLY N 115 72.34 -22.58 -7.39
N ARG N 116 73.58 -23.01 -7.61
CA ARG N 116 73.96 -24.38 -7.30
C ARG N 116 74.07 -24.58 -5.79
N GLY N 117 74.69 -23.65 -5.08
CA GLY N 117 74.84 -23.75 -3.65
C GLY N 117 76.27 -23.62 -3.17
N THR N 118 76.50 -22.73 -2.21
CA THR N 118 77.82 -22.51 -1.62
C THR N 118 77.78 -22.97 -0.17
N LEU N 119 78.67 -23.89 0.17
CA LEU N 119 78.72 -24.45 1.53
C LEU N 119 79.76 -23.69 2.34
N VAL N 120 79.33 -23.07 3.43
CA VAL N 120 80.20 -22.33 4.33
C VAL N 120 80.02 -22.88 5.73
N THR N 121 81.12 -23.31 6.36
CA THR N 121 81.10 -23.84 7.71
C THR N 121 82.18 -23.16 8.54
N VAL N 122 81.93 -23.08 9.84
CA VAL N 122 82.84 -22.44 10.79
C VAL N 122 83.38 -23.49 11.74
N SER N 123 84.71 -23.56 11.85
CA SER N 123 85.37 -24.50 12.75
C SER N 123 86.58 -23.83 13.36
N SER N 124 86.65 -23.83 14.69
CA SER N 124 87.78 -23.20 15.38
C SER N 124 89.04 -24.05 15.27
N ALA N 125 88.90 -25.37 15.16
CA ALA N 125 90.05 -26.25 15.07
C ALA N 125 90.72 -26.11 13.70
N SER N 126 92.06 -26.16 13.70
CA SER N 126 92.83 -26.04 12.48
C SER N 126 92.99 -27.41 11.83
N THR N 127 93.70 -27.44 10.70
CA THR N 127 93.93 -28.67 9.97
C THR N 127 95.03 -29.49 10.64
N LYS N 128 94.77 -30.78 10.82
CA LYS N 128 95.75 -31.67 11.45
C LYS N 128 96.01 -32.88 10.56
N GLY N 129 96.77 -33.84 11.09
CA GLY N 129 97.10 -35.04 10.34
C GLY N 129 96.24 -36.23 10.76
N PRO N 130 95.43 -36.74 9.82
CA PRO N 130 94.58 -37.89 10.14
C PRO N 130 95.38 -39.16 10.36
N SER N 131 94.81 -40.05 11.17
CA SER N 131 95.42 -41.34 11.47
C SER N 131 94.42 -42.45 11.18
N VAL N 132 94.90 -43.52 10.55
CA VAL N 132 94.08 -44.66 10.18
C VAL N 132 94.65 -45.91 10.85
N PHE N 133 93.78 -46.68 11.50
CA PHE N 133 94.18 -47.91 12.16
C PHE N 133 93.39 -49.09 11.62
N PRO N 134 94.00 -50.26 11.47
CA PRO N 134 93.31 -51.40 10.88
C PRO N 134 92.33 -52.05 11.85
N LEU N 135 91.37 -52.77 11.27
CA LEU N 135 90.39 -53.54 12.03
C LEU N 135 90.23 -54.89 11.38
N ALA N 136 90.26 -55.95 12.19
CA ALA N 136 90.14 -57.32 11.70
C ALA N 136 89.17 -58.10 12.58
N PRO N 137 88.41 -59.02 12.00
CA PRO N 137 87.49 -59.83 12.80
C PRO N 137 88.22 -60.88 13.61
N SER N 138 87.54 -61.37 14.64
CA SER N 138 88.08 -62.40 15.52
C SER N 138 87.52 -63.76 15.13
N SER N 139 87.91 -64.78 15.91
CA SER N 139 87.43 -66.13 15.64
C SER N 139 85.95 -66.28 15.98
N LYS N 140 85.49 -65.62 17.06
CA LYS N 140 84.09 -65.72 17.43
C LYS N 140 83.18 -64.96 16.48
N SER N 141 83.69 -63.88 15.88
CA SER N 141 82.88 -63.10 14.96
C SER N 141 82.63 -63.85 13.65
N THR N 142 83.59 -64.65 13.21
CA THR N 142 83.47 -65.41 11.97
C THR N 142 82.83 -66.77 12.27
N SER N 143 81.55 -66.71 12.66
CA SER N 143 80.80 -67.93 12.91
C SER N 143 80.57 -68.72 11.62
N GLY N 144 80.24 -68.02 10.54
CA GLY N 144 80.05 -68.65 9.26
C GLY N 144 81.18 -68.35 8.29
N GLY N 145 80.87 -68.31 7.00
CA GLY N 145 81.83 -68.01 5.96
C GLY N 145 81.97 -66.53 5.62
N THR N 146 81.34 -65.65 6.39
CA THR N 146 81.35 -64.22 6.12
C THR N 146 82.18 -63.51 7.20
N ALA N 147 83.17 -62.73 6.76
CA ALA N 147 84.03 -61.97 7.65
C ALA N 147 83.91 -60.49 7.34
N ALA N 148 83.86 -59.67 8.38
CA ALA N 148 83.70 -58.23 8.24
C ALA N 148 84.97 -57.53 8.71
N LEU N 149 85.50 -56.63 7.88
CA LEU N 149 86.71 -55.89 8.21
C LEU N 149 86.69 -54.58 7.45
N GLY N 150 87.54 -53.66 7.89
CA GLY N 150 87.63 -52.36 7.24
C GLY N 150 88.60 -51.46 7.95
N CYS N 151 88.63 -50.20 7.51
CA CYS N 151 89.51 -49.19 8.06
C CYS N 151 88.68 -48.05 8.64
N LEU N 152 89.21 -47.45 9.71
CA LEU N 152 88.55 -46.34 10.40
C LEU N 152 89.47 -45.13 10.40
N VAL N 153 88.90 -43.96 10.14
CA VAL N 153 89.64 -42.71 10.08
C VAL N 153 89.34 -41.91 11.35
N LYS N 154 90.40 -41.43 11.99
CA LYS N 154 90.29 -40.66 13.22
C LYS N 154 91.03 -39.34 13.07
N ASP N 155 90.60 -38.35 13.86
CA ASP N 155 91.12 -36.96 13.89
C ASP N 155 91.40 -36.43 12.48
N TYR N 156 90.34 -36.39 11.67
CA TYR N 156 90.42 -35.92 10.30
C TYR N 156 89.47 -34.75 10.09
N PHE N 157 89.78 -33.95 9.07
CA PHE N 157 88.95 -32.80 8.71
C PHE N 157 89.16 -32.49 7.24
N PRO N 158 88.11 -32.23 6.47
CA PRO N 158 86.70 -32.17 6.86
C PRO N 158 86.01 -33.54 6.80
N GLU N 159 84.70 -33.56 7.03
CA GLU N 159 83.96 -34.83 7.01
C GLU N 159 83.95 -35.53 5.64
N PRO N 160 83.71 -34.84 4.48
CA PRO N 160 83.74 -35.58 3.21
C PRO N 160 85.11 -36.17 2.88
N VAL N 161 85.21 -37.50 2.91
CA VAL N 161 86.43 -38.22 2.59
C VAL N 161 86.07 -39.37 1.67
N THR N 162 86.76 -39.46 0.53
CA THR N 162 86.52 -40.52 -0.44
C THR N 162 87.33 -41.75 -0.03
N VAL N 163 86.63 -42.87 0.18
CA VAL N 163 87.25 -44.12 0.57
C VAL N 163 87.10 -45.10 -0.58
N SER N 164 88.23 -45.63 -1.06
CA SER N 164 88.26 -46.57 -2.17
C SER N 164 88.92 -47.86 -1.73
N TRP N 165 88.33 -48.99 -2.13
CA TRP N 165 88.84 -50.31 -1.82
C TRP N 165 89.63 -50.83 -3.01
N ASN N 166 90.93 -51.08 -2.82
CA ASN N 166 91.84 -51.53 -3.87
C ASN N 166 91.82 -50.61 -5.08
N SER N 167 91.81 -49.30 -4.82
CA SER N 167 91.76 -48.25 -5.85
C SER N 167 90.54 -48.42 -6.75
N GLY N 168 89.40 -48.72 -6.15
CA GLY N 168 88.17 -48.86 -6.89
C GLY N 168 87.95 -50.21 -7.56
N ALA N 169 88.80 -51.20 -7.28
CA ALA N 169 88.65 -52.52 -7.90
C ALA N 169 87.49 -53.31 -7.30
N LEU N 170 87.02 -52.95 -6.10
CA LEU N 170 85.92 -53.64 -5.43
C LEU N 170 84.75 -52.67 -5.34
N THR N 171 83.59 -53.10 -5.83
CA THR N 171 82.39 -52.27 -5.85
C THR N 171 81.19 -52.90 -5.17
N SER N 172 81.33 -54.11 -4.64
CA SER N 172 80.24 -54.82 -3.99
C SER N 172 80.54 -54.95 -2.50
N GLY N 173 79.54 -54.67 -1.67
CA GLY N 173 79.70 -54.75 -0.23
C GLY N 173 80.31 -53.53 0.41
N VAL N 174 80.54 -52.46 -0.34
CA VAL N 174 81.14 -51.24 0.19
C VAL N 174 80.04 -50.31 0.67
N HIS N 175 80.16 -49.84 1.91
CA HIS N 175 79.19 -48.92 2.51
C HIS N 175 79.93 -47.77 3.17
N THR N 176 79.37 -46.58 3.06
CA THR N 176 79.96 -45.36 3.62
C THR N 176 79.15 -44.91 4.82
N PHE N 177 79.83 -44.55 5.89
CA PHE N 177 79.18 -44.10 7.12
C PHE N 177 79.49 -42.62 7.34
N PRO N 178 78.48 -41.76 7.49
CA PRO N 178 78.75 -40.34 7.71
C PRO N 178 79.33 -40.07 9.09
N ALA N 179 79.96 -38.92 9.22
CA ALA N 179 80.57 -38.50 10.48
C ALA N 179 79.50 -38.02 11.45
N VAL N 180 79.93 -37.62 12.65
CA VAL N 180 79.01 -37.18 13.70
C VAL N 180 79.74 -36.16 14.57
N LEU N 181 78.96 -35.28 15.19
CA LEU N 181 79.51 -34.27 16.08
C LEU N 181 80.01 -34.92 17.37
N GLN N 182 81.13 -34.42 17.87
CA GLN N 182 81.73 -34.91 19.10
C GLN N 182 81.84 -33.78 20.11
N SER N 183 82.40 -34.09 21.28
CA SER N 183 82.56 -33.09 22.33
C SER N 183 83.60 -32.04 21.94
N SER N 184 84.68 -32.46 21.28
CA SER N 184 85.75 -31.57 20.87
C SER N 184 85.59 -31.10 19.42
N GLY N 185 84.46 -31.41 18.79
CA GLY N 185 84.25 -31.05 17.40
C GLY N 185 84.89 -31.97 16.38
N LEU N 186 85.44 -33.10 16.82
CA LEU N 186 86.10 -34.04 15.93
C LEU N 186 85.06 -34.82 15.13
N TYR N 187 85.55 -35.50 14.09
CA TYR N 187 84.71 -36.31 13.21
C TYR N 187 85.25 -37.74 13.17
N SER N 188 84.34 -38.68 12.92
CA SER N 188 84.71 -40.09 12.87
C SER N 188 83.76 -40.83 11.94
N LEU N 189 84.32 -41.60 11.03
CA LEU N 189 83.55 -42.42 10.09
C LEU N 189 83.95 -43.90 10.27
N SER N 190 83.30 -44.76 9.48
CA SER N 190 83.60 -46.18 9.51
C SER N 190 83.29 -46.77 8.14
N SER N 191 83.87 -47.94 7.89
CA SER N 191 83.65 -48.64 6.63
C SER N 191 83.89 -50.13 6.85
N VAL N 192 82.95 -50.96 6.40
CA VAL N 192 83.06 -52.40 6.52
C VAL N 192 82.70 -53.04 5.18
N VAL N 193 83.35 -54.16 4.88
CA VAL N 193 83.11 -54.91 3.66
C VAL N 193 82.95 -56.39 4.02
N THR N 194 82.33 -57.13 3.11
CA THR N 194 82.10 -58.55 3.27
C THR N 194 83.13 -59.32 2.45
N VAL N 195 83.95 -60.12 3.13
CA VAL N 195 85.00 -60.89 2.46
C VAL N 195 84.86 -62.36 2.87
N PRO N 196 85.24 -63.29 2.01
CA PRO N 196 85.23 -64.70 2.39
C PRO N 196 86.45 -65.08 3.21
N SER N 197 86.30 -66.15 3.99
CA SER N 197 87.41 -66.65 4.80
C SER N 197 88.46 -67.34 3.94
N SER N 198 88.06 -67.93 2.81
CA SER N 198 89.01 -68.58 1.92
C SER N 198 89.94 -67.56 1.27
N SER N 199 89.40 -66.39 0.91
CA SER N 199 90.20 -65.34 0.28
C SER N 199 91.09 -64.60 1.27
N LEU N 200 90.90 -64.82 2.57
CA LEU N 200 91.74 -64.14 3.56
C LEU N 200 93.18 -64.64 3.55
N GLY N 201 93.40 -65.89 3.15
CA GLY N 201 94.74 -66.46 3.08
C GLY N 201 95.46 -66.27 1.77
N THR N 202 94.81 -65.68 0.77
CA THR N 202 95.45 -65.47 -0.53
C THR N 202 95.32 -64.04 -1.06
N GLN N 203 94.40 -63.22 -0.56
CA GLN N 203 94.22 -61.86 -1.02
C GLN N 203 94.28 -60.91 0.17
N THR N 204 95.09 -59.87 0.06
CA THR N 204 95.19 -58.84 1.09
C THR N 204 94.30 -57.66 0.75
N TYR N 205 93.86 -56.95 1.79
CA TYR N 205 92.95 -55.82 1.64
C TYR N 205 93.61 -54.56 2.19
N ILE N 206 93.63 -53.51 1.37
CA ILE N 206 94.20 -52.22 1.76
C ILE N 206 93.18 -51.14 1.47
N CYS N 207 93.30 -50.03 2.19
CA CYS N 207 92.40 -48.89 2.06
C CYS N 207 93.20 -47.66 1.67
N ASN N 208 92.77 -46.97 0.62
CA ASN N 208 93.42 -45.76 0.15
C ASN N 208 92.58 -44.55 0.54
N VAL N 209 93.17 -43.63 1.29
CA VAL N 209 92.51 -42.42 1.76
C VAL N 209 93.19 -41.22 1.13
N ASN N 210 92.43 -40.37 0.46
CA ASN N 210 92.93 -39.18 -0.18
C ASN N 210 92.35 -37.94 0.49
N HIS N 211 93.22 -37.01 0.86
CA HIS N 211 92.84 -35.76 1.51
C HIS N 211 93.31 -34.61 0.61
N LYS N 212 92.39 -34.04 -0.15
CA LYS N 212 92.74 -32.94 -1.06
C LYS N 212 93.24 -31.69 -0.33
N PRO N 213 92.59 -31.17 0.72
CA PRO N 213 93.16 -29.97 1.36
C PRO N 213 94.45 -30.23 2.13
N SER N 214 94.64 -31.44 2.64
CA SER N 214 95.82 -31.75 3.44
C SER N 214 97.00 -32.23 2.61
N ASN N 215 96.79 -32.51 1.31
CA ASN N 215 97.84 -32.93 0.39
C ASN N 215 98.56 -34.18 0.90
N THR N 216 97.80 -35.14 1.44
CA THR N 216 98.37 -36.37 1.97
C THR N 216 97.60 -37.57 1.45
N LYS N 217 98.28 -38.71 1.38
CA LYS N 217 97.67 -39.96 0.94
C LYS N 217 98.47 -41.10 1.57
N VAL N 218 97.91 -41.69 2.63
CA VAL N 218 98.57 -42.74 3.38
C VAL N 218 98.07 -44.10 2.89
N ASP N 219 98.96 -45.08 2.88
CA ASP N 219 98.64 -46.45 2.50
C ASP N 219 98.90 -47.36 3.69
N LYS N 220 97.90 -48.15 4.07
CA LYS N 220 97.99 -49.03 5.23
C LYS N 220 97.45 -50.41 4.88
N LYS N 221 98.07 -51.44 5.44
CA LYS N 221 97.66 -52.81 5.22
C LYS N 221 96.85 -53.34 6.41
N VAL N 222 96.02 -54.33 6.14
CA VAL N 222 95.18 -54.97 7.15
C VAL N 222 95.52 -56.47 7.16
N GLU N 223 95.74 -57.00 8.36
CA GLU N 223 96.05 -58.41 8.53
C GLU N 223 95.13 -59.03 9.57
N PRO N 224 94.80 -60.32 9.42
CA PRO N 224 93.98 -60.98 10.43
C PRO N 224 94.72 -61.17 11.75
N LYS N 225 93.95 -61.22 12.83
CA LYS N 225 94.53 -61.42 14.15
C LYS N 225 95.06 -62.85 14.29
N SER N 226 96.17 -62.99 15.01
CA SER N 226 96.78 -64.30 15.22
C SER N 226 96.34 -64.96 16.51
N CYS N 227 96.07 -64.18 17.56
CA CYS N 227 95.65 -64.75 18.84
C CYS N 227 94.22 -65.26 18.81
N ASP N 228 93.39 -64.74 17.91
CA ASP N 228 92.00 -65.19 17.81
C ASP N 228 91.48 -65.02 16.38
N SER O 2 59.36 -17.77 13.11
CA SER O 2 59.12 -16.40 12.67
C SER O 2 57.63 -16.09 12.63
N VAL O 3 57.23 -15.22 11.70
CA VAL O 3 55.82 -14.85 11.56
C VAL O 3 55.03 -15.84 10.71
N LEU O 4 55.69 -16.78 10.07
CA LEU O 4 55.04 -17.78 9.23
C LEU O 4 55.06 -19.13 9.93
N THR O 5 53.91 -19.78 10.00
CA THR O 5 53.77 -21.07 10.66
C THR O 5 53.38 -22.14 9.63
N GLN O 6 53.94 -23.33 9.80
CA GLN O 6 53.67 -24.46 8.92
C GLN O 6 53.58 -25.73 9.76
N PRO O 7 52.85 -26.73 9.28
CA PRO O 7 52.81 -28.01 10.00
C PRO O 7 54.17 -28.66 9.99
N PRO O 8 54.53 -29.39 11.05
CA PRO O 8 55.86 -30.01 11.12
C PRO O 8 56.06 -31.15 10.13
N SER O 9 55.09 -32.05 10.03
CA SER O 9 55.21 -33.21 9.15
C SER O 9 53.83 -33.71 8.77
N VAL O 10 53.63 -33.93 7.47
CA VAL O 10 52.37 -34.44 6.93
C VAL O 10 52.66 -35.76 6.22
N SER O 11 51.77 -36.74 6.41
CA SER O 11 51.92 -38.04 5.79
C SER O 11 51.03 -38.15 4.56
N GLY O 12 51.53 -38.83 3.53
CA GLY O 12 50.80 -39.01 2.30
C GLY O 12 50.97 -40.40 1.73
N ALA O 13 50.19 -40.70 0.71
CA ALA O 13 50.19 -42.00 0.06
C ALA O 13 50.04 -41.82 -1.44
N PRO O 14 50.55 -42.77 -2.24
CA PRO O 14 50.43 -42.66 -3.69
C PRO O 14 49.02 -42.95 -4.19
N GLY O 15 48.15 -41.94 -4.15
CA GLY O 15 46.79 -42.10 -4.62
C GLY O 15 45.75 -41.47 -3.71
N GLN O 16 46.19 -40.67 -2.75
CA GLN O 16 45.32 -39.94 -1.85
C GLN O 16 45.59 -38.44 -1.97
N ARG O 17 44.65 -37.65 -1.46
CA ARG O 17 44.73 -36.20 -1.53
C ARG O 17 45.32 -35.66 -0.23
N VAL O 18 46.35 -34.82 -0.37
CA VAL O 18 47.03 -34.22 0.77
C VAL O 18 46.91 -32.71 0.63
N THR O 19 46.38 -32.06 1.66
CA THR O 19 46.19 -30.61 1.68
C THR O 19 47.08 -29.99 2.75
N ILE O 20 47.90 -29.02 2.35
CA ILE O 20 48.82 -28.33 3.25
C ILE O 20 48.39 -26.87 3.33
N SER O 21 48.17 -26.39 4.55
CA SER O 21 47.74 -25.02 4.79
C SER O 21 48.88 -24.24 5.41
N CYS O 22 49.17 -23.06 4.85
CA CYS O 22 50.22 -22.17 5.35
C CYS O 22 49.57 -20.83 5.69
N THR O 23 49.51 -20.52 6.98
CA THR O 23 48.91 -19.28 7.47
C THR O 23 49.98 -18.39 8.08
N GLY O 24 49.61 -17.13 8.28
CA GLY O 24 50.52 -16.16 8.83
C GLY O 24 49.80 -14.94 9.34
N SER O 25 50.59 -13.90 9.63
CA SER O 25 50.03 -12.66 10.16
C SER O 25 49.29 -11.90 9.05
N SER O 26 48.48 -10.92 9.49
CA SER O 26 47.71 -10.12 8.54
C SER O 26 48.57 -9.14 7.77
N SER O 27 49.78 -8.85 8.23
CA SER O 27 50.64 -7.91 7.53
C SER O 27 51.24 -8.52 6.27
N ASN O 28 51.44 -9.83 6.26
CA ASN O 28 52.06 -10.52 5.13
C ASN O 28 51.10 -11.45 4.41
N ILE O 29 50.47 -12.37 5.12
CA ILE O 29 49.56 -13.33 4.51
C ILE O 29 48.15 -12.76 4.38
N GLY O 30 47.65 -12.13 5.44
CA GLY O 30 46.30 -11.57 5.42
C GLY O 30 46.18 -10.29 4.62
N ALA O 31 47.29 -9.71 4.18
CA ALA O 31 47.26 -8.50 3.36
C ALA O 31 47.02 -8.89 1.90
N GLY O 32 47.20 -7.93 1.00
CA GLY O 32 46.97 -8.18 -0.42
C GLY O 32 48.07 -8.96 -1.12
N TYR O 33 49.19 -9.22 -0.44
CA TYR O 33 50.29 -9.93 -1.06
C TYR O 33 49.92 -11.38 -1.37
N ASP O 34 50.45 -11.89 -2.47
CA ASP O 34 50.21 -13.27 -2.88
C ASP O 34 51.22 -14.19 -2.21
N VAL O 35 51.20 -15.47 -2.57
CA VAL O 35 52.10 -16.47 -2.01
C VAL O 35 52.77 -17.23 -3.13
N HIS O 36 53.95 -17.76 -2.86
CA HIS O 36 54.72 -18.54 -3.82
C HIS O 36 55.19 -19.82 -3.16
N TRP O 37 55.01 -20.94 -3.86
CA TRP O 37 55.36 -22.25 -3.34
C TRP O 37 56.66 -22.74 -3.98
N TYR O 38 57.48 -23.42 -3.18
CA TYR O 38 58.78 -23.90 -3.62
C TYR O 38 58.98 -25.34 -3.15
N GLN O 39 59.77 -26.08 -3.92
CA GLN O 39 60.08 -27.48 -3.62
C GLN O 39 61.59 -27.62 -3.46
N GLN O 40 62.01 -28.13 -2.30
CA GLN O 40 63.42 -28.30 -1.97
C GLN O 40 63.69 -29.78 -1.69
N LEU O 41 64.25 -30.48 -2.66
CA LEU O 41 64.61 -31.88 -2.47
C LEU O 41 65.79 -31.99 -1.52
N PRO O 42 65.86 -33.09 -0.74
CA PRO O 42 66.99 -33.25 0.19
C PRO O 42 68.29 -33.57 -0.53
N GLY O 43 68.95 -32.54 -1.05
CA GLY O 43 70.20 -32.72 -1.75
C GLY O 43 70.34 -31.84 -2.98
N THR O 44 69.22 -31.32 -3.46
CA THR O 44 69.18 -30.45 -4.62
C THR O 44 68.74 -29.05 -4.22
N ALA O 45 69.04 -28.09 -5.09
CA ALA O 45 68.61 -26.72 -4.86
C ALA O 45 67.10 -26.60 -4.98
N PRO O 46 66.49 -25.67 -4.25
CA PRO O 46 65.04 -25.46 -4.38
C PRO O 46 64.68 -24.90 -5.76
N LYS O 47 63.41 -25.05 -6.12
CA LYS O 47 62.91 -24.55 -7.38
C LYS O 47 61.51 -23.99 -7.18
N LEU O 48 61.12 -23.09 -8.08
CA LEU O 48 59.79 -22.48 -8.02
C LEU O 48 58.74 -23.48 -8.47
N LEU O 49 57.71 -23.66 -7.63
CA LEU O 49 56.63 -24.60 -7.92
C LEU O 49 55.38 -23.90 -8.43
N ILE O 50 54.82 -22.97 -7.65
CA ILE O 50 53.61 -22.25 -8.01
C ILE O 50 53.84 -20.78 -7.69
N TYR O 51 53.60 -19.92 -8.68
CA TYR O 51 53.71 -18.48 -8.50
C TYR O 51 52.40 -17.80 -8.91
N GLY O 52 51.98 -16.82 -8.13
CA GLY O 52 50.76 -16.09 -8.40
C GLY O 52 49.48 -16.80 -8.05
N ASN O 53 49.57 -17.99 -7.43
CA ASN O 53 48.47 -18.80 -6.92
C ASN O 53 47.49 -19.26 -8.00
N SER O 54 47.75 -18.90 -9.27
CA SER O 54 46.92 -19.34 -10.38
C SER O 54 47.70 -19.82 -11.60
N ASN O 55 48.96 -19.41 -11.77
CA ASN O 55 49.75 -19.77 -12.93
C ASN O 55 50.80 -20.80 -12.56
N ARG O 56 51.21 -21.60 -13.54
CA ARG O 56 52.19 -22.64 -13.35
C ARG O 56 53.36 -22.42 -14.31
N PRO O 57 54.60 -22.44 -13.82
CA PRO O 57 55.75 -22.24 -14.71
C PRO O 57 55.99 -23.46 -15.58
N SER O 58 56.95 -23.32 -16.49
CA SER O 58 57.29 -24.41 -17.39
C SER O 58 58.04 -25.51 -16.67
N GLY O 59 57.66 -26.76 -16.94
CA GLY O 59 58.32 -27.92 -16.39
C GLY O 59 57.63 -28.56 -15.21
N VAL O 60 56.74 -27.84 -14.54
CA VAL O 60 56.02 -28.38 -13.39
C VAL O 60 54.91 -29.30 -13.91
N PRO O 61 54.63 -30.40 -13.23
CA PRO O 61 53.48 -31.23 -13.60
C PRO O 61 52.16 -30.51 -13.32
N ASP O 62 51.13 -30.91 -14.08
CA ASP O 62 49.81 -30.32 -13.94
C ASP O 62 49.08 -30.78 -12.67
N ARG O 63 49.61 -31.78 -11.96
CA ARG O 63 48.96 -32.26 -10.75
C ARG O 63 49.07 -31.26 -9.60
N PHE O 64 50.01 -30.32 -9.67
CA PHE O 64 50.19 -29.32 -8.62
C PHE O 64 49.18 -28.20 -8.79
N SER O 65 48.38 -27.96 -7.76
CA SER O 65 47.37 -26.92 -7.79
C SER O 65 47.44 -26.10 -6.50
N GLY O 66 47.13 -24.81 -6.63
CA GLY O 66 47.16 -23.92 -5.48
C GLY O 66 46.08 -22.86 -5.60
N SER O 67 45.68 -22.35 -4.42
CA SER O 67 44.65 -21.33 -4.35
C SER O 67 44.82 -20.57 -3.06
N LYS O 68 44.22 -19.37 -3.01
CA LYS O 68 44.24 -18.52 -1.84
C LYS O 68 42.83 -18.07 -1.51
N SER O 69 42.56 -17.93 -0.22
CA SER O 69 41.25 -17.50 0.26
C SER O 69 41.39 -17.00 1.68
N GLY O 70 40.97 -15.76 1.93
CA GLY O 70 41.05 -15.18 3.26
C GLY O 70 42.46 -14.88 3.70
N THR O 71 42.91 -15.54 4.77
CA THR O 71 44.25 -15.33 5.31
C THR O 71 45.03 -16.65 5.39
N SER O 72 44.78 -17.55 4.44
CA SER O 72 45.47 -18.83 4.41
C SER O 72 45.70 -19.24 2.95
N ALA O 73 46.70 -20.10 2.75
CA ALA O 73 47.04 -20.61 1.43
C ALA O 73 46.84 -22.12 1.43
N SER O 74 46.10 -22.61 0.45
CA SER O 74 45.77 -24.02 0.33
C SER O 74 46.53 -24.64 -0.84
N LEU O 75 47.21 -25.76 -0.57
CA LEU O 75 47.98 -26.47 -1.58
C LEU O 75 47.42 -27.87 -1.73
N ALA O 76 47.11 -28.27 -2.96
CA ALA O 76 46.55 -29.58 -3.24
C ALA O 76 47.27 -30.17 -4.44
N ILE O 77 47.71 -31.43 -4.30
CA ILE O 77 48.42 -32.14 -5.36
C ILE O 77 47.67 -33.44 -5.64
N THR O 78 47.35 -33.67 -6.90
CA THR O 78 46.64 -34.89 -7.31
C THR O 78 47.62 -36.06 -7.28
N GLY O 79 47.59 -36.84 -6.21
CA GLY O 79 48.48 -37.98 -6.07
C GLY O 79 49.84 -37.60 -5.54
N LEU O 80 50.60 -38.62 -5.14
CA LEU O 80 51.94 -38.45 -4.61
C LEU O 80 52.86 -39.47 -5.24
N GLN O 81 54.04 -39.02 -5.67
CA GLN O 81 55.02 -39.87 -6.32
C GLN O 81 56.22 -40.10 -5.39
N ALA O 82 57.16 -40.91 -5.85
CA ALA O 82 58.37 -41.18 -5.08
C ALA O 82 59.30 -39.97 -5.03
N GLU O 83 59.22 -39.07 -6.01
CA GLU O 83 60.03 -37.88 -6.04
C GLU O 83 59.39 -36.70 -5.32
N ASP O 84 58.22 -36.90 -4.70
CA ASP O 84 57.52 -35.84 -3.99
C ASP O 84 58.03 -35.65 -2.56
N GLU O 85 58.98 -36.47 -2.12
CA GLU O 85 59.51 -36.34 -0.76
C GLU O 85 60.45 -35.14 -0.65
N ALA O 86 59.87 -33.96 -0.42
CA ALA O 86 60.66 -32.74 -0.33
C ALA O 86 59.96 -31.76 0.60
N ASP O 87 60.75 -30.84 1.15
CA ASP O 87 60.20 -29.79 2.01
C ASP O 87 59.55 -28.71 1.16
N TYR O 88 58.35 -28.30 1.55
CA TYR O 88 57.57 -27.34 0.78
C TYR O 88 57.48 -26.02 1.54
N TYR O 89 57.76 -24.93 0.85
CA TYR O 89 57.91 -23.62 1.45
C TYR O 89 56.85 -22.66 0.90
N CYS O 90 56.35 -21.78 1.77
CA CYS O 90 55.45 -20.70 1.37
C CYS O 90 56.14 -19.37 1.65
N GLN O 91 56.25 -18.54 0.62
CA GLN O 91 56.95 -17.27 0.70
C GLN O 91 56.01 -16.13 0.31
N SER O 92 56.00 -15.07 1.13
CA SER O 92 55.17 -13.91 0.86
C SER O 92 55.91 -12.66 1.34
N TYR O 93 55.51 -11.52 0.78
CA TYR O 93 56.11 -10.25 1.14
C TYR O 93 55.57 -9.76 2.48
N ASP O 94 56.46 -9.24 3.32
CA ASP O 94 56.10 -8.74 4.64
C ASP O 94 56.34 -7.24 4.70
N SER O 95 55.35 -6.49 5.20
CA SER O 95 55.47 -5.05 5.27
C SER O 95 56.18 -4.57 6.54
N SER O 96 56.12 -5.35 7.63
CA SER O 96 56.76 -4.92 8.86
C SER O 96 58.28 -4.97 8.75
N LEU O 97 58.81 -6.05 8.18
CA LEU O 97 60.24 -6.24 8.03
C LEU O 97 60.76 -5.71 6.69
N SER O 98 59.85 -5.41 5.75
CA SER O 98 60.20 -4.95 4.40
C SER O 98 61.10 -5.95 3.69
N GLY O 99 60.64 -7.20 3.64
CA GLY O 99 61.39 -8.25 2.97
C GLY O 99 60.55 -9.50 2.89
N SER O 100 61.03 -10.44 2.08
CA SER O 100 60.35 -11.71 1.87
C SER O 100 60.75 -12.69 2.97
N VAL O 101 59.74 -13.37 3.52
CA VAL O 101 59.94 -14.33 4.60
C VAL O 101 59.32 -15.66 4.18
N PHE O 102 60.12 -16.73 4.21
CA PHE O 102 59.64 -18.05 3.85
C PHE O 102 58.86 -18.66 5.02
N GLY O 103 58.14 -19.74 4.72
CA GLY O 103 57.38 -20.44 5.72
C GLY O 103 58.24 -21.29 6.62
N GLY O 104 57.60 -21.88 7.64
CA GLY O 104 58.31 -22.74 8.57
C GLY O 104 58.74 -24.07 7.99
N GLY O 105 58.10 -24.51 6.91
CA GLY O 105 58.47 -25.76 6.27
C GLY O 105 57.65 -26.92 6.76
N THR O 106 57.43 -27.89 5.87
CA THR O 106 56.70 -29.10 6.19
C THR O 106 57.45 -30.30 5.64
N LYS O 107 57.26 -31.45 6.27
CA LYS O 107 57.93 -32.69 5.89
C LYS O 107 56.91 -33.65 5.29
N LEU O 108 57.21 -34.18 4.10
CA LEU O 108 56.33 -35.08 3.37
C LEU O 108 57.10 -36.37 3.10
N THR O 109 57.03 -37.31 4.05
CA THR O 109 57.72 -38.60 3.94
C THR O 109 56.71 -39.65 3.51
N VAL O 110 56.91 -40.22 2.34
CA VAL O 110 56.06 -41.30 1.82
C VAL O 110 57.00 -42.46 1.50
N LEU O 111 57.17 -43.37 2.44
CA LEU O 111 58.07 -44.50 2.26
C LEU O 111 57.65 -45.62 3.20
N GLY O 112 58.13 -46.83 2.90
CA GLY O 112 57.88 -47.98 3.73
C GLY O 112 58.83 -49.12 3.44
N GLN O 113 59.43 -49.68 4.48
CA GLN O 113 60.43 -50.73 4.34
C GLN O 113 60.13 -51.88 5.29
N PRO O 114 60.47 -53.11 4.91
CA PRO O 114 60.27 -54.26 5.82
C PRO O 114 61.31 -54.32 6.93
N LYS O 115 61.05 -53.57 7.99
CA LYS O 115 61.96 -53.53 9.13
C LYS O 115 61.96 -54.87 9.87
N ALA O 116 63.15 -55.29 10.32
CA ALA O 116 63.30 -56.56 11.00
C ALA O 116 64.08 -56.37 12.30
N ALA O 117 64.46 -57.48 12.93
CA ALA O 117 65.25 -57.41 14.16
C ALA O 117 66.64 -56.86 13.86
N PRO O 118 67.16 -55.96 14.69
CA PRO O 118 68.48 -55.37 14.42
C PRO O 118 69.59 -56.36 14.71
N SER O 119 70.54 -56.46 13.78
CA SER O 119 71.73 -57.28 13.93
C SER O 119 72.91 -56.39 14.27
N VAL O 120 73.52 -56.61 15.43
CA VAL O 120 74.59 -55.76 15.91
C VAL O 120 75.89 -56.56 15.96
N THR O 121 77.01 -55.86 15.85
CA THR O 121 78.34 -56.45 15.94
C THR O 121 79.22 -55.56 16.78
N LEU O 122 79.92 -56.15 17.75
CA LEU O 122 80.82 -55.42 18.64
C LEU O 122 82.25 -55.76 18.27
N PHE O 123 83.04 -54.75 17.93
CA PHE O 123 84.43 -54.94 17.54
C PHE O 123 85.35 -54.33 18.58
N PRO O 124 86.07 -55.13 19.37
CA PRO O 124 87.00 -54.55 20.34
C PRO O 124 88.17 -53.91 19.65
N PRO O 125 88.80 -52.91 20.26
CA PRO O 125 89.98 -52.27 19.66
C PRO O 125 91.16 -53.24 19.58
N SER O 126 92.00 -53.02 18.58
CA SER O 126 93.16 -53.86 18.37
C SER O 126 94.30 -53.44 19.29
N SER O 127 95.45 -54.12 19.16
CA SER O 127 96.60 -53.83 20.01
C SER O 127 97.28 -52.53 19.62
N GLU O 128 97.21 -52.15 18.34
CA GLU O 128 97.90 -50.93 17.90
C GLU O 128 97.18 -49.66 18.34
N GLU O 129 95.92 -49.76 18.78
CA GLU O 129 95.18 -48.60 19.23
C GLU O 129 95.51 -48.20 20.67
N LEU O 130 96.16 -49.07 21.44
CA LEU O 130 96.49 -48.76 22.82
C LEU O 130 97.69 -47.84 22.95
N GLN O 131 98.50 -47.71 21.92
CA GLN O 131 99.70 -46.87 21.95
C GLN O 131 99.41 -45.41 21.58
N ALA O 132 98.17 -45.09 21.21
CA ALA O 132 97.79 -43.73 20.83
C ALA O 132 97.24 -42.92 22.00
N ASN O 133 97.30 -43.47 23.22
CA ASN O 133 96.78 -42.84 24.44
C ASN O 133 95.29 -42.50 24.29
N LYS O 134 94.56 -43.38 23.62
CA LYS O 134 93.11 -43.20 23.44
C LYS O 134 92.49 -44.57 23.21
N ALA O 135 91.19 -44.66 23.46
CA ALA O 135 90.44 -45.89 23.28
C ALA O 135 89.06 -45.57 22.76
N THR O 136 88.73 -46.07 21.57
CA THR O 136 87.43 -45.86 20.95
C THR O 136 86.72 -47.21 20.82
N LEU O 137 85.44 -47.22 21.14
CA LEU O 137 84.61 -48.42 21.05
C LEU O 137 83.57 -48.20 19.95
N VAL O 138 83.53 -49.13 18.99
CA VAL O 138 82.63 -49.04 17.84
C VAL O 138 81.57 -50.12 17.99
N CYS O 139 80.31 -49.71 17.99
CA CYS O 139 79.17 -50.61 18.08
C CYS O 139 78.49 -50.61 16.70
N LEU O 140 78.98 -51.47 15.82
CA LEU O 140 78.47 -51.53 14.45
C LEU O 140 77.15 -52.28 14.41
N ILE O 141 76.15 -51.69 13.77
CA ILE O 141 74.84 -52.29 13.63
C ILE O 141 74.42 -52.19 12.16
N SER O 142 73.63 -53.17 11.71
CA SER O 142 73.18 -53.22 10.33
C SER O 142 71.84 -53.94 10.29
N ASP O 143 71.13 -53.75 9.17
CA ASP O 143 69.81 -54.33 8.91
C ASP O 143 68.82 -53.93 10.01
N PHE O 144 68.58 -52.62 10.09
CA PHE O 144 67.72 -52.04 11.11
C PHE O 144 66.97 -50.86 10.48
N TYR O 145 66.30 -50.08 11.34
CA TYR O 145 65.45 -48.98 10.89
C TYR O 145 65.90 -47.68 11.52
N PRO O 146 65.68 -46.55 10.84
CA PRO O 146 66.03 -45.24 11.44
C PRO O 146 65.29 -44.95 12.74
N GLY O 147 64.10 -45.50 12.93
CA GLY O 147 63.41 -45.36 14.19
C GLY O 147 63.96 -46.29 15.24
N ALA O 148 63.88 -45.85 16.50
CA ALA O 148 64.36 -46.58 17.67
C ALA O 148 65.85 -46.94 17.53
N VAL O 149 66.67 -45.89 17.48
CA VAL O 149 68.11 -46.05 17.30
C VAL O 149 68.83 -45.71 18.60
N THR O 150 68.15 -45.91 19.72
CA THR O 150 68.76 -45.65 21.02
C THR O 150 69.88 -46.64 21.30
N VAL O 151 71.03 -46.12 21.71
CA VAL O 151 72.22 -46.92 21.98
C VAL O 151 72.62 -46.70 23.43
N ALA O 152 72.82 -47.78 24.17
CA ALA O 152 73.21 -47.73 25.57
C ALA O 152 74.48 -48.54 25.77
N TRP O 153 75.34 -48.06 26.67
CA TRP O 153 76.61 -48.70 26.98
C TRP O 153 76.66 -49.06 28.45
N LYS O 154 77.17 -50.26 28.75
CA LYS O 154 77.27 -50.74 30.11
C LYS O 154 78.61 -51.45 30.30
N ALA O 155 79.08 -51.46 31.54
CA ALA O 155 80.32 -52.14 31.92
C ALA O 155 80.07 -53.20 32.98
N ASP O 156 78.87 -53.79 32.97
CA ASP O 156 78.39 -54.85 33.85
C ASP O 156 78.23 -54.41 35.30
N SER O 157 78.55 -53.16 35.64
CA SER O 157 78.35 -52.65 36.99
C SER O 157 77.70 -51.27 37.05
N SER O 158 77.79 -50.46 35.99
CA SER O 158 77.21 -49.12 35.99
C SER O 158 77.09 -48.64 34.55
N PRO O 159 76.03 -47.92 34.20
CA PRO O 159 75.92 -47.39 32.84
C PRO O 159 76.93 -46.28 32.60
N VAL O 160 77.25 -46.10 31.32
CA VAL O 160 78.21 -45.08 30.88
C VAL O 160 77.44 -43.96 30.21
N LYS O 161 77.58 -42.75 30.76
CA LYS O 161 76.90 -41.57 30.22
C LYS O 161 77.87 -40.57 29.59
N ALA O 162 79.14 -40.95 29.44
CA ALA O 162 80.16 -40.09 28.85
C ALA O 162 80.59 -40.66 27.52
N GLY O 163 80.66 -39.81 26.50
CA GLY O 163 81.05 -40.26 25.17
C GLY O 163 79.98 -41.00 24.42
N VAL O 164 78.72 -40.88 24.82
CA VAL O 164 77.61 -41.56 24.16
C VAL O 164 77.02 -40.63 23.11
N GLU O 165 76.90 -41.13 21.89
CA GLU O 165 76.37 -40.34 20.78
C GLU O 165 75.59 -41.25 19.83
N THR O 166 74.74 -40.62 19.04
CA THR O 166 73.98 -41.31 17.99
C THR O 166 74.29 -40.66 16.65
N THR O 167 74.22 -41.46 15.59
CA THR O 167 74.59 -41.02 14.24
C THR O 167 73.42 -41.25 13.29
N THR O 168 73.23 -40.30 12.37
CA THR O 168 72.19 -40.44 11.36
C THR O 168 72.57 -41.53 10.37
N PRO O 169 71.74 -42.54 10.16
CA PRO O 169 72.10 -43.62 9.24
C PRO O 169 72.08 -43.17 7.80
N SER O 170 72.83 -43.89 6.97
CA SER O 170 72.94 -43.62 5.55
C SER O 170 72.26 -44.74 4.76
N LYS O 171 71.57 -44.36 3.69
CA LYS O 171 70.84 -45.33 2.88
C LYS O 171 71.80 -46.22 2.09
N GLN O 172 71.52 -47.51 2.10
CA GLN O 172 72.31 -48.49 1.35
C GLN O 172 71.73 -48.63 -0.06
N SER O 173 72.21 -49.64 -0.79
CA SER O 173 71.74 -49.90 -2.14
C SER O 173 70.58 -50.89 -2.19
N ASN O 174 70.15 -51.41 -1.05
CA ASN O 174 69.05 -52.37 -0.98
C ASN O 174 67.94 -51.88 -0.05
N ASN O 175 67.68 -50.57 -0.10
CA ASN O 175 66.67 -49.91 0.73
C ASN O 175 66.88 -50.18 2.22
N LYS O 176 68.12 -50.07 2.66
CA LYS O 176 68.48 -50.31 4.05
C LYS O 176 69.31 -49.14 4.56
N TYR O 177 69.31 -48.96 5.88
CA TYR O 177 70.05 -47.91 6.54
C TYR O 177 71.08 -48.52 7.48
N ALA O 178 72.28 -47.93 7.52
CA ALA O 178 73.36 -48.41 8.36
C ALA O 178 73.94 -47.25 9.15
N ALA O 179 74.24 -47.50 10.42
CA ALA O 179 74.79 -46.48 11.31
C ALA O 179 75.71 -47.15 12.32
N SER O 180 76.46 -46.31 13.04
CA SER O 180 77.39 -46.79 14.05
C SER O 180 77.52 -45.75 15.14
N SER O 181 78.00 -46.19 16.30
CA SER O 181 78.18 -45.32 17.46
C SER O 181 79.61 -45.46 17.99
N TYR O 182 80.13 -44.37 18.52
CA TYR O 182 81.50 -44.32 19.04
C TYR O 182 81.46 -44.00 20.53
N LEU O 183 82.40 -44.60 21.27
CA LEU O 183 82.55 -44.37 22.70
C LEU O 183 84.02 -44.13 22.99
N SER O 184 84.35 -42.91 23.42
CA SER O 184 85.73 -42.54 23.69
C SER O 184 86.09 -42.90 25.13
N LEU O 185 87.19 -43.64 25.30
CA LEU O 185 87.66 -44.04 26.61
C LEU O 185 89.19 -43.92 26.63
N THR O 186 89.79 -44.31 27.76
CA THR O 186 91.23 -44.26 27.92
C THR O 186 91.81 -45.67 28.05
N PRO O 187 93.00 -45.92 27.52
CA PRO O 187 93.62 -47.25 27.68
C PRO O 187 93.96 -47.61 29.11
N GLU O 188 94.11 -46.62 29.99
CA GLU O 188 94.40 -46.91 31.39
C GLU O 188 93.24 -47.61 32.07
N GLN O 189 92.01 -47.17 31.79
CA GLN O 189 90.81 -47.77 32.35
C GLN O 189 90.23 -48.86 31.48
N TRP O 190 90.84 -49.15 30.32
CA TRP O 190 90.32 -50.20 29.44
C TRP O 190 90.47 -51.57 30.08
N LYS O 191 91.60 -51.83 30.74
CA LYS O 191 91.84 -53.12 31.38
C LYS O 191 91.28 -53.21 32.79
N SER O 192 90.77 -52.11 33.34
CA SER O 192 90.20 -52.16 34.69
C SER O 192 88.87 -52.93 34.69
N HIS O 193 88.02 -52.69 33.69
CA HIS O 193 86.76 -53.40 33.60
C HIS O 193 86.97 -54.80 33.03
N ARG O 194 86.02 -55.69 33.34
CA ARG O 194 86.13 -57.07 32.90
C ARG O 194 85.56 -57.30 31.51
N SER O 195 84.44 -56.67 31.18
CA SER O 195 83.81 -56.85 29.87
C SER O 195 83.04 -55.59 29.50
N TYR O 196 82.76 -55.45 28.21
CA TYR O 196 82.01 -54.33 27.68
C TYR O 196 80.91 -54.85 26.75
N SER O 197 79.78 -54.15 26.74
CA SER O 197 78.64 -54.55 25.94
C SER O 197 77.96 -53.31 25.38
N CYS O 198 77.26 -53.50 24.27
CA CYS O 198 76.49 -52.44 23.60
C CYS O 198 75.03 -52.85 23.58
N GLN O 199 74.16 -51.96 24.07
CA GLN O 199 72.73 -52.23 24.18
C GLN O 199 71.99 -51.34 23.19
N VAL O 200 71.20 -51.96 22.32
CA VAL O 200 70.36 -51.26 21.34
C VAL O 200 68.94 -51.77 21.49
N THR O 201 67.99 -50.85 21.67
CA THR O 201 66.58 -51.18 21.82
C THR O 201 65.83 -50.79 20.55
N HIS O 202 65.07 -51.72 20.01
CA HIS O 202 64.30 -51.50 18.80
C HIS O 202 62.94 -52.16 18.94
N GLU O 203 61.87 -51.34 18.92
CA GLU O 203 60.46 -51.70 19.03
C GLU O 203 60.19 -52.77 20.10
N GLY O 204 60.90 -52.70 21.22
CA GLY O 204 60.73 -53.66 22.30
C GLY O 204 61.64 -54.86 22.24
N SER O 205 62.41 -55.03 21.16
CA SER O 205 63.33 -56.15 21.02
C SER O 205 64.73 -55.66 21.36
N THR O 206 65.37 -56.34 22.32
CA THR O 206 66.69 -55.97 22.81
C THR O 206 67.66 -57.12 22.57
N VAL O 207 68.80 -56.80 21.97
CA VAL O 207 69.86 -57.77 21.76
C VAL O 207 71.07 -57.35 22.59
N GLU O 208 71.99 -58.29 22.79
CA GLU O 208 73.17 -58.05 23.60
C GLU O 208 74.35 -58.83 23.06
N LYS O 209 75.46 -58.13 22.83
CA LYS O 209 76.72 -58.75 22.42
C LYS O 209 77.82 -58.33 23.38
N THR O 210 78.50 -59.31 23.97
CA THR O 210 79.53 -59.06 24.97
C THR O 210 80.88 -59.56 24.44
N VAL O 211 81.89 -58.70 24.51
CA VAL O 211 83.24 -59.03 24.09
C VAL O 211 84.13 -59.12 25.33
N ALA O 212 85.17 -59.93 25.22
CA ALA O 212 86.13 -60.12 26.32
C ALA O 212 87.49 -59.59 25.91
N PRO O 213 87.97 -58.51 26.55
CA PRO O 213 89.32 -58.02 26.24
C PRO O 213 90.42 -59.02 26.59
N THR O 214 90.23 -59.83 27.63
CA THR O 214 91.22 -60.82 28.02
C THR O 214 90.65 -62.22 27.95
#